data_9K8V
#
_entry.id   9K8V
#
_cell.length_a   1.00
_cell.length_b   1.00
_cell.length_c   1.00
_cell.angle_alpha   90.00
_cell.angle_beta   90.00
_cell.angle_gamma   90.00
#
_symmetry.space_group_name_H-M   'P 1'
#
_entity_poly.entity_id   1
_entity_poly.type   'polypeptide(L)'
_entity_poly.pdbx_seq_one_letter_code
;MGNNRVVYLKYAKAEDLVEVLKGVSENLQAEKGTGQPTTSKRNEVMIAAHADTNSLVLTAPQDIMNAMLEVIGQLDIRRA
QVLIEALIVEMAEGDGINLGVQWGSLESGSVIQYGNTGASIGNVMIGLEEAKDTTQTKAVYDTNNNFLRNETTTTKGDYT
KLASALSSIQGAAVSIAMGDWTALINAVSNDSSSNILSSPSITVMDNGEASFIVGEEVPVITGSTAGSNNDNPFQTVDRK
EVGIKLKVVPQINEGNSVQLNIEQEVSNVLGANGAVDVRFAKRQLNTSVMVQDGQMLVLGGLIDERALESESKVPLLGDI
PLLGQLFRSTSSQVEKKNLMVFIKPTIIRDGVTADGITQRKYNYIRAEQLFRAEKGLRLLDDASVPVLPKFGDDRRHSPE
IQAFIEQMEAKQWSHPQFEK
;
_entity_poly.pdbx_strand_id   A,B,C,D,E,F,G,H,I,J,K,L,M,N,O
#
# COMPACT_ATOMS: atom_id res chain seq x y z
N GLY A 2 -55.70 -14.00 53.48
CA GLY A 2 -54.56 -13.15 53.22
C GLY A 2 -53.42 -13.88 52.53
N ASN A 3 -53.71 -14.47 51.39
CA ASN A 3 -52.69 -15.21 50.65
C ASN A 3 -51.72 -14.30 49.91
N ASN A 4 -52.07 -13.02 49.72
CA ASN A 4 -51.20 -12.07 49.04
C ASN A 4 -51.01 -10.84 49.90
N ARG A 5 -49.79 -10.32 49.90
CA ARG A 5 -49.48 -9.07 50.59
C ARG A 5 -48.63 -8.19 49.70
N VAL A 6 -48.76 -6.89 49.88
CA VAL A 6 -47.90 -5.89 49.25
C VAL A 6 -47.21 -5.11 50.36
N VAL A 7 -45.88 -5.14 50.36
CA VAL A 7 -45.08 -4.53 51.40
C VAL A 7 -44.33 -3.33 50.81
N TYR A 8 -44.50 -2.17 51.43
CA TYR A 8 -43.77 -0.97 51.03
C TYR A 8 -42.50 -0.87 51.86
N LEU A 9 -41.35 -0.83 51.19
CA LEU A 9 -40.07 -0.81 51.88
C LEU A 9 -39.64 0.63 52.18
N LYS A 10 -39.07 0.81 53.36
CA LYS A 10 -38.62 2.12 53.80
C LYS A 10 -37.18 2.41 53.38
N TYR A 11 -36.27 1.48 53.63
CA TYR A 11 -34.85 1.73 53.45
C TYR A 11 -34.16 0.82 52.45
N ALA A 12 -34.72 -0.34 52.17
CA ALA A 12 -34.07 -1.29 51.26
C ALA A 12 -34.61 -1.15 49.84
N LYS A 13 -33.98 -1.86 48.93
CA LYS A 13 -34.39 -1.92 47.53
C LYS A 13 -34.99 -3.29 47.25
N ALA A 14 -36.18 -3.30 46.65
CA ALA A 14 -36.93 -4.55 46.48
C ALA A 14 -36.20 -5.54 45.58
N GLU A 15 -35.60 -5.04 44.50
CA GLU A 15 -34.84 -5.92 43.60
C GLU A 15 -33.73 -6.63 44.35
N ASP A 16 -33.14 -5.97 45.35
CA ASP A 16 -32.12 -6.63 46.16
C ASP A 16 -32.73 -7.74 47.02
N LEU A 17 -33.87 -7.49 47.64
CA LEU A 17 -34.46 -8.46 48.55
C LEU A 17 -35.09 -9.65 47.84
N VAL A 18 -35.41 -9.53 46.55
CA VAL A 18 -36.02 -10.65 45.84
C VAL A 18 -35.08 -11.85 45.83
N GLU A 19 -33.81 -11.62 45.51
CA GLU A 19 -32.84 -12.72 45.45
C GLU A 19 -32.66 -13.35 46.83
N VAL A 20 -32.58 -12.54 47.87
CA VAL A 20 -32.39 -13.07 49.22
C VAL A 20 -33.59 -13.91 49.63
N LEU A 21 -34.81 -13.41 49.37
CA LEU A 21 -36.01 -14.09 49.85
C LEU A 21 -36.42 -15.28 49.00
N LYS A 22 -35.88 -15.43 47.78
CA LYS A 22 -36.23 -16.58 46.97
C LYS A 22 -35.91 -17.89 47.69
N GLY A 23 -34.73 -17.97 48.30
CA GLY A 23 -34.36 -19.18 49.01
C GLY A 23 -35.21 -19.44 50.24
N VAL A 24 -35.48 -18.40 51.03
CA VAL A 24 -36.26 -18.57 52.25
C VAL A 24 -37.69 -18.98 51.91
N SER A 25 -38.27 -18.38 50.88
CA SER A 25 -39.65 -18.70 50.51
C SER A 25 -39.78 -20.16 50.10
N GLU A 26 -38.83 -20.68 49.33
CA GLU A 26 -38.85 -22.06 48.91
C GLU A 26 -38.40 -22.99 50.02
N VAL A 45 -44.96 -20.35 46.41
CA VAL A 45 -44.42 -19.11 46.95
C VAL A 45 -43.82 -18.26 45.84
N MET A 46 -44.35 -17.05 45.65
CA MET A 46 -43.86 -16.16 44.61
C MET A 46 -43.53 -14.80 45.21
N ILE A 47 -42.40 -14.24 44.75
CA ILE A 47 -41.88 -12.94 45.18
C ILE A 47 -41.68 -12.09 43.94
N ALA A 48 -42.23 -10.88 43.94
CA ALA A 48 -42.02 -9.96 42.83
C ALA A 48 -41.71 -8.57 43.36
N ALA A 49 -41.04 -7.77 42.54
CA ALA A 49 -40.64 -6.42 42.92
C ALA A 49 -41.23 -5.42 41.94
N HIS A 50 -41.84 -4.37 42.46
CA HIS A 50 -42.26 -3.22 41.69
C HIS A 50 -41.30 -2.08 42.01
N ALA A 51 -40.49 -1.68 41.03
CA ALA A 51 -39.41 -0.74 41.27
C ALA A 51 -39.91 0.69 41.42
N ASP A 52 -40.97 1.06 40.69
CA ASP A 52 -41.41 2.45 40.70
C ASP A 52 -41.94 2.86 42.07
N THR A 53 -42.63 1.97 42.76
CA THR A 53 -43.12 2.23 44.10
C THR A 53 -42.24 1.59 45.18
N ASN A 54 -41.19 0.88 44.79
CA ASN A 54 -40.30 0.17 45.71
C ASN A 54 -41.09 -0.75 46.63
N SER A 55 -41.80 -1.69 46.03
CA SER A 55 -42.70 -2.57 46.76
C SER A 55 -42.41 -4.03 46.45
N LEU A 56 -42.71 -4.89 47.41
CA LEU A 56 -42.63 -6.33 47.24
C LEU A 56 -44.05 -6.91 47.20
N VAL A 57 -44.33 -7.73 46.20
CA VAL A 57 -45.58 -8.47 46.12
C VAL A 57 -45.28 -9.92 46.48
N LEU A 58 -45.91 -10.41 47.54
CA LEU A 58 -45.60 -11.71 48.10
C LEU A 58 -46.86 -12.57 48.11
N THR A 59 -46.76 -13.80 47.60
CA THR A 59 -47.85 -14.75 47.74
C THR A 59 -47.32 -16.07 48.28
N ALA A 60 -47.94 -16.54 49.36
CA ALA A 60 -47.48 -17.71 50.10
C ALA A 60 -48.52 -18.04 51.17
N PRO A 61 -48.52 -19.28 51.69
CA PRO A 61 -49.38 -19.60 52.83
C PRO A 61 -49.00 -18.86 54.10
N GLN A 62 -49.79 -19.03 55.16
CA GLN A 62 -49.69 -18.17 56.33
C GLN A 62 -48.33 -18.27 57.03
N ASP A 63 -47.82 -19.49 57.21
CA ASP A 63 -46.59 -19.66 57.98
C ASP A 63 -45.38 -19.08 57.25
N ILE A 64 -45.23 -19.44 55.96
CA ILE A 64 -44.16 -18.87 55.16
C ILE A 64 -44.32 -17.36 55.07
N MET A 65 -45.56 -16.88 54.99
CA MET A 65 -45.81 -15.45 54.94
C MET A 65 -45.28 -14.76 56.19
N ASN A 66 -45.60 -15.30 57.36
CA ASN A 66 -45.16 -14.68 58.61
C ASN A 66 -43.63 -14.71 58.72
N ALA A 67 -43.02 -15.82 58.35
CA ALA A 67 -41.56 -15.91 58.41
C ALA A 67 -40.91 -14.88 57.48
N MET A 68 -41.43 -14.77 56.25
CA MET A 68 -40.88 -13.83 55.29
C MET A 68 -41.07 -12.40 55.76
N LEU A 69 -42.21 -12.09 56.38
CA LEU A 69 -42.44 -10.74 56.89
C LEU A 69 -41.46 -10.42 58.01
N GLU A 70 -41.17 -11.39 58.88
CA GLU A 70 -40.17 -11.16 59.92
C GLU A 70 -38.79 -10.90 59.32
N VAL A 71 -38.41 -11.68 58.31
CA VAL A 71 -37.10 -11.48 57.67
C VAL A 71 -37.03 -10.10 57.01
N ILE A 72 -38.09 -9.70 56.31
CA ILE A 72 -38.13 -8.39 55.66
C ILE A 72 -38.00 -7.29 56.71
N GLY A 73 -38.76 -7.41 57.80
CA GLY A 73 -38.68 -6.41 58.84
C GLY A 73 -37.30 -6.31 59.46
N GLN A 74 -36.58 -7.43 59.55
CA GLN A 74 -35.23 -7.38 60.09
C GLN A 74 -34.21 -6.81 59.10
N LEU A 75 -34.41 -7.01 57.79
CA LEU A 75 -33.47 -6.48 56.80
C LEU A 75 -33.79 -5.06 56.35
N ASP A 76 -34.98 -4.54 56.66
CA ASP A 76 -35.40 -3.22 56.19
C ASP A 76 -35.17 -2.21 57.31
N ILE A 77 -33.91 -1.82 57.49
CA ILE A 77 -33.53 -0.91 58.56
C ILE A 77 -32.62 0.17 58.01
N ARG A 78 -32.34 1.16 58.86
CA ARG A 78 -31.57 2.33 58.49
C ARG A 78 -30.08 2.07 58.62
N ARG A 79 -29.31 2.62 57.69
CA ARG A 79 -27.85 2.58 57.72
C ARG A 79 -27.30 3.90 58.23
N ALA A 80 -26.21 3.82 58.97
CA ALA A 80 -25.50 4.99 59.44
C ALA A 80 -24.59 5.53 58.34
N GLN A 81 -24.03 6.71 58.59
CA GLN A 81 -23.15 7.36 57.62
C GLN A 81 -21.77 7.59 58.25
N VAL A 82 -20.77 7.74 57.39
CA VAL A 82 -19.41 8.03 57.81
C VAL A 82 -18.90 9.24 57.03
N LEU A 83 -18.36 10.21 57.76
CA LEU A 83 -17.57 11.29 57.18
C LEU A 83 -16.11 10.91 57.31
N ILE A 84 -15.39 10.90 56.20
CA ILE A 84 -14.00 10.46 56.15
C ILE A 84 -13.15 11.64 55.69
N GLU A 85 -12.15 12.00 56.49
CA GLU A 85 -11.24 13.09 56.20
C GLU A 85 -9.82 12.56 56.12
N ALA A 86 -9.11 12.91 55.04
CA ALA A 86 -7.70 12.58 54.90
C ALA A 86 -6.87 13.84 55.09
N LEU A 87 -5.62 13.65 55.50
CA LEU A 87 -4.69 14.74 55.77
C LEU A 87 -3.34 14.39 55.18
N ILE A 88 -2.90 15.15 54.18
CA ILE A 88 -1.62 14.93 53.51
C ILE A 88 -0.70 16.08 53.87
N VAL A 89 0.47 15.75 54.43
CA VAL A 89 1.47 16.74 54.82
C VAL A 89 2.73 16.48 54.03
N GLU A 90 3.29 17.52 53.42
CA GLU A 90 4.53 17.43 52.68
C GLU A 90 5.44 18.59 53.07
N MET A 91 6.70 18.28 53.36
CA MET A 91 7.71 19.28 53.69
C MET A 91 8.99 18.95 52.94
N ALA A 92 9.61 19.96 52.34
CA ALA A 92 10.87 19.77 51.64
C ALA A 92 11.82 20.92 51.97
N GLU A 93 13.10 20.59 52.08
CA GLU A 93 14.15 21.56 52.36
C GLU A 93 15.37 21.23 51.51
N GLY A 94 16.07 22.28 51.06
CA GLY A 94 17.26 22.08 50.26
C GLY A 94 18.28 23.19 50.39
N ASP A 95 19.56 22.83 50.35
CA ASP A 95 20.64 23.80 50.52
C ASP A 95 21.87 23.37 49.71
N GLY A 96 22.51 24.30 49.02
CA GLY A 96 23.66 23.99 48.21
C GLY A 96 24.65 25.14 48.17
N ILE A 97 25.91 24.79 47.94
CA ILE A 97 26.97 25.78 47.80
C ILE A 97 27.97 25.34 46.74
N ASN A 98 28.39 26.27 45.90
CA ASN A 98 29.41 26.06 44.87
C ASN A 98 30.47 27.14 44.98
N LEU A 99 31.74 26.76 44.91
CA LEU A 99 32.83 27.72 45.02
C LEU A 99 34.03 27.21 44.24
N GLY A 100 34.59 28.05 43.38
CA GLY A 100 35.75 27.63 42.60
C GLY A 100 36.48 28.78 41.94
N VAL A 101 37.74 28.50 41.58
CA VAL A 101 38.61 29.44 40.89
C VAL A 101 39.22 28.73 39.69
N GLN A 102 39.22 29.41 38.53
CA GLN A 102 39.76 28.88 37.30
C GLN A 102 40.79 29.85 36.74
N TRP A 103 41.82 29.31 36.09
CA TRP A 103 42.86 30.11 35.47
C TRP A 103 42.96 29.77 34.00
N GLY A 104 43.15 30.80 33.18
CA GLY A 104 43.18 30.61 31.74
C GLY A 104 44.13 31.57 31.07
N SER A 105 44.57 31.20 29.87
CA SER A 105 45.39 32.05 29.03
C SER A 105 45.21 31.59 27.59
N LEU A 106 44.99 32.56 26.69
CA LEU A 106 44.67 32.25 25.31
C LEU A 106 45.85 32.42 24.35
N GLU A 107 46.91 33.12 24.75
CA GLU A 107 48.09 33.18 23.90
C GLU A 107 48.68 31.79 23.70
N SER A 108 48.76 31.01 24.76
CA SER A 108 48.96 29.57 24.69
C SER A 108 47.61 28.90 24.93
N GLY A 109 47.63 27.58 25.04
CA GLY A 109 46.41 26.88 25.36
C GLY A 109 46.21 26.57 26.83
N SER A 110 46.96 27.22 27.71
CA SER A 110 46.97 26.85 29.11
C SER A 110 45.66 27.21 29.79
N VAL A 111 45.07 26.23 30.47
CA VAL A 111 43.86 26.43 31.26
C VAL A 111 43.96 25.59 32.52
N ILE A 112 43.37 26.09 33.60
CA ILE A 112 43.02 25.29 34.77
C ILE A 112 41.51 25.29 34.84
N GLN A 113 40.88 24.27 34.26
CA GLN A 113 39.46 24.29 33.95
C GLN A 113 38.70 23.31 34.82
N TYR A 114 37.49 23.71 35.23
CA TYR A 114 36.58 22.88 35.99
C TYR A 114 35.18 23.02 35.40
N GLY A 115 34.67 21.93 34.84
CA GLY A 115 33.35 21.95 34.23
C GLY A 115 32.19 21.76 35.18
N ASN A 116 32.46 21.38 36.43
CA ASN A 116 31.40 21.25 37.41
C ASN A 116 30.67 22.58 37.62
N THR A 117 31.43 23.67 37.71
CA THR A 117 30.85 25.00 37.75
C THR A 117 30.17 25.30 36.42
N GLY A 118 29.15 26.15 36.49
CA GLY A 118 28.36 26.44 35.30
C GLY A 118 29.00 27.45 34.37
N ALA A 119 30.32 27.48 34.33
CA ALA A 119 31.05 28.41 33.47
C ALA A 119 32.45 27.87 33.25
N SER A 120 32.84 27.68 32.00
CA SER A 120 34.17 27.21 31.64
C SER A 120 34.99 28.38 31.12
N ILE A 121 36.23 28.48 31.59
CA ILE A 121 37.04 29.66 31.30
C ILE A 121 37.38 29.75 29.82
N GLY A 122 37.58 28.62 29.14
CA GLY A 122 37.92 28.66 27.73
C GLY A 122 36.82 29.26 26.87
N ASN A 123 35.58 28.82 27.12
CA ASN A 123 34.45 29.37 26.38
C ASN A 123 34.28 30.85 26.65
N VAL A 124 34.46 31.27 27.91
CA VAL A 124 34.34 32.68 28.26
C VAL A 124 35.39 33.50 27.52
N MET A 125 36.64 33.05 27.53
CA MET A 125 37.71 33.80 26.89
C MET A 125 37.51 33.88 25.37
N ILE A 126 37.13 32.76 24.74
CA ILE A 126 36.93 32.79 23.30
C ILE A 126 35.75 33.66 22.92
N GLY A 127 34.65 33.57 23.68
CA GLY A 127 33.51 34.42 23.40
C GLY A 127 33.82 35.90 23.61
N LEU A 128 34.66 36.20 24.60
CA LEU A 128 35.12 37.57 24.77
C LEU A 128 35.93 38.03 23.57
N GLU A 129 36.79 37.15 23.05
CA GLU A 129 37.60 37.51 21.89
C GLU A 129 36.74 37.75 20.66
N GLU A 130 35.75 36.90 20.42
CA GLU A 130 34.93 37.04 19.22
C GLU A 130 34.02 38.26 19.26
N ALA A 131 33.88 38.91 20.41
CA ALA A 131 33.01 40.07 20.55
C ALA A 131 33.76 41.38 20.34
N LYS A 132 35.04 41.34 20.00
CA LYS A 132 35.85 42.53 19.77
C LYS A 132 35.69 43.03 18.34
N ASP A 133 36.08 44.28 18.13
CA ASP A 133 36.01 44.92 16.83
C ASP A 133 37.24 44.58 16.01
N THR A 134 37.03 44.20 14.75
CA THR A 134 38.08 43.71 13.88
C THR A 134 38.30 44.65 12.69
N THR A 135 39.59 44.84 12.32
CA THR A 135 39.97 45.67 11.17
C THR A 135 40.67 44.82 10.13
N GLN A 136 40.04 44.64 8.99
CA GLN A 136 40.70 43.92 7.91
C GLN A 136 41.36 44.95 6.99
N THR A 137 42.55 45.41 7.34
CA THR A 137 43.19 46.46 6.54
C THR A 137 43.94 45.90 5.33
N LYS A 138 43.35 46.07 4.15
CA LYS A 138 43.96 45.51 2.96
C LYS A 138 45.32 46.08 2.63
N ALA A 139 45.49 47.38 2.73
CA ALA A 139 46.76 48.02 2.41
C ALA A 139 47.16 47.51 1.06
N VAL A 140 46.17 47.42 0.16
CA VAL A 140 46.43 46.93 -1.17
C VAL A 140 46.94 48.10 -1.95
N TYR A 141 48.09 48.62 -1.54
CA TYR A 141 48.63 49.78 -2.20
C TYR A 141 49.40 49.47 -3.47
N PHE A 147 44.85 51.54 -7.47
CA PHE A 147 45.93 51.88 -6.55
C PHE A 147 45.37 52.68 -5.36
N LEU A 148 44.49 52.02 -4.60
CA LEU A 148 43.85 52.59 -3.42
C LEU A 148 44.70 52.18 -2.22
N ARG A 149 45.48 53.13 -1.71
CA ARG A 149 46.62 52.80 -0.86
C ARG A 149 46.24 52.17 0.48
N ASN A 150 45.03 52.42 0.98
CA ASN A 150 44.71 52.12 2.38
C ASN A 150 43.32 51.51 2.55
N GLU A 151 43.00 50.48 1.76
CA GLU A 151 41.64 49.93 1.77
C GLU A 151 41.28 49.20 3.06
N THR A 152 41.12 49.92 4.17
CA THR A 152 40.76 49.27 5.43
C THR A 152 39.27 48.92 5.46
N THR A 153 38.89 48.21 6.52
CA THR A 153 37.49 47.96 6.84
C THR A 153 37.39 47.74 8.34
N THR A 154 36.19 47.91 8.89
CA THR A 154 35.92 47.61 10.29
C THR A 154 34.67 46.76 10.37
N THR A 155 34.63 45.88 11.37
CA THR A 155 33.52 44.96 11.54
C THR A 155 33.23 44.77 13.02
N LYS A 156 31.98 44.99 13.42
CA LYS A 156 31.58 44.76 14.79
C LYS A 156 31.58 43.26 15.10
N GLY A 157 31.98 42.91 16.31
CA GLY A 157 32.06 41.51 16.70
C GLY A 157 30.70 40.91 16.97
N ASP A 158 30.70 39.58 17.07
CA ASP A 158 29.49 38.82 17.33
C ASP A 158 29.46 38.40 18.80
N TYR A 159 28.28 38.46 19.40
CA TYR A 159 28.08 38.19 20.81
C TYR A 159 27.44 36.84 21.09
N THR A 160 27.40 35.95 20.09
CA THR A 160 26.68 34.69 20.26
C THR A 160 27.38 33.76 21.24
N LYS A 161 28.69 33.59 21.08
CA LYS A 161 29.42 32.68 21.96
C LYS A 161 29.42 33.19 23.40
N LEU A 162 29.59 34.50 23.59
CA LEU A 162 29.53 35.08 24.93
C LEU A 162 28.14 34.90 25.53
N ALA A 163 27.10 35.10 24.73
CA ALA A 163 25.74 34.93 25.23
C ALA A 163 25.50 33.48 25.65
N SER A 164 25.99 32.52 24.88
CA SER A 164 25.84 31.12 25.25
C SER A 164 26.66 30.77 26.50
N ALA A 165 27.82 31.41 26.67
CA ALA A 165 28.67 31.10 27.81
C ALA A 165 28.06 31.58 29.13
N LEU A 166 27.37 32.72 29.11
CA LEU A 166 26.80 33.31 30.32
C LEU A 166 25.36 32.89 30.56
N SER A 167 24.80 32.01 29.71
CA SER A 167 23.38 31.71 29.80
C SER A 167 23.04 30.91 31.05
N SER A 168 23.92 30.01 31.47
CA SER A 168 23.63 29.08 32.56
C SER A 168 24.23 29.50 33.89
N ILE A 169 24.79 30.71 33.97
CA ILE A 169 25.51 31.13 35.17
C ILE A 169 24.52 31.55 36.25
N GLN A 170 24.67 31.00 37.45
CA GLN A 170 23.91 31.41 38.62
C GLN A 170 24.90 31.87 39.68
N GLY A 171 24.70 33.08 40.20
CA GLY A 171 25.58 33.62 41.20
C GLY A 171 26.71 34.42 40.62
N ALA A 172 27.81 34.48 41.36
CA ALA A 172 28.94 35.31 40.97
C ALA A 172 29.89 34.53 40.06
N ALA A 173 30.21 35.13 38.91
CA ALA A 173 31.24 34.66 37.99
C ALA A 173 32.01 35.90 37.53
N VAL A 174 33.14 36.15 38.19
CA VAL A 174 33.88 37.41 38.05
C VAL A 174 35.27 37.12 37.51
N SER A 175 35.66 37.83 36.46
CA SER A 175 36.95 37.64 35.79
C SER A 175 37.90 38.77 36.18
N ILE A 176 39.13 38.41 36.53
CA ILE A 176 40.18 39.34 36.89
C ILE A 176 41.37 39.08 35.96
N ALA A 177 41.81 40.11 35.26
CA ALA A 177 42.97 40.00 34.37
C ALA A 177 44.21 40.52 35.08
N MET A 178 45.31 39.79 34.98
CA MET A 178 46.55 40.14 35.65
C MET A 178 47.75 39.92 34.73
N GLY A 179 47.55 40.05 33.43
CA GLY A 179 48.64 39.96 32.49
C GLY A 179 48.76 38.59 31.85
N ASP A 180 48.28 38.45 30.62
CA ASP A 180 48.24 37.21 29.86
C ASP A 180 47.76 36.04 30.71
N TRP A 181 46.92 36.32 31.71
CA TRP A 181 46.42 35.32 32.63
C TRP A 181 45.14 35.84 33.24
N THR A 182 44.06 35.08 33.09
CA THR A 182 42.75 35.46 33.59
C THR A 182 42.31 34.49 34.69
N ALA A 183 41.81 35.04 35.80
CA ALA A 183 41.27 34.27 36.90
C ALA A 183 39.77 34.49 36.98
N LEU A 184 39.02 33.40 36.87
CA LEU A 184 37.55 33.44 36.95
C LEU A 184 37.13 32.82 38.28
N ILE A 185 36.44 33.60 39.10
CA ILE A 185 35.95 33.16 40.40
C ILE A 185 34.45 32.94 40.30
N ASN A 186 33.99 31.76 40.68
CA ASN A 186 32.57 31.44 40.71
C ASN A 186 32.17 31.07 42.14
N ALA A 187 31.01 31.59 42.56
CA ALA A 187 30.54 31.37 43.93
C ALA A 187 29.03 31.55 43.97
N VAL A 188 28.33 30.61 44.58
CA VAL A 188 26.88 30.69 44.71
C VAL A 188 26.42 29.85 45.89
N SER A 189 25.32 30.28 46.52
CA SER A 189 24.66 29.55 47.59
C SER A 189 23.17 29.57 47.33
N ASN A 190 22.54 28.40 47.38
CA ASN A 190 21.12 28.26 47.08
C ASN A 190 20.38 27.63 48.25
N ASP A 191 19.15 28.08 48.49
CA ASP A 191 18.31 27.60 49.57
C ASP A 191 16.86 27.52 49.09
N SER A 192 16.15 26.48 49.49
CA SER A 192 14.77 26.29 49.07
C SER A 192 13.98 25.57 50.16
N SER A 193 12.69 25.91 50.25
CA SER A 193 11.79 25.32 51.24
C SER A 193 10.40 25.17 50.63
N SER A 194 9.67 24.17 51.10
CA SER A 194 8.33 23.88 50.60
C SER A 194 7.50 23.25 51.70
N ASN A 195 6.23 23.66 51.81
CA ASN A 195 5.33 23.23 52.88
C ASN A 195 3.92 23.15 52.32
N ILE A 196 3.34 21.95 52.29
CA ILE A 196 2.04 21.69 51.66
C ILE A 196 1.16 20.92 52.62
N LEU A 197 -0.09 21.37 52.77
CA LEU A 197 -1.13 20.69 53.53
C LEU A 197 -2.36 20.51 52.67
N SER A 198 -2.90 19.29 52.63
CA SER A 198 -4.10 19.01 51.88
C SER A 198 -5.07 18.18 52.72
N SER A 199 -6.37 18.42 52.56
CA SER A 199 -7.40 17.74 53.34
C SER A 199 -8.64 17.45 52.50
N PRO A 200 -8.66 16.33 51.79
CA PRO A 200 -9.90 15.89 51.13
C PRO A 200 -10.82 15.15 52.07
N SER A 201 -12.13 15.26 51.83
CA SER A 201 -13.12 14.65 52.69
C SER A 201 -14.34 14.22 51.87
N ILE A 202 -15.04 13.20 52.36
CA ILE A 202 -16.23 12.69 51.68
C ILE A 202 -17.14 12.01 52.69
N THR A 203 -18.44 12.08 52.43
CA THR A 203 -19.47 11.45 53.26
C THR A 203 -20.11 10.30 52.51
N VAL A 204 -20.21 9.14 53.16
CA VAL A 204 -20.77 7.93 52.57
C VAL A 204 -21.74 7.28 53.55
N MET A 205 -22.45 6.28 53.06
CA MET A 205 -23.24 5.39 53.89
C MET A 205 -22.44 4.14 54.21
N ASP A 206 -22.86 3.43 55.25
CA ASP A 206 -22.22 2.19 55.63
C ASP A 206 -22.30 1.18 54.48
N ASN A 207 -21.16 0.54 54.19
CA ASN A 207 -21.04 -0.50 53.18
C ASN A 207 -21.19 0.04 51.76
N GLY A 208 -20.96 1.34 51.57
CA GLY A 208 -21.04 1.94 50.24
C GLY A 208 -19.68 2.48 49.82
N GLU A 209 -19.50 2.57 48.50
CA GLU A 209 -18.26 3.08 47.93
C GLU A 209 -18.38 4.57 47.62
N ALA A 210 -17.31 5.32 47.85
CA ALA A 210 -17.26 6.74 47.57
C ALA A 210 -16.00 7.09 46.81
N SER A 211 -16.14 7.98 45.82
CA SER A 211 -15.04 8.44 44.99
C SER A 211 -14.97 9.95 45.05
N PHE A 212 -13.75 10.48 45.12
CA PHE A 212 -13.51 11.91 45.20
C PHE A 212 -12.29 12.23 44.33
N ILE A 213 -12.43 13.18 43.42
CA ILE A 213 -11.29 13.64 42.63
C ILE A 213 -11.35 15.16 42.49
N VAL A 214 -10.22 15.82 42.71
CA VAL A 214 -10.03 17.21 42.33
C VAL A 214 -8.76 17.24 41.48
N GLY A 215 -8.91 17.55 40.19
CA GLY A 215 -7.77 17.49 39.31
C GLY A 215 -8.02 17.74 37.84
N GLU A 216 -7.51 16.84 37.00
CA GLU A 216 -7.45 17.04 35.56
C GLU A 216 -7.61 15.69 34.86
N GLU A 217 -8.09 15.76 33.62
CA GLU A 217 -8.18 14.60 32.74
C GLU A 217 -7.27 14.84 31.55
N VAL A 218 -6.27 13.98 31.38
CA VAL A 218 -5.16 14.20 30.47
C VAL A 218 -5.13 13.06 29.46
N PRO A 219 -4.99 13.35 28.16
CA PRO A 219 -4.83 12.27 27.18
C PRO A 219 -3.40 11.77 27.11
N VAL A 220 -3.25 10.46 26.92
CA VAL A 220 -1.95 9.81 26.81
C VAL A 220 -1.98 8.83 25.65
N ILE A 221 -0.79 8.52 25.15
CA ILE A 221 -0.62 7.64 24.00
C ILE A 221 -0.54 6.20 24.47
N THR A 222 -1.30 5.31 23.84
CA THR A 222 -1.32 3.89 24.13
C THR A 222 -1.16 3.09 22.85
N GLY A 223 -0.16 3.42 22.05
CA GLY A 223 -0.02 2.81 20.73
C GLY A 223 -0.02 3.78 19.57
N SER A 224 0.56 4.96 19.79
CA SER A 224 0.73 6.03 18.78
C SER A 224 0.74 5.56 17.33
N ASP A 231 2.68 13.68 11.92
CA ASP A 231 1.30 13.19 11.88
C ASP A 231 1.23 11.74 12.37
N ASN A 232 0.02 11.18 12.36
CA ASN A 232 -0.19 9.81 12.81
C ASN A 232 -1.50 9.28 12.27
N PRO A 233 -1.53 8.06 11.72
CA PRO A 233 -2.79 7.51 11.22
C PRO A 233 -3.72 7.02 12.32
N PHE A 234 -3.16 6.42 13.38
CA PHE A 234 -3.95 5.99 14.52
C PHE A 234 -3.07 6.01 15.77
N GLN A 235 -3.48 6.79 16.76
CA GLN A 235 -2.66 7.07 17.94
C GLN A 235 -2.99 6.20 19.13
N THR A 236 -4.21 5.65 19.21
CA THR A 236 -4.68 4.88 20.35
C THR A 236 -4.54 5.68 21.65
N VAL A 237 -5.28 6.78 21.72
CA VAL A 237 -5.22 7.71 22.84
C VAL A 237 -6.22 7.29 23.91
N ASP A 238 -5.81 7.39 25.17
CA ASP A 238 -6.69 7.13 26.30
C ASP A 238 -6.57 8.26 27.31
N ARG A 239 -7.69 8.61 27.93
CA ARG A 239 -7.72 9.76 28.85
C ARG A 239 -7.71 9.26 30.29
N LYS A 240 -6.77 9.79 31.08
CA LYS A 240 -6.52 9.36 32.45
C LYS A 240 -6.77 10.52 33.40
N GLU A 241 -6.84 10.21 34.69
CA GLU A 241 -7.17 11.19 35.72
C GLU A 241 -5.95 11.44 36.60
N VAL A 242 -5.66 12.71 36.87
CA VAL A 242 -4.61 13.12 37.78
C VAL A 242 -5.20 14.11 38.75
N GLY A 243 -4.59 14.21 39.93
CA GLY A 243 -5.08 15.12 40.94
C GLY A 243 -5.02 14.56 42.34
N ILE A 244 -5.90 15.03 43.21
CA ILE A 244 -6.10 14.45 44.53
C ILE A 244 -7.30 13.51 44.43
N LYS A 245 -7.06 12.22 44.71
CA LYS A 245 -8.05 11.18 44.54
C LYS A 245 -8.19 10.37 45.81
N LEU A 246 -9.44 10.08 46.18
CA LEU A 246 -9.76 9.28 47.35
C LEU A 246 -10.90 8.33 47.01
N LYS A 247 -10.64 7.04 47.06
CA LYS A 247 -11.67 6.01 46.93
C LYS A 247 -11.75 5.26 48.26
N VAL A 248 -12.95 5.20 48.83
CA VAL A 248 -13.11 4.63 50.16
C VAL A 248 -14.35 3.74 50.22
N VAL A 249 -14.22 2.61 50.90
CA VAL A 249 -15.36 1.79 51.29
C VAL A 249 -15.30 1.57 52.80
N PRO A 250 -16.26 2.11 53.55
CA PRO A 250 -16.29 1.88 55.00
C PRO A 250 -17.20 0.72 55.41
N GLN A 251 -16.92 0.18 56.59
CA GLN A 251 -17.74 -0.84 57.22
C GLN A 251 -17.74 -0.58 58.72
N ILE A 252 -18.86 -0.13 59.26
CA ILE A 252 -18.98 0.10 60.68
C ILE A 252 -19.31 -1.22 61.36
N ASN A 253 -18.59 -1.54 62.43
CA ASN A 253 -19.01 -2.62 63.29
C ASN A 253 -20.30 -2.21 64.00
N GLU A 254 -20.84 -3.10 64.83
CA GLU A 254 -22.07 -2.77 65.54
C GLU A 254 -21.86 -1.63 66.53
N GLY A 255 -20.62 -1.26 66.83
CA GLY A 255 -20.33 -0.25 67.82
C GLY A 255 -19.65 1.00 67.27
N ASN A 256 -18.41 1.24 67.69
CA ASN A 256 -17.74 2.50 67.42
C ASN A 256 -16.40 2.33 66.72
N SER A 257 -16.32 1.43 65.74
CA SER A 257 -15.11 1.24 64.96
C SER A 257 -15.47 1.11 63.49
N VAL A 258 -14.60 1.65 62.63
CA VAL A 258 -14.81 1.64 61.20
C VAL A 258 -13.63 0.95 60.53
N GLN A 259 -13.92 -0.06 59.72
CA GLN A 259 -12.94 -0.70 58.87
C GLN A 259 -12.99 -0.04 57.50
N LEU A 260 -11.85 0.45 57.03
CA LEU A 260 -11.78 1.24 55.81
C LEU A 260 -10.93 0.54 54.78
N ASN A 261 -11.44 0.43 53.56
CA ASN A 261 -10.65 0.08 52.38
C ASN A 261 -10.38 1.36 51.61
N ILE A 262 -9.10 1.73 51.47
CA ILE A 262 -8.71 3.05 51.01
C ILE A 262 -7.74 2.95 49.83
N GLU A 263 -8.00 3.77 48.81
CA GLU A 263 -7.04 4.09 47.76
C GLU A 263 -6.89 5.61 47.74
N GLN A 264 -5.70 6.10 48.07
CA GLN A 264 -5.42 7.53 48.14
C GLN A 264 -4.28 7.89 47.20
N GLU A 265 -4.42 9.00 46.48
CA GLU A 265 -3.43 9.35 45.48
C GLU A 265 -3.31 10.86 45.32
N VAL A 266 -2.07 11.33 45.17
CA VAL A 266 -1.77 12.69 44.75
C VAL A 266 -0.86 12.60 43.53
N SER A 267 -1.30 13.15 42.41
CA SER A 267 -0.56 13.02 41.16
C SER A 267 -0.72 14.28 40.31
N ASN A 268 0.36 14.68 39.65
CA ASN A 268 0.33 15.80 38.72
C ASN A 268 1.10 15.45 37.45
N VAL A 269 1.04 16.35 36.47
CA VAL A 269 1.66 16.14 35.17
C VAL A 269 3.02 16.84 35.14
N LEU A 270 4.05 16.10 34.74
CA LEU A 270 5.37 16.62 34.48
C LEU A 270 5.68 16.45 32.99
N GLY A 271 6.35 17.44 32.42
CA GLY A 271 6.70 17.36 31.01
C GLY A 271 7.76 16.30 30.76
N ALA A 272 7.66 15.67 29.60
CA ALA A 272 8.64 14.66 29.22
C ALA A 272 9.98 15.30 28.92
N ASN A 273 11.04 14.78 29.53
CA ASN A 273 12.38 15.25 29.23
C ASN A 273 13.08 14.40 28.18
N GLY A 274 12.85 13.09 28.17
CA GLY A 274 13.37 12.25 27.12
C GLY A 274 12.43 11.12 26.76
N ALA A 275 11.20 11.19 27.26
CA ALA A 275 10.20 10.15 27.06
C ALA A 275 9.34 10.46 25.85
N VAL A 276 8.62 9.43 25.38
CA VAL A 276 7.77 9.58 24.21
C VAL A 276 6.57 10.47 24.52
N ASP A 277 6.07 10.41 25.75
CA ASP A 277 4.88 11.16 26.14
C ASP A 277 5.09 11.76 27.53
N VAL A 278 4.11 12.52 27.98
CA VAL A 278 4.22 13.22 29.27
C VAL A 278 4.28 12.22 30.41
N ARG A 279 4.85 12.67 31.53
CA ARG A 279 5.00 11.85 32.71
C ARG A 279 4.06 12.33 33.82
N PHE A 280 3.82 11.46 34.78
CA PHE A 280 3.00 11.78 35.94
C PHE A 280 3.83 11.62 37.20
N ALA A 281 3.90 12.68 38.00
CA ALA A 281 4.37 12.53 39.38
C ALA A 281 3.25 11.90 40.20
N LYS A 282 3.57 10.86 40.96
CA LYS A 282 2.57 10.00 41.56
C LYS A 282 2.96 9.61 42.98
N ARG A 283 2.02 9.74 43.91
CA ARG A 283 2.16 9.23 45.28
C ARG A 283 0.86 8.52 45.64
N GLN A 284 0.93 7.22 45.89
CA GLN A 284 -0.27 6.39 46.04
C GLN A 284 -0.13 5.47 47.24
N LEU A 285 -1.22 5.36 48.02
CA LEU A 285 -1.33 4.42 49.13
C LEU A 285 -2.60 3.61 48.95
N ASN A 286 -2.47 2.27 48.92
CA ASN A 286 -3.59 1.35 48.85
C ASN A 286 -3.53 0.43 50.06
N THR A 287 -4.59 0.42 50.86
CA THR A 287 -4.54 -0.38 52.08
C THR A 287 -5.95 -0.56 52.66
N SER A 288 -6.01 -1.26 53.79
CA SER A 288 -7.23 -1.44 54.57
C SER A 288 -6.86 -1.43 56.05
N VAL A 289 -7.59 -0.63 56.85
CA VAL A 289 -7.25 -0.40 58.24
C VAL A 289 -8.52 -0.41 59.10
N MET A 290 -8.31 -0.31 60.41
CA MET A 290 -9.39 -0.16 61.39
C MET A 290 -9.10 1.08 62.21
N VAL A 291 -10.10 1.95 62.34
CA VAL A 291 -9.97 3.18 63.13
C VAL A 291 -11.14 3.28 64.08
N GLN A 292 -10.95 4.03 65.16
CA GLN A 292 -12.04 4.29 66.10
C GLN A 292 -12.95 5.39 65.56
N ASP A 293 -14.00 5.69 66.33
CA ASP A 293 -15.08 6.53 65.84
C ASP A 293 -14.60 7.92 65.45
N GLY A 294 -13.85 8.58 66.34
CA GLY A 294 -13.42 9.94 66.05
C GLY A 294 -11.95 10.17 66.26
N GLN A 295 -11.14 9.13 66.04
CA GLN A 295 -9.71 9.19 66.27
C GLN A 295 -8.97 9.20 64.95
N MET A 296 -7.69 9.53 65.01
CA MET A 296 -6.84 9.63 63.84
C MET A 296 -5.83 8.50 63.82
N LEU A 297 -5.57 7.97 62.62
CA LEU A 297 -4.60 6.92 62.40
C LEU A 297 -3.66 7.33 61.28
N VAL A 298 -2.39 6.97 61.40
CA VAL A 298 -1.40 7.25 60.38
C VAL A 298 -1.39 6.09 59.37
N LEU A 299 -1.48 6.44 58.09
CA LEU A 299 -1.53 5.42 57.03
C LEU A 299 -0.16 5.12 56.45
N GLY A 300 0.69 6.13 56.30
CA GLY A 300 1.99 5.92 55.70
C GLY A 300 2.74 7.23 55.57
N GLY A 301 3.98 7.11 55.11
CA GLY A 301 4.83 8.29 54.99
C GLY A 301 6.20 7.91 54.47
N LEU A 302 7.05 8.93 54.39
CA LEU A 302 8.38 8.82 53.82
C LEU A 302 9.29 9.86 54.45
N ILE A 303 10.46 9.42 54.92
CA ILE A 303 11.53 10.31 55.36
C ILE A 303 12.72 10.09 54.44
N ASP A 304 13.18 11.16 53.80
CA ASP A 304 14.28 11.08 52.85
C ASP A 304 15.33 12.13 53.19
N GLU A 305 16.59 11.72 53.24
CA GLU A 305 17.73 12.62 53.44
C GLU A 305 18.78 12.31 52.39
N ARG A 306 19.50 13.35 51.97
CA ARG A 306 20.48 13.18 50.90
C ARG A 306 21.58 14.22 51.04
N ALA A 307 22.83 13.79 50.99
CA ALA A 307 23.98 14.68 51.03
C ALA A 307 24.94 14.31 49.90
N LEU A 308 25.40 15.32 49.17
CA LEU A 308 26.31 15.14 48.04
C LEU A 308 27.49 16.10 48.18
N GLU A 309 28.69 15.59 47.91
CA GLU A 309 29.92 16.37 47.96
C GLU A 309 30.73 16.09 46.69
N SER A 310 31.45 17.11 46.22
CA SER A 310 32.30 16.94 45.05
C SER A 310 33.44 17.95 45.09
N GLU A 311 34.61 17.52 44.65
CA GLU A 311 35.81 18.35 44.64
C GLU A 311 36.69 18.01 43.46
N SER A 312 37.24 19.03 42.81
CA SER A 312 38.27 18.87 41.80
C SER A 312 39.38 19.88 42.08
N LYS A 313 40.62 19.41 42.12
CA LYS A 313 41.72 20.28 42.52
C LYS A 313 43.00 19.89 41.80
N VAL A 314 43.95 20.81 41.81
CA VAL A 314 45.32 20.51 41.35
C VAL A 314 46.03 19.72 42.45
N PRO A 315 46.67 18.59 42.10
CA PRO A 315 47.08 17.62 43.13
C PRO A 315 47.82 18.18 44.34
N LEU A 316 48.94 18.86 44.15
CA LEU A 316 49.72 19.31 45.30
C LEU A 316 49.49 20.77 45.66
N LEU A 317 49.10 21.60 44.69
CA LEU A 317 48.87 23.01 44.95
C LEU A 317 47.58 23.27 45.70
N GLY A 318 46.60 22.36 45.61
CA GLY A 318 45.31 22.53 46.23
C GLY A 318 45.24 22.15 47.69
N ASP A 319 46.37 21.82 48.30
CA ASP A 319 46.43 21.50 49.73
C ASP A 319 47.25 22.50 50.52
N ILE A 320 47.72 23.57 49.89
CA ILE A 320 48.45 24.62 50.60
C ILE A 320 47.51 25.25 51.64
N PRO A 321 47.99 25.54 52.86
CA PRO A 321 47.06 25.94 53.93
C PRO A 321 46.20 27.16 53.61
N LEU A 322 46.73 28.12 52.86
CA LEU A 322 45.97 29.33 52.57
C LEU A 322 45.77 29.60 51.09
N LEU A 323 46.79 29.38 50.27
CA LEU A 323 46.71 29.70 48.85
C LEU A 323 46.07 28.60 48.02
N GLY A 324 45.66 27.49 48.65
CA GLY A 324 45.10 26.38 47.91
C GLY A 324 43.72 26.61 47.33
N GLN A 325 42.96 27.54 47.89
CA GLN A 325 41.62 27.82 47.37
C GLN A 325 41.67 28.33 45.93
N LEU A 326 42.79 28.89 45.50
CA LEU A 326 42.94 29.33 44.12
C LEU A 326 43.05 28.18 43.14
N PHE A 327 43.15 26.94 43.62
CA PHE A 327 43.32 25.79 42.75
C PHE A 327 42.33 24.68 43.11
N ARG A 328 41.08 25.04 43.39
CA ARG A 328 40.07 24.09 43.83
C ARG A 328 38.72 24.46 43.24
N SER A 329 37.84 23.46 43.19
CA SER A 329 36.44 23.66 42.84
C SER A 329 35.61 22.68 43.65
N THR A 330 34.70 23.21 44.47
CA THR A 330 33.95 22.44 45.44
C THR A 330 32.45 22.68 45.25
N SER A 331 31.68 21.59 45.40
CA SER A 331 30.22 21.63 45.36
C SER A 331 29.66 20.77 46.48
N SER A 332 28.66 21.29 47.18
CA SER A 332 27.98 20.55 48.24
C SER A 332 26.48 20.78 48.17
N GLN A 333 25.72 19.73 48.51
CA GLN A 333 24.26 19.76 48.41
C GLN A 333 23.65 18.90 49.52
N VAL A 334 22.54 19.38 50.07
CA VAL A 334 21.76 18.68 51.08
C VAL A 334 20.28 18.82 50.75
N GLU A 335 19.55 17.71 50.84
CA GLU A 335 18.11 17.70 50.55
C GLU A 335 17.39 16.84 51.59
N LYS A 336 16.25 17.34 52.07
CA LYS A 336 15.43 16.65 53.05
C LYS A 336 13.97 16.68 52.62
N LYS A 337 13.28 15.56 52.82
CA LYS A 337 11.89 15.42 52.41
C LYS A 337 11.13 14.63 53.47
N ASN A 338 9.92 15.10 53.80
CA ASN A 338 9.06 14.47 54.79
C ASN A 338 7.64 14.44 54.26
N LEU A 339 7.06 13.25 54.14
CA LEU A 339 5.70 13.08 53.65
C LEU A 339 4.93 12.21 54.63
N MET A 340 3.68 12.58 54.90
CA MET A 340 2.86 11.81 55.83
C MET A 340 1.39 11.89 55.46
N VAL A 341 0.67 10.79 55.68
CA VAL A 341 -0.76 10.70 55.38
C VAL A 341 -1.49 10.19 56.60
N PHE A 342 -2.56 10.90 57.00
CA PHE A 342 -3.42 10.51 58.10
C PHE A 342 -4.86 10.39 57.59
N ILE A 343 -5.66 9.60 58.30
CA ILE A 343 -7.08 9.45 57.99
C ILE A 343 -7.89 9.50 59.27
N LYS A 344 -9.15 9.92 59.15
CA LYS A 344 -10.02 10.06 60.31
C LYS A 344 -11.48 9.86 59.92
N PRO A 345 -12.16 8.89 60.52
CA PRO A 345 -13.59 8.73 60.30
C PRO A 345 -14.42 9.43 61.37
N THR A 346 -15.71 9.55 61.09
CA THR A 346 -16.67 10.08 62.08
C THR A 346 -18.04 9.51 61.73
N ILE A 347 -18.67 8.86 62.70
CA ILE A 347 -19.95 8.20 62.47
C ILE A 347 -21.08 9.18 62.72
N ILE A 348 -21.97 9.32 61.74
CA ILE A 348 -23.20 10.09 61.85
C ILE A 348 -24.36 9.10 61.89
N ARG A 349 -25.10 9.11 63.01
CA ARG A 349 -26.24 8.21 63.18
C ARG A 349 -27.57 8.93 63.22
N ASP A 350 -27.60 10.18 63.66
CA ASP A 350 -28.84 10.95 63.75
C ASP A 350 -28.70 12.27 63.00
N GLY A 351 -29.82 13.00 62.94
CA GLY A 351 -29.83 14.26 62.20
C GLY A 351 -29.10 15.38 62.92
N VAL A 352 -29.04 15.33 64.24
CA VAL A 352 -28.42 16.42 64.99
C VAL A 352 -26.91 16.46 64.75
N THR A 353 -26.26 15.30 64.67
CA THR A 353 -24.83 15.26 64.40
C THR A 353 -24.50 15.79 63.02
N ALA A 354 -25.27 15.37 62.02
CA ALA A 354 -25.07 15.86 60.66
C ALA A 354 -25.31 17.36 60.58
N ASP A 355 -26.34 17.84 61.27
CA ASP A 355 -26.62 19.27 61.30
C ASP A 355 -25.46 20.03 61.92
N GLY A 356 -24.88 19.51 63.00
CA GLY A 356 -23.76 20.19 63.62
C GLY A 356 -22.55 20.28 62.72
N ILE A 357 -22.20 19.16 62.07
CA ILE A 357 -21.05 19.16 61.17
C ILE A 357 -21.27 20.12 60.00
N THR A 358 -22.46 20.05 59.40
CA THR A 358 -22.77 20.92 58.27
C THR A 358 -22.76 22.38 58.68
N GLN A 359 -23.29 22.69 59.86
CA GLN A 359 -23.31 24.07 60.34
C GLN A 359 -21.88 24.56 60.57
N ARG A 360 -21.01 23.73 61.11
CA ARG A 360 -19.62 24.12 61.31
C ARG A 360 -18.97 24.51 59.99
N LYS A 361 -19.05 23.62 59.00
CA LYS A 361 -18.38 23.90 57.72
C LYS A 361 -19.00 25.11 57.01
N TYR A 362 -20.33 25.19 57.02
CA TYR A 362 -21.03 26.31 56.39
C TYR A 362 -20.66 27.64 57.03
N ASN A 363 -20.62 27.68 58.37
CA ASN A 363 -20.31 28.92 59.06
C ASN A 363 -18.86 29.32 58.83
N TYR A 364 -17.95 28.34 58.73
CA TYR A 364 -16.57 28.68 58.37
C TYR A 364 -16.49 29.37 57.02
N ILE A 365 -17.11 28.77 56.00
CA ILE A 365 -17.07 29.36 54.66
C ILE A 365 -17.73 30.74 54.66
N ARG A 366 -18.86 30.87 55.35
CA ARG A 366 -19.59 32.14 55.36
C ARG A 366 -18.81 33.22 56.10
N ALA A 367 -18.08 32.85 57.16
CA ALA A 367 -17.26 33.83 57.86
C ALA A 367 -16.14 34.34 56.97
N GLU A 368 -15.50 33.44 56.22
CA GLU A 368 -14.51 33.90 55.25
C GLU A 368 -15.12 34.86 54.23
N GLN A 369 -16.31 34.53 53.73
CA GLN A 369 -16.96 35.38 52.74
C GLN A 369 -17.33 36.74 53.32
N LEU A 370 -17.81 36.77 54.56
CA LEU A 370 -18.17 38.04 55.19
C LEU A 370 -16.93 38.91 55.41
N PHE A 371 -15.82 38.29 55.81
CA PHE A 371 -14.58 39.06 55.94
C PHE A 371 -14.15 39.64 54.60
N ARG A 372 -14.24 38.84 53.54
CA ARG A 372 -13.91 39.36 52.22
C ARG A 372 -14.86 40.48 51.80
N ALA A 373 -16.11 40.43 52.24
CA ALA A 373 -17.06 41.48 51.91
C ALA A 373 -16.80 42.75 52.70
N GLU A 374 -16.18 42.65 53.88
CA GLU A 374 -15.80 43.86 54.61
C GLU A 374 -14.78 44.68 53.82
N LYS A 375 -13.76 44.02 53.27
CA LYS A 375 -12.80 44.67 52.38
C LYS A 375 -13.20 44.34 50.95
N GLY A 376 -14.13 45.13 50.42
CA GLY A 376 -14.78 44.82 49.17
C GLY A 376 -13.85 44.95 47.97
N LEU A 377 -14.47 44.96 46.80
CA LEU A 377 -13.73 45.02 45.54
C LEU A 377 -12.95 46.32 45.44
N ARG A 378 -11.77 46.25 44.82
CA ARG A 378 -10.86 47.38 44.84
C ARG A 378 -11.44 48.59 44.10
N LEU A 379 -12.01 48.37 42.92
CA LEU A 379 -12.55 49.48 42.13
C LEU A 379 -13.96 49.18 41.62
N LEU A 380 -14.75 48.45 42.42
CA LEU A 380 -16.13 48.15 42.07
C LEU A 380 -16.97 48.24 43.33
N ASP A 381 -18.22 47.80 43.22
CA ASP A 381 -19.12 47.82 44.37
C ASP A 381 -18.70 46.78 45.40
N ASP A 382 -18.80 47.15 46.67
CA ASP A 382 -18.44 46.25 47.76
C ASP A 382 -19.53 45.22 48.05
N ALA A 383 -20.73 45.40 47.53
CA ALA A 383 -21.83 44.48 47.76
C ALA A 383 -21.94 43.41 46.69
N SER A 384 -21.08 43.43 45.67
CA SER A 384 -21.11 42.43 44.62
C SER A 384 -20.38 41.16 45.00
N VAL A 385 -19.73 41.14 46.16
CA VAL A 385 -19.02 39.93 46.60
C VAL A 385 -20.05 38.86 46.98
N PRO A 386 -19.91 37.64 46.49
CA PRO A 386 -20.87 36.58 46.87
C PRO A 386 -20.70 36.20 48.33
N VAL A 387 -21.81 36.24 49.08
CA VAL A 387 -21.83 35.88 50.48
C VAL A 387 -23.00 34.91 50.69
N LEU A 388 -22.74 33.82 51.39
CA LEU A 388 -23.79 32.84 51.64
C LEU A 388 -24.85 33.42 52.57
N PRO A 389 -26.11 33.00 52.41
CA PRO A 389 -27.15 33.41 53.35
C PRO A 389 -26.93 32.75 54.70
N LYS A 390 -27.71 33.21 55.69
CA LYS A 390 -27.65 32.60 57.00
C LYS A 390 -28.12 31.15 56.91
N PHE A 391 -27.64 30.33 57.85
CA PHE A 391 -27.91 28.90 57.80
C PHE A 391 -29.41 28.61 57.79
N GLY A 392 -29.90 28.08 56.68
CA GLY A 392 -31.32 27.84 56.53
C GLY A 392 -32.17 29.08 56.33
N ASP A 393 -31.78 29.95 55.40
CA ASP A 393 -32.50 31.19 55.21
C ASP A 393 -32.88 31.43 53.74
N ASP A 394 -32.18 30.77 52.82
CA ASP A 394 -32.44 30.88 51.38
C ASP A 394 -32.13 32.26 50.83
N ARG A 395 -32.14 32.38 49.50
CA ARG A 395 -31.67 33.58 48.83
C ARG A 395 -32.56 34.79 49.12
N ARG A 396 -31.95 35.97 49.06
CA ARG A 396 -32.65 37.24 49.19
C ARG A 396 -32.13 38.21 48.14
N HIS A 397 -32.94 39.20 47.80
CA HIS A 397 -32.55 40.19 46.82
C HIS A 397 -31.48 41.12 47.38
N SER A 398 -30.77 41.79 46.46
CA SER A 398 -29.81 42.81 46.84
C SER A 398 -30.55 44.04 47.35
N PRO A 399 -29.88 44.90 48.12
CA PRO A 399 -30.59 46.05 48.73
C PRO A 399 -31.26 46.96 47.72
N GLU A 400 -30.68 47.14 46.53
CA GLU A 400 -31.31 48.00 45.53
C GLU A 400 -32.63 47.42 45.05
N ILE A 401 -32.65 46.12 44.72
CA ILE A 401 -33.89 45.48 44.30
C ILE A 401 -34.88 45.44 45.45
N GLN A 402 -34.38 45.26 46.68
CA GLN A 402 -35.28 45.26 47.84
C GLN A 402 -35.96 46.61 48.00
N ALA A 403 -35.21 47.70 47.87
CA ALA A 403 -35.80 49.03 47.94
C ALA A 403 -36.77 49.27 46.80
N PHE A 404 -36.43 48.80 45.59
CA PHE A 404 -37.32 48.95 44.45
C PHE A 404 -38.63 48.22 44.66
N ILE A 405 -38.58 47.02 45.24
CA ILE A 405 -39.82 46.26 45.46
C ILE A 405 -40.58 46.81 46.65
N GLU A 406 -39.90 47.45 47.60
CA GLU A 406 -40.61 48.08 48.71
C GLU A 406 -41.34 49.33 48.25
N GLN A 407 -40.72 50.11 47.36
CA GLN A 407 -41.38 51.29 46.83
C GLN A 407 -42.60 50.90 45.99
N MET A 408 -42.49 49.84 45.20
CA MET A 408 -43.60 49.36 44.38
C MET A 408 -44.65 48.67 45.23
N GLY B 2 -38.17 -20.99 65.27
CA GLY B 2 -37.04 -20.20 64.81
C GLY B 2 -36.30 -20.86 63.67
N ASN B 3 -37.02 -21.14 62.58
CA ASN B 3 -36.42 -21.77 61.42
C ASN B 3 -35.58 -20.80 60.59
N ASN B 4 -35.75 -19.50 60.77
CA ASN B 4 -35.00 -18.49 60.04
C ASN B 4 -34.35 -17.52 61.01
N ARG B 5 -33.11 -17.13 60.70
CA ARG B 5 -32.41 -16.12 61.47
C ARG B 5 -31.73 -15.14 60.53
N VAL B 6 -31.59 -13.90 61.00
CA VAL B 6 -30.81 -12.87 60.31
C VAL B 6 -29.70 -12.44 61.25
N VAL B 7 -28.46 -12.60 60.81
CA VAL B 7 -27.28 -12.33 61.62
C VAL B 7 -26.57 -11.10 61.05
N TYR B 8 -26.34 -10.11 61.90
CA TYR B 8 -25.58 -8.92 61.53
C TYR B 8 -24.12 -9.14 61.89
N LEU B 9 -23.24 -9.05 60.89
CA LEU B 9 -21.83 -9.31 61.10
C LEU B 9 -21.10 -8.03 61.51
N LYS B 10 -20.16 -8.19 62.45
CA LYS B 10 -19.40 -7.07 62.95
C LYS B 10 -18.13 -6.82 62.14
N TYR B 11 -17.35 -7.87 61.89
CA TYR B 11 -16.03 -7.71 61.29
C TYR B 11 -15.84 -8.42 59.97
N ALA B 12 -16.64 -9.43 59.66
CA ALA B 12 -16.47 -10.19 58.44
C ALA B 12 -17.39 -9.66 57.33
N LYS B 13 -17.19 -10.20 56.13
CA LYS B 13 -18.02 -9.88 54.98
C LYS B 13 -18.90 -11.09 54.65
N ALA B 14 -20.19 -10.85 54.49
CA ALA B 14 -21.15 -11.95 54.36
C ALA B 14 -20.91 -12.76 53.09
N GLU B 15 -20.60 -12.08 51.98
CA GLU B 15 -20.30 -12.78 50.74
C GLU B 15 -19.14 -13.75 50.91
N ASP B 16 -18.18 -13.41 51.76
CA ASP B 16 -17.08 -14.33 52.05
C ASP B 16 -17.57 -15.55 52.83
N LEU B 17 -18.42 -15.34 53.83
CA LEU B 17 -18.85 -16.44 54.67
C LEU B 17 -19.85 -17.37 54.01
N VAL B 18 -20.52 -16.92 52.95
CA VAL B 18 -21.50 -17.78 52.28
C VAL B 18 -20.82 -19.02 51.73
N GLU B 19 -19.69 -18.84 51.04
CA GLU B 19 -18.98 -19.99 50.45
C GLU B 19 -18.50 -20.94 51.53
N VAL B 20 -17.97 -20.41 52.63
CA VAL B 20 -17.46 -21.25 53.71
C VAL B 20 -18.60 -22.05 54.33
N LEU B 21 -19.74 -21.40 54.59
CA LEU B 21 -20.83 -22.06 55.31
C LEU B 21 -21.68 -22.96 54.43
N LYS B 22 -21.56 -22.87 53.10
CA LYS B 22 -22.33 -23.76 52.24
C LYS B 22 -22.03 -25.23 52.54
N GLY B 23 -20.74 -25.56 52.70
CA GLY B 23 -20.38 -26.93 53.00
C GLY B 23 -20.85 -27.40 54.37
N VAL B 24 -20.69 -26.55 55.38
CA VAL B 24 -21.07 -26.93 56.74
C VAL B 24 -22.58 -27.11 56.83
N SER B 25 -23.35 -26.24 56.18
CA SER B 25 -24.80 -26.33 56.25
C SER B 25 -25.30 -27.63 55.62
N GLU B 26 -24.71 -28.04 54.51
CA GLU B 26 -25.11 -29.28 53.84
C GLU B 26 -24.49 -30.48 54.55
N VAL B 45 -31.31 -26.46 53.93
CA VAL B 45 -30.43 -25.44 54.48
C VAL B 45 -30.08 -24.40 53.42
N MET B 46 -30.44 -23.14 53.66
CA MET B 46 -30.14 -22.08 52.72
C MET B 46 -29.42 -20.94 53.42
N ILE B 47 -28.42 -20.39 52.72
CA ILE B 47 -27.58 -19.29 53.19
C ILE B 47 -27.63 -18.20 52.14
N ALA B 48 -27.94 -16.97 52.55
CA ALA B 48 -27.94 -15.84 51.64
C ALA B 48 -27.25 -14.65 52.30
N ALA B 49 -26.74 -13.74 51.47
CA ALA B 49 -26.03 -12.57 51.95
C ALA B 49 -26.72 -11.31 51.43
N HIS B 50 -26.96 -10.36 52.33
CA HIS B 50 -27.41 -9.02 51.98
C HIS B 50 -26.21 -8.09 52.17
N ALA B 51 -25.68 -7.56 51.07
CA ALA B 51 -24.44 -6.80 51.11
C ALA B 51 -24.63 -5.40 51.69
N ASP B 52 -25.78 -4.78 51.45
CA ASP B 52 -25.98 -3.38 51.87
C ASP B 52 -25.98 -3.27 53.39
N THR B 53 -26.57 -4.23 54.09
CA THR B 53 -26.56 -4.26 55.53
C THR B 53 -25.52 -5.20 56.11
N ASN B 54 -24.77 -5.90 55.27
CA ASN B 54 -23.77 -6.88 55.68
C ASN B 54 -24.38 -7.92 56.62
N SER B 55 -25.39 -8.61 56.12
CA SER B 55 -26.15 -9.56 56.92
C SER B 55 -26.22 -10.92 56.25
N LEU B 56 -26.34 -11.95 57.08
CA LEU B 56 -26.57 -13.31 56.61
C LEU B 56 -28.00 -13.73 56.95
N VAL B 57 -28.70 -14.27 55.96
CA VAL B 57 -30.02 -14.85 56.16
C VAL B 57 -29.86 -16.36 56.11
N LEU B 58 -30.22 -17.03 57.20
CA LEU B 58 -29.97 -18.45 57.36
C LEU B 58 -31.29 -19.15 57.63
N THR B 59 -31.55 -20.24 56.89
CA THR B 59 -32.70 -21.09 57.20
C THR B 59 -32.25 -22.54 57.27
N ALA B 60 -32.58 -23.20 58.37
CA ALA B 60 -32.11 -24.54 58.68
C ALA B 60 -32.81 -25.02 59.95
N PRO B 61 -32.86 -26.34 60.19
CA PRO B 61 -33.37 -26.84 61.47
C PRO B 61 -32.50 -26.46 62.66
N GLN B 62 -32.94 -26.81 63.87
CA GLN B 62 -32.35 -26.26 65.08
C GLN B 62 -30.88 -26.64 65.25
N ASP B 63 -30.55 -27.91 65.01
CA ASP B 63 -29.18 -28.38 65.28
C ASP B 63 -28.18 -27.75 64.30
N ILE B 64 -28.49 -27.81 63.01
CA ILE B 64 -27.65 -27.17 62.01
C ILE B 64 -27.57 -25.68 62.27
N MET B 65 -28.68 -25.08 62.70
CA MET B 65 -28.70 -23.66 63.02
C MET B 65 -27.70 -23.33 64.13
N ASN B 66 -27.73 -24.11 65.22
CA ASN B 66 -26.82 -23.85 66.34
C ASN B 66 -25.37 -24.03 65.92
N ALA B 67 -25.08 -25.09 65.16
CA ALA B 67 -23.72 -25.32 64.71
C ALA B 67 -23.22 -24.17 63.83
N MET B 68 -24.07 -23.72 62.90
CA MET B 68 -23.69 -22.64 62.01
C MET B 68 -23.50 -21.34 62.78
N LEU B 69 -24.33 -21.08 63.79
CA LEU B 69 -24.15 -19.89 64.60
C LEU B 69 -22.84 -19.92 65.36
N GLU B 70 -22.47 -21.09 65.89
CA GLU B 70 -21.17 -21.21 66.56
C GLU B 70 -20.02 -20.95 65.59
N VAL B 71 -20.10 -21.50 64.38
CA VAL B 71 -19.04 -21.27 63.39
C VAL B 71 -18.94 -19.80 63.03
N ILE B 72 -20.08 -19.14 62.80
CA ILE B 72 -20.09 -17.72 62.48
C ILE B 72 -19.49 -16.91 63.61
N GLY B 73 -19.87 -17.22 64.85
CA GLY B 73 -19.31 -16.50 65.98
C GLY B 73 -17.82 -16.68 66.11
N GLN B 74 -17.30 -17.85 65.73
CA GLN B 74 -15.86 -18.06 65.78
C GLN B 74 -15.12 -17.36 64.65
N LEU B 75 -15.73 -17.23 63.47
CA LEU B 75 -15.07 -16.57 62.34
C LEU B 75 -15.28 -15.07 62.30
N ASP B 76 -16.21 -14.52 63.09
CA ASP B 76 -16.52 -13.09 63.05
C ASP B 76 -15.80 -12.40 64.20
N ILE B 77 -14.50 -12.19 64.02
CA ILE B 77 -13.66 -11.60 65.06
C ILE B 77 -12.81 -10.50 64.45
N ARG B 78 -12.13 -9.77 65.34
CA ARG B 78 -11.32 -8.63 64.96
C ARG B 78 -9.92 -9.05 64.53
N ARG B 79 -9.39 -8.36 63.52
CA ARG B 79 -8.02 -8.55 63.06
C ARG B 79 -7.14 -7.44 63.60
N ALA B 80 -5.90 -7.80 63.90
CA ALA B 80 -4.89 -6.84 64.32
C ALA B 80 -4.29 -6.15 63.10
N GLN B 81 -3.50 -5.11 63.36
CA GLN B 81 -2.85 -4.35 62.31
C GLN B 81 -1.34 -4.39 62.47
N VAL B 82 -0.64 -4.14 61.37
CA VAL B 82 0.82 -4.09 61.36
C VAL B 82 1.26 -2.78 60.71
N LEU B 83 2.14 -2.06 61.39
CA LEU B 83 2.88 -0.95 60.80
C LEU B 83 4.24 -1.49 60.35
N ILE B 84 4.57 -1.30 59.08
CA ILE B 84 5.78 -1.85 58.48
C ILE B 84 6.63 -0.68 58.00
N GLU B 85 7.88 -0.61 58.47
CA GLU B 85 8.81 0.43 58.10
C GLU B 85 10.04 -0.19 57.46
N ALA B 86 10.43 0.33 56.30
CA ALA B 86 11.65 -0.08 55.63
C ALA B 86 12.71 1.00 55.77
N LEU B 87 13.98 0.60 55.69
CA LEU B 87 15.10 1.52 55.83
C LEU B 87 16.14 1.19 54.78
N ILE B 88 16.37 2.12 53.86
CA ILE B 88 17.31 1.95 52.77
C ILE B 88 18.49 2.89 53.01
N VAL B 89 19.69 2.34 53.07
CA VAL B 89 20.92 3.10 53.29
C VAL B 89 21.82 2.91 52.09
N GLU B 90 22.32 4.02 51.54
CA GLU B 90 23.25 3.99 50.42
C GLU B 90 24.41 4.93 50.70
N MET B 91 25.63 4.45 50.48
CA MET B 91 26.84 5.24 50.63
C MET B 91 27.75 4.99 49.45
N ALA B 92 28.32 6.04 48.89
CA ALA B 92 29.26 5.91 47.79
C ALA B 92 30.44 6.85 48.00
N GLU B 93 31.62 6.39 47.62
CA GLU B 93 32.85 7.16 47.70
C GLU B 93 33.67 6.94 46.44
N GLY B 94 34.37 7.98 46.00
CA GLY B 94 35.22 7.87 44.83
C GLY B 94 36.39 8.82 44.82
N ASP B 95 37.52 8.37 44.28
CA ASP B 95 38.75 9.16 44.25
C ASP B 95 39.58 8.82 43.02
N GLY B 96 40.11 9.83 42.36
CA GLY B 96 40.91 9.60 41.16
C GLY B 96 42.00 10.63 41.01
N ILE B 97 43.07 10.23 40.31
CA ILE B 97 44.18 11.13 40.02
C ILE B 97 44.71 10.85 38.62
N ASN B 98 45.00 11.92 37.88
CA ASN B 98 45.60 11.86 36.56
C ASN B 98 46.81 12.78 36.51
N LEU B 99 47.93 12.30 35.95
CA LEU B 99 49.13 13.12 35.87
C LEU B 99 49.95 12.69 34.64
N GLY B 100 50.34 13.65 33.81
CA GLY B 100 51.11 13.33 32.63
C GLY B 100 51.80 14.53 32.01
N VAL B 101 52.82 14.22 31.19
CA VAL B 101 53.58 15.21 30.44
C VAL B 101 53.66 14.76 29.00
N GLN B 102 53.42 15.69 28.07
CA GLN B 102 53.46 15.41 26.64
C GLN B 102 54.42 16.39 25.97
N TRP B 103 55.10 15.92 24.92
CA TRP B 103 56.01 16.75 24.16
C TRP B 103 55.60 16.75 22.70
N GLY B 104 55.70 17.92 22.08
CA GLY B 104 55.26 18.07 20.71
C GLY B 104 56.09 19.08 19.95
N SER B 105 56.07 18.96 18.63
CA SER B 105 56.73 19.91 17.74
C SER B 105 56.05 19.83 16.39
N LEU B 106 55.72 20.99 15.82
CA LEU B 106 54.95 21.05 14.59
C LEU B 106 55.78 21.33 13.34
N GLU B 107 57.02 21.82 13.49
CA GLU B 107 57.89 21.96 12.33
C GLU B 107 58.14 20.62 11.67
N SER B 108 58.42 19.59 12.47
CA SER B 108 58.34 18.20 12.07
C SER B 108 57.04 17.62 12.61
N GLY B 109 56.87 16.32 12.45
CA GLY B 109 55.71 15.68 13.03
C GLY B 109 55.93 15.05 14.38
N SER B 110 57.01 15.41 15.07
CA SER B 110 57.39 14.71 16.29
C SER B 110 56.43 15.02 17.42
N VAL B 111 55.91 13.97 18.06
CA VAL B 111 55.05 14.09 19.22
C VAL B 111 55.40 12.96 20.20
N ILE B 112 55.25 13.25 21.49
CA ILE B 112 55.15 12.24 22.52
C ILE B 112 53.75 12.37 23.10
N GLN B 113 52.82 11.58 22.58
CA GLN B 113 51.40 11.79 22.78
C GLN B 113 50.79 10.71 23.65
N TYR B 114 49.84 11.12 24.49
CA TYR B 114 49.09 10.21 25.34
C TYR B 114 47.62 10.61 25.29
N GLY B 115 46.78 9.75 24.74
CA GLY B 115 45.37 10.03 24.62
C GLY B 115 44.54 9.73 25.85
N ASN B 116 45.12 9.05 26.84
CA ASN B 116 44.40 8.78 28.08
C ASN B 116 44.00 10.08 28.76
N THR B 117 44.92 11.05 28.81
CA THR B 117 44.61 12.38 29.30
C THR B 117 43.61 13.05 28.36
N GLY B 118 42.81 13.96 28.92
CA GLY B 118 41.76 14.59 28.15
C GLY B 118 42.24 15.73 27.28
N ALA B 119 43.48 15.64 26.80
CA ALA B 119 44.04 16.67 25.94
C ALA B 119 45.21 16.07 25.17
N SER B 120 45.15 16.15 23.84
CA SER B 120 46.21 15.66 22.98
C SER B 120 47.01 16.83 22.45
N ILE B 121 48.34 16.71 22.49
CA ILE B 121 49.21 17.84 22.18
C ILE B 121 49.09 18.25 20.71
N GLY B 122 48.88 17.30 19.80
CA GLY B 122 48.77 17.64 18.39
C GLY B 122 47.58 18.52 18.09
N ASN B 123 46.41 18.15 18.64
CA ASN B 123 45.22 18.96 18.45
C ASN B 123 45.39 20.35 19.05
N VAL B 124 46.01 20.44 20.22
CA VAL B 124 46.23 21.73 20.86
C VAL B 124 47.13 22.60 19.99
N MET B 125 48.24 22.04 19.49
CA MET B 125 49.16 22.82 18.68
C MET B 125 48.53 23.28 17.37
N ILE B 126 47.79 22.38 16.70
CA ILE B 126 47.17 22.76 15.43
C ILE B 126 46.09 23.80 15.65
N GLY B 127 45.27 23.64 16.70
CA GLY B 127 44.26 24.64 17.00
C GLY B 127 44.86 25.99 17.36
N LEU B 128 46.00 25.97 18.06
CA LEU B 128 46.71 27.22 18.33
C LEU B 128 47.18 27.87 17.04
N GLU B 129 47.67 27.06 16.10
CA GLU B 129 48.15 27.60 14.82
C GLU B 129 47.01 28.20 14.02
N GLU B 130 45.86 27.53 13.97
CA GLU B 130 44.75 28.02 13.16
C GLU B 130 44.11 29.28 13.74
N ALA B 131 44.43 29.65 14.98
CA ALA B 131 43.86 30.82 15.61
C ALA B 131 44.71 32.07 15.43
N LYS B 132 45.79 31.99 14.67
CA LYS B 132 46.69 33.12 14.43
C LYS B 132 46.17 33.96 13.25
N ASP B 133 46.69 35.18 13.17
CA ASP B 133 46.32 36.11 12.11
C ASP B 133 47.17 35.86 10.88
N THR B 134 46.52 35.81 9.71
CA THR B 134 47.17 35.45 8.46
C THR B 134 47.17 36.62 7.49
N THR B 135 48.28 36.77 6.75
CA THR B 135 48.44 37.81 5.72
C THR B 135 48.63 37.17 4.35
N GLN B 136 47.66 37.32 3.48
CA GLN B 136 47.83 36.82 2.13
C GLN B 136 48.34 37.96 1.25
N THR B 137 49.64 38.22 1.27
CA THR B 137 50.17 39.37 0.52
C THR B 137 50.40 39.04 -0.95
N LYS B 138 49.52 39.54 -1.81
CA LYS B 138 49.63 39.22 -3.23
C LYS B 138 50.90 39.72 -3.87
N ALA B 139 51.31 40.94 -3.58
CA ALA B 139 52.50 41.52 -4.18
C ALA B 139 52.38 41.31 -5.66
N VAL B 140 51.17 41.52 -6.17
CA VAL B 140 50.92 41.34 -7.59
C VAL B 140 51.35 42.61 -8.25
N TYR B 141 52.65 42.90 -8.16
CA TYR B 141 53.14 44.14 -8.72
C TYR B 141 53.42 44.06 -10.21
N PHE B 147 48.28 47.43 -11.98
CA PHE B 147 49.63 47.45 -11.41
C PHE B 147 49.59 47.98 -9.99
N LEU B 148 48.89 47.25 -9.12
CA LEU B 148 48.74 47.58 -7.70
C LEU B 148 49.84 46.83 -6.96
N ARG B 149 50.90 47.54 -6.57
CA ARG B 149 52.17 46.92 -6.23
C ARG B 149 52.11 46.04 -4.99
N ASN B 150 51.17 46.28 -4.07
CA ASN B 150 51.25 45.68 -2.73
C ASN B 150 49.90 45.18 -2.23
N GLU B 151 49.19 44.40 -3.05
CA GLU B 151 47.83 44.00 -2.68
C GLU B 151 47.76 43.01 -1.53
N THR B 152 48.07 43.46 -0.30
CA THR B 152 48.01 42.57 0.85
C THR B 152 46.58 42.36 1.32
N THR B 153 46.42 41.47 2.28
CA THR B 153 45.17 41.28 3.00
C THR B 153 45.49 40.71 4.37
N THR B 154 44.56 40.86 5.31
CA THR B 154 44.69 40.27 6.63
C THR B 154 43.40 39.54 6.96
N THR B 155 43.52 38.46 7.73
CA THR B 155 42.38 37.63 8.08
C THR B 155 42.53 37.13 9.51
N LYS B 156 41.51 37.36 10.33
CA LYS B 156 41.53 36.85 11.69
C LYS B 156 41.37 35.33 11.69
N GLY B 157 42.07 34.66 12.61
CA GLY B 157 42.02 33.22 12.67
C GLY B 157 40.73 32.69 13.26
N ASP B 158 40.54 31.39 13.09
CA ASP B 158 39.37 30.70 13.59
C ASP B 158 39.71 29.95 14.86
N TYR B 159 38.80 29.98 15.84
CA TYR B 159 39.00 29.40 17.15
C TYR B 159 38.27 28.08 17.35
N THR B 160 37.77 27.47 16.28
CA THR B 160 36.94 26.28 16.43
C THR B 160 37.74 25.08 16.92
N LYS B 161 38.90 24.83 16.30
CA LYS B 161 39.71 23.68 16.70
C LYS B 161 40.23 23.83 18.13
N LEU B 162 40.66 25.04 18.49
CA LEU B 162 41.11 25.28 19.86
C LEU B 162 39.96 25.10 20.85
N ALA B 163 38.76 25.58 20.49
CA ALA B 163 37.62 25.42 21.37
C ALA B 163 37.28 23.95 21.57
N SER B 164 37.35 23.15 20.50
CA SER B 164 37.10 21.73 20.63
C SER B 164 38.18 21.02 21.43
N ALA B 165 39.43 21.49 21.34
CA ALA B 165 40.53 20.83 22.04
C ALA B 165 40.43 21.05 23.55
N LEU B 166 39.97 22.22 23.98
CA LEU B 166 39.91 22.55 25.39
C LEU B 166 38.56 22.22 26.03
N SER B 167 37.63 21.62 25.27
CA SER B 167 36.27 21.45 25.76
C SER B 167 36.21 20.41 26.88
N SER B 168 37.01 19.35 26.79
CA SER B 168 36.91 18.23 27.72
C SER B 168 37.97 18.26 28.83
N ILE B 169 38.71 19.37 28.95
CA ILE B 169 39.82 19.42 29.89
C ILE B 169 39.29 19.67 31.30
N GLN B 170 39.71 18.83 32.24
CA GLN B 170 39.42 19.02 33.66
C GLN B 170 40.75 19.12 34.40
N GLY B 171 40.91 20.19 35.17
CA GLY B 171 42.14 20.39 35.91
C GLY B 171 43.16 21.21 35.15
N ALA B 172 44.42 20.99 35.48
CA ALA B 172 45.50 21.76 34.89
C ALA B 172 45.98 21.15 33.58
N ALA B 173 46.03 21.98 32.55
CA ALA B 173 46.64 21.63 31.25
C ALA B 173 47.43 22.87 30.81
N VAL B 174 48.72 22.86 31.08
CA VAL B 174 49.58 24.03 30.95
C VAL B 174 50.68 23.75 29.93
N SER B 175 50.84 24.65 28.98
CA SER B 175 51.81 24.51 27.90
C SER B 175 53.01 25.42 28.14
N ILE B 176 54.21 24.87 27.99
CA ILE B 176 55.46 25.59 28.14
C ILE B 176 56.25 25.44 26.84
N ALA B 177 56.62 26.56 26.24
CA ALA B 177 57.41 26.57 25.02
C ALA B 177 58.88 26.79 25.36
N MET B 178 59.76 25.99 24.75
CA MET B 178 61.18 26.06 25.03
C MET B 178 61.99 25.95 23.73
N GLY B 179 61.42 26.40 22.62
CA GLY B 179 62.14 26.44 21.37
C GLY B 179 61.83 25.26 20.48
N ASP B 180 60.98 25.46 19.48
CA ASP B 180 60.51 24.43 18.55
C ASP B 180 60.13 23.15 19.27
N TRP B 181 59.69 23.27 20.52
CA TRP B 181 59.35 22.12 21.36
C TRP B 181 58.41 22.60 22.44
N THR B 182 57.23 22.00 22.52
CA THR B 182 56.21 22.38 23.49
C THR B 182 55.98 21.22 24.47
N ALA B 183 55.95 21.54 25.76
CA ALA B 183 55.65 20.58 26.82
C ALA B 183 54.31 20.91 27.43
N LEU B 184 53.38 19.96 27.37
CA LEU B 184 52.04 20.11 27.94
C LEU B 184 51.95 19.24 29.19
N ILE B 185 51.68 19.86 30.32
CA ILE B 185 51.54 19.18 31.61
C ILE B 185 50.07 19.13 31.98
N ASN B 186 49.56 17.93 32.25
CA ASN B 186 48.19 17.75 32.70
C ASN B 186 48.19 17.10 34.08
N ALA B 187 47.32 17.60 34.95
CA ALA B 187 47.26 17.12 36.32
C ALA B 187 45.88 17.43 36.91
N VAL B 188 45.26 16.43 37.52
CA VAL B 188 43.94 16.62 38.14
C VAL B 188 43.75 15.56 39.23
N SER B 189 42.99 15.93 40.26
CA SER B 189 42.57 15.04 41.33
C SER B 189 41.09 15.26 41.59
N ASN B 190 40.32 14.18 41.62
CA ASN B 190 38.87 14.23 41.78
C ASN B 190 38.44 13.42 42.99
N ASP B 191 37.43 13.92 43.71
CA ASP B 191 36.89 13.27 44.89
C ASP B 191 35.38 13.45 44.93
N SER B 192 34.66 12.41 45.34
CA SER B 192 33.21 12.46 45.38
C SER B 192 32.67 11.58 46.50
N SER B 193 31.56 12.01 47.09
CA SER B 193 30.91 11.29 48.18
C SER B 193 29.40 11.42 48.05
N SER B 194 28.69 10.40 48.55
CA SER B 194 27.24 10.37 48.48
C SER B 194 26.68 9.57 49.65
N ASN B 195 25.60 10.06 50.25
CA ASN B 195 25.01 9.48 51.45
C ASN B 195 23.50 9.66 51.39
N ILE B 196 22.77 8.56 51.33
CA ILE B 196 21.31 8.58 51.14
C ILE B 196 20.64 7.69 52.17
N LEU B 197 19.59 8.21 52.82
CA LEU B 197 18.74 7.47 53.74
C LEU B 197 17.29 7.61 53.30
N SER B 198 16.57 6.49 53.23
CA SER B 198 15.16 6.51 52.87
C SER B 198 14.38 5.60 53.82
N SER B 199 13.15 5.99 54.16
CA SER B 199 12.31 5.24 55.09
C SER B 199 10.85 5.27 54.67
N PRO B 200 10.42 4.36 53.80
CA PRO B 200 8.99 4.21 53.53
C PRO B 200 8.29 3.35 54.56
N SER B 201 7.01 3.64 54.80
CA SER B 201 6.23 2.94 55.81
C SER B 201 4.78 2.83 55.37
N ILE B 202 4.10 1.80 55.87
CA ILE B 202 2.70 1.57 55.54
C ILE B 202 2.03 0.77 56.65
N THR B 203 0.74 1.01 56.86
CA THR B 203 -0.07 0.30 57.84
C THR B 203 -1.09 -0.58 57.13
N VAL B 204 -1.17 -1.84 57.55
CA VAL B 204 -2.08 -2.82 56.96
C VAL B 204 -2.79 -3.58 58.07
N MET B 205 -3.78 -4.37 57.65
CA MET B 205 -4.41 -5.35 58.52
C MET B 205 -3.76 -6.72 58.30
N ASP B 206 -3.97 -7.60 59.27
CA ASP B 206 -3.45 -8.96 59.15
C ASP B 206 -4.04 -9.65 57.93
N ASN B 207 -3.16 -10.31 57.17
CA ASN B 207 -3.54 -11.09 55.99
C ASN B 207 -4.02 -10.22 54.83
N GLY B 208 -3.65 -8.94 54.83
CA GLY B 208 -4.02 -8.04 53.75
C GLY B 208 -2.80 -7.54 53.00
N GLU B 209 -3.01 -7.16 51.75
CA GLU B 209 -1.95 -6.64 50.90
C GLU B 209 -1.91 -5.12 50.95
N ALA B 210 -0.71 -4.56 50.94
CA ALA B 210 -0.51 -3.11 50.95
C ALA B 210 0.49 -2.72 49.89
N SER B 211 0.21 -1.61 49.20
CA SER B 211 1.06 -1.07 48.15
C SER B 211 1.39 0.37 48.47
N PHE B 212 2.65 0.75 48.23
CA PHE B 212 3.14 2.10 48.50
C PHE B 212 4.06 2.49 47.36
N ILE B 213 3.81 3.65 46.75
CA ILE B 213 4.71 4.18 45.72
C ILE B 213 4.86 5.67 45.91
N VAL B 214 6.10 6.16 45.86
CA VAL B 214 6.40 7.57 45.70
C VAL B 214 7.32 7.69 44.51
N GLY B 215 6.85 8.31 43.43
CA GLY B 215 7.63 8.34 42.21
C GLY B 215 6.98 8.96 41.00
N GLU B 216 7.05 8.25 39.88
CA GLU B 216 6.71 8.77 38.58
C GLU B 216 6.12 7.65 37.72
N GLU B 217 5.30 8.05 36.76
CA GLU B 217 4.76 7.14 35.74
C GLU B 217 5.29 7.57 34.39
N VAL B 218 6.04 6.68 33.73
CA VAL B 218 6.83 7.01 32.56
C VAL B 218 6.35 6.15 31.40
N PRO B 219 6.14 6.72 30.21
CA PRO B 219 5.81 5.89 29.04
C PRO B 219 7.06 5.29 28.41
N VAL B 220 6.92 4.06 27.93
CA VAL B 220 8.00 3.34 27.27
C VAL B 220 7.46 2.66 26.01
N ILE B 221 8.36 2.37 25.10
CA ILE B 221 8.02 1.78 23.81
C ILE B 221 8.01 0.26 23.94
N THR B 222 6.96 -0.38 23.43
CA THR B 222 6.80 -1.82 23.44
C THR B 222 6.41 -2.31 22.05
N GLY B 223 7.17 -1.89 21.04
CA GLY B 223 6.79 -2.18 19.67
C GLY B 223 6.59 -0.97 18.78
N SER B 224 7.40 0.07 19.02
CA SER B 224 7.42 1.32 18.23
C SER B 224 6.92 1.21 16.79
N ASP B 231 8.42 10.15 12.73
CA ASP B 231 7.04 9.82 13.05
C ASP B 231 6.87 8.32 13.26
N ASN B 232 5.63 7.89 13.53
CA ASN B 232 5.36 6.47 13.76
C ASN B 232 3.88 6.21 13.59
N PRO B 233 3.48 5.17 12.86
CA PRO B 233 2.05 4.87 12.72
C PRO B 233 1.44 4.22 13.96
N PHE B 234 2.19 3.33 14.62
CA PHE B 234 1.73 2.72 15.86
C PHE B 234 2.94 2.37 16.72
N GLN B 235 2.98 2.93 17.93
CA GLN B 235 4.16 2.85 18.79
C GLN B 235 4.07 1.76 19.84
N THR B 236 2.86 1.32 20.21
CA THR B 236 2.65 0.34 21.27
C THR B 236 3.30 0.80 22.58
N VAL B 237 2.81 1.92 23.10
CA VAL B 237 3.37 2.54 24.30
C VAL B 237 2.69 1.98 25.53
N ASP B 238 3.47 1.74 26.58
CA ASP B 238 2.95 1.29 27.86
C ASP B 238 3.56 2.15 28.97
N ARG B 239 2.77 2.44 29.99
CA ARG B 239 3.19 3.34 31.07
C ARG B 239 3.56 2.52 32.30
N LYS B 240 4.78 2.75 32.81
CA LYS B 240 5.36 1.99 33.90
C LYS B 240 5.61 2.91 35.09
N GLU B 241 5.88 2.32 36.25
CA GLU B 241 6.05 3.05 37.49
C GLU B 241 7.51 2.97 37.95
N VAL B 242 8.07 4.11 38.34
CA VAL B 242 9.41 4.19 38.91
C VAL B 242 9.31 4.98 40.20
N GLY B 243 10.26 4.73 41.10
CA GLY B 243 10.26 5.42 42.38
C GLY B 243 10.65 4.54 43.52
N ILE B 244 10.17 4.87 44.71
CA ILE B 244 10.29 4.02 45.89
C ILE B 244 8.99 3.25 46.02
N LYS B 245 9.08 1.91 45.95
CA LYS B 245 7.92 1.04 45.92
C LYS B 245 8.05 -0.04 46.99
N LEU B 246 6.94 -0.28 47.68
CA LEU B 246 6.87 -1.30 48.73
C LEU B 246 5.53 -2.03 48.61
N LYS B 247 5.59 -3.33 48.31
CA LYS B 247 4.42 -4.19 48.35
C LYS B 247 4.62 -5.23 49.45
N VAL B 248 3.66 -5.30 50.37
CA VAL B 248 3.82 -6.16 51.54
C VAL B 248 2.53 -6.92 51.84
N VAL B 249 2.68 -8.18 52.20
CA VAL B 249 1.60 -8.96 52.79
C VAL B 249 2.07 -9.53 54.12
N PRO B 250 1.49 -9.10 55.24
CA PRO B 250 1.86 -9.66 56.54
C PRO B 250 0.94 -10.80 56.99
N GLN B 251 1.48 -11.62 57.88
CA GLN B 251 0.74 -12.68 58.55
C GLN B 251 1.24 -12.79 59.97
N ILE B 252 0.43 -12.37 60.93
CA ILE B 252 0.79 -12.48 62.33
C ILE B 252 0.47 -13.88 62.81
N ASN B 253 1.42 -14.51 63.49
CA ASN B 253 1.11 -15.71 64.24
C ASN B 253 0.18 -15.36 65.39
N GLU B 254 -0.21 -16.38 66.16
CA GLU B 254 -1.09 -16.11 67.29
C GLU B 254 -0.41 -15.26 68.36
N GLY B 255 0.92 -15.10 68.29
CA GLY B 255 1.65 -14.37 69.30
C GLY B 255 2.32 -13.10 68.81
N ASN B 256 3.66 -13.08 68.83
CA ASN B 256 4.41 -11.86 68.59
C ASN B 256 5.43 -11.99 67.47
N SER B 257 5.05 -12.62 66.37
CA SER B 257 5.91 -12.74 65.20
C SER B 257 5.10 -12.48 63.95
N VAL B 258 5.75 -11.84 62.97
CA VAL B 258 5.11 -11.49 61.71
C VAL B 258 5.90 -12.11 60.57
N GLN B 259 5.22 -12.87 59.73
CA GLN B 259 5.78 -13.39 58.48
C GLN B 259 5.42 -12.42 57.37
N LEU B 260 6.42 -11.93 56.65
CA LEU B 260 6.24 -10.90 55.65
C LEU B 260 6.61 -11.41 54.27
N ASN B 261 5.73 -11.18 53.29
CA ASN B 261 6.06 -11.31 51.88
C ASN B 261 6.28 -9.91 51.33
N ILE B 262 7.50 -9.64 50.84
CA ILE B 262 7.95 -8.29 50.54
C ILE B 262 8.48 -8.20 49.11
N GLU B 263 8.05 -7.14 48.41
CA GLU B 263 8.70 -6.67 47.19
C GLU B 263 9.08 -5.22 47.40
N GLN B 264 10.37 -4.93 47.41
CA GLN B 264 10.89 -3.59 47.66
C GLN B 264 11.73 -3.13 46.48
N GLU B 265 11.56 -1.87 46.08
CA GLU B 265 12.25 -1.38 44.89
C GLU B 265 12.56 0.10 45.00
N VAL B 266 13.75 0.47 44.53
CA VAL B 266 14.13 1.87 44.30
C VAL B 266 14.60 1.97 42.86
N SER B 267 13.93 2.82 42.08
CA SER B 267 14.23 2.92 40.66
C SER B 267 14.02 4.35 40.16
N ASN B 268 14.90 4.80 39.28
CA ASN B 268 14.77 6.10 38.64
C ASN B 268 15.03 5.99 37.14
N VAL B 269 14.84 7.09 36.44
CA VAL B 269 14.98 7.15 34.99
C VAL B 269 16.36 7.70 34.64
N LEU B 270 17.08 6.98 33.78
CA LEU B 270 18.32 7.42 33.19
C LEU B 270 18.13 7.58 31.69
N GLY B 271 18.76 8.61 31.12
CA GLY B 271 18.64 8.84 29.70
C GLY B 271 19.37 7.78 28.91
N ALA B 272 18.83 7.45 27.75
CA ALA B 272 19.46 6.47 26.87
C ALA B 272 20.74 7.03 26.27
N ASN B 273 21.83 6.28 26.38
CA ASN B 273 23.08 6.69 25.74
C ASN B 273 23.26 6.05 24.37
N GLY B 274 22.84 4.80 24.19
CA GLY B 274 22.85 4.19 22.89
C GLY B 274 21.67 3.27 22.65
N ALA B 275 20.69 3.34 23.54
CA ALA B 275 19.52 2.47 23.49
C ALA B 275 18.39 3.13 22.71
N VAL B 276 17.41 2.31 22.33
CA VAL B 276 16.28 2.82 21.56
C VAL B 276 15.39 3.72 22.42
N ASP B 277 15.29 3.42 23.72
CA ASP B 277 14.43 4.16 24.62
C ASP B 277 15.14 4.39 25.93
N VAL B 278 14.48 5.12 26.84
CA VAL B 278 15.09 5.48 28.11
C VAL B 278 15.34 4.23 28.96
N ARG B 279 16.29 4.35 29.89
CA ARG B 279 16.66 3.26 30.78
C ARG B 279 16.19 3.55 32.20
N PHE B 280 16.12 2.51 33.00
CA PHE B 280 15.75 2.62 34.41
C PHE B 280 16.89 2.09 35.26
N ALA B 281 17.39 2.91 36.18
CA ALA B 281 18.22 2.41 37.26
C ALA B 281 17.31 1.71 38.28
N LYS B 282 17.68 0.49 38.67
CA LYS B 282 16.78 -0.39 39.39
C LYS B 282 17.51 -1.13 40.49
N ARG B 283 16.93 -1.14 41.69
CA ARG B 283 17.40 -1.97 42.81
C ARG B 283 16.18 -2.62 43.43
N GLN B 284 16.11 -3.95 43.39
CA GLN B 284 14.90 -4.67 43.78
C GLN B 284 15.24 -5.86 44.66
N LEU B 285 14.44 -6.05 45.72
CA LEU B 285 14.51 -7.21 46.60
C LEU B 285 13.14 -7.84 46.70
N ASN B 286 13.03 -9.13 46.38
CA ASN B 286 11.81 -9.90 46.51
C ASN B 286 12.08 -11.09 47.42
N THR B 287 11.33 -11.19 48.52
CA THR B 287 11.62 -12.25 49.48
C THR B 287 10.45 -12.44 50.44
N SER B 288 10.62 -13.37 51.37
CA SER B 288 9.69 -13.61 52.47
C SER B 288 10.49 -13.99 53.71
N VAL B 289 10.18 -13.34 54.83
CA VAL B 289 10.96 -13.47 56.06
C VAL B 289 10.03 -13.57 57.27
N MET B 290 10.65 -13.80 58.43
CA MET B 290 9.96 -13.79 59.72
C MET B 290 10.68 -12.80 60.63
N VAL B 291 9.93 -11.90 61.25
CA VAL B 291 10.50 -10.91 62.16
C VAL B 291 9.70 -10.93 63.46
N GLN B 292 10.34 -10.48 64.54
CA GLN B 292 9.66 -10.35 65.81
C GLN B 292 8.81 -9.08 65.83
N ASP B 293 8.12 -8.87 66.96
CA ASP B 293 7.09 -7.83 67.03
C ASP B 293 7.65 -6.45 66.78
N GLY B 294 8.73 -6.09 67.47
CA GLY B 294 9.27 -4.74 67.33
C GLY B 294 10.76 -4.71 67.06
N GLN B 295 11.27 -5.73 66.40
CA GLN B 295 12.70 -5.87 66.14
C GLN B 295 12.98 -5.61 64.67
N MET B 296 14.26 -5.43 64.37
CA MET B 296 14.72 -5.14 63.02
C MET B 296 15.47 -6.32 62.43
N LEU B 297 15.25 -6.57 61.14
CA LEU B 297 15.93 -7.63 60.42
C LEU B 297 16.53 -7.05 59.14
N VAL B 298 17.71 -7.55 58.76
CA VAL B 298 18.37 -7.13 57.54
C VAL B 298 17.87 -8.00 56.40
N LEU B 299 17.45 -7.37 55.30
CA LEU B 299 16.92 -8.09 54.15
C LEU B 299 17.97 -8.37 53.09
N GLY B 300 18.89 -7.44 52.86
CA GLY B 300 19.88 -7.62 51.83
C GLY B 300 20.76 -6.39 51.72
N GLY B 301 21.77 -6.51 50.86
CA GLY B 301 22.73 -5.43 50.69
C GLY B 301 23.78 -5.79 49.69
N LEU B 302 24.72 -4.87 49.52
CA LEU B 302 25.78 -4.97 48.52
C LEU B 302 27.00 -4.20 49.01
N ILE B 303 28.17 -4.84 48.95
CA ILE B 303 29.45 -4.18 49.18
C ILE B 303 30.26 -4.29 47.89
N ASP B 304 30.66 -3.15 47.34
CA ASP B 304 31.40 -3.10 46.09
C ASP B 304 32.65 -2.26 46.26
N GLU B 305 33.79 -2.79 45.80
CA GLU B 305 35.06 -2.07 45.78
C GLU B 305 35.68 -2.22 44.39
N ARG B 306 36.39 -1.19 43.96
CA ARG B 306 36.96 -1.19 42.62
C ARG B 306 38.20 -0.31 42.58
N ALA B 307 39.29 -0.85 42.03
CA ALA B 307 40.53 -0.10 41.85
C ALA B 307 41.01 -0.27 40.42
N LEU B 308 41.39 0.83 39.79
CA LEU B 308 41.88 0.84 38.41
C LEU B 308 43.17 1.63 38.33
N GLU B 309 44.14 1.08 37.58
CA GLU B 309 45.43 1.71 37.35
C GLU B 309 45.75 1.67 35.87
N SER B 310 46.46 2.69 35.39
CA SER B 310 46.87 2.73 33.99
C SER B 310 48.12 3.59 33.84
N GLU B 311 49.01 3.16 32.95
CA GLU B 311 50.27 3.86 32.71
C GLU B 311 50.67 3.73 31.25
N SER B 312 51.15 4.82 30.68
CA SER B 312 51.79 4.81 29.36
C SER B 312 53.08 5.62 29.45
N LYS B 313 54.18 5.03 28.98
CA LYS B 313 55.48 5.68 29.15
C LYS B 313 56.39 5.35 27.97
N VAL B 314 57.44 6.15 27.84
CA VAL B 314 58.53 5.84 26.91
C VAL B 314 59.41 4.75 27.52
N PRO B 315 59.71 3.68 26.78
CA PRO B 315 60.26 2.46 27.40
C PRO B 315 61.41 2.66 28.38
N LEU B 316 62.51 3.25 27.96
CA LEU B 316 63.67 3.34 28.83
C LEU B 316 63.80 4.69 29.53
N LEU B 317 63.29 5.75 28.93
CA LEU B 317 63.37 7.09 29.51
C LEU B 317 62.44 7.27 30.69
N GLY B 318 61.34 6.51 30.76
CA GLY B 318 60.35 6.64 31.79
C GLY B 318 60.67 5.94 33.09
N ASP B 319 61.87 5.37 33.22
CA ASP B 319 62.30 4.71 34.45
C ASP B 319 63.48 5.42 35.10
N ILE B 320 63.90 6.56 34.57
CA ILE B 320 64.98 7.34 35.18
C ILE B 320 64.52 7.79 36.58
N PRO B 321 65.39 7.73 37.59
CA PRO B 321 64.91 7.96 38.97
C PRO B 321 64.21 9.29 39.19
N LEU B 322 64.64 10.35 38.52
CA LEU B 322 64.04 11.67 38.74
C LEU B 322 63.44 12.29 37.49
N LEU B 323 64.10 12.18 36.35
CA LEU B 323 63.65 12.83 35.12
C LEU B 323 62.62 12.02 34.37
N GLY B 324 62.24 10.84 34.86
CA GLY B 324 61.30 9.99 34.15
C GLY B 324 59.87 10.48 34.13
N GLN B 325 59.48 11.32 35.08
CA GLN B 325 58.11 11.83 35.11
C GLN B 325 57.80 12.66 33.86
N LEU B 326 58.81 13.20 33.20
CA LEU B 326 58.61 13.94 31.97
C LEU B 326 58.21 13.05 30.80
N PHE B 327 58.26 11.73 30.97
CA PHE B 327 57.96 10.80 29.89
C PHE B 327 56.95 9.74 30.34
N ARG B 328 55.93 10.14 31.08
CA ARG B 328 54.96 9.21 31.64
C ARG B 328 53.57 9.83 31.63
N SER B 329 52.57 8.96 31.68
CA SER B 329 51.18 9.37 31.86
C SER B 329 50.49 8.31 32.70
N THR B 330 49.97 8.71 33.86
CA THR B 330 49.44 7.81 34.86
C THR B 330 48.03 8.21 35.23
N SER B 331 47.16 7.20 35.41
CA SER B 331 45.79 7.39 35.87
C SER B 331 45.47 6.34 36.93
N SER B 332 44.82 6.78 38.01
CA SER B 332 44.39 5.87 39.07
C SER B 332 43.00 6.25 39.56
N GLN B 333 42.22 5.23 39.92
CA GLN B 333 40.83 5.40 40.32
C GLN B 333 40.44 4.38 41.39
N VAL B 334 39.65 4.82 42.35
CA VAL B 334 39.12 3.97 43.42
C VAL B 334 37.66 4.32 43.63
N GLU B 335 36.80 3.30 43.76
CA GLU B 335 35.38 3.48 43.97
C GLU B 335 34.88 2.48 45.00
N LYS B 336 34.03 2.96 45.91
CA LYS B 336 33.45 2.13 46.96
C LYS B 336 31.96 2.40 47.06
N LYS B 337 31.18 1.34 47.27
CA LYS B 337 29.74 1.41 47.32
C LYS B 337 29.21 0.47 48.40
N ASN B 338 28.26 0.96 49.20
CA ASN B 338 27.65 0.21 50.28
C ASN B 338 26.15 0.43 50.27
N LEU B 339 25.38 -0.63 50.12
CA LEU B 339 23.93 -0.56 50.09
C LEU B 339 23.36 -1.56 51.08
N MET B 340 22.33 -1.15 51.83
CA MET B 340 21.72 -2.04 52.81
C MET B 340 20.24 -1.73 52.96
N VAL B 341 19.45 -2.78 53.20
CA VAL B 341 18.00 -2.66 53.38
C VAL B 341 17.60 -3.38 54.66
N PHE B 342 16.85 -2.70 55.52
CA PHE B 342 16.31 -3.24 56.75
C PHE B 342 14.79 -3.11 56.75
N ILE B 343 14.12 -3.96 57.52
CA ILE B 343 12.68 -3.91 57.67
C ILE B 343 12.31 -4.08 59.13
N LYS B 344 11.16 -3.53 59.52
CA LYS B 344 10.72 -3.59 60.91
C LYS B 344 9.20 -3.55 61.00
N PRO B 345 8.59 -4.57 61.60
CA PRO B 345 7.15 -4.54 61.84
C PRO B 345 6.82 -4.03 63.25
N THR B 346 5.54 -3.74 63.44
CA THR B 346 5.03 -3.37 64.77
C THR B 346 3.55 -3.71 64.81
N ILE B 347 3.14 -4.51 65.78
CA ILE B 347 1.76 -4.97 65.88
C ILE B 347 0.94 -3.98 66.67
N ILE B 348 -0.17 -3.53 66.09
CA ILE B 348 -1.16 -2.70 66.76
C ILE B 348 -2.40 -3.55 67.00
N ARG B 349 -2.74 -3.75 68.26
CA ARG B 349 -3.90 -4.54 68.64
C ARG B 349 -5.03 -3.73 69.26
N ASP B 350 -4.72 -2.62 69.92
CA ASP B 350 -5.72 -1.79 70.56
C ASP B 350 -5.60 -0.35 70.08
N GLY B 351 -6.55 0.48 70.54
CA GLY B 351 -6.57 1.87 70.10
C GLY B 351 -5.50 2.73 70.74
N VAL B 352 -5.04 2.35 71.93
CA VAL B 352 -4.05 3.17 72.63
C VAL B 352 -2.70 3.12 71.90
N THR B 353 -2.31 1.96 71.38
CA THR B 353 -1.05 1.85 70.65
C THR B 353 -1.09 2.67 69.37
N ALA B 354 -2.18 2.57 68.62
CA ALA B 354 -2.32 3.34 67.39
C ALA B 354 -2.33 4.83 67.69
N ASP B 355 -3.01 5.24 68.76
CA ASP B 355 -3.02 6.63 69.16
C ASP B 355 -1.62 7.12 69.50
N GLY B 356 -0.83 6.30 70.20
CA GLY B 356 0.52 6.70 70.53
C GLY B 356 1.39 6.90 69.30
N ILE B 357 1.34 5.94 68.37
CA ILE B 357 2.15 6.03 67.15
C ILE B 357 1.74 7.26 66.34
N THR B 358 0.42 7.45 66.16
CA THR B 358 -0.06 8.58 65.39
C THR B 358 0.31 9.90 66.05
N GLN B 359 0.22 9.97 67.38
CA GLN B 359 0.58 11.19 68.09
C GLN B 359 2.07 11.49 67.93
N ARG B 360 2.92 10.47 67.97
CA ARG B 360 4.34 10.67 67.76
C ARG B 360 4.62 11.30 66.40
N LYS B 361 4.09 10.68 65.33
CA LYS B 361 4.37 11.19 64.00
C LYS B 361 3.78 12.59 63.79
N TYR B 362 2.54 12.79 64.25
CA TYR B 362 1.87 14.08 64.12
C TYR B 362 2.65 15.18 64.85
N ASN B 363 3.09 14.90 66.07
CA ASN B 363 3.81 15.90 66.84
C ASN B 363 5.16 16.22 66.22
N TYR B 364 5.82 15.21 65.63
CA TYR B 364 7.06 15.49 64.91
C TYR B 364 6.83 16.47 63.77
N ILE B 365 5.84 16.19 62.92
CA ILE B 365 5.56 17.07 61.79
C ILE B 365 5.18 18.46 62.27
N ARG B 366 4.34 18.54 63.31
CA ARG B 366 3.88 19.82 63.81
C ARG B 366 5.02 20.62 64.44
N ALA B 367 5.96 19.95 65.10
CA ALA B 367 7.11 20.66 65.67
C ALA B 367 7.97 21.26 64.56
N GLU B 368 8.18 20.51 63.49
CA GLU B 368 8.91 21.09 62.35
C GLU B 368 8.17 22.31 61.80
N GLN B 369 6.85 22.22 61.67
CA GLN B 369 6.09 23.34 61.14
C GLN B 369 6.13 24.55 62.06
N LEU B 370 6.06 24.33 63.37
CA LEU B 370 6.13 25.45 64.32
C LEU B 370 7.50 26.12 64.28
N PHE B 371 8.57 25.33 64.16
CA PHE B 371 9.89 25.92 64.01
C PHE B 371 9.99 26.75 62.74
N ARG B 372 9.44 26.24 61.63
CA ARG B 372 9.44 27.03 60.40
C ARG B 372 8.61 28.29 60.56
N ALA B 373 7.56 28.26 61.38
CA ALA B 373 6.73 29.44 61.59
C ALA B 373 7.43 30.47 62.47
N GLU B 374 8.35 30.03 63.33
CA GLU B 374 9.13 30.99 64.10
C GLU B 374 9.98 31.88 63.20
N LYS B 375 10.66 31.27 62.23
CA LYS B 375 11.40 32.02 61.21
C LYS B 375 10.53 32.08 59.96
N GLY B 376 9.62 33.05 59.94
CA GLY B 376 8.59 33.11 58.93
C GLY B 376 9.12 33.43 57.55
N LEU B 377 8.17 33.78 56.67
CA LEU B 377 8.49 34.06 55.28
C LEU B 377 9.41 35.28 55.19
N ARG B 378 10.31 35.24 54.21
CA ARG B 378 11.35 36.25 54.12
C ARG B 378 10.78 37.65 53.87
N LEU B 379 9.85 37.77 52.94
CA LEU B 379 9.29 39.07 52.59
C LEU B 379 7.77 39.03 52.56
N LEU B 380 7.14 38.22 53.40
CA LEU B 380 5.69 38.13 53.48
C LEU B 380 5.31 38.00 54.94
N ASP B 381 4.03 37.72 55.19
CA ASP B 381 3.54 37.55 56.55
C ASP B 381 4.08 36.26 57.15
N ASP B 382 4.43 36.33 58.44
CA ASP B 382 4.95 35.17 59.15
C ASP B 382 3.86 34.20 59.59
N ALA B 383 2.59 34.61 59.54
CA ALA B 383 1.49 33.76 59.94
C ALA B 383 0.87 32.99 58.77
N SER B 384 1.37 33.19 57.55
CA SER B 384 0.86 32.47 56.40
C SER B 384 1.46 31.07 56.26
N VAL B 385 2.42 30.71 57.10
CA VAL B 385 3.02 29.38 57.05
C VAL B 385 2.00 28.35 57.53
N PRO B 386 1.76 27.28 56.80
CA PRO B 386 0.81 26.25 57.27
C PRO B 386 1.36 25.52 58.49
N VAL B 387 0.55 25.49 59.55
CA VAL B 387 0.89 24.81 60.78
C VAL B 387 -0.30 23.94 61.19
N LEU B 388 -0.02 22.69 61.53
CA LEU B 388 -1.08 21.77 61.92
C LEU B 388 -1.70 22.22 63.25
N PRO B 389 -2.99 21.97 63.44
CA PRO B 389 -3.61 22.23 64.74
C PRO B 389 -3.10 21.26 65.79
N LYS B 390 -3.45 21.54 67.03
CA LYS B 390 -3.10 20.64 68.12
C LYS B 390 -3.81 19.31 67.92
N PHE B 391 -3.21 18.25 68.46
CA PHE B 391 -3.72 16.89 68.22
C PHE B 391 -5.16 16.75 68.67
N GLY B 392 -6.06 16.55 67.71
CA GLY B 392 -7.47 16.48 67.99
C GLY B 392 -8.12 17.81 68.33
N ASP B 393 -7.91 18.84 67.51
CA ASP B 393 -8.44 20.16 67.81
C ASP B 393 -9.19 20.77 66.64
N ASP B 394 -8.93 20.28 65.42
CA ASP B 394 -9.59 20.74 64.20
C ASP B 394 -9.25 22.19 63.86
N ARG B 395 -9.64 22.62 62.67
CA ARG B 395 -9.20 23.89 62.12
C ARG B 395 -9.75 25.07 62.91
N ARG B 396 -9.01 26.18 62.88
CA ARG B 396 -9.41 27.44 63.49
C ARG B 396 -9.09 28.57 62.53
N HIS B 397 -9.79 29.69 62.69
CA HIS B 397 -9.56 30.84 61.83
C HIS B 397 -8.23 31.51 62.17
N SER B 398 -7.73 32.30 61.21
CA SER B 398 -6.55 33.11 61.44
C SER B 398 -6.89 34.26 62.39
N PRO B 399 -5.88 34.85 63.05
CA PRO B 399 -6.17 35.87 64.06
C PRO B 399 -6.95 37.06 63.54
N GLU B 400 -6.75 37.46 62.28
CA GLU B 400 -7.50 38.59 61.73
C GLU B 400 -8.99 38.26 61.62
N ILE B 401 -9.31 37.08 61.07
CA ILE B 401 -10.71 36.67 60.97
C ILE B 401 -11.30 36.46 62.37
N GLN B 402 -10.49 35.95 63.30
CA GLN B 402 -10.97 35.76 64.66
C GLN B 402 -11.33 37.09 65.30
N ALA B 403 -10.49 38.10 65.14
CA ALA B 403 -10.81 39.43 65.66
C ALA B 403 -12.03 40.02 64.98
N PHE B 404 -12.15 39.81 63.66
CA PHE B 404 -13.31 40.32 62.93
C PHE B 404 -14.60 39.69 63.43
N ILE B 405 -14.57 38.38 63.71
CA ILE B 405 -15.79 37.71 64.18
C ILE B 405 -16.05 38.03 65.64
N GLU B 406 -15.01 38.36 66.41
CA GLU B 406 -15.23 38.77 67.79
C GLU B 406 -15.85 40.16 67.86
N GLN B 407 -15.41 41.06 66.98
CA GLN B 407 -16.01 42.40 66.93
C GLN B 407 -17.47 42.34 66.50
N MET B 408 -17.78 41.48 65.53
CA MET B 408 -19.15 41.32 65.05
C MET B 408 -19.99 40.55 66.05
N GLY C 2 -19.27 -32.17 68.93
CA GLY C 2 -18.23 -31.41 68.28
C GLY C 2 -18.00 -31.83 66.85
N ASN C 3 -19.06 -31.78 66.04
CA ASN C 3 -18.95 -32.17 64.65
C ASN C 3 -18.25 -31.12 63.79
N ASN C 4 -18.14 -29.88 64.27
CA ASN C 4 -17.50 -28.81 63.53
C ASN C 4 -16.43 -28.16 64.39
N ARG C 5 -15.30 -27.82 63.76
CA ARG C 5 -14.24 -27.09 64.44
C ARG C 5 -13.74 -25.98 63.53
N VAL C 6 -13.24 -24.92 64.16
CA VAL C 6 -12.56 -23.83 63.47
C VAL C 6 -11.15 -23.74 64.04
N VAL C 7 -10.16 -23.90 63.18
CA VAL C 7 -8.75 -23.94 63.59
C VAL C 7 -8.06 -22.69 63.06
N TYR C 8 -7.42 -21.95 63.97
CA TYR C 8 -6.63 -20.78 63.60
C TYR C 8 -5.18 -21.22 63.39
N LEU C 9 -4.66 -20.97 62.20
CA LEU C 9 -3.30 -21.41 61.87
C LEU C 9 -2.28 -20.34 62.25
N LYS C 10 -1.14 -20.80 62.77
CA LYS C 10 -0.09 -19.90 63.20
C LYS C 10 0.89 -19.59 62.07
N TYR C 11 1.38 -20.61 61.38
CA TYR C 11 2.46 -20.44 60.41
C TYR C 11 2.11 -20.83 58.99
N ALA C 12 1.10 -21.66 58.78
CA ALA C 12 0.76 -22.12 57.45
C ALA C 12 -0.35 -21.27 56.84
N LYS C 13 -0.63 -21.52 55.56
CA LYS C 13 -1.70 -20.87 54.83
C LYS C 13 -2.82 -21.88 54.60
N ALA C 14 -4.05 -21.48 54.93
CA ALA C 14 -5.17 -22.43 54.91
C ALA C 14 -5.46 -22.94 53.51
N GLU C 15 -5.40 -22.04 52.51
CA GLU C 15 -5.62 -22.46 51.12
C GLU C 15 -4.64 -23.54 50.71
N ASP C 16 -3.42 -23.51 51.23
CA ASP C 16 -2.45 -24.56 50.96
C ASP C 16 -2.87 -25.89 51.61
N LEU C 17 -3.33 -25.84 52.85
CA LEU C 17 -3.65 -27.06 53.57
C LEU C 17 -4.96 -27.71 53.11
N VAL C 18 -5.84 -26.96 52.44
CA VAL C 18 -7.10 -27.54 51.98
C VAL C 18 -6.83 -28.68 51.01
N GLU C 19 -5.95 -28.45 50.02
CA GLU C 19 -5.65 -29.48 49.04
C GLU C 19 -5.03 -30.71 49.68
N VAL C 20 -4.11 -30.49 50.63
CA VAL C 20 -3.45 -31.61 51.29
C VAL C 20 -4.46 -32.43 52.08
N LEU C 21 -5.33 -31.76 52.84
CA LEU C 21 -6.24 -32.46 53.73
C LEU C 21 -7.46 -33.04 53.03
N LYS C 22 -7.75 -32.66 51.78
CA LYS C 22 -8.87 -33.24 51.07
C LYS C 22 -8.73 -34.76 50.97
N GLY C 23 -7.55 -35.24 50.62
CA GLY C 23 -7.34 -36.67 50.51
C GLY C 23 -7.43 -37.41 51.84
N VAL C 24 -6.83 -36.84 52.88
CA VAL C 24 -6.84 -37.48 54.20
C VAL C 24 -8.26 -37.54 54.75
N SER C 25 -9.03 -36.47 54.58
CA SER C 25 -10.38 -36.44 55.10
C SER C 25 -11.26 -37.51 54.44
N GLU C 26 -11.12 -37.69 53.14
CA GLU C 26 -11.90 -38.70 52.42
C GLU C 26 -11.30 -40.09 52.63
N VAL C 45 -17.22 -35.41 55.12
CA VAL C 45 -16.06 -34.64 55.54
C VAL C 45 -15.88 -33.42 54.63
N MET C 46 -15.94 -32.22 55.21
CA MET C 46 -15.77 -31.01 54.46
C MET C 46 -14.69 -30.13 55.08
N ILE C 47 -13.87 -29.53 54.20
CA ILE C 47 -12.77 -28.66 54.57
C ILE C 47 -12.95 -27.35 53.83
N ALA C 48 -12.91 -26.23 54.56
CA ALA C 48 -13.01 -24.92 53.93
C ALA C 48 -11.97 -23.99 54.53
N ALA C 49 -11.58 -22.97 53.78
CA ALA C 49 -10.59 -22.00 54.20
C ALA C 49 -11.18 -20.61 54.20
N HIS C 50 -10.97 -19.87 55.29
CA HIS C 50 -11.28 -18.45 55.37
C HIS C 50 -9.94 -17.71 55.34
N ALA C 51 -9.70 -16.98 54.25
CA ALA C 51 -8.40 -16.37 54.01
C ALA C 51 -8.16 -15.14 54.88
N ASP C 52 -9.21 -14.37 55.17
CA ASP C 52 -9.04 -13.11 55.88
C ASP C 52 -8.56 -13.35 57.31
N THR C 53 -9.05 -14.39 57.97
CA THR C 53 -8.61 -14.76 59.30
C THR C 53 -7.62 -15.91 59.29
N ASN C 54 -7.28 -16.45 58.13
CA ASN C 54 -6.38 -17.59 57.99
C ASN C 54 -6.84 -18.77 58.85
N SER C 55 -8.06 -19.22 58.60
CA SER C 55 -8.67 -20.26 59.42
C SER C 55 -9.17 -21.41 58.56
N LEU C 56 -9.20 -22.60 59.16
CA LEU C 56 -9.78 -23.77 58.54
C LEU C 56 -11.08 -24.13 59.25
N VAL C 57 -12.14 -24.34 58.47
CA VAL C 57 -13.41 -24.83 58.98
C VAL C 57 -13.53 -26.29 58.60
N LEU C 58 -13.64 -27.17 59.59
CA LEU C 58 -13.59 -28.60 59.38
C LEU C 58 -14.87 -29.22 59.93
N THR C 59 -15.51 -30.08 59.14
CA THR C 59 -16.64 -30.87 59.63
C THR C 59 -16.44 -32.33 59.26
N ALA C 60 -16.51 -33.19 60.27
CA ALA C 60 -16.19 -34.61 60.14
C ALA C 60 -16.55 -35.30 61.46
N PRO C 61 -16.74 -36.63 61.44
CA PRO C 61 -16.91 -37.37 62.69
C PRO C 61 -15.66 -37.37 63.57
N GLN C 62 -15.76 -37.95 64.76
CA GLN C 62 -14.75 -37.76 65.79
C GLN C 62 -13.39 -38.31 65.37
N ASP C 63 -13.35 -39.51 64.80
CA ASP C 63 -12.07 -40.15 64.51
C ASP C 63 -11.32 -39.41 63.38
N ILE C 64 -12.03 -39.13 62.29
CA ILE C 64 -11.43 -38.35 61.21
C ILE C 64 -11.03 -36.98 61.71
N MET C 65 -11.84 -36.40 62.60
CA MET C 65 -11.52 -35.10 63.17
C MET C 65 -10.20 -35.13 63.93
N ASN C 66 -10.02 -36.14 64.78
CA ASN C 66 -8.79 -36.24 65.56
C ASN C 66 -7.58 -36.46 64.66
N ALA C 67 -7.72 -37.32 63.65
CA ALA C 67 -6.62 -37.57 62.73
C ALA C 67 -6.23 -36.29 61.98
N MET C 68 -7.23 -35.56 61.50
CA MET C 68 -6.97 -34.33 60.76
C MET C 68 -6.34 -33.28 61.65
N LEU C 69 -6.77 -33.20 62.91
CA LEU C 69 -6.16 -32.25 63.83
C LEU C 69 -4.70 -32.59 64.09
N GLU C 70 -4.38 -33.88 64.22
CA GLU C 70 -2.98 -34.27 64.38
C GLU C 70 -2.16 -33.89 63.16
N VAL C 71 -2.69 -34.13 61.96
CA VAL C 71 -1.96 -33.78 60.74
C VAL C 71 -1.74 -32.27 60.65
N ILE C 72 -2.77 -31.48 60.96
CA ILE C 72 -2.64 -30.03 60.93
C ILE C 72 -1.59 -29.57 61.93
N GLY C 73 -1.63 -30.12 63.15
CA GLY C 73 -0.64 -29.75 64.13
C GLY C 73 0.77 -30.09 63.72
N GLN C 74 0.94 -31.18 62.96
CA GLN C 74 2.28 -31.53 62.50
C GLN C 74 2.74 -30.65 61.33
N LEU C 75 1.82 -30.20 60.48
CA LEU C 75 2.22 -29.35 59.35
C LEU C 75 2.25 -27.86 59.67
N ASP C 76 1.71 -27.44 60.81
CA ASP C 76 1.64 -26.02 61.16
C ASP C 76 2.79 -25.69 62.11
N ILE C 77 3.98 -25.56 61.55
CA ILE C 77 5.19 -25.31 62.34
C ILE C 77 5.99 -24.19 61.71
N ARG C 78 7.01 -23.76 62.44
CA ARG C 78 7.85 -22.64 62.04
C ARG C 78 8.95 -23.07 61.09
N ARG C 79 9.25 -22.22 60.12
CA ARG C 79 10.36 -22.42 59.19
C ARG C 79 11.54 -21.56 59.60
N ALA C 80 12.74 -22.09 59.40
CA ALA C 80 13.97 -21.35 59.64
C ALA C 80 14.28 -20.45 58.45
N GLN C 81 15.27 -19.59 58.62
CA GLN C 81 15.67 -18.66 57.58
C GLN C 81 17.14 -18.88 57.21
N VAL C 82 17.50 -18.44 56.01
CA VAL C 82 18.87 -18.53 55.53
C VAL C 82 19.30 -17.15 55.03
N LEU C 83 20.46 -16.69 55.50
CA LEU C 83 21.15 -15.55 54.92
C LEU C 83 22.19 -16.09 53.96
N ILE C 84 22.15 -15.64 52.71
CA ILE C 84 23.02 -16.14 51.64
C ILE C 84 23.85 -14.97 51.14
N GLU C 85 25.18 -15.14 51.18
CA GLU C 85 26.12 -14.14 50.72
C GLU C 85 26.97 -14.70 49.59
N ALA C 86 27.07 -13.95 48.50
CA ALA C 86 27.94 -14.31 47.39
C ALA C 86 29.14 -13.39 47.37
N LEU C 87 30.24 -13.87 46.80
CA LEU C 87 31.49 -13.12 46.73
C LEU C 87 32.09 -13.29 45.34
N ILE C 88 32.18 -12.20 44.60
CA ILE C 88 32.71 -12.20 43.24
C ILE C 88 34.03 -11.45 43.26
N VAL C 89 35.09 -12.11 42.81
CA VAL C 89 36.43 -11.54 42.74
C VAL C 89 36.88 -11.52 41.29
N GLU C 90 37.37 -10.37 40.84
CA GLU C 90 37.88 -10.22 39.48
C GLU C 90 39.22 -9.48 39.54
N MET C 91 40.21 -10.01 38.83
CA MET C 91 41.53 -9.39 38.72
C MET C 91 41.98 -9.45 37.28
N ALA C 92 42.51 -8.34 36.77
CA ALA C 92 43.04 -8.31 35.42
C ALA C 92 44.36 -7.55 35.39
N GLU C 93 45.28 -8.02 34.56
CA GLU C 93 46.58 -7.41 34.37
C GLU C 93 46.93 -7.40 32.90
N GLY C 94 47.62 -6.35 32.46
CA GLY C 94 48.03 -6.26 31.06
C GLY C 94 49.29 -5.45 30.85
N ASP C 95 50.12 -5.87 29.89
CA ASP C 95 51.39 -5.21 29.61
C ASP C 95 51.72 -5.32 28.12
N GLY C 96 52.19 -4.23 27.52
CA GLY C 96 52.53 -4.24 26.12
C GLY C 96 53.68 -3.32 25.80
N ILE C 97 54.40 -3.63 24.72
CA ILE C 97 55.51 -2.81 24.26
C ILE C 97 55.53 -2.79 22.73
N ASN C 98 55.76 -1.61 22.17
CA ASN C 98 55.90 -1.41 20.73
C ASN C 98 57.18 -0.62 20.46
N LEU C 99 57.96 -1.05 19.48
CA LEU C 99 59.21 -0.37 19.16
C LEU C 99 59.53 -0.57 17.68
N GLY C 100 59.80 0.53 16.97
CA GLY C 100 60.12 0.42 15.55
C GLY C 100 60.75 1.66 14.97
N VAL C 101 61.41 1.47 13.83
CA VAL C 101 62.06 2.54 13.07
C VAL C 101 61.62 2.42 11.62
N GLN C 102 61.26 3.57 11.02
CA GLN C 102 60.82 3.63 9.64
C GLN C 102 61.67 4.65 8.88
N TRP C 103 61.92 4.38 7.61
CA TRP C 103 62.68 5.28 6.75
C TRP C 103 61.84 5.67 5.54
N GLY C 104 61.94 6.93 5.16
CA GLY C 104 61.13 7.44 4.08
C GLY C 104 61.86 8.51 3.30
N SER C 105 61.41 8.72 2.06
CA SER C 105 61.90 9.78 1.21
C SER C 105 60.84 10.09 0.16
N LEU C 106 60.56 11.38 -0.02
CA LEU C 106 59.47 11.80 -0.89
C LEU C 106 59.91 12.28 -2.26
N GLU C 107 61.20 12.60 -2.44
CA GLU C 107 61.67 12.94 -3.78
C GLU C 107 61.49 11.76 -4.73
N SER C 108 61.83 10.56 -4.28
CA SER C 108 61.40 9.32 -4.90
C SER C 108 60.25 8.75 -4.07
N GLY C 109 59.83 7.55 -4.42
CA GLY C 109 58.81 6.90 -3.62
C GLY C 109 59.32 5.95 -2.56
N SER C 110 60.61 6.03 -2.22
CA SER C 110 61.22 5.04 -1.36
C SER C 110 60.71 5.15 0.07
N VAL C 111 60.25 4.03 0.62
CA VAL C 111 59.83 3.95 2.01
C VAL C 111 60.26 2.61 2.58
N ILE C 112 60.56 2.60 3.86
CA ILE C 112 60.63 1.37 4.66
C ILE C 112 59.52 1.49 5.69
N GLN C 113 58.35 0.94 5.37
CA GLN C 113 57.11 1.24 6.06
C GLN C 113 56.62 0.05 6.86
N TYR C 114 56.07 0.32 8.04
CA TYR C 114 55.47 -0.68 8.90
C TYR C 114 54.14 -0.14 9.42
N GLY C 115 53.05 -0.78 9.03
CA GLY C 115 51.73 -0.34 9.45
C GLY C 115 51.28 -0.85 10.80
N ASN C 116 52.01 -1.79 11.39
CA ASN C 116 51.67 -2.27 12.73
C ASN C 116 51.73 -1.14 13.74
N THR C 117 52.76 -0.30 13.65
CA THR C 117 52.83 0.90 14.46
C THR C 117 51.72 1.86 14.06
N GLY C 118 51.30 2.68 15.03
CA GLY C 118 50.18 3.57 14.79
C GLY C 118 50.54 4.84 14.04
N ALA C 119 51.55 4.75 13.18
CA ALA C 119 51.98 5.90 12.39
C ALA C 119 52.74 5.39 11.18
N SER C 120 52.30 5.79 9.99
CA SER C 120 52.94 5.41 8.74
C SER C 120 53.73 6.60 8.20
N ILE C 121 54.97 6.34 7.77
CA ILE C 121 55.87 7.43 7.41
C ILE C 121 55.37 8.18 6.18
N GLY C 122 54.75 7.50 5.23
CA GLY C 122 54.28 8.17 4.03
C GLY C 122 53.20 9.20 4.32
N ASN C 123 52.22 8.83 5.15
CA ASN C 123 51.18 9.77 5.53
C ASN C 123 51.74 10.95 6.30
N VAL C 124 52.70 10.71 7.18
CA VAL C 124 53.32 11.78 7.95
C VAL C 124 54.04 12.75 7.01
N MET C 125 54.83 12.22 6.07
CA MET C 125 55.58 13.08 5.17
C MET C 125 54.65 13.89 4.26
N ILE C 126 53.62 13.25 3.71
CA ILE C 126 52.71 13.97 2.83
C ILE C 126 51.93 15.03 3.60
N GLY C 127 51.46 14.70 4.80
CA GLY C 127 50.77 15.69 5.61
C GLY C 127 51.66 16.85 6.01
N LEU C 128 52.94 16.57 6.25
CA LEU C 128 53.89 17.65 6.51
C LEU C 128 54.05 18.53 5.29
N GLU C 129 54.10 17.92 4.10
CA GLU C 129 54.23 18.71 2.87
C GLU C 129 53.02 19.59 2.63
N GLU C 130 51.81 19.06 2.84
CA GLU C 130 50.61 19.83 2.57
C GLU C 130 50.40 20.96 3.55
N ALA C 131 51.14 21.00 4.65
CA ALA C 131 50.99 22.04 5.66
C ALA C 131 51.93 23.21 5.45
N LYS C 132 52.71 23.21 4.36
CA LYS C 132 53.66 24.28 4.07
C LYS C 132 52.96 25.41 3.31
N ASP C 133 53.62 26.56 3.30
CA ASP C 133 53.10 27.76 2.63
C ASP C 133 53.49 27.72 1.15
N THR C 134 52.51 28.01 0.29
CA THR C 134 52.68 27.89 -1.15
C THR C 134 52.56 29.26 -1.83
N THR C 135 53.40 29.47 -2.85
CA THR C 135 53.40 30.71 -3.65
C THR C 135 53.07 30.39 -5.09
N GLN C 136 51.91 30.83 -5.55
CA GLN C 136 51.57 30.65 -6.95
C GLN C 136 51.98 31.92 -7.71
N THR C 137 53.25 32.04 -8.08
CA THR C 137 53.70 33.28 -8.72
C THR C 137 53.41 33.29 -10.22
N LYS C 138 52.40 34.05 -10.62
CA LYS C 138 52.03 34.07 -12.03
C LYS C 138 53.10 34.59 -12.95
N ALA C 139 53.77 35.66 -12.58
CA ALA C 139 54.80 36.25 -13.43
C ALA C 139 54.20 36.41 -14.79
N VAL C 140 52.94 36.86 -14.81
CA VAL C 140 52.24 37.03 -16.07
C VAL C 140 52.66 38.37 -16.58
N TYR C 141 53.94 38.52 -16.88
CA TYR C 141 54.44 39.80 -17.32
C TYR C 141 54.24 40.05 -18.80
N PHE C 147 49.43 44.21 -18.06
CA PHE C 147 50.87 43.97 -17.99
C PHE C 147 51.36 44.15 -16.57
N LEU C 148 50.86 43.30 -15.66
CA LEU C 148 51.20 43.30 -14.25
C LEU C 148 52.34 42.29 -14.07
N ARG C 149 53.56 42.80 -13.94
CA ARG C 149 54.76 41.99 -14.16
C ARG C 149 54.93 40.86 -13.16
N ASN C 150 54.38 40.95 -11.96
CA ASN C 150 54.76 40.05 -10.87
C ASN C 150 53.56 39.58 -10.05
N GLU C 151 52.52 39.08 -10.71
CA GLU C 151 51.28 38.73 -10.00
C GLU C 151 51.41 37.52 -9.09
N THR C 152 52.15 37.63 -7.99
CA THR C 152 52.31 36.50 -7.08
C THR C 152 51.06 36.32 -6.21
N THR C 153 51.07 35.25 -5.44
CA THR C 153 50.08 35.01 -4.39
C THR C 153 50.72 34.11 -3.34
N THR C 154 50.15 34.12 -2.14
CA THR C 154 50.57 33.22 -1.08
C THR C 154 49.35 32.56 -0.49
N THR C 155 49.52 31.32 -0.02
CA THR C 155 48.41 30.54 0.52
C THR C 155 48.92 29.70 1.69
N LYS C 156 48.25 29.83 2.83
CA LYS C 156 48.60 29.01 3.99
C LYS C 156 48.20 27.55 3.74
N GLY C 157 49.02 26.63 4.23
CA GLY C 157 48.76 25.22 4.02
C GLY C 157 47.64 24.70 4.89
N ASP C 158 47.19 23.49 4.55
CA ASP C 158 46.13 22.82 5.27
C ASP C 158 46.73 21.76 6.19
N TYR C 159 46.17 21.64 7.40
CA TYR C 159 46.67 20.75 8.43
C TYR C 159 45.83 19.50 8.61
N THR C 160 44.93 19.20 7.67
CA THR C 160 44.00 18.10 7.86
C THR C 160 44.70 16.75 7.81
N LYS C 161 45.56 16.54 6.80
CA LYS C 161 46.24 15.26 6.68
C LYS C 161 47.20 15.02 7.84
N LEU C 162 47.92 16.06 8.26
CA LEU C 162 48.79 15.93 9.43
C LEU C 162 47.99 15.63 10.69
N ALA C 163 46.84 16.29 10.85
CA ALA C 163 46.01 16.03 12.02
C ALA C 163 45.51 14.59 12.03
N SER C 164 45.12 14.07 10.87
CA SER C 164 44.69 12.68 10.79
C SER C 164 45.83 11.71 11.03
N ALA C 165 47.05 12.07 10.62
CA ALA C 165 48.19 11.17 10.78
C ALA C 165 48.59 11.03 12.24
N LEU C 166 48.48 12.10 13.02
CA LEU C 166 48.91 12.09 14.41
C LEU C 166 47.79 11.75 15.37
N SER C 167 46.59 11.44 14.88
CA SER C 167 45.43 11.28 15.74
C SER C 167 45.54 10.02 16.59
N SER C 168 46.09 8.94 16.04
CA SER C 168 46.11 7.64 16.71
C SER C 168 47.43 7.32 17.40
N ILE C 169 48.35 8.28 17.47
CA ILE C 169 49.69 8.01 17.98
C ILE C 169 49.66 7.97 19.50
N GLN C 170 50.20 6.90 20.07
CA GLN C 170 50.41 6.77 21.51
C GLN C 170 51.89 6.58 21.77
N GLY C 171 52.46 7.40 22.62
CA GLY C 171 53.87 7.31 22.94
C GLY C 171 54.72 8.19 22.06
N ALA C 172 55.97 7.78 21.89
CA ALA C 172 56.94 8.57 21.15
C ALA C 172 56.88 8.24 19.66
N ALA C 173 56.75 9.28 18.84
CA ALA C 173 56.86 9.20 17.38
C ALA C 173 57.67 10.42 16.94
N VAL C 174 58.97 10.22 16.76
CA VAL C 174 59.93 11.31 16.57
C VAL C 174 60.59 11.18 15.21
N SER C 175 60.60 12.26 14.45
CA SER C 175 61.16 12.29 13.10
C SER C 175 62.51 13.00 13.11
N ILE C 176 63.49 12.39 12.45
CA ILE C 176 64.84 12.93 12.32
C ILE C 176 65.16 13.02 10.83
N ALA C 177 65.50 14.22 10.36
CA ALA C 177 65.87 14.43 8.97
C ALA C 177 67.39 14.43 8.84
N MET C 178 67.89 13.73 7.83
CA MET C 178 69.33 13.60 7.62
C MET C 178 69.67 13.72 6.14
N GLY C 179 68.87 14.47 5.39
CA GLY C 179 69.17 14.73 4.00
C GLY C 179 68.41 13.83 3.05
N ASP C 180 67.34 14.34 2.44
CA ASP C 180 66.45 13.61 1.55
C ASP C 180 66.10 12.23 2.10
N TRP C 181 66.09 12.10 3.43
CA TRP C 181 65.83 10.82 4.09
C TRP C 181 65.36 11.12 5.50
N THR C 182 64.18 10.63 5.85
CA THR C 182 63.59 10.85 7.16
C THR C 182 63.48 9.53 7.91
N ALA C 183 63.90 9.53 9.18
CA ALA C 183 63.78 8.38 10.06
C ALA C 183 62.76 8.69 11.15
N LEU C 184 61.72 7.87 11.22
CA LEU C 184 60.67 8.00 12.22
C LEU C 184 60.82 6.87 13.24
N ILE C 185 61.01 7.23 14.49
CA ILE C 185 61.17 6.28 15.59
C ILE C 185 59.89 6.29 16.41
N ASN C 186 59.30 5.11 16.61
CA ASN C 186 58.12 4.95 17.44
C ASN C 186 58.43 4.00 18.58
N ALA C 187 57.97 4.36 19.78
CA ALA C 187 58.25 3.58 20.98
C ALA C 187 57.19 3.86 22.04
N VAL C 188 56.63 2.81 22.63
CA VAL C 188 55.62 2.97 23.67
C VAL C 188 55.59 1.71 24.53
N SER C 189 55.26 1.89 25.81
CA SER C 189 55.05 0.82 26.76
C SER C 189 53.77 1.11 27.54
N ASN C 190 52.88 0.13 27.62
CA ASN C 190 51.58 0.28 28.27
C ASN C 190 51.41 -0.75 29.36
N ASP C 191 50.77 -0.35 30.46
CA ASP C 191 50.52 -1.20 31.61
C ASP C 191 49.14 -0.90 32.18
N SER C 192 48.42 -1.94 32.60
CA SER C 192 47.07 -1.76 33.13
C SER C 192 46.78 -2.83 34.17
N SER C 193 45.98 -2.45 35.18
CA SER C 193 45.59 -3.34 36.26
C SER C 193 44.16 -3.05 36.68
N SER C 194 43.48 -4.08 37.18
CA SER C 194 42.08 -3.96 37.59
C SER C 194 41.80 -4.96 38.70
N ASN C 195 41.04 -4.52 39.71
CA ASN C 195 40.76 -5.32 40.91
C ASN C 195 39.36 -4.98 41.39
N ILE C 196 38.46 -5.96 41.38
CA ILE C 196 37.05 -5.77 41.69
C ILE C 196 36.59 -6.81 42.69
N LEU C 197 35.89 -6.36 43.74
CA LEU C 197 35.25 -7.22 44.72
C LEU C 197 33.78 -6.84 44.84
N SER C 198 32.90 -7.84 44.80
CA SER C 198 31.47 -7.61 44.94
C SER C 198 30.88 -8.64 45.90
N SER C 199 29.89 -8.22 46.69
CA SER C 199 29.27 -9.09 47.70
C SER C 199 27.77 -8.83 47.80
N PRO C 200 26.96 -9.47 46.97
CA PRO C 200 25.51 -9.40 47.18
C PRO C 200 25.03 -10.42 48.20
N SER C 201 23.94 -10.07 48.90
CA SER C 201 23.42 -10.92 49.96
C SER C 201 21.89 -10.79 50.02
N ILE C 202 21.24 -11.85 50.50
CA ILE C 202 19.78 -11.85 50.63
C ILE C 202 19.37 -12.83 51.71
N THR C 203 18.26 -12.52 52.38
CA THR C 203 17.69 -13.36 53.43
C THR C 203 16.37 -13.96 52.95
N VAL C 204 16.21 -15.27 53.11
CA VAL C 204 15.02 -15.99 52.69
C VAL C 204 14.56 -16.92 53.80
N MET C 205 13.38 -17.49 53.60
CA MET C 205 12.89 -18.59 54.41
C MET C 205 13.20 -19.92 53.74
N ASP C 206 13.16 -20.98 54.52
CA ASP C 206 13.39 -22.32 53.98
C ASP C 206 12.35 -22.65 52.92
N ASN C 207 12.82 -23.18 51.79
CA ASN C 207 11.99 -23.63 50.68
C ASN C 207 11.32 -22.46 49.95
N GLY C 208 11.88 -21.26 50.07
CA GLY C 208 11.35 -20.10 49.37
C GLY C 208 12.35 -19.56 48.36
N GLU C 209 11.82 -18.87 47.35
CA GLU C 209 12.66 -18.27 46.32
C GLU C 209 12.95 -16.81 46.64
N ALA C 210 14.17 -16.38 46.34
CA ALA C 210 14.59 -14.99 46.56
C ALA C 210 15.29 -14.46 45.33
N SER C 211 14.98 -13.20 44.99
CA SER C 211 15.55 -12.51 43.85
C SER C 211 16.20 -11.22 44.31
N PHE C 212 17.37 -10.91 43.74
CA PHE C 212 18.13 -9.72 44.08
C PHE C 212 18.72 -9.16 42.80
N ILE C 213 18.48 -7.88 42.54
CA ILE C 213 19.10 -7.20 41.39
C ILE C 213 19.54 -5.81 41.80
N VAL C 214 20.77 -5.45 41.43
CA VAL C 214 21.24 -4.07 41.47
C VAL C 214 21.76 -3.76 40.08
N GLY C 215 21.08 -2.86 39.37
CA GLY C 215 21.45 -2.61 37.99
C GLY C 215 20.57 -1.67 37.20
N GLU C 216 20.18 -2.10 36.01
CA GLU C 216 19.54 -1.25 35.03
C GLU C 216 18.55 -2.08 34.22
N GLU C 217 17.55 -1.39 33.67
CA GLU C 217 16.58 -1.98 32.75
C GLU C 217 16.74 -1.29 31.40
N VAL C 218 17.08 -2.06 30.38
CA VAL C 218 17.53 -1.55 29.10
C VAL C 218 16.58 -2.06 28.02
N PRO C 219 16.12 -1.21 27.11
CA PRO C 219 15.31 -1.70 25.98
C PRO C 219 16.18 -2.25 24.86
N VAL C 220 15.71 -3.32 24.22
CA VAL C 220 16.39 -3.96 23.12
C VAL C 220 15.39 -4.26 22.01
N ILE C 221 15.91 -4.41 20.80
CA ILE C 221 15.10 -4.65 19.62
C ILE C 221 14.88 -6.15 19.45
N THR C 222 13.63 -6.55 19.22
CA THR C 222 13.25 -7.93 18.99
C THR C 222 12.38 -8.04 17.74
N GLY C 223 12.85 -7.47 16.64
CA GLY C 223 12.03 -7.38 15.45
C GLY C 223 11.77 -5.99 14.93
N SER C 224 12.76 -5.11 15.07
CA SER C 224 12.76 -3.72 14.58
C SER C 224 11.83 -3.44 13.41
N ASP C 231 13.47 6.03 10.88
CA ASP C 231 12.21 5.76 11.57
C ASP C 231 11.88 4.27 11.53
N ASN C 232 10.73 3.91 12.12
CA ASN C 232 10.31 2.51 12.14
C ASN C 232 8.83 2.43 12.44
N PRO C 233 8.06 1.63 11.70
CA PRO C 233 6.62 1.52 11.99
C PRO C 233 6.32 0.65 13.20
N PHE C 234 7.08 -0.43 13.39
CA PHE C 234 6.92 -1.27 14.57
C PHE C 234 8.26 -1.93 14.89
N GLN C 235 8.77 -1.68 16.09
CA GLN C 235 10.12 -2.07 16.49
C GLN C 235 10.18 -3.37 17.27
N THR C 236 9.09 -3.77 17.94
CA THR C 236 9.05 -4.94 18.80
C THR C 236 10.14 -4.87 19.87
N VAL C 237 10.03 -3.86 20.74
CA VAL C 237 11.01 -3.60 21.78
C VAL C 237 10.66 -4.37 23.03
N ASP C 238 11.67 -4.92 23.69
CA ASP C 238 11.52 -5.61 24.96
C ASP C 238 12.56 -5.10 25.95
N ARG C 239 12.17 -4.98 27.21
CA ARG C 239 13.06 -4.41 28.23
C ARG C 239 13.65 -5.53 29.08
N LYS C 240 14.97 -5.53 29.19
CA LYS C 240 15.73 -6.58 29.86
C LYS C 240 16.47 -5.99 31.05
N GLU C 241 16.99 -6.87 31.91
CA GLU C 241 17.66 -6.48 33.14
C GLU C 241 19.14 -6.80 33.05
N VAL C 242 19.98 -5.84 33.45
CA VAL C 242 21.42 -6.02 33.54
C VAL C 242 21.86 -5.55 34.92
N GLY C 243 22.98 -6.09 35.39
CA GLY C 243 23.48 -5.72 36.69
C GLY C 243 24.06 -6.89 37.45
N ILE C 244 24.03 -6.80 38.78
CA ILE C 244 24.35 -7.91 39.65
C ILE C 244 23.04 -8.57 40.05
N LYS C 245 22.89 -9.85 39.71
CA LYS C 245 21.65 -10.58 39.90
C LYS C 245 21.93 -11.89 40.63
N LEU C 246 21.06 -12.19 41.59
CA LEU C 246 21.13 -13.41 42.38
C LEU C 246 19.73 -13.96 42.59
N LYS C 247 19.48 -15.15 42.04
CA LYS C 247 18.25 -15.89 42.30
C LYS C 247 18.60 -17.16 43.06
N VAL C 248 17.97 -17.38 44.20
CA VAL C 248 18.34 -18.49 45.06
C VAL C 248 17.09 -19.17 45.62
N VAL C 249 17.13 -20.50 45.67
CA VAL C 249 16.17 -21.29 46.42
C VAL C 249 16.93 -22.19 47.38
N PRO C 250 16.81 -21.99 48.69
CA PRO C 250 17.46 -22.87 49.66
C PRO C 250 16.55 -23.99 50.16
N GLN C 251 17.19 -25.05 50.65
CA GLN C 251 16.51 -26.17 51.30
C GLN C 251 17.41 -26.65 52.43
N ILE C 252 17.00 -26.40 53.66
CA ILE C 252 17.76 -26.87 54.81
C ILE C 252 17.37 -28.31 55.10
N ASN C 253 18.37 -29.17 55.29
CA ASN C 253 18.10 -30.48 55.83
C ASN C 253 17.65 -30.32 57.29
N GLU C 254 17.34 -31.45 57.92
CA GLU C 254 16.91 -31.38 59.32
C GLU C 254 18.02 -30.87 60.24
N GLY C 255 19.26 -30.82 59.76
CA GLY C 255 20.39 -30.42 60.59
C GLY C 255 21.08 -29.14 60.15
N ASN C 256 22.34 -29.26 59.74
CA ASN C 256 23.17 -28.08 59.50
C ASN C 256 23.75 -28.04 58.09
N SER C 257 22.96 -28.36 57.08
CA SER C 257 23.39 -28.28 55.70
C SER C 257 22.29 -27.65 54.85
N VAL C 258 22.71 -26.87 53.86
CA VAL C 258 21.78 -26.17 52.98
C VAL C 258 22.07 -26.58 51.54
N GLN C 259 21.05 -27.05 50.85
CA GLN C 259 21.10 -27.30 49.42
C GLN C 259 20.58 -26.06 48.70
N LEU C 260 21.38 -25.52 47.79
CA LEU C 260 21.08 -24.26 47.14
C LEU C 260 20.92 -24.47 45.64
N ASN C 261 19.84 -23.93 45.08
CA ASN C 261 19.70 -23.77 43.64
C ASN C 261 19.96 -22.29 43.33
N ILE C 262 21.00 -22.03 42.52
CA ILE C 262 21.56 -20.69 42.35
C ILE C 262 21.62 -20.32 40.87
N GLU C 263 21.20 -19.10 40.58
CA GLU C 263 21.49 -18.41 39.32
C GLU C 263 22.16 -17.09 39.68
N GLN C 264 23.42 -16.93 39.29
CA GLN C 264 24.21 -15.74 39.62
C GLN C 264 24.70 -15.09 38.33
N GLU C 265 24.64 -13.77 38.26
CA GLU C 265 24.99 -13.09 37.02
C GLU C 265 25.56 -11.70 37.31
N VAL C 266 26.60 -11.35 36.55
CA VAL C 266 27.11 -9.98 36.49
C VAL C 266 27.12 -9.57 35.02
N SER C 267 26.40 -8.51 34.68
CA SER C 267 26.26 -8.10 33.29
C SER C 267 26.15 -6.59 33.18
N ASN C 268 26.78 -6.03 32.15
CA ASN C 268 26.68 -4.61 31.87
C ASN C 268 26.45 -4.38 30.38
N VAL C 269 26.23 -3.13 30.01
CA VAL C 269 25.94 -2.75 28.63
C VAL C 269 27.21 -2.26 27.96
N LEU C 270 27.51 -2.81 26.78
CA LEU C 270 28.57 -2.37 25.91
C LEU C 270 27.96 -1.85 24.61
N GLY C 271 28.53 -0.77 24.08
CA GLY C 271 28.03 -0.21 22.85
C GLY C 271 28.30 -1.12 21.67
N ALA C 272 27.37 -1.11 20.71
CA ALA C 272 27.54 -1.91 19.52
C ALA C 272 28.64 -1.34 18.64
N ASN C 273 29.58 -2.19 18.23
CA ASN C 273 30.62 -1.76 17.30
C ASN C 273 30.27 -2.07 15.86
N GLY C 274 29.61 -3.19 15.59
CA GLY C 274 29.13 -3.49 14.26
C GLY C 274 27.80 -4.21 14.26
N ALA C 275 27.15 -4.26 15.43
CA ALA C 275 25.90 -4.97 15.60
C ALA C 275 24.72 -4.05 15.39
N VAL C 276 23.54 -4.65 15.21
CA VAL C 276 22.33 -3.89 14.98
C VAL C 276 21.91 -3.14 16.24
N ASP C 277 22.16 -3.72 17.41
CA ASP C 277 21.74 -3.14 18.68
C ASP C 277 22.86 -3.29 19.69
N VAL C 278 22.64 -2.74 20.89
CA VAL C 278 23.66 -2.75 21.94
C VAL C 278 23.94 -4.18 22.39
N ARG C 279 25.13 -4.37 22.94
CA ARG C 279 25.58 -5.66 23.44
C ARG C 279 25.62 -5.68 24.96
N PHE C 280 25.63 -6.87 25.52
CA PHE C 280 25.73 -7.06 26.96
C PHE C 280 26.97 -7.88 27.26
N ALA C 281 27.85 -7.35 28.10
CA ALA C 281 28.88 -8.17 28.73
C ALA C 281 28.23 -9.00 29.83
N LYS C 282 28.49 -10.31 29.83
CA LYS C 282 27.73 -11.25 30.63
C LYS C 282 28.63 -12.30 31.26
N ARG C 283 28.45 -12.53 32.56
CA ARG C 283 29.09 -13.63 33.27
C ARG C 283 28.02 -14.30 34.13
N GLN C 284 27.73 -15.57 33.86
CA GLN C 284 26.60 -16.25 34.49
C GLN C 284 26.99 -17.64 34.95
N LEU C 285 26.54 -18.00 36.16
CA LEU C 285 26.68 -19.34 36.72
C LEU C 285 25.31 -19.83 37.15
N ASN C 286 24.91 -21.00 36.64
CA ASN C 286 23.67 -21.66 37.04
C ASN C 286 24.00 -23.05 37.55
N THR C 287 23.63 -23.34 38.80
CA THR C 287 24.02 -24.63 39.37
C THR C 287 23.19 -24.92 40.62
N SER C 288 23.47 -26.06 41.24
CA SER C 288 22.89 -26.46 42.52
C SER C 288 23.96 -27.19 43.33
N VAL C 289 24.12 -26.81 44.59
CA VAL C 289 25.21 -27.30 45.43
C VAL C 289 24.69 -27.59 46.84
N MET C 290 25.58 -28.14 47.66
CA MET C 290 25.34 -28.38 49.08
C MET C 290 26.46 -27.70 49.87
N VAL C 291 26.09 -26.90 50.87
CA VAL C 291 27.07 -26.21 51.70
C VAL C 291 26.71 -26.47 53.17
N GLN C 292 27.71 -26.34 54.04
CA GLN C 292 27.49 -26.45 55.46
C GLN C 292 26.91 -25.15 56.01
N ASP C 293 26.64 -25.15 57.32
CA ASP C 293 25.87 -24.07 57.93
C ASP C 293 26.55 -22.72 57.78
N GLY C 294 27.82 -22.64 58.13
CA GLY C 294 28.51 -21.36 58.07
C GLY C 294 29.84 -21.41 57.34
N GLN C 295 29.94 -22.28 56.35
CA GLN C 295 31.17 -22.48 55.61
C GLN C 295 31.04 -21.92 54.21
N MET C 296 32.17 -21.79 53.54
CA MET C 296 32.24 -21.23 52.20
C MET C 296 32.57 -22.30 51.18
N LEU C 297 31.94 -22.22 50.02
CA LEU C 297 32.17 -23.14 48.91
C LEU C 297 32.44 -22.33 47.65
N VAL C 298 33.34 -22.83 46.81
CA VAL C 298 33.65 -22.19 45.54
C VAL C 298 32.69 -22.73 44.48
N LEU C 299 32.07 -21.81 43.73
CA LEU C 299 31.10 -22.20 42.71
C LEU C 299 31.72 -22.32 41.33
N GLY C 300 32.66 -21.45 40.99
CA GLY C 300 33.25 -21.47 39.67
C GLY C 300 34.24 -20.33 39.51
N GLY C 301 34.90 -20.34 38.35
CA GLY C 301 35.92 -19.34 38.09
C GLY C 301 36.55 -19.56 36.74
N LEU C 302 37.53 -18.71 36.45
CA LEU C 302 38.20 -18.68 35.15
C LEU C 302 39.62 -18.15 35.34
N ILE C 303 40.59 -18.87 34.78
CA ILE C 303 41.98 -18.41 34.69
C ILE C 303 42.32 -18.28 33.21
N ASP C 304 42.71 -17.08 32.79
CA ASP C 304 43.03 -16.81 31.39
C ASP C 304 44.40 -16.16 31.29
N GLU C 305 45.23 -16.66 30.38
CA GLU C 305 46.54 -16.09 30.07
C GLU C 305 46.68 -15.96 28.57
N ARG C 306 47.38 -14.92 28.12
CA ARG C 306 47.50 -14.66 26.70
C ARG C 306 48.80 -13.92 26.42
N ALA C 307 49.56 -14.41 25.44
CA ALA C 307 50.79 -13.76 25.00
C ALA C 307 50.78 -13.64 23.48
N LEU C 308 51.12 -12.45 22.99
CA LEU C 308 51.15 -12.16 21.56
C LEU C 308 52.48 -11.50 21.20
N GLU C 309 53.06 -11.94 20.08
CA GLU C 309 54.31 -11.40 19.57
C GLU C 309 54.15 -11.12 18.08
N SER C 310 54.83 -10.08 17.59
CA SER C 310 54.80 -9.76 16.17
C SER C 310 56.06 -9.01 15.79
N GLU C 311 56.56 -9.29 14.59
CA GLU C 311 57.78 -8.68 14.07
C GLU C 311 57.69 -8.50 12.57
N SER C 312 58.14 -7.35 12.08
CA SER C 312 58.34 -7.12 10.66
C SER C 312 59.70 -6.47 10.46
N LYS C 313 60.50 -7.03 9.55
CA LYS C 313 61.88 -6.57 9.39
C LYS C 313 62.32 -6.69 7.94
N VAL C 314 63.39 -5.98 7.62
CA VAL C 314 64.08 -6.16 6.34
C VAL C 314 64.90 -7.43 6.40
N PRO C 315 64.79 -8.33 5.41
CA PRO C 315 65.29 -9.71 5.56
C PRO C 315 66.70 -9.86 6.11
N LEU C 316 67.71 -9.28 5.47
CA LEU C 316 69.07 -9.51 5.91
C LEU C 316 69.63 -8.39 6.76
N LEU C 317 69.14 -7.16 6.59
CA LEU C 317 69.62 -6.02 7.36
C LEU C 317 69.14 -6.03 8.80
N GLY C 318 68.01 -6.69 9.08
CA GLY C 318 67.41 -6.71 10.39
C GLY C 318 67.99 -7.73 11.35
N ASP C 319 69.06 -8.42 10.95
CA ASP C 319 69.73 -9.38 11.81
C ASP C 319 71.16 -8.97 12.15
N ILE C 320 71.58 -7.77 11.74
CA ILE C 320 72.91 -7.26 12.11
C ILE C 320 72.98 -7.12 13.63
N PRO C 321 74.09 -7.49 14.26
CA PRO C 321 74.10 -7.55 15.74
C PRO C 321 73.73 -6.25 16.43
N LEU C 322 74.09 -5.11 15.87
CA LEU C 322 73.82 -3.84 16.53
C LEU C 322 72.98 -2.88 15.70
N LEU C 323 73.24 -2.78 14.40
CA LEU C 323 72.55 -1.82 13.55
C LEU C 323 71.21 -2.33 13.03
N GLY C 324 70.81 -3.55 13.40
CA GLY C 324 69.58 -4.12 12.89
C GLY C 324 68.31 -3.51 13.44
N GLN C 325 68.37 -2.88 14.62
CA GLN C 325 67.19 -2.26 15.20
C GLN C 325 66.65 -1.14 14.31
N LEU C 326 67.48 -0.56 13.47
CA LEU C 326 67.03 0.48 12.54
C LEU C 326 66.16 -0.08 11.43
N PHE C 327 66.03 -1.39 11.31
CA PHE C 327 65.27 -2.01 10.24
C PHE C 327 64.29 -3.05 10.78
N ARG C 328 63.62 -2.75 11.89
CA ARG C 328 62.74 -3.69 12.55
C ARG C 328 61.53 -2.96 13.12
N SER C 329 60.46 -3.71 13.34
CA SER C 329 59.29 -3.24 14.05
C SER C 329 58.72 -4.39 14.85
N THR C 330 58.66 -4.23 16.17
CA THR C 330 58.31 -5.29 17.10
C THR C 330 57.17 -4.86 17.99
N SER C 331 56.24 -5.79 18.26
CA SER C 331 55.13 -5.60 19.18
C SER C 331 54.98 -6.83 20.06
N SER C 332 54.78 -6.60 21.36
CA SER C 332 54.55 -7.69 22.30
C SER C 332 53.45 -7.31 23.28
N GLN C 333 52.67 -8.31 23.69
CA GLN C 333 51.52 -8.10 24.55
C GLN C 333 51.31 -9.31 25.47
N VAL C 334 50.94 -9.04 26.72
CA VAL C 334 50.62 -10.06 27.71
C VAL C 334 49.37 -9.64 28.47
N GLU C 335 48.45 -10.57 28.66
CA GLU C 335 47.20 -10.32 29.37
C GLU C 335 46.88 -11.48 30.30
N LYS C 336 46.45 -11.16 31.51
CA LYS C 336 46.09 -12.15 32.52
C LYS C 336 44.76 -11.78 33.16
N LYS C 337 43.93 -12.78 33.41
CA LYS C 337 42.59 -12.58 33.95
C LYS C 337 42.28 -13.70 34.94
N ASN C 338 41.71 -13.32 36.10
CA ASN C 338 41.35 -14.26 37.15
C ASN C 338 39.97 -13.89 37.68
N LEU C 339 39.03 -14.82 37.59
CA LEU C 339 37.67 -14.60 38.07
C LEU C 339 37.27 -15.75 38.98
N MET C 340 36.60 -15.44 40.09
CA MET C 340 36.19 -16.47 41.03
C MET C 340 34.90 -16.08 41.73
N VAL C 341 34.06 -17.07 42.02
CA VAL C 341 32.78 -16.87 42.69
C VAL C 341 32.67 -17.82 43.86
N PHE C 342 32.34 -17.29 45.05
CA PHE C 342 32.12 -18.06 46.26
C PHE C 342 30.72 -17.79 46.78
N ILE C 343 30.19 -18.74 47.55
CA ILE C 343 28.88 -18.58 48.18
C ILE C 343 28.97 -19.06 49.63
N LYS C 344 28.10 -18.52 50.47
CA LYS C 344 28.10 -18.87 51.89
C LYS C 344 26.71 -18.70 52.49
N PRO C 345 26.14 -19.77 53.05
CA PRO C 345 24.88 -19.67 53.77
C PRO C 345 25.09 -19.48 55.27
N THR C 346 23.99 -19.11 55.94
CA THR C 346 23.98 -19.02 57.40
C THR C 346 22.55 -19.23 57.86
N ILE C 347 22.33 -20.19 58.75
CA ILE C 347 20.99 -20.54 59.20
C ILE C 347 20.63 -19.68 60.41
N ILE C 348 19.48 -19.01 60.32
CA ILE C 348 18.89 -18.27 61.44
C ILE C 348 17.67 -19.04 61.91
N ARG C 349 17.70 -19.49 63.16
CA ARG C 349 16.60 -20.24 63.74
C ARG C 349 15.86 -19.50 64.84
N ASP C 350 16.53 -18.61 65.56
CA ASP C 350 15.93 -17.86 66.65
C ASP C 350 16.13 -16.37 66.44
N GLY C 351 15.52 -15.59 67.34
CA GLY C 351 15.60 -14.14 67.22
C GLY C 351 16.94 -13.56 67.61
N VAL C 352 17.68 -14.25 68.48
CA VAL C 352 18.96 -13.71 68.95
C VAL C 352 19.99 -13.71 67.82
N THR C 353 20.00 -14.75 66.99
CA THR C 353 20.94 -14.80 65.86
C THR C 353 20.66 -13.71 64.85
N ALA C 354 19.38 -13.53 64.51
CA ALA C 354 19.00 -12.48 63.58
C ALA C 354 19.33 -11.10 64.14
N ASP C 355 19.09 -10.90 65.44
CA ASP C 355 19.43 -9.64 66.07
C ASP C 355 20.93 -9.39 66.01
N GLY C 356 21.74 -10.41 66.24
CA GLY C 356 23.18 -10.23 66.16
C GLY C 356 23.66 -9.84 64.77
N ILE C 357 23.16 -10.53 63.75
CA ILE C 357 23.56 -10.23 62.38
C ILE C 357 23.14 -8.81 62.00
N THR C 358 21.88 -8.47 62.31
CA THR C 358 21.37 -7.14 61.99
C THR C 358 22.14 -6.05 62.72
N GLN C 359 22.48 -6.30 64.00
CA GLN C 359 23.24 -5.32 64.76
C GLN C 359 24.62 -5.13 64.17
N ARG C 360 25.27 -6.21 63.72
CA ARG C 360 26.57 -6.09 63.11
C ARG C 360 26.51 -5.19 61.87
N LYS C 361 25.59 -5.49 60.95
CA LYS C 361 25.53 -4.70 59.72
C LYS C 361 25.14 -3.25 59.99
N TYR C 362 24.15 -3.04 60.88
CA TYR C 362 23.71 -1.70 61.22
C TYR C 362 24.83 -0.88 61.85
N ASN C 363 25.58 -1.48 62.78
CA ASN C 363 26.65 -0.76 63.44
C ASN C 363 27.79 -0.44 62.48
N TYR C 364 28.06 -1.33 61.52
CA TYR C 364 29.04 -1.01 60.49
C TYR C 364 28.64 0.23 59.70
N ILE C 365 27.40 0.25 59.20
CA ILE C 365 26.95 1.39 58.42
C ILE C 365 26.96 2.66 59.26
N ARG C 366 26.51 2.57 60.51
CA ARG C 366 26.44 3.74 61.38
C ARG C 366 27.83 4.25 61.73
N ALA C 367 28.81 3.36 61.90
CA ALA C 367 30.17 3.81 62.17
C ALA C 367 30.74 4.57 60.98
N GLU C 368 30.49 4.07 59.77
CA GLU C 368 30.91 4.84 58.59
C GLU C 368 30.26 6.22 58.56
N GLN C 369 28.96 6.28 58.87
CA GLN C 369 28.26 7.57 58.86
C GLN C 369 28.79 8.52 59.92
N LEU C 370 29.09 8.00 61.12
CA LEU C 370 29.64 8.85 62.17
C LEU C 370 31.01 9.38 61.81
N PHE C 371 31.85 8.54 61.19
CA PHE C 371 33.14 9.02 60.72
C PHE C 371 32.97 10.13 59.68
N ARG C 372 32.04 9.94 58.74
CA ARG C 372 31.79 10.99 57.76
C ARG C 372 31.27 12.26 58.43
N ALA C 373 30.53 12.13 59.53
CA ALA C 373 30.02 13.30 60.23
C ALA C 373 31.11 14.02 61.01
N GLU C 374 32.17 13.30 61.41
CA GLU C 374 33.30 13.98 62.05
C GLU C 374 33.96 14.97 61.10
N LYS C 375 34.20 14.56 59.86
CA LYS C 375 34.70 15.44 58.81
C LYS C 375 33.52 15.88 57.95
N GLY C 376 32.82 16.91 58.44
CA GLY C 376 31.55 17.30 57.86
C GLY C 376 31.68 17.89 56.48
N LEU C 377 30.58 18.52 56.05
CA LEU C 377 30.50 19.10 54.72
C LEU C 377 31.54 20.20 54.55
N ARG C 378 32.06 20.33 53.34
CA ARG C 378 33.19 21.22 53.11
C ARG C 378 32.82 22.68 53.34
N LEU C 379 31.67 23.11 52.81
CA LEU C 379 31.25 24.50 52.93
C LEU C 379 29.80 24.62 53.40
N LEU C 380 29.35 23.68 54.23
CA LEU C 380 28.00 23.71 54.77
C LEU C 380 28.06 23.28 56.23
N ASP C 381 26.90 23.07 56.83
CA ASP C 381 26.82 22.63 58.21
C ASP C 381 27.30 21.19 58.35
N ASP C 382 28.04 20.92 59.42
CA ASP C 382 28.55 19.58 59.67
C ASP C 382 27.50 18.64 60.26
N ALA C 383 26.37 19.17 60.72
CA ALA C 383 25.31 18.36 61.30
C ALA C 383 24.26 17.94 60.28
N SER C 384 24.38 18.37 59.03
CA SER C 384 23.43 18.00 58.00
C SER C 384 23.72 16.62 57.40
N VAL C 385 24.81 15.99 57.78
CA VAL C 385 25.13 14.66 57.28
C VAL C 385 24.16 13.65 57.86
N PRO C 386 23.54 12.80 57.05
CA PRO C 386 22.62 11.78 57.61
C PRO C 386 23.38 10.75 58.42
N VAL C 387 22.95 10.54 59.66
CA VAL C 387 23.53 9.55 60.55
C VAL C 387 22.40 8.73 61.15
N LEU C 388 22.56 7.41 61.13
CA LEU C 388 21.53 6.53 61.67
C LEU C 388 21.43 6.71 63.19
N PRO C 389 20.23 6.54 63.75
CA PRO C 389 20.10 6.55 65.21
C PRO C 389 20.73 5.31 65.82
N LYS C 390 20.83 5.32 67.14
CA LYS C 390 21.34 4.16 67.84
C LYS C 390 20.40 2.98 67.64
N PHE C 391 20.95 1.77 67.73
CA PHE C 391 20.19 0.57 67.43
C PHE C 391 18.94 0.47 68.29
N GLY C 392 17.77 0.58 67.66
CA GLY C 392 16.52 0.58 68.39
C GLY C 392 16.23 1.84 69.18
N ASP C 393 16.36 3.01 68.55
CA ASP C 393 16.16 4.26 69.26
C ASP C 393 15.20 5.20 68.54
N ASP C 394 15.00 4.99 67.25
CA ASP C 394 14.07 5.79 66.43
C ASP C 394 14.53 7.24 66.27
N ARG C 395 13.87 7.97 65.39
CA ARG C 395 14.33 9.29 64.98
C ARG C 395 14.24 10.30 66.12
N ARG C 396 15.13 11.30 66.07
CA ARG C 396 15.13 12.42 67.00
C ARG C 396 15.33 13.71 66.23
N HIS C 397 14.91 14.82 66.82
CA HIS C 397 15.05 16.11 66.18
C HIS C 397 16.51 16.56 66.17
N SER C 398 16.81 17.51 65.28
CA SER C 398 18.13 18.12 65.24
C SER C 398 18.29 19.03 66.46
N PRO C 399 19.54 19.35 66.84
CA PRO C 399 19.74 20.14 68.07
C PRO C 399 19.04 21.48 68.08
N GLU C 400 18.91 22.15 66.93
CA GLU C 400 18.23 23.44 66.89
C GLU C 400 16.75 23.28 67.23
N ILE C 401 16.08 22.31 66.60
CA ILE C 401 14.67 22.06 66.90
C ILE C 401 14.51 21.59 68.34
N GLN C 402 15.47 20.80 68.83
CA GLN C 402 15.40 20.33 70.21
C GLN C 402 15.47 21.50 71.19
N ALA C 403 16.39 22.44 70.94
CA ALA C 403 16.47 23.63 71.79
C ALA C 403 15.22 24.48 71.68
N PHE C 404 14.66 24.60 70.46
CA PHE C 404 13.44 25.37 70.28
C PHE C 404 12.27 24.76 71.04
N ILE C 405 12.17 23.44 71.05
CA ILE C 405 11.07 22.78 71.75
C ILE C 405 11.32 22.77 73.26
N GLU C 406 12.58 22.81 73.69
CA GLU C 406 12.87 22.90 75.12
C GLU C 406 12.53 24.29 75.64
N GLN C 407 12.82 25.33 74.86
CA GLN C 407 12.47 26.69 75.28
C GLN C 407 10.97 26.86 75.36
N MET C 408 10.23 26.30 74.40
CA MET C 408 8.77 26.38 74.39
C MET C 408 8.16 25.47 75.44
N GLY D 2 -2.29 -45.59 63.83
CA GLY D 2 -1.39 -44.80 63.03
C GLY D 2 -1.68 -44.90 61.55
N ASN D 3 -2.91 -44.55 61.17
CA ASN D 3 -3.30 -44.62 59.76
C ASN D 3 -2.74 -43.46 58.95
N ASN D 4 -2.29 -42.38 59.59
CA ASN D 4 -1.73 -41.24 58.90
C ASN D 4 -0.36 -40.91 59.46
N ARG D 5 0.57 -40.54 58.58
CA ARG D 5 1.89 -40.09 58.98
C ARG D 5 2.27 -38.86 58.19
N VAL D 6 3.10 -38.02 58.81
CA VAL D 6 3.71 -36.86 58.16
C VAL D 6 5.21 -37.04 58.23
N VAL D 7 5.86 -37.09 57.07
CA VAL D 7 7.30 -37.36 56.98
C VAL D 7 7.99 -36.08 56.50
N TYR D 8 8.98 -35.64 57.26
CA TYR D 8 9.81 -34.50 56.87
C TYR D 8 11.03 -35.00 56.12
N LEU D 9 11.20 -34.54 54.89
CA LEU D 9 12.29 -35.00 54.04
C LEU D 9 13.55 -34.16 54.26
N LYS D 10 14.70 -34.83 54.28
CA LYS D 10 15.96 -34.16 54.48
C LYS D 10 16.59 -33.68 53.18
N TYR D 11 16.66 -34.56 52.17
CA TYR D 11 17.41 -34.26 50.96
C TYR D 11 16.58 -34.27 49.69
N ALA D 12 15.43 -34.93 49.67
CA ALA D 12 14.63 -35.03 48.47
C ALA D 12 13.55 -33.96 48.45
N LYS D 13 12.86 -33.88 47.31
CA LYS D 13 11.73 -32.97 47.12
C LYS D 13 10.44 -33.79 47.08
N ALA D 14 9.46 -33.37 47.88
CA ALA D 14 8.25 -34.17 48.06
C ALA D 14 7.46 -34.30 46.76
N GLU D 15 7.37 -33.22 46.00
CA GLU D 15 6.67 -33.27 44.71
C GLU D 15 7.28 -34.31 43.79
N ASP D 16 8.59 -34.51 43.87
CA ASP D 16 9.23 -35.56 43.09
C ASP D 16 8.82 -36.95 43.58
N LEU D 17 8.78 -37.16 44.89
CA LEU D 17 8.49 -38.48 45.42
C LEU D 17 7.03 -38.88 45.30
N VAL D 18 6.13 -37.91 45.13
CA VAL D 18 4.70 -38.25 45.02
C VAL D 18 4.46 -39.15 43.81
N GLU D 19 5.03 -38.77 42.66
CA GLU D 19 4.83 -39.56 41.44
C GLU D 19 5.42 -40.96 41.60
N VAL D 20 6.60 -41.06 42.20
CA VAL D 20 7.24 -42.36 42.37
C VAL D 20 6.41 -43.25 43.28
N LEU D 21 5.93 -42.69 44.40
CA LEU D 21 5.22 -43.50 45.39
C LEU D 21 3.77 -43.78 45.05
N LYS D 22 3.19 -43.09 44.06
CA LYS D 22 1.82 -43.38 43.68
C LYS D 22 1.67 -44.84 43.24
N GLY D 23 2.60 -45.33 42.43
CA GLY D 23 2.52 -46.71 41.97
C GLY D 23 2.72 -47.72 43.09
N VAL D 24 3.69 -47.48 43.96
CA VAL D 24 3.98 -48.41 45.05
C VAL D 24 2.81 -48.47 46.02
N SER D 25 2.21 -47.32 46.34
CA SER D 25 1.10 -47.29 47.28
C SER D 25 -0.09 -48.09 46.76
N GLU D 26 -0.40 -47.97 45.47
CA GLU D 26 -1.50 -48.70 44.88
C GLU D 26 -1.11 -50.15 44.60
N VAL D 45 -5.13 -45.66 49.78
CA VAL D 45 -3.78 -45.12 49.93
C VAL D 45 -3.69 -43.75 49.27
N MET D 46 -3.36 -42.72 50.06
CA MET D 46 -3.25 -41.37 49.53
C MET D 46 -1.90 -40.78 49.92
N ILE D 47 -1.30 -40.07 48.95
CA ILE D 47 -0.01 -39.41 49.08
C ILE D 47 -0.19 -37.95 48.72
N ALA D 48 0.25 -37.04 49.59
CA ALA D 48 0.19 -35.62 49.30
C ALA D 48 1.50 -34.96 49.69
N ALA D 49 1.80 -33.83 49.05
CA ALA D 49 3.02 -33.09 49.30
C ALA D 49 2.70 -31.68 49.78
N HIS D 50 3.35 -31.25 50.85
CA HIS D 50 3.33 -29.87 51.30
C HIS D 50 4.68 -29.27 50.96
N ALA D 51 4.70 -28.33 50.02
CA ALA D 51 5.94 -27.80 49.48
C ALA D 51 6.63 -26.84 50.44
N ASP D 52 5.86 -26.06 51.21
CA ASP D 52 6.46 -25.03 52.05
C ASP D 52 7.31 -25.64 53.16
N THR D 53 6.87 -26.76 53.72
CA THR D 53 7.62 -27.47 54.74
C THR D 53 8.37 -28.68 54.18
N ASN D 54 8.23 -28.95 52.89
CA ASN D 54 8.85 -30.12 52.23
C ASN D 54 8.50 -31.41 52.96
N SER D 55 7.20 -31.68 53.04
CA SER D 55 6.70 -32.81 53.81
C SER D 55 5.79 -33.68 52.96
N LEU D 56 5.74 -34.96 53.30
CA LEU D 56 4.81 -35.90 52.69
C LEU D 56 3.75 -36.29 53.72
N VAL D 57 2.49 -36.22 53.31
CA VAL D 57 1.37 -36.69 54.12
C VAL D 57 0.90 -38.01 53.51
N LEU D 58 0.95 -39.07 54.30
CA LEU D 58 0.71 -40.42 53.82
C LEU D 58 -0.43 -41.03 54.63
N THR D 59 -1.41 -41.61 53.95
CA THR D 59 -2.45 -42.38 54.63
C THR D 59 -2.62 -43.73 53.94
N ALA D 60 -2.53 -44.79 54.72
CA ALA D 60 -2.50 -46.16 54.22
C ALA D 60 -2.55 -47.11 55.42
N PRO D 61 -2.94 -48.38 55.20
CA PRO D 61 -2.84 -49.38 56.27
C PRO D 61 -1.41 -49.69 56.67
N GLN D 62 -1.24 -50.52 57.70
CA GLN D 62 0.07 -50.68 58.34
C GLN D 62 1.13 -51.24 57.40
N ASP D 63 0.78 -52.27 56.62
CA ASP D 63 1.79 -52.93 55.80
C ASP D 63 2.27 -52.02 54.66
N ILE D 64 1.32 -51.43 53.93
CA ILE D 64 1.68 -50.48 52.89
C ILE D 64 2.43 -49.31 53.49
N MET D 65 2.05 -48.89 54.69
CA MET D 65 2.72 -47.79 55.36
C MET D 65 4.19 -48.12 55.61
N ASN D 66 4.46 -49.32 56.14
CA ASN D 66 5.84 -49.71 56.43
C ASN D 66 6.66 -49.82 55.15
N ALA D 67 6.07 -50.41 54.10
CA ALA D 67 6.78 -50.53 52.83
C ALA D 67 7.13 -49.15 52.27
N MET D 68 6.16 -48.24 52.29
CA MET D 68 6.38 -46.90 51.75
C MET D 68 7.43 -46.16 52.57
N LEU D 69 7.42 -46.33 53.89
CA LEU D 69 8.43 -45.68 54.73
C LEU D 69 9.82 -46.21 54.40
N GLU D 70 9.95 -47.52 54.17
CA GLU D 70 11.24 -48.06 53.77
C GLU D 70 11.71 -47.49 52.44
N VAL D 71 10.80 -47.39 51.47
CA VAL D 71 11.17 -46.82 50.17
C VAL D 71 11.59 -45.37 50.30
N ILE D 72 10.85 -44.58 51.09
CA ILE D 72 11.21 -43.18 51.30
C ILE D 72 12.57 -43.07 51.96
N GLY D 73 12.82 -43.89 52.99
CA GLY D 73 14.11 -43.86 53.64
C GLY D 73 15.24 -44.21 52.71
N GLN D 74 15.00 -45.11 51.76
CA GLN D 74 16.06 -45.46 50.81
C GLN D 74 16.27 -44.39 49.75
N LEU D 75 15.23 -43.66 49.35
CA LEU D 75 15.39 -42.61 48.34
C LEU D 75 15.77 -41.25 48.91
N ASP D 76 15.67 -41.05 50.23
CA ASP D 76 15.96 -39.76 50.84
C ASP D 76 17.37 -39.77 51.40
N ILE D 77 18.35 -39.63 50.51
CA ILE D 77 19.75 -39.68 50.88
C ILE D 77 20.50 -38.52 50.25
N ARG D 78 21.75 -38.37 50.66
CA ARG D 78 22.60 -37.27 50.23
C ARG D 78 23.27 -37.57 48.90
N ARG D 79 23.40 -36.55 48.07
CA ARG D 79 24.12 -36.62 46.81
C ARG D 79 25.50 -36.00 46.96
N ALA D 80 26.47 -36.58 46.27
CA ALA D 80 27.81 -36.03 46.21
C ALA D 80 27.89 -34.91 45.18
N GLN D 81 29.01 -34.21 45.18
CA GLN D 81 29.23 -33.10 44.27
C GLN D 81 30.45 -33.37 43.39
N VAL D 82 30.50 -32.69 42.26
CA VAL D 82 31.62 -32.79 41.33
C VAL D 82 32.10 -31.38 40.99
N LEU D 83 33.40 -31.15 41.13
CA LEU D 83 34.06 -29.98 40.58
C LEU D 83 34.66 -30.37 39.23
N ILE D 84 34.30 -29.63 38.18
CA ILE D 84 34.72 -29.95 36.82
C ILE D 84 35.53 -28.78 36.29
N GLU D 85 36.76 -29.07 35.85
CA GLU D 85 37.67 -28.08 35.32
C GLU D 85 38.03 -28.43 33.89
N ALA D 86 37.91 -27.47 32.98
CA ALA D 86 38.33 -27.63 31.60
C ALA D 86 39.61 -26.85 31.36
N LEU D 87 40.38 -27.28 30.37
CA LEU D 87 41.66 -26.66 30.03
C LEU D 87 41.76 -26.55 28.52
N ILE D 88 41.80 -25.32 28.01
CA ILE D 88 41.88 -25.04 26.59
C ILE D 88 43.24 -24.45 26.30
N VAL D 89 43.99 -25.08 25.40
CA VAL D 89 45.33 -24.64 25.00
C VAL D 89 45.30 -24.32 23.52
N GLU D 90 45.81 -23.15 23.15
CA GLU D 90 45.91 -22.73 21.77
C GLU D 90 47.29 -22.15 21.51
N MET D 91 47.93 -22.59 20.42
CA MET D 91 49.23 -22.09 20.00
C MET D 91 49.20 -21.85 18.51
N ALA D 92 49.73 -20.71 18.08
CA ALA D 92 49.81 -20.40 16.66
C ALA D 92 51.17 -19.78 16.34
N GLU D 93 51.69 -20.12 15.17
CA GLU D 93 52.97 -19.61 14.68
C GLU D 93 52.84 -19.29 13.20
N GLY D 94 53.52 -18.23 12.77
CA GLY D 94 53.50 -17.85 11.37
C GLY D 94 54.75 -17.14 10.90
N ASP D 95 55.16 -17.39 9.66
CA ASP D 95 56.37 -16.80 9.11
C ASP D 95 56.22 -16.60 7.60
N GLY D 96 56.65 -15.45 7.10
CA GLY D 96 56.54 -15.16 5.68
C GLY D 96 57.68 -14.29 5.19
N ILE D 97 57.97 -14.41 3.90
CA ILE D 97 58.99 -13.60 3.26
C ILE D 97 58.55 -13.23 1.85
N ASN D 98 58.79 -11.98 1.47
CA ASN D 98 58.52 -11.46 0.13
C ASN D 98 59.76 -10.75 -0.39
N LEU D 99 60.13 -11.01 -1.64
CA LEU D 99 61.31 -10.38 -2.23
C LEU D 99 61.12 -10.26 -3.73
N GLY D 100 61.34 -9.05 -4.26
CA GLY D 100 61.18 -8.85 -5.70
C GLY D 100 61.82 -7.58 -6.20
N VAL D 101 62.05 -7.55 -7.51
CA VAL D 101 62.60 -6.41 -8.23
C VAL D 101 61.72 -6.13 -9.44
N GLN D 102 61.40 -4.85 -9.65
CA GLN D 102 60.56 -4.41 -10.76
C GLN D 102 61.30 -3.33 -11.55
N TRP D 103 61.09 -3.32 -12.87
CA TRP D 103 61.70 -2.32 -13.73
C TRP D 103 60.61 -1.58 -14.49
N GLY D 104 60.79 -0.28 -14.63
CA GLY D 104 59.79 0.55 -15.26
C GLY D 104 60.40 1.70 -16.01
N SER D 105 59.64 2.23 -16.97
CA SER D 105 60.02 3.42 -17.72
C SER D 105 58.75 4.06 -18.27
N LEU D 106 58.64 5.38 -18.09
CA LEU D 106 57.43 6.09 -18.44
C LEU D 106 57.50 6.84 -19.76
N GLU D 107 58.70 7.08 -20.30
CA GLU D 107 58.79 7.67 -21.63
C GLU D 107 58.14 6.78 -22.67
N SER D 108 58.40 5.48 -22.60
CA SER D 108 57.60 4.46 -23.27
C SER D 108 56.68 3.82 -22.23
N GLY D 109 55.98 2.78 -22.64
CA GLY D 109 55.16 2.06 -21.69
C GLY D 109 55.81 0.85 -21.07
N SER D 110 57.13 0.73 -21.17
CA SER D 110 57.81 -0.50 -20.78
C SER D 110 57.79 -0.68 -19.26
N VAL D 111 57.34 -1.84 -18.81
CA VAL D 111 57.35 -2.21 -17.41
C VAL D 111 57.71 -3.69 -17.29
N ILE D 112 58.39 -4.03 -16.20
CA ILE D 112 58.49 -5.41 -15.73
C ILE D 112 57.78 -5.43 -14.39
N GLN D 113 56.50 -5.78 -14.40
CA GLN D 113 55.60 -5.54 -13.28
C GLN D 113 55.19 -6.84 -12.62
N TYR D 114 55.08 -6.80 -11.28
CA TYR D 114 54.61 -7.92 -10.49
C TYR D 114 53.62 -7.40 -9.46
N GLY D 115 52.37 -7.81 -9.57
CA GLY D 115 51.33 -7.37 -8.66
C GLY D 115 51.24 -8.14 -7.36
N ASN D 116 51.95 -9.26 -7.24
CA ASN D 116 51.96 -10.01 -6.00
C ASN D 116 52.51 -9.15 -4.86
N THR D 117 53.59 -8.42 -5.12
CA THR D 117 54.10 -7.46 -4.16
C THR D 117 53.10 -6.33 -3.98
N GLY D 118 53.13 -5.72 -2.78
CA GLY D 118 52.16 -4.71 -2.46
C GLY D 118 52.48 -3.34 -3.03
N ALA D 119 53.14 -3.31 -4.19
CA ALA D 119 53.50 -2.05 -4.83
C ALA D 119 53.76 -2.34 -6.30
N SER D 120 53.04 -1.62 -7.18
CA SER D 120 53.21 -1.76 -8.62
C SER D 120 53.97 -0.55 -9.14
N ILE D 121 54.95 -0.81 -10.00
CA ILE D 121 55.87 0.25 -10.43
C ILE D 121 55.15 1.31 -11.25
N GLY D 122 54.15 0.93 -12.05
CA GLY D 122 53.46 1.90 -12.87
C GLY D 122 52.72 2.94 -12.04
N ASN D 123 51.99 2.47 -11.02
CA ASN D 123 51.28 3.39 -10.14
C ASN D 123 52.24 4.30 -9.40
N VAL D 124 53.38 3.76 -8.95
CA VAL D 124 54.36 4.56 -8.24
C VAL D 124 54.91 5.65 -9.16
N MET D 125 55.28 5.29 -10.39
CA MET D 125 55.85 6.27 -11.31
C MET D 125 54.84 7.35 -11.68
N ILE D 126 53.59 6.96 -11.96
CA ILE D 126 52.59 7.95 -12.34
C ILE D 126 52.27 8.86 -11.16
N GLY D 127 52.14 8.31 -9.95
CA GLY D 127 51.91 9.14 -8.79
C GLY D 127 53.06 10.08 -8.50
N LEU D 128 54.28 9.63 -8.74
CA LEU D 128 55.43 10.52 -8.63
C LEU D 128 55.35 11.65 -9.64
N GLU D 129 54.92 11.34 -10.86
CA GLU D 129 54.81 12.37 -11.90
C GLU D 129 53.75 13.40 -11.53
N GLU D 130 52.59 12.95 -11.05
CA GLU D 130 51.50 13.87 -10.74
C GLU D 130 51.79 14.76 -9.54
N ALA D 131 52.83 14.46 -8.77
CA ALA D 131 53.18 15.24 -7.59
C ALA D 131 54.18 16.34 -7.88
N LYS D 132 54.58 16.52 -9.14
CA LYS D 132 55.55 17.54 -9.52
C LYS D 132 54.86 18.87 -9.77
N ASP D 133 55.66 19.93 -9.77
CA ASP D 133 55.17 21.29 -9.99
C ASP D 133 55.07 21.57 -11.49
N THR D 134 53.94 22.14 -11.90
CA THR D 134 53.63 22.36 -13.30
C THR D 134 53.55 23.84 -13.62
N THR D 135 54.05 24.22 -14.81
CA THR D 135 54.01 25.60 -15.31
C THR D 135 53.20 25.67 -16.60
N GLN D 136 52.06 26.30 -16.55
CA GLN D 136 51.28 26.50 -17.76
C GLN D 136 51.64 27.87 -18.34
N THR D 137 52.73 27.95 -19.09
CA THR D 137 53.17 29.26 -19.59
C THR D 137 52.43 29.65 -20.88
N LYS D 138 51.50 30.57 -20.77
CA LYS D 138 50.72 30.96 -21.93
C LYS D 138 51.52 31.58 -23.04
N ALA D 139 52.44 32.47 -22.72
CA ALA D 139 53.25 33.15 -23.73
C ALA D 139 52.29 33.68 -24.75
N VAL D 140 51.18 34.22 -24.27
CA VAL D 140 50.18 34.76 -25.15
C VAL D 140 50.62 36.14 -25.50
N TYR D 141 51.76 36.24 -26.18
CA TYR D 141 52.30 37.53 -26.52
C TYR D 141 51.70 38.14 -27.76
N PHE D 147 48.11 42.43 -24.67
CA PHE D 147 49.44 42.05 -25.13
C PHE D 147 50.38 41.84 -23.94
N LEU D 148 50.03 40.86 -23.11
CA LEU D 148 50.79 40.49 -21.91
C LEU D 148 51.74 39.37 -22.32
N ARG D 149 53.01 39.71 -22.51
CA ARG D 149 53.93 38.87 -23.28
C ARG D 149 54.21 37.52 -22.64
N ASN D 150 54.07 37.38 -21.33
CA ASN D 150 54.62 36.22 -20.63
C ASN D 150 53.67 35.67 -19.56
N GLU D 151 52.41 35.45 -19.92
CA GLU D 151 51.41 35.06 -18.92
C GLU D 151 51.60 33.66 -18.35
N THR D 152 52.66 33.44 -17.56
CA THR D 152 52.89 32.11 -16.99
C THR D 152 51.96 31.86 -15.80
N THR D 153 52.03 30.63 -15.30
CA THR D 153 51.38 30.24 -14.06
C THR D 153 52.15 29.07 -13.47
N THR D 154 51.99 28.85 -12.17
CA THR D 154 52.57 27.69 -11.50
C THR D 154 51.49 27.02 -10.68
N THR D 155 51.58 25.70 -10.54
CA THR D 155 50.59 24.92 -9.83
C THR D 155 51.28 23.78 -9.08
N LYS D 156 51.03 23.70 -7.78
CA LYS D 156 51.56 22.60 -6.99
C LYS D 156 50.87 21.29 -7.36
N GLY D 157 51.64 20.20 -7.37
CA GLY D 157 51.11 18.91 -7.74
C GLY D 157 50.23 18.30 -6.67
N ASP D 158 49.51 17.26 -7.06
CA ASP D 158 48.63 16.53 -6.17
C ASP D 158 49.29 15.24 -5.73
N TYR D 159 49.11 14.89 -4.45
CA TYR D 159 49.77 13.74 -3.84
C TYR D 159 48.81 12.57 -3.63
N THR D 160 47.64 12.59 -4.25
CA THR D 160 46.64 11.56 -3.99
C THR D 160 47.06 10.20 -4.53
N LYS D 161 47.52 10.16 -5.78
CA LYS D 161 47.92 8.88 -6.37
C LYS D 161 49.13 8.30 -5.66
N LEU D 162 50.10 9.13 -5.31
CA LEU D 162 51.26 8.65 -4.56
C LEU D 162 50.84 8.14 -3.18
N ALA D 163 49.92 8.84 -2.52
CA ALA D 163 49.46 8.39 -1.22
C ALA D 163 48.75 7.04 -1.32
N SER D 164 47.95 6.85 -2.36
CA SER D 164 47.28 5.57 -2.55
C SER D 164 48.27 4.46 -2.90
N ALA D 165 49.34 4.80 -3.62
CA ALA D 165 50.31 3.78 -4.04
C ALA D 165 51.12 3.26 -2.85
N LEU D 166 51.43 4.12 -1.89
CA LEU D 166 52.26 3.75 -0.75
C LEU D 166 51.44 3.30 0.46
N SER D 167 50.11 3.22 0.34
CA SER D 167 49.27 2.97 1.50
C SER D 167 49.43 1.54 2.01
N SER D 168 49.60 0.57 1.10
CA SER D 168 49.60 -0.84 1.46
C SER D 168 51.00 -1.44 1.59
N ILE D 169 52.05 -0.61 1.53
CA ILE D 169 53.41 -1.12 1.49
C ILE D 169 53.84 -1.51 2.90
N GLN D 170 54.34 -2.73 3.04
CA GLN D 170 54.95 -3.21 4.28
C GLN D 170 56.39 -3.60 3.98
N GLY D 171 57.33 -3.06 4.73
CA GLY D 171 58.73 -3.35 4.54
C GLY D 171 59.40 -2.37 3.61
N ALA D 172 60.46 -2.85 2.96
CA ALA D 172 61.26 -2.00 2.10
C ALA D 172 60.70 -1.97 0.68
N ALA D 173 60.49 -0.75 0.16
CA ALA D 173 60.15 -0.50 -1.23
C ALA D 173 60.98 0.71 -1.67
N VAL D 174 62.10 0.45 -2.31
CA VAL D 174 63.13 1.45 -2.59
C VAL D 174 63.31 1.59 -4.09
N SER D 175 63.26 2.81 -4.59
CA SER D 175 63.37 3.11 -6.01
C SER D 175 64.76 3.66 -6.32
N ILE D 176 65.38 3.14 -7.37
CA ILE D 176 66.68 3.57 -7.85
C ILE D 176 66.54 3.98 -9.31
N ALA D 177 66.92 5.22 -9.63
CA ALA D 177 66.88 5.72 -10.99
C ALA D 177 68.26 5.61 -11.62
N MET D 178 68.31 5.12 -12.86
CA MET D 178 69.57 4.91 -13.55
C MET D 178 69.46 5.34 -15.02
N GLY D 179 68.61 6.32 -15.29
CA GLY D 179 68.50 6.87 -16.62
C GLY D 179 67.36 6.29 -17.42
N ASP D 180 66.25 7.03 -17.51
CA ASP D 180 65.01 6.62 -18.19
C ASP D 180 64.62 5.19 -17.82
N TRP D 181 65.00 4.75 -16.63
CA TRP D 181 64.75 3.38 -16.17
C TRP D 181 64.80 3.38 -14.66
N THR D 182 63.71 2.93 -14.03
CA THR D 182 63.60 2.90 -12.58
C THR D 182 63.50 1.45 -12.12
N ALA D 183 64.28 1.11 -11.09
CA ALA D 183 64.25 -0.20 -10.46
C ALA D 183 63.68 -0.07 -9.05
N LEU D 184 62.59 -0.78 -8.79
CA LEU D 184 61.93 -0.79 -7.49
C LEU D 184 62.20 -2.13 -6.83
N ILE D 185 62.83 -2.10 -5.66
CA ILE D 185 63.15 -3.30 -4.89
C ILE D 185 62.21 -3.37 -3.70
N ASN D 186 61.52 -4.49 -3.55
CA ASN D 186 60.65 -4.73 -2.41
C ASN D 186 61.13 -5.95 -1.64
N ALA D 187 61.12 -5.84 -0.32
CA ALA D 187 61.62 -6.91 0.54
C ALA D 187 60.99 -6.79 1.92
N VAL D 188 60.48 -7.90 2.45
CA VAL D 188 59.87 -7.89 3.78
C VAL D 188 59.90 -9.31 4.34
N SER D 189 60.01 -9.40 5.67
CA SER D 189 59.93 -10.65 6.42
C SER D 189 59.02 -10.43 7.61
N ASN D 190 58.05 -11.32 7.80
CA ASN D 190 57.05 -11.20 8.86
C ASN D 190 57.06 -12.44 9.73
N ASP D 191 56.86 -12.25 11.03
CA ASP D 191 56.83 -13.33 12.02
C ASP D 191 55.76 -13.04 13.06
N SER D 192 55.05 -14.08 13.49
CA SER D 192 53.98 -13.91 14.46
C SER D 192 53.84 -15.16 15.32
N SER D 193 53.46 -14.96 16.58
CA SER D 193 53.29 -16.03 17.54
C SER D 193 52.11 -15.72 18.46
N SER D 194 51.46 -16.77 18.95
CA SER D 194 50.30 -16.62 19.82
C SER D 194 50.21 -17.82 20.75
N ASN D 195 49.88 -17.57 22.01
CA ASN D 195 49.85 -18.60 23.06
C ASN D 195 48.74 -18.25 24.05
N ILE D 196 47.73 -19.11 24.14
CA ILE D 196 46.53 -18.86 24.94
C ILE D 196 46.24 -20.07 25.81
N LEU D 197 45.98 -19.82 27.10
CA LEU D 197 45.54 -20.82 28.07
C LEU D 197 44.26 -20.34 28.73
N SER D 198 43.25 -21.22 28.79
CA SER D 198 42.00 -20.90 29.46
C SER D 198 41.57 -22.07 30.34
N SER D 199 40.95 -21.76 31.48
CA SER D 199 40.53 -22.77 32.44
C SER D 199 39.20 -22.40 33.10
N PRO D 200 38.08 -22.75 32.48
CA PRO D 200 36.79 -22.61 33.16
C PRO D 200 36.49 -23.79 34.07
N SER D 201 35.74 -23.52 35.14
CA SER D 201 35.43 -24.54 36.13
C SER D 201 34.05 -24.29 36.72
N ILE D 202 33.40 -25.35 37.19
CA ILE D 202 32.08 -25.25 37.79
C ILE D 202 31.86 -26.42 38.74
N THR D 203 31.08 -26.17 39.79
CA THR D 203 30.72 -27.19 40.78
C THR D 203 29.24 -27.52 40.67
N VAL D 204 28.93 -28.82 40.62
CA VAL D 204 27.56 -29.30 40.49
C VAL D 204 27.31 -30.42 41.49
N MET D 205 26.06 -30.82 41.59
CA MET D 205 25.67 -32.03 42.29
C MET D 205 25.53 -33.18 41.31
N ASP D 206 25.56 -34.40 41.84
CA ASP D 206 25.38 -35.57 41.01
C ASP D 206 24.02 -35.54 40.31
N ASN D 207 24.04 -35.84 39.01
CA ASN D 207 22.84 -35.93 38.18
C ASN D 207 22.18 -34.57 37.94
N GLY D 208 22.94 -33.49 38.10
CA GLY D 208 22.43 -32.15 37.86
C GLY D 208 23.14 -31.48 36.71
N GLU D 209 22.46 -30.53 36.08
CA GLU D 209 23.01 -29.78 34.96
C GLU D 209 23.64 -28.47 35.45
N ALA D 210 24.77 -28.10 34.85
CA ALA D 210 25.45 -26.85 35.18
C ALA D 210 25.80 -26.11 33.90
N SER D 211 25.64 -24.79 33.94
CA SER D 211 25.93 -23.90 32.83
C SER D 211 26.89 -22.82 33.29
N PHE D 212 27.86 -22.49 32.43
CA PHE D 212 28.88 -21.50 32.72
C PHE D 212 29.12 -20.70 31.45
N ILE D 213 29.04 -19.38 31.54
CA ILE D 213 29.38 -18.51 30.40
C ILE D 213 30.15 -17.30 30.90
N VAL D 214 31.25 -16.98 30.22
CA VAL D 214 31.92 -15.70 30.36
C VAL D 214 32.04 -15.12 28.96
N GLY D 215 31.33 -14.02 28.71
CA GLY D 215 31.31 -13.49 27.36
C GLY D 215 30.40 -12.31 27.12
N GLU D 216 29.59 -12.41 26.06
CA GLU D 216 28.83 -11.30 25.53
C GLU D 216 27.51 -11.81 24.96
N GLU D 217 26.53 -10.93 24.93
CA GLU D 217 25.24 -11.19 24.29
C GLU D 217 25.08 -10.22 23.12
N VAL D 218 24.96 -10.75 21.92
CA VAL D 218 25.08 -9.99 20.67
C VAL D 218 23.78 -10.14 19.91
N PRO D 219 23.20 -9.07 19.38
CA PRO D 219 22.02 -9.20 18.51
C PRO D 219 22.40 -9.55 17.09
N VAL D 220 21.59 -10.39 16.45
CA VAL D 220 21.79 -10.81 15.08
C VAL D 220 20.46 -10.75 14.34
N ILE D 221 20.55 -10.65 13.02
CA ILE D 221 19.39 -10.53 12.15
C ILE D 221 18.88 -11.91 11.79
N THR D 222 17.57 -12.13 11.91
CA THR D 222 16.92 -13.38 11.56
C THR D 222 15.71 -13.11 10.68
N GLY D 223 15.89 -12.33 9.62
CA GLY D 223 14.78 -11.90 8.81
C GLY D 223 14.61 -10.40 8.68
N SER D 224 15.74 -9.69 8.65
CA SER D 224 15.80 -8.22 8.47
C SER D 224 14.62 -7.58 7.76
N ASP D 231 16.95 2.02 6.70
CA ASP D 231 15.94 1.71 7.72
C ASP D 231 15.36 0.32 7.50
N ASN D 232 14.41 -0.07 8.35
CA ASN D 232 13.79 -1.39 8.25
C ASN D 232 12.48 -1.40 9.00
N PRO D 233 11.40 -1.92 8.42
CA PRO D 233 10.12 -1.97 9.14
C PRO D 233 10.07 -3.07 10.20
N PHE D 234 10.66 -4.23 9.91
CA PHE D 234 10.74 -5.31 10.89
C PHE D 234 11.98 -6.14 10.61
N GLN D 235 12.86 -6.23 11.60
CA GLN D 235 14.18 -6.83 11.43
C GLN D 235 14.27 -8.28 11.89
N THR D 236 13.38 -8.71 12.78
CA THR D 236 13.42 -10.05 13.37
C THR D 236 14.78 -10.35 14.00
N VAL D 237 15.10 -9.56 15.03
CA VAL D 237 16.39 -9.64 15.71
C VAL D 237 16.31 -10.64 16.84
N ASP D 238 17.38 -11.43 17.00
CA ASP D 238 17.50 -12.38 18.10
C ASP D 238 18.87 -12.22 18.76
N ARG D 239 18.91 -12.37 20.07
CA ARG D 239 20.14 -12.14 20.83
C ARG D 239 20.78 -13.48 21.20
N LYS D 240 22.05 -13.64 20.85
CA LYS D 240 22.79 -14.88 21.02
C LYS D 240 23.96 -14.66 21.97
N GLU D 241 24.55 -15.76 22.42
CA GLU D 241 25.62 -15.72 23.41
C GLU D 241 26.94 -16.16 22.77
N VAL D 242 28.00 -15.40 23.04
CA VAL D 242 29.34 -15.73 22.61
C VAL D 242 30.26 -15.64 23.83
N GLY D 243 31.36 -16.38 23.77
CA GLY D 243 32.29 -16.38 24.88
C GLY D 243 32.87 -17.74 25.16
N ILE D 244 33.26 -17.96 26.41
CA ILE D 244 33.66 -19.27 26.90
C ILE D 244 32.44 -19.89 27.58
N LYS D 245 31.98 -21.03 27.07
CA LYS D 245 30.76 -21.67 27.52
C LYS D 245 31.02 -23.13 27.85
N LEU D 246 30.45 -23.56 28.98
CA LEU D 246 30.57 -24.94 29.44
C LEU D 246 29.23 -25.39 29.99
N LYS D 247 28.62 -26.39 29.34
CA LYS D 247 27.42 -27.05 29.84
C LYS D 247 27.77 -28.49 30.17
N VAL D 248 27.50 -28.91 31.41
CA VAL D 248 27.93 -30.23 31.86
C VAL D 248 26.82 -30.90 32.67
N VAL D 249 26.65 -32.20 32.44
CA VAL D 249 25.85 -33.05 33.31
C VAL D 249 26.70 -34.23 33.76
N PRO D 250 27.01 -34.32 35.05
CA PRO D 250 27.77 -35.47 35.55
C PRO D 250 26.90 -36.59 36.10
N GLN D 251 27.48 -37.79 36.14
CA GLN D 251 26.86 -38.96 36.74
C GLN D 251 27.96 -39.78 37.39
N ILE D 252 28.00 -39.79 38.71
CA ILE D 252 28.98 -40.57 39.43
C ILE D 252 28.47 -42.00 39.54
N ASN D 253 29.32 -42.97 39.22
CA ASN D 253 29.02 -44.34 39.57
C ASN D 253 29.06 -44.49 41.08
N GLU D 254 28.79 -45.71 41.56
CA GLU D 254 28.83 -45.93 43.00
C GLU D 254 30.22 -45.76 43.57
N GLY D 255 31.26 -45.71 42.73
CA GLY D 255 32.62 -45.62 43.20
C GLY D 255 33.35 -44.35 42.80
N ASN D 256 34.39 -44.48 41.98
CA ASN D 256 35.28 -43.36 41.70
C ASN D 256 35.42 -43.04 40.22
N SER D 257 34.31 -43.04 39.49
CA SER D 257 34.30 -42.68 38.08
C SER D 257 33.12 -41.77 37.80
N VAL D 258 33.33 -40.82 36.90
CA VAL D 258 32.31 -39.85 36.53
C VAL D 258 32.07 -39.93 35.03
N GLN D 259 30.82 -40.12 34.64
CA GLN D 259 30.40 -40.04 33.26
C GLN D 259 29.89 -38.62 33.00
N LEU D 260 30.45 -37.96 32.00
CA LEU D 260 30.18 -36.56 31.74
C LEU D 260 29.54 -36.39 30.37
N ASN D 261 28.44 -35.64 30.32
CA ASN D 261 27.89 -35.12 29.07
C ASN D 261 28.29 -33.65 28.98
N ILE D 262 29.05 -33.30 27.94
CA ILE D 262 29.75 -32.02 27.86
C ILE D 262 29.42 -31.32 26.55
N GLU D 263 29.13 -30.02 26.65
CA GLU D 263 29.14 -29.09 25.53
C GLU D 263 30.09 -27.96 25.88
N GLN D 264 31.18 -27.83 25.14
CA GLN D 264 32.22 -26.83 25.41
C GLN D 264 32.40 -25.95 24.18
N GLU D 265 32.53 -24.64 24.40
CA GLU D 265 32.59 -23.72 23.27
C GLU D 265 33.45 -22.50 23.60
N VAL D 266 34.25 -22.08 22.63
CA VAL D 266 34.93 -20.78 22.65
C VAL D 266 34.56 -20.05 21.37
N SER D 267 33.95 -18.87 21.52
CA SER D 267 33.47 -18.14 20.36
C SER D 267 33.59 -16.64 20.59
N ASN D 268 33.95 -15.91 19.54
CA ASN D 268 34.00 -14.46 19.59
C ASN D 268 33.37 -13.87 18.32
N VAL D 269 33.25 -12.54 18.30
CA VAL D 269 32.62 -11.83 17.20
C VAL D 269 33.69 -11.32 16.25
N LEU D 270 33.51 -11.60 14.96
CA LEU D 270 34.32 -11.06 13.88
C LEU D 270 33.43 -10.19 13.00
N GLY D 271 34.00 -9.09 12.52
CA GLY D 271 33.23 -8.20 11.66
C GLY D 271 32.98 -8.83 10.31
N ALA D 272 31.82 -8.51 9.74
CA ALA D 272 31.47 -9.01 8.42
C ALA D 272 32.33 -8.35 7.36
N ASN D 273 32.94 -9.17 6.50
CA ASN D 273 33.70 -8.63 5.38
C ASN D 273 32.88 -8.56 4.10
N GLY D 274 32.00 -9.52 3.86
CA GLY D 274 31.09 -9.44 2.74
C GLY D 274 29.73 -10.02 3.05
N ALA D 275 29.47 -10.28 4.32
CA ALA D 275 28.24 -10.90 4.77
C ALA D 275 27.21 -9.84 5.15
N VAL D 276 25.95 -10.28 5.27
CA VAL D 276 24.87 -9.36 5.60
C VAL D 276 24.99 -8.90 7.05
N ASP D 277 25.49 -9.77 7.93
CA ASP D 277 25.58 -9.46 9.36
C ASP D 277 26.91 -9.96 9.89
N VAL D 278 27.16 -9.68 11.18
CA VAL D 278 28.43 -10.03 11.79
C VAL D 278 28.60 -11.55 11.84
N ARG D 279 29.86 -11.98 11.92
CA ARG D 279 30.21 -13.39 11.96
C ARG D 279 30.71 -13.76 13.36
N PHE D 280 30.70 -15.06 13.64
CA PHE D 280 31.20 -15.58 14.91
C PHE D 280 32.33 -16.57 14.61
N ALA D 281 33.50 -16.33 15.19
CA ALA D 281 34.52 -17.37 15.27
C ALA D 281 34.11 -18.37 16.34
N LYS D 282 34.14 -19.66 16.00
CA LYS D 282 33.51 -20.69 16.81
C LYS D 282 34.37 -21.93 16.89
N ARG D 283 34.57 -22.45 18.10
CA ARG D 283 35.20 -23.75 18.32
C ARG D 283 34.35 -24.49 19.35
N GLN D 284 33.78 -25.63 18.95
CA GLN D 284 32.80 -26.33 19.77
C GLN D 284 33.08 -27.82 19.80
N LEU D 285 32.97 -28.41 21.00
CA LEU D 285 33.06 -29.86 21.22
C LEU D 285 31.82 -30.31 21.97
N ASN D 286 31.10 -31.28 21.42
CA ASN D 286 29.94 -31.89 22.06
C ASN D 286 30.19 -33.39 22.15
N THR D 287 30.16 -33.93 23.37
CA THR D 287 30.50 -35.34 23.53
C THR D 287 30.05 -35.85 24.90
N SER D 288 30.32 -37.12 25.16
CA SER D 288 30.11 -37.76 26.45
C SER D 288 31.23 -38.76 26.69
N VAL D 289 31.83 -38.70 27.89
CA VAL D 289 33.03 -39.47 28.20
C VAL D 289 32.93 -40.04 29.62
N MET D 290 33.92 -40.86 29.96
CA MET D 290 34.09 -41.39 31.32
C MET D 290 35.48 -41.03 31.79
N VAL D 291 35.58 -40.46 32.99
CA VAL D 291 36.87 -40.08 33.57
C VAL D 291 36.94 -40.64 35.00
N GLN D 292 38.16 -40.82 35.48
CA GLN D 292 38.37 -41.24 36.85
C GLN D 292 38.22 -40.06 37.80
N ASP D 293 38.36 -40.34 39.10
CA ASP D 293 38.00 -39.37 40.14
C ASP D 293 38.82 -38.09 40.03
N GLY D 294 40.13 -38.21 39.93
CA GLY D 294 40.97 -37.02 39.90
C GLY D 294 41.98 -37.01 38.78
N GLN D 295 41.63 -37.64 37.66
CA GLN D 295 42.53 -37.77 36.52
C GLN D 295 42.06 -36.88 35.38
N MET D 296 42.94 -36.71 34.41
CA MET D 296 42.68 -35.85 33.26
C MET D 296 42.51 -36.69 32.00
N LEU D 297 41.57 -36.27 31.16
CA LEU D 297 41.30 -36.92 29.89
C LEU D 297 41.30 -35.86 28.78
N VAL D 298 41.81 -36.23 27.62
CA VAL D 298 41.82 -35.35 26.46
C VAL D 298 40.51 -35.53 25.70
N LEU D 299 39.84 -34.40 25.40
CA LEU D 299 38.56 -34.44 24.71
C LEU D 299 38.69 -34.29 23.20
N GLY D 300 39.62 -33.46 22.74
CA GLY D 300 39.76 -33.22 21.32
C GLY D 300 40.83 -32.18 21.06
N GLY D 301 41.10 -31.98 19.77
CA GLY D 301 42.14 -31.04 19.38
C GLY D 301 42.28 -30.99 17.88
N LEU D 302 43.25 -30.19 17.44
CA LEU D 302 43.49 -29.92 16.04
C LEU D 302 44.96 -29.58 15.84
N ILE D 303 45.59 -30.24 14.85
CA ILE D 303 46.92 -29.89 14.39
C ILE D 303 46.82 -29.46 12.93
N ASP D 304 47.26 -28.23 12.65
CA ASP D 304 47.17 -27.67 11.31
C ASP D 304 48.53 -27.15 10.88
N GLU D 305 48.95 -27.50 9.66
CA GLU D 305 50.18 -26.99 9.06
C GLU D 305 49.86 -26.52 7.65
N ARG D 306 50.56 -25.48 7.20
CA ARG D 306 50.28 -24.90 5.90
C ARG D 306 51.53 -24.23 5.35
N ALA D 307 51.87 -24.55 4.10
CA ALA D 307 53.00 -23.93 3.41
C ALA D 307 52.54 -23.46 2.03
N LEU D 308 52.90 -22.23 1.69
CA LEU D 308 52.55 -21.61 0.42
C LEU D 308 53.78 -21.01 -0.23
N GLU D 309 53.92 -21.22 -1.54
CA GLU D 309 55.02 -20.70 -2.34
C GLU D 309 54.46 -20.06 -3.60
N SER D 310 55.12 -19.00 -4.07
CA SER D 310 54.71 -18.35 -5.31
C SER D 310 55.91 -17.65 -5.94
N GLU D 311 55.95 -17.68 -7.26
CA GLU D 311 57.04 -17.08 -8.02
C GLU D 311 56.53 -16.55 -9.36
N SER D 312 57.00 -15.37 -9.74
CA SER D 312 56.78 -14.82 -11.07
C SER D 312 58.11 -14.28 -11.59
N LYS D 313 58.48 -14.68 -12.80
CA LYS D 313 59.80 -14.32 -13.31
C LYS D 313 59.75 -14.14 -14.83
N VAL D 314 60.78 -13.48 -15.34
CA VAL D 314 61.00 -13.41 -16.79
C VAL D 314 61.58 -14.74 -17.25
N PRO D 315 61.02 -15.35 -18.30
CA PRO D 315 61.30 -16.77 -18.60
C PRO D 315 62.77 -17.18 -18.59
N LEU D 316 63.61 -16.56 -19.40
CA LEU D 316 64.99 -17.02 -19.50
C LEU D 316 65.97 -16.18 -18.68
N LEU D 317 65.65 -14.91 -18.44
CA LEU D 317 66.53 -14.04 -17.68
C LEU D 317 66.51 -14.34 -16.19
N GLY D 318 65.43 -14.93 -15.68
CA GLY D 318 65.27 -15.21 -14.27
C GLY D 318 65.94 -16.48 -13.79
N ASP D 319 66.71 -17.15 -14.64
CA ASP D 319 67.44 -18.35 -14.25
C ASP D 319 68.95 -18.16 -14.35
N ILE D 320 69.41 -16.95 -14.63
CA ILE D 320 70.86 -16.66 -14.64
C ILE D 320 71.41 -16.89 -13.24
N PRO D 321 72.59 -17.50 -13.09
CA PRO D 321 73.04 -17.91 -11.75
C PRO D 321 73.12 -16.78 -10.73
N LEU D 322 73.48 -15.58 -11.16
CA LEU D 322 73.64 -14.48 -10.21
C LEU D 322 72.75 -13.28 -10.51
N LEU D 323 72.61 -12.90 -11.77
CA LEU D 323 71.86 -11.71 -12.13
C LEU D 323 70.37 -11.95 -12.26
N GLY D 324 69.90 -13.18 -12.03
CA GLY D 324 68.50 -13.50 -12.19
C GLY D 324 67.57 -12.92 -11.15
N GLN D 325 68.09 -12.60 -9.96
CA GLN D 325 67.27 -12.03 -8.91
C GLN D 325 66.67 -10.68 -9.32
N LEU D 326 67.30 -9.99 -10.28
CA LEU D 326 66.76 -8.74 -10.78
C LEU D 326 65.51 -8.92 -11.62
N PHE D 327 65.14 -10.16 -11.94
CA PHE D 327 63.99 -10.44 -12.80
C PHE D 327 63.07 -11.48 -12.17
N ARG D 328 62.83 -11.38 -10.86
CA ARG D 328 62.04 -12.36 -10.14
C ARG D 328 61.21 -11.67 -9.06
N SER D 329 60.15 -12.36 -8.65
CA SER D 329 59.34 -11.95 -7.51
C SER D 329 58.87 -13.22 -6.81
N THR D 330 59.24 -13.36 -5.54
CA THR D 330 59.03 -14.58 -4.77
C THR D 330 58.29 -14.26 -3.48
N SER D 331 57.36 -15.15 -3.10
CA SER D 331 56.63 -15.07 -1.85
C SER D 331 56.55 -16.45 -1.22
N SER D 332 56.80 -16.52 0.09
CA SER D 332 56.70 -17.78 0.82
C SER D 332 56.03 -17.54 2.18
N GLN D 333 55.25 -18.52 2.62
CA GLN D 333 54.47 -18.42 3.84
C GLN D 333 54.36 -19.79 4.51
N VAL D 334 54.44 -19.79 5.85
CA VAL D 334 54.27 -20.98 6.67
C VAL D 334 53.40 -20.63 7.87
N GLU D 335 52.44 -21.50 8.18
CA GLU D 335 51.53 -21.30 9.30
C GLU D 335 51.32 -22.62 10.03
N LYS D 336 51.35 -22.56 11.37
CA LYS D 336 51.15 -23.72 12.22
C LYS D 336 50.17 -23.38 13.33
N LYS D 337 49.29 -24.33 13.65
CA LYS D 337 48.25 -24.15 14.64
C LYS D 337 48.07 -25.43 15.44
N ASN D 338 47.94 -25.28 16.76
CA ASN D 338 47.78 -26.41 17.67
C ASN D 338 46.70 -26.05 18.70
N LEU D 339 45.65 -26.84 18.76
CA LEU D 339 44.55 -26.62 19.69
C LEU D 339 44.28 -27.91 20.45
N MET D 340 44.03 -27.80 21.75
CA MET D 340 43.76 -28.98 22.56
C MET D 340 42.84 -28.65 23.72
N VAL D 341 41.97 -29.60 24.07
CA VAL D 341 41.00 -29.44 25.15
C VAL D 341 41.11 -30.63 26.09
N PHE D 342 41.25 -30.36 27.39
CA PHE D 342 41.28 -31.38 28.43
C PHE D 342 40.18 -31.11 29.43
N ILE D 343 39.76 -32.15 30.15
CA ILE D 343 38.75 -32.03 31.19
C ILE D 343 39.19 -32.85 32.40
N LYS D 344 38.73 -32.44 33.58
CA LYS D 344 39.10 -33.11 34.81
C LYS D 344 38.02 -32.97 35.87
N PRO D 345 37.48 -34.09 36.37
CA PRO D 345 36.52 -34.03 37.47
C PRO D 345 37.20 -34.22 38.82
N THR D 346 36.45 -33.93 39.87
CA THR D 346 36.90 -34.19 41.25
C THR D 346 35.66 -34.35 42.11
N ILE D 347 35.57 -35.48 42.82
CA ILE D 347 34.40 -35.79 43.62
C ILE D 347 34.58 -35.22 45.02
N ILE D 348 33.58 -34.44 45.45
CA ILE D 348 33.50 -33.94 46.82
C ILE D 348 32.36 -34.67 47.52
N ARG D 349 32.70 -35.41 48.57
CA ARG D 349 31.72 -36.18 49.33
C ARG D 349 31.49 -35.64 50.74
N ASP D 350 32.49 -35.02 51.35
CA ASP D 350 32.37 -34.50 52.70
C ASP D 350 32.76 -33.03 52.73
N GLY D 351 32.58 -32.42 53.91
CA GLY D 351 32.85 -31.00 54.05
C GLY D 351 34.33 -30.65 54.08
N VAL D 352 35.17 -31.60 54.50
CA VAL D 352 36.61 -31.31 54.61
C VAL D 352 37.22 -31.13 53.22
N THR D 353 36.81 -31.94 52.25
CA THR D 353 37.35 -31.81 50.90
C THR D 353 36.94 -30.49 50.26
N ALA D 354 35.68 -30.12 50.41
CA ALA D 354 35.20 -28.84 49.88
C ALA D 354 35.91 -27.68 50.55
N ASP D 355 36.12 -27.77 51.86
CA ASP D 355 36.84 -26.73 52.58
C ASP D 355 38.26 -26.61 52.07
N GLY D 356 38.93 -27.73 51.81
CA GLY D 356 40.29 -27.67 51.30
C GLY D 356 40.37 -27.01 49.93
N ILE D 357 39.48 -27.40 49.01
CA ILE D 357 39.48 -26.81 47.68
C ILE D 357 39.20 -25.31 47.74
N THR D 358 38.18 -24.94 48.52
CA THR D 358 37.82 -23.53 48.64
C THR D 358 38.95 -22.73 49.27
N GLN D 359 39.61 -23.29 50.29
CA GLN D 359 40.72 -22.60 50.93
C GLN D 359 41.87 -22.40 49.96
N ARG D 360 42.16 -23.40 49.13
CA ARG D 360 43.21 -23.26 48.13
C ARG D 360 42.93 -22.09 47.19
N LYS D 361 41.74 -22.08 46.59
CA LYS D 361 41.43 -21.02 45.63
C LYS D 361 41.39 -19.65 46.29
N TYR D 362 40.77 -19.57 47.48
CA TYR D 362 40.68 -18.31 48.21
C TYR D 362 42.06 -17.77 48.56
N ASN D 363 42.95 -18.64 49.05
CA ASN D 363 44.26 -18.20 49.45
C ASN D 363 45.09 -17.77 48.24
N TYR D 364 44.90 -18.43 47.09
CA TYR D 364 45.57 -17.97 45.88
C TYR D 364 45.15 -16.53 45.54
N ILE D 365 43.84 -16.29 45.48
CA ILE D 365 43.36 -14.95 45.13
C ILE D 365 43.85 -13.93 46.15
N ARG D 366 43.79 -14.27 47.43
CA ARG D 366 44.18 -13.34 48.48
C ARG D 366 45.68 -13.05 48.44
N ALA D 367 46.50 -14.04 48.10
CA ALA D 367 47.93 -13.81 47.98
C ALA D 367 48.23 -12.84 46.84
N GLU D 368 47.54 -13.01 45.70
CA GLU D 368 47.70 -12.03 44.63
C GLU D 368 47.30 -10.63 45.09
N GLN D 369 46.20 -10.52 45.81
CA GLN D 369 45.75 -9.21 46.28
C GLN D 369 46.74 -8.60 47.27
N LEU D 370 47.30 -9.40 48.18
CA LEU D 370 48.27 -8.88 49.13
C LEU D 370 49.53 -8.41 48.43
N PHE D 371 49.99 -9.15 47.42
CA PHE D 371 51.14 -8.69 46.66
C PHE D 371 50.85 -7.37 45.97
N ARG D 372 49.65 -7.24 45.38
CA ARG D 372 49.30 -5.97 44.76
C ARG D 372 49.21 -4.84 45.79
N ALA D 373 48.84 -5.17 47.03
CA ALA D 373 48.76 -4.15 48.06
C ALA D 373 50.15 -3.75 48.57
N GLU D 374 51.14 -4.63 48.44
CA GLU D 374 52.51 -4.22 48.78
C GLU D 374 53.00 -3.11 47.88
N LYS D 375 52.77 -3.24 46.57
CA LYS D 375 53.08 -2.18 45.61
C LYS D 375 51.78 -1.44 45.30
N GLY D 376 51.44 -0.50 46.17
CA GLY D 376 50.14 0.13 46.15
C GLY D 376 49.93 1.02 44.95
N LEU D 377 48.87 1.83 45.04
CA LEU D 377 48.49 2.71 43.94
C LEU D 377 49.58 3.73 43.67
N ARG D 378 49.73 4.08 42.39
CA ARG D 378 50.87 4.89 41.97
C ARG D 378 50.83 6.29 42.59
N LEU D 379 49.66 6.93 42.57
CA LEU D 379 49.54 8.29 43.09
C LEU D 379 48.35 8.42 44.03
N LEU D 380 48.02 7.37 44.77
CA LEU D 380 46.93 7.40 45.73
C LEU D 380 47.36 6.63 46.96
N ASP D 381 46.41 6.40 47.86
CA ASP D 381 46.69 5.65 49.08
C ASP D 381 46.94 4.18 48.77
N ASP D 382 47.92 3.59 49.46
CA ASP D 382 48.25 2.19 49.26
C ASP D 382 47.29 1.25 49.98
N ALA D 383 46.46 1.75 50.88
CA ALA D 383 45.51 0.93 51.61
C ALA D 383 44.14 0.87 50.94
N SER D 384 43.94 1.57 49.83
CA SER D 384 42.68 1.53 49.13
C SER D 384 42.54 0.32 48.21
N VAL D 385 43.58 -0.48 48.08
CA VAL D 385 43.51 -1.69 47.24
C VAL D 385 42.61 -2.71 47.92
N PRO D 386 41.64 -3.29 47.22
CA PRO D 386 40.78 -4.32 47.84
C PRO D 386 41.57 -5.58 48.12
N VAL D 387 41.50 -6.03 49.37
CA VAL D 387 42.16 -7.25 49.82
C VAL D 387 41.15 -8.09 50.59
N LEU D 388 41.07 -9.37 50.26
CA LEU D 388 40.13 -10.25 50.94
C LEU D 388 40.53 -10.43 52.41
N PRO D 389 39.55 -10.61 53.29
CA PRO D 389 39.87 -10.93 54.69
C PRO D 389 40.45 -12.33 54.79
N LYS D 390 40.95 -12.65 55.98
CA LYS D 390 41.45 -13.99 56.23
C LYS D 390 40.31 -14.99 56.14
N PHE D 391 40.65 -16.23 55.80
CA PHE D 391 39.65 -17.26 55.54
C PHE D 391 38.73 -17.44 56.74
N GLY D 392 37.45 -17.07 56.57
CA GLY D 392 36.50 -17.13 57.66
C GLY D 392 36.69 -16.07 58.73
N ASP D 393 36.80 -14.80 58.33
CA ASP D 393 37.05 -13.74 59.29
C ASP D 393 36.08 -12.57 59.14
N ASP D 394 35.46 -12.45 57.96
CA ASP D 394 34.47 -11.40 57.67
C ASP D 394 35.10 -10.00 57.66
N ARG D 395 34.32 -9.02 57.20
CA ARG D 395 34.84 -7.69 56.94
C ARG D 395 35.29 -6.98 58.21
N ARG D 396 36.25 -6.07 58.06
CA ARG D 396 36.74 -5.22 59.13
C ARG D 396 36.90 -3.80 58.60
N HIS D 397 36.86 -2.83 59.50
CA HIS D 397 37.02 -1.44 59.12
C HIS D 397 38.46 -1.15 58.71
N SER D 398 38.62 -0.05 57.96
CA SER D 398 39.95 0.43 57.61
C SER D 398 40.62 1.02 58.85
N PRO D 399 41.96 1.12 58.85
CA PRO D 399 42.66 1.56 60.07
C PRO D 399 42.22 2.93 60.57
N GLU D 400 41.87 3.85 59.68
CA GLU D 400 41.43 5.18 60.12
C GLU D 400 40.11 5.09 60.89
N ILE D 401 39.13 4.35 60.35
CA ILE D 401 37.87 4.18 61.06
C ILE D 401 38.08 3.39 62.34
N GLN D 402 39.00 2.42 62.32
CA GLN D 402 39.28 1.65 63.53
C GLN D 402 39.84 2.55 64.63
N ALA D 403 40.77 3.43 64.28
CA ALA D 403 41.31 4.37 65.26
C ALA D 403 40.23 5.34 65.75
N PHE D 404 39.36 5.79 64.84
CA PHE D 404 38.28 6.70 65.22
C PHE D 404 37.33 6.03 66.21
N ILE D 405 37.01 4.76 65.98
CA ILE D 405 36.09 4.06 66.88
C ILE D 405 36.78 3.68 68.18
N GLU D 406 38.10 3.49 68.16
CA GLU D 406 38.82 3.22 69.40
C GLU D 406 38.90 4.47 70.27
N GLN D 407 39.11 5.63 69.64
CA GLN D 407 39.13 6.88 70.41
C GLN D 407 37.77 7.17 71.02
N MET D 408 36.69 6.91 70.27
CA MET D 408 35.34 7.13 70.77
C MET D 408 34.94 6.07 71.77
N GLY E 2 9.86 -58.97 50.83
CA GLY E 2 10.60 -58.10 49.94
C GLY E 2 9.86 -57.82 48.65
N ASN E 3 8.65 -57.28 48.78
CA ASN E 3 7.84 -56.97 47.60
C ASN E 3 8.31 -55.71 46.89
N ASN E 4 9.11 -54.87 47.54
CA ASN E 4 9.61 -53.65 46.93
C ASN E 4 11.12 -53.59 47.06
N ARG E 5 11.77 -53.11 46.00
CA ARG E 5 13.21 -52.90 46.02
C ARG E 5 13.53 -51.55 45.40
N VAL E 6 14.63 -50.96 45.86
CA VAL E 6 15.20 -49.74 45.27
C VAL E 6 16.60 -50.08 44.79
N VAL E 7 16.85 -49.92 43.50
CA VAL E 7 18.12 -50.28 42.88
C VAL E 7 18.83 -49.00 42.46
N TYR E 8 20.07 -48.84 42.91
CA TYR E 8 20.92 -47.72 42.50
C TYR E 8 21.74 -48.15 41.30
N LEU E 9 21.61 -47.43 40.19
CA LEU E 9 22.30 -47.77 38.97
C LEU E 9 23.68 -47.13 38.91
N LYS E 10 24.65 -47.89 38.40
CA LYS E 10 26.02 -47.41 38.30
C LYS E 10 26.27 -46.69 36.98
N TYR E 11 25.90 -47.31 35.86
CA TYR E 11 26.28 -46.81 34.55
C TYR E 11 25.10 -46.44 33.65
N ALA E 12 23.91 -46.97 33.89
CA ALA E 12 22.78 -46.71 33.03
C ALA E 12 21.93 -45.56 33.58
N LYS E 13 20.95 -45.15 32.78
CA LYS E 13 19.99 -44.13 33.16
C LYS E 13 18.64 -44.79 33.40
N ALA E 14 18.02 -44.47 34.54
CA ALA E 14 16.81 -45.18 34.96
C ALA E 14 15.66 -44.93 34.00
N GLU E 15 15.51 -43.69 33.53
CA GLU E 15 14.46 -43.37 32.58
C GLU E 15 14.56 -44.22 31.32
N ASP E 16 15.79 -44.55 30.92
CA ASP E 16 15.98 -45.45 29.77
C ASP E 16 15.51 -46.86 30.10
N LEU E 17 15.84 -47.37 31.27
CA LEU E 17 15.52 -48.75 31.61
C LEU E 17 14.04 -48.97 31.91
N VAL E 18 13.30 -47.91 32.25
CA VAL E 18 11.88 -48.08 32.55
C VAL E 18 11.13 -48.64 31.34
N GLU E 19 11.38 -48.06 30.16
CA GLU E 19 10.69 -48.51 28.96
C GLU E 19 11.05 -49.95 28.63
N VAL E 20 12.33 -50.31 28.77
CA VAL E 20 12.76 -51.66 28.46
C VAL E 20 12.12 -52.66 29.42
N LEU E 21 12.10 -52.34 30.71
CA LEU E 21 11.62 -53.29 31.70
C LEU E 21 10.10 -53.35 31.81
N LYS E 22 9.37 -52.39 31.24
CA LYS E 22 7.92 -52.45 31.29
C LYS E 22 7.40 -53.75 30.66
N GLY E 23 7.94 -54.12 29.50
CA GLY E 23 7.50 -55.33 28.84
C GLY E 23 7.87 -56.60 29.61
N VAL E 24 9.09 -56.66 30.14
CA VAL E 24 9.54 -57.85 30.87
C VAL E 24 8.73 -58.02 32.14
N SER E 25 8.45 -56.93 32.86
CA SER E 25 7.70 -57.02 34.10
C SER E 25 6.30 -57.55 33.87
N GLU E 26 5.63 -57.11 32.80
CA GLU E 26 4.30 -57.57 32.48
C GLU E 26 4.34 -58.94 31.82
N VAL E 45 2.89 -55.45 38.80
CA VAL E 45 4.29 -55.09 38.59
C VAL E 45 4.40 -53.61 38.23
N MET E 46 5.11 -52.84 39.04
CA MET E 46 5.29 -51.42 38.77
C MET E 46 6.77 -51.06 38.79
N ILE E 47 7.15 -50.20 37.85
CA ILE E 47 8.52 -49.72 37.66
C ILE E 47 8.48 -48.21 37.66
N ALA E 48 9.31 -47.58 38.49
CA ALA E 48 9.39 -46.13 38.51
C ALA E 48 10.85 -45.70 38.57
N ALA E 49 11.12 -44.48 38.10
CA ALA E 49 12.47 -43.94 38.07
C ALA E 49 12.54 -42.66 38.88
N HIS E 50 13.55 -42.56 39.73
CA HIS E 50 13.89 -41.33 40.42
C HIS E 50 15.16 -40.79 39.77
N ALA E 51 15.04 -39.66 39.07
CA ALA E 51 16.14 -39.14 38.27
C ALA E 51 17.23 -38.50 39.10
N ASP E 52 16.88 -37.86 40.22
CA ASP E 52 17.86 -37.12 41.00
C ASP E 52 18.88 -38.05 41.62
N THR E 53 18.47 -39.22 42.08
CA THR E 53 19.37 -40.22 42.61
C THR E 53 19.70 -41.32 41.62
N ASN E 54 19.13 -41.27 40.42
CA ASN E 54 19.32 -42.30 39.38
C ASN E 54 19.00 -43.69 39.93
N SER E 55 17.77 -43.85 40.38
CA SER E 55 17.34 -45.07 41.04
C SER E 55 16.07 -45.63 40.40
N LEU E 56 15.93 -46.95 40.47
CA LEU E 56 14.72 -47.63 40.05
C LEU E 56 13.97 -48.15 41.27
N VAL E 57 12.67 -47.86 41.33
CA VAL E 57 11.79 -48.41 42.36
C VAL E 57 10.95 -49.50 41.70
N LEU E 58 11.07 -50.72 42.20
CA LEU E 58 10.46 -51.88 41.58
C LEU E 58 9.55 -52.56 42.60
N THR E 59 8.32 -52.87 42.18
CA THR E 59 7.44 -53.68 43.01
C THR E 59 6.84 -54.80 42.17
N ALA E 60 6.99 -56.03 42.66
CA ALA E 60 6.63 -57.24 41.93
C ALA E 60 6.81 -58.43 42.86
N PRO E 61 6.16 -59.57 42.55
CA PRO E 61 6.42 -60.80 43.31
C PRO E 61 7.83 -61.33 43.13
N GLN E 62 8.17 -62.40 43.86
CA GLN E 62 9.56 -62.82 43.99
C GLN E 62 10.17 -63.23 42.66
N ASP E 63 9.45 -64.02 41.86
CA ASP E 63 10.02 -64.56 40.63
C ASP E 63 10.27 -63.45 39.60
N ILE E 64 9.26 -62.62 39.36
CA ILE E 64 9.44 -61.49 38.46
C ILE E 64 10.51 -60.56 38.99
N MET E 65 10.59 -60.40 40.31
CA MET E 65 11.62 -59.56 40.91
C MET E 65 13.01 -60.08 40.59
N ASN E 66 13.23 -61.39 40.76
CA ASN E 66 14.55 -61.96 40.49
C ASN E 66 14.90 -61.84 39.01
N ALA E 67 13.94 -62.11 38.12
CA ALA E 67 14.20 -62.00 36.69
C ALA E 67 14.57 -60.56 36.31
N MET E 68 13.82 -59.60 36.83
CA MET E 68 14.09 -58.20 36.54
C MET E 68 15.44 -57.76 37.08
N LEU E 69 15.81 -58.24 38.26
CA LEU E 69 17.12 -57.91 38.81
C LEU E 69 18.24 -58.47 37.95
N GLU E 70 18.07 -59.69 37.45
CA GLU E 70 19.07 -60.24 36.54
C GLU E 70 19.20 -59.42 35.27
N VAL E 71 18.06 -59.01 34.70
CA VAL E 71 18.10 -58.19 33.48
C VAL E 71 18.79 -56.86 33.74
N ILE E 72 18.46 -56.21 34.86
CA ILE E 72 19.08 -54.94 35.21
C ILE E 72 20.59 -55.12 35.39
N GLY E 73 20.99 -56.17 36.09
CA GLY E 73 22.41 -56.42 36.26
C GLY E 73 23.14 -56.65 34.97
N GLN E 74 22.46 -57.27 33.99
CA GLN E 74 23.11 -57.48 32.69
C GLN E 74 23.16 -56.21 31.84
N LEU E 75 22.18 -55.31 31.98
CA LEU E 75 22.19 -54.07 31.20
C LEU E 75 22.95 -52.93 31.85
N ASP E 76 23.30 -53.04 33.14
CA ASP E 76 23.96 -51.96 33.87
C ASP E 76 25.47 -52.24 33.90
N ILE E 77 26.13 -51.98 32.78
CA ILE E 77 27.55 -52.25 32.64
C ILE E 77 28.24 -51.05 32.03
N ARG E 78 29.57 -51.12 32.02
CA ARG E 78 30.41 -50.03 31.55
C ARG E 78 30.59 -50.07 30.04
N ARG E 79 30.62 -48.89 29.43
CA ARG E 79 30.91 -48.73 28.02
C ARG E 79 32.34 -48.29 27.81
N ALA E 80 32.95 -48.78 26.73
CA ALA E 80 34.28 -48.37 26.34
C ALA E 80 34.22 -47.05 25.59
N GLN E 81 35.39 -46.47 25.34
CA GLN E 81 35.50 -45.20 24.64
C GLN E 81 36.33 -45.37 23.38
N VAL E 82 36.14 -44.45 22.43
CA VAL E 82 36.89 -44.43 21.19
C VAL E 82 37.47 -43.03 20.98
N LEU E 83 38.77 -42.97 20.72
CA LEU E 83 39.42 -41.76 20.21
C LEU E 83 39.50 -41.88 18.71
N ILE E 84 38.96 -40.88 18.00
CA ILE E 84 38.88 -40.91 16.54
C ILE E 84 39.68 -39.73 16.01
N GLU E 85 40.65 -40.02 15.13
CA GLU E 85 41.50 -39.02 14.53
C GLU E 85 41.34 -39.06 13.01
N ALA E 86 41.11 -37.90 12.41
CA ALA E 86 41.06 -37.77 10.95
C ALA E 86 42.31 -37.07 10.46
N LEU E 87 42.66 -37.33 9.20
CA LEU E 87 43.86 -36.77 8.58
C LEU E 87 43.51 -36.32 7.18
N ILE E 88 43.60 -35.01 6.94
CA ILE E 88 43.27 -34.42 5.64
C ILE E 88 44.57 -33.90 5.04
N VAL E 89 44.88 -34.37 3.84
CA VAL E 89 46.09 -33.97 3.11
C VAL E 89 45.67 -33.31 1.81
N GLU E 90 46.23 -32.14 1.54
CA GLU E 90 45.96 -31.41 0.30
C GLU E 90 47.28 -30.92 -0.29
N MET E 91 47.47 -31.15 -1.59
CA MET E 91 48.64 -30.68 -2.32
C MET E 91 48.20 -30.10 -3.64
N ALA E 92 48.75 -28.94 -4.00
CA ALA E 92 48.44 -28.31 -5.27
C ALA E 92 49.72 -27.77 -5.90
N GLU E 93 49.80 -27.87 -7.22
CA GLU E 93 50.93 -27.38 -8.00
C GLU E 93 50.41 -26.70 -9.26
N GLY E 94 51.09 -25.64 -9.68
CA GLY E 94 50.70 -24.95 -10.90
C GLY E 94 51.85 -24.26 -11.60
N ASP E 95 51.82 -24.25 -12.93
CA ASP E 95 52.88 -23.67 -13.74
C ASP E 95 52.31 -23.09 -15.04
N GLY E 96 52.74 -21.90 -15.42
CA GLY E 96 52.26 -21.28 -16.63
C GLY E 96 53.32 -20.44 -17.30
N ILE E 97 53.17 -20.27 -18.62
CA ILE E 97 54.08 -19.43 -19.39
C ILE E 97 53.29 -18.70 -20.48
N ASN E 98 53.61 -17.42 -20.66
CA ASN E 98 53.03 -16.58 -21.70
C ASN E 98 54.15 -15.88 -22.46
N LEU E 99 54.06 -15.87 -23.79
CA LEU E 99 55.10 -15.24 -24.61
C LEU E 99 54.48 -14.74 -25.90
N GLY E 100 54.72 -13.48 -26.24
CA GLY E 100 54.17 -12.93 -27.47
C GLY E 100 54.82 -11.64 -27.91
N VAL E 101 54.64 -11.32 -29.19
CA VAL E 101 55.13 -10.09 -29.80
C VAL E 101 53.98 -9.46 -30.57
N GLN E 102 53.81 -8.14 -30.42
CA GLN E 102 52.77 -7.38 -31.08
C GLN E 102 53.40 -6.22 -31.84
N TRP E 103 52.80 -5.87 -32.98
CA TRP E 103 53.27 -4.76 -33.79
C TRP E 103 52.14 -3.76 -33.98
N GLY E 104 52.49 -2.48 -33.92
CA GLY E 104 51.49 -1.44 -34.01
C GLY E 104 52.02 -0.21 -34.69
N SER E 105 51.11 0.60 -35.21
CA SER E 105 51.42 1.89 -35.80
C SER E 105 50.18 2.76 -35.75
N LEU E 106 50.34 4.01 -35.31
CA LEU E 106 49.21 4.89 -35.08
C LEU E 106 49.01 5.92 -36.18
N GLU E 107 50.01 6.16 -37.04
CA GLU E 107 49.79 7.04 -38.18
C GLU E 107 48.71 6.48 -39.09
N SER E 108 48.75 5.19 -39.36
CA SER E 108 47.63 4.44 -39.91
C SER E 108 46.99 3.66 -38.76
N GLY E 109 46.02 2.81 -39.11
CA GLY E 109 45.43 1.97 -38.09
C GLY E 109 46.04 0.59 -37.97
N SER E 110 47.22 0.37 -38.54
CA SER E 110 47.77 -0.97 -38.63
C SER E 110 48.18 -1.49 -37.27
N VAL E 111 47.71 -2.69 -36.93
CA VAL E 111 48.09 -3.38 -35.71
C VAL E 111 48.22 -4.87 -36.00
N ILE E 112 49.13 -5.52 -35.29
CA ILE E 112 49.15 -6.98 -35.16
C ILE E 112 48.88 -7.25 -33.68
N GLN E 113 47.62 -7.46 -33.33
CA GLN E 113 47.16 -7.41 -31.96
C GLN E 113 46.77 -8.79 -31.45
N TYR E 114 47.08 -9.05 -30.17
CA TYR E 114 46.70 -10.28 -29.51
C TYR E 114 46.17 -9.93 -28.12
N GLY E 115 44.89 -10.18 -27.89
CA GLY E 115 44.27 -9.88 -26.62
C GLY E 115 44.46 -10.91 -25.54
N ASN E 116 44.97 -12.09 -25.88
CA ASN E 116 45.24 -13.11 -24.87
C ASN E 116 46.24 -12.60 -23.84
N THR E 117 47.30 -11.94 -24.31
CA THR E 117 48.23 -11.28 -23.42
C THR E 117 47.54 -10.14 -22.69
N GLY E 118 48.02 -9.84 -21.48
CA GLY E 118 47.38 -8.84 -20.65
C GLY E 118 47.73 -7.41 -21.03
N ALA E 119 48.00 -7.17 -22.31
CA ALA E 119 48.36 -5.84 -22.78
C ALA E 119 48.09 -5.78 -24.28
N SER E 120 47.28 -4.83 -24.71
CA SER E 120 46.96 -4.63 -26.12
C SER E 120 47.73 -3.41 -26.62
N ILE E 121 48.34 -3.55 -27.80
CA ILE E 121 49.24 -2.51 -28.30
C ILE E 121 48.49 -1.22 -28.61
N GLY E 122 47.25 -1.31 -29.09
CA GLY E 122 46.51 -0.11 -29.42
C GLY E 122 46.23 0.77 -28.21
N ASN E 123 45.79 0.13 -27.11
CA ASN E 123 45.55 0.88 -25.89
C ASN E 123 46.83 1.50 -25.35
N VAL E 124 47.94 0.77 -25.42
CA VAL E 124 49.21 1.29 -24.94
C VAL E 124 49.62 2.51 -25.77
N MET E 125 49.53 2.41 -27.09
CA MET E 125 49.94 3.52 -27.94
C MET E 125 49.06 4.75 -27.74
N ILE E 126 47.74 4.55 -27.66
CA ILE E 126 46.85 5.70 -27.47
C ILE E 126 47.06 6.33 -26.10
N GLY E 127 47.22 5.52 -25.06
CA GLY E 127 47.49 6.07 -23.73
C GLY E 127 48.81 6.81 -23.68
N LEU E 128 49.81 6.32 -24.41
CA LEU E 128 51.08 7.04 -24.50
C LEU E 128 50.88 8.38 -25.19
N GLU E 129 50.06 8.41 -26.24
CA GLU E 129 49.81 9.66 -26.95
C GLU E 129 49.07 10.67 -26.07
N GLU E 130 48.07 10.22 -25.32
CA GLU E 130 47.30 11.14 -24.50
C GLU E 130 48.08 11.69 -23.31
N ALA E 131 49.25 11.13 -23.01
CA ALA E 131 50.05 11.57 -21.88
C ALA E 131 51.10 12.61 -22.28
N LYS E 132 51.12 13.04 -23.53
CA LYS E 132 52.08 14.03 -24.02
C LYS E 132 51.57 15.44 -23.75
N ASP E 133 52.49 16.39 -23.82
CA ASP E 133 52.19 17.80 -23.60
C ASP E 133 51.69 18.43 -24.89
N THR E 134 50.60 19.20 -24.77
CA THR E 134 49.92 19.76 -25.93
C THR E 134 49.97 21.28 -25.92
N THR E 135 50.15 21.88 -27.11
CA THR E 135 50.19 23.34 -27.29
C THR E 135 49.05 23.78 -28.18
N GLN E 136 48.09 24.49 -27.63
CA GLN E 136 47.03 25.04 -28.45
C GLN E 136 47.41 26.46 -28.84
N THR E 137 48.22 26.62 -29.88
CA THR E 137 48.69 27.97 -30.24
C THR E 137 47.68 28.71 -31.11
N LYS E 138 46.99 29.67 -30.51
CA LYS E 138 45.95 30.39 -31.25
C LYS E 138 46.48 31.18 -32.42
N ALA E 139 47.59 31.87 -32.26
CA ALA E 139 48.15 32.69 -33.34
C ALA E 139 47.02 33.54 -33.85
N VAL E 140 46.22 34.06 -32.93
CA VAL E 140 45.09 34.87 -33.31
C VAL E 140 45.63 36.25 -33.53
N TYR E 141 46.51 36.40 -34.51
CA TYR E 141 47.12 37.68 -34.74
C TYR E 141 46.28 38.62 -35.57
N PHE E 147 44.57 42.37 -30.69
CA PHE E 147 45.61 41.99 -31.63
C PHE E 147 46.81 41.42 -30.89
N LEU E 148 46.59 40.31 -30.19
CA LEU E 148 47.61 39.59 -29.42
C LEU E 148 48.18 38.53 -30.33
N ARG E 149 49.38 38.78 -30.87
CA ARG E 149 49.86 38.07 -32.04
C ARG E 149 50.10 36.58 -31.81
N ASN E 150 50.35 36.15 -30.58
CA ASN E 150 50.89 34.81 -30.34
C ASN E 150 50.23 34.12 -29.14
N GLU E 151 48.90 34.10 -29.09
CA GLU E 151 48.21 33.58 -27.91
C GLU E 151 48.34 32.07 -27.74
N THR E 152 49.52 31.58 -27.40
CA THR E 152 49.70 30.14 -27.20
C THR E 152 49.15 29.70 -25.84
N THR E 153 49.16 28.39 -25.65
CA THR E 153 48.88 27.78 -24.35
C THR E 153 49.58 26.43 -24.29
N THR E 154 49.79 25.92 -23.09
CA THR E 154 50.34 24.59 -22.90
C THR E 154 49.47 23.85 -21.89
N THR E 155 49.39 22.53 -22.06
CA THR E 155 48.55 21.70 -21.21
C THR E 155 49.23 20.36 -20.97
N LYS E 156 49.38 20.00 -19.70
CA LYS E 156 49.95 18.70 -19.36
C LYS E 156 48.97 17.58 -19.73
N GLY E 157 49.51 16.46 -20.20
CA GLY E 157 48.68 15.35 -20.62
C GLY E 157 48.09 14.59 -19.46
N ASP E 158 47.11 13.74 -19.78
CA ASP E 158 46.44 12.91 -18.80
C ASP E 158 46.99 11.49 -18.86
N TYR E 159 47.15 10.88 -17.69
CA TYR E 159 47.76 9.55 -17.57
C TYR E 159 46.74 8.46 -17.28
N THR E 160 45.45 8.73 -17.47
CA THR E 160 44.42 7.77 -17.08
C THR E 160 44.44 6.54 -17.98
N LYS E 161 44.47 6.75 -19.30
CA LYS E 161 44.45 5.62 -20.22
C LYS E 161 45.70 4.78 -20.09
N LEU E 162 46.87 5.41 -19.92
CA LEU E 162 48.10 4.65 -19.71
C LEU E 162 48.05 3.87 -18.41
N ALA E 163 47.50 4.49 -17.35
CA ALA E 163 47.39 3.79 -16.08
C ALA E 163 46.48 2.57 -16.20
N SER E 164 45.37 2.70 -16.93
CA SER E 164 44.48 1.57 -17.13
C SER E 164 45.12 0.49 -17.99
N ALA E 165 45.96 0.88 -18.96
CA ALA E 165 46.57 -0.09 -19.85
C ALA E 165 47.60 -0.94 -19.13
N LEU E 166 48.34 -0.37 -18.18
CA LEU E 166 49.40 -1.08 -17.48
C LEU E 166 48.92 -1.72 -16.18
N SER E 167 47.63 -1.64 -15.87
CA SER E 167 47.16 -2.08 -14.57
C SER E 167 47.22 -3.60 -14.42
N SER E 168 46.95 -4.34 -15.50
CA SER E 168 46.83 -5.79 -15.44
C SER E 168 48.07 -6.52 -15.90
N ILE E 169 49.17 -5.81 -16.14
CA ILE E 169 50.36 -6.42 -16.74
C ILE E 169 51.13 -7.17 -15.66
N GLN E 170 51.44 -8.44 -15.94
CA GLN E 170 52.31 -9.25 -15.09
C GLN E 170 53.50 -9.68 -15.92
N GLY E 171 54.70 -9.43 -15.43
CA GLY E 171 55.90 -9.79 -16.14
C GLY E 171 56.42 -8.69 -17.04
N ALA E 172 57.13 -9.10 -18.08
CA ALA E 172 57.76 -8.14 -18.98
C ALA E 172 56.81 -7.73 -20.10
N ALA E 173 56.66 -6.41 -20.27
CA ALA E 173 55.94 -5.80 -21.39
C ALA E 173 56.78 -4.60 -21.84
N VAL E 174 57.60 -4.81 -22.86
CA VAL E 174 58.64 -3.87 -23.26
C VAL E 174 58.37 -3.40 -24.69
N SER E 175 58.38 -2.10 -24.90
CA SER E 175 58.10 -1.49 -26.19
C SER E 175 59.39 -1.00 -26.83
N ILE E 176 59.57 -1.32 -28.10
CA ILE E 176 60.72 -0.91 -28.90
C ILE E 176 60.21 -0.16 -30.11
N ALA E 177 60.67 1.07 -30.31
CA ALA E 177 60.29 1.89 -31.45
C ALA E 177 61.38 1.80 -32.51
N MET E 178 60.97 1.61 -33.76
CA MET E 178 61.90 1.46 -34.86
C MET E 178 61.42 2.23 -36.09
N GLY E 179 60.70 3.33 -35.88
CA GLY E 179 60.28 4.18 -36.96
C GLY E 179 58.87 3.92 -37.42
N ASP E 180 57.92 4.76 -37.00
CA ASP E 180 56.50 4.63 -37.28
C ASP E 180 56.00 3.20 -37.10
N TRP E 181 56.66 2.45 -36.21
CA TRP E 181 56.33 1.05 -35.97
C TRP E 181 56.83 0.68 -34.59
N THR E 182 55.94 0.21 -33.73
CA THR E 182 56.26 -0.16 -32.36
C THR E 182 56.09 -1.66 -32.18
N ALA E 183 57.07 -2.30 -31.55
CA ALA E 183 57.02 -3.72 -31.22
C ALA E 183 56.94 -3.87 -29.71
N LEU E 184 55.88 -4.51 -29.23
CA LEU E 184 55.65 -4.77 -27.82
C LEU E 184 55.89 -6.25 -27.54
N ILE E 185 56.84 -6.55 -26.68
CA ILE E 185 57.18 -7.93 -26.30
C ILE E 185 56.65 -8.19 -24.91
N ASN E 186 55.86 -9.25 -24.76
CA ASN E 186 55.35 -9.67 -23.47
C ASN E 186 55.84 -11.08 -23.15
N ALA E 187 56.25 -11.28 -21.90
CA ALA E 187 56.81 -12.57 -21.49
C ALA E 187 56.67 -12.71 -19.97
N VAL E 188 56.16 -13.86 -19.53
CA VAL E 188 56.00 -14.11 -18.11
C VAL E 188 55.97 -15.62 -17.86
N SER E 189 56.45 -16.03 -16.69
CA SER E 189 56.40 -17.40 -16.22
C SER E 189 55.95 -17.40 -14.77
N ASN E 190 54.95 -18.21 -14.45
CA ASN E 190 54.36 -18.25 -13.11
C ASN E 190 54.43 -19.66 -12.56
N ASP E 191 54.68 -19.77 -11.24
CA ASP E 191 54.77 -21.03 -10.54
C ASP E 191 54.14 -20.90 -9.16
N SER E 192 53.43 -21.94 -8.73
CA SER E 192 52.75 -21.91 -7.44
C SER E 192 52.68 -23.31 -6.84
N SER E 193 52.74 -23.37 -5.51
CA SER E 193 52.69 -24.63 -4.78
C SER E 193 51.93 -24.43 -3.48
N SER E 194 51.29 -25.50 -3.01
CA SER E 194 50.50 -25.46 -1.79
C SER E 194 50.49 -26.82 -1.13
N ASN E 195 50.61 -26.85 0.20
CA ASN E 195 50.74 -28.08 0.97
C ASN E 195 50.06 -27.89 2.32
N ILE E 196 48.99 -28.64 2.58
CA ILE E 196 48.16 -28.48 3.76
C ILE E 196 47.95 -29.82 4.44
N LEU E 197 48.14 -29.86 5.76
CA LEU E 197 47.86 -31.02 6.60
C LEU E 197 46.94 -30.60 7.74
N SER E 198 45.87 -31.36 7.96
CA SER E 198 44.95 -31.09 9.06
C SER E 198 44.62 -32.39 9.79
N SER E 199 44.45 -32.31 11.11
CA SER E 199 44.18 -33.47 11.94
C SER E 199 43.19 -33.15 13.06
N PRO E 200 41.90 -33.24 12.80
CA PRO E 200 40.92 -33.13 13.89
C PRO E 200 40.72 -34.46 14.60
N SER E 201 40.40 -34.39 15.89
CA SER E 201 40.23 -35.57 16.71
C SER E 201 39.16 -35.34 17.77
N ILE E 202 38.53 -36.43 18.21
CA ILE E 202 37.48 -36.35 19.22
C ILE E 202 37.37 -37.68 19.95
N THR E 203 37.00 -37.62 21.22
CA THR E 203 36.81 -38.80 22.07
C THR E 203 35.33 -38.96 22.39
N VAL E 204 34.80 -40.17 22.21
CA VAL E 204 33.40 -40.48 22.44
C VAL E 204 33.29 -41.78 23.24
N MET E 205 32.08 -42.07 23.66
CA MET E 205 31.72 -43.37 24.21
C MET E 205 31.10 -44.24 23.13
N ASP E 206 31.10 -45.54 23.37
CA ASP E 206 30.49 -46.47 22.44
C ASP E 206 29.01 -46.15 22.26
N ASN E 207 28.57 -46.13 21.00
CA ASN E 207 27.18 -45.91 20.61
C ASN E 207 26.71 -44.48 20.88
N GLY E 208 27.65 -43.54 20.99
CA GLY E 208 27.32 -42.14 21.20
C GLY E 208 27.74 -41.28 20.02
N GLU E 209 27.07 -40.15 19.85
CA GLU E 209 27.37 -39.22 18.78
C GLU E 209 28.32 -38.13 19.27
N ALA E 210 29.25 -37.73 18.41
CA ALA E 210 30.20 -36.66 18.72
C ALA E 210 30.27 -35.68 17.57
N SER E 211 30.34 -34.38 17.93
CA SER E 211 30.43 -33.29 16.97
C SER E 211 31.64 -32.45 17.28
N PHE E 212 32.34 -32.02 16.23
CA PHE E 212 33.55 -31.22 16.35
C PHE E 212 33.52 -30.17 15.25
N ILE E 213 33.69 -28.91 15.61
CA ILE E 213 33.80 -27.83 14.61
C ILE E 213 34.87 -26.85 15.06
N VAL E 214 35.75 -26.49 14.12
CA VAL E 214 36.64 -25.34 14.27
C VAL E 214 36.41 -24.46 13.05
N GLY E 215 35.85 -23.27 13.26
CA GLY E 215 35.51 -22.44 12.13
C GLY E 215 34.77 -21.15 12.44
N GLU E 216 33.68 -20.93 11.72
CA GLU E 216 32.99 -19.66 11.70
C GLU E 216 31.49 -19.89 11.51
N GLU E 217 30.70 -18.93 11.99
CA GLU E 217 29.26 -18.91 11.78
C GLU E 217 28.91 -17.69 10.94
N VAL E 218 28.35 -17.91 9.76
CA VAL E 218 28.19 -16.89 8.73
C VAL E 218 26.72 -16.74 8.42
N PRO E 219 26.19 -15.52 8.35
CA PRO E 219 24.80 -15.33 7.91
C PRO E 219 24.66 -15.37 6.40
N VAL E 220 23.57 -15.95 5.93
CA VAL E 220 23.26 -16.05 4.51
C VAL E 220 21.81 -15.70 4.29
N ILE E 221 21.49 -15.30 3.06
CA ILE E 221 20.16 -14.87 2.67
C ILE E 221 19.35 -16.08 2.23
N THR E 222 18.12 -16.19 2.74
CA THR E 222 17.20 -17.26 2.40
C THR E 222 15.83 -16.68 2.04
N GLY E 223 15.82 -15.70 1.16
CA GLY E 223 14.59 -14.98 0.86
C GLY E 223 14.64 -13.49 1.09
N SER E 224 15.81 -12.89 0.83
CA SER E 224 16.06 -11.43 0.92
C SER E 224 14.83 -10.54 0.79
N ASP E 231 18.27 -1.21 0.88
CA ASP E 231 17.59 -1.66 2.10
C ASP E 231 16.76 -2.91 1.82
N ASN E 232 16.06 -3.40 2.85
CA ASN E 232 15.24 -4.59 2.70
C ASN E 232 14.23 -4.65 3.85
N PRO E 233 12.95 -4.92 3.57
CA PRO E 233 11.97 -5.02 4.65
C PRO E 233 12.06 -6.33 5.43
N PHE E 234 12.34 -7.44 4.75
CA PHE E 234 12.53 -8.72 5.41
C PHE E 234 13.47 -9.57 4.58
N GLN E 235 14.59 -9.98 5.17
CA GLN E 235 15.67 -10.63 4.46
C GLN E 235 15.65 -12.15 4.57
N THR E 236 15.02 -12.71 5.61
CA THR E 236 15.02 -14.14 5.88
C THR E 236 16.44 -14.70 5.95
N VAL E 237 17.19 -14.22 6.95
CA VAL E 237 18.59 -14.57 7.13
C VAL E 237 18.70 -15.80 8.01
N ASP E 238 19.61 -16.70 7.64
CA ASP E 238 19.91 -17.89 8.42
C ASP E 238 21.42 -18.02 8.61
N ARG E 239 21.84 -18.47 9.78
CA ARG E 239 23.26 -18.55 10.10
C ARG E 239 23.75 -19.99 9.98
N LYS E 240 24.81 -20.17 9.20
CA LYS E 240 25.35 -21.48 8.87
C LYS E 240 26.77 -21.61 9.41
N GLU E 241 27.29 -22.83 9.40
CA GLU E 241 28.59 -23.14 9.97
C GLU E 241 29.56 -23.52 8.85
N VAL E 242 30.77 -22.96 8.90
CA VAL E 242 31.84 -23.30 7.97
C VAL E 242 33.09 -23.59 8.80
N GLY E 243 33.98 -24.39 8.26
CA GLY E 243 35.19 -24.73 8.96
C GLY E 243 35.60 -26.17 8.76
N ILE E 244 36.31 -26.72 9.74
CA ILE E 244 36.61 -28.14 9.80
C ILE E 244 35.59 -28.78 10.72
N LYS E 245 34.80 -29.72 10.18
CA LYS E 245 33.69 -30.33 10.88
C LYS E 245 33.80 -31.85 10.81
N LEU E 246 33.54 -32.49 11.96
CA LEU E 246 33.56 -33.93 12.08
C LEU E 246 32.39 -34.38 12.95
N LYS E 247 31.46 -35.13 12.38
CA LYS E 247 30.39 -35.77 13.11
C LYS E 247 30.58 -37.29 13.02
N VAL E 248 30.64 -37.95 14.17
CA VAL E 248 30.95 -39.37 14.19
C VAL E 248 30.05 -40.11 15.17
N VAL E 249 29.61 -41.30 14.76
CA VAL E 249 28.98 -42.25 15.67
C VAL E 249 29.73 -43.58 15.57
N PRO E 250 30.40 -44.01 16.64
CA PRO E 250 31.08 -45.30 16.63
C PRO E 250 30.23 -46.43 17.22
N GLN E 251 30.59 -47.66 16.82
CA GLN E 251 30.00 -48.86 17.36
C GLN E 251 31.10 -49.92 17.43
N ILE E 252 31.54 -50.25 18.64
CA ILE E 252 32.55 -51.27 18.82
C ILE E 252 31.87 -52.63 18.82
N ASN E 253 32.40 -53.56 18.05
CA ASN E 253 32.01 -54.95 18.20
C ASN E 253 32.48 -55.46 19.55
N GLU E 254 32.18 -56.72 19.86
CA GLU E 254 32.61 -57.27 21.13
C GLU E 254 34.13 -57.38 21.22
N GLY E 255 34.85 -57.23 20.11
CA GLY E 255 36.28 -57.38 20.10
C GLY E 255 37.05 -56.12 19.74
N ASN E 256 37.76 -56.15 18.60
CA ASN E 256 38.70 -55.09 18.26
C ASN E 256 38.42 -54.44 16.92
N SER E 257 37.16 -54.17 16.61
CA SER E 257 36.78 -53.48 15.39
C SER E 257 35.73 -52.42 15.70
N VAL E 258 35.82 -51.31 14.98
CA VAL E 258 34.90 -50.19 15.17
C VAL E 258 34.21 -49.89 13.84
N GLN E 259 32.89 -49.87 13.87
CA GLN E 259 32.07 -49.42 12.76
C GLN E 259 31.76 -47.95 12.96
N LEU E 260 32.09 -47.12 11.98
CA LEU E 260 31.98 -45.68 12.10
C LEU E 260 30.99 -45.13 11.08
N ASN E 261 30.07 -44.29 11.55
CA ASN E 261 29.26 -43.44 10.68
C ASN E 261 29.85 -42.04 10.75
N ILE E 262 30.31 -41.53 9.59
CA ILE E 262 31.14 -40.33 9.54
C ILE E 262 30.55 -39.31 8.57
N GLU E 263 30.52 -38.06 9.02
CA GLU E 263 30.34 -36.89 8.15
C GLU E 263 31.52 -35.96 8.39
N GLN E 264 32.35 -35.78 7.36
CA GLN E 264 33.56 -34.96 7.45
C GLN E 264 33.50 -33.84 6.43
N GLU E 265 33.90 -32.64 6.83
CA GLU E 265 33.78 -31.48 5.95
C GLU E 265 34.88 -30.47 6.21
N VAL E 266 35.40 -29.90 5.13
CA VAL E 266 36.27 -28.72 5.16
C VAL E 266 35.65 -27.67 4.26
N SER E 267 35.31 -26.51 4.81
CA SER E 267 34.62 -25.48 4.05
C SER E 267 35.05 -24.10 4.51
N ASN E 268 35.19 -23.18 3.57
CA ASN E 268 35.50 -21.79 3.87
C ASN E 268 34.62 -20.86 3.03
N VAL E 269 34.72 -19.56 3.30
CA VAL E 269 33.90 -18.55 2.64
C VAL E 269 34.69 -17.93 1.50
N LEU E 270 34.09 -17.88 0.32
CA LEU E 270 34.61 -17.18 -0.84
C LEU E 270 33.65 -16.05 -1.19
N GLY E 271 34.21 -14.92 -1.59
CA GLY E 271 33.39 -13.79 -1.97
C GLY E 271 32.62 -14.05 -3.25
N ALA E 272 31.42 -13.50 -3.33
CA ALA E 272 30.61 -13.64 -4.52
C ALA E 272 31.20 -12.84 -5.67
N ASN E 273 31.37 -13.48 -6.82
CA ASN E 273 31.83 -12.77 -8.02
C ASN E 273 30.68 -12.32 -8.89
N GLY E 274 29.62 -13.12 -9.01
CA GLY E 274 28.44 -12.68 -9.72
C GLY E 274 27.16 -13.19 -9.09
N ALA E 275 27.26 -13.72 -7.87
CA ALA E 275 26.14 -14.31 -7.17
C ALA E 275 25.47 -13.29 -6.28
N VAL E 276 24.26 -13.61 -5.84
CA VAL E 276 23.49 -12.71 -4.98
C VAL E 276 24.12 -12.61 -3.60
N ASP E 277 24.72 -13.71 -3.12
CA ASP E 277 25.29 -13.75 -1.78
C ASP E 277 26.62 -14.48 -1.83
N VAL E 278 27.29 -14.54 -0.67
CA VAL E 278 28.62 -15.15 -0.60
C VAL E 278 28.54 -16.64 -0.91
N ARG E 279 29.67 -17.19 -1.33
CA ARG E 279 29.78 -18.60 -1.68
C ARG E 279 30.62 -19.33 -0.64
N PHE E 280 30.48 -20.65 -0.62
CA PHE E 280 31.26 -21.51 0.28
C PHE E 280 32.05 -22.50 -0.57
N ALA E 281 33.37 -22.52 -0.38
CA ALA E 281 34.17 -23.62 -0.85
C ALA E 281 33.95 -24.82 0.09
N LYS E 282 33.66 -25.98 -0.49
CA LYS E 282 33.15 -27.11 0.27
C LYS E 282 33.78 -28.42 -0.19
N ARG E 283 34.25 -29.22 0.77
CA ARG E 283 34.70 -30.59 0.52
C ARG E 283 34.09 -31.47 1.60
N GLN E 284 33.25 -32.42 1.20
CA GLN E 284 32.47 -33.20 2.16
C GLN E 284 32.49 -34.68 1.81
N LEU E 285 32.66 -35.52 2.84
CA LEU E 285 32.57 -36.98 2.72
C LEU E 285 31.57 -37.48 3.75
N ASN E 286 30.56 -38.22 3.29
CA ASN E 286 29.57 -38.86 4.16
C ASN E 286 29.58 -40.35 3.87
N THR E 287 29.84 -41.16 4.89
CA THR E 287 29.97 -42.59 4.66
C THR E 287 29.89 -43.36 5.98
N SER E 288 30.01 -44.68 5.87
CA SER E 288 30.09 -45.58 7.01
C SER E 288 31.06 -46.71 6.67
N VAL E 289 31.99 -46.99 7.58
CA VAL E 289 33.09 -47.93 7.32
C VAL E 289 33.34 -48.80 8.55
N MET E 290 34.24 -49.76 8.38
CA MET E 290 34.72 -50.62 9.46
C MET E 290 36.24 -50.51 9.51
N VAL E 291 36.79 -50.25 10.70
CA VAL E 291 38.24 -50.14 10.87
C VAL E 291 38.65 -51.02 12.04
N GLN E 292 39.91 -51.42 12.05
CA GLN E 292 40.45 -52.17 13.17
C GLN E 292 40.79 -51.24 14.33
N ASP E 293 41.28 -51.84 15.41
CA ASP E 293 41.42 -51.10 16.68
C ASP E 293 42.36 -49.92 16.56
N GLY E 294 43.55 -50.14 16.00
CA GLY E 294 44.52 -49.06 15.92
C GLY E 294 45.12 -48.88 14.55
N GLN E 295 44.35 -49.19 13.51
CA GLN E 295 44.82 -49.13 12.14
C GLN E 295 44.19 -47.96 11.41
N MET E 296 44.74 -47.64 10.25
CA MET E 296 44.29 -46.52 9.45
C MET E 296 43.60 -47.01 8.18
N LEU E 297 42.53 -46.32 7.80
CA LEU E 297 41.78 -46.63 6.59
C LEU E 297 41.62 -45.35 5.78
N VAL E 298 41.68 -45.47 4.46
CA VAL E 298 41.48 -44.34 3.57
C VAL E 298 39.99 -44.22 3.27
N LEU E 299 39.46 -43.00 3.43
CA LEU E 299 38.03 -42.75 3.21
C LEU E 299 37.72 -42.26 1.81
N GLY E 300 38.59 -41.43 1.24
CA GLY E 300 38.33 -40.89 -0.08
C GLY E 300 39.42 -39.91 -0.47
N GLY E 301 39.32 -39.44 -1.71
CA GLY E 301 40.32 -38.54 -2.24
C GLY E 301 40.00 -38.14 -3.66
N LEU E 302 40.92 -37.36 -4.23
CA LEU E 302 40.76 -36.79 -5.56
C LEU E 302 42.13 -36.56 -6.18
N ILE E 303 42.30 -37.01 -7.42
CA ILE E 303 43.47 -36.70 -8.22
C ILE E 303 43.00 -35.92 -9.44
N ASP E 304 43.53 -34.71 -9.62
CA ASP E 304 43.13 -33.84 -10.72
C ASP E 304 44.36 -33.36 -11.47
N GLU E 305 44.33 -33.45 -12.80
CA GLU E 305 45.37 -32.93 -13.67
C GLU E 305 44.72 -32.11 -14.78
N ARG E 306 45.41 -31.06 -15.22
CA ARG E 306 44.84 -30.17 -16.22
C ARG E 306 45.96 -29.52 -17.01
N ALA E 307 45.85 -29.56 -18.34
CA ALA E 307 46.79 -28.90 -19.24
C ALA E 307 46.03 -28.07 -20.26
N LEU E 308 46.46 -26.83 -20.46
CA LEU E 308 45.84 -25.91 -21.39
C LEU E 308 46.90 -25.29 -22.30
N GLU E 309 46.59 -25.20 -23.59
CA GLU E 309 47.46 -24.60 -24.59
C GLU E 309 46.66 -23.63 -25.45
N SER E 310 47.31 -22.57 -25.91
CA SER E 310 46.66 -21.60 -26.78
C SER E 310 47.70 -20.89 -27.62
N GLU E 311 47.33 -20.61 -28.87
CA GLU E 311 48.21 -19.95 -29.82
C GLU E 311 47.42 -19.08 -30.77
N SER E 312 47.93 -17.88 -31.05
CA SER E 312 47.41 -17.02 -32.10
C SER E 312 48.59 -16.50 -32.91
N LYS E 313 48.50 -16.63 -34.24
CA LYS E 313 49.64 -16.28 -35.09
C LYS E 313 49.16 -15.74 -36.43
N VAL E 314 50.08 -15.09 -37.12
CA VAL E 314 49.85 -14.70 -38.51
C VAL E 314 50.03 -15.93 -39.39
N PRO E 315 49.08 -16.22 -40.29
CA PRO E 315 49.03 -17.55 -40.94
C PRO E 315 50.35 -18.09 -41.50
N LEU E 316 50.98 -17.37 -42.42
CA LEU E 316 52.17 -17.92 -43.06
C LEU E 316 53.47 -17.39 -42.46
N LEU E 317 53.46 -16.19 -41.89
CA LEU E 317 54.66 -15.61 -41.31
C LEU E 317 55.05 -16.25 -39.99
N GLY E 318 54.10 -16.85 -39.28
CA GLY E 318 54.33 -17.43 -37.98
C GLY E 318 54.90 -18.83 -37.99
N ASP E 319 55.25 -19.35 -39.17
CA ASP E 319 55.85 -20.67 -39.29
C ASP E 319 57.27 -20.61 -39.84
N ILE E 320 57.82 -19.41 -40.02
CA ILE E 320 59.21 -19.27 -40.46
C ILE E 320 60.13 -19.87 -39.40
N PRO E 321 61.17 -20.61 -39.78
CA PRO E 321 61.94 -21.36 -38.77
C PRO E 321 62.52 -20.52 -37.65
N LEU E 322 62.92 -19.29 -37.92
CA LEU E 322 63.54 -18.47 -36.88
C LEU E 322 62.81 -17.15 -36.63
N LEU E 323 62.36 -16.47 -37.67
CA LEU E 323 61.74 -15.16 -37.53
C LEU E 323 60.26 -15.23 -37.20
N GLY E 324 59.69 -16.43 -37.06
CA GLY E 324 58.27 -16.57 -36.81
C GLY E 324 57.82 -16.16 -35.41
N GLN E 325 58.73 -16.18 -34.44
CA GLN E 325 58.36 -15.80 -33.08
C GLN E 325 57.91 -14.35 -33.01
N LEU E 326 58.31 -13.52 -33.96
CA LEU E 326 57.86 -12.13 -34.00
C LEU E 326 56.41 -12.00 -34.40
N PHE E 327 55.75 -13.08 -34.81
CA PHE E 327 54.37 -13.04 -35.26
C PHE E 327 53.53 -14.11 -34.57
N ARG E 328 53.72 -14.30 -33.28
CA ARG E 328 53.05 -15.36 -32.53
C ARG E 328 52.70 -14.86 -31.13
N SER E 329 51.72 -15.53 -30.53
CA SER E 329 51.37 -15.32 -29.12
C SER E 329 50.94 -16.67 -28.55
N THR E 330 51.65 -17.15 -27.54
CA THR E 330 51.48 -18.48 -26.99
C THR E 330 51.25 -18.41 -25.50
N SER E 331 50.33 -19.27 -25.02
CA SER E 331 50.05 -19.42 -23.59
C SER E 331 49.95 -20.90 -23.26
N SER E 332 50.57 -21.30 -22.15
CA SER E 332 50.49 -22.68 -21.67
C SER E 332 50.31 -22.71 -20.16
N GLN E 333 49.56 -23.69 -19.68
CA GLN E 333 49.22 -23.81 -18.27
C GLN E 333 49.09 -25.28 -17.87
N VAL E 334 49.58 -25.61 -16.67
CA VAL E 334 49.48 -26.94 -16.08
C VAL E 334 49.08 -26.80 -14.63
N GLU E 335 48.14 -27.62 -14.18
CA GLU E 335 47.66 -27.61 -12.80
C GLU E 335 47.47 -29.04 -12.31
N LYS E 336 47.91 -29.29 -11.08
CA LYS E 336 47.80 -30.60 -10.45
C LYS E 336 47.27 -30.45 -9.04
N LYS E 337 46.39 -31.36 -8.63
CA LYS E 337 45.73 -31.31 -7.33
C LYS E 337 45.60 -32.73 -6.78
N ASN E 338 45.92 -32.89 -5.49
CA ASN E 338 45.85 -34.17 -4.81
C ASN E 338 45.22 -33.97 -3.44
N LEU E 339 44.12 -34.65 -3.18
CA LEU E 339 43.42 -34.56 -1.91
C LEU E 339 43.17 -35.95 -1.36
N MET E 340 43.36 -36.14 -0.07
CA MET E 340 43.16 -37.45 0.54
C MET E 340 42.70 -37.31 1.98
N VAL E 341 41.83 -38.23 2.41
CA VAL E 341 41.29 -38.25 3.77
C VAL E 341 41.48 -39.63 4.36
N PHE E 342 42.05 -39.69 5.57
CA PHE E 342 42.24 -40.92 6.33
C PHE E 342 41.55 -40.79 7.68
N ILE E 343 41.20 -41.93 8.26
CA ILE E 343 40.60 -41.98 9.60
C ILE E 343 41.25 -43.09 10.40
N LYS E 344 41.24 -42.93 11.72
CA LYS E 344 41.86 -43.90 12.61
C LYS E 344 41.18 -43.91 13.97
N PRO E 345 40.65 -45.06 14.40
CA PRO E 345 40.11 -45.18 15.75
C PRO E 345 41.13 -45.75 16.73
N THR E 346 40.79 -45.64 18.01
CA THR E 346 41.58 -46.25 19.07
C THR E 346 40.67 -46.51 20.25
N ILE E 347 40.61 -47.76 20.71
CA ILE E 347 39.71 -48.14 21.79
C ILE E 347 40.39 -47.93 23.13
N ILE E 348 39.72 -47.19 24.02
CA ILE E 348 40.14 -47.01 25.40
C ILE E 348 39.17 -47.79 26.28
N ARG E 349 39.68 -48.78 26.99
CA ARG E 349 38.87 -49.60 27.89
C ARG E 349 39.18 -49.41 29.35
N ASP E 350 40.40 -49.03 29.70
CA ASP E 350 40.79 -48.84 31.09
C ASP E 350 41.40 -47.46 31.28
N GLY E 351 41.70 -47.14 32.54
CA GLY E 351 42.24 -45.82 32.85
C GLY E 351 43.68 -45.63 32.45
N VAL E 352 44.44 -46.72 32.37
CA VAL E 352 45.87 -46.60 32.05
C VAL E 352 46.06 -46.17 30.60
N THR E 353 45.24 -46.67 29.68
CA THR E 353 45.34 -46.28 28.28
C THR E 353 45.00 -44.82 28.09
N ALA E 354 43.91 -44.37 28.72
CA ALA E 354 43.51 -42.97 28.63
C ALA E 354 44.58 -42.07 29.24
N ASP E 355 45.16 -42.48 30.37
CA ASP E 355 46.22 -41.71 30.99
C ASP E 355 47.43 -41.61 30.06
N GLY E 356 47.79 -42.70 29.38
CA GLY E 356 48.91 -42.64 28.46
C GLY E 356 48.68 -41.69 27.30
N ILE E 357 47.50 -41.77 26.69
CA ILE E 357 47.19 -40.88 25.56
C ILE E 357 47.20 -39.42 26.01
N THR E 358 46.54 -39.15 27.14
CA THR E 358 46.47 -37.78 27.65
C THR E 358 47.85 -37.26 28.00
N GLN E 359 48.69 -38.11 28.61
CA GLN E 359 50.04 -37.69 28.96
C GLN E 359 50.85 -37.38 27.72
N ARG E 360 50.71 -38.17 26.66
CA ARG E 360 51.42 -37.90 25.42
C ARG E 360 51.06 -36.53 24.87
N LYS E 361 49.76 -36.26 24.72
CA LYS E 361 49.35 -34.98 24.14
C LYS E 361 49.74 -33.80 25.03
N TYR E 362 49.53 -33.95 26.34
CA TYR E 362 49.88 -32.90 27.29
C TYR E 362 51.37 -32.59 27.25
N ASN E 363 52.20 -33.62 27.25
CA ASN E 363 53.64 -33.41 27.26
C ASN E 363 54.11 -32.78 25.95
N TYR E 364 53.48 -33.14 24.83
CA TYR E 364 53.80 -32.47 23.57
C TYR E 364 53.54 -30.96 23.67
N ILE E 365 52.34 -30.59 24.10
CA ILE E 365 52.01 -29.17 24.20
C ILE E 365 52.95 -28.47 25.18
N ARG E 366 53.23 -29.10 26.31
CA ARG E 366 54.06 -28.48 27.33
C ARG E 366 55.51 -28.33 26.85
N ALA E 367 56.01 -29.28 26.06
CA ALA E 367 57.35 -29.16 25.52
C ALA E 367 57.44 -27.99 24.55
N GLU E 368 56.42 -27.82 23.71
CA GLU E 368 56.41 -26.63 22.85
C GLU E 368 56.41 -25.35 23.67
N GLN E 369 55.61 -25.31 24.75
CA GLN E 369 55.55 -24.11 25.58
C GLN E 369 56.88 -23.84 26.27
N LEU E 370 57.54 -24.89 26.76
CA LEU E 370 58.83 -24.70 27.43
C LEU E 370 59.88 -24.20 26.45
N PHE E 371 59.88 -24.72 25.22
CA PHE E 371 60.80 -24.20 24.22
C PHE E 371 60.53 -22.73 23.93
N ARG E 372 59.26 -22.36 23.81
CA ARG E 372 58.94 -20.94 23.61
C ARG E 372 59.36 -20.09 24.80
N ALA E 373 59.34 -20.66 26.00
CA ALA E 373 59.75 -19.92 27.19
C ALA E 373 61.27 -19.77 27.27
N GLU E 374 62.02 -20.69 26.64
CA GLU E 374 63.47 -20.51 26.58
C GLU E 374 63.85 -19.26 25.79
N LYS E 375 63.20 -19.06 24.63
CA LYS E 375 63.37 -17.83 23.85
C LYS E 375 62.18 -16.93 24.15
N GLY E 376 62.29 -16.19 25.25
CA GLY E 376 61.17 -15.45 25.79
C GLY E 376 60.74 -14.29 24.91
N LEU E 377 59.92 -13.43 25.51
CA LEU E 377 59.37 -12.29 24.79
C LEU E 377 60.47 -11.33 24.37
N ARG E 378 60.28 -10.71 23.21
CA ARG E 378 61.36 -9.93 22.60
C ARG E 378 61.74 -8.72 23.46
N LEU E 379 60.74 -7.98 23.95
CA LEU E 379 61.01 -6.79 24.73
C LEU E 379 60.20 -6.76 26.03
N LEU E 380 59.94 -7.93 26.62
CA LEU E 380 59.22 -8.03 27.87
C LEU E 380 59.87 -9.10 28.72
N ASP E 381 59.22 -9.45 29.83
CA ASP E 381 59.73 -10.49 30.71
C ASP E 381 59.63 -11.86 30.05
N ASP E 382 60.66 -12.68 30.25
CA ASP E 382 60.69 -14.02 29.68
C ASP E 382 59.85 -15.02 30.48
N ALA E 383 59.43 -14.67 31.69
CA ALA E 383 58.63 -15.54 32.52
C ALA E 383 57.13 -15.32 32.36
N SER E 384 56.72 -14.36 31.53
CA SER E 384 55.31 -14.10 31.30
C SER E 384 54.70 -15.05 30.28
N VAL E 385 55.50 -15.89 29.64
CA VAL E 385 54.98 -16.85 28.66
C VAL E 385 54.17 -17.92 29.39
N PRO E 386 52.95 -18.22 28.95
CA PRO E 386 52.17 -19.28 29.62
C PRO E 386 52.79 -20.65 29.37
N VAL E 387 53.04 -21.37 30.46
CA VAL E 387 53.59 -22.72 30.41
C VAL E 387 52.74 -23.61 31.31
N LEU E 388 52.35 -24.77 30.78
CA LEU E 388 51.54 -25.69 31.55
C LEU E 388 52.32 -26.25 32.73
N PRO E 389 51.64 -26.54 33.84
CA PRO E 389 52.32 -27.22 34.96
C PRO E 389 52.66 -28.65 34.59
N LYS E 390 53.45 -29.28 35.46
CA LYS E 390 53.78 -30.68 35.27
C LYS E 390 52.51 -31.52 35.37
N PHE E 391 52.52 -32.67 34.71
CA PHE E 391 51.33 -33.51 34.60
C PHE E 391 50.80 -33.88 35.99
N GLY E 392 49.62 -33.37 36.33
CA GLY E 392 49.06 -33.60 37.64
C GLY E 392 49.72 -32.84 38.76
N ASP E 393 49.92 -31.53 38.61
CA ASP E 393 50.62 -30.76 39.61
C ASP E 393 49.86 -29.49 40.02
N ASP E 394 48.93 -29.04 39.17
CA ASP E 394 48.10 -27.87 39.44
C ASP E 394 48.91 -26.57 39.49
N ARG E 395 48.21 -25.44 39.52
CA ARG E 395 48.84 -24.15 39.34
C ARG E 395 49.76 -23.80 40.51
N ARG E 396 50.76 -22.98 40.22
CA ARG E 396 51.68 -22.45 41.21
C ARG E 396 51.91 -20.97 40.94
N HIS E 397 52.31 -20.24 41.97
CA HIS E 397 52.57 -18.81 41.84
C HIS E 397 53.83 -18.56 41.03
N SER E 398 53.95 -17.34 40.50
CA SER E 398 55.16 -16.92 39.83
C SER E 398 56.27 -16.71 40.86
N PRO E 399 57.54 -16.74 40.42
CA PRO E 399 58.64 -16.66 41.41
C PRO E 399 58.61 -15.41 42.27
N GLU E 400 58.16 -14.28 41.75
CA GLU E 400 58.10 -13.06 42.57
C GLU E 400 57.09 -13.21 43.69
N ILE E 401 55.89 -13.70 43.38
CA ILE E 401 54.88 -13.92 44.42
C ILE E 401 55.34 -15.00 45.39
N GLN E 402 56.04 -16.02 44.87
CA GLN E 402 56.55 -17.08 45.75
C GLN E 402 57.56 -16.52 46.74
N ALA E 403 58.47 -15.67 46.29
CA ALA E 403 59.43 -15.04 47.19
C ALA E 403 58.73 -14.13 48.18
N PHE E 404 57.71 -13.39 47.72
CA PHE E 404 56.97 -12.51 48.62
C PHE E 404 56.26 -13.29 49.71
N ILE E 405 55.68 -14.44 49.37
CA ILE E 405 54.98 -15.24 50.37
C ILE E 405 55.96 -15.98 51.26
N GLU E 406 57.16 -16.28 50.76
CA GLU E 406 58.17 -16.90 51.61
C GLU E 406 58.72 -15.91 52.63
N GLN E 407 58.92 -14.66 52.22
CA GLN E 407 59.37 -13.63 53.15
C GLN E 407 58.33 -13.37 54.23
N MET E 408 57.06 -13.34 53.85
CA MET E 408 55.97 -13.11 54.80
C MET E 408 55.73 -14.35 55.65
N GLY F 2 15.06 -69.96 32.18
CA GLY F 2 15.63 -68.97 31.30
C GLY F 2 14.58 -68.33 30.41
N ASN F 3 13.57 -67.73 31.04
CA ASN F 3 12.50 -67.07 30.28
C ASN F 3 12.93 -65.73 29.71
N ASN F 4 14.02 -65.14 30.20
CA ASN F 4 14.51 -63.86 29.71
C ASN F 4 15.97 -63.98 29.33
N ARG F 5 16.35 -63.33 28.23
CA ARG F 5 17.73 -63.26 27.80
C ARG F 5 18.06 -61.84 27.39
N VAL F 6 19.33 -61.48 27.55
CA VAL F 6 19.88 -60.21 27.06
C VAL F 6 21.00 -60.56 26.08
N VAL F 7 20.87 -60.12 24.84
CA VAL F 7 21.81 -60.44 23.78
C VAL F 7 22.56 -59.17 23.39
N TYR F 8 23.88 -59.24 23.42
CA TYR F 8 24.73 -58.14 22.97
C TYR F 8 25.08 -58.35 21.51
N LEU F 9 24.73 -57.38 20.68
CA LEU F 9 24.94 -57.49 19.24
C LEU F 9 26.32 -56.97 18.86
N LYS F 10 26.95 -57.68 17.92
CA LYS F 10 28.28 -57.32 17.46
C LYS F 10 28.24 -56.35 16.29
N TYR F 11 27.44 -56.64 15.27
CA TYR F 11 27.47 -55.88 14.02
C TYR F 11 26.16 -55.20 13.66
N ALA F 12 25.04 -55.66 14.18
CA ALA F 12 23.75 -55.09 13.82
C ALA F 12 23.31 -54.04 14.83
N LYS F 13 22.22 -53.36 14.50
CA LYS F 13 21.60 -52.37 15.37
C LYS F 13 20.29 -52.94 15.91
N ALA F 14 20.12 -52.85 17.23
CA ALA F 14 18.99 -53.52 17.89
C ALA F 14 17.65 -52.94 17.44
N GLU F 15 17.58 -51.62 17.30
CA GLU F 15 16.36 -50.98 16.84
C GLU F 15 15.94 -51.52 15.47
N ASP F 16 16.90 -51.86 14.62
CA ASP F 16 16.59 -52.47 13.34
C ASP F 16 16.00 -53.88 13.51
N LEU F 17 16.60 -54.68 14.39
CA LEU F 17 16.17 -56.06 14.54
C LEU F 17 14.84 -56.21 15.28
N VAL F 18 14.42 -55.19 16.04
CA VAL F 18 13.16 -55.29 16.77
C VAL F 18 12.00 -55.48 15.79
N GLU F 19 11.96 -54.66 14.73
CA GLU F 19 10.87 -54.75 13.76
C GLU F 19 10.88 -56.11 13.06
N VAL F 20 12.06 -56.60 12.69
CA VAL F 20 12.14 -57.87 12.00
C VAL F 20 11.67 -59.01 12.91
N LEU F 21 12.10 -59.00 14.17
CA LEU F 21 11.79 -60.12 15.06
C LEU F 21 10.40 -60.05 15.67
N LYS F 22 9.70 -58.93 15.57
CA LYS F 22 8.33 -58.86 16.09
C LYS F 22 7.44 -59.91 15.42
N GLY F 23 7.53 -60.05 14.10
CA GLY F 23 6.72 -61.03 13.41
C GLY F 23 7.08 -62.46 13.75
N VAL F 24 8.39 -62.77 13.81
CA VAL F 24 8.83 -64.13 14.11
C VAL F 24 8.43 -64.52 15.53
N SER F 25 8.57 -63.61 16.48
CA SER F 25 8.24 -63.92 17.86
C SER F 25 6.76 -64.25 18.02
N GLU F 26 5.88 -63.50 17.34
CA GLU F 26 4.46 -63.75 17.40
C GLU F 26 4.07 -64.93 16.52
N VAL F 45 5.43 -63.07 24.11
CA VAL F 45 6.73 -62.80 23.52
C VAL F 45 6.97 -61.29 23.43
N MET F 46 8.02 -60.80 24.09
CA MET F 46 8.33 -59.39 24.06
C MET F 46 9.78 -59.18 23.65
N ILE F 47 9.99 -58.16 22.82
CA ILE F 47 11.30 -57.77 22.29
C ILE F 47 11.51 -56.31 22.60
N ALA F 48 12.64 -55.98 23.20
CA ALA F 48 12.97 -54.58 23.48
C ALA F 48 14.42 -54.32 23.11
N ALA F 49 14.74 -53.06 22.83
CA ALA F 49 16.08 -52.65 22.44
C ALA F 49 16.61 -51.61 23.42
N HIS F 50 17.83 -51.81 23.89
CA HIS F 50 18.56 -50.81 24.65
C HIS F 50 19.65 -50.26 23.73
N ALA F 51 19.51 -48.99 23.35
CA ALA F 51 20.37 -48.40 22.33
C ALA F 51 21.76 -48.08 22.86
N ASP F 52 21.88 -47.69 24.14
CA ASP F 52 23.16 -47.24 24.66
C ASP F 52 24.16 -48.39 24.72
N THR F 53 23.71 -49.59 25.05
CA THR F 53 24.57 -50.77 25.05
C THR F 53 24.38 -51.63 23.81
N ASN F 54 23.49 -51.25 22.90
CA ASN F 54 23.18 -52.01 21.69
C ASN F 54 22.81 -53.45 22.03
N SER F 55 21.77 -53.60 22.83
CA SER F 55 21.37 -54.91 23.34
C SER F 55 19.90 -55.17 23.06
N LEU F 56 19.57 -56.45 22.93
CA LEU F 56 18.19 -56.90 22.81
C LEU F 56 17.77 -57.62 24.08
N VAL F 57 16.62 -57.24 24.63
CA VAL F 57 16.03 -57.93 25.77
C VAL F 57 14.85 -58.74 25.24
N LEU F 58 14.92 -60.05 25.42
CA LEU F 58 13.97 -60.97 24.83
C LEU F 58 13.31 -61.78 25.94
N THR F 59 11.98 -61.87 25.91
CA THR F 59 11.26 -62.76 26.82
C THR F 59 10.27 -63.60 26.02
N ALA F 60 10.36 -64.92 26.18
CA ALA F 60 9.60 -65.88 25.40
C ALA F 60 9.84 -67.27 25.97
N PRO F 61 8.95 -68.24 25.69
CA PRO F 61 9.23 -69.63 26.07
C PRO F 61 10.42 -70.24 25.33
N GLN F 62 10.78 -71.47 25.68
CA GLN F 62 12.05 -72.04 25.25
C GLN F 62 12.15 -72.18 23.73
N ASP F 63 11.09 -72.68 23.09
CA ASP F 63 11.17 -72.97 21.66
C ASP F 63 11.27 -71.68 20.84
N ILE F 64 10.38 -70.72 21.11
CA ILE F 64 10.46 -69.43 20.44
C ILE F 64 11.79 -68.76 20.74
N MET F 65 12.29 -68.92 21.97
CA MET F 65 13.57 -68.35 22.34
C MET F 65 14.69 -68.91 21.47
N ASN F 66 14.73 -70.23 21.30
CA ASN F 66 15.80 -70.84 20.51
C ASN F 66 15.70 -70.42 19.05
N ALA F 67 14.48 -70.38 18.50
CA ALA F 67 14.30 -69.95 17.12
C ALA F 67 14.78 -68.51 16.92
N MET F 68 14.39 -67.62 17.84
CA MET F 68 14.78 -66.22 17.75
C MET F 68 16.28 -66.06 17.88
N LEU F 69 16.91 -66.84 18.75
CA LEU F 69 18.36 -66.77 18.89
C LEU F 69 19.06 -67.22 17.61
N GLU F 70 18.54 -68.26 16.97
CA GLU F 70 19.12 -68.68 15.69
C GLU F 70 18.98 -67.59 14.63
N VAL F 71 17.81 -66.95 14.56
CA VAL F 71 17.61 -65.88 13.58
C VAL F 71 18.55 -64.71 13.86
N ILE F 72 18.69 -64.32 15.12
CA ILE F 72 19.60 -63.23 15.48
C ILE F 72 21.03 -63.58 15.10
N GLY F 73 21.45 -64.80 15.41
CA GLY F 73 22.80 -65.22 15.05
C GLY F 73 23.04 -65.20 13.56
N GLN F 74 22.01 -65.50 12.77
CA GLN F 74 22.17 -65.46 11.32
C GLN F 74 22.18 -64.04 10.77
N LEU F 75 21.45 -63.11 11.39
CA LEU F 75 21.43 -61.73 10.90
C LEU F 75 22.53 -60.85 11.48
N ASP F 76 23.23 -61.30 12.52
CA ASP F 76 24.25 -60.48 13.18
C ASP F 76 25.62 -60.90 12.65
N ILE F 77 25.95 -60.45 11.45
CA ILE F 77 27.19 -60.81 10.79
C ILE F 77 27.85 -59.57 10.22
N ARG F 78 29.09 -59.76 9.76
CA ARG F 78 29.91 -58.67 9.26
C ARG F 78 29.61 -58.37 7.80
N ARG F 79 29.64 -57.09 7.45
CA ARG F 79 29.50 -56.63 6.07
C ARG F 79 30.85 -56.29 5.50
N ALA F 80 31.01 -56.56 4.20
CA ALA F 80 32.21 -56.20 3.47
C ALA F 80 32.14 -54.73 3.06
N GLN F 81 33.26 -54.23 2.55
CA GLN F 81 33.36 -52.84 2.11
C GLN F 81 33.72 -52.78 0.63
N VAL F 82 33.41 -51.66 0.00
CA VAL F 82 33.74 -51.41 -1.39
C VAL F 82 34.44 -50.06 -1.51
N LEU F 83 35.59 -50.06 -2.18
CA LEU F 83 36.24 -48.84 -2.62
C LEU F 83 35.83 -48.60 -4.06
N ILE F 84 35.29 -47.42 -4.35
CA ILE F 84 34.76 -47.09 -5.66
C ILE F 84 35.55 -45.90 -6.20
N GLU F 85 36.13 -46.06 -7.38
CA GLU F 85 36.91 -45.03 -8.04
C GLU F 85 36.29 -44.70 -9.39
N ALA F 86 36.08 -43.41 -9.65
CA ALA F 86 35.60 -42.94 -10.93
C ALA F 86 36.75 -42.26 -11.68
N LEU F 87 36.65 -42.25 -13.01
CA LEU F 87 37.68 -41.67 -13.87
C LEU F 87 37.00 -40.87 -14.96
N ILE F 88 37.21 -39.56 -14.96
CA ILE F 88 36.62 -38.65 -15.93
C ILE F 88 37.73 -38.13 -16.83
N VAL F 89 37.58 -38.32 -18.13
CA VAL F 89 38.55 -37.88 -19.13
C VAL F 89 37.86 -36.89 -20.06
N GLU F 90 38.50 -35.75 -20.27
CA GLU F 90 37.99 -34.73 -21.18
C GLU F 90 39.13 -34.24 -22.07
N MET F 91 38.88 -34.17 -23.37
CA MET F 91 39.83 -33.66 -24.35
C MET F 91 39.10 -32.73 -25.31
N ALA F 92 39.70 -31.59 -25.60
CA ALA F 92 39.12 -30.64 -26.55
C ALA F 92 40.23 -30.10 -27.45
N GLU F 93 39.87 -29.89 -28.72
CA GLU F 93 40.78 -29.33 -29.72
C GLU F 93 40.02 -28.34 -30.58
N GLY F 94 40.70 -27.27 -31.00
CA GLY F 94 40.08 -26.27 -31.84
C GLY F 94 41.05 -25.55 -32.75
N ASP F 95 40.61 -25.22 -33.97
CA ASP F 95 41.46 -24.56 -34.95
C ASP F 95 40.63 -23.66 -35.85
N GLY F 96 41.11 -22.46 -36.12
CA GLY F 96 40.38 -21.51 -36.95
C GLY F 96 41.32 -20.64 -37.76
N ILE F 97 40.81 -20.16 -38.89
CA ILE F 97 41.55 -19.25 -39.75
C ILE F 97 40.61 -18.21 -40.35
N ASN F 98 41.06 -16.96 -40.37
CA ASN F 98 40.33 -15.84 -40.98
C ASN F 98 41.27 -15.10 -41.91
N LEU F 99 40.79 -14.76 -43.12
CA LEU F 99 41.61 -14.05 -44.09
C LEU F 99 40.71 -13.21 -44.99
N GLY F 100 41.05 -11.93 -45.13
CA GLY F 100 40.24 -11.05 -45.97
C GLY F 100 40.94 -9.76 -46.34
N VAL F 101 40.42 -9.14 -47.40
CA VAL F 101 40.89 -7.85 -47.90
C VAL F 101 39.69 -6.95 -48.10
N GLN F 102 39.81 -5.70 -47.65
CA GLN F 102 38.74 -4.70 -47.77
C GLN F 102 39.30 -3.46 -48.46
N TRP F 103 38.44 -2.80 -49.24
CA TRP F 103 38.81 -1.58 -49.92
C TRP F 103 37.86 -0.46 -49.53
N GLY F 104 38.41 0.73 -49.34
CA GLY F 104 37.62 1.85 -48.89
C GLY F 104 38.12 3.15 -49.46
N SER F 105 37.23 4.14 -49.47
CA SER F 105 37.56 5.50 -49.88
C SER F 105 36.55 6.44 -49.24
N LEU F 106 37.05 7.53 -48.65
CA LEU F 106 36.21 8.44 -47.90
C LEU F 106 35.84 9.71 -48.64
N GLU F 107 36.56 10.05 -49.72
CA GLU F 107 36.15 11.20 -50.53
C GLU F 107 34.76 10.98 -51.11
N SER F 108 34.51 9.78 -51.62
CA SER F 108 33.18 9.29 -51.90
C SER F 108 32.78 8.32 -50.78
N GLY F 109 31.65 7.68 -50.94
CA GLY F 109 31.26 6.68 -49.97
C GLY F 109 31.62 5.26 -50.33
N SER F 110 32.53 5.07 -51.28
CA SER F 110 32.81 3.74 -51.82
C SER F 110 33.52 2.88 -50.80
N VAL F 111 32.99 1.68 -50.56
CA VAL F 111 33.60 0.69 -49.69
C VAL F 111 33.38 -0.69 -50.30
N ILE F 112 34.35 -1.57 -50.07
CA ILE F 112 34.16 -3.01 -50.22
C ILE F 112 34.33 -3.60 -48.83
N GLN F 113 33.21 -3.77 -48.13
CA GLN F 113 33.21 -4.01 -46.70
C GLN F 113 32.77 -5.43 -46.37
N TYR F 114 33.40 -6.01 -45.35
CA TYR F 114 33.05 -7.32 -44.83
C TYR F 114 33.03 -7.25 -43.32
N GLY F 115 31.86 -7.44 -42.73
CA GLY F 115 31.73 -7.39 -41.28
C GLY F 115 32.06 -8.65 -40.54
N ASN F 116 32.24 -9.77 -41.27
CA ASN F 116 32.64 -11.02 -40.63
C ASN F 116 33.97 -10.86 -39.91
N THR F 117 34.93 -10.21 -40.57
CA THR F 117 36.19 -9.86 -39.93
C THR F 117 35.95 -8.87 -38.80
N GLY F 118 36.82 -8.91 -37.80
CA GLY F 118 36.64 -8.07 -36.63
C GLY F 118 37.09 -6.64 -36.81
N ALA F 119 36.99 -6.14 -38.04
CA ALA F 119 37.39 -4.76 -38.34
C ALA F 119 36.70 -4.33 -39.62
N SER F 120 35.96 -3.23 -39.55
CA SER F 120 35.27 -2.67 -40.71
C SER F 120 36.03 -1.45 -41.20
N ILE F 121 36.22 -1.36 -42.52
CA ILE F 121 37.09 -0.32 -43.08
C ILE F 121 36.51 1.06 -42.86
N GLY F 122 35.18 1.21 -42.91
CA GLY F 122 34.58 2.52 -42.73
C GLY F 122 34.84 3.10 -41.36
N ASN F 123 34.65 2.28 -40.32
CA ASN F 123 34.92 2.73 -38.96
C ASN F 123 36.38 3.08 -38.78
N VAL F 124 37.29 2.29 -39.35
CA VAL F 124 38.71 2.56 -39.24
C VAL F 124 39.05 3.89 -39.90
N MET F 125 38.54 4.13 -41.11
CA MET F 125 38.85 5.36 -41.81
C MET F 125 38.29 6.58 -41.09
N ILE F 126 37.04 6.49 -40.62
CA ILE F 126 36.46 7.64 -39.93
C ILE F 126 37.18 7.91 -38.61
N GLY F 127 37.51 6.86 -37.86
CA GLY F 127 38.26 7.06 -36.63
C GLY F 127 39.64 7.63 -36.88
N LEU F 128 40.28 7.24 -37.97
CA LEU F 128 41.55 7.84 -38.35
C LEU F 128 41.37 9.32 -38.66
N GLU F 129 40.28 9.68 -39.34
CA GLU F 129 40.03 11.08 -39.68
C GLU F 129 39.79 11.91 -38.42
N GLU F 130 39.01 11.39 -37.48
CA GLU F 130 38.68 12.17 -36.29
C GLU F 130 39.87 12.35 -35.35
N ALA F 131 40.96 11.62 -35.57
CA ALA F 131 42.14 11.71 -34.71
C ALA F 131 43.17 12.70 -35.23
N LYS F 132 42.87 13.42 -36.31
CA LYS F 132 43.78 14.40 -36.89
C LYS F 132 43.63 15.75 -36.19
N ASP F 133 44.63 16.59 -36.39
CA ASP F 133 44.64 17.94 -35.80
C ASP F 133 43.88 18.90 -36.71
N THR F 134 43.02 19.71 -36.10
CA THR F 134 42.11 20.60 -36.82
C THR F 134 42.43 22.06 -36.53
N THR F 135 42.33 22.90 -37.58
CA THR F 135 42.56 24.35 -37.47
C THR F 135 41.28 25.10 -37.84
N GLN F 136 40.67 25.74 -36.86
CA GLN F 136 39.51 26.57 -37.16
C GLN F 136 39.98 28.00 -37.38
N THR F 137 40.46 28.32 -38.57
CA THR F 137 41.00 29.67 -38.80
C THR F 137 39.92 30.68 -39.12
N LYS F 138 39.60 31.54 -38.15
CA LYS F 138 38.53 32.50 -38.35
C LYS F 138 38.79 33.49 -39.46
N ALA F 139 39.99 34.03 -39.54
CA ALA F 139 40.33 35.02 -40.57
C ALA F 139 39.25 36.07 -40.50
N VAL F 140 38.87 36.42 -39.27
CA VAL F 140 37.83 37.41 -39.09
C VAL F 140 38.50 38.74 -39.20
N TYR F 141 39.05 39.03 -40.38
CA TYR F 141 39.77 40.27 -40.56
C TYR F 141 38.88 41.45 -40.86
N PHE F 147 39.39 44.09 -35.05
CA PHE F 147 40.01 43.84 -36.35
C PHE F 147 41.27 43.00 -36.18
N LEU F 148 41.09 41.78 -35.67
CA LEU F 148 42.16 40.82 -35.44
C LEU F 148 42.25 39.94 -36.68
N ARG F 149 43.24 40.21 -37.52
CA ARG F 149 43.23 39.74 -38.91
C ARG F 149 43.27 38.24 -39.06
N ASN F 150 43.81 37.50 -38.09
CA ASN F 150 44.17 36.09 -38.31
C ASN F 150 43.80 35.21 -37.12
N GLU F 151 42.57 35.31 -36.63
CA GLU F 151 42.20 34.59 -35.40
C GLU F 151 42.12 33.07 -35.58
N THR F 152 43.26 32.40 -35.76
CA THR F 152 43.25 30.95 -35.92
C THR F 152 43.07 30.25 -34.58
N THR F 153 42.92 28.94 -34.64
CA THR F 153 42.95 28.07 -33.47
C THR F 153 43.41 26.69 -33.92
N THR F 154 43.89 25.89 -32.96
CA THR F 154 44.25 24.51 -33.23
C THR F 154 43.62 23.63 -32.16
N THR F 155 43.26 22.41 -32.54
CA THR F 155 42.60 21.48 -31.64
C THR F 155 43.09 20.07 -31.90
N LYS F 156 43.56 19.40 -30.85
CA LYS F 156 43.99 18.01 -30.98
C LYS F 156 42.77 17.11 -31.21
N GLY F 157 42.95 16.09 -32.04
CA GLY F 157 41.86 15.19 -32.36
C GLY F 157 41.54 14.23 -31.24
N ASP F 158 40.38 13.58 -31.37
CA ASP F 158 39.91 12.61 -30.40
C ASP F 158 40.18 11.20 -30.92
N TYR F 159 40.58 10.31 -30.02
CA TYR F 159 40.97 8.95 -30.36
C TYR F 159 39.93 7.91 -29.97
N THR F 160 38.70 8.34 -29.65
CA THR F 160 37.70 7.42 -29.13
C THR F 160 37.23 6.44 -30.21
N LYS F 161 36.90 6.96 -31.39
CA LYS F 161 36.41 6.08 -32.46
C LYS F 161 37.49 5.11 -32.92
N LEU F 162 38.73 5.58 -33.03
CA LEU F 162 39.83 4.69 -33.39
C LEU F 162 40.05 3.62 -32.32
N ALA F 163 39.96 4.02 -31.05
CA ALA F 163 40.13 3.06 -29.96
C ALA F 163 39.04 2.00 -30.01
N SER F 164 37.80 2.40 -30.29
CA SER F 164 36.72 1.43 -30.39
C SER F 164 36.87 0.53 -31.61
N ALA F 165 37.43 1.06 -32.71
CA ALA F 165 37.58 0.27 -33.92
C ALA F 165 38.62 -0.83 -33.77
N LEU F 166 39.69 -0.56 -33.03
CA LEU F 166 40.78 -1.50 -32.88
C LEU F 166 40.63 -2.40 -31.65
N SER F 167 39.53 -2.27 -30.90
CA SER F 167 39.40 -2.96 -29.63
C SER F 167 39.25 -4.47 -29.81
N SER F 168 38.55 -4.90 -30.86
CA SER F 168 38.22 -6.31 -31.03
C SER F 168 39.12 -7.02 -32.03
N ILE F 169 40.20 -6.38 -32.49
CA ILE F 169 41.03 -6.94 -33.54
C ILE F 169 41.95 -8.00 -32.95
N GLN F 170 41.96 -9.18 -33.55
CA GLN F 170 42.90 -10.25 -33.22
C GLN F 170 43.68 -10.58 -34.48
N GLY F 171 45.01 -10.56 -34.37
CA GLY F 171 45.85 -10.86 -35.51
C GLY F 171 46.24 -9.64 -36.28
N ALA F 172 46.52 -9.84 -37.56
CA ALA F 172 47.00 -8.77 -38.42
C ALA F 172 45.83 -8.01 -39.05
N ALA F 173 45.85 -6.69 -38.91
CA ALA F 173 44.94 -5.76 -39.59
C ALA F 173 45.79 -4.58 -40.05
N VAL F 174 46.21 -4.62 -41.30
CA VAL F 174 47.22 -3.70 -41.84
C VAL F 174 46.61 -2.89 -42.98
N SER F 175 46.77 -1.58 -42.92
CA SER F 175 46.21 -0.66 -43.91
C SER F 175 47.30 -0.16 -44.83
N ILE F 176 47.03 -0.18 -46.13
CA ILE F 176 47.93 0.29 -47.17
C ILE F 176 47.20 1.36 -47.98
N ALA F 177 47.78 2.55 -48.06
CA ALA F 177 47.22 3.64 -48.84
C ALA F 177 47.90 3.71 -50.19
N MET F 178 47.09 3.86 -51.25
CA MET F 178 47.59 3.89 -52.61
C MET F 178 46.90 4.97 -53.43
N GLY F 179 46.47 6.05 -52.78
CA GLY F 179 45.89 7.17 -53.47
C GLY F 179 44.38 7.15 -53.47
N ASP F 180 43.77 7.95 -52.60
CA ASP F 180 42.32 8.03 -52.41
C ASP F 180 41.68 6.65 -52.36
N TRP F 181 42.43 5.65 -51.89
CA TRP F 181 41.97 4.27 -51.83
C TRP F 181 42.81 3.54 -50.80
N THR F 182 42.16 2.96 -49.81
CA THR F 182 42.82 2.26 -48.72
C THR F 182 42.46 0.78 -48.78
N ALA F 183 43.47 -0.09 -48.66
CA ALA F 183 43.29 -1.53 -48.61
C ALA F 183 43.65 -2.02 -47.21
N LEU F 184 42.69 -2.66 -46.55
CA LEU F 184 42.87 -3.22 -45.21
C LEU F 184 42.93 -4.74 -45.33
N ILE F 185 44.04 -5.33 -44.91
CA ILE F 185 44.25 -6.78 -44.95
C ILE F 185 44.14 -7.31 -43.53
N ASN F 186 43.26 -8.29 -43.33
CA ASN F 186 43.11 -8.95 -42.04
C ASN F 186 43.43 -10.44 -42.19
N ALA F 187 44.17 -10.97 -41.22
CA ALA F 187 44.61 -12.36 -41.27
C ALA F 187 44.91 -12.85 -39.86
N VAL F 188 44.39 -14.01 -39.49
CA VAL F 188 44.63 -14.58 -38.18
C VAL F 188 44.42 -16.09 -38.24
N SER F 189 45.17 -16.82 -37.41
CA SER F 189 45.04 -18.25 -37.21
C SER F 189 45.06 -18.54 -35.72
N ASN F 190 44.09 -19.31 -35.25
CA ASN F 190 43.94 -19.61 -33.83
C ASN F 190 43.94 -21.12 -33.61
N ASP F 191 44.55 -21.55 -32.50
CA ASP F 191 44.65 -22.95 -32.13
C ASP F 191 44.50 -23.09 -30.62
N SER F 192 43.80 -24.13 -30.18
CA SER F 192 43.56 -24.34 -28.76
C SER F 192 43.44 -25.82 -28.45
N SER F 193 43.90 -26.21 -27.26
CA SER F 193 43.87 -27.59 -26.81
C SER F 193 43.58 -27.64 -25.32
N SER F 194 42.95 -28.72 -24.87
CA SER F 194 42.60 -28.90 -23.47
C SER F 194 42.56 -30.38 -23.13
N ASN F 195 43.07 -30.72 -21.95
CA ASN F 195 43.22 -32.11 -21.52
C ASN F 195 43.03 -32.18 -20.01
N ILE F 196 41.98 -32.87 -19.57
CA ILE F 196 41.60 -32.92 -18.16
C ILE F 196 41.39 -34.35 -17.72
N LEU F 197 41.96 -34.72 -16.57
CA LEU F 197 41.76 -36.01 -15.93
C LEU F 197 41.32 -35.79 -14.49
N SER F 198 40.26 -36.48 -14.08
CA SER F 198 39.77 -36.39 -12.71
C SER F 198 39.48 -37.80 -12.17
N SER F 199 39.74 -38.00 -10.88
CA SER F 199 39.54 -39.31 -10.25
C SER F 199 39.02 -39.17 -8.82
N PRO F 200 37.71 -39.07 -8.65
CA PRO F 200 37.14 -39.14 -7.30
C PRO F 200 36.95 -40.57 -6.83
N SER F 201 37.05 -40.77 -5.52
CA SER F 201 36.96 -42.10 -4.93
C SER F 201 36.32 -42.03 -3.55
N ILE F 202 35.67 -43.12 -3.14
CA ILE F 202 35.02 -43.19 -1.84
C ILE F 202 34.92 -44.64 -1.39
N THR F 203 34.97 -44.84 -0.08
CA THR F 203 34.85 -46.17 0.53
C THR F 203 33.54 -46.26 1.30
N VAL F 204 32.79 -47.34 1.07
CA VAL F 204 31.49 -47.56 1.70
C VAL F 204 31.42 -48.99 2.21
N MET F 205 30.37 -49.27 2.96
CA MET F 205 29.99 -50.61 3.34
C MET F 205 28.93 -51.15 2.37
N ASP F 206 28.78 -52.46 2.35
CA ASP F 206 27.77 -53.08 1.52
C ASP F 206 26.38 -52.59 1.91
N ASN F 207 25.60 -52.23 0.90
CA ASN F 207 24.21 -51.80 1.05
C ASN F 207 24.09 -50.43 1.73
N GLY F 208 25.16 -49.64 1.69
CA GLY F 208 25.14 -48.30 2.27
C GLY F 208 25.32 -47.24 1.20
N GLU F 209 24.83 -46.04 1.49
CA GLU F 209 24.93 -44.91 0.58
C GLU F 209 26.15 -44.06 0.93
N ALA F 210 26.82 -43.56 -0.10
CA ALA F 210 27.98 -42.69 0.07
C ALA F 210 27.87 -41.48 -0.82
N SER F 211 28.25 -40.31 -0.27
CA SER F 211 28.22 -39.04 -0.97
C SER F 211 29.59 -38.41 -0.93
N PHE F 212 30.00 -37.81 -2.05
CA PHE F 212 31.29 -37.17 -2.18
C PHE F 212 31.11 -35.90 -2.99
N ILE F 213 31.58 -34.78 -2.47
CA ILE F 213 31.56 -33.52 -3.22
C ILE F 213 32.86 -32.77 -2.98
N VAL F 214 33.46 -32.28 -4.06
CA VAL F 214 34.53 -31.29 -4.00
C VAL F 214 34.09 -30.13 -4.88
N GLY F 215 33.83 -28.98 -4.27
CA GLY F 215 33.29 -27.87 -5.03
C GLY F 215 32.91 -26.63 -4.26
N GLU F 216 31.70 -26.14 -4.51
CA GLU F 216 31.25 -24.84 -4.05
C GLU F 216 29.76 -24.89 -3.77
N GLU F 217 29.32 -24.00 -2.88
CA GLU F 217 27.91 -23.80 -2.59
C GLU F 217 27.53 -22.38 -3.00
N VAL F 218 26.60 -22.27 -3.96
CA VAL F 218 26.32 -21.03 -4.65
C VAL F 218 24.86 -20.66 -4.41
N PRO F 219 24.55 -19.42 -4.07
CA PRO F 219 23.14 -19.00 -3.97
C PRO F 219 22.54 -18.67 -5.33
N VAL F 220 21.27 -19.02 -5.50
CA VAL F 220 20.53 -18.75 -6.73
C VAL F 220 19.16 -18.22 -6.38
N ILE F 221 18.56 -17.52 -7.33
CA ILE F 221 17.26 -16.88 -7.16
C ILE F 221 16.17 -17.88 -7.53
N THR F 222 15.15 -17.99 -6.66
CA THR F 222 14.00 -18.86 -6.88
C THR F 222 12.71 -18.08 -6.63
N GLY F 223 12.58 -16.92 -7.26
CA GLY F 223 11.47 -16.05 -6.98
C GLY F 223 11.83 -14.66 -6.50
N SER F 224 12.94 -14.13 -7.02
CA SER F 224 13.44 -12.77 -6.74
C SER F 224 12.40 -11.75 -6.28
N ASP F 231 17.20 -3.08 -5.54
CA ASP F 231 16.86 -3.74 -4.28
C ASP F 231 15.78 -4.80 -4.50
N ASN F 232 15.36 -5.45 -3.41
CA ASN F 232 14.34 -6.49 -3.49
C ASN F 232 13.74 -6.73 -2.12
N PRO F 233 12.42 -6.80 -2.00
CA PRO F 233 11.81 -7.06 -0.69
C PRO F 233 11.92 -8.52 -0.25
N PHE F 234 11.79 -9.46 -1.19
CA PHE F 234 11.96 -10.87 -0.89
C PHE F 234 12.44 -11.59 -2.14
N GLN F 235 13.61 -12.22 -2.04
CA GLN F 235 14.30 -12.80 -3.19
C GLN F 235 14.06 -14.29 -3.37
N THR F 236 13.70 -15.01 -2.30
CA THR F 236 13.54 -16.46 -2.33
C THR F 236 14.80 -17.15 -2.85
N VAL F 237 15.89 -16.98 -2.09
CA VAL F 237 17.20 -17.50 -2.46
C VAL F 237 17.37 -18.91 -1.93
N ASP F 238 17.97 -19.78 -2.74
CA ASP F 238 18.29 -21.15 -2.35
C ASP F 238 19.73 -21.45 -2.71
N ARG F 239 20.42 -22.21 -1.86
CA ARG F 239 21.83 -22.49 -2.05
C ARG F 239 22.02 -23.90 -2.61
N LYS F 240 22.74 -23.99 -3.72
CA LYS F 240 22.93 -25.23 -4.46
C LYS F 240 24.40 -25.61 -4.47
N GLU F 241 24.69 -26.84 -4.88
CA GLU F 241 26.04 -27.40 -4.86
C GLU F 241 26.54 -27.59 -6.28
N VAL F 242 27.77 -27.16 -6.54
CA VAL F 242 28.45 -27.38 -7.81
C VAL F 242 29.82 -27.97 -7.51
N GLY F 243 30.35 -28.70 -8.48
CA GLY F 243 31.65 -29.32 -8.30
C GLY F 243 31.73 -30.69 -8.90
N ILE F 244 32.61 -31.52 -8.34
CA ILE F 244 32.68 -32.94 -8.65
C ILE F 244 31.89 -33.68 -7.59
N LYS F 245 30.84 -34.39 -8.01
CA LYS F 245 29.91 -35.04 -7.11
C LYS F 245 29.74 -36.50 -7.49
N LEU F 246 29.74 -37.36 -6.47
CA LEU F 246 29.56 -38.80 -6.64
C LEU F 246 28.65 -39.32 -5.54
N LYS F 247 27.48 -39.83 -5.91
CA LYS F 247 26.59 -40.53 -5.00
C LYS F 247 26.50 -41.98 -5.44
N VAL F 248 26.79 -42.90 -4.52
CA VAL F 248 26.86 -44.31 -4.88
C VAL F 248 26.19 -45.18 -3.82
N VAL F 249 25.45 -46.19 -4.28
CA VAL F 249 24.99 -47.27 -3.41
C VAL F 249 25.44 -48.59 -4.01
N PRO F 250 26.33 -49.32 -3.33
CA PRO F 250 26.74 -50.63 -3.82
C PRO F 250 25.94 -51.79 -3.22
N GLN F 251 25.96 -52.91 -3.93
CA GLN F 251 25.38 -54.16 -3.47
C GLN F 251 26.25 -55.29 -3.98
N ILE F 252 26.97 -55.93 -3.07
CA ILE F 252 27.81 -57.06 -3.44
C ILE F 252 26.94 -58.31 -3.48
N ASN F 253 27.06 -59.09 -4.55
CA ASN F 253 26.50 -60.42 -4.54
C ASN F 253 27.28 -61.28 -3.55
N GLU F 254 26.88 -62.54 -3.41
CA GLU F 254 27.59 -63.42 -2.49
C GLU F 254 29.02 -63.68 -2.93
N GLY F 255 29.37 -63.34 -4.18
CA GLY F 255 30.69 -63.62 -4.70
C GLY F 255 31.51 -62.40 -5.05
N ASN F 256 31.81 -62.21 -6.33
CA ASN F 256 32.77 -61.20 -6.76
C ASN F 256 32.20 -60.23 -7.78
N SER F 257 30.97 -59.77 -7.58
CA SER F 257 30.36 -58.78 -8.45
C SER F 257 29.64 -57.74 -7.61
N VAL F 258 29.69 -56.49 -8.08
CA VAL F 258 29.08 -55.37 -7.39
C VAL F 258 28.07 -54.71 -8.32
N GLN F 259 26.85 -54.57 -7.85
CA GLN F 259 25.81 -53.80 -8.52
C GLN F 259 25.83 -52.39 -7.94
N LEU F 260 25.97 -51.39 -8.79
CA LEU F 260 26.14 -50.01 -8.36
C LEU F 260 25.00 -49.15 -8.87
N ASN F 261 24.41 -48.36 -7.97
CA ASN F 261 23.52 -47.27 -8.33
C ASN F 261 24.33 -45.98 -8.20
N ILE F 262 24.49 -45.25 -9.31
CA ILE F 262 25.45 -44.16 -9.42
C ILE F 262 24.77 -42.89 -9.92
N GLU F 263 25.08 -41.77 -9.25
CA GLU F 263 24.85 -40.43 -9.76
C GLU F 263 26.18 -39.70 -9.77
N GLN F 264 26.67 -39.35 -10.95
CA GLN F 264 27.97 -38.70 -11.12
C GLN F 264 27.78 -37.36 -11.82
N GLU F 265 28.49 -36.33 -11.35
CA GLU F 265 28.28 -35.00 -11.90
C GLU F 265 29.57 -34.18 -11.83
N VAL F 266 29.82 -33.42 -12.90
CA VAL F 266 30.84 -32.37 -12.92
C VAL F 266 30.15 -31.08 -13.36
N SER F 267 30.20 -30.06 -12.50
CA SER F 267 29.50 -28.83 -12.78
C SER F 267 30.26 -27.63 -12.22
N ASN F 268 30.26 -26.53 -12.97
CA ASN F 268 30.86 -25.29 -12.53
C ASN F 268 29.94 -24.11 -12.82
N VAL F 269 30.33 -22.93 -12.36
CA VAL F 269 29.53 -21.71 -12.49
C VAL F 269 30.03 -20.92 -13.70
N LEU F 270 29.10 -20.54 -14.58
CA LEU F 270 29.35 -19.64 -15.67
C LEU F 270 28.53 -18.38 -15.47
N GLY F 271 29.12 -17.24 -15.82
CA GLY F 271 28.42 -15.97 -15.65
C GLY F 271 27.27 -15.86 -16.64
N ALA F 272 26.20 -15.19 -16.20
CA ALA F 272 25.05 -14.97 -17.06
C ALA F 272 25.39 -13.98 -18.16
N ASN F 273 25.10 -14.35 -19.40
CA ASN F 273 25.28 -13.42 -20.51
C ASN F 273 24.00 -12.67 -20.85
N GLY F 274 22.84 -13.31 -20.75
CA GLY F 274 21.58 -12.62 -20.94
C GLY F 274 20.50 -13.13 -20.03
N ALA F 275 20.88 -13.95 -19.05
CA ALA F 275 19.94 -14.58 -18.13
C ALA F 275 19.76 -13.73 -16.88
N VAL F 276 18.70 -14.04 -16.14
CA VAL F 276 18.40 -13.30 -14.92
C VAL F 276 19.42 -13.59 -13.84
N ASP F 277 19.95 -14.82 -13.80
CA ASP F 277 20.89 -15.23 -12.77
C ASP F 277 22.01 -16.05 -13.39
N VAL F 278 22.98 -16.45 -12.57
CA VAL F 278 24.15 -17.17 -13.06
C VAL F 278 23.73 -18.54 -13.61
N ARG F 279 24.57 -19.07 -14.49
CA ARG F 279 24.34 -20.36 -15.11
C ARG F 279 25.32 -21.40 -14.58
N PHE F 280 24.97 -22.66 -14.76
CA PHE F 280 25.83 -23.78 -14.37
C PHE F 280 26.16 -24.61 -15.60
N ALA F 281 27.44 -24.79 -15.87
CA ALA F 281 27.87 -25.83 -16.79
C ALA F 281 27.76 -27.18 -16.08
N LYS F 282 27.12 -28.15 -16.74
CA LYS F 282 26.68 -29.37 -16.08
C LYS F 282 26.92 -30.58 -16.97
N ARG F 283 27.51 -31.62 -16.40
CA ARG F 283 27.64 -32.93 -17.05
C ARG F 283 27.26 -33.99 -16.02
N GLN F 284 26.19 -34.74 -16.28
CA GLN F 284 25.62 -35.65 -15.30
C GLN F 284 25.29 -36.99 -15.91
N LEU F 285 25.62 -38.06 -15.18
CA LEU F 285 25.26 -39.43 -15.53
C LEU F 285 24.55 -40.07 -14.36
N ASN F 286 23.33 -40.58 -14.58
CA ASN F 286 22.57 -41.31 -13.57
C ASN F 286 22.25 -42.69 -14.13
N THR F 287 22.68 -43.74 -13.42
CA THR F 287 22.49 -45.08 -13.96
C THR F 287 22.68 -46.13 -12.87
N SER F 288 22.56 -47.39 -13.26
CA SER F 288 22.83 -48.55 -12.41
C SER F 288 23.45 -49.65 -13.27
N VAL F 289 24.56 -50.21 -12.80
CA VAL F 289 25.35 -51.16 -13.58
C VAL F 289 25.81 -52.32 -12.70
N MET F 290 26.44 -53.30 -13.34
CA MET F 290 27.09 -54.42 -12.67
C MET F 290 28.54 -54.47 -13.12
N VAL F 291 29.46 -54.55 -12.16
CA VAL F 291 30.89 -54.63 -12.47
C VAL F 291 31.49 -55.79 -11.68
N GLN F 292 32.62 -56.30 -12.17
CA GLN F 292 33.34 -57.34 -11.47
C GLN F 292 34.17 -56.74 -10.34
N ASP F 293 34.86 -57.62 -9.61
CA ASP F 293 35.50 -57.23 -8.36
C ASP F 293 36.54 -56.13 -8.56
N GLY F 294 37.45 -56.32 -9.51
CA GLY F 294 38.51 -55.35 -9.70
C GLY F 294 38.69 -54.92 -11.14
N GLN F 295 37.60 -54.90 -11.89
CA GLN F 295 37.62 -54.56 -13.30
C GLN F 295 37.00 -53.19 -13.53
N MET F 296 37.22 -52.67 -14.73
CA MET F 296 36.73 -51.35 -15.11
C MET F 296 35.62 -51.47 -16.14
N LEU F 297 34.62 -50.61 -15.99
CA LEU F 297 33.49 -50.54 -16.91
C LEU F 297 33.30 -49.10 -17.36
N VAL F 298 32.93 -48.91 -18.62
CA VAL F 298 32.65 -47.59 -19.16
C VAL F 298 31.18 -47.25 -18.92
N LEU F 299 30.94 -46.06 -18.36
CA LEU F 299 29.58 -45.65 -18.03
C LEU F 299 28.95 -44.81 -19.13
N GLY F 300 29.71 -43.95 -19.79
CA GLY F 300 29.16 -43.09 -20.81
C GLY F 300 30.22 -42.16 -21.36
N GLY F 301 29.82 -41.40 -22.37
CA GLY F 301 30.76 -40.49 -23.01
C GLY F 301 30.08 -39.75 -24.14
N LEU F 302 30.90 -38.94 -24.82
CA LEU F 302 30.43 -38.06 -25.88
C LEU F 302 31.57 -37.82 -26.86
N ILE F 303 31.28 -37.98 -28.15
CA ILE F 303 32.18 -37.59 -29.23
C ILE F 303 31.49 -36.51 -30.04
N ASP F 304 32.13 -35.34 -30.15
CA ASP F 304 31.56 -34.21 -30.87
C ASP F 304 32.57 -33.68 -31.88
N GLU F 305 32.12 -33.45 -33.10
CA GLU F 305 32.92 -32.84 -34.16
C GLU F 305 32.10 -31.73 -34.80
N ARG F 306 32.79 -30.68 -35.25
CA ARG F 306 32.10 -29.52 -35.80
C ARG F 306 33.01 -28.80 -36.78
N ALA F 307 32.49 -28.52 -37.98
CA ALA F 307 33.21 -27.76 -38.99
C ALA F 307 32.31 -26.65 -39.52
N LEU F 308 32.86 -25.44 -39.61
CA LEU F 308 32.15 -24.27 -40.08
C LEU F 308 32.97 -23.56 -41.16
N GLU F 309 32.30 -23.13 -42.22
CA GLU F 309 32.91 -22.40 -43.32
C GLU F 309 32.05 -21.19 -43.66
N SER F 310 32.70 -20.11 -44.09
CA SER F 310 31.98 -18.91 -44.49
C SER F 310 32.82 -18.12 -45.47
N GLU F 311 32.13 -17.52 -46.46
CA GLU F 311 32.78 -16.74 -47.51
C GLU F 311 31.89 -15.59 -47.94
N SER F 312 32.48 -14.42 -48.14
CA SER F 312 31.82 -13.29 -48.76
C SER F 312 32.75 -12.70 -49.82
N LYS F 313 32.24 -12.51 -51.03
CA LYS F 313 33.10 -12.08 -52.13
C LYS F 313 32.35 -11.20 -53.10
N VAL F 314 33.09 -10.48 -53.91
CA VAL F 314 32.52 -9.75 -55.05
C VAL F 314 32.22 -10.75 -56.16
N PRO F 315 31.01 -10.74 -56.73
CA PRO F 315 30.53 -11.86 -57.57
C PRO F 315 31.51 -12.37 -58.63
N LEU F 316 31.95 -11.53 -59.55
CA LEU F 316 32.77 -12.01 -60.64
C LEU F 316 34.26 -11.77 -60.43
N LEU F 317 34.62 -10.74 -59.67
CA LEU F 317 36.02 -10.43 -59.43
C LEU F 317 36.69 -11.39 -58.46
N GLY F 318 35.92 -12.05 -57.59
CA GLY F 318 36.43 -12.94 -56.59
C GLY F 318 36.73 -14.35 -57.06
N ASP F 319 36.61 -14.60 -58.36
CA ASP F 319 36.93 -15.91 -58.93
C ASP F 319 38.10 -15.85 -59.90
N ILE F 320 38.76 -14.71 -60.03
CA ILE F 320 39.95 -14.59 -60.87
C ILE F 320 41.03 -15.50 -60.31
N PRO F 321 41.77 -16.23 -61.15
CA PRO F 321 42.68 -17.27 -60.63
C PRO F 321 43.70 -16.77 -59.61
N LEU F 322 44.20 -15.56 -59.77
CA LEU F 322 45.23 -15.06 -58.86
C LEU F 322 44.84 -13.78 -58.13
N LEU F 323 44.22 -12.83 -58.81
CA LEU F 323 43.89 -11.54 -58.22
C LEU F 323 42.60 -11.55 -57.43
N GLY F 324 41.91 -12.69 -57.35
CA GLY F 324 40.63 -12.75 -56.66
C GLY F 324 40.70 -12.65 -55.16
N GLN F 325 41.85 -12.99 -54.56
CA GLN F 325 41.99 -12.90 -53.10
C GLN F 325 41.81 -11.47 -52.60
N LEU F 326 42.04 -10.47 -53.46
CA LEU F 326 41.84 -9.09 -53.08
C LEU F 326 40.37 -8.73 -52.93
N PHE F 327 39.46 -9.62 -53.30
CA PHE F 327 38.02 -9.34 -53.25
C PHE F 327 37.27 -10.46 -52.54
N ARG F 328 37.82 -10.97 -51.44
CA ARG F 328 37.24 -12.10 -50.73
C ARG F 328 37.42 -11.93 -49.23
N SER F 329 36.58 -12.62 -48.47
CA SER F 329 36.72 -12.73 -47.03
C SER F 329 36.26 -14.12 -46.61
N THR F 330 37.16 -14.89 -46.01
CA THR F 330 36.96 -16.29 -45.70
C THR F 330 37.20 -16.55 -44.23
N SER F 331 36.35 -17.41 -43.65
CA SER F 331 36.50 -17.87 -42.27
C SER F 331 36.26 -19.37 -42.21
N SER F 332 37.11 -20.08 -41.47
CA SER F 332 36.95 -21.52 -41.27
C SER F 332 37.25 -21.88 -39.83
N GLN F 333 36.52 -22.88 -39.32
CA GLN F 333 36.62 -23.29 -37.93
C GLN F 333 36.38 -24.80 -37.81
N VAL F 334 37.14 -25.43 -36.92
CA VAL F 334 37.02 -26.86 -36.61
C VAL F 334 37.11 -27.03 -35.10
N GLU F 335 36.23 -27.85 -34.53
CA GLU F 335 36.20 -28.12 -33.10
C GLU F 335 35.94 -29.59 -32.86
N LYS F 336 36.69 -30.17 -31.92
CA LYS F 336 36.55 -31.57 -31.55
C LYS F 336 36.52 -31.71 -30.04
N LYS F 337 35.66 -32.61 -29.55
CA LYS F 337 35.46 -32.81 -28.12
C LYS F 337 35.27 -34.30 -27.84
N ASN F 338 35.94 -34.79 -26.79
CA ASN F 338 35.88 -36.19 -26.39
C ASN F 338 35.73 -36.25 -24.87
N LEU F 339 34.66 -36.87 -24.40
CA LEU F 339 34.41 -37.01 -22.97
C LEU F 339 34.12 -38.47 -22.67
N MET F 340 34.67 -38.98 -21.56
CA MET F 340 34.44 -40.37 -21.19
C MET F 340 34.48 -40.53 -19.67
N VAL F 341 33.65 -41.44 -19.17
CA VAL F 341 33.55 -41.72 -17.74
C VAL F 341 33.68 -43.22 -17.51
N PHE F 342 34.57 -43.62 -16.61
CA PHE F 342 34.78 -45.00 -16.21
C PHE F 342 34.56 -45.13 -14.71
N ILE F 343 34.23 -46.34 -14.27
CA ILE F 343 34.06 -46.64 -12.85
C ILE F 343 34.74 -47.97 -12.54
N LYS F 344 35.17 -48.13 -11.29
CA LYS F 344 35.85 -49.33 -10.86
C LYS F 344 35.64 -49.60 -9.38
N PRO F 345 35.07 -50.76 -9.03
CA PRO F 345 34.96 -51.15 -7.63
C PRO F 345 36.12 -52.02 -7.18
N THR F 346 36.22 -52.19 -5.86
CA THR F 346 37.19 -53.11 -5.27
C THR F 346 36.65 -53.55 -3.92
N ILE F 347 36.53 -54.86 -3.71
CA ILE F 347 35.94 -55.40 -2.50
C ILE F 347 37.03 -55.58 -1.45
N ILE F 348 36.79 -55.01 -0.27
CA ILE F 348 37.64 -55.21 0.90
C ILE F 348 36.87 -56.07 1.89
N ARG F 349 37.41 -57.25 2.19
CA ARG F 349 36.78 -58.18 3.12
C ARG F 349 37.55 -58.36 4.42
N ASP F 350 38.87 -58.20 4.40
CA ASP F 350 39.69 -58.38 5.58
C ASP F 350 40.55 -57.15 5.81
N GLY F 351 41.27 -57.16 6.94
CA GLY F 351 42.08 -56.01 7.31
C GLY F 351 43.34 -55.86 6.49
N VAL F 352 43.86 -56.97 5.94
CA VAL F 352 45.12 -56.91 5.20
C VAL F 352 44.92 -56.16 3.89
N THR F 353 43.79 -56.37 3.21
CA THR F 353 43.53 -55.67 1.95
C THR F 353 43.38 -54.17 2.18
N ALA F 354 42.63 -53.78 3.21
CA ALA F 354 42.46 -52.37 3.54
C ALA F 354 43.79 -51.74 3.92
N ASP F 355 44.61 -52.47 4.68
CA ASP F 355 45.93 -51.97 5.04
C ASP F 355 46.79 -51.76 3.81
N GLY F 356 46.74 -52.69 2.85
CA GLY F 356 47.53 -52.52 1.64
C GLY F 356 47.11 -51.30 0.83
N ILE F 357 45.80 -51.12 0.64
CA ILE F 357 45.32 -49.97 -0.12
C ILE F 357 45.70 -48.66 0.57
N THR F 358 45.47 -48.61 1.88
CA THR F 358 45.78 -47.40 2.64
C THR F 358 47.28 -47.10 2.61
N GLN F 359 48.11 -48.15 2.72
CA GLN F 359 49.55 -47.95 2.67
C GLN F 359 49.99 -47.43 1.32
N ARG F 360 49.40 -47.94 0.23
CA ARG F 360 49.72 -47.45 -1.09
C ARG F 360 49.45 -45.95 -1.21
N LYS F 361 48.22 -45.54 -0.87
CA LYS F 361 47.88 -44.13 -1.02
C LYS F 361 48.71 -43.24 -0.10
N TYR F 362 48.89 -43.67 1.15
CA TYR F 362 49.68 -42.91 2.12
C TYR F 362 51.12 -42.74 1.65
N ASN F 363 51.73 -43.82 1.15
CA ASN F 363 53.11 -43.75 0.71
C ASN F 363 53.26 -42.88 -0.53
N TYR F 364 52.26 -42.90 -1.41
CA TYR F 364 52.29 -41.98 -2.55
C TYR F 364 52.33 -40.53 -2.09
N ILE F 365 51.40 -40.15 -1.21
CA ILE F 365 51.34 -38.77 -0.73
C ILE F 365 52.64 -38.41 0.00
N ARG F 366 53.14 -39.31 0.82
CA ARG F 366 54.35 -39.04 1.59
C ARG F 366 55.58 -38.91 0.70
N ALA F 367 55.65 -39.70 -0.37
CA ALA F 367 56.77 -39.57 -1.30
C ALA F 367 56.75 -38.22 -2.00
N GLU F 368 55.56 -37.76 -2.40
CA GLU F 368 55.48 -36.41 -2.96
C GLU F 368 55.94 -35.36 -1.95
N GLN F 369 55.53 -35.50 -0.69
CA GLN F 369 55.92 -34.53 0.32
C GLN F 369 57.43 -34.56 0.58
N LEU F 370 58.03 -35.75 0.61
CA LEU F 370 59.47 -35.85 0.81
C LEU F 370 60.24 -35.23 -0.34
N PHE F 371 59.77 -35.44 -1.57
CA PHE F 371 60.42 -34.79 -2.70
C PHE F 371 60.32 -33.27 -2.60
N ARG F 372 59.15 -32.76 -2.20
CA ARG F 372 59.03 -31.32 -2.01
C ARG F 372 59.92 -30.82 -0.89
N ALA F 373 60.18 -31.65 0.12
CA ALA F 373 61.05 -31.25 1.22
C ALA F 373 62.52 -31.27 0.81
N GLU F 374 62.88 -32.08 -0.20
CA GLU F 374 64.25 -32.02 -0.71
C GLU F 374 64.57 -30.67 -1.32
N LYS F 375 63.65 -30.14 -2.13
CA LYS F 375 63.77 -28.78 -2.67
C LYS F 375 62.89 -27.87 -1.82
N GLY F 376 63.44 -27.42 -0.71
CA GLY F 376 62.68 -26.73 0.31
C GLY F 376 62.22 -25.36 -0.13
N LEU F 377 61.77 -24.60 0.87
CA LEU F 377 61.21 -23.27 0.61
C LEU F 377 62.28 -22.34 0.03
N ARG F 378 61.85 -21.45 -0.86
CA ARG F 378 62.80 -20.65 -1.62
C ARG F 378 63.62 -19.73 -0.73
N LEU F 379 62.96 -19.04 0.20
CA LEU F 379 63.65 -18.08 1.07
C LEU F 379 63.29 -18.29 2.53
N LEU F 380 63.04 -19.54 2.94
CA LEU F 380 62.72 -19.86 4.32
C LEU F 380 63.42 -21.16 4.68
N ASP F 381 63.09 -21.70 5.85
CA ASP F 381 63.67 -22.96 6.28
C ASP F 381 63.15 -24.12 5.45
N ASP F 382 64.03 -25.06 5.13
CA ASP F 382 63.66 -26.22 4.34
C ASP F 382 62.95 -27.29 5.16
N ALA F 383 62.99 -27.20 6.49
CA ALA F 383 62.34 -28.17 7.36
C ALA F 383 60.93 -27.78 7.75
N SER F 384 60.45 -26.61 7.31
CA SER F 384 59.10 -26.19 7.62
C SER F 384 58.06 -26.80 6.70
N VAL F 385 58.48 -27.54 5.67
CA VAL F 385 57.54 -28.19 4.77
C VAL F 385 56.82 -29.32 5.50
N PRO F 386 55.50 -29.39 5.45
CA PRO F 386 54.79 -30.50 6.13
C PRO F 386 55.08 -31.82 5.42
N VAL F 387 55.51 -32.81 6.20
CA VAL F 387 55.80 -34.14 5.71
C VAL F 387 55.12 -35.14 6.65
N LEU F 388 54.41 -36.10 6.07
CA LEU F 388 53.73 -37.10 6.88
C LEU F 388 54.74 -37.99 7.60
N PRO F 389 54.40 -38.48 8.78
CA PRO F 389 55.26 -39.46 9.46
C PRO F 389 55.23 -40.78 8.74
N LYS F 390 56.12 -41.67 9.15
CA LYS F 390 56.14 -43.01 8.60
C LYS F 390 54.85 -43.73 8.95
N PHE F 391 54.47 -44.69 8.10
CA PHE F 391 53.18 -45.37 8.25
C PHE F 391 53.04 -46.00 9.63
N GLY F 392 52.13 -45.48 10.44
CA GLY F 392 51.96 -45.95 11.80
C GLY F 392 53.06 -45.55 12.75
N ASP F 393 53.41 -44.26 12.80
CA ASP F 393 54.50 -43.81 13.64
C ASP F 393 54.12 -42.62 14.51
N ASP F 394 53.07 -41.90 14.12
CA ASP F 394 52.56 -40.75 14.88
C ASP F 394 53.55 -39.58 14.91
N ARG F 395 53.08 -38.43 15.39
CA ARG F 395 53.84 -37.19 15.27
C ARG F 395 55.11 -37.21 16.11
N ARG F 396 56.11 -36.45 15.65
CA ARG F 396 57.36 -36.26 16.36
C ARG F 396 57.73 -34.78 16.32
N HIS F 397 58.55 -34.36 17.28
CA HIS F 397 58.97 -32.97 17.34
C HIS F 397 59.96 -32.66 16.22
N SER F 398 60.11 -31.36 15.94
CA SER F 398 61.11 -30.91 14.99
C SER F 398 62.49 -31.05 15.61
N PRO F 399 63.55 -31.09 14.78
CA PRO F 399 64.89 -31.35 15.33
C PRO F 399 65.34 -30.35 16.38
N GLU F 400 64.94 -29.08 16.27
CA GLU F 400 65.34 -28.10 17.27
C GLU F 400 64.71 -28.41 18.63
N ILE F 401 63.41 -28.70 18.65
CA ILE F 401 62.75 -29.07 19.89
C ILE F 401 63.30 -30.39 20.43
N GLN F 402 63.63 -31.31 19.52
CA GLN F 402 64.19 -32.59 19.95
C GLN F 402 65.54 -32.38 20.64
N ALA F 403 66.39 -31.53 20.07
CA ALA F 403 67.67 -31.23 20.71
C ALA F 403 67.47 -30.51 22.04
N PHE F 404 66.49 -29.59 22.09
CA PHE F 404 66.22 -28.89 23.33
C PHE F 404 65.76 -29.83 24.43
N ILE F 405 64.93 -30.81 24.09
CA ILE F 405 64.43 -31.75 25.10
C ILE F 405 65.52 -32.78 25.44
N GLU F 406 66.44 -33.06 24.52
CA GLU F 406 67.54 -33.96 24.85
C GLU F 406 68.53 -33.29 25.79
N GLN F 407 68.79 -32.00 25.59
CA GLN F 407 69.68 -31.27 26.50
C GLN F 407 69.07 -31.17 27.89
N MET F 408 67.77 -30.93 27.98
CA MET F 408 67.08 -30.84 29.26
C MET F 408 66.91 -32.21 29.89
N GLY G 2 12.43 -76.68 11.14
CA GLY G 2 12.86 -75.57 10.32
C GLY G 2 11.72 -74.64 9.98
N ASN G 3 11.05 -74.11 11.01
CA ASN G 3 9.92 -73.20 10.80
C ASN G 3 10.37 -71.80 10.38
N ASN G 4 11.64 -71.45 10.59
CA ASN G 4 12.16 -70.14 10.22
C ASN G 4 13.40 -70.30 9.36
N ARG G 5 13.52 -69.45 8.34
CA ARG G 5 14.70 -69.41 7.50
C ARG G 5 15.12 -67.97 7.28
N VAL G 6 16.42 -67.78 7.08
CA VAL G 6 16.99 -66.49 6.68
C VAL G 6 17.69 -66.70 5.34
N VAL G 7 17.25 -65.96 4.32
CA VAL G 7 17.76 -66.11 2.97
C VAL G 7 18.55 -64.86 2.61
N TYR G 8 19.79 -65.06 2.18
CA TYR G 8 20.64 -63.97 1.70
C TYR G 8 20.47 -63.86 0.19
N LEU G 9 20.05 -62.68 -0.27
CA LEU G 9 19.79 -62.47 -1.70
C LEU G 9 21.05 -62.01 -2.41
N LYS G 10 21.24 -62.53 -3.62
CA LYS G 10 22.41 -62.20 -4.42
C LYS G 10 22.17 -60.98 -5.30
N TYR G 11 21.06 -60.95 -6.04
CA TYR G 11 20.84 -59.92 -7.05
C TYR G 11 19.61 -59.06 -6.81
N ALA G 12 18.63 -59.51 -6.04
CA ALA G 12 17.41 -58.76 -5.83
C ALA G 12 17.48 -57.94 -4.56
N LYS G 13 16.47 -57.11 -4.36
CA LYS G 13 16.32 -56.30 -3.16
C LYS G 13 15.17 -56.86 -2.33
N ALA G 14 15.42 -57.06 -1.04
CA ALA G 14 14.46 -57.76 -0.19
C ALA G 14 13.16 -56.98 -0.04
N GLU G 15 13.26 -55.65 0.11
CA GLU G 15 12.08 -54.82 0.21
C GLU G 15 11.18 -54.97 -1.01
N ASP G 16 11.78 -55.20 -2.18
CA ASP G 16 10.98 -55.45 -3.38
C ASP G 16 10.26 -56.80 -3.29
N LEU G 17 10.95 -57.83 -2.83
CA LEU G 17 10.37 -59.17 -2.82
C LEU G 17 9.33 -59.36 -1.72
N VAL G 18 9.33 -58.51 -0.69
CA VAL G 18 8.35 -58.67 0.39
C VAL G 18 6.94 -58.51 -0.16
N GLU G 19 6.71 -57.47 -0.96
CA GLU G 19 5.38 -57.23 -1.51
C GLU G 19 4.94 -58.36 -2.41
N VAL G 20 5.85 -58.87 -3.25
CA VAL G 20 5.52 -59.95 -4.16
C VAL G 20 5.16 -61.21 -3.39
N LEU G 21 5.95 -61.55 -2.37
CA LEU G 21 5.75 -62.80 -1.65
C LEU G 21 4.63 -62.76 -0.63
N LYS G 22 4.13 -61.57 -0.26
CA LYS G 22 3.03 -61.51 0.69
C LYS G 22 1.82 -62.29 0.18
N GLY G 23 1.48 -62.12 -1.11
CA GLY G 23 0.34 -62.82 -1.66
C GLY G 23 0.55 -64.33 -1.74
N VAL G 24 1.74 -64.76 -2.18
CA VAL G 24 2.02 -66.18 -2.32
C VAL G 24 2.01 -66.86 -0.96
N SER G 25 2.59 -66.22 0.05
CA SER G 25 2.65 -66.81 1.39
C SER G 25 1.26 -67.03 1.96
N GLU G 26 0.35 -66.07 1.78
CA GLU G 26 -1.01 -66.19 2.26
C GLU G 26 -1.84 -67.08 1.35
N VAL G 45 2.07 -67.21 8.26
CA VAL G 45 3.15 -66.93 7.33
C VAL G 45 3.59 -65.47 7.45
N MET G 46 4.86 -65.25 7.80
CA MET G 46 5.38 -63.90 7.94
C MET G 46 6.64 -63.74 7.12
N ILE G 47 6.76 -62.58 6.48
CA ILE G 47 7.88 -62.20 5.62
C ILE G 47 8.42 -60.87 6.12
N ALA G 48 9.72 -60.80 6.37
CA ALA G 48 10.34 -59.55 6.78
C ALA G 48 11.64 -59.35 6.00
N ALA G 49 12.05 -58.09 5.88
CA ALA G 49 13.26 -57.73 5.16
C ALA G 49 14.22 -57.00 6.08
N HIS G 50 15.48 -57.41 6.07
CA HIS G 50 16.58 -56.70 6.72
C HIS G 50 17.39 -56.05 5.61
N ALA G 51 17.36 -54.72 5.55
CA ALA G 51 17.95 -53.99 4.44
C ALA G 51 19.47 -53.93 4.52
N ASP G 52 20.03 -53.87 5.74
CA ASP G 52 21.47 -53.68 5.87
C ASP G 52 22.23 -54.89 5.37
N THR G 53 21.72 -56.10 5.59
CA THR G 53 22.32 -57.31 5.08
C THR G 53 21.63 -57.84 3.83
N ASN G 54 20.58 -57.17 3.37
CA ASN G 54 19.79 -57.59 2.21
C ASN G 54 19.31 -59.03 2.36
N SER G 55 18.56 -59.27 3.43
CA SER G 55 18.12 -60.61 3.77
C SER G 55 16.61 -60.67 3.96
N LEU G 56 16.05 -61.84 3.71
CA LEU G 56 14.64 -62.12 3.97
C LEU G 56 14.54 -63.08 5.15
N VAL G 57 13.69 -62.73 6.11
CA VAL G 57 13.36 -63.61 7.23
C VAL G 57 11.97 -64.16 6.97
N LEU G 58 11.86 -65.48 6.87
CA LEU G 58 10.64 -66.14 6.46
C LEU G 58 10.23 -67.13 7.55
N THR G 59 8.96 -67.08 7.95
CA THR G 59 8.41 -68.10 8.85
C THR G 59 7.10 -68.62 8.28
N ALA G 60 7.02 -69.94 8.15
CA ALA G 60 5.91 -70.62 7.49
C ALA G 60 6.08 -72.12 7.68
N PRO G 61 5.00 -72.91 7.53
CA PRO G 61 5.14 -74.36 7.52
C PRO G 61 5.93 -74.89 6.32
N GLN G 62 6.17 -76.20 6.28
CA GLN G 62 7.15 -76.77 5.35
C GLN G 62 6.75 -76.56 3.89
N ASP G 63 5.48 -76.79 3.56
CA ASP G 63 5.06 -76.73 2.15
C ASP G 63 5.12 -75.31 1.61
N ILE G 64 4.53 -74.36 2.35
CA ILE G 64 4.61 -72.96 1.95
C ILE G 64 6.06 -72.51 1.92
N MET G 65 6.88 -73.00 2.85
CA MET G 65 8.29 -72.65 2.87
C MET G 65 8.99 -73.09 1.59
N ASN G 66 8.75 -74.34 1.16
CA ASN G 66 9.40 -74.84 -0.04
C ASN G 66 8.93 -74.07 -1.28
N ALA G 67 7.63 -73.79 -1.36
CA ALA G 67 7.11 -73.04 -2.49
C ALA G 67 7.73 -71.64 -2.56
N MET G 68 7.80 -70.97 -1.41
CA MET G 68 8.36 -69.63 -1.37
C MET G 68 9.84 -69.64 -1.71
N LEU G 69 10.57 -70.66 -1.26
CA LEU G 69 11.99 -70.75 -1.61
C LEU G 69 12.17 -70.95 -3.11
N GLU G 70 11.32 -71.76 -3.74
CA GLU G 70 11.40 -71.91 -5.18
C GLU G 70 11.12 -70.60 -5.90
N VAL G 71 10.11 -69.85 -5.45
CA VAL G 71 9.80 -68.57 -6.08
C VAL G 71 10.96 -67.59 -5.91
N ILE G 72 11.55 -67.53 -4.72
CA ILE G 72 12.68 -66.64 -4.48
C ILE G 72 13.85 -67.02 -5.38
N GLY G 73 14.14 -68.32 -5.47
CA GLY G 73 15.22 -68.76 -6.33
C GLY G 73 15.00 -68.42 -7.79
N GLN G 74 13.74 -68.43 -8.23
CA GLN G 74 13.46 -68.06 -9.62
C GLN G 74 13.53 -66.55 -9.85
N LEU G 75 13.19 -65.74 -8.86
CA LEU G 75 13.24 -64.28 -9.04
C LEU G 75 14.60 -63.67 -8.70
N ASP G 76 15.50 -64.41 -8.06
CA ASP G 76 16.80 -63.88 -7.64
C ASP G 76 17.85 -64.28 -8.65
N ILE G 77 17.86 -63.59 -9.79
CA ILE G 77 18.76 -63.90 -10.88
C ILE G 77 19.42 -62.63 -11.39
N ARG G 78 20.40 -62.81 -12.27
CA ARG G 78 21.20 -61.72 -12.79
C ARG G 78 20.52 -61.06 -13.98
N ARG G 79 20.65 -59.74 -14.07
CA ARG G 79 20.18 -58.96 -15.20
C ARG G 79 21.33 -58.62 -16.12
N ALA G 80 21.04 -58.59 -17.43
CA ALA G 80 22.00 -58.18 -18.43
C ALA G 80 22.05 -56.66 -18.51
N GLN G 81 23.02 -56.15 -19.25
CA GLN G 81 23.20 -54.72 -19.43
C GLN G 81 23.11 -54.35 -20.90
N VAL G 82 22.80 -53.07 -21.15
CA VAL G 82 22.73 -52.54 -22.50
C VAL G 82 23.58 -51.28 -22.58
N LEU G 83 24.45 -51.22 -23.58
CA LEU G 83 25.13 -50.00 -23.97
C LEU G 83 24.34 -49.39 -25.12
N ILE G 84 23.94 -48.13 -24.98
CA ILE G 84 23.09 -47.44 -25.94
C ILE G 84 23.86 -46.25 -26.48
N GLU G 85 24.03 -46.18 -27.80
CA GLU G 85 24.73 -45.10 -28.46
C GLU G 85 23.78 -44.40 -29.43
N ALA G 86 23.72 -43.07 -29.35
CA ALA G 86 22.96 -42.27 -30.29
C ALA G 86 23.91 -41.55 -31.24
N LEU G 87 23.42 -41.21 -32.42
CA LEU G 87 24.21 -40.54 -33.45
C LEU G 87 23.37 -39.45 -34.07
N ILE G 88 23.80 -38.20 -33.89
CA ILE G 88 23.09 -37.03 -34.41
C ILE G 88 23.94 -36.42 -35.51
N VAL G 89 23.37 -36.29 -36.70
CA VAL G 89 24.05 -35.72 -37.86
C VAL G 89 23.29 -34.48 -38.29
N GLU G 90 24.00 -33.37 -38.49
CA GLU G 90 23.42 -32.13 -38.96
C GLU G 90 24.29 -31.55 -40.07
N MET G 91 23.67 -31.15 -41.16
CA MET G 91 24.34 -30.51 -42.29
C MET G 91 23.53 -29.33 -42.75
N ALA G 92 24.18 -28.20 -43.00
CA ALA G 92 23.51 -27.02 -43.50
C ALA G 92 24.36 -26.38 -44.60
N GLU G 93 23.68 -25.84 -45.61
CA GLU G 93 24.31 -25.15 -46.72
C GLU G 93 23.49 -23.91 -47.07
N GLY G 94 24.18 -22.85 -47.48
CA GLY G 94 23.50 -21.62 -47.86
C GLY G 94 24.26 -20.80 -48.88
N ASP G 95 23.53 -20.16 -49.79
CA ASP G 95 24.14 -19.37 -50.86
C ASP G 95 23.23 -18.20 -51.22
N GLY G 96 23.80 -17.02 -51.41
CA GLY G 96 23.02 -15.85 -51.76
C GLY G 96 23.79 -14.89 -52.64
N ILE G 97 23.04 -14.11 -53.42
CA ILE G 97 23.62 -13.10 -54.29
C ILE G 97 22.73 -11.87 -54.32
N ASN G 98 23.35 -10.69 -54.25
CA ASN G 98 22.67 -9.40 -54.35
C ASN G 98 23.38 -8.54 -55.39
N LEU G 99 22.62 -7.89 -56.27
CA LEU G 99 23.21 -7.06 -57.31
C LEU G 99 22.24 -5.95 -57.67
N GLY G 100 22.71 -4.70 -57.67
CA GLY G 100 21.85 -3.58 -58.00
C GLY G 100 22.59 -2.31 -58.32
N VAL G 101 21.90 -1.41 -59.02
CA VAL G 101 22.39 -0.09 -59.39
C VAL G 101 21.36 0.94 -58.99
N GLN G 102 21.80 2.04 -58.37
CA GLN G 102 20.94 3.12 -57.93
C GLN G 102 21.45 4.44 -58.51
N TRP G 103 20.53 5.34 -58.82
CA TRP G 103 20.86 6.65 -59.34
C TRP G 103 20.27 7.72 -58.45
N GLY G 104 21.05 8.78 -58.23
CA GLY G 104 20.63 9.83 -57.33
C GLY G 104 21.13 11.18 -57.76
N SER G 105 20.46 12.23 -57.29
CA SER G 105 20.88 13.60 -57.51
C SER G 105 20.27 14.46 -56.42
N LEU G 106 21.10 15.32 -55.82
CA LEU G 106 20.69 16.10 -54.66
C LEU G 106 20.34 17.54 -54.98
N GLU G 107 20.73 18.06 -56.15
CA GLU G 107 20.29 19.40 -56.53
C GLU G 107 18.78 19.45 -56.66
N SER G 108 18.18 18.44 -57.28
CA SER G 108 16.77 18.15 -57.18
C SER G 108 16.58 16.99 -56.20
N GLY G 109 15.36 16.51 -56.09
CA GLY G 109 15.13 15.35 -55.26
C GLY G 109 15.13 14.02 -55.99
N SER G 110 15.65 13.98 -57.21
CA SER G 110 15.52 12.81 -58.05
C SER G 110 16.37 11.65 -57.52
N VAL G 111 15.74 10.49 -57.35
CA VAL G 111 16.42 9.28 -56.94
C VAL G 111 15.81 8.10 -57.69
N ILE G 112 16.63 7.10 -57.98
CA ILE G 112 16.17 5.77 -58.35
C ILE G 112 16.66 4.85 -57.22
N GLN G 113 15.80 4.62 -56.23
CA GLN G 113 16.19 4.06 -54.96
C GLN G 113 15.65 2.65 -54.78
N TYR G 114 16.45 1.79 -54.16
CA TYR G 114 16.07 0.43 -53.83
C TYR G 114 16.53 0.14 -52.41
N GLY G 115 15.58 -0.07 -51.51
CA GLY G 115 15.91 -0.35 -50.11
C GLY G 115 16.23 -1.78 -49.79
N ASN G 116 15.99 -2.70 -50.74
CA ASN G 116 16.35 -4.10 -50.52
C ASN G 116 17.86 -4.25 -50.28
N THR G 117 18.65 -3.54 -51.08
CA THR G 117 20.09 -3.48 -50.84
C THR G 117 20.38 -2.76 -49.53
N GLY G 118 21.49 -3.12 -48.90
CA GLY G 118 21.82 -2.57 -47.60
C GLY G 118 22.43 -1.18 -47.65
N ALA G 119 22.03 -0.40 -48.65
CA ALA G 119 22.55 0.96 -48.79
C ALA G 119 21.58 1.75 -49.66
N SER G 120 21.09 2.87 -49.14
CA SER G 120 20.18 3.74 -49.87
C SER G 120 20.94 4.97 -50.34
N ILE G 121 20.73 5.35 -51.60
CA ILE G 121 21.55 6.40 -52.21
C ILE G 121 21.30 7.75 -51.55
N GLY G 122 20.06 8.03 -51.12
CA GLY G 122 19.77 9.31 -50.50
C GLY G 122 20.53 9.53 -49.20
N ASN G 123 20.53 8.50 -48.34
CA ASN G 123 21.28 8.59 -47.09
C ASN G 123 22.77 8.75 -47.35
N VAL G 124 23.31 8.03 -48.33
CA VAL G 124 24.71 8.14 -48.66
C VAL G 124 25.05 9.55 -49.12
N MET G 125 24.25 10.11 -50.02
CA MET G 125 24.52 11.44 -50.53
C MET G 125 24.42 12.51 -49.45
N ILE G 126 23.38 12.42 -48.61
CA ILE G 126 23.23 13.42 -47.56
C ILE G 126 24.36 13.30 -46.53
N GLY G 127 24.73 12.08 -46.15
CA GLY G 127 25.83 11.91 -45.23
C GLY G 127 27.15 12.40 -45.81
N LEU G 128 27.34 12.22 -47.11
CA LEU G 128 28.52 12.77 -47.77
C LEU G 128 28.50 14.30 -47.70
N GLU G 129 27.33 14.90 -47.91
CA GLU G 129 27.23 16.35 -47.85
C GLU G 129 27.53 16.88 -46.46
N GLU G 130 27.00 16.24 -45.42
CA GLU G 130 27.18 16.73 -44.07
C GLU G 130 28.62 16.57 -43.56
N ALA G 131 29.45 15.82 -44.27
CA ALA G 131 30.83 15.59 -43.87
C ALA G 131 31.80 16.58 -44.49
N LYS G 132 31.30 17.56 -45.25
CA LYS G 132 32.15 18.56 -45.90
C LYS G 132 32.43 19.71 -44.95
N ASP G 133 33.46 20.49 -45.30
CA ASP G 133 33.87 21.65 -44.51
C ASP G 133 33.04 22.86 -44.90
N THR G 134 32.55 23.58 -43.89
CA THR G 134 31.62 24.69 -44.08
C THR G 134 32.25 26.01 -43.64
N THR G 135 31.97 27.08 -44.42
CA THR G 135 32.46 28.44 -44.11
C THR G 135 31.28 29.36 -43.88
N GLN G 136 31.11 29.82 -42.65
CA GLN G 136 30.07 30.79 -42.38
C GLN G 136 30.68 32.19 -42.46
N THR G 137 30.80 32.74 -43.66
CA THR G 137 31.48 34.04 -43.79
C THR G 137 30.52 35.20 -43.52
N LYS G 138 30.67 35.82 -42.36
CA LYS G 138 29.77 36.90 -42.00
C LYS G 138 29.84 38.10 -42.92
N ALA G 139 31.03 38.52 -43.29
CA ALA G 139 31.19 39.69 -44.15
C ALA G 139 30.37 40.79 -43.54
N VAL G 140 30.44 40.88 -42.21
CA VAL G 140 29.69 41.89 -41.51
C VAL G 140 30.51 43.14 -41.57
N TYR G 141 30.71 43.65 -42.78
CA TYR G 141 31.53 44.82 -42.94
C TYR G 141 30.80 46.12 -42.70
N PHE G 147 33.48 47.25 -37.01
CA PHE G 147 33.64 47.26 -38.46
C PHE G 147 34.73 46.30 -38.89
N LEU G 148 34.51 45.01 -38.59
CA LEU G 148 35.43 43.92 -38.92
C LEU G 148 34.99 43.36 -40.27
N ARG G 149 35.70 43.72 -41.32
CA ARG G 149 35.19 43.61 -42.69
C ARG G 149 34.93 42.17 -43.14
N ASN G 150 35.61 41.19 -42.56
CA ASN G 150 35.65 39.85 -43.15
C ASN G 150 35.53 38.74 -42.10
N GLU G 151 34.54 38.83 -41.22
CA GLU G 151 34.45 37.88 -40.11
C GLU G 151 34.07 36.46 -40.54
N THR G 152 34.97 35.75 -41.21
CA THR G 152 34.67 34.39 -41.63
C THR G 152 34.80 33.41 -40.46
N THR G 153 34.43 32.17 -40.74
CA THR G 153 34.67 31.05 -39.84
C THR G 153 34.73 29.78 -40.66
N THR G 154 35.35 28.74 -40.10
CA THR G 154 35.37 27.43 -40.74
C THR G 154 34.96 26.39 -39.70
N THR G 155 34.32 25.33 -40.18
CA THR G 155 33.81 24.28 -39.29
C THR G 155 33.96 22.93 -39.98
N LYS G 156 34.62 21.99 -39.30
CA LYS G 156 34.74 20.64 -39.83
C LYS G 156 33.39 19.93 -39.80
N GLY G 157 33.13 19.12 -40.83
CA GLY G 157 31.86 18.43 -40.93
C GLY G 157 31.74 17.27 -39.97
N ASP G 158 30.51 16.78 -39.84
CA ASP G 158 30.21 15.65 -38.98
C ASP G 158 30.06 14.39 -39.81
N TYR G 159 30.58 13.28 -39.27
CA TYR G 159 30.61 12.00 -39.99
C TYR G 159 29.57 11.02 -39.48
N THR G 160 28.60 11.47 -38.69
CA THR G 160 27.67 10.54 -38.06
C THR G 160 26.73 9.90 -39.08
N LYS G 161 26.15 10.70 -39.97
CA LYS G 161 25.22 10.15 -40.95
C LYS G 161 25.93 9.22 -41.93
N LEU G 162 27.14 9.59 -42.36
CA LEU G 162 27.91 8.71 -43.22
C LEU G 162 28.27 7.40 -42.52
N ALA G 163 28.64 7.49 -41.24
CA ALA G 163 28.97 6.30 -40.49
C ALA G 163 27.76 5.37 -40.36
N SER G 164 26.58 5.95 -40.12
CA SER G 164 25.37 5.14 -40.05
C SER G 164 24.99 4.54 -41.40
N ALA G 165 25.27 5.26 -42.49
CA ALA G 165 24.90 4.77 -43.81
C ALA G 165 25.74 3.58 -44.24
N LEU G 166 27.01 3.57 -43.86
CA LEU G 166 27.93 2.51 -44.27
C LEU G 166 28.02 1.37 -43.25
N SER G 167 27.24 1.42 -42.17
CA SER G 167 27.40 0.46 -41.09
C SER G 167 26.96 -0.94 -41.50
N SER G 168 25.91 -1.04 -42.31
CA SER G 168 25.29 -2.33 -42.64
C SER G 168 25.73 -2.88 -43.99
N ILE G 169 26.70 -2.24 -44.64
CA ILE G 169 27.06 -2.61 -46.01
C ILE G 169 27.94 -3.86 -45.98
N GLN G 170 27.57 -4.87 -46.77
CA GLN G 170 28.37 -6.06 -46.98
C GLN G 170 28.67 -6.17 -48.47
N GLY G 171 29.94 -6.29 -48.81
CA GLY G 171 30.35 -6.40 -50.19
C GLY G 171 30.67 -5.06 -50.81
N ALA G 172 30.50 -4.98 -52.13
CA ALA G 172 30.87 -3.78 -52.87
C ALA G 172 29.71 -2.80 -52.91
N ALA G 173 29.99 -1.55 -52.53
CA ALA G 173 29.08 -0.41 -52.67
C ALA G 173 29.93 0.77 -53.14
N VAL G 174 29.93 0.99 -54.46
CA VAL G 174 30.87 1.90 -55.12
C VAL G 174 30.08 3.01 -55.80
N SER G 175 30.46 4.25 -55.55
CA SER G 175 29.79 5.43 -56.09
C SER G 175 30.61 6.03 -57.22
N ILE G 176 29.96 6.34 -58.33
CA ILE G 176 30.57 6.96 -59.50
C ILE G 176 29.81 8.25 -59.79
N ALA G 177 30.52 9.37 -59.83
CA ALA G 177 29.93 10.66 -60.14
C ALA G 177 30.17 10.98 -61.61
N MET G 178 29.11 11.45 -62.28
CA MET G 178 29.18 11.75 -63.71
C MET G 178 28.45 13.06 -64.02
N GLY G 179 28.43 13.98 -63.07
CA GLY G 179 27.86 15.29 -63.30
C GLY G 179 26.44 15.41 -62.80
N ASP G 180 26.26 16.04 -61.63
CA ASP G 180 24.98 16.20 -60.95
C ASP G 180 24.16 14.91 -60.96
N TRP G 181 24.85 13.77 -60.97
CA TRP G 181 24.20 12.46 -61.04
C TRP G 181 25.19 11.44 -60.50
N THR G 182 24.78 10.70 -59.47
CA THR G 182 25.62 9.70 -58.83
C THR G 182 25.02 8.31 -59.06
N ALA G 183 25.86 7.36 -59.45
CA ALA G 183 25.47 5.97 -59.62
C ALA G 183 26.15 5.13 -58.54
N LEU G 184 25.35 4.45 -57.74
CA LEU G 184 25.84 3.57 -56.68
C LEU G 184 25.60 2.12 -57.10
N ILE G 185 26.68 1.35 -57.20
CA ILE G 185 26.62 -0.06 -57.57
C ILE G 185 26.86 -0.90 -56.33
N ASN G 186 25.94 -1.82 -56.05
CA ASN G 186 26.09 -2.75 -54.94
C ASN G 186 26.10 -4.18 -55.48
N ALA G 187 27.00 -4.99 -54.92
CA ALA G 187 27.16 -6.36 -55.38
C ALA G 187 27.80 -7.20 -54.28
N VAL G 188 27.22 -8.36 -54.00
CA VAL G 188 27.76 -9.25 -52.97
C VAL G 188 27.30 -10.67 -53.24
N SER G 189 28.14 -11.64 -52.87
CA SER G 189 27.84 -13.06 -52.92
C SER G 189 28.27 -13.70 -51.62
N ASN G 190 27.37 -14.46 -50.99
CA ASN G 190 27.62 -15.08 -49.70
C ASN G 190 27.44 -16.58 -49.78
N ASP G 191 28.28 -17.32 -49.05
CA ASP G 191 28.26 -18.77 -49.02
C ASP G 191 28.55 -19.25 -47.59
N SER G 192 27.85 -20.29 -47.15
CA SER G 192 28.03 -20.80 -45.80
C SER G 192 27.77 -22.30 -45.77
N SER G 193 28.50 -23.00 -44.90
CA SER G 193 28.38 -24.44 -44.74
C SER G 193 28.56 -24.81 -43.28
N SER G 194 27.93 -25.91 -42.86
CA SER G 194 27.99 -26.38 -41.49
C SER G 194 27.82 -27.88 -41.45
N ASN G 195 28.61 -28.55 -40.60
CA ASN G 195 28.65 -30.00 -40.52
C ASN G 195 28.92 -30.41 -39.08
N ILE G 196 27.96 -31.08 -38.45
CA ILE G 196 28.02 -31.42 -37.03
C ILE G 196 27.72 -32.90 -36.84
N LEU G 197 28.54 -33.57 -36.04
CA LEU G 197 28.35 -34.96 -35.62
C LEU G 197 28.41 -35.04 -34.11
N SER G 198 27.43 -35.72 -33.50
CA SER G 198 27.41 -35.91 -32.06
C SER G 198 27.06 -37.36 -31.74
N SER G 199 27.66 -37.89 -30.68
CA SER G 199 27.46 -39.29 -30.27
C SER G 199 27.43 -39.44 -28.76
N PRO G 200 26.27 -39.26 -28.13
CA PRO G 200 26.14 -39.59 -26.71
C PRO G 200 25.87 -41.08 -26.50
N SER G 201 26.34 -41.59 -25.36
CA SER G 201 26.21 -43.00 -25.05
C SER G 201 26.04 -43.20 -23.55
N ILE G 202 25.38 -44.29 -23.17
CA ILE G 202 25.14 -44.60 -21.76
C ILE G 202 24.96 -46.10 -21.59
N THR G 203 25.37 -46.61 -20.43
CA THR G 203 25.23 -48.03 -20.09
C THR G 203 24.21 -48.17 -18.96
N VAL G 204 23.26 -49.09 -19.13
CA VAL G 204 22.21 -49.34 -18.15
C VAL G 204 22.06 -50.84 -17.93
N MET G 205 21.25 -51.18 -16.94
CA MET G 205 20.80 -52.54 -16.73
C MET G 205 19.42 -52.72 -17.36
N ASP G 206 19.06 -53.98 -17.59
CA ASP G 206 17.75 -54.30 -18.15
C ASP G 206 16.65 -53.78 -17.23
N ASN G 207 15.66 -53.12 -17.82
CA ASN G 207 14.48 -52.61 -17.13
C ASN G 207 14.80 -51.43 -16.21
N GLY G 208 15.92 -50.75 -16.44
CA GLY G 208 16.30 -49.60 -15.65
C GLY G 208 16.32 -48.34 -16.49
N GLU G 209 16.14 -47.20 -15.82
CA GLU G 209 16.15 -45.90 -16.49
C GLU G 209 17.54 -45.27 -16.39
N ALA G 210 17.94 -44.61 -17.48
CA ALA G 210 19.23 -43.92 -17.54
C ALA G 210 19.04 -42.52 -18.09
N SER G 211 19.76 -41.57 -17.48
CA SER G 211 19.72 -40.16 -17.87
C SER G 211 21.13 -39.69 -18.18
N PHE G 212 21.26 -38.88 -19.23
CA PHE G 212 22.55 -38.36 -19.67
C PHE G 212 22.33 -36.92 -20.10
N ILE G 213 23.12 -36.00 -19.56
CA ILE G 213 23.09 -34.61 -20.01
C ILE G 213 24.50 -34.06 -20.08
N VAL G 214 24.81 -33.38 -21.18
CA VAL G 214 26.00 -32.54 -21.29
C VAL G 214 25.50 -31.17 -21.73
N GLY G 215 25.64 -30.17 -20.86
CA GLY G 215 25.08 -28.87 -21.17
C GLY G 215 25.16 -27.82 -20.08
N GLU G 216 24.04 -27.17 -19.83
CA GLU G 216 23.97 -25.98 -18.99
C GLU G 216 22.65 -25.96 -18.24
N GLU G 217 22.65 -25.26 -17.11
CA GLU G 217 21.45 -25.00 -16.32
C GLU G 217 21.20 -23.50 -16.31
N VAL G 218 20.06 -23.08 -16.84
CA VAL G 218 19.78 -21.69 -17.16
C VAL G 218 18.55 -21.26 -16.38
N PRO G 219 18.57 -20.11 -15.72
CA PRO G 219 17.36 -19.60 -15.07
C PRO G 219 16.43 -18.90 -16.06
N VAL G 220 15.13 -19.08 -15.87
CA VAL G 220 14.11 -18.46 -16.70
C VAL G 220 13.00 -17.90 -15.81
N ILE G 221 12.27 -16.95 -16.35
CA ILE G 221 11.21 -16.25 -15.64
C ILE G 221 9.91 -17.02 -15.80
N THR G 222 9.20 -17.24 -14.69
CA THR G 222 7.93 -17.92 -14.67
C THR G 222 6.91 -17.11 -13.86
N GLY G 223 6.79 -15.83 -14.18
CA GLY G 223 5.98 -14.94 -13.37
C GLY G 223 6.69 -13.75 -12.77
N SER G 224 7.67 -13.22 -13.53
CA SER G 224 8.45 -12.01 -13.17
C SER G 224 7.77 -11.04 -12.22
N ASP G 231 13.93 -3.28 -11.47
CA ASP G 231 13.88 -4.18 -10.31
C ASP G 231 12.64 -5.05 -10.36
N ASN G 232 12.46 -5.90 -9.34
CA ASN G 232 11.32 -6.79 -9.27
C ASN G 232 11.13 -7.29 -7.85
N PRO G 233 9.92 -7.27 -7.30
CA PRO G 233 9.71 -7.78 -5.95
C PRO G 233 9.69 -9.29 -5.86
N PHE G 234 9.14 -9.97 -6.87
CA PHE G 234 9.15 -11.42 -6.92
C PHE G 234 9.11 -11.86 -8.37
N GLN G 235 10.13 -12.61 -8.79
CA GLN G 235 10.33 -12.96 -10.20
C GLN G 235 9.80 -14.33 -10.57
N THR G 236 9.67 -15.25 -9.61
CA THR G 236 9.27 -16.64 -9.86
C THR G 236 10.19 -17.29 -10.89
N VAL G 237 11.46 -17.42 -10.52
CA VAL G 237 12.49 -17.95 -11.41
C VAL G 237 12.58 -19.46 -11.24
N ASP G 238 12.75 -20.16 -12.36
CA ASP G 238 12.95 -21.60 -12.37
C ASP G 238 14.14 -21.94 -13.25
N ARG G 239 14.91 -22.95 -12.84
CA ARG G 239 16.14 -23.31 -13.55
C ARG G 239 15.91 -24.55 -14.38
N LYS G 240 16.23 -24.45 -15.67
CA LYS G 240 15.98 -25.49 -16.66
C LYS G 240 17.29 -25.99 -17.23
N GLU G 241 17.24 -27.11 -17.94
CA GLU G 241 18.41 -27.78 -18.48
C GLU G 241 18.42 -27.68 -20.00
N VAL G 242 19.57 -27.32 -20.57
CA VAL G 242 19.78 -27.29 -22.01
C VAL G 242 21.05 -28.06 -22.31
N GLY G 243 21.14 -28.59 -23.52
CA GLY G 243 22.31 -29.35 -23.90
C GLY G 243 21.98 -30.55 -24.76
N ILE G 244 22.83 -31.56 -24.69
CA ILE G 244 22.56 -32.86 -25.27
C ILE G 244 22.03 -33.76 -24.17
N LYS G 245 20.80 -34.25 -24.35
CA LYS G 245 20.09 -35.00 -23.33
C LYS G 245 19.57 -36.31 -23.90
N LEU G 246 19.74 -37.38 -23.14
CA LEU G 246 19.29 -38.71 -23.51
C LEU G 246 18.68 -39.39 -22.29
N LYS G 247 17.39 -39.69 -22.33
CA LYS G 247 16.72 -40.50 -21.33
C LYS G 247 16.26 -41.79 -21.98
N VAL G 248 16.66 -42.93 -21.42
CA VAL G 248 16.38 -44.21 -22.05
C VAL G 248 15.94 -45.24 -21.01
N VAL G 249 14.95 -46.04 -21.37
CA VAL G 249 14.59 -47.24 -20.63
C VAL G 249 14.61 -48.42 -21.58
N PRO G 250 15.53 -49.37 -21.40
CA PRO G 250 15.55 -50.56 -22.25
C PRO G 250 14.81 -51.75 -21.64
N GLN G 251 14.41 -52.66 -22.52
CA GLN G 251 13.80 -53.93 -22.14
C GLN G 251 14.28 -54.99 -23.13
N ILE G 252 15.12 -55.89 -22.66
CA ILE G 252 15.61 -56.97 -23.50
C ILE G 252 14.59 -58.09 -23.48
N ASN G 253 14.24 -58.60 -24.66
CA ASN G 253 13.49 -59.84 -24.72
C ASN G 253 14.39 -60.98 -24.23
N GLU G 254 13.84 -62.19 -24.22
CA GLU G 254 14.64 -63.32 -23.77
C GLU G 254 15.81 -63.61 -24.71
N GLY G 255 15.82 -63.02 -25.91
CA GLY G 255 16.84 -63.29 -26.88
C GLY G 255 17.71 -62.09 -27.24
N ASN G 256 17.63 -61.65 -28.50
CA ASN G 256 18.57 -60.65 -29.02
C ASN G 256 17.88 -59.42 -29.58
N SER G 257 16.86 -58.91 -28.90
CA SER G 257 16.19 -57.69 -29.30
C SER G 257 15.95 -56.81 -28.09
N VAL G 258 16.04 -55.50 -28.29
CA VAL G 258 15.87 -54.53 -27.24
C VAL G 258 14.75 -53.57 -27.63
N GLN G 259 13.76 -53.43 -26.75
CA GLN G 259 12.72 -52.43 -26.88
C GLN G 259 13.15 -51.21 -26.08
N LEU G 260 13.19 -50.05 -26.73
CA LEU G 260 13.71 -48.83 -26.12
C LEU G 260 12.62 -47.78 -26.03
N ASN G 261 12.47 -47.17 -24.85
CA ASN G 261 11.71 -45.94 -24.68
C ASN G 261 12.73 -44.80 -24.58
N ILE G 262 12.65 -43.85 -25.52
CA ILE G 262 13.70 -42.86 -25.73
C ILE G 262 13.12 -41.45 -25.71
N GLU G 263 13.80 -40.56 -24.99
CA GLU G 263 13.65 -39.11 -25.12
C GLU G 263 15.01 -38.53 -25.43
N GLN G 264 15.17 -37.96 -26.62
CA GLN G 264 16.44 -37.41 -27.08
C GLN G 264 16.27 -35.93 -27.41
N GLU G 265 17.25 -35.12 -27.02
CA GLU G 265 17.11 -33.68 -27.20
C GLU G 265 18.47 -33.02 -27.41
N VAL G 266 18.50 -32.06 -28.34
CA VAL G 266 19.62 -31.13 -28.48
C VAL G 266 19.06 -29.72 -28.41
N SER G 267 19.54 -28.94 -27.44
CA SER G 267 19.00 -27.61 -27.22
C SER G 267 20.08 -26.66 -26.74
N ASN G 268 20.03 -25.42 -27.21
CA ASN G 268 20.94 -24.38 -26.76
C ASN G 268 20.17 -23.08 -26.50
N VAL G 269 20.87 -22.09 -25.97
CA VAL G 269 20.29 -20.81 -25.60
C VAL G 269 20.52 -19.80 -26.72
N LEU G 270 19.44 -19.14 -27.15
CA LEU G 270 19.48 -18.03 -28.08
C LEU G 270 18.99 -16.78 -27.36
N GLY G 271 19.63 -15.65 -27.66
CA GLY G 271 19.22 -14.41 -27.04
C GLY G 271 17.87 -13.95 -27.53
N ALA G 272 17.11 -13.31 -26.65
CA ALA G 272 15.80 -12.79 -27.01
C ALA G 272 15.95 -11.60 -27.94
N ASN G 273 15.23 -11.63 -29.06
CA ASN G 273 15.22 -10.49 -29.97
C ASN G 273 14.04 -9.56 -29.71
N GLY G 274 12.88 -10.10 -29.36
CA GLY G 274 11.76 -9.27 -28.97
C GLY G 274 10.93 -9.89 -27.87
N ALA G 275 11.45 -10.94 -27.25
CA ALA G 275 10.76 -11.68 -26.21
C ALA G 275 11.10 -11.14 -24.83
N VAL G 276 10.29 -11.52 -23.85
CA VAL G 276 10.50 -11.06 -22.48
C VAL G 276 11.75 -11.69 -21.89
N ASP G 277 12.05 -12.93 -22.27
CA ASP G 277 13.17 -13.66 -21.70
C ASP G 277 13.89 -14.41 -22.82
N VAL G 278 14.99 -15.08 -22.46
CA VAL G 278 15.82 -15.77 -23.44
C VAL G 278 15.03 -16.93 -24.07
N ARG G 279 15.46 -17.32 -25.27
CA ARG G 279 14.84 -18.39 -26.01
C ARG G 279 15.75 -19.61 -26.05
N PHE G 280 15.17 -20.77 -26.35
CA PHE G 280 15.90 -22.01 -26.48
C PHE G 280 15.70 -22.56 -27.89
N ALA G 281 16.79 -22.79 -28.60
CA ALA G 281 16.74 -23.61 -29.80
C ALA G 281 16.63 -25.08 -29.38
N LYS G 282 15.67 -25.80 -29.95
CA LYS G 282 15.26 -27.09 -29.43
C LYS G 282 15.01 -28.08 -30.57
N ARG G 283 15.57 -29.28 -30.45
CA ARG G 283 15.27 -30.40 -31.34
C ARG G 283 15.05 -31.63 -30.46
N GLN G 284 13.85 -32.19 -30.48
CA GLN G 284 13.46 -33.25 -29.56
C GLN G 284 12.75 -34.38 -30.28
N LEU G 285 13.10 -35.62 -29.92
CA LEU G 285 12.43 -36.83 -30.39
C LEU G 285 12.02 -37.66 -29.19
N ASN G 286 10.73 -37.98 -29.09
CA ASN G 286 10.20 -38.86 -28.05
C ASN G 286 9.51 -40.04 -28.72
N THR G 287 9.95 -41.25 -28.41
CA THR G 287 9.38 -42.41 -29.11
C THR G 287 9.73 -43.70 -28.36
N SER G 288 9.27 -44.81 -28.93
CA SER G 288 9.61 -46.15 -28.46
C SER G 288 9.74 -47.07 -29.67
N VAL G 289 10.83 -47.83 -29.71
CA VAL G 289 11.17 -48.64 -30.89
C VAL G 289 11.69 -50.01 -30.45
N MET G 290 11.92 -50.86 -31.44
CA MET G 290 12.55 -52.17 -31.26
C MET G 290 13.77 -52.25 -32.17
N VAL G 291 14.91 -52.64 -31.61
CA VAL G 291 16.14 -52.77 -32.38
C VAL G 291 16.75 -54.14 -32.08
N GLN G 292 17.57 -54.62 -33.02
CA GLN G 292 18.29 -55.86 -32.82
C GLN G 292 19.52 -55.62 -31.93
N ASP G 293 20.24 -56.71 -31.66
CA ASP G 293 21.29 -56.68 -30.64
C ASP G 293 22.38 -55.68 -30.96
N GLY G 294 22.92 -55.73 -32.18
CA GLY G 294 24.01 -54.84 -32.53
C GLY G 294 23.81 -54.10 -33.82
N GLN G 295 22.56 -53.79 -34.15
CA GLN G 295 22.21 -53.14 -35.40
C GLN G 295 21.78 -51.70 -35.13
N MET G 296 21.71 -50.93 -36.21
CA MET G 296 21.35 -49.52 -36.13
C MET G 296 19.98 -49.29 -36.73
N LEU G 297 19.22 -48.40 -36.11
CA LEU G 297 17.89 -48.01 -36.57
C LEU G 297 17.81 -46.49 -36.64
N VAL G 298 17.11 -45.98 -37.64
CA VAL G 298 16.91 -44.55 -37.79
C VAL G 298 15.66 -44.14 -37.00
N LEU G 299 15.80 -43.10 -36.18
CA LEU G 299 14.69 -42.65 -35.34
C LEU G 299 13.90 -41.53 -35.98
N GLY G 300 14.57 -40.61 -36.67
CA GLY G 300 13.86 -39.48 -37.27
C GLY G 300 14.86 -38.55 -37.94
N GLY G 301 14.29 -37.54 -38.60
CA GLY G 301 15.12 -36.60 -39.33
C GLY G 301 14.27 -35.55 -40.01
N LEU G 302 14.95 -34.68 -40.75
CA LEU G 302 14.34 -33.53 -41.40
C LEU G 302 15.15 -33.18 -42.64
N ILE G 303 14.45 -33.00 -43.76
CA ILE G 303 15.03 -32.46 -44.99
C ILE G 303 14.31 -31.15 -45.29
N ASP G 304 15.07 -30.06 -45.39
CA ASP G 304 14.51 -28.74 -45.63
C ASP G 304 15.23 -28.08 -46.80
N GLU G 305 14.47 -27.53 -47.75
CA GLU G 305 15.00 -26.76 -48.86
C GLU G 305 14.22 -25.46 -48.97
N ARG G 306 14.90 -24.40 -49.40
CA ARG G 306 14.27 -23.09 -49.46
C ARG G 306 14.94 -22.25 -50.53
N ALA G 307 14.14 -21.64 -51.40
CA ALA G 307 14.63 -20.73 -52.44
C ALA G 307 13.81 -19.45 -52.41
N LEU G 308 14.50 -18.32 -52.44
CA LEU G 308 13.88 -17.00 -52.42
C LEU G 308 14.44 -16.13 -53.53
N GLU G 309 13.55 -15.41 -54.21
CA GLU G 309 13.91 -14.50 -55.30
C GLU G 309 13.21 -13.17 -55.09
N SER G 310 13.86 -12.09 -55.50
CA SER G 310 13.26 -10.76 -55.38
C SER G 310 13.87 -9.84 -56.43
N GLU G 311 13.03 -8.97 -56.99
CA GLU G 311 13.44 -8.02 -58.02
C GLU G 311 12.66 -6.73 -57.90
N SER G 312 13.35 -5.61 -58.06
CA SER G 312 12.72 -4.30 -58.19
C SER G 312 13.38 -3.57 -59.36
N LYS G 313 12.56 -3.05 -60.28
CA LYS G 313 13.10 -2.46 -61.49
C LYS G 313 12.24 -1.31 -61.96
N VAL G 314 12.81 -0.49 -62.83
CA VAL G 314 12.04 0.54 -63.55
C VAL G 314 11.26 -0.14 -64.67
N PRO G 315 9.95 0.12 -64.78
CA PRO G 315 9.07 -0.73 -65.60
C PRO G 315 9.57 -1.05 -67.00
N LEU G 316 9.83 -0.06 -67.84
CA LEU G 316 10.20 -0.35 -69.22
C LEU G 316 11.70 -0.30 -69.47
N LEU G 317 12.44 0.48 -68.69
CA LEU G 317 13.88 0.59 -68.88
C LEU G 317 14.64 -0.63 -68.40
N GLY G 318 14.07 -1.40 -67.47
CA GLY G 318 14.72 -2.55 -66.88
C GLY G 318 14.62 -3.82 -67.69
N ASP G 319 14.07 -3.75 -68.90
CA ASP G 319 13.97 -4.91 -69.78
C ASP G 319 14.78 -4.73 -71.06
N ILE G 320 15.55 -3.65 -71.17
CA ILE G 320 16.43 -3.46 -72.33
C ILE G 320 17.46 -4.58 -72.36
N PRO G 321 17.79 -5.14 -73.52
CA PRO G 321 18.62 -6.36 -73.54
C PRO G 321 19.98 -6.22 -72.86
N LEU G 322 20.59 -5.05 -72.92
CA LEU G 322 21.92 -4.88 -72.34
C LEU G 322 21.99 -3.78 -71.29
N LEU G 323 21.35 -2.64 -71.52
CA LEU G 323 21.44 -1.50 -70.62
C LEU G 323 20.47 -1.57 -69.46
N GLY G 324 19.65 -2.63 -69.37
CA GLY G 324 18.66 -2.73 -68.32
C GLY G 324 19.20 -3.00 -66.93
N GLN G 325 20.41 -3.57 -66.83
CA GLN G 325 20.99 -3.85 -65.53
C GLN G 325 21.23 -2.57 -64.73
N LEU G 326 21.34 -1.42 -65.40
CA LEU G 326 21.49 -0.15 -64.72
C LEU G 326 20.22 0.30 -64.01
N PHE G 327 19.11 -0.39 -64.23
CA PHE G 327 17.82 0.00 -63.65
C PHE G 327 17.14 -1.18 -62.95
N ARG G 328 17.92 -1.99 -62.22
CA ARG G 328 17.40 -3.19 -61.59
C ARG G 328 18.07 -3.40 -60.23
N SER G 329 17.39 -4.16 -59.39
CA SER G 329 17.95 -4.62 -58.12
C SER G 329 17.42 -6.03 -57.86
N THR G 330 18.32 -6.99 -57.74
CA THR G 330 17.99 -8.40 -57.67
C THR G 330 18.62 -9.03 -56.45
N SER G 331 17.87 -9.92 -55.78
CA SER G 331 18.34 -10.70 -54.65
C SER G 331 17.89 -12.14 -54.80
N SER G 332 18.80 -13.08 -54.55
CA SER G 332 18.47 -14.51 -54.59
C SER G 332 19.13 -15.23 -53.42
N GLN G 333 18.44 -16.25 -52.92
CA GLN G 333 18.89 -16.99 -51.74
C GLN G 333 18.46 -18.45 -51.83
N VAL G 334 19.33 -19.34 -51.40
CA VAL G 334 19.07 -20.78 -51.34
C VAL G 334 19.61 -21.32 -50.02
N GLU G 335 18.81 -22.15 -49.35
CA GLU G 335 19.18 -22.75 -48.07
C GLU G 335 18.77 -24.21 -48.05
N LYS G 336 19.65 -25.06 -47.54
CA LYS G 336 19.41 -26.49 -47.43
C LYS G 336 19.82 -26.98 -46.06
N LYS G 337 19.02 -27.88 -45.48
CA LYS G 337 19.24 -28.40 -44.15
C LYS G 337 18.90 -29.89 -44.11
N ASN G 338 19.76 -30.67 -43.46
CA ASN G 338 19.60 -32.11 -43.34
C ASN G 338 19.92 -32.52 -41.90
N LEU G 339 18.96 -33.13 -41.22
CA LEU G 339 19.14 -33.58 -39.85
C LEU G 339 18.71 -35.03 -39.75
N MET G 340 19.48 -35.83 -39.01
CA MET G 340 19.16 -37.25 -38.87
C MET G 340 19.62 -37.76 -37.51
N VAL G 341 18.85 -38.69 -36.94
CA VAL G 341 19.15 -39.30 -35.64
C VAL G 341 19.09 -40.81 -35.77
N PHE G 342 20.14 -41.49 -35.31
CA PHE G 342 20.22 -42.94 -35.28
C PHE G 342 20.46 -43.40 -33.85
N ILE G 343 20.09 -44.64 -33.57
CA ILE G 343 20.32 -45.25 -32.26
C ILE G 343 20.83 -46.67 -32.45
N LYS G 344 21.58 -47.16 -31.47
CA LYS G 344 22.16 -48.49 -31.54
C LYS G 344 22.36 -49.08 -30.16
N PRO G 345 21.75 -50.24 -29.87
CA PRO G 345 22.01 -50.93 -28.61
C PRO G 345 23.09 -51.99 -28.76
N THR G 346 23.56 -52.47 -27.61
CA THR G 346 24.50 -53.59 -27.56
C THR G 346 24.33 -54.29 -26.22
N ILE G 347 24.06 -55.59 -26.24
CA ILE G 347 23.79 -56.34 -25.03
C ILE G 347 25.11 -56.86 -24.46
N ILE G 348 25.35 -56.58 -23.18
CA ILE G 348 26.46 -57.12 -22.42
C ILE G 348 25.90 -58.12 -21.42
N ARG G 349 26.31 -59.38 -21.55
CA ARG G 349 25.85 -60.44 -20.67
C ARG G 349 26.94 -60.99 -19.76
N ASP G 350 28.19 -60.95 -20.18
CA ASP G 350 29.30 -61.49 -19.41
C ASP G 350 30.38 -60.43 -19.24
N GLY G 351 31.39 -60.77 -18.44
CA GLY G 351 32.46 -59.82 -18.16
C GLY G 351 33.41 -59.60 -19.31
N VAL G 352 33.55 -60.60 -20.20
CA VAL G 352 34.51 -60.48 -21.30
C VAL G 352 34.04 -59.43 -22.30
N THR G 353 32.74 -59.36 -22.58
CA THR G 353 32.23 -58.36 -23.51
C THR G 353 32.41 -56.95 -22.96
N ALA G 354 32.08 -56.75 -21.69
CA ALA G 354 32.26 -55.45 -21.06
C ALA G 354 33.73 -55.06 -21.04
N ASP G 355 34.61 -56.01 -20.75
CA ASP G 355 36.04 -55.74 -20.76
C ASP G 355 36.51 -55.33 -22.14
N GLY G 356 36.01 -55.99 -23.19
CA GLY G 356 36.40 -55.61 -24.54
C GLY G 356 35.96 -54.20 -24.91
N ILE G 357 34.71 -53.86 -24.61
CA ILE G 357 34.21 -52.53 -24.93
C ILE G 357 34.99 -51.46 -24.17
N THR G 358 35.19 -51.70 -22.87
CA THR G 358 35.92 -50.73 -22.05
C THR G 358 37.36 -50.58 -22.53
N GLN G 359 38.00 -51.69 -22.89
CA GLN G 359 39.38 -51.63 -23.38
C GLN G 359 39.45 -50.84 -24.68
N ARG G 360 38.49 -51.03 -25.58
CA ARG G 360 38.46 -50.27 -26.81
C ARG G 360 38.41 -48.77 -26.55
N LYS G 361 37.44 -48.34 -25.74
CA LYS G 361 37.30 -46.90 -25.49
C LYS G 361 38.51 -46.34 -24.75
N TYR G 362 39.00 -47.06 -23.73
CA TYR G 362 40.16 -46.63 -22.97
C TYR G 362 41.39 -46.49 -23.85
N ASN G 363 41.63 -47.47 -24.72
CA ASN G 363 42.80 -47.44 -25.57
C ASN G 363 42.71 -46.31 -26.59
N TYR G 364 41.50 -46.03 -27.09
CA TYR G 364 41.33 -44.87 -27.96
C TYR G 364 41.75 -43.58 -27.27
N ILE G 365 41.20 -43.34 -26.07
CA ILE G 365 41.53 -42.11 -25.35
C ILE G 365 43.02 -42.05 -25.04
N ARG G 366 43.60 -43.17 -24.62
CA ARG G 366 45.01 -43.19 -24.25
C ARG G 366 45.91 -42.98 -25.47
N ALA G 367 45.52 -43.49 -26.64
CA ALA G 367 46.30 -43.26 -27.85
C ALA G 367 46.29 -41.78 -28.22
N GLU G 368 45.13 -41.13 -28.10
CA GLU G 368 45.11 -39.69 -28.33
C GLU G 368 46.03 -38.96 -27.36
N GLN G 369 45.99 -39.35 -26.09
CA GLN G 369 46.84 -38.69 -25.09
C GLN G 369 48.33 -38.92 -25.37
N LEU G 370 48.70 -40.13 -25.77
CA LEU G 370 50.10 -40.41 -26.08
C LEU G 370 50.57 -39.61 -27.29
N PHE G 371 49.72 -39.48 -28.31
CA PHE G 371 50.08 -38.64 -29.44
C PHE G 371 50.27 -37.19 -29.01
N ARG G 372 49.38 -36.68 -28.16
CA ARG G 372 49.56 -35.31 -27.66
C ARG G 372 50.83 -35.19 -26.84
N ALA G 373 51.24 -36.25 -26.15
CA ALA G 373 52.47 -36.20 -25.35
C ALA G 373 53.71 -36.26 -26.23
N GLU G 374 53.61 -36.84 -27.43
CA GLU G 374 54.75 -36.79 -28.35
C GLU G 374 55.08 -35.36 -28.75
N LYS G 375 54.06 -34.58 -29.09
CA LYS G 375 54.23 -33.15 -29.37
C LYS G 375 53.82 -32.38 -28.11
N GLY G 376 54.76 -32.27 -27.19
CA GLY G 376 54.46 -31.77 -25.87
C GLY G 376 54.11 -30.29 -25.84
N LEU G 377 54.12 -29.74 -24.63
CA LEU G 377 53.75 -28.35 -24.43
C LEU G 377 54.73 -27.43 -25.14
N ARG G 378 54.20 -26.31 -25.65
CA ARG G 378 54.98 -25.45 -26.51
C ARG G 378 56.17 -24.83 -25.78
N LEU G 379 55.95 -24.33 -24.57
CA LEU G 379 57.02 -23.67 -23.82
C LEU G 379 57.10 -24.19 -22.38
N LEU G 380 56.78 -25.46 -22.16
CA LEU G 380 56.86 -26.07 -20.85
C LEU G 380 57.41 -27.48 -21.01
N ASP G 381 57.37 -28.25 -19.92
CA ASP G 381 57.83 -29.63 -19.96
C ASP G 381 56.90 -30.50 -20.77
N ASP G 382 57.48 -31.42 -21.54
CA ASP G 382 56.70 -32.32 -22.38
C ASP G 382 56.11 -33.48 -21.59
N ALA G 383 56.56 -33.71 -20.36
CA ALA G 383 56.07 -34.79 -19.52
C ALA G 383 54.93 -34.37 -18.61
N SER G 384 54.53 -33.11 -18.64
CA SER G 384 53.43 -32.63 -17.82
C SER G 384 52.07 -32.91 -18.44
N VAL G 385 52.03 -33.42 -19.66
CA VAL G 385 50.76 -33.75 -20.31
C VAL G 385 50.13 -34.95 -19.61
N PRO G 386 48.86 -34.88 -19.22
CA PRO G 386 48.22 -36.05 -18.58
C PRO G 386 48.05 -37.19 -19.58
N VAL G 387 48.54 -38.37 -19.20
CA VAL G 387 48.43 -39.57 -20.01
C VAL G 387 47.92 -40.70 -19.11
N LEU G 388 46.92 -41.42 -19.59
CA LEU G 388 46.37 -42.52 -18.81
C LEU G 388 47.38 -43.64 -18.66
N PRO G 389 47.34 -44.36 -17.53
CA PRO G 389 48.20 -45.55 -17.39
C PRO G 389 47.73 -46.65 -18.31
N LYS G 390 48.55 -47.70 -18.39
CA LYS G 390 48.18 -48.86 -19.17
C LYS G 390 46.95 -49.52 -18.56
N PHE G 391 46.18 -50.22 -19.39
CA PHE G 391 44.91 -50.78 -18.95
C PHE G 391 45.09 -51.71 -17.76
N GLY G 392 44.57 -51.31 -16.60
CA GLY G 392 44.75 -52.08 -15.39
C GLY G 392 46.14 -52.02 -14.80
N ASP G 393 46.69 -50.81 -14.62
CA ASP G 393 48.05 -50.68 -14.13
C ASP G 393 48.16 -49.70 -12.96
N ASP G 394 47.17 -48.81 -12.83
CA ASP G 394 47.11 -47.82 -11.74
C ASP G 394 48.24 -46.80 -11.83
N ARG G 395 48.14 -45.75 -11.00
CA ARG G 395 49.02 -44.59 -11.12
C ARG G 395 50.47 -44.93 -10.78
N ARG G 396 51.39 -44.19 -11.39
CA ARG G 396 52.81 -44.28 -11.11
C ARG G 396 53.38 -42.87 -10.99
N HIS G 397 54.52 -42.77 -10.29
CA HIS G 397 55.17 -41.49 -10.12
C HIS G 397 55.80 -41.01 -11.42
N SER G 398 56.06 -39.70 -11.49
CA SER G 398 56.79 -39.13 -12.61
C SER G 398 58.26 -39.55 -12.53
N PRO G 399 58.98 -39.48 -13.65
CA PRO G 399 60.37 -39.99 -13.65
C PRO G 399 61.27 -39.31 -12.64
N GLU G 400 61.07 -38.03 -12.36
CA GLU G 400 61.91 -37.34 -11.37
C GLU G 400 61.69 -37.91 -9.98
N ILE G 401 60.42 -38.07 -9.58
CA ILE G 401 60.13 -38.66 -8.27
C ILE G 401 60.59 -40.11 -8.23
N GLN G 402 60.47 -40.83 -9.35
CA GLN G 402 60.92 -42.21 -9.39
C GLN G 402 62.42 -42.30 -9.16
N ALA G 403 63.20 -41.43 -9.81
CA ALA G 403 64.64 -41.40 -9.59
C ALA G 403 64.97 -41.00 -8.16
N PHE G 404 64.23 -40.04 -7.60
CA PHE G 404 64.47 -39.62 -6.23
C PHE G 404 64.22 -40.76 -5.24
N ILE G 405 63.17 -41.54 -5.47
CA ILE G 405 62.86 -42.65 -4.56
C ILE G 405 63.81 -43.82 -4.79
N GLU G 406 64.35 -43.96 -6.02
CA GLU G 406 65.33 -45.01 -6.25
C GLU G 406 66.66 -44.67 -5.58
N GLN G 407 67.05 -43.40 -5.61
CA GLN G 407 68.28 -43.00 -4.93
C GLN G 407 68.16 -43.17 -3.42
N MET G 408 67.00 -42.84 -2.86
CA MET G 408 66.77 -43.00 -1.43
C MET G 408 66.56 -44.45 -1.06
N GLY H 2 2.40 -77.96 -8.70
CA GLY H 2 2.74 -76.73 -9.38
C GLY H 2 1.72 -75.64 -9.13
N ASN H 3 1.50 -75.31 -7.86
CA ASN H 3 0.53 -74.28 -7.51
C ASN H 3 1.05 -72.87 -7.77
N ASN H 4 2.36 -72.70 -7.94
CA ASN H 4 2.95 -71.39 -8.19
C ASN H 4 3.82 -71.46 -9.43
N ARG H 5 3.76 -70.40 -10.25
CA ARG H 5 4.61 -70.28 -11.42
C ARG H 5 5.18 -68.87 -11.48
N VAL H 6 6.36 -68.75 -12.07
CA VAL H 6 6.99 -67.47 -12.37
C VAL H 6 7.21 -67.42 -13.89
N VAL H 7 6.61 -66.43 -14.53
CA VAL H 7 6.63 -66.30 -15.98
C VAL H 7 7.48 -65.08 -16.34
N TYR H 8 8.47 -65.29 -17.19
CA TYR H 8 9.30 -64.20 -17.71
C TYR H 8 8.70 -63.72 -19.03
N LEU H 9 8.36 -62.43 -19.08
CA LEU H 9 7.72 -61.87 -20.26
C LEU H 9 8.76 -61.37 -21.25
N LYS H 10 8.48 -61.61 -22.54
CA LYS H 10 9.38 -61.20 -23.60
C LYS H 10 9.09 -59.79 -24.09
N TYR H 11 7.83 -59.48 -24.39
CA TYR H 11 7.48 -58.23 -25.05
C TYR H 11 6.55 -57.34 -24.26
N ALA H 12 5.80 -57.88 -23.31
CA ALA H 12 4.84 -57.08 -22.56
C ALA H 12 5.43 -56.60 -21.25
N LYS H 13 4.67 -55.74 -20.57
CA LYS H 13 5.03 -55.22 -19.26
C LYS H 13 4.12 -55.85 -18.21
N ALA H 14 4.72 -56.39 -17.15
CA ALA H 14 3.95 -57.17 -16.18
C ALA H 14 2.92 -56.32 -15.45
N GLU H 15 3.29 -55.09 -15.09
CA GLU H 15 2.34 -54.19 -14.44
C GLU H 15 1.10 -53.97 -15.29
N ASP H 16 1.26 -53.97 -16.62
CA ASP H 16 0.10 -53.86 -17.50
C ASP H 16 -0.76 -55.12 -17.44
N LEU H 17 -0.15 -56.29 -17.45
CA LEU H 17 -0.91 -57.53 -17.50
C LEU H 17 -1.59 -57.87 -16.18
N VAL H 18 -1.12 -57.31 -15.06
CA VAL H 18 -1.74 -57.62 -13.77
C VAL H 18 -3.21 -57.20 -13.77
N GLU H 19 -3.49 -55.98 -14.23
CA GLU H 19 -4.87 -55.49 -14.24
C GLU H 19 -5.75 -56.34 -15.16
N VAL H 20 -5.23 -56.72 -16.33
CA VAL H 20 -6.00 -57.52 -17.27
C VAL H 20 -6.30 -58.89 -16.67
N LEU H 21 -5.32 -59.52 -16.06
CA LEU H 21 -5.48 -60.89 -15.58
C LEU H 21 -6.21 -60.99 -14.25
N LYS H 22 -6.37 -59.88 -13.52
CA LYS H 22 -7.11 -59.94 -12.27
C LYS H 22 -8.53 -60.46 -12.48
N GLY H 23 -9.21 -59.96 -13.52
CA GLY H 23 -10.56 -60.40 -13.78
C GLY H 23 -10.64 -61.86 -14.22
N VAL H 24 -9.73 -62.28 -15.10
CA VAL H 24 -9.75 -63.65 -15.60
C VAL H 24 -9.45 -64.63 -14.47
N SER H 25 -8.49 -64.30 -13.60
CA SER H 25 -8.12 -65.19 -12.51
C SER H 25 -9.29 -65.41 -11.56
N GLU H 26 -10.04 -64.36 -11.25
CA GLU H 26 -11.18 -64.46 -10.36
C GLU H 26 -12.39 -65.03 -11.10
N VAL H 45 -6.63 -67.15 -6.06
CA VAL H 45 -5.85 -66.76 -7.23
C VAL H 45 -5.16 -65.42 -6.98
N MET H 46 -3.83 -65.40 -7.03
CA MET H 46 -3.07 -64.19 -6.82
C MET H 46 -2.11 -63.96 -7.97
N ILE H 47 -2.02 -62.69 -8.38
CA ILE H 47 -1.16 -62.22 -9.47
C ILE H 47 -0.29 -61.11 -8.94
N ALA H 48 1.02 -61.21 -9.13
CA ALA H 48 1.94 -60.16 -8.71
C ALA H 48 2.95 -59.90 -9.82
N ALA H 49 3.51 -58.70 -9.83
CA ALA H 49 4.48 -58.29 -10.84
C ALA H 49 5.78 -57.89 -10.17
N HIS H 50 6.89 -58.41 -10.68
CA HIS H 50 8.23 -57.98 -10.31
C HIS H 50 8.77 -57.16 -11.48
N ALA H 51 8.94 -55.85 -11.26
CA ALA H 51 9.28 -54.94 -12.34
C ALA H 51 10.74 -55.05 -12.77
N ASP H 52 11.64 -55.32 -11.83
CA ASP H 52 13.07 -55.32 -12.14
C ASP H 52 13.42 -56.43 -13.10
N THR H 53 12.81 -57.60 -12.95
CA THR H 53 13.02 -58.71 -13.86
C THR H 53 11.91 -58.87 -14.89
N ASN H 54 10.89 -58.01 -14.83
CA ASN H 54 9.72 -58.07 -15.72
C ASN H 54 9.08 -59.46 -15.70
N SER H 55 8.66 -59.86 -14.50
CA SER H 55 8.14 -61.21 -14.30
C SER H 55 6.77 -61.17 -13.63
N LEU H 56 5.97 -62.19 -13.91
CA LEU H 56 4.69 -62.38 -13.25
C LEU H 56 4.79 -63.58 -12.30
N VAL H 57 4.34 -63.39 -11.06
CA VAL H 57 4.23 -64.48 -10.10
C VAL H 57 2.75 -64.82 -9.97
N LEU H 58 2.41 -66.06 -10.28
CA LEU H 58 1.04 -66.50 -10.38
C LEU H 58 0.81 -67.67 -9.43
N THR H 59 -0.24 -67.60 -8.62
CA THR H 59 -0.65 -68.74 -7.81
C THR H 59 -2.14 -68.99 -7.98
N ALA H 60 -2.47 -70.23 -8.33
CA ALA H 60 -3.82 -70.63 -8.70
C ALA H 60 -3.86 -72.14 -8.89
N PRO H 61 -5.04 -72.76 -8.82
CA PRO H 61 -5.15 -74.19 -9.16
C PRO H 61 -4.87 -74.48 -10.62
N GLN H 62 -4.87 -75.76 -10.99
CA GLN H 62 -4.34 -76.18 -12.29
C GLN H 62 -5.12 -75.59 -13.46
N ASP H 63 -6.46 -75.62 -13.39
CA ASP H 63 -7.26 -75.20 -14.53
C ASP H 63 -7.14 -73.69 -14.77
N ILE H 64 -7.31 -72.90 -13.71
CA ILE H 64 -7.13 -71.46 -13.84
C ILE H 64 -5.70 -71.15 -14.26
N MET H 65 -4.74 -71.92 -13.77
CA MET H 65 -3.35 -71.72 -14.16
C MET H 65 -3.16 -71.91 -15.66
N ASN H 66 -3.71 -72.99 -16.21
CA ASN H 66 -3.56 -73.25 -17.64
C ASN H 66 -4.25 -72.17 -18.47
N ALA H 67 -5.44 -71.76 -18.06
CA ALA H 67 -6.16 -70.72 -18.80
C ALA H 67 -5.37 -69.40 -18.78
N MET H 68 -4.84 -69.03 -17.62
CA MET H 68 -4.07 -67.80 -17.50
C MET H 68 -2.80 -67.87 -18.33
N LEU H 69 -2.14 -69.03 -18.35
CA LEU H 69 -0.94 -69.17 -19.17
C LEU H 69 -1.25 -69.03 -20.64
N GLU H 70 -2.38 -69.58 -21.10
CA GLU H 70 -2.78 -69.39 -22.49
C GLU H 70 -3.04 -67.92 -22.81
N VAL H 71 -3.72 -67.22 -21.90
CA VAL H 71 -3.99 -65.79 -22.13
C VAL H 71 -2.69 -65.00 -22.18
N ILE H 72 -1.77 -65.27 -21.26
CA ILE H 72 -0.49 -64.58 -21.26
C ILE H 72 0.27 -64.85 -22.55
N GLY H 73 0.30 -66.11 -22.98
CA GLY H 73 0.99 -66.43 -24.22
C GLY H 73 0.38 -65.73 -25.42
N GLN H 74 -0.94 -65.52 -25.41
CA GLN H 74 -1.56 -64.81 -26.52
C GLN H 74 -1.32 -63.31 -26.47
N LEU H 75 -1.20 -62.71 -25.28
CA LEU H 75 -0.96 -61.28 -25.19
C LEU H 75 0.51 -60.89 -25.21
N ASP H 76 1.43 -61.84 -25.06
CA ASP H 76 2.87 -61.54 -25.00
C ASP H 76 3.48 -61.80 -26.38
N ILE H 77 3.25 -60.86 -27.30
CA ILE H 77 3.72 -60.99 -28.67
C ILE H 77 4.38 -59.69 -29.10
N ARG H 78 5.00 -59.75 -30.28
CA ARG H 78 5.77 -58.65 -30.82
C ARG H 78 4.88 -57.66 -31.56
N ARG H 79 5.20 -56.38 -31.44
CA ARG H 79 4.53 -55.31 -32.17
C ARG H 79 5.38 -54.87 -33.34
N ALA H 80 4.72 -54.52 -34.44
CA ALA H 80 5.38 -53.97 -35.60
C ALA H 80 5.65 -52.48 -35.40
N GLN H 81 6.42 -51.91 -36.31
CA GLN H 81 6.78 -50.50 -36.26
C GLN H 81 6.30 -49.78 -37.51
N VAL H 82 6.14 -48.46 -37.40
CA VAL H 82 5.75 -47.62 -38.51
C VAL H 82 6.73 -46.46 -38.63
N LEU H 83 7.25 -46.25 -39.83
CA LEU H 83 7.97 -45.04 -40.18
C LEU H 83 6.98 -44.10 -40.87
N ILE H 84 6.86 -42.88 -40.35
CA ILE H 84 5.88 -41.91 -40.83
C ILE H 84 6.63 -40.69 -41.34
N GLU H 85 6.39 -40.33 -42.60
CA GLU H 85 7.02 -39.20 -43.24
C GLU H 85 5.96 -38.21 -43.69
N ALA H 86 6.15 -36.94 -43.34
CA ALA H 86 5.27 -35.86 -43.80
C ALA H 86 6.00 -35.03 -44.84
N LEU H 87 5.23 -34.38 -45.70
CA LEU H 87 5.76 -33.56 -46.79
C LEU H 87 4.96 -32.28 -46.87
N ILE H 88 5.63 -31.15 -46.61
CA ILE H 88 5.00 -29.84 -46.63
C ILE H 88 5.57 -29.07 -47.81
N VAL H 89 4.68 -28.61 -48.69
CA VAL H 89 5.06 -27.84 -49.88
C VAL H 89 4.42 -26.47 -49.79
N GLU H 90 5.22 -25.42 -49.98
CA GLU H 90 4.73 -24.06 -49.99
C GLU H 90 5.30 -23.31 -51.18
N MET H 91 4.43 -22.61 -51.92
CA MET H 91 4.84 -21.79 -53.06
C MET H 91 4.13 -20.46 -52.98
N ALA H 92 4.86 -19.38 -53.21
CA ALA H 92 4.27 -18.04 -53.22
C ALA H 92 4.83 -17.24 -54.38
N GLU H 93 3.96 -16.42 -54.99
CA GLU H 93 4.33 -15.55 -56.09
C GLU H 93 3.67 -14.20 -55.90
N GLY H 94 4.37 -13.14 -56.31
CA GLY H 94 3.82 -11.80 -56.20
C GLY H 94 4.35 -10.83 -57.23
N ASP H 95 3.49 -9.93 -57.70
CA ASP H 95 3.86 -8.97 -58.74
C ASP H 95 3.09 -7.66 -58.54
N GLY H 96 3.77 -6.53 -58.68
CA GLY H 96 3.12 -5.25 -58.51
C GLY H 96 3.73 -4.18 -59.40
N ILE H 97 2.92 -3.17 -59.71
CA ILE H 97 3.37 -2.05 -60.52
C ILE H 97 2.73 -0.76 -60.01
N ASN H 98 3.52 0.30 -59.93
CA ASN H 98 3.07 1.63 -59.54
C ASN H 98 3.56 2.64 -60.58
N LEU H 99 2.68 3.55 -61.00
CA LEU H 99 3.06 4.55 -62.00
C LEU H 99 2.22 5.80 -61.80
N GLY H 100 2.87 6.96 -61.71
CA GLY H 100 2.14 8.20 -61.51
C GLY H 100 2.95 9.44 -61.81
N VAL H 101 2.23 10.54 -62.04
CA VAL H 101 2.80 11.86 -62.30
C VAL H 101 2.12 12.86 -61.39
N GLN H 102 2.91 13.73 -60.75
CA GLN H 102 2.42 14.75 -59.85
C GLN H 102 2.94 16.11 -60.30
N TRP H 103 2.11 17.15 -60.10
CA TRP H 103 2.49 18.51 -60.45
C TRP H 103 2.39 19.39 -59.21
N GLY H 104 3.36 20.29 -59.07
CA GLY H 104 3.42 21.13 -57.89
C GLY H 104 3.98 22.49 -58.20
N SER H 105 3.67 23.45 -57.35
CA SER H 105 4.21 24.79 -57.42
C SER H 105 4.13 25.42 -56.04
N LEU H 106 5.23 26.04 -55.60
CA LEU H 106 5.32 26.56 -54.24
C LEU H 106 5.13 28.07 -54.14
N GLU H 107 5.23 28.80 -55.26
CA GLU H 107 4.92 30.23 -55.21
C GLU H 107 3.47 30.45 -54.80
N SER H 108 2.56 29.68 -55.37
CA SER H 108 1.21 29.50 -54.85
C SER H 108 1.15 28.16 -54.12
N GLY H 109 -0.05 27.79 -53.70
CA GLY H 109 -0.20 26.49 -53.08
C GLY H 109 -0.64 25.38 -54.01
N SER H 110 -0.53 25.58 -55.31
CA SER H 110 -1.10 24.65 -56.28
C SER H 110 -0.34 23.34 -56.29
N VAL H 111 -1.07 22.23 -56.14
CA VAL H 111 -0.50 20.89 -56.24
C VAL H 111 -1.51 20.00 -56.95
N ILE H 112 -0.98 19.02 -57.68
CA ILE H 112 -1.75 17.85 -58.12
C ILE H 112 -1.10 16.66 -57.43
N GLN H 113 -1.64 16.28 -56.28
CA GLN H 113 -0.97 15.40 -55.34
C GLN H 113 -1.66 14.05 -55.26
N TYR H 114 -0.86 12.99 -55.13
CA TYR H 114 -1.34 11.64 -54.95
C TYR H 114 -0.52 10.98 -53.85
N GLY H 115 -1.17 10.65 -52.74
CA GLY H 115 -0.48 10.02 -51.62
C GLY H 115 -0.32 8.53 -51.72
N ASN H 116 -0.98 7.88 -52.68
CA ASN H 116 -0.81 6.45 -52.87
C ASN H 116 0.64 6.11 -53.19
N THR H 117 1.27 6.90 -54.05
CA THR H 117 2.69 6.77 -54.31
C THR H 117 3.49 7.13 -53.05
N GLY H 118 4.66 6.53 -52.92
CA GLY H 118 5.45 6.73 -51.72
C GLY H 118 6.24 8.03 -51.70
N ALA H 119 5.70 9.06 -52.33
CA ALA H 119 6.36 10.36 -52.39
C ALA H 119 5.32 11.41 -52.71
N SER H 120 5.20 12.42 -51.84
CA SER H 120 4.27 13.52 -52.04
C SER H 120 5.04 14.75 -52.49
N ILE H 121 4.53 15.44 -53.51
CA ILE H 121 5.27 16.52 -54.14
C ILE H 121 5.47 17.69 -53.18
N GLY H 122 4.49 17.97 -52.32
CA GLY H 122 4.62 19.09 -51.41
C GLY H 122 5.76 18.93 -50.43
N ASN H 123 5.85 17.73 -49.83
CA ASN H 123 6.95 17.45 -48.91
C ASN H 123 8.30 17.53 -49.61
N VAL H 124 8.38 17.01 -50.84
CA VAL H 124 9.62 17.06 -51.60
C VAL H 124 10.03 18.51 -51.85
N MET H 125 9.09 19.34 -52.32
CA MET H 125 9.41 20.72 -52.63
C MET H 125 9.82 21.51 -51.38
N ILE H 126 9.10 21.32 -50.28
CA ILE H 126 9.44 22.05 -49.06
C ILE H 126 10.79 21.59 -48.52
N GLY H 127 11.04 20.29 -48.52
CA GLY H 127 12.34 19.80 -48.08
C GLY H 127 13.48 20.28 -48.96
N LEU H 128 13.23 20.40 -50.26
CA LEU H 128 14.22 20.99 -51.15
C LEU H 128 14.48 22.44 -50.79
N GLU H 129 13.42 23.18 -50.47
CA GLU H 129 13.58 24.59 -50.12
C GLU H 129 14.37 24.74 -48.82
N GLU H 130 14.09 23.92 -47.81
CA GLU H 130 14.76 24.06 -46.53
C GLU H 130 16.22 23.66 -46.58
N ALA H 131 16.67 23.02 -47.65
CA ALA H 131 18.05 22.57 -47.78
C ALA H 131 18.93 23.59 -48.49
N LYS H 132 18.40 24.76 -48.84
CA LYS H 132 19.15 25.80 -49.52
C LYS H 132 19.90 26.67 -48.53
N ASP H 133 20.88 27.40 -49.04
CA ASP H 133 21.70 28.30 -48.23
C ASP H 133 21.00 29.64 -48.07
N THR H 134 20.98 30.14 -46.84
CA THR H 134 20.23 31.35 -46.50
C THR H 134 21.17 32.46 -46.05
N THR H 135 20.86 33.70 -46.45
CA THR H 135 21.62 34.91 -46.07
C THR H 135 20.74 35.85 -45.29
N GLN H 136 21.03 36.02 -44.01
CA GLN H 136 20.30 36.99 -43.23
C GLN H 136 21.08 38.31 -43.23
N THR H 137 20.92 39.11 -44.27
CA THR H 137 21.73 40.33 -44.37
C THR H 137 21.10 41.49 -43.58
N LYS H 138 21.70 41.80 -42.44
CA LYS H 138 21.14 42.84 -41.59
C LYS H 138 21.12 44.21 -42.22
N ALA H 139 22.19 44.60 -42.89
CA ALA H 139 22.28 45.92 -43.51
C ALA H 139 21.88 46.91 -42.46
N VAL H 140 22.37 46.68 -41.24
CA VAL H 140 22.04 47.56 -40.15
C VAL H 140 22.99 48.71 -40.24
N TYR H 141 22.90 49.46 -41.33
CA TYR H 141 23.81 50.56 -41.53
C TYR H 141 23.41 51.83 -40.80
N PHE H 147 27.87 51.32 -36.23
CA PHE H 147 27.56 51.67 -37.62
C PHE H 147 28.30 50.73 -38.58
N LEU H 148 27.98 49.44 -38.47
CA LEU H 148 28.55 48.37 -39.30
C LEU H 148 27.63 48.19 -40.49
N ARG H 149 28.04 48.72 -41.65
CA ARG H 149 27.13 48.98 -42.75
C ARG H 149 26.51 47.73 -43.36
N ASN H 150 27.16 46.58 -43.24
CA ASN H 150 26.79 45.42 -44.06
C ASN H 150 26.82 44.11 -43.26
N GLU H 151 26.17 44.08 -42.09
CA GLU H 151 26.27 42.91 -41.22
C GLU H 151 25.55 41.68 -41.76
N THR H 152 26.07 41.06 -42.83
CA THR H 152 25.44 39.87 -43.38
C THR H 152 25.76 38.63 -42.54
N THR H 153 25.12 37.53 -42.90
CA THR H 153 25.44 36.21 -42.37
C THR H 153 25.02 35.18 -43.40
N THR H 154 25.61 33.98 -43.29
CA THR H 154 25.22 32.86 -44.13
C THR H 154 24.98 31.65 -43.24
N THR H 155 24.06 30.79 -43.66
CA THR H 155 23.68 29.62 -42.89
C THR H 155 23.38 28.46 -43.83
N LYS H 156 24.05 27.33 -43.60
CA LYS H 156 23.79 26.13 -44.39
C LYS H 156 22.41 25.57 -44.05
N GLY H 157 21.72 25.05 -45.06
CA GLY H 157 20.38 24.53 -44.87
C GLY H 157 20.37 23.19 -44.17
N ASP H 158 19.18 22.80 -43.72
CA ASP H 158 18.98 21.53 -43.05
C ASP H 158 18.38 20.52 -44.01
N TYR H 159 18.83 19.28 -43.91
CA TYR H 159 18.44 18.21 -44.82
C TYR H 159 17.46 17.22 -44.20
N THR H 160 16.86 17.56 -43.06
CA THR H 160 16.02 16.61 -42.34
C THR H 160 14.73 16.31 -43.10
N LYS H 161 14.05 17.36 -43.56
CA LYS H 161 12.79 17.15 -44.26
C LYS H 161 13.00 16.41 -45.57
N LEU H 162 14.06 16.75 -46.31
CA LEU H 162 14.36 16.04 -47.55
C LEU H 162 14.71 14.58 -47.25
N ALA H 163 15.46 14.32 -46.19
CA ALA H 163 15.81 12.95 -45.84
C ALA H 163 14.56 12.15 -45.49
N SER H 164 13.62 12.75 -44.77
CA SER H 164 12.37 12.06 -44.45
C SER H 164 11.50 11.85 -45.68
N ALA H 165 11.55 12.77 -46.64
CA ALA H 165 10.72 12.65 -47.83
C ALA H 165 11.19 11.51 -48.74
N LEU H 166 12.49 11.29 -48.82
CA LEU H 166 13.05 10.28 -49.71
C LEU H 166 13.26 8.94 -49.02
N SER H 167 12.86 8.80 -47.75
CA SER H 167 13.19 7.60 -46.99
C SER H 167 12.41 6.39 -47.49
N SER H 168 11.16 6.57 -47.91
CA SER H 168 10.28 5.46 -48.25
C SER H 168 10.18 5.22 -49.76
N ILE H 169 11.00 5.89 -50.57
CA ILE H 169 10.86 5.82 -52.02
C ILE H 169 11.48 4.53 -52.52
N GLN H 170 10.72 3.77 -53.32
CA GLN H 170 11.21 2.59 -54.01
C GLN H 170 11.03 2.82 -55.50
N GLY H 171 12.09 2.66 -56.27
CA GLY H 171 12.03 2.85 -57.70
C GLY H 171 12.37 4.26 -58.11
N ALA H 172 11.83 4.65 -59.26
CA ALA H 172 12.13 5.96 -59.83
C ALA H 172 11.20 7.03 -59.29
N ALA H 173 11.78 8.12 -58.80
CA ALA H 173 11.08 9.33 -58.40
C ALA H 173 11.92 10.51 -58.91
N VAL H 174 11.56 11.03 -60.07
CA VAL H 174 12.38 11.98 -60.81
C VAL H 174 11.62 13.29 -60.97
N SER H 175 12.26 14.40 -60.62
CA SER H 175 11.66 15.72 -60.67
C SER H 175 12.19 16.50 -61.87
N ILE H 176 11.28 17.12 -62.61
CA ILE H 176 11.59 17.94 -63.78
C ILE H 176 11.01 19.32 -63.55
N ALA H 177 11.84 20.35 -63.61
CA ALA H 177 11.42 21.73 -63.45
C ALA H 177 11.23 22.37 -64.82
N MET H 178 10.12 23.08 -65.00
CA MET H 178 9.80 23.70 -66.27
C MET H 178 9.24 25.11 -66.07
N GLY H 179 9.66 25.77 -65.00
CA GLY H 179 9.27 27.15 -64.76
C GLY H 179 8.11 27.28 -63.80
N ASP H 180 8.40 27.63 -62.55
CA ASP H 180 7.44 27.75 -61.46
C ASP H 180 6.46 26.57 -61.44
N TRP H 181 6.91 25.41 -61.91
CA TRP H 181 6.07 24.22 -62.01
C TRP H 181 6.98 23.01 -62.04
N THR H 182 6.79 22.10 -61.09
CA THR H 182 7.61 20.90 -60.98
C THR H 182 6.75 19.66 -61.25
N ALA H 183 7.26 18.75 -62.08
CA ALA H 183 6.62 17.48 -62.37
C ALA H 183 7.45 16.36 -61.78
N LEU H 184 6.83 15.58 -60.89
CA LEU H 184 7.46 14.44 -60.25
C LEU H 184 6.88 13.16 -60.84
N ILE H 185 7.73 12.33 -61.43
CA ILE H 185 7.32 11.07 -62.04
C ILE H 185 7.79 9.94 -61.13
N ASN H 186 6.87 9.06 -60.74
CA ASN H 186 7.19 7.89 -59.94
C ASN H 186 6.80 6.63 -60.72
N ALA H 187 7.68 5.63 -60.67
CA ALA H 187 7.46 4.39 -61.42
C ALA H 187 8.27 3.27 -60.76
N VAL H 188 7.62 2.13 -60.54
CA VAL H 188 8.29 0.98 -59.94
C VAL H 188 7.54 -0.29 -60.33
N SER H 189 8.28 -1.39 -60.44
CA SER H 189 7.74 -2.72 -60.67
C SER H 189 8.45 -3.69 -59.72
N ASN H 190 7.66 -4.49 -59.00
CA ASN H 190 8.19 -5.42 -58.01
C ASN H 190 7.75 -6.84 -58.32
N ASP H 191 8.64 -7.80 -58.06
CA ASP H 191 8.39 -9.21 -58.29
C ASP H 191 9.02 -10.03 -57.19
N SER H 192 8.33 -11.08 -56.75
CA SER H 192 8.82 -11.91 -55.66
C SER H 192 8.34 -13.35 -55.83
N SER H 193 9.18 -14.30 -55.40
CA SER H 193 8.88 -15.72 -55.50
C SER H 193 9.44 -16.44 -54.27
N SER H 194 8.78 -17.53 -53.89
CA SER H 194 9.18 -18.31 -52.73
C SER H 194 8.79 -19.77 -52.93
N ASN H 195 9.68 -20.69 -52.54
CA ASN H 195 9.50 -22.12 -52.77
C ASN H 195 10.13 -22.87 -51.60
N ILE H 196 9.31 -23.58 -50.84
CA ILE H 196 9.74 -24.26 -49.61
C ILE H 196 9.28 -25.70 -49.62
N LEU H 197 10.19 -26.62 -49.29
CA LEU H 197 9.90 -28.04 -49.11
C LEU H 197 10.42 -28.49 -47.75
N SER H 198 9.56 -29.18 -46.99
CA SER H 198 9.95 -29.71 -45.69
C SER H 198 9.48 -31.15 -45.55
N SER H 199 10.29 -31.98 -44.88
CA SER H 199 9.99 -33.40 -44.72
C SER H 199 10.40 -33.91 -43.33
N PRO H 200 9.53 -33.78 -42.34
CA PRO H 200 9.79 -34.42 -41.04
C PRO H 200 9.36 -35.88 -41.04
N SER H 201 10.06 -36.69 -40.24
CA SER H 201 9.80 -38.12 -40.19
C SER H 201 10.07 -38.64 -38.78
N ILE H 202 9.39 -39.73 -38.43
CA ILE H 202 9.55 -40.34 -37.11
C ILE H 202 9.18 -41.81 -37.18
N THR H 203 9.84 -42.62 -36.35
CA THR H 203 9.58 -44.06 -36.26
C THR H 203 8.94 -44.37 -34.90
N VAL H 204 7.86 -45.14 -34.92
CA VAL H 204 7.12 -45.50 -33.71
C VAL H 204 6.80 -46.99 -33.75
N MET H 205 6.29 -47.48 -32.63
CA MET H 205 5.70 -48.80 -32.54
C MET H 205 4.19 -48.70 -32.71
N ASP H 206 3.57 -49.83 -33.03
CA ASP H 206 2.13 -49.88 -33.16
C ASP H 206 1.46 -49.50 -31.85
N ASN H 207 0.45 -48.62 -31.95
CA ASN H 207 -0.36 -48.18 -30.81
C ASN H 207 0.42 -47.30 -29.84
N GLY H 208 1.51 -46.69 -30.30
CA GLY H 208 2.30 -45.80 -29.47
C GLY H 208 2.27 -44.38 -30.01
N GLU H 209 2.49 -43.42 -29.12
CA GLU H 209 2.51 -42.01 -29.48
C GLU H 209 3.94 -41.55 -29.75
N ALA H 210 4.11 -40.69 -30.74
CA ALA H 210 5.40 -40.13 -31.10
C ALA H 210 5.30 -38.63 -31.28
N SER H 211 6.31 -37.91 -30.77
CA SER H 211 6.39 -36.46 -30.85
C SER H 211 7.70 -36.07 -31.51
N PHE H 212 7.63 -35.05 -32.37
CA PHE H 212 8.78 -34.56 -33.11
C PHE H 212 8.69 -33.04 -33.15
N ILE H 213 9.75 -32.36 -32.74
CA ILE H 213 9.81 -30.90 -32.87
C ILE H 213 11.21 -30.48 -33.31
N VAL H 214 11.27 -29.59 -34.29
CA VAL H 214 12.48 -28.86 -34.63
C VAL H 214 12.12 -27.39 -34.61
N GLY H 215 12.67 -26.65 -33.66
CA GLY H 215 12.27 -25.26 -33.51
C GLY H 215 12.85 -24.50 -32.33
N GLU H 216 11.98 -23.84 -31.59
CA GLU H 216 12.37 -22.88 -30.57
C GLU H 216 11.36 -22.91 -29.43
N GLU H 217 11.83 -22.51 -28.25
CA GLU H 217 10.98 -22.33 -27.08
C GLU H 217 11.00 -20.86 -26.69
N VAL H 218 9.84 -20.22 -26.72
CA VAL H 218 9.72 -18.77 -26.64
C VAL H 218 8.87 -18.42 -25.43
N PRO H 219 9.27 -17.46 -24.61
CA PRO H 219 8.41 -17.01 -23.51
C PRO H 219 7.37 -16.02 -23.97
N VAL H 220 6.18 -16.12 -23.39
CA VAL H 220 5.06 -15.23 -23.70
C VAL H 220 4.40 -14.79 -22.40
N ILE H 221 3.70 -13.67 -22.48
CA ILE H 221 3.04 -13.07 -21.32
C ILE H 221 1.65 -13.65 -21.18
N THR H 222 1.28 -14.06 -19.97
CA THR H 222 -0.02 -14.61 -19.65
C THR H 222 -0.59 -13.92 -18.41
N GLY H 223 -0.59 -12.59 -18.41
CA GLY H 223 -0.97 -11.85 -17.23
C GLY H 223 0.09 -10.90 -16.69
N SER H 224 0.86 -10.30 -17.60
CA SER H 224 1.90 -9.29 -17.31
C SER H 224 1.72 -8.52 -16.00
N ASP H 231 9.00 -1.76 -15.88
CA ASP H 231 9.16 -2.90 -14.98
C ASP H 231 7.84 -3.62 -14.77
N ASN H 232 7.86 -4.66 -13.93
CA ASN H 232 6.65 -5.44 -13.66
C ASN H 232 6.83 -6.23 -12.39
N PRO H 233 5.85 -6.22 -11.47
CA PRO H 233 5.99 -7.01 -10.25
C PRO H 233 5.76 -8.51 -10.45
N PHE H 234 4.81 -8.87 -11.33
CA PHE H 234 4.57 -10.27 -11.66
C PHE H 234 4.01 -10.34 -13.07
N GLN H 235 4.72 -11.07 -13.95
CA GLN H 235 4.42 -11.09 -15.37
C GLN H 235 3.59 -12.28 -15.81
N THR H 236 3.60 -13.38 -15.06
CA THR H 236 2.92 -14.62 -15.42
C THR H 236 3.36 -15.11 -16.81
N VAL H 237 4.64 -15.43 -16.92
CA VAL H 237 5.25 -15.83 -18.18
C VAL H 237 5.14 -17.34 -18.35
N ASP H 238 4.83 -17.76 -19.57
CA ASP H 238 4.78 -19.18 -19.92
C ASP H 238 5.57 -19.41 -21.20
N ARG H 239 6.26 -20.55 -21.28
CA ARG H 239 7.14 -20.84 -22.40
C ARG H 239 6.45 -21.83 -23.35
N LYS H 240 6.38 -21.46 -24.62
CA LYS H 240 5.67 -22.20 -25.64
C LYS H 240 6.65 -22.68 -26.71
N GLU H 241 6.19 -23.59 -27.56
CA GLU H 241 7.02 -24.21 -28.58
C GLU H 241 6.57 -23.76 -29.97
N VAL H 242 7.54 -23.39 -30.81
CA VAL H 242 7.30 -23.04 -32.20
C VAL H 242 8.27 -23.84 -33.05
N GLY H 243 7.89 -24.06 -34.30
CA GLY H 243 8.75 -24.82 -35.19
C GLY H 243 7.98 -25.74 -36.10
N ILE H 244 8.64 -26.82 -36.52
CA ILE H 244 7.99 -27.91 -37.22
C ILE H 244 7.68 -28.99 -36.19
N LYS H 245 6.39 -29.31 -36.04
CA LYS H 245 5.92 -30.22 -35.01
C LYS H 245 5.04 -31.29 -35.61
N LEU H 246 5.25 -32.53 -35.17
CA LEU H 246 4.49 -33.68 -35.62
C LEU H 246 4.19 -34.58 -34.43
N LYS H 247 2.92 -34.73 -34.09
CA LYS H 247 2.46 -35.69 -33.10
C LYS H 247 1.61 -36.75 -33.80
N VAL H 248 1.98 -38.01 -33.62
CA VAL H 248 1.31 -39.08 -34.36
C VAL H 248 1.05 -40.27 -33.45
N VAL H 249 -0.13 -40.87 -33.61
CA VAL H 249 -0.44 -42.18 -33.04
C VAL H 249 -0.90 -43.10 -34.16
N PRO H 250 -0.15 -44.14 -34.48
CA PRO H 250 -0.58 -45.10 -35.50
C PRO H 250 -1.28 -46.32 -34.91
N GLN H 251 -2.08 -46.96 -35.77
CA GLN H 251 -2.75 -48.22 -35.46
C GLN H 251 -2.77 -49.06 -36.73
N ILE H 252 -1.98 -50.12 -36.77
CA ILE H 252 -1.96 -51.01 -37.91
C ILE H 252 -3.11 -52.00 -37.77
N ASN H 253 -3.88 -52.18 -38.82
CA ASN H 253 -4.79 -53.30 -38.87
C ASN H 253 -4.00 -54.60 -38.95
N GLU H 254 -4.70 -55.72 -38.98
CA GLU H 254 -4.00 -57.00 -39.06
C GLU H 254 -3.25 -57.16 -40.37
N GLY H 255 -3.51 -56.30 -41.36
CA GLY H 255 -2.89 -56.43 -42.66
C GLY H 255 -1.98 -55.28 -43.05
N ASN H 256 -2.37 -54.53 -44.09
CA ASN H 256 -1.49 -53.54 -44.70
C ASN H 256 -2.10 -52.15 -44.75
N SER H 257 -2.76 -51.72 -43.67
CA SER H 257 -3.31 -50.39 -43.59
C SER H 257 -3.03 -49.80 -42.22
N VAL H 258 -2.78 -48.49 -42.19
CA VAL H 258 -2.46 -47.78 -40.96
C VAL H 258 -3.47 -46.66 -40.77
N GLN H 259 -4.10 -46.64 -39.61
CA GLN H 259 -4.96 -45.54 -39.18
C GLN H 259 -4.11 -44.60 -38.35
N LEU H 260 -4.08 -43.32 -38.74
CA LEU H 260 -3.21 -42.34 -38.11
C LEU H 260 -4.03 -41.23 -37.47
N ASN H 261 -3.70 -40.92 -36.22
CA ASN H 261 -4.16 -39.70 -35.57
C ASN H 261 -3.00 -38.71 -35.59
N ILE H 262 -3.19 -37.57 -36.25
CA ILE H 262 -2.10 -36.65 -36.60
C ILE H 262 -2.41 -35.24 -36.12
N GLU H 263 -1.41 -34.61 -35.51
CA GLU H 263 -1.35 -33.17 -35.30
C GLU H 263 -0.07 -32.66 -35.93
N GLN H 264 -0.20 -31.84 -36.97
CA GLN H 264 0.94 -31.32 -37.72
C GLN H 264 0.93 -29.79 -37.68
N GLU H 265 2.10 -29.19 -37.48
CA GLU H 265 2.15 -27.74 -37.33
C GLU H 265 3.47 -27.19 -37.85
N VAL H 266 3.38 -26.04 -38.53
CA VAL H 266 4.53 -25.21 -38.87
C VAL H 266 4.26 -23.81 -38.33
N SER H 267 5.14 -23.33 -37.45
CA SER H 267 4.91 -22.04 -36.81
C SER H 267 6.24 -21.34 -36.54
N ASN H 268 6.24 -20.02 -36.72
CA ASN H 268 7.41 -19.21 -36.42
C ASN H 268 6.99 -17.94 -35.66
N VAL H 269 7.97 -17.17 -35.22
CA VAL H 269 7.74 -15.97 -34.43
C VAL H 269 7.79 -14.75 -35.35
N LEU H 270 6.76 -13.91 -35.26
CA LEU H 270 6.70 -12.62 -35.91
C LEU H 270 6.66 -11.53 -34.84
N GLY H 271 7.35 -10.43 -35.12
CA GLY H 271 7.37 -9.34 -34.16
C GLY H 271 6.01 -8.65 -34.08
N ALA H 272 5.69 -8.18 -32.89
CA ALA H 272 4.43 -7.46 -32.69
C ALA H 272 4.48 -6.10 -33.36
N ASN H 273 3.47 -5.81 -34.15
CA ASN H 273 3.36 -4.49 -34.77
C ASN H 273 2.48 -3.54 -33.97
N GLY H 274 1.42 -4.03 -33.35
CA GLY H 274 0.62 -3.21 -32.46
C GLY H 274 0.09 -4.00 -31.28
N ALA H 275 0.59 -5.21 -31.09
CA ALA H 275 0.13 -6.10 -30.04
C ALA H 275 0.96 -5.94 -28.78
N VAL H 276 0.44 -6.46 -27.67
CA VAL H 276 1.14 -6.36 -26.40
C VAL H 276 2.38 -7.23 -26.38
N ASP H 277 2.34 -8.37 -27.08
CA ASP H 277 3.45 -9.31 -27.08
C ASP H 277 3.66 -9.84 -28.49
N VAL H 278 4.68 -10.67 -28.65
CA VAL H 278 5.04 -11.19 -29.98
C VAL H 278 3.93 -12.09 -30.51
N ARG H 279 3.90 -12.22 -31.83
CA ARG H 279 2.91 -13.03 -32.53
C ARG H 279 3.55 -14.28 -33.09
N PHE H 280 2.73 -15.27 -33.39
CA PHE H 280 3.17 -16.51 -34.02
C PHE H 280 2.45 -16.69 -35.34
N ALA H 281 3.22 -16.85 -36.42
CA ALA H 281 2.68 -17.36 -37.65
C ALA H 281 2.46 -18.87 -37.51
N LYS H 282 1.26 -19.34 -37.86
CA LYS H 282 0.82 -20.67 -37.50
C LYS H 282 0.08 -21.34 -38.65
N ARG H 283 0.44 -22.58 -38.95
CA ARG H 283 -0.29 -23.43 -39.89
C ARG H 283 -0.44 -24.80 -39.25
N GLN H 284 -1.67 -25.23 -38.98
CA GLN H 284 -1.92 -26.43 -38.20
C GLN H 284 -2.99 -27.29 -38.84
N LEU H 285 -2.76 -28.60 -38.87
CA LEU H 285 -3.74 -29.60 -39.31
C LEU H 285 -3.88 -30.65 -38.23
N ASN H 286 -5.12 -30.87 -37.76
CA ASN H 286 -5.44 -31.91 -36.79
C ASN H 286 -6.50 -32.82 -37.41
N THR H 287 -6.19 -34.11 -37.52
CA THR H 287 -7.12 -35.01 -38.18
C THR H 287 -6.78 -36.47 -37.86
N SER H 288 -7.56 -37.37 -38.45
CA SER H 288 -7.33 -38.81 -38.38
C SER H 288 -7.72 -39.43 -39.71
N VAL H 289 -6.84 -40.26 -40.27
CA VAL H 289 -7.01 -40.79 -41.62
C VAL H 289 -6.62 -42.26 -41.65
N MET H 290 -6.84 -42.88 -42.82
CA MET H 290 -6.42 -44.24 -43.11
C MET H 290 -5.57 -44.22 -44.37
N VAL H 291 -4.39 -44.83 -44.32
CA VAL H 291 -3.49 -44.89 -45.46
C VAL H 291 -3.05 -46.34 -45.66
N GLN H 292 -2.65 -46.66 -46.88
CA GLN H 292 -2.11 -47.98 -47.18
C GLN H 292 -0.66 -48.07 -46.73
N ASP H 293 -0.07 -49.26 -46.94
CA ASP H 293 1.22 -49.57 -46.34
C ASP H 293 2.32 -48.62 -46.81
N GLY H 294 2.43 -48.43 -48.12
CA GLY H 294 3.51 -47.59 -48.63
C GLY H 294 3.04 -46.55 -49.62
N GLN H 295 1.81 -46.06 -49.45
CA GLN H 295 1.21 -45.10 -50.35
C GLN H 295 1.13 -43.74 -49.69
N MET H 296 0.86 -42.73 -50.51
CA MET H 296 0.78 -41.35 -50.05
C MET H 296 -0.65 -40.86 -50.10
N LEU H 297 -1.03 -40.07 -49.08
CA LEU H 297 -2.34 -39.47 -48.99
C LEU H 297 -2.19 -37.97 -48.74
N VAL H 298 -3.07 -37.17 -49.33
CA VAL H 298 -3.07 -35.74 -49.13
C VAL H 298 -3.93 -35.41 -47.90
N LEU H 299 -3.38 -34.62 -46.98
CA LEU H 299 -4.08 -34.27 -45.75
C LEU H 299 -4.83 -32.96 -45.86
N GLY H 300 -4.28 -31.97 -46.55
CA GLY H 300 -4.92 -30.68 -46.64
C GLY H 300 -4.05 -29.71 -47.42
N GLY H 301 -4.61 -28.52 -47.64
CA GLY H 301 -3.91 -27.51 -48.41
C GLY H 301 -4.74 -26.26 -48.54
N LEU H 302 -4.18 -25.31 -49.30
CA LEU H 302 -4.76 -23.99 -49.47
C LEU H 302 -4.33 -23.43 -50.82
N ILE H 303 -5.30 -22.92 -51.58
CA ILE H 303 -5.04 -22.16 -52.80
C ILE H 303 -5.59 -20.77 -52.60
N ASP H 304 -4.73 -19.75 -52.72
CA ASP H 304 -5.11 -18.37 -52.50
C ASP H 304 -4.68 -17.52 -53.70
N GLU H 305 -5.60 -16.69 -54.20
CA GLU H 305 -5.32 -15.74 -55.26
C GLU H 305 -5.86 -14.38 -54.85
N ARG H 306 -5.18 -13.32 -55.27
CA ARG H 306 -5.57 -11.98 -54.87
C ARG H 306 -5.13 -10.97 -55.92
N ALA H 307 -6.05 -10.11 -56.33
CA ALA H 307 -5.76 -9.03 -57.27
C ALA H 307 -6.30 -7.72 -56.72
N LEU H 308 -5.48 -6.68 -56.78
CA LEU H 308 -5.84 -5.35 -56.28
C LEU H 308 -5.52 -4.30 -57.33
N GLU H 309 -6.43 -3.36 -57.53
CA GLU H 309 -6.28 -2.26 -58.47
C GLU H 309 -6.65 -0.96 -57.78
N SER H 310 -5.99 0.13 -58.16
CA SER H 310 -6.30 1.44 -57.60
C SER H 310 -5.90 2.52 -58.59
N GLU H 311 -6.71 3.57 -58.67
CA GLU H 311 -6.48 4.69 -59.57
C GLU H 311 -6.97 5.99 -58.94
N SER H 312 -6.18 7.05 -59.11
CA SER H 312 -6.59 8.40 -58.78
C SER H 312 -6.22 9.32 -59.92
N LYS H 313 -7.18 10.12 -60.39
CA LYS H 313 -6.94 10.93 -61.58
C LYS H 313 -7.72 12.24 -61.51
N VAL H 314 -7.31 13.18 -62.34
CA VAL H 314 -8.07 14.41 -62.54
C VAL H 314 -9.26 14.09 -63.45
N PRO H 315 -10.49 14.50 -63.06
CA PRO H 315 -11.70 13.96 -63.69
C PRO H 315 -11.71 13.92 -65.22
N LEU H 316 -11.56 15.05 -65.88
CA LEU H 316 -11.68 15.06 -67.33
C LEU H 316 -10.35 15.03 -68.06
N LEU H 317 -9.29 15.53 -67.44
CA LEU H 317 -7.97 15.55 -68.07
C LEU H 317 -7.32 14.18 -68.12
N GLY H 318 -7.70 13.28 -67.21
CA GLY H 318 -7.10 11.96 -67.12
C GLY H 318 -7.65 10.94 -68.07
N ASP H 319 -8.53 11.34 -68.99
CA ASP H 319 -9.07 10.44 -70.00
C ASP H 319 -8.67 10.83 -71.41
N ILE H 320 -7.81 11.83 -71.56
CA ILE H 320 -7.30 12.22 -72.88
C ILE H 320 -6.53 11.04 -73.47
N PRO H 321 -6.68 10.74 -74.76
CA PRO H 321 -6.10 9.49 -75.29
C PRO H 321 -4.60 9.34 -75.09
N LEU H 322 -3.84 10.43 -75.14
CA LEU H 322 -2.39 10.33 -75.01
C LEU H 322 -1.83 11.14 -73.86
N LEU H 323 -2.31 12.35 -73.63
CA LEU H 323 -1.76 13.23 -72.62
C LEU H 323 -2.33 12.98 -71.23
N GLY H 324 -3.24 12.01 -71.08
CA GLY H 324 -3.87 11.76 -69.80
C GLY H 324 -2.98 11.12 -68.76
N GLN H 325 -1.91 10.43 -69.17
CA GLN H 325 -1.01 9.81 -68.22
C GLN H 325 -0.34 10.84 -67.32
N LEU H 326 -0.24 12.08 -67.75
CA LEU H 326 0.32 13.14 -66.93
C LEU H 326 -0.59 13.53 -65.76
N PHE H 327 -1.81 13.01 -65.72
CA PHE H 327 -2.77 13.37 -64.68
C PHE H 327 -3.39 12.13 -64.04
N ARG H 328 -2.58 11.11 -63.77
CA ARG H 328 -3.07 9.84 -63.26
C ARG H 328 -2.06 9.26 -62.26
N SER H 329 -2.56 8.38 -61.41
CA SER H 329 -1.73 7.59 -60.52
C SER H 329 -2.38 6.22 -60.36
N THR H 330 -1.66 5.17 -60.76
CA THR H 330 -2.18 3.83 -60.84
C THR H 330 -1.31 2.86 -60.05
N SER H 331 -1.96 1.92 -59.35
CA SER H 331 -1.30 0.86 -58.62
C SER H 331 -2.01 -0.46 -58.89
N SER H 332 -1.23 -1.52 -59.14
CA SER H 332 -1.78 -2.85 -59.35
C SER H 332 -0.93 -3.89 -58.63
N GLN H 333 -1.59 -4.93 -58.11
CA GLN H 333 -0.93 -5.96 -57.33
C GLN H 333 -1.61 -7.32 -57.56
N VAL H 334 -0.80 -8.37 -57.63
CA VAL H 334 -1.26 -9.75 -57.75
C VAL H 334 -0.45 -10.63 -56.82
N GLU H 335 -1.13 -11.52 -56.10
CA GLU H 335 -0.48 -12.43 -55.16
C GLU H 335 -1.11 -13.82 -55.29
N LYS H 336 -0.26 -14.84 -55.28
CA LYS H 336 -0.69 -16.23 -55.38
C LYS H 336 0.04 -17.07 -54.34
N LYS H 337 -0.70 -17.99 -53.72
CA LYS H 337 -0.17 -18.83 -52.65
C LYS H 337 -0.72 -20.25 -52.79
N ASN H 338 0.16 -21.24 -52.63
CA ASN H 338 -0.20 -22.64 -52.73
C ASN H 338 0.48 -23.41 -51.60
N LEU H 339 -0.31 -24.07 -50.77
CA LEU H 339 0.19 -24.85 -49.65
C LEU H 339 -0.41 -26.24 -49.70
N MET H 340 0.41 -27.26 -49.43
CA MET H 340 -0.09 -28.63 -49.46
C MET H 340 0.68 -29.49 -48.47
N VAL H 341 -0.02 -30.45 -47.86
CA VAL H 341 0.56 -31.37 -46.88
C VAL H 341 0.21 -32.79 -47.27
N PHE H 342 1.22 -33.66 -47.33
CA PHE H 342 1.08 -35.08 -47.61
C PHE H 342 1.66 -35.89 -46.46
N ILE H 343 1.18 -37.12 -46.31
CA ILE H 343 1.71 -38.04 -45.30
C ILE H 343 1.89 -39.42 -45.93
N LYS H 344 2.81 -40.19 -45.37
CA LYS H 344 3.11 -41.51 -45.89
C LYS H 344 3.63 -42.43 -44.79
N PRO H 345 2.96 -43.56 -44.54
CA PRO H 345 3.47 -44.55 -43.60
C PRO H 345 4.27 -45.65 -44.30
N THR H 346 4.97 -46.43 -43.49
CA THR H 346 5.68 -47.61 -43.98
C THR H 346 5.82 -48.58 -42.82
N ILE H 347 5.35 -49.81 -43.00
CA ILE H 347 5.35 -50.80 -41.93
C ILE H 347 6.67 -51.56 -41.95
N ILE H 348 7.33 -51.60 -40.79
CA ILE H 348 8.52 -52.42 -40.58
C ILE H 348 8.13 -53.56 -39.66
N ARG H 349 8.27 -54.79 -40.15
CA ARG H 349 7.93 -55.98 -39.39
C ARG H 349 9.13 -56.84 -39.03
N ASP H 350 10.19 -56.82 -39.84
CA ASP H 350 11.38 -57.61 -39.60
C ASP H 350 12.62 -56.73 -39.59
N GLY H 351 13.75 -57.35 -39.27
CA GLY H 351 15.00 -56.59 -39.18
C GLY H 351 15.57 -56.20 -40.52
N VAL H 352 15.27 -56.97 -41.57
CA VAL H 352 15.85 -56.68 -42.88
C VAL H 352 15.28 -55.38 -43.45
N THR H 353 13.99 -55.13 -43.26
CA THR H 353 13.39 -53.89 -43.75
C THR H 353 13.96 -52.68 -43.04
N ALA H 354 14.08 -52.76 -41.71
CA ALA H 354 14.65 -51.66 -40.94
C ALA H 354 16.10 -51.42 -41.33
N ASP H 355 16.85 -52.50 -41.54
CA ASP H 355 18.23 -52.36 -41.98
C ASP H 355 18.31 -51.68 -43.34
N GLY H 356 17.42 -52.03 -44.26
CA GLY H 356 17.43 -51.38 -45.57
C GLY H 356 17.14 -49.89 -45.50
N ILE H 357 16.12 -49.52 -44.73
CA ILE H 357 15.77 -48.11 -44.61
C ILE H 357 16.92 -47.33 -43.95
N THR H 358 17.46 -47.88 -42.86
CA THR H 358 18.56 -47.21 -42.17
C THR H 358 19.79 -47.09 -43.06
N GLN H 359 20.09 -48.13 -43.83
CA GLN H 359 21.23 -48.08 -44.73
C GLN H 359 21.04 -47.02 -45.80
N ARG H 360 19.83 -46.90 -46.34
CA ARG H 360 19.55 -45.87 -47.32
C ARG H 360 19.84 -44.48 -46.77
N LYS H 361 19.25 -44.16 -45.62
CA LYS H 361 19.42 -42.82 -45.06
C LYS H 361 20.88 -42.56 -44.67
N TYR H 362 21.52 -43.54 -44.05
CA TYR H 362 22.92 -43.42 -43.64
C TYR H 362 23.83 -43.19 -44.84
N ASN H 363 23.63 -43.96 -45.91
CA ASN H 363 24.47 -43.83 -47.08
C ASN H 363 24.26 -42.49 -47.78
N TYR H 364 23.02 -41.99 -47.77
CA TYR H 364 22.78 -40.65 -48.31
C TYR H 364 23.60 -39.60 -47.55
N ILE H 365 23.49 -39.60 -46.22
CA ILE H 365 24.22 -38.61 -45.43
C ILE H 365 25.73 -38.76 -45.63
N ARG H 366 26.22 -40.01 -45.66
CA ARG H 366 27.65 -40.25 -45.80
C ARG H 366 28.16 -39.83 -47.18
N ALA H 367 27.35 -40.01 -48.22
CA ALA H 367 27.74 -39.57 -49.56
C ALA H 367 27.87 -38.05 -49.61
N GLU H 368 26.92 -37.35 -48.99
CA GLU H 368 27.07 -35.89 -48.91
C GLU H 368 28.35 -35.50 -48.18
N GLN H 369 28.65 -36.18 -47.07
CA GLN H 369 29.85 -35.86 -46.31
C GLN H 369 31.12 -36.15 -47.11
N LEU H 370 31.15 -37.26 -47.83
CA LEU H 370 32.33 -37.59 -48.64
C LEU H 370 32.53 -36.57 -49.75
N PHE H 371 31.44 -36.13 -50.39
CA PHE H 371 31.57 -35.09 -51.40
C PHE H 371 32.12 -33.80 -50.79
N ARG H 372 31.63 -33.42 -49.60
CA ARG H 372 32.17 -32.24 -48.94
C ARG H 372 33.64 -32.43 -48.58
N ALA H 373 34.06 -33.66 -48.29
CA ALA H 373 35.45 -33.91 -47.95
C ALA H 373 36.34 -33.88 -49.19
N GLU H 374 35.79 -34.15 -50.37
CA GLU H 374 36.58 -33.99 -51.59
C GLU H 374 37.00 -32.54 -51.81
N LYS H 375 36.07 -31.60 -51.62
CA LYS H 375 36.39 -30.18 -51.66
C LYS H 375 36.50 -29.69 -50.22
N GLY H 376 37.69 -29.89 -49.65
CA GLY H 376 37.90 -29.69 -48.23
C GLY H 376 37.82 -28.24 -47.82
N LEU H 377 38.29 -27.99 -46.60
CA LEU H 377 38.24 -26.66 -46.01
C LEU H 377 39.08 -25.68 -46.82
N ARG H 378 38.62 -24.44 -46.89
CA ARG H 378 39.24 -23.47 -47.79
C ARG H 378 40.67 -23.16 -47.40
N LEU H 379 40.93 -22.94 -46.11
CA LEU H 379 42.27 -22.59 -45.65
C LEU H 379 42.69 -23.43 -44.45
N LEU H 380 42.25 -24.68 -44.39
CA LEU H 380 42.62 -25.59 -43.32
C LEU H 380 42.86 -26.97 -43.93
N ASP H 381 43.03 -27.96 -43.05
CA ASP H 381 43.23 -29.33 -43.50
C ASP H 381 41.95 -29.89 -44.11
N ASP H 382 42.11 -30.65 -45.20
CA ASP H 382 40.98 -31.26 -45.87
C ASP H 382 40.48 -32.52 -45.18
N ALA H 383 41.24 -33.07 -44.24
CA ALA H 383 40.84 -34.26 -43.52
C ALA H 383 40.12 -33.97 -42.22
N SER H 384 39.95 -32.70 -41.86
CA SER H 384 39.25 -32.33 -40.64
C SER H 384 37.74 -32.33 -40.81
N VAL H 385 37.25 -32.54 -42.02
CA VAL H 385 35.80 -32.57 -42.25
C VAL H 385 35.23 -33.84 -41.63
N PRO H 386 34.16 -33.75 -40.84
CA PRO H 386 33.57 -34.97 -40.27
C PRO H 386 32.92 -35.82 -41.34
N VAL H 387 33.30 -37.10 -41.38
CA VAL H 387 32.75 -38.06 -42.33
C VAL H 387 32.36 -39.31 -41.54
N LEU H 388 31.16 -39.81 -41.78
CA LEU H 388 30.69 -41.00 -41.09
C LEU H 388 31.51 -42.22 -41.51
N PRO H 389 31.70 -43.18 -40.60
CA PRO H 389 32.35 -44.43 -40.98
C PRO H 389 31.44 -45.25 -41.89
N LYS H 390 32.02 -46.31 -42.45
CA LYS H 390 31.24 -47.22 -43.26
C LYS H 390 30.17 -47.89 -42.41
N PHE H 391 29.08 -48.29 -43.04
CA PHE H 391 27.92 -48.83 -42.33
C PHE H 391 28.31 -50.03 -41.48
N GLY H 392 28.24 -49.86 -40.16
CA GLY H 392 28.65 -50.90 -39.24
C GLY H 392 30.14 -51.11 -39.15
N ASP H 393 30.92 -50.04 -38.94
CA ASP H 393 32.36 -50.16 -38.92
C ASP H 393 32.98 -49.49 -37.69
N ASP H 394 32.24 -48.57 -37.06
CA ASP H 394 32.69 -47.87 -35.85
C ASP H 394 33.88 -46.96 -36.11
N ARG H 395 34.22 -46.14 -35.11
CA ARG H 395 35.19 -45.08 -35.30
C ARG H 395 36.60 -45.62 -35.53
N ARG H 396 37.40 -44.83 -36.25
CA ARG H 396 38.81 -45.12 -36.49
C ARG H 396 39.61 -43.85 -36.30
N HIS H 397 40.91 -44.02 -36.02
CA HIS H 397 41.78 -42.87 -35.83
C HIS H 397 42.06 -42.17 -37.15
N SER H 398 42.49 -40.91 -37.05
CA SER H 398 42.93 -40.16 -38.21
C SER H 398 44.26 -40.72 -38.72
N PRO H 399 44.61 -40.46 -39.98
CA PRO H 399 45.82 -41.08 -40.54
C PRO H 399 47.09 -40.75 -39.77
N GLU H 400 47.21 -39.55 -39.20
CA GLU H 400 48.41 -39.20 -38.44
C GLU H 400 48.53 -40.06 -37.18
N ILE H 401 47.44 -40.19 -36.43
CA ILE H 401 47.47 -41.04 -35.24
C ILE H 401 47.67 -42.50 -35.64
N GLN H 402 47.10 -42.92 -36.76
CA GLN H 402 47.28 -44.29 -37.22
C GLN H 402 48.74 -44.57 -37.53
N ALA H 403 49.41 -43.64 -38.22
CA ALA H 403 50.84 -43.81 -38.49
C ALA H 403 51.65 -43.78 -37.21
N PHE H 404 51.28 -42.91 -36.26
CA PHE H 404 52.00 -42.86 -35.00
C PHE H 404 51.87 -44.16 -34.22
N ILE H 405 50.69 -44.77 -34.24
CA ILE H 405 50.51 -46.03 -33.51
C ILE H 405 51.12 -47.19 -34.27
N GLU H 406 51.23 -47.09 -35.59
CA GLU H 406 51.91 -48.14 -36.35
C GLU H 406 53.41 -48.10 -36.11
N GLN H 407 53.99 -46.90 -36.02
CA GLN H 407 55.42 -46.79 -35.73
C GLN H 407 55.73 -47.30 -34.33
N MET H 408 54.87 -47.00 -33.37
CA MET H 408 55.06 -47.46 -31.99
C MET H 408 54.75 -48.95 -31.86
N GLY I 2 -13.27 -73.57 -23.87
CA GLY I 2 -12.96 -72.25 -24.37
C GLY I 2 -13.67 -71.16 -23.59
N ASN I 3 -13.43 -71.13 -22.28
CA ASN I 3 -14.06 -70.12 -21.43
C ASN I 3 -13.42 -68.74 -21.57
N ASN I 4 -12.21 -68.66 -22.14
CA ASN I 4 -11.52 -67.39 -22.32
C ASN I 4 -11.10 -67.25 -23.78
N ARG I 5 -11.23 -66.02 -24.29
CA ARG I 5 -10.76 -65.71 -25.64
C ARG I 5 -10.01 -64.38 -25.62
N VAL I 6 -9.07 -64.25 -26.54
CA VAL I 6 -8.36 -62.99 -26.77
C VAL I 6 -8.61 -62.61 -28.23
N VAL I 7 -9.21 -61.44 -28.43
CA VAL I 7 -9.61 -60.97 -29.76
C VAL I 7 -8.72 -59.79 -30.14
N TYR I 8 -8.08 -59.88 -31.29
CA TYR I 8 -7.29 -58.78 -31.84
C TYR I 8 -8.17 -57.94 -32.75
N LEU I 9 -8.30 -56.66 -32.45
CA LEU I 9 -9.16 -55.78 -33.20
C LEU I 9 -8.42 -55.15 -34.38
N LYS I 10 -9.11 -55.06 -35.52
CA LYS I 10 -8.52 -54.50 -36.72
C LYS I 10 -8.71 -52.99 -36.81
N TYR I 11 -9.93 -52.50 -36.60
CA TYR I 11 -10.26 -51.11 -36.85
C TYR I 11 -10.75 -50.34 -35.63
N ALA I 12 -11.24 -51.02 -34.61
CA ALA I 12 -11.79 -50.33 -33.45
C ALA I 12 -10.75 -50.23 -32.33
N LYS I 13 -11.10 -49.50 -31.29
CA LYS I 13 -10.28 -49.34 -30.11
C LYS I 13 -10.93 -50.11 -28.96
N ALA I 14 -10.12 -50.93 -28.27
CA ALA I 14 -10.67 -51.84 -27.27
C ALA I 14 -11.28 -51.10 -26.10
N GLU I 15 -10.63 -50.03 -25.65
CA GLU I 15 -11.17 -49.23 -24.56
C GLU I 15 -12.55 -48.70 -24.89
N ASP I 16 -12.81 -48.39 -26.17
CA ASP I 16 -14.14 -47.97 -26.57
C ASP I 16 -15.16 -49.11 -26.46
N LEU I 17 -14.77 -50.31 -26.91
CA LEU I 17 -15.70 -51.43 -26.93
C LEU I 17 -15.99 -52.01 -25.56
N VAL I 18 -15.12 -51.76 -24.57
CA VAL I 18 -15.36 -52.31 -23.24
C VAL I 18 -16.66 -51.77 -22.66
N GLU I 19 -16.87 -50.46 -22.76
CA GLU I 19 -18.08 -49.86 -22.22
C GLU I 19 -19.32 -50.38 -22.93
N VAL I 20 -19.26 -50.51 -24.26
CA VAL I 20 -20.41 -50.99 -25.01
C VAL I 20 -20.73 -52.43 -24.63
N LEU I 21 -19.72 -53.28 -24.52
CA LEU I 21 -19.95 -54.71 -24.29
C LEU I 21 -20.24 -55.04 -22.83
N LYS I 22 -19.99 -54.14 -21.89
CA LYS I 22 -20.31 -54.42 -20.50
C LYS I 22 -21.79 -54.73 -20.32
N GLY I 23 -22.66 -53.94 -20.94
CA GLY I 23 -24.08 -54.19 -20.83
C GLY I 23 -24.54 -55.48 -21.49
N VAL I 24 -24.02 -55.77 -22.69
CA VAL I 24 -24.42 -56.97 -23.41
C VAL I 24 -23.94 -58.22 -22.66
N SER I 25 -22.73 -58.19 -22.11
CA SER I 25 -22.20 -59.35 -21.40
C SER I 25 -23.05 -59.67 -20.18
N GLU I 26 -23.47 -58.66 -19.43
CA GLU I 26 -24.29 -58.86 -18.25
C GLU I 26 -25.74 -59.12 -18.64
N VAL I 45 -19.15 -62.90 -16.33
CA VAL I 45 -18.71 -62.32 -17.58
C VAL I 45 -17.77 -61.14 -17.33
N MET I 46 -16.54 -61.24 -17.83
CA MET I 46 -15.56 -60.19 -17.64
C MET I 46 -14.97 -59.78 -18.99
N ILE I 47 -14.80 -58.46 -19.15
CA ILE I 47 -14.26 -57.84 -20.35
C ILE I 47 -13.09 -56.97 -19.94
N ALA I 48 -11.93 -57.15 -20.58
CA ALA I 48 -10.77 -56.31 -20.30
C ALA I 48 -10.13 -55.89 -21.61
N ALA I 49 -9.39 -54.78 -21.57
CA ALA I 49 -8.73 -54.24 -22.74
C ALA I 49 -7.24 -54.13 -22.49
N HIS I 50 -6.45 -54.61 -23.44
CA HIS I 50 -5.00 -54.41 -23.45
C HIS I 50 -4.71 -53.39 -24.55
N ALA I 51 -4.29 -52.19 -24.16
CA ALA I 51 -4.15 -51.09 -25.10
C ALA I 51 -2.93 -51.23 -26.00
N ASP I 52 -1.83 -51.80 -25.48
CA ASP I 52 -0.59 -51.85 -26.25
C ASP I 52 -0.73 -52.74 -27.47
N THR I 53 -1.46 -53.85 -27.36
CA THR I 53 -1.72 -54.73 -28.48
C THR I 53 -3.10 -54.53 -29.08
N ASN I 54 -3.90 -53.62 -28.52
CA ASN I 54 -5.27 -53.36 -28.96
C ASN I 54 -6.10 -54.65 -28.99
N SER I 55 -6.19 -55.29 -27.83
CA SER I 55 -6.84 -56.59 -27.73
C SER I 55 -7.91 -56.57 -26.65
N LEU I 56 -8.92 -57.42 -26.82
CA LEU I 56 -9.95 -57.65 -25.83
C LEU I 56 -9.77 -59.03 -25.22
N VAL I 57 -9.77 -59.11 -23.90
CA VAL I 57 -9.77 -60.37 -23.17
C VAL I 57 -11.16 -60.60 -22.63
N LEU I 58 -11.78 -61.70 -23.04
CA LEU I 58 -13.18 -61.96 -22.75
C LEU I 58 -13.29 -63.30 -22.03
N THR I 59 -14.02 -63.33 -20.91
CA THR I 59 -14.34 -64.58 -20.25
C THR I 59 -15.83 -64.65 -19.96
N ALA I 60 -16.46 -65.73 -20.41
CA ALA I 60 -17.91 -65.90 -20.37
C ALA I 60 -18.24 -67.31 -20.83
N PRO I 61 -19.43 -67.83 -20.48
CA PRO I 61 -19.87 -69.11 -21.03
C PRO I 61 -20.11 -69.08 -22.53
N GLN I 62 -20.43 -70.23 -23.12
CA GLN I 62 -20.40 -70.38 -24.58
C GLN I 62 -21.39 -69.46 -25.28
N ASP I 63 -22.63 -69.38 -24.78
CA ASP I 63 -23.66 -68.63 -25.48
C ASP I 63 -23.38 -67.13 -25.46
N ILE I 64 -23.08 -66.59 -24.26
CA ILE I 64 -22.70 -65.19 -24.16
C ILE I 64 -21.45 -64.92 -24.97
N MET I 65 -20.52 -65.87 -25.00
CA MET I 65 -19.30 -65.72 -25.78
C MET I 65 -19.62 -65.56 -27.27
N ASN I 66 -20.49 -66.42 -27.80
CA ASN I 66 -20.82 -66.35 -29.22
C ASN I 66 -21.54 -65.05 -29.55
N ALA I 67 -22.48 -64.64 -28.69
CA ALA I 67 -23.19 -63.39 -28.92
C ALA I 67 -22.23 -62.19 -28.92
N MET I 68 -21.31 -62.16 -27.95
CA MET I 68 -20.36 -61.06 -27.86
C MET I 68 -19.43 -61.06 -29.07
N LEU I 69 -19.02 -62.23 -29.53
CA LEU I 69 -18.15 -62.29 -30.71
C LEU I 69 -18.88 -61.77 -31.94
N GLU I 70 -20.17 -62.10 -32.09
CA GLU I 70 -20.93 -61.55 -33.21
C GLU I 70 -21.03 -60.03 -33.13
N VAL I 71 -21.28 -59.50 -31.93
CA VAL I 71 -21.37 -58.04 -31.78
C VAL I 71 -20.04 -57.38 -32.10
N ILE I 72 -18.94 -57.95 -31.62
CA ILE I 72 -17.62 -57.40 -31.90
C ILE I 72 -17.34 -57.42 -33.40
N GLY I 73 -17.66 -58.54 -34.05
CA GLY I 73 -17.45 -58.62 -35.49
C GLY I 73 -18.27 -57.61 -36.25
N GLN I 74 -19.46 -57.29 -35.77
CA GLN I 74 -20.27 -56.28 -36.44
C GLN I 74 -19.78 -54.86 -36.19
N LEU I 75 -19.21 -54.58 -35.02
CA LEU I 75 -18.72 -53.23 -34.73
C LEU I 75 -17.28 -52.99 -35.18
N ASP I 76 -16.54 -54.02 -35.53
CA ASP I 76 -15.12 -53.89 -35.90
C ASP I 76 -15.01 -53.86 -37.42
N ILE I 77 -15.34 -52.72 -38.00
CA ILE I 77 -15.35 -52.56 -39.45
C ILE I 77 -14.64 -51.27 -39.83
N ARG I 78 -14.44 -51.11 -41.13
CA ARG I 78 -13.70 -49.98 -41.68
C ARG I 78 -14.60 -48.78 -41.87
N ARG I 79 -14.04 -47.60 -41.61
CA ARG I 79 -14.72 -46.33 -41.86
C ARG I 79 -14.21 -45.70 -43.14
N ALA I 80 -15.11 -45.04 -43.86
CA ALA I 80 -14.75 -44.29 -45.05
C ALA I 80 -14.19 -42.93 -44.67
N GLN I 81 -13.65 -42.23 -45.66
CA GLN I 81 -13.07 -40.91 -45.45
C GLN I 81 -13.79 -39.87 -46.31
N VAL I 82 -13.68 -38.61 -45.90
CA VAL I 82 -14.26 -37.50 -46.63
C VAL I 82 -13.17 -36.44 -46.85
N LEU I 83 -13.02 -36.00 -48.09
CA LEU I 83 -12.26 -34.81 -48.42
C LEU I 83 -13.23 -33.66 -48.54
N ILE I 84 -12.99 -32.58 -47.78
CA ILE I 84 -13.90 -31.44 -47.71
C ILE I 84 -13.15 -30.22 -48.20
N GLU I 85 -13.69 -29.55 -49.22
CA GLU I 85 -13.11 -28.35 -49.79
C GLU I 85 -14.08 -27.20 -49.66
N ALA I 86 -13.59 -26.06 -49.15
CA ALA I 86 -14.37 -24.84 -49.07
C ALA I 86 -13.88 -23.85 -50.13
N LEU I 87 -14.76 -22.94 -50.54
CA LEU I 87 -14.45 -21.95 -51.56
C LEU I 87 -15.01 -20.62 -51.12
N ILE I 88 -14.12 -19.65 -50.89
CA ILE I 88 -14.50 -18.32 -50.43
C ILE I 88 -14.20 -17.34 -51.56
N VAL I 89 -15.22 -16.61 -52.00
CA VAL I 89 -15.11 -15.62 -53.07
C VAL I 89 -15.46 -14.26 -52.50
N GLU I 90 -14.60 -13.27 -52.76
CA GLU I 90 -14.83 -11.90 -52.32
C GLU I 90 -14.54 -10.95 -53.48
N MET I 91 -15.45 -10.02 -53.73
CA MET I 91 -15.28 -9.00 -54.76
C MET I 91 -15.71 -7.66 -54.19
N ALA I 92 -14.93 -6.62 -54.44
CA ALA I 92 -15.26 -5.28 -53.99
C ALA I 92 -14.96 -4.28 -55.11
N GLU I 93 -15.82 -3.27 -55.21
CA GLU I 93 -15.66 -2.20 -56.19
C GLU I 93 -16.00 -0.87 -55.54
N GLY I 94 -15.30 0.19 -55.92
CA GLY I 94 -15.56 1.51 -55.39
C GLY I 94 -15.22 2.64 -56.33
N ASP I 95 -16.02 3.70 -56.30
CA ASP I 95 -15.83 4.84 -57.19
C ASP I 95 -16.28 6.13 -56.51
N GLY I 96 -15.50 7.19 -56.64
CA GLY I 96 -15.84 8.46 -56.02
C GLY I 96 -15.37 9.64 -56.84
N ILE I 97 -16.06 10.77 -56.67
CA ILE I 97 -15.69 12.00 -57.33
C ILE I 97 -15.93 13.19 -56.40
N ASN I 98 -14.99 14.12 -56.39
CA ASN I 98 -15.07 15.36 -55.63
C ASN I 98 -14.76 16.53 -56.55
N LEU I 99 -15.57 17.59 -56.47
CA LEU I 99 -15.36 18.76 -57.32
C LEU I 99 -15.87 20.00 -56.61
N GLY I 100 -15.04 21.04 -56.53
CA GLY I 100 -15.47 22.27 -55.87
C GLY I 100 -14.59 23.46 -56.18
N VAL I 101 -15.15 24.64 -55.94
CA VAL I 101 -14.47 25.92 -56.11
C VAL I 101 -14.67 26.74 -54.84
N GLN I 102 -13.59 27.35 -54.36
CA GLN I 102 -13.62 28.18 -53.16
C GLN I 102 -13.04 29.56 -53.49
N TRP I 103 -13.57 30.58 -52.83
CA TRP I 103 -13.10 31.95 -53.01
C TRP I 103 -12.67 32.52 -51.67
N GLY I 104 -11.58 33.26 -51.69
CA GLY I 104 -11.02 33.80 -50.45
C GLY I 104 -10.36 35.13 -50.67
N SER I 105 -10.24 35.89 -49.59
CA SER I 105 -9.53 37.16 -49.58
C SER I 105 -9.08 37.44 -48.16
N LEU I 106 -7.81 37.83 -48.00
CA LEU I 106 -7.22 38.01 -46.69
C LEU I 106 -7.12 39.45 -46.24
N GLU I 107 -7.24 40.42 -47.15
CA GLU I 107 -7.29 41.82 -46.73
C GLU I 107 -8.49 42.07 -45.82
N SER I 108 -9.65 41.55 -46.19
CA SER I 108 -10.78 41.38 -45.30
C SER I 108 -10.84 39.92 -44.86
N GLY I 109 -11.89 39.56 -44.15
CA GLY I 109 -12.06 38.18 -43.78
C GLY I 109 -12.94 37.37 -44.69
N SER I 110 -13.20 37.86 -45.90
CA SER I 110 -14.18 37.24 -46.77
C SER I 110 -13.69 35.90 -47.30
N VAL I 111 -14.51 34.87 -47.13
CA VAL I 111 -14.24 33.54 -47.67
C VAL I 111 -15.53 32.93 -48.16
N ILE I 112 -15.44 32.11 -49.20
CA ILE I 112 -16.47 31.16 -49.57
C ILE I 112 -15.85 29.78 -49.37
N GLN I 113 -16.07 29.19 -48.21
CA GLN I 113 -15.30 28.06 -47.74
C GLN I 113 -16.14 26.80 -47.70
N TYR I 114 -15.52 25.67 -48.05
CA TYR I 114 -16.15 24.36 -47.99
C TYR I 114 -15.16 23.39 -47.37
N GLY I 115 -15.48 22.87 -46.20
CA GLY I 115 -14.60 21.94 -45.51
C GLY I 115 -14.71 20.49 -45.94
N ASN I 116 -15.74 20.16 -46.74
CA ASN I 116 -15.87 18.80 -47.24
C ASN I 116 -14.66 18.41 -48.08
N THR I 117 -14.21 19.33 -48.94
CA THR I 117 -12.97 19.13 -49.68
C THR I 117 -11.78 19.10 -48.72
N GLY I 118 -10.74 18.38 -49.11
CA GLY I 118 -9.60 18.22 -48.23
C GLY I 118 -8.64 19.39 -48.22
N ALA I 119 -9.17 20.59 -48.43
CA ALA I 119 -8.35 21.80 -48.44
C ALA I 119 -9.26 22.99 -48.19
N SER I 120 -8.93 23.77 -47.15
CA SER I 120 -9.69 24.97 -46.82
C SER I 120 -8.90 26.20 -47.26
N ILE I 121 -9.58 27.15 -47.89
CA ILE I 121 -8.89 28.27 -48.51
C ILE I 121 -8.23 29.17 -47.47
N GLY I 122 -8.83 29.32 -46.29
CA GLY I 122 -8.26 30.18 -45.28
C GLY I 122 -6.91 29.68 -44.78
N ASN I 123 -6.83 28.37 -44.50
CA ASN I 123 -5.57 27.79 -44.07
C ASN I 123 -4.51 27.90 -45.15
N VAL I 124 -4.89 27.68 -46.41
CA VAL I 124 -3.95 27.79 -47.51
C VAL I 124 -3.41 29.22 -47.61
N MET I 125 -4.30 30.21 -47.56
CA MET I 125 -3.86 31.60 -47.68
C MET I 125 -2.96 32.02 -46.53
N ILE I 126 -3.34 31.65 -45.30
CA ILE I 126 -2.52 32.04 -44.15
C ILE I 126 -1.17 31.34 -44.19
N GLY I 127 -1.14 30.06 -44.53
CA GLY I 127 0.14 29.36 -44.65
C GLY I 127 1.01 29.93 -45.75
N LEU I 128 0.40 30.37 -46.85
CA LEU I 128 1.15 31.05 -47.89
C LEU I 128 1.74 32.35 -47.36
N GLU I 129 0.96 33.09 -46.57
CA GLU I 129 1.46 34.35 -46.02
C GLU I 129 2.62 34.13 -45.06
N GLU I 130 2.53 33.12 -44.19
CA GLU I 130 3.57 32.89 -43.21
C GLU I 130 4.87 32.37 -43.82
N ALA I 131 4.85 31.97 -45.09
CA ALA I 131 6.03 31.44 -45.75
C ALA I 131 6.80 32.51 -46.51
N LYS I 132 6.39 33.77 -46.43
CA LYS I 132 7.06 34.87 -47.12
C LYS I 132 8.22 35.40 -46.27
N ASP I 133 9.10 36.14 -46.93
CA ASP I 133 10.26 36.74 -46.29
C ASP I 133 9.88 38.07 -45.64
N THR I 134 10.31 38.27 -44.40
CA THR I 134 9.92 39.42 -43.61
C THR I 134 11.12 40.30 -43.29
N THR I 135 10.90 41.63 -43.33
CA THR I 135 11.94 42.63 -43.00
C THR I 135 11.50 43.44 -41.79
N GLN I 136 12.20 43.27 -40.69
CA GLN I 136 11.92 44.09 -39.52
C GLN I 136 12.86 45.29 -39.54
N THR I 137 12.52 46.34 -40.29
CA THR I 137 13.45 47.47 -40.41
C THR I 137 13.30 48.45 -39.25
N LYS I 138 14.26 48.43 -38.34
CA LYS I 138 14.17 49.29 -37.17
C LYS I 138 14.18 50.77 -37.49
N ALA I 139 15.05 51.20 -38.39
CA ALA I 139 15.15 52.62 -38.74
C ALA I 139 15.26 53.36 -37.44
N VAL I 140 16.06 52.80 -36.52
CA VAL I 140 16.24 53.42 -35.23
C VAL I 140 17.29 54.47 -35.42
N TYR I 141 16.99 55.48 -36.23
CA TYR I 141 17.97 56.49 -36.51
C TYR I 141 18.03 57.58 -35.47
N PHE I 147 23.51 55.60 -32.85
CA PHE I 147 22.86 56.29 -33.96
C PHE I 147 23.10 55.54 -35.26
N LEU I 148 22.62 54.30 -35.31
CA LEU I 148 22.73 53.41 -36.47
C LEU I 148 21.47 53.60 -37.30
N ARG I 149 21.59 54.35 -38.39
CA ARG I 149 20.44 54.95 -39.05
C ARG I 149 19.47 53.94 -39.65
N ASN I 150 19.92 52.73 -40.00
CA ASN I 150 19.13 51.84 -40.84
C ASN I 150 19.19 50.38 -40.37
N GLU I 151 18.94 50.14 -39.08
CA GLU I 151 19.10 48.79 -38.54
C GLU I 151 18.06 47.79 -39.03
N THR I 152 18.12 47.40 -40.31
CA THR I 152 17.16 46.44 -40.83
C THR I 152 17.51 45.02 -40.40
N THR I 153 16.62 44.10 -40.73
CA THR I 153 16.87 42.66 -40.60
C THR I 153 16.00 41.94 -41.62
N THR I 154 16.37 40.71 -41.94
CA THR I 154 15.57 39.86 -42.81
C THR I 154 15.42 38.50 -42.14
N THR I 155 14.28 37.86 -42.38
CA THR I 155 13.97 36.57 -41.77
C THR I 155 13.21 35.70 -42.77
N LYS I 156 13.72 34.49 -43.00
CA LYS I 156 13.03 33.55 -43.86
C LYS I 156 11.75 33.05 -43.20
N GLY I 157 10.71 32.85 -44.00
CA GLY I 157 9.43 32.42 -43.48
C GLY I 157 9.42 30.97 -43.09
N ASP I 158 8.37 30.59 -42.35
CA ASP I 158 8.17 29.23 -41.91
C ASP I 158 7.15 28.53 -42.78
N TYR I 159 7.40 27.26 -43.09
CA TYR I 159 6.59 26.48 -44.00
C TYR I 159 5.69 25.48 -43.29
N THR I 160 5.54 25.59 -41.97
CA THR I 160 4.82 24.57 -41.21
C THR I 160 3.32 24.58 -41.54
N LYS I 161 2.71 25.77 -41.53
CA LYS I 161 1.27 25.85 -41.79
C LYS I 161 0.95 25.43 -43.22
N LEU I 162 1.77 25.84 -44.18
CA LEU I 162 1.57 25.40 -45.56
C LEU I 162 1.74 23.89 -45.70
N ALA I 163 2.73 23.32 -45.01
CA ALA I 163 2.93 21.88 -45.07
C ALA I 163 1.73 21.14 -44.48
N SER I 164 1.17 21.64 -43.39
CA SER I 164 -0.01 21.02 -42.81
C SER I 164 -1.23 21.17 -43.70
N ALA I 165 -1.33 22.30 -44.42
CA ALA I 165 -2.50 22.54 -45.26
C ALA I 165 -2.52 21.61 -46.48
N LEU I 166 -1.36 21.29 -47.03
CA LEU I 166 -1.27 20.47 -48.23
C LEU I 166 -1.09 18.99 -47.93
N SER I 167 -1.10 18.59 -46.65
CA SER I 167 -0.76 17.23 -46.29
C SER I 167 -1.84 16.24 -46.72
N SER I 168 -3.11 16.63 -46.66
CA SER I 168 -4.22 15.72 -46.89
C SER I 168 -4.82 15.85 -48.30
N ILE I 169 -4.19 16.62 -49.18
CA ILE I 169 -4.77 16.90 -50.49
C ILE I 169 -4.55 15.71 -51.41
N GLN I 170 -5.64 15.25 -52.03
CA GLN I 170 -5.58 14.22 -53.07
C GLN I 170 -6.18 14.81 -54.34
N GLY I 171 -5.44 14.73 -55.43
CA GLY I 171 -5.91 15.26 -56.70
C GLY I 171 -5.48 16.69 -56.92
N ALA I 172 -6.28 17.40 -57.71
CA ALA I 172 -5.95 18.76 -58.10
C ALA I 172 -6.49 19.76 -57.08
N ALA I 173 -5.60 20.64 -56.61
CA ALA I 173 -5.94 21.79 -55.77
C ALA I 173 -5.11 22.97 -56.29
N VAL I 174 -5.72 23.78 -57.15
CA VAL I 174 -5.02 24.80 -57.92
C VAL I 174 -5.57 26.18 -57.55
N SER I 175 -4.68 27.10 -57.24
CA SER I 175 -5.04 28.45 -56.82
C SER I 175 -4.79 29.44 -57.96
N ILE I 176 -5.75 30.30 -58.22
CA ILE I 176 -5.69 31.34 -59.24
C ILE I 176 -5.93 32.68 -58.56
N ALA I 177 -4.99 33.60 -58.71
CA ALA I 177 -5.12 34.94 -58.14
C ALA I 177 -5.61 35.90 -59.23
N MET I 178 -6.59 36.74 -58.88
CA MET I 178 -7.18 37.66 -59.82
C MET I 178 -7.41 39.03 -59.18
N GLY I 179 -6.58 39.38 -58.20
CA GLY I 179 -6.65 40.69 -57.60
C GLY I 179 -7.42 40.70 -56.30
N ASP I 180 -6.70 40.71 -55.18
CA ASP I 180 -7.26 40.67 -53.82
C ASP I 180 -8.36 39.61 -53.70
N TRP I 181 -8.27 38.56 -54.51
CA TRP I 181 -9.29 37.51 -54.54
C TRP I 181 -8.64 36.26 -55.11
N THR I 182 -8.68 35.17 -54.36
CA THR I 182 -8.07 33.91 -54.76
C THR I 182 -9.16 32.86 -54.95
N ALA I 183 -9.09 32.13 -56.07
CA ALA I 183 -9.99 31.03 -56.36
C ALA I 183 -9.22 29.72 -56.31
N LEU I 184 -9.65 28.81 -55.44
CA LEU I 184 -9.06 27.50 -55.28
C LEU I 184 -9.99 26.46 -55.87
N ILE I 185 -9.51 25.72 -56.86
CA ILE I 185 -10.29 24.67 -57.53
C ILE I 185 -9.76 23.33 -57.07
N ASN I 186 -10.65 22.47 -56.58
CA ASN I 186 -10.30 21.12 -56.17
C ASN I 186 -11.11 20.12 -56.99
N ALA I 187 -10.44 19.06 -57.44
CA ALA I 187 -11.06 18.06 -58.29
C ALA I 187 -10.30 16.75 -58.18
N VAL I 188 -11.03 15.66 -57.97
CA VAL I 188 -10.40 14.34 -57.87
C VAL I 188 -11.44 13.27 -58.22
N SER I 189 -10.95 12.16 -58.78
CA SER I 189 -11.75 10.97 -59.07
C SER I 189 -10.97 9.75 -58.62
N ASN I 190 -11.60 8.88 -57.85
CA ASN I 190 -10.96 7.70 -57.28
C ASN I 190 -11.70 6.44 -57.70
N ASP I 191 -10.95 5.37 -57.95
CA ASP I 191 -11.49 4.08 -58.35
C ASP I 191 -10.69 2.96 -57.69
N SER I 192 -11.38 1.91 -57.26
CA SER I 192 -10.72 0.80 -56.59
C SER I 192 -11.46 -0.50 -56.86
N SER I 193 -10.70 -1.60 -56.93
CA SER I 193 -11.25 -2.92 -57.19
C SER I 193 -10.47 -3.96 -56.39
N SER I 194 -11.15 -5.05 -56.03
CA SER I 194 -10.54 -6.12 -55.25
C SER I 194 -11.21 -7.44 -55.58
N ASN I 195 -10.42 -8.50 -55.69
CA ASN I 195 -10.88 -9.82 -56.12
C ASN I 195 -10.06 -10.88 -55.40
N ILE I 196 -10.71 -11.68 -54.56
CA ILE I 196 -10.04 -12.65 -53.70
C ILE I 196 -10.72 -14.00 -53.83
N LEU I 197 -9.92 -15.06 -54.01
CA LEU I 197 -10.37 -16.45 -54.02
C LEU I 197 -9.55 -17.24 -53.02
N SER I 198 -10.23 -18.02 -52.17
CA SER I 198 -9.54 -18.87 -51.21
C SER I 198 -10.19 -20.26 -51.21
N SER I 199 -9.36 -21.29 -51.01
CA SER I 199 -9.82 -22.68 -51.03
C SER I 199 -9.10 -23.53 -49.99
N PRO I 200 -9.58 -23.56 -48.75
CA PRO I 200 -9.06 -24.51 -47.78
C PRO I 200 -9.69 -25.88 -47.91
N SER I 201 -8.93 -26.92 -47.57
CA SER I 201 -9.40 -28.28 -47.70
C SER I 201 -8.80 -29.15 -46.60
N ILE I 202 -9.51 -30.23 -46.25
CA ILE I 202 -9.06 -31.14 -45.21
C ILE I 202 -9.67 -32.51 -45.43
N THR I 203 -8.93 -33.56 -45.05
CA THR I 203 -9.39 -34.94 -45.15
C THR I 203 -9.61 -35.51 -43.75
N VAL I 204 -10.77 -36.14 -43.55
CA VAL I 204 -11.15 -36.71 -42.26
C VAL I 204 -11.71 -38.11 -42.48
N MET I 205 -11.92 -38.80 -41.36
CA MET I 205 -12.67 -40.04 -41.34
C MET I 205 -14.12 -39.77 -40.97
N ASP I 206 -14.98 -40.73 -41.28
CA ASP I 206 -16.39 -40.61 -40.93
C ASP I 206 -16.54 -40.49 -39.41
N ASN I 207 -17.38 -39.53 -39.00
CA ASN I 207 -17.71 -39.29 -37.59
C ASN I 207 -16.54 -38.74 -36.79
N GLY I 208 -15.55 -38.15 -37.46
CA GLY I 208 -14.42 -37.55 -36.80
C GLY I 208 -14.37 -36.05 -37.00
N GLU I 209 -13.73 -35.35 -36.07
CA GLU I 209 -13.59 -33.90 -36.14
C GLU I 209 -12.26 -33.53 -36.78
N ALA I 210 -12.27 -32.48 -37.59
CA ALA I 210 -11.07 -31.97 -38.23
C ALA I 210 -10.98 -30.47 -38.07
N SER I 211 -9.76 -29.99 -37.82
CA SER I 211 -9.46 -28.58 -37.63
C SER I 211 -8.38 -28.15 -38.60
N PHE I 212 -8.53 -26.97 -39.17
CA PHE I 212 -7.60 -26.42 -40.14
C PHE I 212 -7.45 -24.93 -39.87
N ILE I 213 -6.21 -24.47 -39.71
CA ILE I 213 -5.95 -23.04 -39.56
C ILE I 213 -4.72 -22.66 -40.36
N VAL I 214 -4.81 -21.57 -41.12
CA VAL I 214 -3.66 -20.90 -41.70
C VAL I 214 -3.75 -19.45 -41.26
N GLY I 215 -2.81 -19.00 -40.43
CA GLY I 215 -2.91 -17.66 -39.88
C GLY I 215 -1.88 -17.26 -38.85
N GLU I 216 -2.36 -16.71 -37.74
CA GLU I 216 -1.52 -16.06 -36.75
C GLU I 216 -2.13 -16.26 -35.37
N GLU I 217 -1.27 -16.20 -34.36
CA GLU I 217 -1.67 -16.22 -32.96
C GLU I 217 -1.29 -14.90 -32.33
N VAL I 218 -2.29 -14.16 -31.84
CA VAL I 218 -2.14 -12.76 -31.45
C VAL I 218 -2.50 -12.64 -29.98
N PRO I 219 -1.71 -11.94 -29.17
CA PRO I 219 -2.11 -11.69 -27.78
C PRO I 219 -3.07 -10.52 -27.67
N VAL I 220 -4.02 -10.64 -26.75
CA VAL I 220 -5.02 -9.60 -26.49
C VAL I 220 -5.17 -9.43 -24.99
N ILE I 221 -5.67 -8.25 -24.61
CA ILE I 221 -5.83 -7.89 -23.20
C ILE I 221 -7.19 -8.35 -22.72
N THR I 222 -7.22 -9.00 -21.55
CA THR I 222 -8.44 -9.49 -20.93
C THR I 222 -8.48 -9.06 -19.46
N GLY I 223 -8.26 -7.77 -19.22
CA GLY I 223 -8.13 -7.30 -17.85
C GLY I 223 -6.82 -6.61 -17.53
N SER I 224 -6.28 -5.89 -18.51
CA SER I 224 -5.05 -5.08 -18.39
C SER I 224 -4.69 -4.62 -16.98
N ASP I 231 3.29 1.21 -18.00
CA ASP I 231 3.54 -0.12 -17.44
C ASP I 231 2.24 -0.74 -16.94
N ASN I 232 2.33 -1.95 -16.38
CA ASN I 232 1.16 -2.64 -15.87
C ASN I 232 1.59 -3.74 -14.91
N PRO I 233 0.96 -3.86 -13.75
CA PRO I 233 1.33 -4.93 -12.81
C PRO I 233 0.80 -6.30 -13.21
N PHE I 234 -0.42 -6.35 -13.77
CA PHE I 234 -0.97 -7.60 -14.27
C PHE I 234 -1.94 -7.29 -15.40
N GLN I 235 -1.67 -7.85 -16.57
CA GLN I 235 -2.38 -7.51 -17.80
C GLN I 235 -3.50 -8.48 -18.16
N THR I 236 -3.43 -9.73 -17.68
CA THR I 236 -4.38 -10.78 -18.02
C THR I 236 -4.48 -10.96 -19.54
N VAL I 237 -3.36 -11.36 -20.14
CA VAL I 237 -3.25 -11.51 -21.58
C VAL I 237 -3.66 -12.91 -21.99
N ASP I 238 -4.38 -13.01 -23.10
CA ASP I 238 -4.77 -14.29 -23.68
C ASP I 238 -4.46 -14.29 -25.16
N ARG I 239 -4.02 -15.44 -25.68
CA ARG I 239 -3.60 -15.53 -27.08
C ARG I 239 -4.69 -16.20 -27.91
N LYS I 240 -5.09 -15.53 -28.99
CA LYS I 240 -6.19 -15.95 -29.84
C LYS I 240 -5.68 -16.25 -31.24
N GLU I 241 -6.52 -16.89 -32.05
CA GLU I 241 -6.16 -17.32 -33.38
C GLU I 241 -6.92 -16.52 -34.42
N VAL I 242 -6.21 -16.05 -35.45
CA VAL I 242 -6.81 -15.36 -36.58
C VAL I 242 -6.29 -16.02 -37.85
N GLY I 243 -7.07 -15.90 -38.93
CA GLY I 243 -6.65 -16.51 -40.18
C GLY I 243 -7.81 -17.12 -40.93
N ILE I 244 -7.50 -18.12 -41.75
CA ILE I 244 -8.50 -18.95 -42.39
C ILE I 244 -8.66 -20.21 -41.55
N LYS I 245 -9.87 -20.43 -41.03
CA LYS I 245 -10.15 -21.51 -40.10
C LYS I 245 -11.34 -22.32 -40.57
N LEU I 246 -11.20 -23.65 -40.48
CA LEU I 246 -12.25 -24.59 -40.86
C LEU I 246 -12.30 -25.71 -39.83
N LYS I 247 -13.43 -25.81 -39.13
CA LYS I 247 -13.71 -26.93 -38.24
C LYS I 247 -14.89 -27.71 -38.80
N VAL I 248 -14.71 -29.01 -39.02
CA VAL I 248 -15.73 -29.81 -39.67
C VAL I 248 -15.90 -31.15 -38.97
N VAL I 249 -17.16 -31.58 -38.84
CA VAL I 249 -17.48 -32.95 -38.47
C VAL I 249 -18.41 -33.53 -39.51
N PRO I 250 -17.97 -34.54 -40.27
CA PRO I 250 -18.84 -35.19 -41.25
C PRO I 250 -19.53 -36.44 -40.71
N GLN I 251 -20.65 -36.78 -41.36
CA GLN I 251 -21.38 -38.01 -41.09
C GLN I 251 -21.93 -38.51 -42.41
N ILE I 252 -21.38 -39.60 -42.91
CA ILE I 252 -21.85 -40.20 -44.14
C ILE I 252 -23.04 -41.09 -43.82
N ASN I 253 -24.12 -40.94 -44.58
CA ASN I 253 -25.18 -41.92 -44.53
C ASN I 253 -24.68 -43.23 -45.12
N GLU I 254 -25.53 -44.25 -45.12
CA GLU I 254 -25.10 -45.53 -45.68
C GLU I 254 -24.83 -45.44 -47.18
N GLY I 255 -25.23 -44.36 -47.84
CA GLY I 255 -25.07 -44.24 -49.27
C GLY I 255 -24.15 -43.11 -49.71
N ASN I 256 -24.71 -42.12 -50.40
CA ASN I 256 -23.90 -41.09 -51.06
C ASN I 256 -24.27 -39.67 -50.63
N SER I 257 -24.49 -39.45 -49.34
CA SER I 257 -24.76 -38.13 -48.81
C SER I 257 -23.97 -37.92 -47.54
N VAL I 258 -23.52 -36.68 -47.34
CA VAL I 258 -22.72 -36.31 -46.18
C VAL I 258 -23.42 -35.18 -45.45
N GLN I 259 -23.66 -35.38 -44.15
CA GLN I 259 -24.15 -34.34 -43.27
C GLN I 259 -22.94 -33.69 -42.59
N LEU I 260 -22.83 -32.37 -42.71
CA LEU I 260 -21.65 -31.65 -42.25
C LEU I 260 -22.04 -30.66 -41.16
N ASN I 261 -21.30 -30.67 -40.05
CA ASN I 261 -21.33 -29.61 -39.06
C ASN I 261 -20.09 -28.76 -39.29
N ILE I 262 -20.28 -27.47 -39.61
CA ILE I 262 -19.22 -26.61 -40.13
C ILE I 262 -19.12 -25.33 -39.30
N GLU I 263 -17.90 -24.96 -38.96
CA GLU I 263 -17.54 -23.62 -38.50
C GLU I 263 -16.45 -23.10 -39.42
N GLN I 264 -16.75 -22.04 -40.17
CA GLN I 264 -15.82 -21.47 -41.14
C GLN I 264 -15.57 -20.00 -40.81
N GLU I 265 -14.31 -19.58 -40.91
CA GLU I 265 -13.98 -18.22 -40.50
C GLU I 265 -12.81 -17.68 -41.31
N VAL I 266 -12.92 -16.40 -41.70
CA VAL I 266 -11.80 -15.62 -42.23
C VAL I 266 -11.66 -14.38 -41.38
N SER I 267 -10.49 -14.20 -40.76
CA SER I 267 -10.29 -13.09 -39.85
C SER I 267 -8.85 -12.59 -39.91
N ASN I 268 -8.68 -11.27 -39.82
CA ASN I 268 -7.36 -10.66 -39.77
C ASN I 268 -7.32 -9.59 -38.69
N VAL I 269 -6.13 -9.04 -38.47
CA VAL I 269 -5.91 -8.03 -37.43
C VAL I 269 -5.95 -6.64 -38.06
N LEU I 270 -6.75 -5.76 -37.47
CA LEU I 270 -6.79 -4.35 -37.79
C LEU I 270 -6.32 -3.55 -36.60
N GLY I 271 -5.57 -2.48 -36.86
CA GLY I 271 -5.08 -1.65 -35.78
C GLY I 271 -6.21 -0.88 -35.11
N ALA I 272 -6.08 -0.67 -33.81
CA ALA I 272 -7.07 0.09 -33.07
C ALA I 272 -7.01 1.56 -33.45
N ASN I 273 -8.16 2.13 -33.78
CA ASN I 273 -8.23 3.56 -34.06
C ASN I 273 -8.65 4.37 -32.84
N GLY I 274 -9.54 3.84 -32.01
CA GLY I 274 -9.88 4.50 -30.76
C GLY I 274 -10.14 3.51 -29.65
N ALA I 275 -9.81 2.25 -29.87
CA ALA I 275 -10.08 1.18 -28.93
C ALA I 275 -8.88 0.96 -28.02
N VAL I 276 -9.12 0.24 -26.91
CA VAL I 276 -8.07 -0.02 -25.95
C VAL I 276 -7.03 -0.98 -26.52
N ASP I 277 -7.47 -1.92 -27.38
CA ASP I 277 -6.59 -2.93 -27.93
C ASP I 277 -6.92 -3.13 -29.40
N VAL I 278 -6.14 -3.99 -30.06
CA VAL I 278 -6.29 -4.22 -31.49
C VAL I 278 -7.65 -4.85 -31.79
N ARG I 279 -8.10 -4.66 -33.03
CA ARG I 279 -9.37 -5.19 -33.48
C ARG I 279 -9.15 -6.33 -34.47
N PHE I 280 -10.18 -7.14 -34.66
CA PHE I 280 -10.16 -8.24 -35.62
C PHE I 280 -11.26 -8.02 -36.64
N ALA I 281 -10.90 -7.99 -37.91
CA ALA I 281 -11.88 -8.15 -38.98
C ALA I 281 -12.29 -9.62 -39.05
N LYS I 282 -13.59 -9.88 -39.07
CA LYS I 282 -14.11 -11.22 -38.85
C LYS I 282 -15.28 -11.51 -39.78
N ARG I 283 -15.23 -12.68 -40.43
CA ARG I 283 -16.35 -13.21 -41.21
C ARG I 283 -16.51 -14.68 -40.83
N GLN I 284 -17.65 -15.04 -40.26
CA GLN I 284 -17.84 -16.37 -39.69
C GLN I 284 -19.20 -16.94 -40.09
N LEU I 285 -19.19 -18.23 -40.44
CA LEU I 285 -20.41 -19.00 -40.71
C LEU I 285 -20.39 -20.25 -39.87
N ASN I 286 -21.45 -20.46 -39.07
CA ASN I 286 -21.62 -21.67 -38.27
C ASN I 286 -22.95 -22.30 -38.65
N THR I 287 -22.91 -23.55 -39.11
CA THR I 287 -24.14 -24.18 -39.58
C THR I 287 -23.96 -25.70 -39.69
N SER I 288 -25.02 -26.36 -40.14
CA SER I 288 -25.02 -27.79 -40.43
C SER I 288 -25.90 -28.04 -41.66
N VAL I 289 -25.38 -28.79 -42.63
CA VAL I 289 -26.04 -28.97 -43.92
C VAL I 289 -25.93 -30.42 -44.36
N MET I 290 -26.59 -30.72 -45.48
CA MET I 290 -26.51 -32.01 -46.15
C MET I 290 -26.09 -31.77 -47.59
N VAL I 291 -25.06 -32.49 -48.05
CA VAL I 291 -24.59 -32.36 -49.43
C VAL I 291 -24.48 -33.75 -50.03
N GLN I 292 -24.53 -33.81 -51.36
CA GLN I 292 -24.34 -35.06 -52.07
C GLN I 292 -22.85 -35.40 -52.16
N ASP I 293 -22.56 -36.55 -52.77
CA ASP I 293 -21.21 -37.11 -52.71
C ASP I 293 -20.17 -36.19 -53.33
N GLY I 294 -20.43 -35.71 -54.53
CA GLY I 294 -19.44 -34.87 -55.20
C GLY I 294 -20.01 -33.59 -55.76
N GLN I 295 -21.02 -33.05 -55.10
CA GLN I 295 -21.70 -31.85 -55.54
C GLN I 295 -21.36 -30.67 -54.65
N MET I 296 -21.70 -29.48 -55.11
CA MET I 296 -21.40 -28.25 -54.40
C MET I 296 -22.68 -27.62 -53.86
N LEU I 297 -22.60 -27.07 -52.66
CA LEU I 297 -23.70 -26.39 -52.02
C LEU I 297 -23.23 -25.01 -51.55
N VAL I 298 -24.10 -24.02 -51.64
CA VAL I 298 -23.81 -22.67 -51.17
C VAL I 298 -24.19 -22.57 -49.70
N LEU I 299 -23.26 -22.07 -48.89
CA LEU I 299 -23.49 -21.96 -47.45
C LEU I 299 -24.01 -20.59 -47.04
N GLY I 300 -23.53 -19.53 -47.67
CA GLY I 300 -23.95 -18.20 -47.29
C GLY I 300 -23.21 -17.16 -48.11
N GLY I 301 -23.60 -15.91 -47.90
CA GLY I 301 -23.01 -14.81 -48.65
C GLY I 301 -23.63 -13.49 -48.25
N LEU I 302 -23.18 -12.45 -48.95
CA LEU I 302 -23.56 -11.08 -48.66
C LEU I 302 -23.48 -10.25 -49.93
N ILE I 303 -24.53 -9.50 -50.23
CA ILE I 303 -24.54 -8.50 -51.29
C ILE I 303 -24.76 -7.14 -50.64
N ASP I 304 -23.83 -6.21 -50.85
CA ASP I 304 -23.89 -4.89 -50.26
C ASP I 304 -23.71 -3.83 -51.33
N GLU I 305 -24.59 -2.83 -51.34
CA GLU I 305 -24.49 -1.68 -52.22
C GLU I 305 -24.66 -0.41 -51.40
N ARG I 306 -23.97 0.65 -51.81
CA ARG I 306 -23.98 1.89 -51.04
C ARG I 306 -23.73 3.07 -51.97
N ALA I 307 -24.58 4.10 -51.88
CA ALA I 307 -24.42 5.33 -52.64
C ALA I 307 -24.54 6.52 -51.69
N LEU I 308 -23.61 7.46 -51.81
CA LEU I 308 -23.58 8.66 -50.99
C LEU I 308 -23.42 9.89 -51.86
N GLU I 309 -24.19 10.94 -51.54
CA GLU I 309 -24.15 12.21 -52.26
C GLU I 309 -24.07 13.34 -51.25
N SER I 310 -23.39 14.42 -51.61
CA SER I 310 -23.30 15.59 -50.74
C SER I 310 -23.03 16.83 -51.57
N GLU I 311 -23.65 17.94 -51.16
CA GLU I 311 -23.52 19.21 -51.86
C GLU I 311 -23.58 20.37 -50.87
N SER I 312 -22.72 21.36 -51.08
CA SER I 312 -22.78 22.63 -50.37
C SER I 312 -22.63 23.75 -51.38
N LYS I 313 -23.54 24.72 -51.34
CA LYS I 313 -23.55 25.76 -52.36
C LYS I 313 -24.03 27.08 -51.78
N VAL I 314 -23.75 28.15 -52.50
CA VAL I 314 -24.33 29.46 -52.20
C VAL I 314 -25.77 29.48 -52.69
N PRO I 315 -26.73 29.89 -51.85
CA PRO I 315 -28.15 29.63 -52.13
C PRO I 315 -28.64 29.96 -53.54
N LEU I 316 -28.51 31.20 -53.99
CA LEU I 316 -29.07 31.56 -55.28
C LEU I 316 -28.04 31.58 -56.40
N LEU I 317 -26.77 31.82 -56.09
CA LEU I 317 -25.73 31.86 -57.11
C LEU I 317 -25.35 30.49 -57.63
N GLY I 318 -25.59 29.44 -56.85
CA GLY I 318 -25.22 28.09 -57.21
C GLY I 318 -26.20 27.37 -58.11
N ASP I 319 -27.23 28.06 -58.58
CA ASP I 319 -28.20 27.47 -59.50
C ASP I 319 -28.19 28.15 -60.86
N ILE I 320 -27.27 29.08 -61.10
CA ILE I 320 -27.13 29.71 -62.41
C ILE I 320 -26.78 28.64 -63.44
N PRO I 321 -27.37 28.67 -64.64
CA PRO I 321 -27.19 27.53 -65.57
C PRO I 321 -25.75 27.20 -65.90
N LEU I 322 -24.88 28.19 -65.99
CA LEU I 322 -23.49 27.93 -66.38
C LEU I 322 -22.47 28.39 -65.35
N LEU I 323 -22.66 29.56 -64.75
CA LEU I 323 -21.68 30.11 -63.83
C LEU I 323 -21.84 29.60 -62.41
N GLY I 324 -22.80 28.71 -62.15
CA GLY I 324 -23.04 28.22 -60.80
C GLY I 324 -21.99 27.27 -60.26
N GLN I 325 -21.23 26.60 -61.14
CA GLN I 325 -20.20 25.69 -60.68
C GLN I 325 -19.12 26.41 -59.88
N LEU I 326 -18.97 27.72 -60.06
CA LEU I 326 -18.01 28.49 -59.29
C LEU I 326 -18.44 28.68 -57.84
N PHE I 327 -19.66 28.28 -57.49
CA PHE I 327 -20.18 28.47 -56.14
C PHE I 327 -20.77 27.18 -55.59
N ARG I 328 -20.09 26.05 -55.81
CA ARG I 328 -20.60 24.74 -55.41
C ARG I 328 -19.45 23.86 -54.95
N SER I 329 -19.81 22.85 -54.16
CA SER I 329 -18.88 21.79 -53.76
C SER I 329 -19.67 20.50 -53.67
N THR I 330 -19.28 19.51 -54.48
CA THR I 330 -20.03 18.28 -54.64
C THR I 330 -19.13 17.08 -54.39
N SER I 331 -19.69 16.06 -53.72
CA SER I 331 -19.02 14.80 -53.47
C SER I 331 -19.98 13.65 -53.73
N SER I 332 -19.50 12.62 -54.42
CA SER I 332 -20.30 11.42 -54.68
C SER I 332 -19.45 10.17 -54.51
N GLN I 333 -20.08 9.11 -54.02
CA GLN I 333 -19.40 7.86 -53.71
C GLN I 333 -20.33 6.67 -53.96
N VAL I 334 -19.75 5.59 -54.49
CA VAL I 334 -20.46 4.33 -54.73
C VAL I 334 -19.55 3.18 -54.30
N GLU I 335 -20.13 2.22 -53.59
CA GLU I 335 -19.39 1.05 -53.11
C GLU I 335 -20.24 -0.20 -53.28
N LYS I 336 -19.61 -1.27 -53.76
CA LYS I 336 -20.27 -2.55 -53.97
C LYS I 336 -19.41 -3.68 -53.41
N LYS I 337 -20.05 -4.65 -52.78
CA LYS I 337 -19.37 -5.76 -52.13
C LYS I 337 -20.17 -7.04 -52.35
N ASN I 338 -19.45 -8.13 -52.69
CA ASN I 338 -20.05 -9.43 -52.94
C ASN I 338 -19.21 -10.50 -52.28
N LEU I 339 -19.80 -11.26 -51.37
CA LEU I 339 -19.11 -12.33 -50.66
C LEU I 339 -19.92 -13.60 -50.76
N MET I 340 -19.24 -14.73 -50.98
CA MET I 340 -19.94 -16.00 -51.11
C MET I 340 -19.05 -17.14 -50.62
N VAL I 341 -19.69 -18.15 -50.01
CA VAL I 341 -19.00 -19.32 -49.48
C VAL I 341 -19.68 -20.58 -50.00
N PHE I 342 -18.88 -21.50 -50.56
CA PHE I 342 -19.35 -22.79 -51.04
C PHE I 342 -18.58 -23.89 -50.33
N ILE I 343 -19.19 -25.08 -50.28
CA ILE I 343 -18.54 -26.25 -49.69
C ILE I 343 -18.79 -27.45 -50.60
N LYS I 344 -17.87 -28.42 -50.53
CA LYS I 344 -17.97 -29.61 -51.38
C LYS I 344 -17.30 -30.80 -50.71
N PRO I 345 -18.04 -31.89 -50.47
CA PRO I 345 -17.44 -33.11 -49.96
C PRO I 345 -17.09 -34.08 -51.09
N THR I 346 -16.31 -35.09 -50.73
CA THR I 346 -15.98 -36.19 -51.65
C THR I 346 -15.65 -37.42 -50.82
N ILE I 347 -16.36 -38.52 -51.06
CA ILE I 347 -16.20 -39.73 -50.27
C ILE I 347 -15.09 -40.58 -50.87
N ILE I 348 -14.13 -40.96 -50.05
CA ILE I 348 -13.07 -41.91 -50.39
C ILE I 348 -13.35 -43.20 -49.63
N ARG I 349 -13.58 -44.28 -50.38
CA ARG I 349 -13.86 -45.58 -49.79
C ARG I 349 -12.76 -46.60 -50.03
N ASP I 350 -12.01 -46.49 -51.11
CA ASP I 350 -10.95 -47.43 -51.45
C ASP I 350 -9.65 -46.69 -51.69
N GLY I 351 -8.58 -47.48 -51.89
CA GLY I 351 -7.26 -46.88 -52.08
C GLY I 351 -7.07 -46.24 -53.44
N VAL I 352 -7.80 -46.70 -54.45
CA VAL I 352 -7.61 -46.17 -55.79
C VAL I 352 -8.11 -44.73 -55.88
N THR I 353 -9.21 -44.41 -55.22
CA THR I 353 -9.73 -43.04 -55.24
C THR I 353 -8.78 -42.09 -54.53
N ALA I 354 -8.27 -42.49 -53.37
CA ALA I 354 -7.32 -41.66 -52.63
C ALA I 354 -6.04 -41.47 -53.44
N ASP I 355 -5.58 -42.53 -54.10
CA ASP I 355 -4.39 -42.43 -54.93
C ASP I 355 -4.62 -41.46 -56.07
N GLY I 356 -5.80 -41.49 -56.70
CA GLY I 356 -6.07 -40.56 -57.78
C GLY I 356 -6.07 -39.11 -57.33
N ILE I 357 -6.75 -38.83 -56.21
CA ILE I 357 -6.80 -37.46 -55.71
C ILE I 357 -5.40 -36.97 -55.34
N THR I 358 -4.64 -37.81 -54.62
CA THR I 358 -3.29 -37.43 -54.22
C THR I 358 -2.39 -37.22 -55.43
N GLN I 359 -2.52 -38.08 -56.45
CA GLN I 359 -1.71 -37.92 -57.64
C GLN I 359 -2.05 -36.63 -58.36
N ARG I 360 -3.32 -36.27 -58.43
CA ARG I 360 -3.71 -35.01 -59.05
C ARG I 360 -3.05 -33.82 -58.37
N LYS I 361 -3.20 -33.74 -57.04
CA LYS I 361 -2.64 -32.58 -56.33
C LYS I 361 -1.11 -32.56 -56.41
N TYR I 362 -0.49 -33.72 -56.24
CA TYR I 362 0.97 -33.82 -56.30
C TYR I 362 1.50 -33.40 -57.68
N ASN I 363 0.85 -33.87 -58.74
CA ASN I 363 1.31 -33.55 -60.08
C ASN I 363 1.11 -32.07 -60.39
N TYR I 364 0.04 -31.47 -59.87
CA TYR I 364 -0.13 -30.03 -60.02
C TYR I 364 1.05 -29.27 -59.41
N ILE I 365 1.35 -29.57 -58.14
CA ILE I 365 2.44 -28.88 -57.46
C ILE I 365 3.77 -29.11 -58.19
N ARG I 366 4.01 -30.35 -58.61
CA ARG I 366 5.27 -30.68 -59.27
C ARG I 366 5.39 -30.00 -60.63
N ALA I 367 4.28 -29.86 -61.36
CA ALA I 367 4.32 -29.16 -62.63
C ALA I 367 4.67 -27.69 -62.43
N GLU I 368 4.09 -27.06 -61.40
CA GLU I 368 4.49 -25.69 -61.10
C GLU I 368 5.98 -25.60 -60.78
N GLN I 369 6.49 -26.55 -59.99
CA GLN I 369 7.90 -26.53 -59.63
C GLN I 369 8.80 -26.74 -60.84
N LEU I 370 8.42 -27.65 -61.74
CA LEU I 370 9.22 -27.88 -62.94
C LEU I 370 9.23 -26.65 -63.84
N PHE I 371 8.10 -25.97 -63.97
CA PHE I 371 8.08 -24.73 -64.75
C PHE I 371 9.00 -23.69 -64.12
N ARG I 372 8.96 -23.56 -62.79
CA ARG I 372 9.87 -22.62 -62.14
C ARG I 372 11.33 -23.03 -62.33
N ALA I 373 11.60 -24.32 -62.44
CA ALA I 373 12.97 -24.78 -62.65
C ALA I 373 13.44 -24.54 -64.08
N GLU I 374 12.50 -24.46 -65.04
CA GLU I 374 12.90 -24.10 -66.40
C GLU I 374 13.47 -22.69 -66.45
N LYS I 375 12.81 -21.74 -65.79
CA LYS I 375 13.33 -20.38 -65.66
C LYS I 375 13.96 -20.25 -64.27
N GLY I 376 15.21 -20.69 -64.19
CA GLY I 376 15.88 -20.85 -62.91
C GLY I 376 16.18 -19.54 -62.22
N LEU I 377 17.02 -19.64 -61.21
CA LEU I 377 17.37 -18.48 -60.39
C LEU I 377 18.08 -17.43 -61.23
N ARG I 378 17.83 -16.16 -60.90
CA ARG I 378 18.29 -15.07 -61.74
C ARG I 378 19.82 -15.00 -61.81
N LEU I 379 20.48 -15.11 -60.65
CA LEU I 379 21.94 -15.00 -60.62
C LEU I 379 22.56 -16.13 -59.82
N LEU I 380 21.96 -17.32 -59.86
CA LEU I 380 22.49 -18.49 -59.17
C LEU I 380 22.29 -19.70 -60.07
N ASP I 381 22.55 -20.88 -59.51
CA ASP I 381 22.38 -22.12 -60.26
C ASP I 381 20.91 -22.40 -60.50
N ASP I 382 20.59 -22.89 -61.70
CA ASP I 382 19.23 -23.21 -62.06
C ASP I 382 18.76 -24.55 -61.50
N ALA I 383 19.67 -25.38 -61.00
CA ALA I 383 19.33 -26.67 -60.42
C ALA I 383 19.10 -26.62 -58.92
N SER I 384 19.26 -25.46 -58.30
CA SER I 384 19.04 -25.33 -56.87
C SER I 384 17.57 -25.14 -56.52
N VAL I 385 16.69 -25.01 -57.51
CA VAL I 385 15.26 -24.86 -57.25
C VAL I 385 14.71 -26.18 -56.73
N PRO I 386 13.96 -26.18 -55.62
CA PRO I 386 13.38 -27.44 -55.13
C PRO I 386 12.30 -27.95 -56.07
N VAL I 387 12.44 -29.21 -56.48
CA VAL I 387 11.48 -29.87 -57.35
C VAL I 387 11.15 -31.23 -56.74
N LEU I 388 9.86 -31.54 -56.66
CA LEU I 388 9.44 -32.80 -56.09
C LEU I 388 9.88 -33.97 -56.99
N PRO I 389 10.17 -35.12 -56.40
CA PRO I 389 10.46 -36.31 -57.20
C PRO I 389 9.20 -36.80 -57.90
N LYS I 390 9.39 -37.75 -58.81
CA LYS I 390 8.25 -38.36 -59.48
C LYS I 390 7.41 -39.11 -58.46
N PHE I 391 6.12 -39.25 -58.76
CA PHE I 391 5.17 -39.83 -57.81
C PHE I 391 5.60 -41.23 -57.39
N GLY I 392 5.96 -41.37 -56.11
CA GLY I 392 6.46 -42.64 -55.62
C GLY I 392 7.86 -43.00 -56.07
N ASP I 393 8.81 -42.08 -55.92
CA ASP I 393 10.16 -42.34 -56.41
C ASP I 393 11.22 -42.04 -55.35
N ASP I 394 10.88 -41.23 -54.35
CA ASP I 394 11.78 -40.88 -53.25
C ASP I 394 12.97 -40.05 -53.71
N ARG I 395 13.73 -39.52 -52.75
CA ARG I 395 14.76 -38.54 -53.04
C ARG I 395 15.91 -39.14 -53.84
N ARG I 396 16.57 -38.28 -54.61
CA ARG I 396 17.77 -38.64 -55.37
C ARG I 396 18.80 -37.53 -55.22
N HIS I 397 20.07 -37.88 -55.42
CA HIS I 397 21.13 -36.90 -55.31
C HIS I 397 21.10 -35.93 -56.49
N SER I 398 21.75 -34.77 -56.29
CA SER I 398 21.93 -33.81 -57.37
C SER I 398 22.93 -34.36 -58.39
N PRO I 399 22.91 -33.85 -59.62
CA PRO I 399 23.78 -34.43 -60.66
C PRO I 399 25.26 -34.41 -60.32
N GLU I 400 25.74 -33.39 -59.60
CA GLU I 400 27.15 -33.34 -59.24
C GLU I 400 27.51 -34.48 -58.28
N ILE I 401 26.70 -34.69 -57.25
CA ILE I 401 26.95 -35.79 -56.32
C ILE I 401 26.78 -37.13 -57.04
N GLN I 402 25.83 -37.21 -57.96
CA GLN I 402 25.63 -38.45 -58.71
C GLN I 402 26.86 -38.78 -59.54
N ALA I 403 27.44 -37.79 -60.22
CA ALA I 403 28.66 -38.02 -60.99
C ALA I 403 29.82 -38.37 -60.08
N PHE I 404 29.91 -37.72 -58.91
CA PHE I 404 30.97 -38.03 -57.97
C PHE I 404 30.88 -39.47 -57.46
N ILE I 405 29.66 -39.94 -57.20
CA ILE I 405 29.50 -41.31 -56.71
C ILE I 405 29.66 -42.32 -57.83
N GLU I 406 29.38 -41.91 -59.08
CA GLU I 406 29.61 -42.81 -60.21
C GLU I 406 31.10 -42.97 -60.48
N GLN I 407 31.86 -41.88 -60.35
CA GLN I 407 33.30 -41.97 -60.54
C GLN I 407 33.94 -42.83 -59.46
N MET I 408 33.48 -42.69 -58.22
CA MET I 408 34.00 -43.48 -57.11
C MET I 408 33.51 -44.91 -57.17
N GLY J 2 -31.89 -64.28 -31.76
CA GLY J 2 -31.54 -62.91 -32.07
C GLY J 2 -31.79 -61.98 -30.91
N ASN J 3 -31.15 -62.27 -29.76
CA ASN J 3 -31.32 -61.44 -28.58
C ASN J 3 -30.53 -60.14 -28.66
N ASN J 4 -29.56 -60.03 -29.57
CA ASN J 4 -28.76 -58.83 -29.72
C ASN J 4 -28.79 -58.38 -31.18
N ARG J 5 -28.86 -57.07 -31.38
CA ARG J 5 -28.78 -56.49 -32.70
C ARG J 5 -27.86 -55.28 -32.68
N VAL J 6 -27.23 -55.02 -33.82
CA VAL J 6 -26.43 -53.81 -34.04
C VAL J 6 -27.05 -53.08 -35.22
N VAL J 7 -27.48 -51.84 -34.98
CA VAL J 7 -28.18 -51.04 -35.98
C VAL J 7 -27.27 -49.89 -36.39
N TYR J 8 -27.05 -49.76 -37.70
CA TYR J 8 -26.28 -48.64 -38.25
C TYR J 8 -27.25 -47.54 -38.64
N LEU J 9 -27.07 -46.36 -38.07
CA LEU J 9 -27.96 -45.25 -38.31
C LEU J 9 -27.52 -44.43 -39.53
N LYS J 10 -28.50 -44.01 -40.32
CA LYS J 10 -28.23 -43.24 -41.52
C LYS J 10 -28.18 -41.74 -41.24
N TYR J 11 -29.18 -41.21 -40.55
CA TYR J 11 -29.33 -39.77 -40.40
C TYR J 11 -29.29 -39.27 -38.96
N ALA J 12 -29.55 -40.11 -37.99
CA ALA J 12 -29.60 -39.68 -36.60
C ALA J 12 -28.27 -39.93 -35.91
N LYS J 13 -28.16 -39.44 -34.68
CA LYS J 13 -26.99 -39.65 -33.83
C LYS J 13 -27.38 -40.60 -32.70
N ALA J 14 -26.56 -41.63 -32.51
CA ALA J 14 -26.92 -42.70 -31.58
C ALA J 14 -27.00 -42.20 -30.13
N GLU J 15 -26.08 -41.33 -29.74
CA GLU J 15 -26.12 -40.76 -28.40
C GLU J 15 -27.43 -40.05 -28.14
N ASP J 16 -28.01 -39.42 -29.17
CA ASP J 16 -29.31 -38.80 -29.02
C ASP J 16 -30.41 -39.84 -28.80
N LEU J 17 -30.39 -40.93 -29.57
CA LEU J 17 -31.45 -41.91 -29.49
C LEU J 17 -31.39 -42.78 -28.24
N VAL J 18 -30.24 -42.85 -27.58
CA VAL J 18 -30.14 -43.67 -26.38
C VAL J 18 -31.11 -43.17 -25.30
N GLU J 19 -31.11 -41.85 -25.07
CA GLU J 19 -31.99 -41.28 -24.05
C GLU J 19 -33.46 -41.50 -24.39
N VAL J 20 -33.82 -41.33 -25.66
CA VAL J 20 -35.20 -41.51 -26.07
C VAL J 20 -35.63 -42.96 -25.88
N LEU J 21 -34.78 -43.90 -26.28
CA LEU J 21 -35.17 -45.31 -26.26
C LEU J 21 -35.05 -45.96 -24.89
N LYS J 22 -34.38 -45.32 -23.93
CA LYS J 22 -34.29 -45.89 -22.59
C LYS J 22 -35.68 -46.10 -21.99
N GLY J 23 -36.56 -45.11 -22.13
CA GLY J 23 -37.90 -45.24 -21.58
C GLY J 23 -38.74 -46.30 -22.30
N VAL J 24 -38.67 -46.33 -23.63
CA VAL J 24 -39.46 -47.30 -24.40
C VAL J 24 -38.99 -48.72 -24.10
N SER J 25 -37.69 -48.93 -23.99
CA SER J 25 -37.17 -50.27 -23.74
C SER J 25 -37.63 -50.80 -22.40
N GLU J 26 -37.63 -49.95 -21.37
CA GLU J 26 -38.07 -50.36 -20.04
C GLU J 26 -39.60 -50.38 -19.96
N VAL J 45 -33.33 -55.19 -20.77
CA VAL J 45 -33.22 -54.37 -21.97
C VAL J 45 -32.05 -53.39 -21.82
N MET J 46 -31.07 -53.48 -22.71
CA MET J 46 -29.93 -52.59 -22.67
C MET J 46 -29.71 -51.93 -24.02
N ILE J 47 -29.38 -50.64 -23.98
CA ILE J 47 -29.14 -49.80 -25.15
C ILE J 47 -27.77 -49.17 -24.99
N ALA J 48 -26.93 -49.29 -26.00
CA ALA J 48 -25.62 -48.66 -25.97
C ALA J 48 -25.33 -48.01 -27.31
N ALA J 49 -24.45 -47.01 -27.30
CA ALA J 49 -24.10 -46.27 -28.51
C ALA J 49 -22.61 -46.36 -28.75
N HIS J 50 -22.23 -46.68 -29.99
CA HIS J 50 -20.85 -46.61 -30.45
C HIS J 50 -20.75 -45.39 -31.36
N ALA J 51 -20.02 -44.37 -30.91
CA ALA J 51 -20.00 -43.09 -31.61
C ALA J 51 -19.16 -43.13 -32.88
N ASP J 52 -18.07 -43.90 -32.87
CA ASP J 52 -17.15 -43.89 -34.01
C ASP J 52 -17.80 -44.45 -35.26
N THR J 53 -18.63 -45.48 -35.12
CA THR J 53 -19.36 -46.05 -36.24
C THR J 53 -20.81 -45.58 -36.29
N ASN J 54 -21.24 -44.75 -35.33
CA ASN J 54 -22.62 -44.27 -35.23
C ASN J 54 -23.60 -45.44 -35.23
N SER J 55 -23.45 -46.31 -34.25
CA SER J 55 -24.23 -47.54 -34.19
C SER J 55 -24.91 -47.68 -32.83
N LEU J 56 -26.05 -48.36 -32.82
CA LEU J 56 -26.75 -48.72 -31.60
C LEU J 56 -26.62 -50.23 -31.38
N VAL J 57 -26.24 -50.61 -30.16
CA VAL J 57 -26.21 -52.00 -29.74
C VAL J 57 -27.39 -52.22 -28.82
N LEU J 58 -28.29 -53.12 -29.20
CA LEU J 58 -29.55 -53.32 -28.52
C LEU J 58 -29.65 -54.78 -28.07
N THR J 59 -30.00 -55.00 -26.80
CA THR J 59 -30.30 -56.34 -26.33
C THR J 59 -31.63 -56.33 -25.58
N ALA J 60 -32.52 -57.22 -25.99
CA ALA J 60 -33.90 -57.25 -25.50
C ALA J 60 -34.59 -58.49 -26.08
N PRO J 61 -35.68 -58.95 -25.46
CA PRO J 61 -36.48 -60.02 -26.07
C PRO J 61 -37.15 -59.61 -27.37
N GLN J 62 -37.82 -60.55 -28.02
CA GLN J 62 -38.26 -60.36 -29.40
C GLN J 62 -39.26 -59.21 -29.54
N ASP J 63 -40.25 -59.14 -28.65
CA ASP J 63 -41.31 -58.15 -28.81
C ASP J 63 -40.79 -56.73 -28.60
N ILE J 64 -40.05 -56.53 -27.49
CA ILE J 64 -39.44 -55.22 -27.25
C ILE J 64 -38.47 -54.89 -28.36
N MET J 65 -37.76 -55.89 -28.88
CA MET J 65 -36.84 -55.67 -29.98
C MET J 65 -37.56 -55.14 -31.22
N ASN J 66 -38.68 -55.77 -31.58
CA ASN J 66 -39.42 -55.33 -32.77
C ASN J 66 -39.98 -53.92 -32.58
N ALA J 67 -40.52 -53.64 -31.38
CA ALA J 67 -41.06 -52.31 -31.12
C ALA J 67 -39.96 -51.25 -31.22
N MET J 68 -38.81 -51.53 -30.62
CA MET J 68 -37.70 -50.58 -30.65
C MET J 68 -37.18 -50.38 -32.07
N LEU J 69 -37.14 -51.44 -32.86
CA LEU J 69 -36.70 -51.30 -34.25
C LEU J 69 -37.67 -50.44 -35.05
N GLU J 70 -38.98 -50.60 -34.81
CA GLU J 70 -39.95 -49.73 -35.48
C GLU J 70 -39.76 -48.27 -35.08
N VAL J 71 -39.55 -48.01 -33.79
CA VAL J 71 -39.35 -46.63 -33.33
C VAL J 71 -38.08 -46.04 -33.95
N ILE J 72 -36.99 -46.81 -33.99
CA ILE J 72 -35.75 -46.33 -34.59
C ILE J 72 -35.96 -46.03 -36.06
N GLY J 73 -36.64 -46.93 -36.78
CA GLY J 73 -36.90 -46.68 -38.18
C GLY J 73 -37.74 -45.45 -38.43
N GLN J 74 -38.65 -45.14 -37.51
CA GLN J 74 -39.45 -43.93 -37.67
C GLN J 74 -38.68 -42.66 -37.33
N LEU J 75 -37.73 -42.72 -36.38
CA LEU J 75 -36.96 -41.53 -36.02
C LEU J 75 -35.71 -41.33 -36.87
N ASP J 76 -35.29 -42.32 -37.65
CA ASP J 76 -34.06 -42.22 -38.43
C ASP J 76 -34.41 -41.86 -39.87
N ILE J 77 -34.72 -40.58 -40.07
CA ILE J 77 -35.14 -40.08 -41.37
C ILE J 77 -34.39 -38.81 -41.71
N ARG J 78 -34.56 -38.37 -42.96
CA ARG J 78 -33.85 -37.22 -43.48
C ARG J 78 -34.55 -35.92 -43.13
N ARG J 79 -33.76 -34.89 -42.85
CA ARG J 79 -34.26 -33.54 -42.60
C ARG J 79 -34.07 -32.68 -43.84
N ALA J 80 -35.02 -31.79 -44.07
CA ALA J 80 -34.93 -30.82 -45.14
C ALA J 80 -34.06 -29.64 -44.71
N GLN J 81 -33.74 -28.78 -45.68
CA GLN J 81 -32.92 -27.61 -45.43
C GLN J 81 -33.68 -26.34 -45.78
N VAL J 82 -33.24 -25.23 -45.19
CA VAL J 82 -33.82 -23.92 -45.47
C VAL J 82 -32.70 -22.94 -45.81
N LEU J 83 -32.87 -22.24 -46.93
CA LEU J 83 -32.05 -21.08 -47.25
C LEU J 83 -32.82 -19.84 -46.82
N ILE J 84 -32.19 -19.01 -45.99
CA ILE J 84 -32.83 -17.84 -45.40
C ILE J 84 -32.07 -16.61 -45.87
N GLU J 85 -32.78 -15.67 -46.49
CA GLU J 85 -32.21 -14.43 -47.00
C GLU J 85 -32.89 -13.25 -46.32
N ALA J 86 -32.09 -12.32 -45.80
CA ALA J 86 -32.59 -11.09 -45.23
C ALA J 86 -32.28 -9.93 -46.17
N LEU J 87 -33.09 -8.88 -46.08
CA LEU J 87 -32.95 -7.70 -46.94
C LEU J 87 -33.12 -6.45 -46.09
N ILE J 88 -32.06 -5.66 -45.98
CA ILE J 88 -32.06 -4.44 -45.18
C ILE J 88 -31.96 -3.27 -46.14
N VAL J 89 -32.93 -2.36 -46.05
CA VAL J 89 -32.99 -1.16 -46.88
C VAL J 89 -32.91 0.06 -45.98
N GLU J 90 -32.02 0.99 -46.31
CA GLU J 90 -31.88 2.24 -45.57
C GLU J 90 -31.80 3.40 -46.55
N MET J 91 -32.59 4.45 -46.30
CA MET J 91 -32.58 5.67 -47.10
C MET J 91 -32.58 6.87 -46.18
N ALA J 92 -31.74 7.85 -46.47
CA ALA J 92 -31.70 9.07 -45.70
C ALA J 92 -31.59 10.27 -46.63
N GLU J 93 -32.26 11.36 -46.24
CA GLU J 93 -32.24 12.61 -46.99
C GLU J 93 -32.14 13.77 -46.01
N GLY J 94 -31.43 14.82 -46.41
CA GLY J 94 -31.29 16.00 -45.57
C GLY J 94 -31.07 17.28 -46.33
N ASP J 95 -31.63 18.38 -45.83
CA ASP J 95 -31.55 19.67 -46.50
C ASP J 95 -31.55 20.80 -45.47
N GLY J 96 -30.68 21.78 -45.65
CA GLY J 96 -30.60 22.90 -44.71
C GLY J 96 -30.21 24.19 -45.40
N ILE J 97 -30.62 25.30 -44.79
CA ILE J 97 -30.28 26.62 -45.30
C ILE J 97 -30.02 27.57 -44.13
N ASN J 98 -28.98 28.38 -44.25
CA ASN J 98 -28.62 29.41 -43.28
C ASN J 98 -28.41 30.73 -44.00
N LEU J 99 -28.97 31.81 -43.46
CA LEU J 99 -28.84 33.12 -44.09
C LEU J 99 -28.90 34.20 -43.02
N GLY J 100 -27.93 35.11 -43.02
CA GLY J 100 -27.92 36.18 -42.03
C GLY J 100 -27.00 37.32 -42.39
N VAL J 101 -27.26 38.47 -41.74
CA VAL J 101 -26.46 39.68 -41.88
C VAL J 101 -26.13 40.19 -40.49
N GLN J 102 -24.86 40.57 -40.29
CA GLN J 102 -24.38 41.09 -39.02
C GLN J 102 -23.71 42.44 -39.25
N TRP J 103 -23.85 43.33 -38.26
CA TRP J 103 -23.24 44.65 -38.32
C TRP J 103 -22.33 44.84 -37.12
N GLY J 104 -21.18 45.46 -37.36
CA GLY J 104 -20.20 45.64 -36.31
C GLY J 104 -19.43 46.92 -36.47
N SER J 105 -18.85 47.38 -35.37
CA SER J 105 -17.97 48.54 -35.35
C SER J 105 -17.08 48.44 -34.14
N LEU J 106 -15.77 48.67 -34.35
CA LEU J 106 -14.79 48.47 -33.29
C LEU J 106 -14.31 49.75 -32.63
N GLU J 107 -14.55 50.92 -33.25
CA GLU J 107 -14.23 52.17 -32.57
C GLU J 107 -15.04 52.31 -31.29
N SER J 108 -16.32 51.99 -31.34
CA SER J 108 -17.15 51.74 -30.18
C SER J 108 -17.30 50.22 -30.03
N GLY J 109 -18.13 49.81 -29.08
CA GLY J 109 -18.40 48.40 -28.95
C GLY J 109 -19.64 47.91 -29.67
N SER J 110 -20.17 48.69 -30.60
CA SER J 110 -21.46 48.39 -31.19
C SER J 110 -21.38 47.17 -32.10
N VAL J 111 -22.27 46.21 -31.87
CA VAL J 111 -22.39 45.03 -32.71
C VAL J 111 -23.87 44.68 -32.84
N ILE J 112 -24.23 44.13 -33.99
CA ILE J 112 -25.47 43.39 -34.18
C ILE J 112 -25.07 41.96 -34.47
N GLN J 113 -25.00 41.13 -33.42
CA GLN J 113 -24.32 39.84 -33.47
C GLN J 113 -25.31 38.70 -33.40
N TYR J 114 -25.02 37.63 -34.15
CA TYR J 114 -25.81 36.41 -34.14
C TYR J 114 -24.85 35.23 -34.09
N GLY J 115 -24.88 34.48 -33.00
CA GLY J 115 -24.00 33.33 -32.84
C GLY J 115 -24.48 32.05 -33.48
N ASN J 116 -25.73 32.01 -33.93
CA ASN J 116 -26.23 30.82 -34.62
C ASN J 116 -25.42 30.54 -35.87
N THR J 117 -25.11 31.58 -36.64
CA THR J 117 -24.20 31.45 -37.77
C THR J 117 -22.81 31.09 -37.28
N GLY J 118 -22.06 30.39 -38.13
CA GLY J 118 -20.75 29.91 -37.74
C GLY J 118 -19.66 30.96 -37.82
N ALA J 119 -20.03 32.22 -37.61
CA ALA J 119 -19.06 33.31 -37.66
C ALA J 119 -19.63 34.48 -36.89
N SER J 120 -18.89 34.97 -35.90
CA SER J 120 -19.29 36.12 -35.10
C SER J 120 -18.48 37.33 -35.53
N ILE J 121 -19.16 38.47 -35.70
CA ILE J 121 -18.51 39.64 -36.29
C ILE J 121 -17.43 40.20 -35.38
N GLY J 122 -17.61 40.12 -34.07
CA GLY J 122 -16.61 40.66 -33.15
C GLY J 122 -15.29 39.94 -33.25
N ASN J 123 -15.34 38.60 -33.26
CA ASN J 123 -14.12 37.81 -33.40
C ASN J 123 -13.44 38.07 -34.74
N VAL J 124 -14.22 38.20 -35.81
CA VAL J 124 -13.65 38.48 -37.12
C VAL J 124 -12.94 39.83 -37.13
N MET J 125 -13.59 40.86 -36.58
CA MET J 125 -13.00 42.19 -36.58
C MET J 125 -11.73 42.24 -35.72
N ILE J 126 -11.77 41.63 -34.53
CA ILE J 126 -10.58 41.65 -33.68
C ILE J 126 -9.44 40.86 -34.30
N GLY J 127 -9.74 39.70 -34.88
CA GLY J 127 -8.70 38.94 -35.55
C GLY J 127 -8.12 39.67 -36.74
N LEU J 128 -8.95 40.41 -37.46
CA LEU J 128 -8.45 41.24 -38.55
C LEU J 128 -7.53 42.33 -38.01
N GLU J 129 -7.89 42.93 -36.87
CA GLU J 129 -7.05 43.97 -36.29
C GLU J 129 -5.70 43.41 -35.84
N GLU J 130 -5.69 42.24 -35.20
CA GLU J 130 -4.44 41.69 -34.68
C GLU J 130 -3.50 41.21 -35.79
N ALA J 131 -3.98 41.13 -37.02
CA ALA J 131 -3.16 40.66 -38.14
C ALA J 131 -2.49 41.80 -38.89
N LYS J 132 -2.64 43.03 -38.43
CA LYS J 132 -2.04 44.20 -39.07
C LYS J 132 -0.61 44.41 -38.58
N ASP J 133 0.13 45.20 -39.35
CA ASP J 133 1.52 45.52 -39.02
C ASP J 133 1.57 46.69 -38.05
N THR J 134 2.39 46.55 -37.01
CA THR J 134 2.46 47.51 -35.92
C THR J 134 3.83 48.18 -35.86
N THR J 135 3.83 49.49 -35.56
CA THR J 135 5.07 50.28 -35.42
C THR J 135 5.17 50.82 -34.01
N GLN J 136 6.13 50.33 -33.24
CA GLN J 136 6.35 50.88 -31.92
C GLN J 136 7.44 51.95 -32.03
N THR J 137 7.06 53.17 -32.40
CA THR J 137 8.08 54.21 -32.60
C THR J 137 8.46 54.90 -31.30
N LYS J 138 9.63 54.58 -30.78
CA LYS J 138 10.04 55.14 -29.51
C LYS J 138 10.21 56.64 -29.51
N ALA J 139 10.81 57.20 -30.55
CA ALA J 139 11.03 58.64 -30.63
C ALA J 139 11.66 59.04 -29.33
N VAL J 140 12.60 58.21 -28.86
CA VAL J 140 13.26 58.49 -27.61
C VAL J 140 14.36 59.45 -27.93
N TYR J 141 14.00 60.64 -28.39
CA TYR J 141 15.00 61.60 -28.78
C TYR J 141 15.55 62.40 -27.63
N PHE J 147 21.17 59.36 -27.43
CA PHE J 147 20.33 60.35 -28.09
C PHE J 147 20.04 59.90 -29.53
N LEU J 148 19.37 58.76 -29.65
CA LEU J 148 18.97 58.16 -30.93
C LEU J 148 17.57 58.66 -31.23
N ARG J 149 17.47 59.63 -32.14
CA ARG J 149 16.28 60.47 -32.25
C ARG J 149 15.02 59.73 -32.67
N ASN J 150 15.14 58.60 -33.37
CA ASN J 150 14.00 58.01 -34.07
C ASN J 150 13.94 56.49 -33.93
N GLU J 151 14.07 55.97 -32.70
CA GLU J 151 14.16 54.52 -32.52
C GLU J 151 12.87 53.77 -32.82
N THR J 152 12.47 53.69 -34.09
CA THR J 152 11.26 52.97 -34.43
C THR J 152 11.49 51.46 -34.43
N THR J 153 10.40 50.73 -34.62
CA THR J 153 10.43 49.29 -34.85
C THR J 153 9.18 48.91 -35.64
N THR J 154 9.23 47.76 -36.30
CA THR J 154 8.08 47.21 -36.99
C THR J 154 7.92 45.76 -36.59
N THR J 155 6.66 45.30 -36.56
CA THR J 155 6.35 43.94 -36.13
C THR J 155 5.19 43.41 -36.96
N LYS J 156 5.40 42.25 -37.58
CA LYS J 156 4.33 41.60 -38.34
C LYS J 156 3.25 41.08 -37.39
N GLY J 157 2.00 41.18 -37.82
CA GLY J 157 0.89 40.76 -36.99
C GLY J 157 0.76 39.26 -36.90
N ASP J 158 -0.07 38.82 -35.96
CA ASP J 158 -0.33 37.41 -35.73
C ASP J 158 -1.68 37.05 -36.33
N TYR J 159 -1.74 35.86 -36.95
CA TYR J 159 -2.93 35.40 -37.67
C TYR J 159 -3.71 34.34 -36.90
N THR J 160 -3.43 34.15 -35.61
CA THR J 160 -4.04 33.06 -34.86
C THR J 160 -5.54 33.28 -34.67
N LYS J 161 -5.92 34.49 -34.23
CA LYS J 161 -7.33 34.76 -33.97
C LYS J 161 -8.14 34.72 -35.26
N LEU J 162 -7.60 35.26 -36.35
CA LEU J 162 -8.28 35.19 -37.63
C LEU J 162 -8.42 33.75 -38.11
N ALA J 163 -7.37 32.94 -37.92
CA ALA J 163 -7.43 31.55 -38.31
C ALA J 163 -8.50 30.80 -37.52
N SER J 164 -8.60 31.08 -36.22
CA SER J 164 -9.64 30.45 -35.41
C SER J 164 -11.04 30.93 -35.79
N ALA J 165 -11.16 32.19 -36.21
CA ALA J 165 -12.47 32.73 -36.55
C ALA J 165 -13.02 32.12 -37.84
N LEU J 166 -12.15 31.83 -38.80
CA LEU J 166 -12.58 31.31 -40.10
C LEU J 166 -12.56 29.79 -40.16
N SER J 167 -12.24 29.11 -39.05
CA SER J 167 -12.04 27.67 -39.11
C SER J 167 -13.34 26.92 -39.33
N SER J 168 -14.45 27.41 -38.77
CA SER J 168 -15.72 26.69 -38.79
C SER J 168 -16.68 27.19 -39.85
N ILE J 169 -16.23 28.09 -40.73
CA ILE J 169 -17.13 28.72 -41.69
C ILE J 169 -17.41 27.77 -42.84
N GLN J 170 -18.69 27.57 -43.14
CA GLN J 170 -19.13 26.82 -44.32
C GLN J 170 -19.98 27.74 -45.18
N GLY J 171 -19.63 27.86 -46.45
CA GLY J 171 -20.37 28.71 -47.36
C GLY J 171 -19.81 30.11 -47.42
N ALA J 172 -20.68 31.06 -47.76
CA ALA J 172 -20.26 32.43 -47.96
C ALA J 172 -20.29 33.21 -46.64
N ALA J 173 -19.17 33.86 -46.33
CA ALA J 173 -19.05 34.81 -45.22
C ALA J 173 -18.23 35.99 -45.76
N VAL J 174 -18.93 37.04 -46.18
CA VAL J 174 -18.34 38.14 -46.94
C VAL J 174 -18.51 39.44 -46.15
N SER J 175 -17.43 40.18 -45.98
CA SER J 175 -17.42 41.42 -45.22
C SER J 175 -17.36 42.61 -46.16
N ILE J 176 -18.22 43.60 -45.91
CA ILE J 176 -18.28 44.83 -46.68
C ILE J 176 -18.09 46.00 -45.71
N ALA J 177 -17.11 46.84 -45.97
CA ALA J 177 -16.83 48.02 -45.15
C ALA J 177 -17.46 49.24 -45.80
N MET J 178 -18.13 50.06 -44.99
CA MET J 178 -18.83 51.23 -45.49
C MET J 178 -18.62 52.42 -44.56
N GLY J 179 -17.48 52.46 -43.87
CA GLY J 179 -17.15 53.59 -43.02
C GLY J 179 -17.47 53.36 -41.57
N ASP J 180 -16.45 53.05 -40.76
CA ASP J 180 -16.57 52.73 -39.35
C ASP J 180 -17.74 51.79 -39.07
N TRP J 181 -18.07 50.94 -40.05
CA TRP J 181 -19.21 50.03 -39.94
C TRP J 181 -18.98 48.90 -40.93
N THR J 182 -18.97 47.67 -40.43
CA THR J 182 -18.73 46.49 -41.24
C THR J 182 -19.99 45.62 -41.26
N ALA J 183 -20.38 45.17 -42.45
CA ALA J 183 -21.50 44.26 -42.63
C ALA J 183 -20.97 42.91 -43.10
N LEU J 184 -21.27 41.87 -42.32
CA LEU J 184 -20.87 40.50 -42.63
C LEU J 184 -22.10 39.72 -43.07
N ILE J 185 -22.08 39.20 -44.29
CA ILE J 185 -23.18 38.42 -44.85
C ILE J 185 -22.77 36.96 -44.86
N ASN J 186 -23.59 36.10 -44.26
CA ASN J 186 -23.36 34.66 -44.27
C ASN J 186 -24.53 33.97 -44.95
N ALA J 187 -24.22 32.98 -45.79
CA ALA J 187 -25.23 32.28 -46.55
C ALA J 187 -24.70 30.91 -46.96
N VAL J 188 -25.50 29.87 -46.74
CA VAL J 188 -25.11 28.52 -47.11
C VAL J 188 -26.35 27.65 -47.29
N SER J 189 -26.26 26.67 -48.19
CA SER J 189 -27.28 25.66 -48.41
C SER J 189 -26.61 24.31 -48.49
N ASN J 190 -27.12 23.34 -47.74
CA ASN J 190 -26.54 22.00 -47.66
C ASN J 190 -27.57 20.96 -48.04
N ASP J 191 -27.12 19.91 -48.73
CA ASP J 191 -27.96 18.81 -49.17
C ASP J 191 -27.20 17.50 -49.05
N SER J 192 -27.88 16.44 -48.62
CA SER J 192 -27.24 15.15 -48.43
C SER J 192 -28.23 14.02 -48.69
N SER J 193 -27.72 12.91 -49.22
CA SER J 193 -28.53 11.74 -49.53
C SER J 193 -27.73 10.47 -49.25
N SER J 194 -28.43 9.40 -48.91
CA SER J 194 -27.80 8.12 -48.59
C SER J 194 -28.75 6.99 -48.93
N ASN J 195 -28.21 5.91 -49.51
CA ASN J 195 -29.00 4.78 -50.00
C ASN J 195 -28.19 3.51 -49.82
N ILE J 196 -28.67 2.60 -48.97
CA ILE J 196 -27.94 1.39 -48.59
C ILE J 196 -28.84 0.18 -48.74
N LEU J 197 -28.31 -0.88 -49.39
CA LEU J 197 -28.97 -2.18 -49.51
C LEU J 197 -28.02 -3.26 -49.01
N SER J 198 -28.53 -4.15 -48.16
CA SER J 198 -27.74 -5.26 -47.65
C SER J 198 -28.56 -6.54 -47.71
N SER J 199 -27.90 -7.66 -48.00
CA SER J 199 -28.57 -8.96 -48.14
C SER J 199 -27.72 -10.09 -47.59
N PRO J 200 -27.80 -10.37 -46.29
CA PRO J 200 -27.16 -11.57 -45.75
C PRO J 200 -28.03 -12.81 -45.92
N SER J 201 -27.37 -13.96 -46.06
CA SER J 201 -28.08 -15.21 -46.30
C SER J 201 -27.32 -16.36 -45.64
N ILE J 202 -28.06 -17.42 -45.29
CA ILE J 202 -27.47 -18.59 -44.67
C ILE J 202 -28.34 -19.81 -44.92
N THR J 203 -27.70 -20.98 -45.02
CA THR J 203 -28.39 -22.25 -45.23
C THR J 203 -28.26 -23.11 -43.97
N VAL J 204 -29.39 -23.65 -43.51
CA VAL J 204 -29.44 -24.48 -42.31
C VAL J 204 -30.27 -25.73 -42.60
N MET J 205 -30.24 -26.64 -41.64
CA MET J 205 -31.15 -27.78 -41.60
C MET J 205 -32.34 -27.47 -40.72
N ASP J 206 -33.41 -28.24 -40.91
CA ASP J 206 -34.59 -28.08 -40.09
C ASP J 206 -34.26 -28.30 -38.61
N ASN J 207 -34.75 -27.40 -37.77
CA ASN J 207 -34.60 -27.47 -36.31
C ASN J 207 -33.16 -27.23 -35.85
N GLY J 208 -32.34 -26.59 -36.69
CA GLY J 208 -30.98 -26.28 -36.34
C GLY J 208 -30.75 -24.78 -36.26
N GLU J 209 -29.75 -24.39 -35.47
CA GLU J 209 -29.40 -22.98 -35.30
C GLU J 209 -28.28 -22.60 -36.27
N ALA J 210 -28.37 -21.38 -36.81
CA ALA J 210 -27.36 -20.85 -37.72
C ALA J 210 -26.97 -19.45 -37.31
N SER J 211 -25.67 -19.16 -37.38
CA SER J 211 -25.11 -17.86 -37.04
C SER J 211 -24.31 -17.33 -38.21
N PHE J 212 -24.44 -16.03 -38.47
CA PHE J 212 -23.77 -15.36 -39.56
C PHE J 212 -23.30 -14.00 -39.08
N ILE J 213 -22.02 -13.70 -39.25
CA ILE J 213 -21.50 -12.37 -38.93
C ILE J 213 -20.51 -11.94 -40.00
N VAL J 214 -20.66 -10.70 -40.46
CA VAL J 214 -19.63 -10.02 -41.25
C VAL J 214 -19.35 -8.71 -40.54
N GLY J 215 -18.14 -8.56 -40.00
CA GLY J 215 -17.86 -7.38 -39.21
C GLY J 215 -16.51 -7.34 -38.52
N GLU J 216 -16.53 -7.02 -37.23
CA GLU J 216 -15.33 -6.70 -36.47
C GLU J 216 -15.51 -7.18 -35.04
N GLU J 217 -14.38 -7.43 -34.38
CA GLU J 217 -14.33 -7.75 -32.96
C GLU J 217 -13.56 -6.64 -32.25
N VAL J 218 -14.22 -5.96 -31.33
CA VAL J 218 -13.74 -4.71 -30.74
C VAL J 218 -13.61 -4.90 -29.24
N PRO J 219 -12.51 -4.49 -28.62
CA PRO J 219 -12.41 -4.54 -27.16
C PRO J 219 -13.08 -3.35 -26.51
N VAL J 220 -13.72 -3.59 -25.36
CA VAL J 220 -14.40 -2.56 -24.59
C VAL J 220 -14.05 -2.73 -23.12
N ILE J 221 -14.21 -1.64 -22.38
CA ILE J 221 -13.87 -1.60 -20.96
C ILE J 221 -15.08 -2.03 -20.15
N THR J 222 -14.86 -2.94 -19.19
CA THR J 222 -15.88 -3.44 -18.30
C THR J 222 -15.41 -3.37 -16.85
N GLY J 223 -14.91 -2.21 -16.45
CA GLY J 223 -14.29 -2.08 -15.13
C GLY J 223 -12.85 -1.61 -15.15
N SER J 224 -12.53 -0.73 -16.09
CA SER J 224 -11.20 -0.09 -16.24
C SER J 224 -10.35 -0.02 -14.97
N ASP J 231 -2.22 5.12 -17.46
CA ASP J 231 -2.05 3.68 -17.28
C ASP J 231 -3.21 3.08 -16.51
N ASN J 232 -3.15 1.77 -16.26
CA ASN J 232 -4.21 1.08 -15.53
C ASN J 232 -3.69 -0.24 -15.00
N PRO J 233 -3.95 -0.57 -13.74
CA PRO J 233 -3.49 -1.85 -13.20
C PRO J 233 -4.34 -3.04 -13.66
N PHE J 234 -5.66 -2.85 -13.77
CA PHE J 234 -6.53 -3.89 -14.28
C PHE J 234 -7.74 -3.23 -14.95
N GLN J 235 -7.93 -3.52 -16.23
CA GLN J 235 -8.92 -2.83 -17.05
C GLN J 235 -10.24 -3.58 -17.19
N THR J 236 -10.23 -4.91 -17.02
CA THR J 236 -11.41 -5.75 -17.22
C THR J 236 -11.99 -5.56 -18.62
N VAL J 237 -11.19 -5.91 -19.63
CA VAL J 237 -11.56 -5.73 -21.03
C VAL J 237 -12.29 -6.95 -21.54
N ASP J 238 -13.33 -6.72 -22.34
CA ASP J 238 -14.08 -7.78 -22.99
C ASP J 238 -14.24 -7.46 -24.47
N ARG J 239 -14.19 -8.48 -25.31
CA ARG J 239 -14.23 -8.28 -26.75
C ARG J 239 -15.62 -8.64 -27.28
N LYS J 240 -16.21 -7.70 -28.02
CA LYS J 240 -17.57 -7.80 -28.51
C LYS J 240 -17.57 -7.80 -30.04
N GLU J 241 -18.71 -8.15 -30.62
CA GLU J 241 -18.85 -8.29 -32.06
C GLU J 241 -19.75 -7.20 -32.61
N VAL J 242 -19.33 -6.56 -33.70
CA VAL J 242 -20.12 -5.57 -34.41
C VAL J 242 -20.12 -5.96 -35.88
N GLY J 243 -21.16 -5.53 -36.59
CA GLY J 243 -21.26 -5.85 -38.00
C GLY J 243 -22.67 -6.16 -38.43
N ILE J 244 -22.80 -6.96 -39.47
CA ILE J 244 -24.08 -7.52 -39.90
C ILE J 244 -24.17 -8.92 -39.31
N LYS J 245 -25.18 -9.15 -38.47
CA LYS J 245 -25.34 -10.38 -37.72
C LYS J 245 -26.74 -10.94 -37.92
N LEU J 246 -26.80 -12.26 -38.13
CA LEU J 246 -28.05 -12.98 -38.31
C LEU J 246 -27.97 -14.30 -37.56
N LYS J 247 -28.82 -14.47 -36.56
CA LYS J 247 -29.00 -15.73 -35.86
C LYS J 247 -30.41 -16.24 -36.13
N VAL J 248 -30.52 -17.46 -36.64
CA VAL J 248 -31.81 -17.99 -37.06
C VAL J 248 -31.98 -19.44 -36.62
N VAL J 249 -33.19 -19.76 -36.16
CA VAL J 249 -33.60 -21.15 -35.97
C VAL J 249 -34.89 -21.38 -36.74
N PRO J 250 -34.87 -22.22 -37.77
CA PRO J 250 -36.10 -22.53 -38.51
C PRO J 250 -36.79 -23.80 -38.02
N GLN J 251 -38.08 -23.87 -38.31
CA GLN J 251 -38.89 -25.05 -38.05
C GLN J 251 -39.90 -25.18 -39.19
N ILE J 252 -39.71 -26.17 -40.05
CA ILE J 252 -40.64 -26.41 -41.14
C ILE J 252 -41.80 -27.23 -40.61
N ASN J 253 -43.02 -26.81 -40.93
CA ASN J 253 -44.16 -27.67 -40.71
C ASN J 253 -44.07 -28.86 -41.68
N GLU J 254 -45.05 -29.76 -41.60
CA GLU J 254 -45.04 -30.90 -42.50
C GLU J 254 -45.22 -30.49 -43.95
N GLY J 255 -45.62 -29.25 -44.21
CA GLY J 255 -45.88 -28.81 -45.57
C GLY J 255 -44.97 -27.70 -46.06
N ASN J 256 -45.55 -26.52 -46.32
CA ASN J 256 -44.82 -25.45 -47.00
C ASN J 256 -44.79 -24.15 -46.21
N SER J 257 -44.56 -24.22 -44.90
CA SER J 257 -44.45 -23.04 -44.08
C SER J 257 -43.28 -23.20 -43.12
N VAL J 258 -42.59 -22.10 -42.85
CA VAL J 258 -41.43 -22.09 -41.98
C VAL J 258 -41.68 -21.10 -40.84
N GLN J 259 -41.54 -21.58 -39.61
CA GLN J 259 -41.55 -20.74 -38.43
C GLN J 259 -40.11 -20.38 -38.09
N LEU J 260 -39.82 -19.09 -37.98
CA LEU J 260 -38.46 -18.61 -37.81
C LEU J 260 -38.33 -17.87 -36.48
N ASN J 261 -37.29 -18.22 -35.72
CA ASN J 261 -36.84 -17.42 -34.58
C ASN J 261 -35.60 -16.66 -35.05
N ILE J 262 -35.67 -15.32 -35.03
CA ILE J 262 -34.69 -14.47 -35.69
C ILE J 262 -34.14 -13.43 -34.72
N GLU J 263 -32.82 -13.27 -34.74
CA GLU J 263 -32.13 -12.11 -34.17
C GLU J 263 -31.30 -11.49 -35.29
N GLN J 264 -31.64 -10.27 -35.68
CA GLN J 264 -30.97 -9.57 -36.78
C GLN J 264 -30.39 -8.25 -36.27
N GLU J 265 -29.17 -7.93 -36.70
CA GLU J 265 -28.51 -6.75 -36.17
C GLU J 265 -27.57 -6.14 -37.21
N VAL J 266 -27.57 -4.81 -37.28
CA VAL J 266 -26.57 -4.04 -38.00
C VAL J 266 -25.96 -3.04 -37.02
N SER J 267 -24.66 -3.12 -36.81
CA SER J 267 -24.00 -2.28 -35.82
C SER J 267 -22.59 -1.92 -36.26
N ASN J 268 -22.19 -0.68 -35.98
CA ASN J 268 -20.84 -0.23 -36.26
C ASN J 268 -20.29 0.56 -35.07
N VAL J 269 -19.01 0.92 -35.16
CA VAL J 269 -18.32 1.63 -34.08
C VAL J 269 -18.33 3.13 -34.38
N LEU J 270 -18.74 3.91 -33.40
CA LEU J 270 -18.65 5.36 -33.41
C LEU J 270 -17.71 5.81 -32.31
N GLY J 271 -16.92 6.84 -32.59
CA GLY J 271 -15.99 7.34 -31.60
C GLY J 271 -16.72 8.03 -30.47
N ALA J 272 -16.16 7.91 -29.26
CA ALA J 272 -16.74 8.56 -28.10
C ALA J 272 -16.55 10.07 -28.18
N ASN J 273 -17.64 10.80 -28.00
CA ASN J 273 -17.55 12.26 -27.95
C ASN J 273 -17.43 12.80 -26.53
N GLY J 274 -18.11 12.17 -25.57
CA GLY J 274 -17.93 12.54 -24.18
C GLY J 274 -18.00 11.35 -23.25
N ALA J 275 -17.97 10.15 -23.81
CA ALA J 275 -18.10 8.92 -23.06
C ALA J 275 -16.74 8.38 -22.67
N VAL J 276 -16.74 7.45 -21.71
CA VAL J 276 -15.51 6.86 -21.23
C VAL J 276 -14.87 5.97 -22.29
N ASP J 277 -15.70 5.31 -23.11
CA ASP J 277 -15.21 4.37 -24.11
C ASP J 277 -16.00 4.57 -25.39
N VAL J 278 -15.61 3.81 -26.43
CA VAL J 278 -16.23 3.96 -27.74
C VAL J 278 -17.70 3.54 -27.68
N ARG J 279 -18.47 4.05 -28.64
CA ARG J 279 -19.89 3.77 -28.74
C ARG J 279 -20.18 2.88 -29.94
N PHE J 280 -21.33 2.24 -29.92
CA PHE J 280 -21.79 1.40 -31.03
C PHE J 280 -23.10 1.95 -31.56
N ALA J 281 -23.14 2.25 -32.85
CA ALA J 281 -24.41 2.44 -33.53
C ALA J 281 -25.06 1.07 -33.75
N LYS J 282 -26.33 0.95 -33.38
CA LYS J 282 -26.97 -0.35 -33.25
C LYS J 282 -28.40 -0.31 -33.79
N ARG J 283 -28.75 -1.29 -34.62
CA ARG J 283 -30.12 -1.51 -35.06
C ARG J 283 -30.40 -3.01 -34.96
N GLN J 284 -31.35 -3.38 -34.11
CA GLN J 284 -31.58 -4.79 -33.77
C GLN J 284 -33.06 -5.12 -33.79
N LEU J 285 -33.38 -6.28 -34.37
CA LEU J 285 -34.73 -6.85 -34.37
C LEU J 285 -34.66 -8.26 -33.83
N ASN J 286 -35.44 -8.55 -32.78
CA ASN J 286 -35.56 -9.90 -32.22
C ASN J 286 -37.02 -10.30 -32.25
N THR J 287 -37.33 -11.41 -32.93
CA THR J 287 -38.73 -11.79 -33.08
C THR J 287 -38.85 -13.25 -33.52
N SER J 288 -40.09 -13.68 -33.71
CA SER J 288 -40.41 -14.99 -34.26
C SER J 288 -41.66 -14.86 -35.14
N VAL J 289 -41.59 -15.40 -36.35
CA VAL J 289 -42.64 -15.21 -37.36
C VAL J 289 -42.91 -16.53 -38.08
N MET J 290 -43.92 -16.49 -38.95
CA MET J 290 -44.26 -17.59 -39.85
C MET J 290 -44.27 -17.05 -41.27
N VAL J 291 -43.58 -17.73 -42.18
CA VAL J 291 -43.52 -17.33 -43.58
C VAL J 291 -43.83 -18.55 -44.45
N GLN J 292 -44.30 -18.28 -45.66
CA GLN J 292 -44.54 -19.35 -46.62
C GLN J 292 -43.23 -19.78 -47.27
N ASP J 293 -43.33 -20.78 -48.16
CA ASP J 293 -42.14 -21.46 -48.66
C ASP J 293 -41.21 -20.52 -49.40
N GLY J 294 -41.74 -19.74 -50.34
CA GLY J 294 -40.88 -18.87 -51.12
C GLY J 294 -41.37 -17.44 -51.19
N GLN J 295 -42.03 -16.99 -50.14
CA GLN J 295 -42.61 -15.65 -50.09
C GLN J 295 -41.81 -14.76 -49.15
N MET J 296 -42.08 -13.47 -49.24
CA MET J 296 -41.38 -12.47 -48.45
C MET J 296 -42.31 -11.87 -47.40
N LEU J 297 -41.76 -11.63 -46.21
CA LEU J 297 -42.50 -11.02 -45.11
C LEU J 297 -41.68 -9.85 -44.57
N VAL J 298 -42.37 -8.78 -44.17
CA VAL J 298 -41.72 -7.62 -43.59
C VAL J 298 -41.62 -7.83 -42.08
N LEU J 299 -40.41 -7.63 -41.54
CA LEU J 299 -40.16 -7.84 -40.11
C LEU J 299 -40.30 -6.57 -39.30
N GLY J 300 -39.87 -5.43 -39.84
CA GLY J 300 -39.93 -4.19 -39.10
C GLY J 300 -39.31 -3.06 -39.89
N GLY J 301 -39.42 -1.86 -39.33
CA GLY J 301 -38.92 -0.68 -40.01
C GLY J 301 -39.15 0.55 -39.18
N LEU J 302 -38.77 1.68 -39.77
CA LEU J 302 -38.81 2.98 -39.11
C LEU J 302 -38.99 4.07 -40.16
N ILE J 303 -39.94 4.97 -39.92
CA ILE J 303 -40.11 6.19 -40.71
C ILE J 303 -39.88 7.37 -39.78
N ASP J 304 -38.93 8.23 -40.11
CA ASP J 304 -38.59 9.38 -39.28
C ASP J 304 -38.57 10.63 -40.13
N GLU J 305 -39.23 11.69 -39.64
CA GLU J 305 -39.22 13.00 -40.27
C GLU J 305 -38.91 14.05 -39.22
N ARG J 306 -38.22 15.11 -39.62
CA ARG J 306 -37.79 16.12 -38.67
C ARG J 306 -37.65 17.47 -39.37
N ALA J 307 -38.24 18.51 -38.80
CA ALA J 307 -38.12 19.87 -39.33
C ALA J 307 -37.75 20.81 -38.19
N LEU J 308 -36.76 21.66 -38.42
CA LEU J 308 -36.28 22.62 -37.44
C LEU J 308 -36.20 24.01 -38.06
N GLU J 309 -36.65 25.01 -37.31
CA GLU J 309 -36.61 26.41 -37.74
C GLU J 309 -36.05 27.25 -36.61
N SER J 310 -35.34 28.33 -36.97
CA SER J 310 -34.80 29.24 -35.97
C SER J 310 -34.61 30.61 -36.59
N GLU J 311 -34.87 31.65 -35.79
CA GLU J 311 -34.76 33.03 -36.23
C GLU J 311 -34.31 33.92 -35.08
N SER J 312 -33.41 34.84 -35.37
CA SER J 312 -33.04 35.91 -34.45
C SER J 312 -33.02 37.23 -35.21
N LYS J 313 -33.70 38.23 -34.68
CA LYS J 313 -33.85 39.49 -35.42
C LYS J 313 -33.91 40.67 -34.46
N VAL J 314 -33.69 41.85 -35.02
CA VAL J 314 -33.92 43.10 -34.29
C VAL J 314 -35.42 43.37 -34.26
N PRO J 315 -36.00 43.66 -33.08
CA PRO J 315 -37.46 43.60 -32.91
C PRO J 315 -38.29 44.29 -33.99
N LEU J 316 -38.10 45.59 -34.21
CA LEU J 316 -38.96 46.30 -35.14
C LEU J 316 -38.34 46.48 -36.52
N LEU J 317 -37.01 46.52 -36.61
CA LEU J 317 -36.34 46.71 -37.88
C LEU J 317 -36.38 45.47 -38.76
N GLY J 318 -36.53 44.29 -38.16
CA GLY J 318 -36.51 43.03 -38.89
C GLY J 318 -37.83 42.64 -39.52
N ASP J 319 -38.83 43.52 -39.49
CA ASP J 319 -40.12 43.27 -40.12
C ASP J 319 -40.42 44.24 -41.24
N ILE J 320 -39.47 45.11 -41.59
CA ILE J 320 -39.64 46.02 -42.73
C ILE J 320 -39.79 45.19 -44.00
N PRO J 321 -40.71 45.55 -44.90
CA PRO J 321 -41.01 44.65 -46.04
C PRO J 321 -39.82 44.28 -46.90
N LEU J 322 -38.87 45.18 -47.08
CA LEU J 322 -37.73 44.89 -47.95
C LEU J 322 -36.39 45.00 -47.25
N LEU J 323 -36.18 46.00 -46.41
CA LEU J 323 -34.90 46.23 -45.78
C LEU J 323 -34.69 45.41 -44.52
N GLY J 324 -35.66 44.58 -44.13
CA GLY J 324 -35.56 43.81 -42.90
C GLY J 324 -34.56 42.67 -42.94
N GLN J 325 -34.23 42.16 -44.13
CA GLN J 325 -33.26 41.07 -44.23
C GLN J 325 -31.89 41.48 -43.71
N LEU J 326 -31.59 42.77 -43.69
CA LEU J 326 -30.33 43.25 -43.14
C LEU J 326 -30.26 43.12 -41.63
N PHE J 327 -31.36 42.77 -40.96
CA PHE J 327 -31.40 42.69 -39.51
C PHE J 327 -32.00 41.35 -39.05
N ARG J 328 -31.62 40.26 -39.70
CA ARG J 328 -32.19 38.95 -39.41
C ARG J 328 -31.12 37.87 -39.55
N SER J 329 -31.38 36.75 -38.89
CA SER J 329 -30.56 35.55 -39.04
C SER J 329 -31.49 34.34 -38.95
N THR J 330 -31.53 33.54 -40.00
CA THR J 330 -32.49 32.46 -40.15
C THR J 330 -31.76 31.15 -40.44
N SER J 331 -32.24 30.06 -39.83
CA SER J 331 -31.75 28.72 -40.07
C SER J 331 -32.92 27.76 -40.21
N SER J 332 -32.85 26.88 -41.21
CA SER J 332 -33.88 25.86 -41.42
C SER J 332 -33.24 24.54 -41.78
N GLN J 333 -33.86 23.45 -41.32
CA GLN J 333 -33.33 22.10 -41.51
C GLN J 333 -34.47 21.09 -41.65
N VAL J 334 -34.28 20.13 -42.55
CA VAL J 334 -35.22 19.03 -42.77
C VAL J 334 -34.43 17.73 -42.91
N GLU J 335 -34.90 16.68 -42.24
CA GLU J 335 -34.26 15.37 -42.27
C GLU J 335 -35.31 14.28 -42.39
N LYS J 336 -35.05 13.30 -43.25
CA LYS J 336 -35.94 12.18 -43.47
C LYS J 336 -35.15 10.87 -43.46
N LYS J 337 -35.72 9.84 -42.85
CA LYS J 337 -35.07 8.55 -42.70
C LYS J 337 -36.09 7.43 -42.88
N ASN J 338 -35.71 6.40 -43.64
CA ASN J 338 -36.56 5.26 -43.92
C ASN J 338 -35.73 3.99 -43.79
N LEU J 339 -36.14 3.09 -42.90
CA LEU J 339 -35.45 1.83 -42.68
C LEU J 339 -36.46 0.70 -42.76
N MET J 340 -36.07 -0.41 -43.41
CA MET J 340 -36.98 -1.54 -43.54
C MET J 340 -36.19 -2.84 -43.60
N VAL J 341 -36.75 -3.90 -43.02
CA VAL J 341 -36.15 -5.22 -42.98
C VAL J 341 -37.15 -6.25 -43.49
N PHE J 342 -36.73 -7.08 -44.43
CA PHE J 342 -37.53 -8.17 -44.98
C PHE J 342 -36.77 -9.49 -44.80
N ILE J 343 -37.52 -10.58 -44.77
CA ILE J 343 -36.92 -11.92 -44.68
C ILE J 343 -37.63 -12.85 -45.66
N LYS J 344 -36.92 -13.88 -46.09
CA LYS J 344 -37.46 -14.82 -47.07
C LYS J 344 -36.82 -16.20 -46.91
N PRO J 345 -37.63 -17.23 -46.65
CA PRO J 345 -37.11 -18.60 -46.62
C PRO J 345 -37.28 -19.30 -47.96
N THR J 346 -36.61 -20.43 -48.09
CA THR J 346 -36.77 -21.31 -49.25
C THR J 346 -36.41 -22.72 -48.83
N ILE J 347 -37.32 -23.66 -49.03
CA ILE J 347 -37.13 -25.04 -48.60
C ILE J 347 -36.42 -25.83 -49.68
N ILE J 348 -35.32 -26.48 -49.32
CA ILE J 348 -34.59 -27.41 -50.17
C ILE J 348 -34.83 -28.81 -49.63
N ARG J 349 -35.46 -29.66 -50.45
CA ARG J 349 -35.76 -31.03 -50.07
C ARG J 349 -34.96 -32.06 -50.84
N ASP J 350 -34.57 -31.77 -52.08
CA ASP J 350 -33.85 -32.70 -52.92
C ASP J 350 -32.57 -32.05 -53.44
N GLY J 351 -31.76 -32.86 -54.13
CA GLY J 351 -30.49 -32.36 -54.63
C GLY J 351 -30.61 -31.44 -55.82
N VAL J 352 -31.69 -31.58 -56.60
CA VAL J 352 -31.83 -30.76 -57.81
C VAL J 352 -32.08 -29.30 -57.44
N THR J 353 -32.87 -29.04 -56.40
CA THR J 353 -33.13 -27.67 -55.98
C THR J 353 -31.86 -27.00 -55.46
N ALA J 354 -31.10 -27.71 -54.64
CA ALA J 354 -29.85 -27.18 -54.13
C ALA J 354 -28.87 -26.92 -55.25
N ASP J 355 -28.80 -27.83 -56.21
CA ASP J 355 -27.94 -27.64 -57.37
C ASP J 355 -28.34 -26.41 -58.16
N GLY J 356 -29.64 -26.19 -58.35
CA GLY J 356 -30.07 -25.01 -59.07
C GLY J 356 -29.69 -23.72 -58.38
N ILE J 357 -29.94 -23.64 -57.06
CA ILE J 357 -29.60 -22.44 -56.32
C ILE J 357 -28.10 -22.18 -56.35
N THR J 358 -27.31 -23.23 -56.11
CA THR J 358 -25.86 -23.08 -56.11
C THR J 358 -25.35 -22.68 -57.49
N GLN J 359 -25.92 -23.25 -58.54
CA GLN J 359 -25.50 -22.89 -59.90
C GLN J 359 -25.82 -21.44 -60.19
N ARG J 360 -26.98 -20.96 -59.75
CA ARG J 360 -27.33 -19.56 -59.96
C ARG J 360 -26.30 -18.63 -59.32
N LYS J 361 -26.02 -18.85 -58.03
CA LYS J 361 -25.09 -17.95 -57.34
C LYS J 361 -23.68 -18.05 -57.93
N TYR J 362 -23.23 -19.28 -58.20
CA TYR J 362 -21.90 -19.49 -58.77
C TYR J 362 -21.76 -18.82 -60.13
N ASN J 363 -22.77 -18.96 -60.99
CA ASN J 363 -22.70 -18.37 -62.31
C ASN J 363 -22.74 -16.85 -62.25
N TYR J 364 -23.48 -16.29 -61.29
CA TYR J 364 -23.44 -14.85 -61.10
C TYR J 364 -22.03 -14.37 -60.77
N ILE J 365 -21.41 -14.98 -59.77
CA ILE J 365 -20.06 -14.58 -59.37
C ILE J 365 -19.08 -14.76 -60.53
N ARG J 366 -19.18 -15.88 -61.24
CA ARG J 366 -18.26 -16.16 -62.33
C ARG J 366 -18.46 -15.19 -63.50
N ALA J 367 -19.69 -14.78 -63.77
CA ALA J 367 -19.93 -13.80 -64.83
C ALA J 367 -19.30 -12.46 -64.48
N GLU J 368 -19.42 -12.04 -63.21
CA GLU J 368 -18.73 -10.82 -62.80
C GLU J 368 -17.22 -10.96 -62.99
N GLN J 369 -16.65 -12.11 -62.61
CA GLN J 369 -15.22 -12.30 -62.74
C GLN J 369 -14.79 -12.30 -64.21
N LEU J 370 -15.57 -12.93 -65.09
CA LEU J 370 -15.22 -12.95 -66.50
C LEU J 370 -15.28 -11.55 -67.10
N PHE J 371 -16.27 -10.75 -66.71
CA PHE J 371 -16.32 -9.37 -67.18
C PHE J 371 -15.10 -8.60 -66.71
N ARG J 372 -14.70 -8.78 -65.45
CA ARG J 372 -13.49 -8.11 -64.96
C ARG J 372 -12.26 -8.59 -65.71
N ALA J 373 -12.25 -9.85 -66.15
CA ALA J 373 -11.10 -10.37 -66.89
C ALA J 373 -11.07 -9.84 -68.32
N GLU J 374 -12.21 -9.46 -68.88
CA GLU J 374 -12.20 -8.82 -70.20
C GLU J 374 -11.45 -7.49 -70.17
N LYS J 375 -11.71 -6.67 -69.15
CA LYS J 375 -10.96 -5.43 -68.94
C LYS J 375 -9.92 -5.70 -67.85
N GLY J 376 -8.79 -6.26 -68.28
CA GLY J 376 -7.81 -6.78 -67.35
C GLY J 376 -7.11 -5.70 -66.56
N LEU J 377 -6.01 -6.12 -65.93
CA LEU J 377 -5.24 -5.22 -65.07
C LEU J 377 -4.66 -4.07 -65.88
N ARG J 378 -4.58 -2.90 -65.24
CA ARG J 378 -4.24 -1.68 -65.96
C ARG J 378 -2.81 -1.74 -66.52
N LEU J 379 -1.86 -2.18 -65.70
CA LEU J 379 -0.46 -2.22 -66.13
C LEU J 379 0.19 -3.57 -65.82
N LEU J 380 -0.59 -4.66 -65.89
CA LEU J 380 -0.08 -5.99 -65.65
C LEU J 380 -0.73 -6.93 -66.65
N ASP J 381 -0.52 -8.23 -66.46
CA ASP J 381 -1.11 -9.24 -67.33
C ASP J 381 -2.62 -9.31 -67.12
N ASP J 382 -3.35 -9.48 -68.22
CA ASP J 382 -4.80 -9.58 -68.16
C ASP J 382 -5.28 -10.96 -67.73
N ALA J 383 -4.41 -11.96 -67.72
CA ALA J 383 -4.77 -13.31 -67.34
C ALA J 383 -4.52 -13.60 -65.87
N SER J 384 -3.98 -12.64 -65.12
CA SER J 384 -3.74 -12.83 -63.70
C SER J 384 -4.98 -12.60 -62.85
N VAL J 385 -6.08 -12.15 -63.45
CA VAL J 385 -7.31 -11.94 -62.70
C VAL J 385 -7.89 -13.29 -62.29
N PRO J 386 -8.25 -13.48 -61.02
CA PRO J 386 -8.86 -14.76 -60.61
C PRO J 386 -10.24 -14.92 -61.21
N VAL J 387 -10.44 -16.07 -61.88
CA VAL J 387 -11.71 -16.41 -62.49
C VAL J 387 -12.07 -17.84 -62.08
N LEU J 388 -13.30 -18.03 -61.63
CA LEU J 388 -13.73 -19.35 -61.21
C LEU J 388 -13.79 -20.30 -62.41
N PRO J 389 -13.52 -21.59 -62.19
CA PRO J 389 -13.70 -22.57 -63.25
C PRO J 389 -15.17 -22.77 -63.57
N LYS J 390 -15.42 -23.49 -64.65
CA LYS J 390 -16.80 -23.82 -65.01
C LYS J 390 -17.40 -24.71 -63.93
N PHE J 391 -18.72 -24.64 -63.80
CA PHE J 391 -19.42 -25.34 -62.73
C PHE J 391 -19.12 -26.83 -62.75
N GLY J 392 -18.41 -27.31 -61.73
CA GLY J 392 -18.00 -28.69 -61.67
C GLY J 392 -16.90 -29.07 -62.63
N ASP J 393 -15.80 -28.30 -62.64
CA ASP J 393 -14.72 -28.57 -63.59
C ASP J 393 -13.36 -28.63 -62.92
N ASP J 394 -13.24 -28.04 -61.72
CA ASP J 394 -12.01 -28.05 -60.94
C ASP J 394 -10.89 -27.25 -61.60
N ARG J 395 -9.80 -27.04 -60.86
CA ARG J 395 -8.76 -26.11 -61.28
C ARG J 395 -8.02 -26.61 -62.52
N ARG J 396 -7.49 -25.67 -63.30
CA ARG J 396 -6.66 -25.94 -64.46
C ARG J 396 -5.46 -25.00 -64.45
N HIS J 397 -4.40 -25.40 -65.13
CA HIS J 397 -3.20 -24.59 -65.20
C HIS J 397 -3.43 -23.37 -66.09
N SER J 398 -2.57 -22.36 -65.91
CA SER J 398 -2.58 -21.19 -66.76
C SER J 398 -2.04 -21.58 -68.15
N PRO J 399 -2.35 -20.78 -69.19
CA PRO J 399 -1.95 -21.18 -70.54
C PRO J 399 -0.46 -21.37 -70.72
N GLU J 400 0.38 -20.61 -70.02
CA GLU J 400 1.83 -20.78 -70.16
C GLU J 400 2.27 -22.14 -69.61
N ILE J 401 1.79 -22.51 -68.43
CA ILE J 401 2.12 -23.82 -67.87
C ILE J 401 1.53 -24.93 -68.73
N GLN J 402 0.33 -24.70 -69.28
CA GLN J 402 -0.28 -25.70 -70.14
C GLN J 402 0.57 -25.94 -71.38
N ALA J 403 1.06 -24.87 -72.01
CA ALA J 403 1.93 -25.02 -73.17
C ALA J 403 3.24 -25.70 -72.79
N PHE J 404 3.79 -25.35 -71.61
CA PHE J 404 5.02 -25.97 -71.16
C PHE J 404 4.85 -27.47 -70.95
N ILE J 405 3.72 -27.88 -70.38
CA ILE J 405 3.49 -29.30 -70.14
C ILE J 405 3.13 -30.02 -71.42
N GLU J 406 2.54 -29.31 -72.41
CA GLU J 406 2.26 -29.94 -73.69
C GLU J 406 3.55 -30.17 -74.48
N GLN J 407 4.48 -29.21 -74.41
CA GLN J 407 5.77 -29.39 -75.08
C GLN J 407 6.56 -30.54 -74.46
N MET J 408 6.53 -30.65 -73.14
CA MET J 408 7.23 -31.73 -72.44
C MET J 408 6.51 -33.05 -72.61
N GLY K 2 -50.22 -51.71 -31.02
CA GLY K 2 -49.76 -50.34 -31.15
C GLY K 2 -49.48 -49.69 -29.82
N ASN K 3 -48.59 -50.30 -29.04
CA ASN K 3 -48.24 -49.77 -27.74
C ASN K 3 -47.32 -48.56 -27.82
N ASN K 4 -46.67 -48.34 -28.97
CA ASN K 4 -45.76 -47.21 -29.14
C ASN K 4 -46.16 -46.43 -30.38
N ARG K 5 -46.08 -45.10 -30.29
CA ARG K 5 -46.31 -44.24 -31.43
C ARG K 5 -45.24 -43.16 -31.48
N VAL K 6 -44.95 -42.70 -32.70
CA VAL K 6 -44.07 -41.55 -32.93
C VAL K 6 -44.89 -40.51 -33.67
N VAL K 7 -45.02 -39.33 -33.07
CA VAL K 7 -45.85 -38.25 -33.60
C VAL K 7 -44.93 -37.12 -34.06
N TYR K 8 -45.10 -36.71 -35.32
CA TYR K 8 -44.37 -35.57 -35.87
C TYR K 8 -45.22 -34.32 -35.69
N LEU K 9 -44.67 -33.33 -35.00
CA LEU K 9 -45.40 -32.11 -34.70
C LEU K 9 -45.23 -31.08 -35.82
N LYS K 10 -46.31 -30.39 -36.14
CA LYS K 10 -46.30 -29.39 -37.19
C LYS K 10 -45.92 -28.01 -36.66
N TYR K 11 -46.57 -27.56 -35.58
CA TYR K 11 -46.42 -26.19 -35.12
C TYR K 11 -45.86 -26.05 -33.71
N ALA K 12 -45.95 -27.08 -32.88
CA ALA K 12 -45.50 -26.98 -31.50
C ALA K 12 -44.08 -27.52 -31.36
N LYS K 13 -43.52 -27.33 -30.17
CA LYS K 13 -42.20 -27.85 -29.82
C LYS K 13 -42.37 -29.00 -28.83
N ALA K 14 -41.71 -30.12 -29.13
CA ALA K 14 -41.94 -31.34 -28.35
C ALA K 14 -41.50 -31.19 -26.91
N GLU K 15 -40.37 -30.52 -26.67
CA GLU K 15 -39.89 -30.29 -25.31
C GLU K 15 -40.93 -29.54 -24.49
N ASP K 16 -41.69 -28.64 -25.13
CA ASP K 16 -42.76 -27.94 -24.44
C ASP K 16 -43.90 -28.90 -24.07
N LEU K 17 -44.29 -29.77 -24.99
CA LEU K 17 -45.43 -30.64 -24.76
C LEU K 17 -45.13 -31.78 -23.79
N VAL K 18 -43.86 -32.12 -23.58
CA VAL K 18 -43.53 -33.21 -22.66
C VAL K 18 -44.03 -32.88 -21.25
N GLU K 19 -43.74 -31.67 -20.78
CA GLU K 19 -44.16 -31.28 -19.44
C GLU K 19 -45.67 -31.27 -19.30
N VAL K 20 -46.37 -30.77 -20.32
CA VAL K 20 -47.83 -30.71 -20.26
C VAL K 20 -48.41 -32.12 -20.22
N LEU K 21 -47.90 -33.02 -21.07
CA LEU K 21 -48.48 -34.35 -21.18
C LEU K 21 -48.06 -35.31 -20.09
N LYS K 22 -47.03 -34.99 -19.30
CA LYS K 22 -46.64 -35.86 -18.21
C LYS K 22 -47.79 -36.08 -17.23
N GLY K 23 -48.49 -35.01 -16.87
CA GLY K 23 -49.61 -35.13 -15.95
C GLY K 23 -50.78 -35.91 -16.53
N VAL K 24 -51.13 -35.64 -17.79
CA VAL K 24 -52.26 -36.32 -18.42
C VAL K 24 -51.97 -37.80 -18.57
N SER K 25 -50.75 -38.16 -18.96
CA SER K 25 -50.40 -39.56 -19.16
C SER K 25 -50.51 -40.34 -17.85
N GLU K 26 -50.06 -39.77 -16.75
CA GLU K 26 -50.14 -40.43 -15.46
C GLU K 26 -51.54 -40.33 -14.88
N VAL K 45 -46.72 -45.37 -18.65
CA VAL K 45 -46.84 -44.31 -19.63
C VAL K 45 -45.54 -43.50 -19.70
N MET K 46 -44.90 -43.48 -20.87
CA MET K 46 -43.67 -42.73 -21.03
C MET K 46 -43.78 -41.79 -22.23
N ILE K 47 -43.24 -40.59 -22.05
CA ILE K 47 -43.23 -39.52 -23.05
C ILE K 47 -41.80 -39.07 -23.23
N ALA K 48 -41.33 -39.04 -24.48
CA ALA K 48 -39.98 -38.55 -24.76
C ALA K 48 -40.03 -37.63 -25.97
N ALA K 49 -39.04 -36.75 -26.07
CA ALA K 49 -38.95 -35.78 -27.16
C ALA K 49 -37.64 -35.95 -27.90
N HIS K 50 -37.71 -36.01 -29.22
CA HIS K 50 -36.55 -35.95 -30.09
C HIS K 50 -36.54 -34.57 -30.74
N ALA K 51 -35.56 -33.75 -30.37
CA ALA K 51 -35.53 -32.35 -30.77
C ALA K 51 -35.13 -32.17 -32.23
N ASP K 52 -34.25 -33.02 -32.74
CA ASP K 52 -33.72 -32.83 -34.09
C ASP K 52 -34.81 -33.01 -35.14
N THR K 53 -35.71 -33.96 -34.93
CA THR K 53 -36.84 -34.18 -35.83
C THR K 53 -38.14 -33.58 -35.30
N ASN K 54 -38.11 -32.97 -34.11
CA ASN K 54 -39.29 -32.40 -33.46
C ASN K 54 -40.41 -33.43 -33.36
N SER K 55 -40.11 -34.53 -32.68
CA SER K 55 -41.03 -35.65 -32.58
C SER K 55 -41.26 -36.05 -31.14
N LEU K 56 -42.45 -36.60 -30.89
CA LEU K 56 -42.78 -37.18 -29.59
C LEU K 56 -42.85 -38.69 -29.72
N VAL K 57 -42.18 -39.39 -28.81
CA VAL K 57 -42.25 -40.84 -28.69
C VAL K 57 -43.12 -41.15 -27.48
N LEU K 58 -44.22 -41.86 -27.72
CA LEU K 58 -45.22 -42.09 -26.70
C LEU K 58 -45.42 -43.60 -26.53
N THR K 59 -45.40 -44.07 -25.29
CA THR K 59 -45.76 -45.46 -25.01
C THR K 59 -46.77 -45.50 -23.87
N ALA K 60 -47.89 -46.18 -24.12
CA ALA K 60 -49.03 -46.20 -23.21
C ALA K 60 -50.06 -47.19 -23.76
N PRO K 61 -50.97 -47.68 -22.90
CA PRO K 61 -52.08 -48.50 -23.41
C PRO K 61 -53.04 -47.73 -24.30
N GLN K 62 -54.03 -48.43 -24.87
CA GLN K 62 -54.83 -47.87 -25.95
C GLN K 62 -55.62 -46.64 -25.53
N ASP K 63 -56.27 -46.69 -24.36
CA ASP K 63 -57.15 -45.59 -23.95
C ASP K 63 -56.35 -44.32 -23.66
N ILE K 64 -55.30 -44.45 -22.86
CA ILE K 64 -54.43 -43.31 -22.58
C ILE K 64 -53.81 -42.81 -23.87
N MET K 65 -53.46 -43.72 -24.78
CA MET K 65 -52.90 -43.34 -26.07
C MET K 65 -53.87 -42.46 -26.85
N ASN K 66 -55.13 -42.88 -26.94
CA ASN K 66 -56.11 -42.11 -27.70
C ASN K 66 -56.35 -40.75 -27.07
N ALA K 67 -56.45 -40.70 -25.74
CA ALA K 67 -56.65 -39.42 -25.05
C ALA K 67 -55.47 -38.48 -25.30
N MET K 68 -54.25 -38.99 -25.19
CA MET K 68 -53.07 -38.17 -25.41
C MET K 68 -52.99 -37.69 -26.85
N LEU K 69 -53.36 -38.54 -27.81
CA LEU K 69 -53.36 -38.11 -29.20
C LEU K 69 -54.37 -37.00 -29.44
N GLU K 70 -55.55 -37.09 -28.82
CA GLU K 70 -56.52 -36.00 -28.94
C GLU K 70 -55.98 -34.71 -28.35
N VAL K 71 -55.34 -34.78 -27.18
CA VAL K 71 -54.78 -33.57 -26.57
C VAL K 71 -53.69 -32.97 -27.45
N ILE K 72 -52.81 -33.80 -27.99
CA ILE K 72 -51.75 -33.32 -28.87
C ILE K 72 -52.35 -32.65 -30.10
N GLY K 73 -53.35 -33.29 -30.71
CA GLY K 73 -53.98 -32.70 -31.87
C GLY K 73 -54.63 -31.37 -31.58
N GLN K 74 -55.16 -31.20 -30.36
CA GLN K 74 -55.76 -29.92 -30.01
C GLN K 74 -54.73 -28.84 -29.71
N LEU K 75 -53.56 -29.21 -29.16
CA LEU K 75 -52.53 -28.22 -28.86
C LEU K 75 -51.58 -27.94 -30.02
N ASP K 76 -51.59 -28.76 -31.08
CA ASP K 76 -50.66 -28.60 -32.19
C ASP K 76 -51.37 -27.86 -33.32
N ILE K 77 -51.51 -26.56 -33.17
CA ILE K 77 -52.22 -25.73 -34.13
C ILE K 77 -51.41 -24.49 -34.45
N ARG K 78 -51.88 -23.75 -35.45
CA ARG K 78 -51.18 -22.58 -35.95
C ARG K 78 -51.52 -21.34 -35.14
N ARG K 79 -50.52 -20.49 -34.95
CA ARG K 79 -50.69 -19.20 -34.29
C ARG K 79 -50.75 -18.09 -35.33
N ALA K 80 -51.56 -17.08 -35.06
CA ALA K 80 -51.65 -15.89 -35.89
C ALA K 80 -50.51 -14.94 -35.56
N GLN K 81 -50.36 -13.91 -36.39
CA GLN K 81 -49.32 -12.91 -36.20
C GLN K 81 -49.93 -11.53 -36.02
N VAL K 82 -49.16 -10.63 -35.42
CA VAL K 82 -49.57 -9.25 -35.22
C VAL K 82 -48.47 -8.33 -35.73
N LEU K 83 -48.84 -7.37 -36.57
CA LEU K 83 -48.00 -6.25 -36.93
C LEU K 83 -48.37 -5.08 -36.02
N ILE K 84 -47.38 -4.53 -35.31
CA ILE K 84 -47.61 -3.48 -34.33
C ILE K 84 -46.84 -2.24 -34.78
N GLU K 85 -47.55 -1.12 -34.93
CA GLU K 85 -46.96 0.14 -35.34
C GLU K 85 -47.20 1.19 -34.26
N ALA K 86 -46.13 1.88 -33.88
CA ALA K 86 -46.22 2.99 -32.95
C ALA K 86 -46.04 4.31 -33.69
N LEU K 87 -46.59 5.38 -33.14
CA LEU K 87 -46.52 6.70 -33.74
C LEU K 87 -46.21 7.72 -32.66
N ILE K 88 -45.06 8.37 -32.77
CA ILE K 88 -44.61 9.36 -31.79
C ILE K 88 -44.62 10.71 -32.48
N VAL K 89 -45.35 11.66 -31.90
CA VAL K 89 -45.46 13.02 -32.42
C VAL K 89 -44.92 13.98 -31.37
N GLU K 90 -44.03 14.88 -31.80
CA GLU K 90 -43.47 15.89 -30.93
C GLU K 90 -43.50 17.24 -31.63
N MET K 91 -43.98 18.27 -30.93
CA MET K 91 -44.02 19.63 -31.44
C MET K 91 -43.54 20.58 -30.36
N ALA K 92 -42.69 21.52 -30.73
CA ALA K 92 -42.20 22.52 -29.77
C ALA K 92 -42.19 23.89 -30.44
N GLU K 93 -42.52 24.91 -29.65
CA GLU K 93 -42.53 26.29 -30.10
C GLU K 93 -41.94 27.18 -29.02
N GLY K 94 -41.22 28.22 -29.42
CA GLY K 94 -40.64 29.14 -28.46
C GLY K 94 -40.46 30.55 -28.99
N ASP K 95 -40.65 31.55 -28.13
CA ASP K 95 -40.55 32.94 -28.52
C ASP K 95 -40.06 33.79 -27.35
N GLY K 96 -39.14 34.71 -27.62
CA GLY K 96 -38.59 35.55 -26.57
C GLY K 96 -38.23 36.93 -27.09
N ILE K 97 -38.23 37.90 -26.18
CA ILE K 97 -37.85 39.26 -26.50
C ILE K 97 -37.10 39.88 -25.33
N ASN K 98 -36.02 40.60 -25.63
CA ASN K 98 -35.22 41.32 -24.66
C ASN K 98 -35.03 42.76 -25.15
N LEU K 99 -35.21 43.73 -24.24
CA LEU K 99 -35.06 45.13 -24.62
C LEU K 99 -34.62 45.93 -23.40
N GLY K 100 -33.56 46.72 -23.55
CA GLY K 100 -33.07 47.51 -22.44
C GLY K 100 -32.12 48.62 -22.84
N VAL K 101 -31.98 49.60 -21.95
CA VAL K 101 -31.08 50.74 -22.11
C VAL K 101 -30.26 50.87 -20.84
N GLN K 102 -28.94 51.07 -21.00
CA GLN K 102 -28.01 51.22 -19.89
C GLN K 102 -27.24 52.53 -20.07
N TRP K 103 -26.91 53.17 -18.94
CA TRP K 103 -26.14 54.40 -18.95
C TRP K 103 -24.89 54.22 -18.11
N GLY K 104 -23.78 54.76 -18.59
CA GLY K 104 -22.51 54.59 -17.92
C GLY K 104 -21.63 55.80 -18.08
N SER K 105 -20.67 55.94 -17.16
CA SER K 105 -19.66 56.97 -17.22
C SER K 105 -18.46 56.50 -16.42
N LEU K 106 -17.26 56.65 -17.00
CA LEU K 106 -16.05 56.12 -16.40
C LEU K 106 -15.20 57.16 -15.70
N GLU K 107 -15.41 58.45 -15.97
CA GLU K 107 -14.70 59.48 -15.21
C GLU K 107 -15.03 59.38 -13.73
N SER K 108 -16.32 59.21 -13.41
CA SER K 108 -16.77 58.76 -12.11
C SER K 108 -17.12 57.28 -12.21
N GLY K 109 -17.67 56.74 -11.14
CA GLY K 109 -18.12 55.36 -11.21
C GLY K 109 -19.58 55.17 -11.54
N SER K 110 -20.23 56.20 -12.06
CA SER K 110 -21.68 56.17 -12.24
C SER K 110 -22.08 55.20 -13.34
N VAL K 111 -23.01 54.30 -13.02
CA VAL K 111 -23.57 53.36 -13.98
C VAL K 111 -25.05 53.19 -13.68
N ILE K 112 -25.83 52.96 -14.72
CA ILE K 112 -27.18 52.41 -14.62
C ILE K 112 -27.11 51.05 -15.31
N GLN K 113 -26.88 50.00 -14.53
CA GLN K 113 -26.47 48.71 -15.04
C GLN K 113 -27.56 47.67 -14.86
N TYR K 114 -27.70 46.79 -15.86
CA TYR K 114 -28.63 45.68 -15.82
C TYR K 114 -27.92 44.44 -16.33
N GLY K 115 -27.73 43.46 -15.45
CA GLY K 115 -27.04 42.23 -15.82
C GLY K 115 -27.90 41.19 -16.49
N ASN K 116 -29.22 41.37 -16.51
CA ASN K 116 -30.10 40.43 -17.20
C ASN K 116 -29.77 40.37 -18.68
N THR K 117 -29.54 41.54 -19.29
CA THR K 117 -29.06 41.59 -20.66
C THR K 117 -27.66 41.00 -20.75
N GLY K 118 -27.34 40.45 -21.92
CA GLY K 118 -26.06 39.77 -22.09
C GLY K 118 -24.89 40.70 -22.33
N ALA K 119 -24.96 41.90 -21.77
CA ALA K 119 -23.89 42.89 -21.92
C ALA K 119 -24.00 43.89 -20.80
N SER K 120 -22.91 44.06 -20.04
CA SER K 120 -22.86 45.02 -18.95
C SER K 120 -22.03 46.22 -19.39
N ILE K 121 -22.53 47.42 -19.09
CA ILE K 121 -21.92 48.64 -19.63
C ILE K 121 -20.53 48.85 -19.04
N GLY K 122 -20.31 48.49 -17.78
CA GLY K 122 -19.01 48.70 -17.17
C GLY K 122 -17.91 47.90 -17.84
N ASN K 123 -18.19 46.61 -18.10
CA ASN K 123 -17.22 45.78 -18.78
C ASN K 123 -16.95 46.28 -20.19
N VAL K 124 -17.98 46.73 -20.89
CA VAL K 124 -17.81 47.25 -22.25
C VAL K 124 -16.92 48.50 -22.22
N MET K 125 -17.19 49.42 -21.30
CA MET K 125 -16.41 50.65 -21.24
C MET K 125 -14.95 50.38 -20.87
N ILE K 126 -14.73 49.51 -19.88
CA ILE K 126 -13.35 49.23 -19.48
C ILE K 126 -12.61 48.51 -20.59
N GLY K 127 -13.24 47.54 -21.25
CA GLY K 127 -12.60 46.87 -22.36
C GLY K 127 -12.30 47.80 -23.52
N LEU K 128 -13.18 48.76 -23.76
CA LEU K 128 -12.91 49.79 -24.77
C LEU K 128 -11.70 50.61 -24.38
N GLU K 129 -11.59 50.96 -23.09
CA GLU K 129 -10.45 51.75 -22.63
C GLU K 129 -9.15 50.99 -22.77
N GLU K 130 -9.14 49.70 -22.42
CA GLU K 130 -7.90 48.93 -22.46
C GLU K 130 -7.43 48.64 -23.89
N ALA K 131 -8.27 48.89 -24.88
CA ALA K 131 -7.92 48.63 -26.27
C ALA K 131 -7.33 49.84 -26.97
N LYS K 132 -7.13 50.94 -26.26
CA LYS K 132 -6.57 52.17 -26.83
C LYS K 132 -5.05 52.12 -26.81
N ASP K 133 -4.45 53.00 -27.61
CA ASP K 133 -3.00 53.10 -27.72
C ASP K 133 -2.46 53.99 -26.62
N THR K 134 -1.39 53.54 -25.95
CA THR K 134 -0.84 54.21 -24.79
C THR K 134 0.57 54.71 -25.07
N THR K 135 0.88 55.91 -24.54
CA THR K 135 2.22 56.52 -24.67
C THR K 135 2.83 56.70 -23.29
N GLN K 136 3.89 55.96 -23.00
CA GLN K 136 4.59 56.16 -21.75
C GLN K 136 5.75 57.12 -22.00
N THR K 137 5.48 58.42 -21.99
CA THR K 137 6.54 59.38 -22.32
C THR K 137 7.41 59.71 -21.10
N LYS K 138 8.62 59.16 -21.09
CA LYS K 138 9.50 59.36 -19.94
C LYS K 138 9.89 60.80 -19.72
N ALA K 139 10.23 61.53 -20.76
CA ALA K 139 10.65 62.92 -20.63
C ALA K 139 11.71 62.94 -19.57
N VAL K 140 12.59 61.95 -19.61
CA VAL K 140 13.64 61.85 -18.63
C VAL K 140 14.73 62.76 -19.10
N TYR K 141 14.45 64.04 -19.18
CA TYR K 141 15.42 64.98 -19.68
C TYR K 141 16.43 65.43 -18.65
N PHE K 147 21.26 61.91 -20.94
CA PHE K 147 20.43 63.10 -21.08
C PHE K 147 19.64 63.04 -22.39
N LEU K 148 18.78 62.03 -22.49
CA LEU K 148 17.92 61.79 -23.66
C LEU K 148 16.59 62.48 -23.37
N ARG K 149 16.39 63.64 -23.99
CA ARG K 149 15.38 64.59 -23.53
C ARG K 149 13.94 64.08 -23.64
N ASN K 150 13.67 63.14 -24.55
CA ASN K 150 12.28 62.84 -24.91
C ASN K 150 12.02 61.35 -25.06
N GLU K 151 12.42 60.55 -24.07
CA GLU K 151 12.34 59.09 -24.21
C GLU K 151 10.90 58.56 -24.21
N THR K 152 10.13 58.81 -25.26
CA THR K 152 8.76 58.31 -25.31
C THR K 152 8.73 56.83 -25.68
N THR K 153 7.53 56.27 -25.62
CA THR K 153 7.25 54.93 -26.14
C THR K 153 5.78 54.87 -26.50
N THR K 154 5.44 53.90 -27.36
CA THR K 154 4.04 53.65 -27.72
C THR K 154 3.78 52.16 -27.57
N THR K 155 2.54 51.83 -27.20
CA THR K 155 2.15 50.45 -26.98
C THR K 155 0.72 50.23 -27.46
N LYS K 156 0.54 49.23 -28.32
CA LYS K 156 -0.80 48.89 -28.78
C LYS K 156 -1.61 48.26 -27.64
N GLY K 157 -2.90 48.57 -27.60
CA GLY K 157 -3.75 48.07 -26.55
C GLY K 157 -4.10 46.61 -26.72
N ASP K 158 -4.65 46.04 -25.65
CA ASP K 158 -5.07 44.65 -25.63
C ASP K 158 -6.58 44.57 -25.81
N TYR K 159 -7.02 43.57 -26.58
CA TYR K 159 -8.42 43.41 -26.93
C TYR K 159 -9.10 42.27 -26.18
N THR K 160 -8.47 41.76 -25.11
CA THR K 160 -9.00 40.59 -24.43
C THR K 160 -10.30 40.89 -23.69
N LYS K 161 -10.33 41.99 -22.93
CA LYS K 161 -11.53 42.33 -22.17
C LYS K 161 -12.69 42.67 -23.09
N LEU K 162 -12.42 43.40 -24.18
CA LEU K 162 -13.47 43.69 -25.15
C LEU K 162 -13.98 42.42 -25.81
N ALA K 163 -13.07 41.50 -26.15
CA ALA K 163 -13.48 40.25 -26.76
C ALA K 163 -14.36 39.44 -25.82
N SER K 164 -14.02 39.42 -24.53
CA SER K 164 -14.85 38.71 -23.56
C SER K 164 -16.19 39.39 -23.35
N ALA K 165 -16.24 40.73 -23.45
CA ALA K 165 -17.48 41.44 -23.22
C ALA K 165 -18.49 41.21 -24.34
N LEU K 166 -18.01 41.08 -25.58
CA LEU K 166 -18.89 40.93 -26.73
C LEU K 166 -19.14 39.46 -27.09
N SER K 167 -18.62 38.52 -26.30
CA SER K 167 -18.68 37.12 -26.70
C SER K 167 -20.10 36.57 -26.62
N SER K 168 -20.88 37.00 -25.63
CA SER K 168 -22.20 36.44 -25.37
C SER K 168 -23.35 37.27 -25.93
N ILE K 169 -23.05 38.30 -26.71
CA ILE K 169 -24.08 39.22 -27.17
C ILE K 169 -24.85 38.60 -28.33
N GLN K 170 -26.17 38.59 -28.21
CA GLN K 170 -27.07 38.19 -29.29
C GLN K 170 -27.97 39.36 -29.62
N GLY K 171 -28.02 39.74 -30.89
CA GLY K 171 -28.85 40.85 -31.32
C GLY K 171 -28.11 42.16 -31.29
N ALA K 172 -28.87 43.24 -31.13
CA ALA K 172 -28.31 44.58 -31.19
C ALA K 172 -27.81 45.02 -29.82
N ALA K 173 -26.56 45.48 -29.79
CA ALA K 173 -25.95 46.12 -28.62
C ALA K 173 -25.15 47.32 -29.15
N VAL K 174 -25.76 48.49 -29.11
CA VAL K 174 -25.26 49.69 -29.79
C VAL K 174 -24.97 50.77 -28.76
N SER K 175 -23.77 51.34 -28.82
CA SER K 175 -23.33 52.36 -27.88
C SER K 175 -23.37 53.73 -28.54
N ILE K 176 -23.93 54.71 -27.83
CA ILE K 176 -24.02 56.09 -28.27
C ILE K 176 -23.36 56.97 -27.22
N ALA K 177 -22.37 57.75 -27.64
CA ALA K 177 -21.67 58.67 -26.74
C ALA K 177 -22.25 60.07 -26.90
N MET K 178 -22.51 60.73 -25.77
CA MET K 178 -23.11 62.05 -25.77
C MET K 178 -22.44 62.96 -24.75
N GLY K 179 -21.16 62.73 -24.48
CA GLY K 179 -20.40 63.59 -23.61
C GLY K 179 -20.29 63.05 -22.20
N ASP K 180 -19.14 62.47 -21.85
CA ASP K 180 -18.87 61.84 -20.57
C ASP K 180 -20.03 60.97 -20.10
N TRP K 181 -20.79 60.41 -21.05
CA TRP K 181 -21.97 59.61 -20.75
C TRP K 181 -22.24 58.73 -21.95
N THR K 182 -22.29 57.42 -21.74
CA THR K 182 -22.51 56.45 -22.80
C THR K 182 -23.84 55.73 -22.56
N ALA K 183 -24.63 55.61 -23.61
CA ALA K 183 -25.90 54.88 -23.58
C ALA K 183 -25.77 53.63 -24.45
N LEU K 184 -25.97 52.47 -23.84
CA LEU K 184 -25.92 51.19 -24.51
C LEU K 184 -27.34 50.65 -24.65
N ILE K 185 -27.78 50.43 -25.89
CA ILE K 185 -29.11 49.91 -26.19
C ILE K 185 -28.97 48.46 -26.61
N ASN K 186 -29.70 47.56 -25.96
CA ASN K 186 -29.73 46.15 -26.32
C ASN K 186 -31.15 45.75 -26.69
N ALA K 187 -31.28 44.97 -27.76
CA ALA K 187 -32.58 44.56 -28.26
C ALA K 187 -32.43 43.29 -29.07
N VAL K 188 -33.28 42.30 -28.81
CA VAL K 188 -33.24 41.04 -29.54
C VAL K 188 -34.61 40.37 -29.45
N SER K 189 -34.96 39.62 -30.50
CA SER K 189 -36.15 38.80 -30.56
C SER K 189 -35.78 37.44 -31.13
N ASN K 190 -36.17 36.37 -30.44
CA ASN K 190 -35.83 35.01 -30.82
C ASN K 190 -37.08 34.18 -31.03
N ASP K 191 -37.05 33.29 -32.02
CA ASP K 191 -38.15 32.41 -32.35
C ASP K 191 -37.61 31.04 -32.75
N SER K 192 -38.30 29.98 -32.33
CA SER K 192 -37.85 28.62 -32.63
C SER K 192 -39.05 27.69 -32.74
N SER K 193 -38.92 26.69 -33.62
CA SER K 193 -39.97 25.70 -33.87
C SER K 193 -39.33 24.34 -34.12
N SER K 194 -40.07 23.29 -33.77
CA SER K 194 -39.59 21.92 -33.94
C SER K 194 -40.77 20.99 -34.15
N ASN K 195 -40.62 20.04 -35.07
CA ASN K 195 -41.70 19.13 -35.48
C ASN K 195 -41.09 17.78 -35.83
N ILE K 196 -41.43 16.75 -35.06
CA ILE K 196 -40.83 15.42 -35.19
C ILE K 196 -41.92 14.37 -35.26
N LEU K 197 -41.80 13.45 -36.23
CA LEU K 197 -42.66 12.29 -36.38
C LEU K 197 -41.81 11.04 -36.46
N SER K 198 -42.16 10.02 -35.67
CA SER K 198 -41.46 8.75 -35.68
C SER K 198 -42.46 7.60 -35.71
N SER K 199 -42.11 6.52 -36.41
CA SER K 199 -42.99 5.36 -36.56
C SER K 199 -42.21 4.05 -36.56
N PRO K 200 -41.94 3.49 -35.39
CA PRO K 200 -41.36 2.14 -35.34
C PRO K 200 -42.44 1.07 -35.44
N SER K 201 -42.06 -0.08 -36.02
CA SER K 201 -43.00 -1.16 -36.24
C SER K 201 -42.28 -2.50 -36.10
N ILE K 202 -43.04 -3.54 -35.74
CA ILE K 202 -42.48 -4.88 -35.59
C ILE K 202 -43.58 -5.92 -35.77
N THR K 203 -43.21 -7.08 -36.30
CA THR K 203 -44.12 -8.20 -36.50
C THR K 203 -43.76 -9.34 -35.56
N VAL K 204 -44.77 -9.87 -34.86
CA VAL K 204 -44.59 -10.94 -33.89
C VAL K 204 -45.65 -12.01 -34.11
N MET K 205 -45.49 -13.12 -33.42
CA MET K 205 -46.51 -14.15 -33.31
C MET K 205 -47.31 -13.94 -32.03
N ASP K 206 -48.49 -14.55 -31.99
CA ASP K 206 -49.33 -14.47 -30.81
C ASP K 206 -48.61 -15.07 -29.60
N ASN K 207 -48.66 -14.35 -28.49
CA ASN K 207 -48.08 -14.77 -27.20
C ASN K 207 -46.56 -14.78 -27.22
N GLY K 208 -45.94 -14.04 -28.14
CA GLY K 208 -44.49 -13.96 -28.22
C GLY K 208 -44.01 -12.55 -27.92
N GLU K 209 -42.77 -12.45 -27.47
CA GLU K 209 -42.16 -11.16 -27.16
C GLU K 209 -41.34 -10.66 -28.34
N ALA K 210 -41.39 -9.35 -28.58
CA ALA K 210 -40.63 -8.72 -29.65
C ALA K 210 -39.91 -7.49 -29.13
N SER K 211 -38.66 -7.32 -29.58
CA SER K 211 -37.82 -6.19 -29.20
C SER K 211 -37.34 -5.48 -30.45
N PHE K 212 -37.32 -4.15 -30.39
CA PHE K 212 -36.92 -3.30 -31.50
C PHE K 212 -36.11 -2.15 -30.94
N ILE K 213 -34.91 -1.93 -31.47
CA ILE K 213 -34.10 -0.77 -31.09
C ILE K 213 -33.44 -0.19 -32.32
N VAL K 214 -33.51 1.13 -32.47
CA VAL K 214 -32.68 1.87 -33.41
C VAL K 214 -31.98 2.95 -32.59
N GLY K 215 -30.67 2.86 -32.47
CA GLY K 215 -29.95 3.78 -31.61
C GLY K 215 -28.47 3.53 -31.42
N GLU K 216 -28.04 3.54 -30.17
CA GLU K 216 -26.64 3.56 -29.80
C GLU K 216 -26.44 2.78 -28.50
N GLU K 217 -25.22 2.27 -28.33
CA GLU K 217 -24.80 1.62 -27.10
C GLU K 217 -23.67 2.45 -26.48
N VAL K 218 -23.90 2.96 -25.28
CA VAL K 218 -23.07 3.98 -24.67
C VAL K 218 -22.51 3.42 -23.36
N PRO K 219 -21.22 3.58 -23.08
CA PRO K 219 -20.69 3.17 -21.78
C PRO K 219 -20.93 4.24 -20.72
N VAL K 220 -21.21 3.79 -19.50
CA VAL K 220 -21.44 4.67 -18.36
C VAL K 220 -20.70 4.13 -17.15
N ILE K 221 -20.44 5.02 -16.21
CA ILE K 221 -19.68 4.69 -15.00
C ILE K 221 -20.64 4.19 -13.93
N THR K 222 -20.29 3.07 -13.30
CA THR K 222 -21.06 2.47 -12.22
C THR K 222 -20.15 2.15 -11.04
N GLY K 223 -19.37 3.14 -10.60
CA GLY K 223 -18.37 2.89 -9.58
C GLY K 223 -16.95 3.21 -9.98
N SER K 224 -16.78 4.26 -10.79
CA SER K 224 -15.48 4.79 -11.24
C SER K 224 -14.29 4.48 -10.35
N ASP K 231 -6.58 9.28 -14.38
CA ASP K 231 -6.59 7.82 -14.56
C ASP K 231 -7.55 7.17 -13.56
N ASN K 232 -7.63 5.84 -13.60
CA ASN K 232 -8.52 5.11 -12.72
C ASN K 232 -8.09 3.65 -12.65
N PRO K 233 -7.99 3.05 -11.46
CA PRO K 233 -7.61 1.64 -11.36
C PRO K 233 -8.74 0.69 -11.74
N PHE K 234 -9.98 1.02 -11.36
CA PHE K 234 -11.14 0.22 -11.74
C PHE K 234 -12.36 1.12 -11.82
N GLN K 235 -12.99 1.17 -13.00
CA GLN K 235 -14.04 2.12 -13.29
C GLN K 235 -15.45 1.55 -13.13
N THR K 236 -15.61 0.22 -13.21
CA THR K 236 -16.91 -0.44 -13.18
C THR K 236 -17.86 0.14 -14.24
N VAL K 237 -17.47 -0.05 -15.50
CA VAL K 237 -18.21 0.50 -16.63
C VAL K 237 -19.26 -0.50 -17.09
N ASP K 238 -20.44 0.02 -17.44
CA ASP K 238 -21.51 -0.79 -17.99
C ASP K 238 -22.07 -0.11 -19.24
N ARG K 239 -22.44 -0.91 -20.23
CA ARG K 239 -22.89 -0.37 -21.51
C ARG K 239 -24.41 -0.46 -21.60
N LYS K 240 -25.04 0.68 -21.90
CA LYS K 240 -26.49 0.83 -21.92
C LYS K 240 -26.94 1.18 -23.32
N GLU K 241 -28.25 1.09 -23.55
CA GLU K 241 -28.85 1.30 -24.86
C GLU K 241 -29.68 2.58 -24.84
N VAL K 242 -29.51 3.40 -25.88
CA VAL K 242 -30.31 4.60 -26.08
C VAL K 242 -30.83 4.58 -27.50
N GLY K 243 -31.95 5.27 -27.73
CA GLY K 243 -32.53 5.30 -29.06
C GLY K 243 -34.03 5.23 -29.04
N ILE K 244 -34.60 4.71 -30.12
CA ILE K 244 -36.01 4.39 -30.19
C ILE K 244 -36.16 2.90 -29.89
N LYS K 245 -36.90 2.58 -28.82
CA LYS K 245 -37.01 1.23 -28.32
C LYS K 245 -38.47 0.86 -28.14
N LEU K 246 -38.81 -0.36 -28.56
CA LEU K 246 -40.16 -0.90 -28.46
C LEU K 246 -40.08 -2.36 -28.03
N LYS K 247 -40.59 -2.68 -26.86
CA LYS K 247 -40.76 -4.05 -26.40
C LYS K 247 -42.25 -4.34 -26.28
N VAL K 248 -42.70 -5.40 -26.94
CA VAL K 248 -44.13 -5.68 -27.00
C VAL K 248 -44.39 -7.17 -26.81
N VAL K 249 -45.43 -7.49 -26.05
CA VAL K 249 -45.99 -8.84 -26.01
C VAL K 249 -47.48 -8.75 -26.33
N PRO K 250 -47.92 -9.32 -27.45
CA PRO K 250 -49.34 -9.34 -27.78
C PRO K 250 -50.05 -10.62 -27.34
N GLN K 251 -51.37 -10.50 -27.19
CA GLN K 251 -52.24 -11.63 -26.91
C GLN K 251 -53.55 -11.39 -27.65
N ILE K 252 -53.80 -12.16 -28.69
CA ILE K 252 -55.05 -12.05 -29.43
C ILE K 252 -56.12 -12.86 -28.72
N ASN K 253 -57.28 -12.26 -28.51
CA ASN K 253 -58.43 -13.04 -28.11
C ASN K 253 -58.84 -13.97 -29.25
N GLU K 254 -59.87 -14.76 -29.02
CA GLU K 254 -60.33 -15.66 -30.08
C GLU K 254 -60.88 -14.90 -31.28
N GLY K 255 -61.13 -13.60 -31.15
CA GLY K 255 -61.72 -12.83 -32.22
C GLY K 255 -60.83 -11.72 -32.76
N ASN K 256 -61.25 -10.47 -32.58
CA ASN K 256 -60.60 -9.35 -33.25
C ASN K 256 -60.12 -8.27 -32.28
N SER K 257 -59.52 -8.67 -31.17
CA SER K 257 -58.96 -7.73 -30.21
C SER K 257 -57.60 -8.23 -29.75
N VAL K 258 -56.69 -7.29 -29.52
CA VAL K 258 -55.33 -7.60 -29.10
C VAL K 258 -55.05 -6.89 -27.79
N GLN K 259 -54.62 -7.65 -26.79
CA GLN K 259 -54.14 -7.11 -25.53
C GLN K 259 -52.62 -6.98 -25.63
N LEU K 260 -52.10 -5.79 -25.39
CA LEU K 260 -50.70 -5.49 -25.58
C LEU K 260 -50.05 -5.10 -24.27
N ASN K 261 -48.89 -5.72 -23.97
CA ASN K 261 -47.99 -5.25 -22.92
C ASN K 261 -46.85 -4.52 -23.62
N ILE K 262 -46.69 -3.23 -23.32
CA ILE K 262 -45.83 -2.33 -24.09
C ILE K 262 -44.85 -1.61 -23.17
N GLU K 263 -43.59 -1.57 -23.61
CA GLU K 263 -42.58 -0.65 -23.10
C GLU K 263 -42.03 0.13 -24.28
N GLN K 264 -42.27 1.44 -24.30
CA GLN K 264 -41.86 2.31 -25.40
C GLN K 264 -40.95 3.41 -24.87
N GLU K 265 -39.89 3.71 -25.62
CA GLU K 265 -38.91 4.67 -25.12
C GLU K 265 -38.25 5.42 -26.27
N VAL K 266 -38.05 6.72 -26.07
CA VAL K 266 -37.20 7.54 -26.93
C VAL K 266 -36.17 8.22 -26.04
N SER K 267 -34.89 7.97 -26.30
CA SER K 267 -33.84 8.49 -25.44
C SER K 267 -32.59 8.81 -26.25
N ASN K 268 -31.93 9.90 -25.89
CA ASN K 268 -30.67 10.28 -26.51
C ASN K 268 -29.66 10.71 -25.44
N VAL K 269 -28.43 10.97 -25.88
CA VAL K 269 -27.33 11.32 -24.99
C VAL K 269 -27.18 12.84 -24.97
N LEU K 270 -27.14 13.42 -23.77
CA LEU K 270 -26.82 14.81 -23.54
C LEU K 270 -25.53 14.89 -22.74
N GLY K 271 -24.70 15.88 -23.08
CA GLY K 271 -23.45 16.05 -22.37
C GLY K 271 -23.67 16.52 -20.95
N ALA K 272 -22.80 16.07 -20.06
CA ALA K 272 -22.88 16.47 -18.67
C ALA K 272 -22.48 17.93 -18.51
N ASN K 273 -23.32 18.70 -17.84
CA ASN K 273 -22.98 20.09 -17.55
C ASN K 273 -22.35 20.26 -16.17
N GLY K 274 -22.79 19.50 -15.18
CA GLY K 274 -22.14 19.51 -13.88
C GLY K 274 -22.12 18.15 -13.23
N ALA K 275 -22.46 17.11 -13.99
CA ALA K 275 -22.56 15.76 -13.49
C ALA K 275 -21.24 15.01 -13.68
N VAL K 276 -21.11 13.89 -12.98
CA VAL K 276 -19.89 13.09 -13.07
C VAL K 276 -19.77 12.42 -14.42
N ASP K 277 -20.91 12.05 -15.03
CA ASP K 277 -20.91 11.34 -16.30
C ASP K 277 -22.02 11.90 -17.19
N VAL K 278 -22.09 11.38 -18.41
CA VAL K 278 -23.05 11.88 -19.38
C VAL K 278 -24.48 11.60 -18.93
N ARG K 279 -25.41 12.40 -19.44
CA ARG K 279 -26.82 12.28 -19.11
C ARG K 279 -27.59 11.73 -20.30
N PHE K 280 -28.79 11.22 -20.02
CA PHE K 280 -29.69 10.71 -21.05
C PHE K 280 -30.99 11.49 -21.00
N ALA K 281 -31.37 12.08 -22.12
CA ALA K 281 -32.75 12.55 -22.28
C ALA K 281 -33.64 11.34 -22.53
N LYS K 282 -34.75 11.25 -21.79
CA LYS K 282 -35.52 10.02 -21.71
C LYS K 282 -37.01 10.32 -21.71
N ARG K 283 -37.75 9.60 -22.56
CA ARG K 283 -39.22 9.62 -22.56
C ARG K 283 -39.69 8.18 -22.64
N GLN K 284 -40.39 7.70 -21.61
CA GLN K 284 -40.73 6.29 -21.50
C GLN K 284 -42.18 6.10 -21.08
N LEU K 285 -42.85 5.15 -21.74
CA LEU K 285 -44.21 4.73 -21.38
C LEU K 285 -44.22 3.22 -21.19
N ASN K 286 -44.67 2.77 -20.02
CA ASN K 286 -44.83 1.35 -19.72
C ASN K 286 -46.28 1.10 -19.34
N THR K 287 -46.96 0.22 -20.07
CA THR K 287 -48.38 0.02 -19.81
C THR K 287 -48.86 -1.28 -20.47
N SER K 288 -50.16 -1.54 -20.31
CA SER K 288 -50.85 -2.65 -20.96
C SER K 288 -52.26 -2.19 -21.33
N VAL K 289 -52.66 -2.44 -22.57
CA VAL K 289 -53.91 -1.93 -23.11
C VAL K 289 -54.60 -3.00 -23.94
N MET K 290 -55.82 -2.66 -24.40
CA MET K 290 -56.59 -3.48 -25.33
C MET K 290 -56.95 -2.62 -26.54
N VAL K 291 -56.68 -3.13 -27.73
CA VAL K 291 -57.00 -2.42 -28.97
C VAL K 291 -57.76 -3.36 -29.90
N GLN K 292 -58.52 -2.77 -30.81
CA GLN K 292 -59.21 -3.55 -31.82
C GLN K 292 -58.25 -3.95 -32.94
N ASP K 293 -58.79 -4.69 -33.91
CA ASP K 293 -57.94 -5.34 -34.91
C ASP K 293 -57.13 -4.35 -35.72
N GLY K 294 -57.80 -3.32 -36.25
CA GLY K 294 -57.09 -2.37 -37.10
C GLY K 294 -57.33 -0.93 -36.72
N GLN K 295 -57.55 -0.67 -35.44
CA GLN K 295 -57.86 0.66 -34.95
C GLN K 295 -56.67 1.22 -34.18
N MET K 296 -56.74 2.52 -33.92
CA MET K 296 -55.67 3.23 -33.23
C MET K 296 -56.13 3.65 -31.84
N LEU K 297 -55.22 3.55 -30.88
CA LEU K 297 -55.47 3.96 -29.50
C LEU K 297 -54.35 4.89 -29.05
N VAL K 298 -54.69 5.88 -28.26
CA VAL K 298 -53.71 6.81 -27.70
C VAL K 298 -53.18 6.23 -26.39
N LEU K 299 -51.85 6.20 -26.25
CA LEU K 299 -51.22 5.63 -25.07
C LEU K 299 -50.89 6.68 -24.02
N GLY K 300 -50.47 7.86 -24.44
CA GLY K 300 -50.09 8.89 -23.49
C GLY K 300 -49.57 10.12 -24.22
N GLY K 301 -49.29 11.15 -23.43
CA GLY K 301 -48.84 12.41 -24.00
C GLY K 301 -48.60 13.43 -22.92
N LEU K 302 -48.24 14.63 -23.38
CA LEU K 302 -47.85 15.73 -22.50
C LEU K 302 -48.16 17.05 -23.20
N ILE K 303 -48.84 17.95 -22.48
CA ILE K 303 -49.03 19.33 -22.92
C ILE K 303 -48.35 20.23 -21.91
N ASP K 304 -47.41 21.05 -22.37
CA ASP K 304 -46.64 21.93 -21.50
C ASP K 304 -46.70 23.36 -22.05
N GLU K 305 -46.98 24.32 -21.18
CA GLU K 305 -46.95 25.74 -21.50
C GLU K 305 -46.16 26.47 -20.43
N ARG K 306 -45.46 27.53 -20.83
CA ARG K 306 -44.60 28.24 -19.89
C ARG K 306 -44.46 29.70 -20.34
N ALA K 307 -44.67 30.63 -19.41
CA ALA K 307 -44.49 32.06 -19.67
C ALA K 307 -43.65 32.66 -18.56
N LEU K 308 -42.65 33.45 -18.94
CA LEU K 308 -41.74 34.10 -18.02
C LEU K 308 -41.63 35.58 -18.35
N GLU K 309 -41.65 36.42 -17.32
CA GLU K 309 -41.51 37.86 -17.44
C GLU K 309 -40.50 38.36 -16.43
N SER K 310 -39.77 39.42 -16.80
CA SER K 310 -38.81 40.01 -15.89
C SER K 310 -38.59 41.47 -16.25
N GLU K 311 -38.42 42.30 -15.23
CA GLU K 311 -38.22 43.74 -15.41
C GLU K 311 -37.31 44.29 -14.32
N SER K 312 -36.39 45.17 -14.71
CA SER K 312 -35.59 45.94 -13.78
C SER K 312 -35.59 47.39 -14.24
N LYS K 313 -35.90 48.31 -13.33
CA LYS K 313 -36.06 49.71 -13.72
C LYS K 313 -35.62 50.63 -12.59
N VAL K 314 -35.39 51.88 -12.94
CA VAL K 314 -35.18 52.94 -11.95
C VAL K 314 -36.53 53.33 -11.37
N PRO K 315 -36.67 53.39 -10.04
CA PRO K 315 -37.99 53.43 -9.40
C PRO K 315 -38.99 54.43 -9.99
N LEU K 316 -38.66 55.72 -9.99
CA LEU K 316 -39.64 56.71 -10.43
C LEU K 316 -39.45 57.16 -11.87
N LEU K 317 -38.23 57.09 -12.39
CA LEU K 317 -37.95 57.51 -13.75
C LEU K 317 -38.46 56.52 -14.79
N GLY K 318 -38.62 55.25 -14.43
CA GLY K 318 -39.03 54.21 -15.33
C GLY K 318 -40.52 54.10 -15.56
N ASP K 319 -41.30 55.03 -15.01
CA ASP K 319 -42.75 55.05 -15.22
C ASP K 319 -43.21 56.29 -15.97
N ILE K 320 -42.29 57.12 -16.44
CA ILE K 320 -42.65 58.29 -17.26
C ILE K 320 -43.32 57.80 -18.54
N PRO K 321 -44.40 58.46 -19.00
CA PRO K 321 -45.17 57.88 -20.11
C PRO K 321 -44.38 57.61 -21.37
N LEU K 322 -43.39 58.44 -21.69
CA LEU K 322 -42.63 58.26 -22.93
C LEU K 322 -41.14 58.07 -22.71
N LEU K 323 -40.54 58.82 -21.81
CA LEU K 323 -39.09 58.77 -21.61
C LEU K 323 -38.65 57.66 -20.68
N GLY K 324 -39.58 56.86 -20.16
CA GLY K 324 -39.23 55.82 -19.20
C GLY K 324 -38.50 54.63 -19.80
N GLN K 325 -38.64 54.39 -21.10
CA GLN K 325 -37.94 53.26 -21.73
C GLN K 325 -36.43 53.41 -21.63
N LEU K 326 -35.93 54.62 -21.46
CA LEU K 326 -34.50 54.84 -21.29
C LEU K 326 -33.99 54.36 -19.94
N PHE K 327 -34.88 53.96 -19.03
CA PHE K 327 -34.49 53.54 -17.69
C PHE K 327 -35.12 52.20 -17.33
N ARG K 328 -35.15 51.26 -18.26
CA ARG K 328 -35.81 49.98 -18.05
C ARG K 328 -35.02 48.87 -18.75
N SER K 329 -35.25 47.65 -18.27
CA SER K 329 -34.73 46.44 -18.92
C SER K 329 -35.77 45.34 -18.75
N THR K 330 -36.27 44.82 -19.86
CA THR K 330 -37.39 43.90 -19.89
C THR K 330 -37.01 42.64 -20.66
N SER K 331 -37.46 41.48 -20.14
CA SER K 331 -37.28 40.19 -20.79
C SER K 331 -38.59 39.41 -20.71
N SER K 332 -38.97 38.79 -21.82
CA SER K 332 -40.17 37.95 -21.87
C SER K 332 -39.90 36.69 -22.67
N GLN K 333 -40.52 35.59 -22.25
CA GLN K 333 -40.30 34.28 -22.86
C GLN K 333 -41.58 33.45 -22.81
N VAL K 334 -41.84 32.71 -23.88
CA VAL K 334 -42.97 31.78 -23.98
C VAL K 334 -42.48 30.49 -24.62
N GLU K 335 -42.89 29.36 -24.05
CA GLU K 335 -42.51 28.04 -24.55
C GLU K 335 -43.72 27.11 -24.51
N LYS K 336 -43.90 26.34 -25.58
CA LYS K 336 -44.99 25.39 -25.70
C LYS K 336 -44.46 24.06 -26.21
N LYS K 337 -44.97 22.96 -25.65
CA LYS K 337 -44.53 21.62 -25.99
C LYS K 337 -45.73 20.68 -26.03
N ASN K 338 -45.77 19.82 -27.05
CA ASN K 338 -46.84 18.86 -27.25
C ASN K 338 -46.24 17.52 -27.65
N LEU K 339 -46.50 16.49 -26.87
CA LEU K 339 -45.99 15.15 -27.14
C LEU K 339 -47.15 14.17 -27.09
N MET K 340 -47.17 13.22 -28.03
CA MET K 340 -48.24 12.23 -28.06
C MET K 340 -47.73 10.91 -28.65
N VAL K 341 -48.27 9.81 -28.12
CA VAL K 341 -47.90 8.46 -28.55
C VAL K 341 -49.16 7.68 -28.87
N PHE K 342 -49.20 7.06 -30.05
CA PHE K 342 -50.29 6.21 -30.49
C PHE K 342 -49.75 4.83 -30.83
N ILE K 343 -50.61 3.83 -30.77
CA ILE K 343 -50.25 2.46 -31.14
C ILE K 343 -51.36 1.86 -31.99
N LYS K 344 -51.00 0.89 -32.83
CA LYS K 344 -51.96 0.27 -33.72
C LYS K 344 -51.55 -1.16 -34.06
N PRO K 345 -52.39 -2.15 -33.76
CA PRO K 345 -52.12 -3.52 -34.16
C PRO K 345 -52.81 -3.87 -35.47
N THR K 346 -52.41 -5.00 -36.04
CA THR K 346 -53.05 -5.56 -37.23
C THR K 346 -52.82 -7.06 -37.23
N ILE K 347 -53.90 -7.83 -37.29
CA ILE K 347 -53.81 -9.28 -37.22
C ILE K 347 -53.61 -9.85 -38.62
N ILE K 348 -52.57 -10.68 -38.77
CA ILE K 348 -52.31 -11.44 -39.98
C ILE K 348 -52.60 -12.90 -39.68
N ARG K 349 -53.57 -13.47 -40.38
CA ARG K 349 -53.95 -14.86 -40.19
C ARG K 349 -53.63 -15.75 -41.38
N ASP K 350 -53.60 -15.21 -42.59
CA ASP K 350 -53.31 -15.98 -43.79
C ASP K 350 -52.17 -15.35 -44.57
N GLY K 351 -51.76 -16.04 -45.63
CA GLY K 351 -50.64 -15.56 -46.42
C GLY K 351 -50.96 -14.37 -47.30
N VAL K 352 -52.24 -14.23 -47.70
CA VAL K 352 -52.61 -13.13 -48.59
C VAL K 352 -52.48 -11.79 -47.89
N THR K 353 -52.87 -11.71 -46.62
CA THR K 353 -52.76 -10.45 -45.87
C THR K 353 -51.30 -10.05 -45.70
N ALA K 354 -50.45 -11.00 -45.32
CA ALA K 354 -49.03 -10.73 -45.17
C ALA K 354 -48.41 -10.30 -46.49
N ASP K 355 -48.80 -10.96 -47.58
CA ASP K 355 -48.31 -10.59 -48.90
C ASP K 355 -48.72 -9.17 -49.25
N GLY K 356 -49.96 -8.79 -48.94
CA GLY K 356 -50.40 -7.44 -49.24
C GLY K 356 -49.61 -6.39 -48.47
N ILE K 357 -49.42 -6.61 -47.16
CA ILE K 357 -48.69 -5.64 -46.35
C ILE K 357 -47.24 -5.53 -46.84
N THR K 358 -46.60 -6.68 -47.09
CA THR K 358 -45.22 -6.67 -47.55
C THR K 358 -45.10 -5.99 -48.91
N GLN K 359 -46.05 -6.25 -49.81
CA GLN K 359 -46.02 -5.62 -51.12
C GLN K 359 -46.17 -4.12 -51.01
N ARG K 360 -47.04 -3.64 -50.12
CA ARG K 360 -47.20 -2.22 -49.93
C ARG K 360 -45.89 -1.57 -49.50
N LYS K 361 -45.26 -2.10 -48.44
CA LYS K 361 -44.03 -1.49 -47.95
C LYS K 361 -42.90 -1.58 -48.98
N TYR K 362 -42.76 -2.74 -49.62
CA TYR K 362 -41.73 -2.94 -50.63
C TYR K 362 -41.90 -1.97 -51.80
N ASN K 363 -43.13 -1.82 -52.29
CA ASN K 363 -43.37 -0.95 -53.42
C ASN K 363 -43.14 0.52 -53.06
N TYR K 364 -43.45 0.90 -51.81
CA TYR K 364 -43.13 2.25 -51.37
C TYR K 364 -41.62 2.51 -51.44
N ILE K 365 -40.83 1.61 -50.85
CA ILE K 365 -39.38 1.79 -50.86
C ILE K 365 -38.85 1.80 -52.29
N ARG K 366 -39.35 0.89 -53.13
CA ARG K 366 -38.86 0.79 -54.50
C ARG K 366 -39.24 2.02 -55.32
N ALA K 367 -40.41 2.60 -55.07
CA ALA K 367 -40.79 3.81 -55.78
C ALA K 367 -39.87 4.97 -55.41
N GLU K 368 -39.53 5.09 -54.12
CA GLU K 368 -38.56 6.11 -53.74
C GLU K 368 -37.23 5.88 -54.45
N GLN K 369 -36.77 4.63 -54.50
CA GLN K 369 -35.49 4.34 -55.15
C GLN K 369 -35.53 4.64 -56.65
N LEU K 370 -36.64 4.31 -57.31
CA LEU K 370 -36.76 4.60 -58.75
C LEU K 370 -36.76 6.10 -59.00
N PHE K 371 -37.44 6.87 -58.15
CA PHE K 371 -37.40 8.32 -58.31
C PHE K 371 -35.99 8.85 -58.13
N ARG K 372 -35.26 8.33 -57.14
CA ARG K 372 -33.87 8.75 -56.97
C ARG K 372 -33.01 8.34 -58.16
N ALA K 373 -33.35 7.24 -58.81
CA ALA K 373 -32.58 6.80 -59.98
C ALA K 373 -32.90 7.65 -61.20
N GLU K 374 -34.09 8.26 -61.26
CA GLU K 374 -34.37 9.19 -62.36
C GLU K 374 -33.43 10.39 -62.32
N LYS K 375 -33.24 10.97 -61.15
CA LYS K 375 -32.26 12.05 -60.95
C LYS K 375 -31.00 11.43 -60.36
N GLY K 376 -30.16 10.88 -61.23
CA GLY K 376 -29.05 10.08 -60.82
C GLY K 376 -27.96 10.86 -60.12
N LEU K 377 -26.81 10.21 -59.97
CA LEU K 377 -25.68 10.81 -59.27
C LEU K 377 -25.19 12.06 -59.99
N ARG K 378 -24.74 13.03 -59.21
CA ARG K 378 -24.43 14.34 -59.75
C ARG K 378 -23.28 14.28 -60.75
N LEU K 379 -22.20 13.58 -60.40
CA LEU K 379 -21.03 13.51 -61.28
C LEU K 379 -20.56 12.07 -61.46
N LEU K 380 -21.48 11.11 -61.47
CA LEU K 380 -21.15 9.71 -61.69
C LEU K 380 -22.22 9.10 -62.57
N ASP K 381 -22.17 7.78 -62.71
CA ASP K 381 -23.16 7.07 -63.51
C ASP K 381 -24.52 7.08 -62.83
N ASP K 382 -25.58 7.25 -63.63
CA ASP K 382 -26.93 7.28 -63.10
C ASP K 382 -27.48 5.89 -62.81
N ALA K 383 -26.83 4.83 -63.30
CA ALA K 383 -27.27 3.47 -63.08
C ALA K 383 -26.63 2.82 -61.86
N SER K 384 -25.74 3.52 -61.17
CA SER K 384 -25.11 2.98 -59.98
C SER K 384 -25.97 3.12 -58.74
N VAL K 385 -27.11 3.79 -58.83
CA VAL K 385 -28.01 3.94 -57.68
C VAL K 385 -28.65 2.59 -57.37
N PRO K 386 -28.63 2.14 -56.12
CA PRO K 386 -29.28 0.86 -55.79
C PRO K 386 -30.78 0.97 -55.91
N VAL K 387 -31.37 0.05 -56.68
CA VAL K 387 -32.81 -0.02 -56.88
C VAL K 387 -33.25 -1.46 -56.65
N LEU K 388 -34.30 -1.65 -55.87
CA LEU K 388 -34.79 -2.98 -55.59
C LEU K 388 -35.37 -3.62 -56.87
N PRO K 389 -35.26 -4.94 -57.00
CA PRO K 389 -35.92 -5.62 -58.11
C PRO K 389 -37.43 -5.59 -57.95
N LYS K 390 -38.12 -6.01 -59.00
CA LYS K 390 -39.56 -6.12 -58.93
C LYS K 390 -39.95 -7.17 -57.91
N PHE K 391 -41.14 -7.02 -57.33
CA PHE K 391 -41.58 -7.89 -56.24
C PHE K 391 -41.54 -9.36 -56.65
N GLY K 392 -40.65 -10.12 -56.03
CA GLY K 392 -40.48 -11.51 -56.39
C GLY K 392 -39.80 -11.76 -57.71
N ASP K 393 -38.64 -11.11 -57.95
CA ASP K 393 -37.97 -11.24 -59.23
C ASP K 393 -36.49 -11.59 -59.08
N ASP K 394 -35.92 -11.32 -57.91
CA ASP K 394 -34.52 -11.63 -57.60
C ASP K 394 -33.55 -10.80 -58.43
N ARG K 395 -32.27 -10.87 -58.07
CA ARG K 395 -31.27 -9.97 -58.64
C ARG K 395 -31.04 -10.23 -60.12
N ARG K 396 -30.62 -9.18 -60.83
CA ARG K 396 -30.24 -9.25 -62.24
C ARG K 396 -28.96 -8.45 -62.44
N HIS K 397 -28.24 -8.78 -63.50
CA HIS K 397 -27.00 -8.09 -63.81
C HIS K 397 -27.29 -6.68 -64.31
N SER K 398 -26.26 -5.82 -64.24
CA SER K 398 -26.34 -4.49 -64.81
C SER K 398 -26.32 -4.58 -66.33
N PRO K 399 -26.80 -3.54 -67.03
CA PRO K 399 -26.91 -3.64 -68.50
C PRO K 399 -25.58 -3.93 -69.20
N GLU K 400 -24.46 -3.44 -68.68
CA GLU K 400 -23.18 -3.70 -69.32
C GLU K 400 -22.83 -5.19 -69.24
N ILE K 401 -22.96 -5.78 -68.05
CA ILE K 401 -22.70 -7.21 -67.90
C ILE K 401 -23.71 -8.02 -68.71
N GLN K 402 -24.96 -7.56 -68.77
CA GLN K 402 -25.96 -8.27 -69.56
C GLN K 402 -25.59 -8.29 -71.03
N ALA K 403 -25.14 -7.15 -71.57
CA ALA K 403 -24.71 -7.10 -72.96
C ALA K 403 -23.47 -7.97 -73.18
N PHE K 404 -22.54 -7.96 -72.21
CA PHE K 404 -21.34 -8.79 -72.33
C PHE K 404 -21.68 -10.27 -72.36
N ILE K 405 -22.65 -10.69 -71.55
CA ILE K 405 -23.02 -12.10 -71.51
C ILE K 405 -23.88 -12.46 -72.72
N GLU K 406 -24.60 -11.49 -73.29
CA GLU K 406 -25.36 -11.77 -74.51
C GLU K 406 -24.43 -11.92 -75.70
N GLN K 407 -23.38 -11.11 -75.77
CA GLN K 407 -22.41 -11.24 -76.85
C GLN K 407 -21.67 -12.56 -76.77
N MET K 408 -21.31 -12.98 -75.56
CA MET K 408 -20.62 -14.26 -75.36
C MET K 408 -21.57 -15.43 -75.53
N GLY L 2 -65.12 -38.00 -21.77
CA GLY L 2 -64.52 -36.69 -21.78
C GLY L 2 -63.73 -36.40 -20.51
N ASN L 3 -62.75 -37.26 -20.22
CA ASN L 3 -61.93 -37.09 -19.02
C ASN L 3 -60.89 -35.98 -19.18
N ASN L 4 -60.60 -35.56 -20.41
CA ASN L 4 -59.62 -34.51 -20.65
C ASN L 4 -60.24 -33.43 -21.52
N ARG L 5 -59.92 -32.17 -21.21
CA ARG L 5 -60.35 -31.04 -22.02
C ARG L 5 -59.19 -30.08 -22.21
N VAL L 6 -59.21 -29.38 -23.33
CA VAL L 6 -58.27 -28.30 -23.63
C VAL L 6 -59.09 -27.03 -23.83
N VAL L 7 -58.83 -26.02 -23.01
CA VAL L 7 -59.59 -24.78 -23.02
C VAL L 7 -58.69 -23.66 -23.53
N TYR L 8 -59.16 -22.96 -24.55
CA TYR L 8 -58.46 -21.79 -25.08
C TYR L 8 -58.99 -20.55 -24.40
N LEU L 9 -58.10 -19.80 -23.74
CA LEU L 9 -58.50 -18.62 -22.99
C LEU L 9 -58.50 -17.38 -23.88
N LYS L 10 -59.51 -16.54 -23.68
CA LYS L 10 -59.65 -15.32 -24.46
C LYS L 10 -58.90 -14.15 -23.83
N TYR L 11 -59.10 -13.91 -22.54
CA TYR L 11 -58.60 -12.71 -21.89
C TYR L 11 -57.62 -12.95 -20.75
N ALA L 12 -57.62 -14.14 -20.15
CA ALA L 12 -56.76 -14.41 -19.02
C ALA L 12 -55.47 -15.09 -19.47
N LYS L 13 -54.56 -15.25 -18.52
CA LYS L 13 -53.29 -15.95 -18.73
C LYS L 13 -53.35 -17.28 -17.99
N ALA L 14 -53.00 -18.36 -18.70
CA ALA L 14 -53.18 -19.70 -18.15
C ALA L 14 -52.30 -19.94 -16.93
N GLU L 15 -51.06 -19.46 -16.98
CA GLU L 15 -50.16 -19.60 -15.83
C GLU L 15 -50.76 -18.96 -14.58
N ASP L 16 -51.51 -17.88 -14.75
CA ASP L 16 -52.19 -17.27 -13.60
C ASP L 16 -53.30 -18.17 -13.07
N LEU L 17 -54.10 -18.76 -13.96
CA LEU L 17 -55.24 -19.55 -13.54
C LEU L 17 -54.85 -20.91 -12.95
N VAL L 18 -53.65 -21.40 -13.25
CA VAL L 18 -53.24 -22.71 -12.73
C VAL L 18 -53.22 -22.68 -11.20
N GLU L 19 -52.61 -21.63 -10.62
CA GLU L 19 -52.52 -21.54 -9.17
C GLU L 19 -53.90 -21.43 -8.54
N VAL L 20 -54.79 -20.63 -9.14
CA VAL L 20 -56.12 -20.46 -8.60
C VAL L 20 -56.89 -21.78 -8.64
N LEU L 21 -56.82 -22.49 -9.75
CA LEU L 21 -57.62 -23.70 -9.93
C LEU L 21 -57.04 -24.92 -9.24
N LYS L 22 -55.79 -24.89 -8.80
CA LYS L 22 -55.23 -26.03 -8.09
C LYS L 22 -56.04 -26.37 -6.85
N GLY L 23 -56.42 -25.35 -6.07
CA GLY L 23 -57.20 -25.59 -4.87
C GLY L 23 -58.60 -26.10 -5.17
N VAL L 24 -59.27 -25.50 -6.16
CA VAL L 24 -60.64 -25.90 -6.49
C VAL L 24 -60.66 -27.33 -7.01
N SER L 25 -59.68 -27.70 -7.85
CA SER L 25 -59.66 -29.04 -8.42
C SER L 25 -59.50 -30.09 -7.33
N GLU L 26 -58.64 -29.84 -6.35
CA GLU L 26 -58.42 -30.77 -5.26
C GLU L 26 -59.54 -30.69 -4.24
N VAL L 45 -57.01 -35.12 -10.30
CA VAL L 45 -57.24 -33.85 -10.97
C VAL L 45 -55.91 -33.18 -11.30
N MET L 46 -55.67 -32.93 -12.59
CA MET L 46 -54.44 -32.29 -13.02
C MET L 46 -54.76 -31.09 -13.90
N ILE L 47 -54.00 -30.01 -13.68
CA ILE L 47 -54.12 -28.75 -14.40
C ILE L 47 -52.76 -28.40 -14.97
N ALA L 48 -52.69 -28.12 -16.27
CA ALA L 48 -51.44 -27.71 -16.89
C ALA L 48 -51.70 -26.52 -17.81
N ALA L 49 -50.65 -25.74 -18.05
CA ALA L 49 -50.74 -24.56 -18.90
C ALA L 49 -49.77 -24.67 -20.06
N HIS L 50 -50.25 -24.40 -21.26
CA HIS L 50 -49.42 -24.25 -22.45
C HIS L 50 -49.38 -22.77 -22.78
N ALA L 51 -48.20 -22.16 -22.61
CA ALA L 51 -48.08 -20.71 -22.72
C ALA L 51 -48.12 -20.22 -24.17
N ASP L 52 -47.59 -21.01 -25.10
CA ASP L 52 -47.48 -20.55 -26.49
C ASP L 52 -48.85 -20.38 -27.12
N THR L 53 -49.79 -21.26 -26.81
CA THR L 53 -51.15 -21.16 -27.30
C THR L 53 -52.11 -20.58 -26.26
N ASN L 54 -51.62 -20.27 -25.06
CA ASN L 54 -52.43 -19.76 -23.96
C ASN L 54 -53.63 -20.68 -23.68
N SER L 55 -53.31 -21.93 -23.36
CA SER L 55 -54.34 -22.95 -23.19
C SER L 55 -54.18 -23.66 -21.85
N LEU L 56 -55.29 -24.15 -21.33
CA LEU L 56 -55.31 -24.98 -20.13
C LEU L 56 -55.66 -26.41 -20.52
N VAL L 57 -54.86 -27.36 -20.03
CA VAL L 57 -55.14 -28.78 -20.19
C VAL L 57 -55.64 -29.29 -18.85
N LEU L 58 -56.86 -29.81 -18.82
CA LEU L 58 -57.53 -30.18 -17.59
C LEU L 58 -57.91 -31.66 -17.67
N THR L 59 -57.59 -32.42 -16.62
CA THR L 59 -58.07 -33.79 -16.51
C THR L 59 -58.68 -34.01 -15.13
N ALA L 60 -59.91 -34.50 -15.11
CA ALA L 60 -60.71 -34.63 -13.91
C ALA L 60 -62.01 -35.36 -14.25
N PRO L 61 -62.68 -35.95 -13.26
CA PRO L 61 -64.01 -36.52 -13.50
C PRO L 61 -65.06 -35.48 -13.86
N GLN L 62 -66.27 -35.93 -14.18
CA GLN L 62 -67.26 -35.06 -14.82
C GLN L 62 -67.67 -33.89 -13.91
N ASP L 63 -67.92 -34.16 -12.63
CA ASP L 63 -68.45 -33.11 -11.76
C ASP L 63 -67.40 -32.02 -11.50
N ILE L 64 -66.18 -32.43 -11.13
CA ILE L 64 -65.10 -31.48 -10.95
C ILE L 64 -64.83 -30.75 -12.25
N MET L 65 -64.93 -31.45 -13.38
CA MET L 65 -64.73 -30.83 -14.68
C MET L 65 -65.74 -29.70 -14.92
N ASN L 66 -67.01 -29.97 -14.66
CA ASN L 66 -68.05 -28.95 -14.88
C ASN L 66 -67.85 -27.76 -13.95
N ALA L 67 -67.53 -28.02 -12.68
CA ALA L 67 -67.30 -26.93 -11.74
C ALA L 67 -66.11 -26.06 -12.18
N MET L 68 -65.02 -26.71 -12.59
CA MET L 68 -63.84 -25.97 -13.02
C MET L 68 -64.13 -25.17 -14.29
N LEU L 69 -64.91 -25.72 -15.20
CA LEU L 69 -65.26 -24.99 -16.41
C LEU L 69 -66.09 -23.76 -16.08
N GLU L 70 -67.03 -23.88 -15.13
CA GLU L 70 -67.80 -22.72 -14.71
C GLU L 70 -66.90 -21.65 -14.10
N VAL L 71 -65.95 -22.06 -13.24
CA VAL L 71 -65.04 -21.09 -12.64
C VAL L 71 -64.19 -20.40 -13.69
N ILE L 72 -63.67 -21.16 -14.65
CA ILE L 72 -62.87 -20.58 -15.72
C ILE L 72 -63.69 -19.59 -16.53
N GLY L 73 -64.92 -19.98 -16.88
CA GLY L 73 -65.77 -19.07 -17.62
C GLY L 73 -66.07 -17.79 -16.87
N GLN L 74 -66.17 -17.87 -15.55
CA GLN L 74 -66.41 -16.66 -14.77
C GLN L 74 -65.17 -15.78 -14.63
N LEU L 75 -63.97 -16.37 -14.59
CA LEU L 75 -62.76 -15.58 -14.47
C LEU L 75 -62.17 -15.13 -15.80
N ASP L 76 -62.63 -15.66 -16.93
CA ASP L 76 -62.08 -15.33 -18.24
C ASP L 76 -62.97 -14.29 -18.90
N ILE L 77 -62.84 -13.04 -18.45
CA ILE L 77 -63.66 -11.95 -18.95
C ILE L 77 -62.79 -10.75 -19.28
N ARG L 78 -63.41 -9.76 -19.90
CA ARG L 78 -62.73 -8.57 -20.37
C ARG L 78 -62.59 -7.53 -19.27
N ARG L 79 -61.45 -6.84 -19.26
CA ARG L 79 -61.20 -5.73 -18.35
C ARG L 79 -61.39 -4.42 -19.08
N ALA L 80 -61.90 -3.42 -18.35
CA ALA L 80 -62.04 -2.08 -18.87
C ALA L 80 -60.71 -1.34 -18.75
N GLN L 81 -60.66 -0.16 -19.37
CA GLN L 81 -59.46 0.66 -19.36
C GLN L 81 -59.75 2.02 -18.72
N VAL L 82 -58.69 2.67 -18.25
CA VAL L 82 -58.79 3.99 -17.67
C VAL L 82 -57.76 4.91 -18.32
N LEU L 83 -58.22 6.07 -18.79
CA LEU L 83 -57.34 7.16 -19.18
C LEU L 83 -57.22 8.10 -18.00
N ILE L 84 -55.99 8.38 -17.57
CA ILE L 84 -55.73 9.19 -16.39
C ILE L 84 -54.94 10.41 -16.82
N GLU L 85 -55.47 11.60 -16.50
CA GLU L 85 -54.84 12.86 -16.83
C GLU L 85 -54.55 13.64 -15.56
N ALA L 86 -53.32 14.13 -15.43
CA ALA L 86 -52.94 14.99 -14.32
C ALA L 86 -52.77 16.42 -14.82
N LEU L 87 -52.94 17.38 -13.91
CA LEU L 87 -52.85 18.80 -14.24
C LEU L 87 -52.06 19.49 -13.15
N ILE L 88 -50.90 20.04 -13.50
CA ILE L 88 -50.02 20.72 -12.57
C ILE L 88 -50.01 22.19 -12.94
N VAL L 89 -50.36 23.05 -11.97
CA VAL L 89 -50.41 24.50 -12.16
C VAL L 89 -49.42 25.12 -11.19
N GLU L 90 -48.57 26.01 -11.70
CA GLU L 90 -47.60 26.73 -10.89
C GLU L 90 -47.63 28.21 -11.27
N MET L 91 -47.69 29.08 -10.27
CA MET L 91 -47.66 30.53 -10.46
C MET L 91 -46.73 31.14 -9.44
N ALA L 92 -45.88 32.06 -9.88
CA ALA L 92 -44.97 32.75 -8.97
C ALA L 92 -44.94 34.23 -9.34
N GLU L 93 -44.84 35.07 -8.30
CA GLU L 93 -44.75 36.51 -8.44
C GLU L 93 -43.73 37.06 -7.46
N GLY L 94 -43.00 38.09 -7.88
CA GLY L 94 -42.01 38.70 -7.01
C GLY L 94 -41.77 40.17 -7.29
N ASP L 95 -41.52 40.95 -6.24
CA ASP L 95 -41.32 42.39 -6.36
C ASP L 95 -40.36 42.88 -5.29
N GLY L 96 -39.42 43.75 -5.66
CA GLY L 96 -38.45 44.26 -4.72
C GLY L 96 -38.04 45.68 -5.05
N ILE L 97 -37.61 46.40 -4.02
CA ILE L 97 -37.13 47.77 -4.18
C ILE L 97 -35.96 48.01 -3.24
N ASN L 98 -34.93 48.68 -3.73
CA ASN L 98 -33.76 49.09 -2.97
C ASN L 98 -33.49 50.56 -3.21
N LEU L 99 -33.23 51.31 -2.12
CA LEU L 99 -32.97 52.74 -2.25
C LEU L 99 -32.04 53.18 -1.12
N GLY L 100 -30.97 53.89 -1.47
CA GLY L 100 -30.03 54.34 -0.45
C GLY L 100 -29.09 55.42 -0.93
N VAL L 101 -28.52 56.14 0.04
CA VAL L 101 -27.53 57.19 -0.19
C VAL L 101 -26.35 56.95 0.74
N GLN L 102 -25.14 57.06 0.18
CA GLN L 102 -23.90 56.86 0.92
C GLN L 102 -23.02 58.08 0.75
N TRP L 103 -22.26 58.41 1.81
CA TRP L 103 -21.33 59.53 1.78
C TRP L 103 -19.93 59.04 2.10
N GLY L 104 -18.96 59.59 1.39
CA GLY L 104 -17.58 59.14 1.55
C GLY L 104 -16.61 60.26 1.35
N SER L 105 -15.41 60.09 1.89
CA SER L 105 -14.31 61.01 1.70
C SER L 105 -13.01 60.25 1.94
N LEU L 106 -12.05 60.42 1.03
CA LEU L 106 -10.82 59.65 1.07
C LEU L 106 -9.62 60.41 1.64
N GLU L 107 -9.69 61.75 1.71
CA GLU L 107 -8.63 62.49 2.38
C GLU L 107 -8.51 62.09 3.84
N SER L 108 -9.63 61.96 4.53
CA SER L 108 -9.73 61.26 5.79
C SER L 108 -10.34 59.89 5.53
N GLY L 109 -10.63 59.16 6.59
CA GLY L 109 -11.29 57.88 6.42
C GLY L 109 -12.79 57.92 6.56
N SER L 110 -13.40 59.10 6.50
CA SER L 110 -14.81 59.24 6.82
C SER L 110 -15.68 58.60 5.75
N VAL L 111 -16.60 57.74 6.18
CA VAL L 111 -17.58 57.11 5.30
C VAL L 111 -18.91 57.02 6.04
N ILE L 112 -20.00 57.12 5.29
CA ILE L 112 -21.31 56.68 5.74
C ILE L 112 -21.69 55.53 4.82
N GLN L 113 -21.40 54.30 5.26
CA GLN L 113 -21.39 53.13 4.39
C GLN L 113 -22.54 52.19 4.73
N TYR L 114 -23.11 51.59 3.69
CA TYR L 114 -24.15 50.59 3.82
C TYR L 114 -23.85 49.44 2.87
N GLY L 115 -23.56 48.27 3.42
CA GLY L 115 -23.24 47.10 2.61
C GLY L 115 -24.42 46.34 2.08
N ASN L 116 -25.63 46.64 2.55
CA ASN L 116 -26.82 45.98 2.03
C ASN L 116 -26.97 46.24 0.54
N THR L 117 -26.75 47.49 0.12
CA THR L 117 -26.71 47.82 -1.29
C THR L 117 -25.53 47.14 -1.96
N GLY L 118 -25.67 46.85 -3.25
CA GLY L 118 -24.64 46.12 -3.96
C GLY L 118 -23.46 46.97 -4.39
N ALA L 119 -23.16 48.00 -3.62
CA ALA L 119 -22.04 48.89 -3.94
C ALA L 119 -21.63 49.61 -2.67
N SER L 120 -20.35 49.49 -2.30
CA SER L 120 -19.81 50.16 -1.12
C SER L 120 -18.97 51.34 -1.58
N ILE L 121 -19.15 52.48 -0.90
CA ILE L 121 -18.54 53.72 -1.37
C ILE L 121 -17.02 53.67 -1.25
N GLY L 122 -16.49 53.00 -0.23
CA GLY L 122 -15.04 52.93 -0.07
C GLY L 122 -14.36 52.22 -1.21
N ASN L 123 -14.91 51.06 -1.60
CA ASN L 123 -14.34 50.32 -2.72
C ASN L 123 -14.43 51.11 -4.02
N VAL L 124 -15.55 51.82 -4.23
CA VAL L 124 -15.72 52.62 -5.43
C VAL L 124 -14.67 53.73 -5.47
N MET L 125 -14.48 54.44 -4.35
CA MET L 125 -13.53 55.54 -4.32
C MET L 125 -12.10 55.06 -4.51
N ILE L 126 -11.73 53.97 -3.85
CA ILE L 126 -10.36 53.47 -3.99
C ILE L 126 -10.12 52.96 -5.41
N GLY L 127 -11.09 52.24 -5.98
CA GLY L 127 -10.93 51.79 -7.35
C GLY L 127 -10.85 52.94 -8.35
N LEU L 128 -11.59 54.01 -8.08
CA LEU L 128 -11.47 55.21 -8.91
C LEU L 128 -10.08 55.81 -8.80
N GLU L 129 -9.53 55.83 -7.58
CA GLU L 129 -8.19 56.38 -7.38
C GLU L 129 -7.14 55.55 -8.10
N GLU L 130 -7.23 54.22 -8.01
CA GLU L 130 -6.21 53.37 -8.63
C GLU L 130 -6.26 53.39 -10.15
N ALA L 131 -7.31 53.94 -10.74
CA ALA L 131 -7.45 53.98 -12.20
C ALA L 131 -6.91 55.27 -12.80
N LYS L 132 -6.32 56.15 -12.00
CA LYS L 132 -5.77 57.41 -12.48
C LYS L 132 -4.35 57.23 -12.98
N ASP L 133 -3.88 58.20 -13.75
CA ASP L 133 -2.54 58.19 -14.31
C ASP L 133 -1.55 58.75 -13.30
N THR L 134 -0.42 58.05 -13.14
CA THR L 134 0.57 58.37 -12.12
C THR L 134 1.89 58.79 -12.75
N THR L 135 2.54 59.80 -12.13
CA THR L 135 3.85 60.29 -12.58
C THR L 135 4.88 60.09 -11.48
N GLN L 136 5.83 59.20 -11.72
CA GLN L 136 6.91 59.03 -10.76
C GLN L 136 8.07 59.92 -11.19
N THR L 137 8.05 61.19 -10.85
CA THR L 137 9.10 62.10 -11.32
C THR L 137 10.34 62.04 -10.43
N LYS L 138 11.39 61.40 -10.92
CA LYS L 138 12.59 61.25 -10.11
C LYS L 138 13.26 62.55 -9.77
N ALA L 139 13.38 63.47 -10.70
CA ALA L 139 14.05 64.74 -10.45
C ALA L 139 15.37 64.42 -9.83
N VAL L 140 16.02 63.38 -10.35
CA VAL L 140 17.29 62.96 -9.81
C VAL L 140 18.32 63.84 -10.44
N TYR L 141 18.24 65.14 -10.16
CA TYR L 141 19.15 66.07 -10.78
C TYR L 141 20.49 66.17 -10.08
N PHE L 147 23.73 62.86 -14.48
CA PHE L 147 23.12 64.12 -14.11
C PHE L 147 21.96 64.44 -15.07
N LEU L 148 20.96 63.56 -15.06
CA LEU L 148 19.76 63.69 -15.90
C LEU L 148 18.71 64.41 -15.06
N ARG L 149 18.52 65.70 -15.33
CA ARG L 149 17.87 66.61 -14.39
C ARG L 149 16.42 66.27 -14.11
N ASN L 150 15.71 65.60 -15.03
CA ASN L 150 14.26 65.53 -14.96
C ASN L 150 13.72 64.14 -15.30
N GLU L 151 14.26 63.10 -14.68
CA GLU L 151 13.90 61.73 -15.05
C GLU L 151 12.47 61.34 -14.68
N THR L 152 11.47 61.92 -15.33
CA THR L 152 10.08 61.57 -15.02
C THR L 152 9.69 60.23 -15.63
N THR L 153 8.50 59.78 -15.30
CA THR L 153 7.86 58.63 -15.93
C THR L 153 6.36 58.79 -15.80
N THR L 154 5.62 58.10 -16.65
CA THR L 154 4.16 58.07 -16.56
C THR L 154 3.71 56.62 -16.62
N THR L 155 2.61 56.32 -15.95
CA THR L 155 2.08 54.97 -15.87
C THR L 155 0.56 55.00 -15.88
N LYS L 156 -0.04 54.26 -16.79
CA LYS L 156 -1.50 54.17 -16.84
C LYS L 156 -2.01 53.37 -15.64
N GLY L 157 -3.16 53.78 -15.11
CA GLY L 157 -3.72 53.13 -13.94
C GLY L 157 -4.34 51.78 -14.27
N ASP L 158 -4.62 51.03 -13.21
CA ASP L 158 -5.23 49.72 -13.32
C ASP L 158 -6.72 49.82 -12.99
N TYR L 159 -7.53 49.08 -13.75
CA TYR L 159 -8.98 49.13 -13.64
C TYR L 159 -9.57 47.92 -12.93
N THR L 160 -8.74 47.12 -12.26
CA THR L 160 -9.22 45.87 -11.69
C THR L 160 -10.17 46.11 -10.51
N LYS L 161 -9.77 46.99 -9.59
CA LYS L 161 -10.62 47.25 -8.42
C LYS L 161 -11.93 47.91 -8.82
N LEU L 162 -11.89 48.85 -9.76
CA LEU L 162 -13.12 49.46 -10.25
C LEU L 162 -14.01 48.43 -10.94
N ALA L 163 -13.41 47.54 -11.73
CA ALA L 163 -14.20 46.51 -12.40
C ALA L 163 -14.86 45.59 -11.39
N SER L 164 -14.15 45.23 -10.32
CA SER L 164 -14.75 44.39 -9.28
C SER L 164 -15.84 45.13 -8.51
N ALA L 165 -15.68 46.44 -8.33
CA ALA L 165 -16.66 47.21 -7.56
C ALA L 165 -17.99 47.34 -8.30
N LEU L 166 -17.95 47.46 -9.63
CA LEU L 166 -19.14 47.66 -10.43
C LEU L 166 -19.73 46.36 -10.95
N SER L 167 -19.16 45.21 -10.59
CA SER L 167 -19.57 43.96 -11.19
C SER L 167 -20.96 43.54 -10.75
N SER L 168 -21.32 43.79 -9.50
CA SER L 168 -22.57 43.30 -8.92
C SER L 168 -23.68 44.35 -8.90
N ILE L 169 -23.48 45.51 -9.53
CA ILE L 169 -24.43 46.61 -9.42
C ILE L 169 -25.60 46.35 -10.35
N GLN L 170 -26.81 46.44 -9.81
CA GLN L 170 -28.04 46.38 -10.58
C GLN L 170 -28.81 47.68 -10.36
N GLY L 171 -29.17 48.35 -11.43
CA GLY L 171 -29.89 49.60 -11.33
C GLY L 171 -28.98 50.80 -11.32
N ALA L 172 -29.47 51.87 -10.69
CA ALA L 172 -28.74 53.13 -10.68
C ALA L 172 -27.77 53.18 -9.50
N ALA L 173 -26.52 53.50 -9.80
CA ALA L 173 -25.48 53.79 -8.80
C ALA L 173 -24.70 55.00 -9.33
N VAL L 174 -25.07 56.18 -8.86
CA VAL L 174 -24.61 57.45 -9.43
C VAL L 174 -23.84 58.23 -8.36
N SER L 175 -22.65 58.68 -8.71
CA SER L 175 -21.77 59.40 -7.79
C SER L 175 -21.78 60.89 -8.12
N ILE L 176 -21.92 61.72 -7.09
CA ILE L 176 -21.93 63.17 -7.21
C ILE L 176 -20.83 63.71 -6.29
N ALA L 177 -19.91 64.48 -6.85
CA ALA L 177 -18.82 65.09 -6.09
C ALA L 177 -19.19 66.53 -5.76
N MET L 178 -18.97 66.93 -4.50
CA MET L 178 -19.32 68.26 -4.05
C MET L 178 -18.22 68.84 -3.15
N GLY L 179 -16.98 68.43 -3.39
CA GLY L 179 -15.86 68.99 -2.67
C GLY L 179 -15.42 68.13 -1.50
N ASP L 180 -14.34 67.37 -1.69
CA ASP L 180 -13.78 66.43 -0.71
C ASP L 180 -14.89 65.59 -0.06
N TRP L 181 -15.98 65.35 -0.79
CA TRP L 181 -17.12 64.61 -0.28
C TRP L 181 -17.89 64.07 -1.46
N THR L 182 -18.08 62.76 -1.50
CA THR L 182 -18.77 62.08 -2.59
C THR L 182 -20.06 61.46 -2.07
N ALA L 183 -21.16 61.67 -2.79
CA ALA L 183 -22.45 61.07 -2.49
C ALA L 183 -22.79 60.06 -3.56
N LEU L 184 -23.00 58.81 -3.16
CA LEU L 184 -23.37 57.72 -4.05
C LEU L 184 -24.83 57.36 -3.80
N ILE L 185 -25.65 57.48 -4.84
CA ILE L 185 -27.08 57.17 -4.76
C ILE L 185 -27.32 55.86 -5.49
N ASN L 186 -27.94 54.91 -4.81
CA ASN L 186 -28.31 53.63 -5.40
C ASN L 186 -29.82 53.46 -5.35
N ALA L 187 -30.40 52.97 -6.44
CA ALA L 187 -31.84 52.81 -6.55
C ALA L 187 -32.17 51.76 -7.60
N VAL L 188 -33.05 50.83 -7.25
CA VAL L 188 -33.44 49.77 -8.20
C VAL L 188 -34.80 49.23 -7.78
N SER L 189 -35.58 48.79 -8.77
CA SER L 189 -36.86 48.12 -8.58
C SER L 189 -36.90 46.91 -9.50
N ASN L 190 -37.25 45.75 -8.94
CA ASN L 190 -37.25 44.48 -9.67
C ASN L 190 -38.63 43.85 -9.60
N ASP L 191 -39.05 43.21 -10.70
CA ASP L 191 -40.33 42.54 -10.81
C ASP L 191 -40.17 41.27 -11.62
N SER L 192 -40.86 40.21 -11.21
CA SER L 192 -40.76 38.92 -11.89
C SER L 192 -42.07 38.16 -11.77
N SER L 193 -42.38 37.39 -12.82
CA SER L 193 -43.60 36.59 -12.88
C SER L 193 -43.32 35.28 -13.60
N SER L 194 -44.06 34.24 -13.23
CA SER L 194 -43.90 32.91 -13.81
C SER L 194 -45.22 32.18 -13.78
N ASN L 195 -45.52 31.45 -14.87
CA ASN L 195 -46.80 30.78 -15.06
C ASN L 195 -46.56 29.50 -15.85
N ILE L 196 -46.82 28.35 -15.23
CA ILE L 196 -46.51 27.03 -15.80
C ILE L 196 -47.73 26.13 -15.71
N LEU L 197 -48.07 25.47 -16.82
CA LEU L 197 -49.12 24.46 -16.89
C LEU L 197 -48.54 23.18 -17.48
N SER L 198 -48.80 22.05 -16.83
CA SER L 198 -48.35 20.76 -17.33
C SER L 198 -49.49 19.74 -17.24
N SER L 199 -49.56 18.84 -18.22
CA SER L 199 -50.62 17.84 -18.28
C SER L 199 -50.11 16.50 -18.79
N PRO L 200 -49.58 15.65 -17.91
CA PRO L 200 -49.25 14.28 -18.31
C PRO L 200 -50.46 13.36 -18.26
N SER L 201 -50.48 12.35 -19.14
CA SER L 201 -51.60 11.44 -19.24
C SER L 201 -51.11 10.05 -19.62
N ILE L 202 -51.88 9.04 -19.22
CA ILE L 202 -51.53 7.65 -19.53
C ILE L 202 -52.79 6.79 -19.53
N THR L 203 -52.79 5.75 -20.37
CA THR L 203 -53.90 4.81 -20.46
C THR L 203 -53.47 3.45 -19.93
N VAL L 204 -54.28 2.87 -19.05
CA VAL L 204 -54.00 1.58 -18.43
C VAL L 204 -55.24 0.70 -18.50
N MET L 205 -55.05 -0.56 -18.12
CA MET L 205 -56.14 -1.48 -17.86
C MET L 205 -56.47 -1.51 -16.38
N ASP L 206 -57.67 -1.99 -16.07
CA ASP L 206 -58.07 -2.12 -14.68
C ASP L 206 -57.13 -3.05 -13.92
N ASN L 207 -56.71 -2.61 -12.74
CA ASN L 207 -55.86 -3.38 -11.84
C ASN L 207 -54.43 -3.53 -12.36
N GLY L 208 -54.01 -2.65 -13.28
CA GLY L 208 -52.66 -2.68 -13.81
C GLY L 208 -51.89 -1.43 -13.43
N GLU L 209 -50.57 -1.56 -13.40
CA GLU L 209 -49.69 -0.44 -13.08
C GLU L 209 -49.21 0.25 -14.35
N ALA L 210 -49.10 1.57 -14.30
CA ALA L 210 -48.62 2.37 -15.42
C ALA L 210 -47.57 3.36 -14.93
N SER L 211 -46.52 3.52 -15.74
CA SER L 211 -45.42 4.44 -15.46
C SER L 211 -45.25 5.38 -16.63
N PHE L 212 -44.98 6.65 -16.32
CA PHE L 212 -44.81 7.70 -17.32
C PHE L 212 -43.68 8.60 -16.85
N ILE L 213 -42.69 8.82 -17.71
CA ILE L 213 -41.62 9.78 -17.40
C ILE L 213 -41.29 10.57 -18.65
N VAL L 214 -41.17 11.89 -18.50
CA VAL L 214 -40.57 12.76 -19.50
C VAL L 214 -39.48 13.54 -18.78
N GLY L 215 -38.22 13.29 -19.12
CA GLY L 215 -37.14 13.91 -18.39
C GLY L 215 -35.73 13.50 -18.76
N GLU L 216 -34.95 13.17 -17.74
CA GLU L 216 -33.52 12.97 -17.87
C GLU L 216 -33.06 11.89 -16.90
N GLU L 217 -31.95 11.24 -17.24
CA GLU L 217 -31.28 10.28 -16.37
C GLU L 217 -29.90 10.84 -16.02
N VAL L 218 -29.67 11.07 -14.74
CA VAL L 218 -28.53 11.83 -14.25
C VAL L 218 -27.70 10.94 -13.34
N PRO L 219 -26.38 10.89 -13.49
CA PRO L 219 -25.54 10.14 -12.54
C PRO L 219 -25.27 10.95 -11.28
N VAL L 220 -25.24 10.26 -10.14
CA VAL L 220 -24.96 10.86 -8.85
C VAL L 220 -23.98 9.98 -8.08
N ILE L 221 -23.29 10.59 -7.13
CA ILE L 221 -22.28 9.92 -6.34
C ILE L 221 -22.93 9.27 -5.12
N THR L 222 -22.59 8.01 -4.87
CA THR L 222 -23.08 7.24 -3.74
C THR L 222 -21.92 6.57 -3.02
N GLY L 223 -20.90 7.35 -2.69
CA GLY L 223 -19.68 6.77 -2.13
C GLY L 223 -18.42 7.04 -2.91
N SER L 224 -18.35 8.24 -3.51
CA SER L 224 -17.17 8.73 -4.27
C SER L 224 -15.83 8.11 -3.90
N ASP L 231 -9.04 12.99 -9.27
CA ASP L 231 -9.35 11.62 -9.70
C ASP L 231 -10.05 10.85 -8.59
N ASN L 232 -10.35 9.58 -8.86
CA ASN L 232 -11.03 8.74 -7.88
C ASN L 232 -10.85 7.28 -8.25
N PRO L 233 -10.50 6.41 -7.30
CA PRO L 233 -10.36 4.99 -7.62
C PRO L 233 -11.68 4.26 -7.76
N PHE L 234 -12.68 4.61 -6.94
CA PHE L 234 -14.01 4.03 -7.05
C PHE L 234 -15.03 5.03 -6.55
N GLN L 235 -15.97 5.41 -7.42
CA GLN L 235 -16.89 6.50 -7.14
C GLN L 235 -18.25 6.04 -6.63
N THR L 236 -18.66 4.80 -6.92
CA THR L 236 -19.97 4.27 -6.58
C THR L 236 -21.09 5.16 -7.13
N VAL L 237 -21.14 5.25 -8.45
CA VAL L 237 -22.09 6.11 -9.15
C VAL L 237 -23.38 5.36 -9.41
N ASP L 238 -24.51 6.05 -9.24
CA ASP L 238 -25.81 5.49 -9.53
C ASP L 238 -26.60 6.50 -10.37
N ARG L 239 -27.39 6.00 -11.32
CA ARG L 239 -28.12 6.86 -12.24
C ARG L 239 -29.58 6.94 -11.83
N LYS L 240 -30.07 8.16 -11.68
CA LYS L 240 -31.41 8.45 -11.18
C LYS L 240 -32.22 9.17 -12.26
N GLU L 241 -33.52 9.25 -12.04
CA GLU L 241 -34.45 9.82 -13.01
C GLU L 241 -35.02 11.13 -12.48
N VAL L 242 -35.03 12.16 -13.32
CA VAL L 242 -35.65 13.44 -13.01
C VAL L 242 -36.57 13.81 -14.15
N GLY L 243 -37.57 14.62 -13.86
CA GLY L 243 -38.52 15.02 -14.88
C GLY L 243 -39.94 15.10 -14.37
N ILE L 244 -40.89 14.90 -15.27
CA ILE L 244 -42.29 14.74 -14.93
C ILE L 244 -42.58 13.24 -14.89
N LYS L 245 -42.99 12.74 -13.72
CA LYS L 245 -43.17 11.33 -13.48
C LYS L 245 -44.55 11.06 -12.89
N LEU L 246 -45.19 10.02 -13.41
CA LEU L 246 -46.52 9.60 -12.96
C LEU L 246 -46.56 8.08 -12.89
N LYS L 247 -46.73 7.54 -11.69
CA LYS L 247 -46.97 6.13 -11.48
C LYS L 247 -48.38 5.94 -10.92
N VAL L 248 -49.18 5.13 -11.59
CA VAL L 248 -50.59 5.00 -11.22
C VAL L 248 -51.02 3.54 -11.24
N VAL L 249 -51.82 3.15 -10.25
CA VAL L 249 -52.54 1.88 -10.28
C VAL L 249 -54.03 2.18 -10.06
N PRO L 250 -54.88 1.94 -11.06
CA PRO L 250 -56.32 2.14 -10.89
C PRO L 250 -57.05 0.86 -10.50
N GLN L 251 -58.22 1.06 -9.89
CA GLN L 251 -59.15 -0.01 -9.56
C GLN L 251 -60.56 0.51 -9.76
N ILE L 252 -61.24 0.03 -10.79
CA ILE L 252 -62.61 0.44 -11.03
C ILE L 252 -63.53 -0.42 -10.17
N ASN L 253 -64.46 0.22 -9.48
CA ASN L 253 -65.55 -0.53 -8.87
C ASN L 253 -66.43 -1.11 -9.96
N GLU L 254 -67.46 -1.84 -9.56
CA GLU L 254 -68.35 -2.42 -10.55
C GLU L 254 -69.11 -1.35 -11.34
N GLY L 255 -69.09 -0.10 -10.88
CA GLY L 255 -69.85 0.96 -11.52
C GLY L 255 -69.01 2.07 -12.10
N ASN L 256 -69.14 3.28 -11.55
CA ASN L 256 -68.54 4.47 -12.17
C ASN L 256 -67.62 5.23 -11.23
N SER L 257 -66.78 4.53 -10.48
CA SER L 257 -65.81 5.16 -9.60
C SER L 257 -64.48 4.44 -9.73
N VAL L 258 -63.40 5.21 -9.64
CA VAL L 258 -62.04 4.68 -9.77
C VAL L 258 -61.26 5.04 -8.52
N GLN L 259 -60.69 4.03 -7.88
CA GLN L 259 -59.75 4.20 -6.78
C GLN L 259 -58.34 4.20 -7.36
N LEU L 260 -57.59 5.26 -7.08
CA LEU L 260 -56.27 5.46 -7.67
C LEU L 260 -55.19 5.46 -6.60
N ASN L 261 -54.13 4.70 -6.83
CA ASN L 261 -52.89 4.81 -6.09
C ASN L 261 -51.91 5.58 -6.96
N ILE L 262 -51.45 6.74 -6.49
CA ILE L 262 -50.73 7.71 -7.31
C ILE L 262 -49.42 8.10 -6.67
N GLU L 263 -48.37 8.13 -7.48
CA GLU L 263 -47.10 8.80 -7.17
C GLU L 263 -46.83 9.79 -8.29
N GLN L 264 -46.84 11.08 -7.98
CA GLN L 264 -46.65 12.15 -8.95
C GLN L 264 -45.45 13.00 -8.56
N GLU L 265 -44.63 13.36 -9.54
CA GLU L 265 -43.40 14.08 -9.24
C GLU L 265 -43.02 15.01 -10.37
N VAL L 266 -42.56 16.21 -10.01
CA VAL L 266 -41.88 17.13 -10.92
C VAL L 266 -40.53 17.47 -10.31
N SER L 267 -39.46 17.18 -11.03
CA SER L 267 -38.12 17.37 -10.48
C SER L 267 -37.14 17.76 -11.60
N ASN L 268 -36.23 18.67 -11.28
CA ASN L 268 -35.18 19.07 -12.19
C ASN L 268 -33.84 19.13 -11.47
N VAL L 269 -32.77 19.37 -12.23
CA VAL L 269 -31.41 19.41 -11.71
C VAL L 269 -31.01 20.86 -11.45
N LEU L 270 -30.52 21.13 -10.23
CA LEU L 270 -29.92 22.38 -9.87
C LEU L 270 -28.45 22.16 -9.55
N GLY L 271 -27.61 23.12 -9.94
CA GLY L 271 -26.19 22.99 -9.69
C GLY L 271 -25.88 23.13 -8.21
N ALA L 272 -24.87 22.40 -7.76
CA ALA L 272 -24.44 22.48 -6.37
C ALA L 272 -23.79 23.82 -6.08
N ASN L 273 -24.24 24.48 -5.03
CA ASN L 273 -23.61 25.73 -4.60
C ASN L 273 -22.57 25.51 -3.52
N GLY L 274 -22.80 24.57 -2.60
CA GLY L 274 -21.80 24.22 -1.62
C GLY L 274 -21.80 22.75 -1.28
N ALA L 275 -22.53 21.96 -2.08
CA ALA L 275 -22.69 20.54 -1.84
C ALA L 275 -21.63 19.74 -2.60
N VAL L 276 -21.48 18.47 -2.22
CA VAL L 276 -20.50 17.61 -2.86
C VAL L 276 -20.91 17.27 -4.28
N ASP L 277 -22.22 17.16 -4.53
CA ASP L 277 -22.73 16.77 -5.84
C ASP L 277 -23.95 17.62 -6.18
N VAL L 278 -24.47 17.42 -7.39
CA VAL L 278 -25.59 18.23 -7.87
C VAL L 278 -26.83 17.98 -7.01
N ARG L 279 -27.74 18.96 -7.03
CA ARG L 279 -28.98 18.90 -6.28
C ARG L 279 -30.16 18.72 -7.21
N PHE L 280 -31.27 18.26 -6.66
CA PHE L 280 -32.51 18.10 -7.41
C PHE L 280 -33.60 18.97 -6.76
N ALA L 281 -34.20 19.84 -7.55
CA ALA L 281 -35.45 20.46 -7.16
C ALA L 281 -36.58 19.43 -7.32
N LYS L 282 -37.39 19.26 -6.28
CA LYS L 282 -38.30 18.14 -6.18
C LYS L 282 -39.65 18.57 -5.63
N ARG L 283 -40.72 18.13 -6.30
CA ARG L 283 -42.09 18.29 -5.80
C ARG L 283 -42.80 16.96 -6.00
N GLN L 284 -43.22 16.32 -4.91
CA GLN L 284 -43.74 14.96 -4.97
C GLN L 284 -45.01 14.82 -4.14
N LEU L 285 -45.99 14.11 -4.70
CA LEU L 285 -47.23 13.75 -4.00
C LEU L 285 -47.42 12.25 -4.11
N ASN L 286 -47.57 11.58 -2.97
CA ASN L 286 -47.85 10.14 -2.90
C ASN L 286 -49.14 9.95 -2.12
N THR L 287 -50.14 9.33 -2.74
CA THR L 287 -51.43 9.21 -2.06
C THR L 287 -52.30 8.16 -2.75
N SER L 288 -53.51 7.99 -2.23
CA SER L 288 -54.54 7.13 -2.81
C SER L 288 -55.89 7.78 -2.59
N VAL L 289 -56.69 7.88 -3.65
CA VAL L 289 -57.94 8.62 -3.63
C VAL L 289 -59.03 7.85 -4.37
N MET L 290 -60.25 8.39 -4.31
CA MET L 290 -61.40 7.89 -5.07
C MET L 290 -61.95 9.04 -5.89
N VAL L 291 -62.16 8.81 -7.19
CA VAL L 291 -62.71 9.82 -8.08
C VAL L 291 -63.87 9.20 -8.87
N GLN L 292 -64.76 10.05 -9.35
CA GLN L 292 -65.85 9.60 -10.19
C GLN L 292 -65.36 9.39 -11.62
N ASP L 293 -66.28 8.95 -12.49
CA ASP L 293 -65.90 8.48 -13.81
C ASP L 293 -65.23 9.56 -14.65
N GLY L 294 -65.84 10.74 -14.72
CA GLY L 294 -65.28 11.79 -15.55
C GLY L 294 -65.15 13.12 -14.85
N GLN L 295 -64.93 13.09 -13.55
CA GLN L 295 -64.84 14.29 -12.73
C GLN L 295 -63.41 14.54 -12.30
N MET L 296 -63.17 15.74 -11.79
CA MET L 296 -61.85 16.17 -11.38
C MET L 296 -61.78 16.29 -9.86
N LEU L 297 -60.65 15.88 -9.29
CA LEU L 297 -60.39 15.97 -7.87
C LEU L 297 -59.05 16.65 -7.65
N VAL L 298 -58.96 17.46 -6.60
CA VAL L 298 -57.73 18.14 -6.24
C VAL L 298 -56.92 17.22 -5.32
N LEU L 299 -55.64 17.03 -5.64
CA LEU L 299 -54.78 16.15 -4.87
C LEU L 299 -53.97 16.88 -3.81
N GLY L 300 -53.51 18.09 -4.11
CA GLY L 300 -52.69 18.83 -3.17
C GLY L 300 -52.23 20.13 -3.78
N GLY L 301 -51.55 20.92 -2.94
CA GLY L 301 -51.10 22.23 -3.38
C GLY L 301 -50.37 22.94 -2.27
N LEU L 302 -49.97 24.17 -2.57
CA LEU L 302 -49.17 25.00 -1.68
C LEU L 302 -49.45 26.46 -1.97
N ILE L 303 -49.72 27.23 -0.92
CA ILE L 303 -49.81 28.68 -0.99
C ILE L 303 -48.71 29.26 -0.10
N ASP L 304 -47.83 30.07 -0.69
CA ASP L 304 -46.71 30.65 0.03
C ASP L 304 -46.68 32.16 -0.18
N GLU L 305 -46.52 32.90 0.90
CA GLU L 305 -46.35 34.35 0.87
C GLU L 305 -45.17 34.74 1.74
N ARG L 306 -44.46 35.78 1.33
CA ARG L 306 -43.26 36.18 2.05
C ARG L 306 -43.02 37.68 1.87
N ALA L 307 -42.78 38.38 2.97
CA ALA L 307 -42.46 39.80 2.95
C ALA L 307 -41.22 40.04 3.80
N LEU L 308 -40.27 40.81 3.27
CA LEU L 308 -39.02 41.13 3.95
C LEU L 308 -38.78 42.63 3.89
N GLU L 309 -38.34 43.20 5.01
CA GLU L 309 -38.03 44.62 5.12
C GLU L 309 -36.68 44.77 5.82
N SER L 310 -35.93 45.81 5.44
CA SER L 310 -34.65 46.08 6.07
C SER L 310 -34.32 47.55 5.95
N GLU L 311 -33.71 48.10 6.99
CA GLU L 311 -33.34 49.51 7.04
C GLU L 311 -32.06 49.70 7.84
N SER L 312 -31.18 50.56 7.34
CA SER L 312 -30.01 51.01 8.08
C SER L 312 -29.91 52.53 7.93
N LYS L 313 -29.77 53.22 9.06
CA LYS L 313 -29.80 54.68 9.02
C LYS L 313 -28.91 55.27 10.10
N VAL L 314 -28.59 56.54 9.93
CA VAL L 314 -27.91 57.31 10.98
C VAL L 314 -28.94 57.68 12.05
N PRO L 315 -28.64 57.43 13.33
CA PRO L 315 -29.69 57.45 14.38
C PRO L 315 -30.64 58.65 14.36
N LEU L 316 -30.12 59.86 14.49
CA LEU L 316 -31.01 61.01 14.61
C LEU L 316 -31.20 61.76 13.30
N LEU L 317 -30.21 61.71 12.40
CA LEU L 317 -30.31 62.41 11.13
C LEU L 317 -31.27 61.75 10.15
N GLY L 318 -31.51 60.45 10.30
CA GLY L 318 -32.34 59.69 9.40
C GLY L 318 -33.83 59.78 9.67
N ASP L 319 -34.25 60.63 10.61
CA ASP L 319 -35.65 60.83 10.91
C ASP L 319 -36.11 62.25 10.61
N ILE L 320 -35.26 63.08 10.03
CA ILE L 320 -35.65 64.43 9.62
C ILE L 320 -36.75 64.33 8.57
N PRO L 321 -37.80 65.17 8.63
CA PRO L 321 -38.96 64.95 7.76
C PRO L 321 -38.65 64.91 6.27
N LEU L 322 -37.68 65.69 5.81
CA LEU L 322 -37.38 65.74 4.38
C LEU L 322 -35.95 65.37 4.04
N LEU L 323 -34.98 65.83 4.81
CA LEU L 323 -33.57 65.60 4.50
C LEU L 323 -33.05 64.26 5.01
N GLY L 324 -33.90 63.45 5.65
CA GLY L 324 -33.46 62.18 6.20
C GLY L 324 -33.15 61.11 5.18
N GLN L 325 -33.72 61.20 3.98
CA GLN L 325 -33.44 60.19 2.96
C GLN L 325 -31.96 60.16 2.57
N LEU L 326 -31.25 61.26 2.79
CA LEU L 326 -29.82 61.29 2.51
C LEU L 326 -29.01 60.46 3.49
N PHE L 327 -29.63 59.94 4.55
CA PHE L 327 -28.92 59.18 5.57
C PHE L 327 -29.63 57.86 5.86
N ARG L 328 -30.10 57.17 4.82
CA ARG L 328 -30.86 55.95 4.99
C ARG L 328 -30.51 54.96 3.88
N SER L 329 -30.79 53.69 4.15
CA SER L 329 -30.69 52.63 3.15
C SER L 329 -31.80 51.62 3.44
N THR L 330 -32.70 51.43 2.48
CA THR L 330 -33.90 50.65 2.65
C THR L 330 -34.00 49.58 1.58
N SER L 331 -34.44 48.37 1.98
CA SER L 331 -34.69 47.26 1.07
C SER L 331 -36.03 46.61 1.43
N SER L 332 -36.82 46.31 0.42
CA SER L 332 -38.10 45.62 0.62
C SER L 332 -38.30 44.56 -0.47
N GLN L 333 -38.93 43.46 -0.07
CA GLN L 333 -39.13 42.32 -0.97
C GLN L 333 -40.45 41.62 -0.64
N VAL L 334 -41.14 41.17 -1.70
CA VAL L 334 -42.39 40.42 -1.59
C VAL L 334 -42.34 39.27 -2.59
N GLU L 335 -42.74 38.08 -2.15
CA GLU L 335 -42.75 36.89 -2.98
C GLU L 335 -44.03 36.09 -2.73
N LYS L 336 -44.64 35.62 -3.80
CA LYS L 336 -45.86 34.82 -3.74
C LYS L 336 -45.74 33.60 -4.64
N LYS L 337 -46.24 32.47 -4.16
CA LYS L 337 -46.14 31.20 -4.87
C LYS L 337 -47.43 30.41 -4.70
N ASN L 338 -47.93 29.83 -5.79
CA ASN L 338 -49.16 29.05 -5.80
C ASN L 338 -48.93 27.79 -6.63
N LEU L 339 -49.10 26.63 -6.02
CA LEU L 339 -48.94 25.36 -6.70
C LEU L 339 -50.17 24.50 -6.47
N MET L 340 -50.63 23.80 -7.50
CA MET L 340 -51.80 22.96 -7.36
C MET L 340 -51.73 21.78 -8.32
N VAL L 341 -52.26 20.64 -7.87
CA VAL L 341 -52.26 19.40 -8.65
C VAL L 341 -53.67 18.83 -8.68
N PHE L 342 -54.17 18.52 -9.87
CA PHE L 342 -55.47 17.90 -10.08
C PHE L 342 -55.29 16.60 -10.84
N ILE L 343 -56.25 15.69 -10.69
CA ILE L 343 -56.25 14.42 -11.41
C ILE L 343 -57.66 14.15 -11.93
N LYS L 344 -57.73 13.38 -13.02
CA LYS L 344 -59.00 13.07 -13.65
C LYS L 344 -58.95 11.73 -14.37
N PRO L 345 -59.81 10.78 -13.99
CA PRO L 345 -59.91 9.52 -14.72
C PRO L 345 -61.02 9.56 -15.77
N THR L 346 -61.00 8.56 -16.65
CA THR L 346 -62.06 8.37 -17.64
C THR L 346 -62.10 6.90 -18.00
N ILE L 347 -63.25 6.26 -17.85
CA ILE L 347 -63.39 4.83 -18.09
C ILE L 347 -63.71 4.59 -19.55
N ILE L 348 -62.92 3.73 -20.20
CA ILE L 348 -63.18 3.26 -21.56
C ILE L 348 -63.60 1.80 -21.46
N ARG L 349 -64.82 1.50 -21.90
CA ARG L 349 -65.35 0.15 -21.86
C ARG L 349 -65.55 -0.46 -23.24
N ASP L 350 -65.80 0.35 -24.26
CA ASP L 350 -66.03 -0.14 -25.60
C ASP L 350 -65.10 0.55 -26.59
N GLY L 351 -65.15 0.10 -27.84
CA GLY L 351 -64.26 0.64 -28.85
C GLY L 351 -64.64 2.02 -29.33
N VAL L 352 -65.93 2.38 -29.23
CA VAL L 352 -66.37 3.68 -29.73
C VAL L 352 -65.82 4.80 -28.86
N THR L 353 -65.77 4.61 -27.54
CA THR L 353 -65.23 5.64 -26.65
C THR L 353 -63.75 5.86 -26.89
N ALA L 354 -62.99 4.77 -27.03
CA ALA L 354 -61.57 4.87 -27.30
C ALA L 354 -61.32 5.53 -28.64
N ASP L 355 -62.13 5.19 -29.65
CA ASP L 355 -62.01 5.81 -30.96
C ASP L 355 -62.27 7.30 -30.87
N GLY L 356 -63.28 7.71 -30.10
CA GLY L 356 -63.55 9.14 -29.96
C GLY L 356 -62.41 9.90 -29.31
N ILE L 357 -61.88 9.36 -28.22
CA ILE L 357 -60.77 10.03 -27.53
C ILE L 357 -59.55 10.12 -28.45
N THR L 358 -59.21 9.01 -29.10
CA THR L 358 -58.06 9.00 -29.99
C THR L 358 -58.24 9.96 -31.15
N GLN L 359 -59.46 10.02 -31.71
CA GLN L 359 -59.72 10.93 -32.82
C GLN L 359 -59.58 12.38 -32.37
N ARG L 360 -60.06 12.70 -31.17
CA ARG L 360 -59.91 14.06 -30.66
C ARG L 360 -58.44 14.46 -30.59
N LYS L 361 -57.62 13.63 -29.92
CA LYS L 361 -56.21 14.00 -29.76
C LYS L 361 -55.48 14.05 -31.11
N TYR L 362 -55.74 13.06 -31.97
CA TYR L 362 -55.11 13.01 -33.28
C TYR L 362 -55.48 14.24 -34.12
N ASN L 363 -56.75 14.62 -34.12
CA ASN L 363 -57.18 15.75 -34.92
C ASN L 363 -56.60 17.06 -34.37
N TYR L 364 -56.46 17.16 -33.05
CA TYR L 364 -55.79 18.34 -32.49
C TYR L 364 -54.37 18.47 -33.02
N ILE L 365 -53.59 17.38 -32.90
CA ILE L 365 -52.20 17.42 -33.36
C ILE L 365 -52.14 17.72 -34.86
N ARG L 366 -53.01 17.09 -35.64
CA ARG L 366 -52.99 17.27 -37.09
C ARG L 366 -53.39 18.68 -37.48
N ALA L 367 -54.32 19.30 -36.75
CA ALA L 367 -54.70 20.67 -37.04
C ALA L 367 -53.53 21.62 -36.79
N GLU L 368 -52.80 21.40 -35.68
CA GLU L 368 -51.60 22.20 -35.47
C GLU L 368 -50.60 22.03 -36.61
N GLN L 369 -50.39 20.78 -37.05
CA GLN L 369 -49.44 20.53 -38.13
C GLN L 369 -49.89 21.18 -39.44
N LEU L 370 -51.19 21.13 -39.75
CA LEU L 370 -51.69 21.76 -40.97
C LEU L 370 -51.53 23.27 -40.93
N PHE L 371 -51.78 23.88 -39.77
CA PHE L 371 -51.55 25.31 -39.64
C PHE L 371 -50.07 25.65 -39.85
N ARG L 372 -49.17 24.84 -39.27
CA ARG L 372 -47.75 25.08 -39.50
C ARG L 372 -47.39 24.89 -40.97
N ALA L 373 -48.08 24.01 -41.67
CA ALA L 373 -47.79 23.79 -43.09
C ALA L 373 -48.33 24.93 -43.96
N GLU L 374 -49.35 25.64 -43.49
CA GLU L 374 -49.80 26.82 -44.23
C GLU L 374 -48.72 27.89 -44.28
N LYS L 375 -48.07 28.16 -43.14
CA LYS L 375 -46.92 29.06 -43.09
C LYS L 375 -45.66 28.21 -43.08
N GLY L 376 -45.24 27.81 -44.27
CA GLY L 376 -44.19 26.82 -44.42
C GLY L 376 -42.83 27.32 -43.98
N LEU L 377 -41.81 26.55 -44.36
CA LEU L 377 -40.44 26.85 -43.97
C LEU L 377 -40.00 28.18 -44.56
N ARG L 378 -39.17 28.90 -43.80
CA ARG L 378 -38.83 30.27 -44.15
C ARG L 378 -38.07 30.34 -45.48
N LEU L 379 -37.07 29.47 -45.65
CA LEU L 379 -36.25 29.50 -46.86
C LEU L 379 -36.10 28.12 -47.47
N LEU L 380 -37.12 27.28 -47.35
CA LEU L 380 -37.11 25.94 -47.93
C LEU L 380 -38.49 25.66 -48.51
N ASP L 381 -38.71 24.41 -48.91
CA ASP L 381 -39.99 24.00 -49.45
C ASP L 381 -41.05 23.98 -48.36
N ASP L 382 -42.26 24.43 -48.71
CA ASP L 382 -43.37 24.46 -47.77
C ASP L 382 -44.02 23.10 -47.59
N ALA L 383 -43.73 22.13 -48.46
CA ALA L 383 -44.31 20.80 -48.37
C ALA L 383 -43.45 19.83 -47.59
N SER L 384 -42.28 20.26 -47.11
CA SER L 384 -41.42 19.40 -46.33
C SER L 384 -41.82 19.32 -44.86
N VAL L 385 -42.80 20.10 -44.44
CA VAL L 385 -43.27 20.06 -43.05
C VAL L 385 -44.00 18.73 -42.81
N PRO L 386 -43.67 18.00 -41.75
CA PRO L 386 -44.39 16.74 -41.48
C PRO L 386 -45.82 17.02 -41.06
N VAL L 387 -46.76 16.37 -41.75
CA VAL L 387 -48.18 16.48 -41.47
C VAL L 387 -48.76 15.07 -41.40
N LEU L 388 -49.54 14.81 -40.35
CA LEU L 388 -50.13 13.49 -40.19
C LEU L 388 -51.17 13.23 -41.29
N PRO L 389 -51.32 11.98 -41.71
CA PRO L 389 -52.40 11.65 -42.64
C PRO L 389 -53.76 11.77 -41.99
N LYS L 390 -54.79 11.68 -42.81
CA LYS L 390 -56.15 11.69 -42.28
C LYS L 390 -56.37 10.47 -41.41
N PHE L 391 -57.29 10.59 -40.45
CA PHE L 391 -57.51 9.53 -39.46
C PHE L 391 -57.84 8.21 -40.13
N GLY L 392 -56.94 7.23 -40.02
CA GLY L 392 -57.12 5.96 -40.66
C GLY L 392 -56.93 5.98 -42.17
N ASP L 393 -55.81 6.54 -42.65
CA ASP L 393 -55.59 6.66 -44.07
C ASP L 393 -54.22 6.15 -44.50
N ASP L 394 -53.28 6.08 -43.55
CA ASP L 394 -51.92 5.58 -43.80
C ASP L 394 -51.13 6.49 -44.74
N ARG L 395 -49.83 6.22 -44.85
CA ARG L 395 -48.91 7.12 -45.53
C ARG L 395 -49.19 7.20 -47.03
N ARG L 396 -48.85 8.35 -47.61
CA ARG L 396 -48.94 8.58 -49.05
C ARG L 396 -47.67 9.28 -49.51
N HIS L 397 -47.37 9.15 -50.80
CA HIS L 397 -46.18 9.77 -51.36
C HIS L 397 -46.37 11.28 -51.46
N SER L 398 -45.25 12.00 -51.57
CA SER L 398 -45.28 13.43 -51.81
C SER L 398 -45.74 13.69 -53.25
N PRO L 399 -46.23 14.91 -53.53
CA PRO L 399 -46.80 15.17 -54.86
C PRO L 399 -45.83 14.94 -56.01
N GLU L 400 -44.54 15.19 -55.82
CA GLU L 400 -43.56 14.96 -56.89
C GLU L 400 -43.45 13.47 -57.21
N ILE L 401 -43.32 12.63 -56.18
CA ILE L 401 -43.27 11.19 -56.42
C ILE L 401 -44.59 10.68 -56.97
N GLN L 402 -45.70 11.27 -56.53
CA GLN L 402 -47.01 10.86 -57.05
C GLN L 402 -47.11 11.16 -58.54
N ALA L 403 -46.67 12.34 -58.96
CA ALA L 403 -46.67 12.67 -60.39
C ALA L 403 -45.72 11.77 -61.16
N PHE L 404 -44.56 11.47 -60.58
CA PHE L 404 -43.61 10.59 -61.25
C PHE L 404 -44.18 9.19 -61.45
N ILE L 405 -44.90 8.68 -60.46
CA ILE L 405 -45.47 7.34 -60.58
C ILE L 405 -46.70 7.36 -61.48
N GLU L 406 -47.40 8.50 -61.57
CA GLU L 406 -48.53 8.59 -62.49
C GLU L 406 -48.05 8.64 -63.94
N GLN L 407 -46.95 9.35 -64.19
CA GLN L 407 -46.39 9.38 -65.55
C GLN L 407 -45.89 8.01 -65.97
N MET L 408 -45.26 7.28 -65.05
CA MET L 408 -44.75 5.94 -65.34
C MET L 408 -45.88 4.93 -65.41
N GLY M 2 -73.98 -25.55 -5.58
CA GLY M 2 -73.19 -24.34 -5.55
C GLY M 2 -72.03 -24.43 -4.59
N ASN M 3 -71.16 -25.42 -4.80
CA ASN M 3 -70.00 -25.61 -3.94
C ASN M 3 -68.89 -24.60 -4.22
N ASN M 4 -68.92 -23.93 -5.37
CA ASN M 4 -67.91 -22.95 -5.72
C ASN M 4 -68.57 -21.64 -6.11
N ARG M 5 -67.96 -20.53 -5.68
CA ARG M 5 -68.43 -19.21 -6.06
C ARG M 5 -67.24 -18.35 -6.46
N VAL M 6 -67.49 -17.40 -7.35
CA VAL M 6 -66.52 -16.37 -7.72
C VAL M 6 -67.15 -15.02 -7.39
N VAL M 7 -66.49 -14.26 -6.52
CA VAL M 7 -66.99 -12.99 -6.04
C VAL M 7 -66.12 -11.87 -6.60
N TYR M 8 -66.76 -10.90 -7.24
CA TYR M 8 -66.07 -9.71 -7.75
C TYR M 8 -66.15 -8.62 -6.69
N LEU M 9 -65.00 -8.14 -6.25
CA LEU M 9 -64.95 -7.14 -5.19
C LEU M 9 -65.01 -5.73 -5.77
N LYS M 10 -65.76 -4.86 -5.08
CA LYS M 10 -65.93 -3.49 -5.52
C LYS M 10 -64.85 -2.57 -4.97
N TYR M 11 -64.60 -2.63 -3.66
CA TYR M 11 -63.73 -1.66 -3.00
C TYR M 11 -62.50 -2.27 -2.33
N ALA M 12 -62.51 -3.55 -2.00
CA ALA M 12 -61.40 -4.16 -1.30
C ALA M 12 -60.45 -4.84 -2.28
N LYS M 13 -59.33 -5.30 -1.74
CA LYS M 13 -58.33 -6.04 -2.49
C LYS M 13 -58.36 -7.50 -2.05
N ALA M 14 -58.43 -8.41 -3.03
CA ALA M 14 -58.65 -9.82 -2.72
C ALA M 14 -57.50 -10.42 -1.93
N GLU M 15 -56.26 -10.06 -2.29
CA GLU M 15 -55.10 -10.55 -1.57
C GLU M 15 -55.17 -10.17 -0.10
N ASP M 16 -55.75 -9.01 0.22
CA ASP M 16 -55.93 -8.63 1.62
C ASP M 16 -56.97 -9.52 2.30
N LEU M 17 -58.08 -9.81 1.63
CA LEU M 17 -59.14 -10.57 2.26
C LEU M 17 -58.84 -12.05 2.40
N VAL M 18 -57.87 -12.58 1.62
CA VAL M 18 -57.55 -14.00 1.73
C VAL M 18 -57.06 -14.34 3.13
N GLU M 19 -56.13 -13.52 3.66
CA GLU M 19 -55.60 -13.78 4.99
C GLU M 19 -56.67 -13.69 6.06
N VAL M 20 -57.55 -12.70 5.95
CA VAL M 20 -58.61 -12.54 6.93
C VAL M 20 -59.57 -13.73 6.90
N LEU M 21 -59.96 -14.16 5.70
CA LEU M 21 -60.96 -15.21 5.59
C LEU M 21 -60.41 -16.61 5.79
N LYS M 22 -59.09 -16.81 5.77
CA LYS M 22 -58.54 -18.13 6.02
C LYS M 22 -58.98 -18.67 7.38
N GLY M 23 -58.92 -17.83 8.42
CA GLY M 23 -59.33 -18.27 9.74
C GLY M 23 -60.83 -18.57 9.84
N VAL M 24 -61.65 -17.69 9.27
CA VAL M 24 -63.11 -17.87 9.34
C VAL M 24 -63.52 -19.13 8.59
N SER M 25 -62.92 -19.38 7.42
CA SER M 25 -63.29 -20.54 6.63
C SER M 25 -62.98 -21.84 7.37
N GLU M 26 -61.84 -21.90 8.03
CA GLU M 26 -61.45 -23.09 8.79
C GLU M 26 -62.19 -23.13 10.13
N VAL M 45 -62.38 -26.24 2.82
CA VAL M 45 -62.60 -24.83 2.53
C VAL M 45 -61.35 -24.21 1.91
N MET M 46 -61.47 -23.70 0.69
CA MET M 46 -60.34 -23.09 0.01
C MET M 46 -60.71 -21.69 -0.47
N ILE M 47 -59.76 -20.77 -0.32
CA ILE M 47 -59.88 -19.37 -0.69
C ILE M 47 -58.72 -19.02 -1.60
N ALA M 48 -59.01 -18.45 -2.77
CA ALA M 48 -57.97 -18.02 -3.68
C ALA M 48 -58.29 -16.63 -4.22
N ALA M 49 -57.25 -15.91 -4.64
CA ALA M 49 -57.40 -14.57 -5.17
C ALA M 49 -56.87 -14.49 -6.58
N HIS M 50 -57.64 -13.90 -7.48
CA HIS M 50 -57.20 -13.56 -8.82
C HIS M 50 -57.01 -12.05 -8.85
N ALA M 51 -55.76 -11.60 -8.97
CA ALA M 51 -55.44 -10.19 -8.84
C ALA M 51 -55.84 -9.37 -10.06
N ASP M 52 -55.75 -9.96 -11.25
CA ASP M 52 -55.99 -9.20 -12.48
C ASP M 52 -57.45 -8.76 -12.57
N THR M 53 -58.38 -9.60 -12.14
CA THR M 53 -59.79 -9.25 -12.12
C THR M 53 -60.28 -8.85 -10.73
N ASN M 54 -59.40 -8.88 -9.73
CA ASN M 54 -59.74 -8.58 -8.33
C ASN M 54 -60.93 -9.42 -7.86
N SER M 55 -60.74 -10.73 -7.91
CA SER M 55 -61.81 -11.67 -7.61
C SER M 55 -61.37 -12.68 -6.56
N LEU M 56 -62.35 -13.17 -5.80
CA LEU M 56 -62.14 -14.25 -4.85
C LEU M 56 -62.81 -15.52 -5.36
N VAL M 57 -62.07 -16.62 -5.37
CA VAL M 57 -62.62 -17.93 -5.69
C VAL M 57 -62.75 -18.70 -4.38
N LEU M 58 -63.98 -19.10 -4.06
CA LEU M 58 -64.30 -19.68 -2.77
C LEU M 58 -64.92 -21.06 -3.00
N THR M 59 -64.42 -22.07 -2.29
CA THR M 59 -65.06 -23.38 -2.29
C THR M 59 -65.25 -23.86 -0.86
N ALA M 60 -66.47 -24.22 -0.52
CA ALA M 60 -66.88 -24.56 0.84
C ALA M 60 -68.32 -25.07 0.81
N PRO M 61 -68.75 -25.81 1.85
CA PRO M 61 -70.16 -26.18 1.95
C PRO M 61 -71.08 -24.99 2.17
N GLN M 62 -72.39 -25.23 2.20
CA GLN M 62 -73.37 -24.15 2.12
C GLN M 62 -73.29 -23.20 3.30
N ASP M 63 -73.18 -23.73 4.52
CA ASP M 63 -73.23 -22.88 5.71
C ASP M 63 -71.98 -21.98 5.80
N ILE M 64 -70.80 -22.58 5.65
CA ILE M 64 -69.57 -21.80 5.64
C ILE M 64 -69.60 -20.81 4.49
N MET M 65 -70.16 -21.21 3.35
CA MET M 65 -70.26 -20.32 2.21
C MET M 65 -71.09 -19.09 2.54
N ASN M 66 -72.25 -19.29 3.16
CA ASN M 66 -73.11 -18.16 3.50
C ASN M 66 -72.45 -17.24 4.51
N ALA M 67 -71.80 -17.82 5.53
CA ALA M 67 -71.12 -17.01 6.53
C ALA M 67 -70.01 -16.18 5.90
N MET M 68 -69.21 -16.81 5.03
CA MET M 68 -68.12 -16.10 4.37
C MET M 68 -68.64 -15.00 3.46
N LEU M 69 -69.74 -15.25 2.76
CA LEU M 69 -70.33 -14.22 1.91
C LEU M 69 -70.80 -13.03 2.74
N GLU M 70 -71.40 -13.29 3.90
CA GLU M 70 -71.81 -12.19 4.78
C GLU M 70 -70.60 -11.39 5.24
N VAL M 71 -69.52 -12.06 5.63
CA VAL M 71 -68.32 -11.36 6.07
C VAL M 71 -67.73 -10.52 4.95
N ILE M 72 -67.66 -11.08 3.74
CA ILE M 72 -67.13 -10.34 2.60
C ILE M 72 -67.99 -9.12 2.32
N GLY M 73 -69.32 -9.29 2.33
CA GLY M 73 -70.20 -8.16 2.11
C GLY M 73 -70.04 -7.07 3.15
N GLN M 74 -69.73 -7.45 4.39
CA GLN M 74 -69.52 -6.44 5.42
C GLN M 74 -68.17 -5.74 5.30
N LEU M 75 -67.14 -6.43 4.82
CA LEU M 75 -65.82 -5.81 4.68
C LEU M 75 -65.61 -5.11 3.35
N ASP M 76 -66.47 -5.32 2.36
CA ASP M 76 -66.30 -4.74 1.03
C ASP M 76 -67.17 -3.49 0.91
N ILE M 77 -66.70 -2.41 1.52
CA ILE M 77 -67.45 -1.16 1.55
C ILE M 77 -66.53 0.00 1.19
N ARG M 78 -67.15 1.17 1.02
CA ARG M 78 -66.45 2.36 0.58
C ARG M 78 -65.81 3.09 1.75
N ARG M 79 -64.63 3.65 1.51
CA ARG M 79 -63.93 4.48 2.47
C ARG M 79 -64.11 5.95 2.13
N ALA M 80 -64.21 6.78 3.16
CA ALA M 80 -64.27 8.22 2.99
C ALA M 80 -62.87 8.78 2.79
N GLN M 81 -62.81 10.07 2.43
CA GLN M 81 -61.55 10.75 2.20
C GLN M 81 -61.40 11.93 3.15
N VAL M 82 -60.17 12.36 3.36
CA VAL M 82 -59.85 13.51 4.19
C VAL M 82 -58.94 14.45 3.40
N LEU M 83 -59.31 15.72 3.36
CA LEU M 83 -58.43 16.79 2.91
C LEU M 83 -57.81 17.42 4.14
N ILE M 84 -56.48 17.47 4.18
CA ILE M 84 -55.73 17.94 5.34
C ILE M 84 -54.93 19.16 4.91
N GLU M 85 -55.13 20.28 5.61
CA GLU M 85 -54.43 21.52 5.33
C GLU M 85 -53.64 21.95 6.57
N ALA M 86 -52.37 22.27 6.37
CA ALA M 86 -51.53 22.81 7.42
C ALA M 86 -51.29 24.29 7.18
N LEU M 87 -51.01 25.02 8.26
CA LEU M 87 -50.80 26.46 8.20
C LEU M 87 -49.61 26.81 9.08
N ILE M 88 -48.54 27.30 8.47
CA ILE M 88 -47.31 27.66 9.17
C ILE M 88 -47.17 29.18 9.12
N VAL M 89 -47.08 29.81 10.28
CA VAL M 89 -46.93 31.26 10.40
C VAL M 89 -45.60 31.54 11.09
N GLU M 90 -44.81 32.44 10.50
CA GLU M 90 -43.54 32.86 11.07
C GLU M 90 -43.44 34.38 11.01
N MET M 91 -43.05 34.99 12.12
CA MET M 91 -42.85 36.44 12.21
C MET M 91 -41.55 36.70 12.96
N ALA M 92 -40.74 37.61 12.44
CA ALA M 92 -39.50 37.99 13.11
C ALA M 92 -39.33 39.50 13.06
N GLU M 93 -38.78 40.05 14.14
CA GLU M 93 -38.50 41.47 14.26
C GLU M 93 -37.15 41.67 14.92
N GLY M 94 -36.43 42.70 14.50
CA GLY M 94 -35.14 43.00 15.09
C GLY M 94 -34.75 44.46 15.03
N ASP M 95 -34.08 44.95 16.07
CA ASP M 95 -33.68 46.35 16.17
C ASP M 95 -32.37 46.49 16.92
N GLY M 96 -31.46 47.31 16.43
CA GLY M 96 -30.18 47.51 17.08
C GLY M 96 -29.66 48.91 16.91
N ILE M 97 -28.83 49.33 17.85
CA ILE M 97 -28.20 50.65 17.81
C ILE M 97 -26.77 50.55 18.34
N ASN M 98 -25.85 51.22 17.65
CA ASN M 98 -24.44 51.31 18.06
C ASN M 98 -24.03 52.78 18.03
N LEU M 99 -23.32 53.22 19.08
CA LEU M 99 -22.88 54.61 19.16
C LEU M 99 -21.60 54.69 19.97
N GLY M 100 -20.58 55.35 19.43
CA GLY M 100 -19.32 55.46 20.14
C GLY M 100 -18.40 56.53 19.59
N VAL M 101 -17.45 56.95 20.43
CA VAL M 101 -16.43 57.92 20.10
C VAL M 101 -15.08 57.36 20.50
N GLN M 102 -14.09 57.48 19.61
CA GLN M 102 -12.74 57.00 19.84
C GLN M 102 -11.75 58.14 19.62
N TRP M 103 -10.67 58.14 20.40
CA TRP M 103 -9.63 59.15 20.29
C TRP M 103 -8.29 58.46 20.02
N GLY M 104 -7.51 59.06 19.14
CA GLY M 104 -6.25 58.47 18.74
C GLY M 104 -5.20 59.51 18.44
N SER M 105 -3.94 59.11 18.52
CA SER M 105 -2.81 59.94 18.14
C SER M 105 -1.65 59.03 17.79
N LEU M 106 -1.00 59.31 16.65
CA LEU M 106 0.05 58.44 16.14
C LEU M 106 1.46 58.94 16.41
N GLU M 107 1.63 60.22 16.76
CA GLU M 107 2.96 60.68 17.15
C GLU M 107 3.45 59.94 18.38
N SER M 108 2.59 59.76 19.36
CA SER M 108 2.77 58.79 20.43
C SER M 108 1.89 57.57 20.13
N GLY M 109 1.83 56.65 21.07
CA GLY M 109 0.94 55.52 20.88
C GLY M 109 -0.41 55.66 21.52
N SER M 110 -0.81 56.87 21.89
CA SER M 110 -2.01 57.07 22.69
C SER M 110 -3.26 56.78 21.87
N VAL M 111 -4.14 55.93 22.41
CA VAL M 111 -5.43 55.63 21.81
C VAL M 111 -6.46 55.48 22.91
N ILE M 112 -7.69 55.86 22.61
CA ILE M 112 -8.87 55.45 23.38
C ILE M 112 -9.69 54.59 22.44
N GLN M 113 -9.48 53.27 22.51
CA GLN M 113 -9.93 52.34 21.48
C GLN M 113 -11.06 51.46 21.99
N TYR M 114 -12.02 51.18 21.11
CA TYR M 114 -13.11 50.27 21.39
C TYR M 114 -13.31 49.36 20.18
N GLY M 115 -13.06 48.07 20.37
CA GLY M 115 -13.20 47.10 19.30
C GLY M 115 -14.60 46.60 19.05
N ASN M 116 -15.54 46.89 19.95
CA ASN M 116 -16.92 46.48 19.73
C ASN M 116 -17.48 47.11 18.46
N THR M 117 -17.20 48.39 18.24
CA THR M 117 -17.54 49.04 16.99
C THR M 117 -16.74 48.43 15.85
N GLY M 118 -17.32 48.47 14.65
CA GLY M 118 -16.70 47.83 13.50
C GLY M 118 -15.59 48.65 12.87
N ALA M 119 -14.89 49.44 13.69
CA ALA M 119 -13.80 50.27 13.19
C ALA M 119 -12.90 50.62 14.36
N SER M 120 -11.61 50.30 14.26
CA SER M 120 -10.63 50.62 15.29
C SER M 120 -9.78 51.79 14.82
N ILE M 121 -9.57 52.76 15.72
CA ILE M 121 -8.92 54.01 15.32
C ILE M 121 -7.47 53.79 14.91
N GLY M 122 -6.77 52.85 15.55
CA GLY M 122 -5.38 52.61 15.20
C GLY M 122 -5.20 52.13 13.78
N ASN M 123 -6.03 51.15 13.38
CA ASN M 123 -5.97 50.65 12.01
C ASN M 123 -6.32 51.73 11.01
N VAL M 124 -7.31 52.56 11.31
CA VAL M 124 -7.70 53.64 10.42
C VAL M 124 -6.55 54.63 10.26
N MET M 125 -5.92 55.03 11.36
CA MET M 125 -4.84 56.00 11.28
C MET M 125 -3.63 55.45 10.53
N ILE M 126 -3.26 54.20 10.81
CA ILE M 126 -2.11 53.62 10.12
C ILE M 126 -2.39 53.44 8.63
N GLY M 127 -3.60 52.98 8.29
CA GLY M 127 -3.94 52.84 6.88
C GLY M 127 -3.98 54.18 6.16
N LEU M 128 -4.42 55.23 6.86
CA LEU M 128 -4.36 56.57 6.29
C LEU M 128 -2.92 56.99 6.05
N GLU M 129 -2.02 56.67 6.99
CA GLU M 129 -0.62 57.03 6.83
C GLU M 129 0.01 56.30 5.66
N GLU M 130 -0.27 55.01 5.50
CA GLU M 130 0.36 54.23 4.43
C GLU M 130 -0.15 54.61 3.05
N ALA M 131 -1.23 55.39 2.97
CA ALA M 131 -1.79 55.78 1.68
C ALA M 131 -1.26 57.12 1.19
N LYS M 132 -0.32 57.73 1.90
CA LYS M 132 0.26 59.01 1.52
C LYS M 132 1.41 58.82 0.54
N ASP M 133 1.76 59.90 -0.14
CA ASP M 133 2.86 59.90 -1.11
C ASP M 133 4.19 60.10 -0.41
N THR M 134 5.17 59.29 -0.76
CA THR M 134 6.46 59.26 -0.10
C THR M 134 7.58 59.69 -1.04
N THR M 135 8.54 60.46 -0.49
CA THR M 135 9.73 60.93 -1.24
C THR M 135 10.99 60.37 -0.62
N GLN M 136 11.66 59.49 -1.32
CA GLN M 136 12.94 58.99 -0.84
C GLN M 136 14.05 59.84 -1.45
N THR M 137 14.34 61.00 -0.87
CA THR M 137 15.33 61.88 -1.49
C THR M 137 16.75 61.51 -1.09
N LYS M 138 17.48 60.90 -2.03
CA LYS M 138 18.83 60.46 -1.71
C LYS M 138 19.79 61.57 -1.36
N ALA M 139 19.76 62.66 -2.09
CA ALA M 139 20.67 63.78 -1.84
C ALA M 139 22.05 63.19 -1.77
N VAL M 140 22.32 62.25 -2.66
CA VAL M 140 23.62 61.60 -2.67
C VAL M 140 24.53 62.50 -3.44
N TYR M 141 24.75 63.70 -2.90
CA TYR M 141 25.58 64.66 -3.60
C TYR M 141 27.06 64.47 -3.37
N PHE M 147 28.21 62.00 -9.16
CA PHE M 147 27.95 63.19 -8.37
C PHE M 147 26.62 63.84 -8.80
N LEU M 148 25.54 63.09 -8.64
CA LEU M 148 24.18 63.52 -8.97
C LEU M 148 23.58 64.11 -7.71
N ARG M 149 23.53 65.44 -7.65
CA ARG M 149 23.35 66.15 -6.39
C ARG M 149 22.02 65.90 -5.71
N ASN M 150 20.98 65.54 -6.45
CA ASN M 150 19.61 65.59 -5.91
C ASN M 150 18.77 64.37 -6.32
N GLU M 151 19.31 63.17 -6.13
CA GLU M 151 18.63 61.97 -6.62
C GLU M 151 17.34 61.63 -5.87
N THR M 152 16.29 62.44 -6.03
CA THR M 152 15.04 62.16 -5.34
C THR M 152 14.26 61.04 -6.03
N THR M 153 13.16 60.64 -5.40
CA THR M 153 12.19 59.74 -6.00
C THR M 153 10.84 60.01 -5.34
N THR M 154 9.76 59.60 -6.01
CA THR M 154 8.43 59.68 -5.45
C THR M 154 7.74 58.34 -5.64
N THR M 155 6.87 58.00 -4.69
CA THR M 155 6.18 56.71 -4.71
C THR M 155 4.75 56.90 -4.20
N LYS M 156 3.78 56.45 -4.99
CA LYS M 156 2.39 56.50 -4.57
C LYS M 156 2.15 55.50 -3.45
N GLY M 157 1.31 55.87 -2.49
CA GLY M 157 1.02 55.02 -1.36
C GLY M 157 0.13 53.86 -1.70
N ASP M 158 0.06 52.91 -0.78
CA ASP M 158 -0.76 51.72 -0.93
C ASP M 158 -2.04 51.88 -0.11
N TYR M 159 -3.15 51.42 -0.67
CA TYR M 159 -4.48 51.58 -0.08
C TYR M 159 -5.01 50.30 0.54
N THR M 160 -4.16 49.28 0.72
CA THR M 160 -4.64 47.98 1.18
C THR M 160 -5.12 48.02 2.62
N LYS M 161 -4.33 48.63 3.51
CA LYS M 161 -4.72 48.68 4.92
C LYS M 161 -5.96 49.53 5.12
N LEU M 162 -6.06 50.66 4.42
CA LEU M 162 -7.26 51.48 4.49
C LEU M 162 -8.48 50.73 3.96
N ALA M 163 -8.31 50.00 2.86
CA ALA M 163 -9.42 49.24 2.31
C ALA M 163 -9.88 48.17 3.29
N SER M 164 -8.95 47.50 3.96
CA SER M 164 -9.33 46.50 4.95
C SER M 164 -9.99 47.13 6.18
N ALA M 165 -9.58 48.35 6.54
CA ALA M 165 -10.13 48.99 7.73
C ALA M 165 -11.58 49.42 7.52
N LEU M 166 -11.92 49.85 6.30
CA LEU M 166 -13.26 50.34 6.01
C LEU M 166 -14.19 49.26 5.47
N SER M 167 -13.73 48.01 5.39
CA SER M 167 -14.51 46.98 4.72
C SER M 167 -15.75 46.60 5.52
N SER M 168 -15.66 46.59 6.84
CA SER M 168 -16.74 46.09 7.69
C SER M 168 -17.59 47.20 8.29
N ILE M 169 -17.40 48.45 7.86
CA ILE M 169 -18.08 49.57 8.50
C ILE M 169 -19.51 49.65 7.99
N GLN M 170 -20.47 49.73 8.91
CA GLN M 170 -21.87 49.97 8.60
C GLN M 170 -22.30 51.24 9.31
N GLY M 171 -22.86 52.18 8.57
CA GLY M 171 -23.30 53.43 9.14
C GLY M 171 -22.24 54.50 9.09
N ALA M 172 -22.34 55.44 10.03
CA ALA M 172 -21.44 56.58 10.05
C ALA M 172 -20.17 56.27 10.82
N ALA M 173 -19.02 56.53 10.18
CA ALA M 173 -17.69 56.48 10.81
C ALA M 173 -16.93 57.70 10.30
N VAL M 174 -16.93 58.77 11.07
CA VAL M 174 -16.46 60.08 10.65
C VAL M 174 -15.29 60.51 11.52
N SER M 175 -14.21 60.92 10.89
CA SER M 175 -12.98 61.33 11.58
C SER M 175 -12.85 62.84 11.57
N ILE M 176 -12.53 63.41 12.73
CA ILE M 176 -12.32 64.84 12.91
C ILE M 176 -10.93 65.04 13.48
N ALA M 177 -10.11 65.83 12.80
CA ALA M 177 -8.76 66.14 13.26
C ALA M 177 -8.76 67.49 13.96
N MET M 178 -8.11 67.56 15.12
CA MET M 178 -8.08 68.78 15.93
C MET M 178 -6.68 69.02 16.49
N GLY M 179 -5.65 68.56 15.78
CA GLY M 179 -4.29 68.83 16.18
C GLY M 179 -3.66 67.68 16.93
N ASP M 180 -2.83 66.89 16.25
CA ASP M 180 -2.18 65.70 16.78
C ASP M 180 -3.14 64.83 17.60
N TRP M 181 -4.43 64.88 17.24
CA TRP M 181 -5.46 64.15 17.96
C TRP M 181 -6.64 63.98 17.02
N THR M 182 -7.04 62.73 16.79
CA THR M 182 -8.13 62.40 15.89
C THR M 182 -9.29 61.79 16.68
N ALA M 183 -10.50 62.27 16.43
CA ALA M 183 -11.72 61.74 17.02
C ALA M 183 -12.55 61.05 15.95
N LEU M 184 -12.81 59.76 16.15
CA LEU M 184 -13.61 58.96 15.24
C LEU M 184 -14.96 58.69 15.89
N ILE M 185 -16.04 59.13 15.23
CA ILE M 185 -17.40 58.95 15.72
C ILE M 185 -18.06 57.87 14.87
N ASN M 186 -18.60 56.84 15.53
CA ASN M 186 -19.34 55.79 14.85
C ASN M 186 -20.77 55.75 15.39
N ALA M 187 -21.72 55.59 14.47
CA ALA M 187 -23.13 55.60 14.82
C ALA M 187 -23.93 54.85 13.76
N VAL M 188 -24.80 53.95 14.20
CA VAL M 188 -25.63 53.19 13.26
C VAL M 188 -26.88 52.69 14.00
N SER M 189 -27.98 52.58 13.26
CA SER M 189 -29.23 52.00 13.72
C SER M 189 -29.75 51.05 12.66
N ASN M 190 -30.09 49.83 13.07
CA ASN M 190 -30.54 48.78 12.15
C ASN M 190 -31.91 48.28 12.56
N ASP M 191 -32.74 47.96 11.56
CA ASP M 191 -34.09 47.46 11.76
C ASP M 191 -34.40 46.40 10.71
N SER M 192 -35.10 45.34 11.12
CA SER M 192 -35.42 44.25 10.21
C SER M 192 -36.74 43.61 10.60
N SER M 193 -37.48 43.13 9.60
CA SER M 193 -38.77 42.49 9.80
C SER M 193 -38.94 41.36 8.79
N SER M 194 -39.70 40.34 9.18
CA SER M 194 -39.94 39.18 8.33
C SER M 194 -41.30 38.58 8.65
N ASN M 195 -42.02 38.17 7.62
CA ASN M 195 -43.40 37.67 7.73
C ASN M 195 -43.62 36.60 6.68
N ILE M 196 -43.87 35.37 7.12
CA ILE M 196 -43.97 34.21 6.23
C ILE M 196 -45.24 33.43 6.55
N LEU M 197 -46.00 33.08 5.51
CA LEU M 197 -47.17 32.21 5.60
C LEU M 197 -47.02 31.07 4.62
N SER M 198 -47.26 29.84 5.09
CA SER M 198 -47.20 28.67 4.23
C SER M 198 -48.41 27.78 4.50
N SER M 199 -48.92 27.13 3.45
CA SER M 199 -50.11 26.28 3.54
C SER M 199 -49.99 25.05 2.64
N PRO M 200 -49.38 23.98 3.11
CA PRO M 200 -49.42 22.72 2.37
C PRO M 200 -50.69 21.94 2.65
N SER M 201 -51.13 21.16 1.65
CA SER M 201 -52.37 20.42 1.76
C SER M 201 -52.26 19.11 0.98
N ILE M 202 -53.03 18.11 1.40
CA ILE M 202 -53.02 16.81 0.74
C ILE M 202 -54.35 16.10 0.99
N THR M 203 -54.77 15.29 0.02
CA THR M 203 -56.00 14.50 0.11
C THR M 203 -55.64 13.02 0.20
N VAL M 204 -56.24 12.33 1.17
CA VAL M 204 -55.99 10.91 1.40
C VAL M 204 -57.32 10.18 1.60
N MET M 205 -57.24 8.87 1.63
CA MET M 205 -58.33 8.01 2.05
C MET M 205 -58.20 7.67 3.53
N ASP M 206 -59.30 7.24 4.13
CA ASP M 206 -59.28 6.82 5.52
C ASP M 206 -58.32 5.66 5.71
N ASN M 207 -57.49 5.77 6.75
CA ASN M 207 -56.53 4.73 7.15
C ASN M 207 -55.39 4.57 6.16
N GLY M 208 -55.13 5.60 5.35
CA GLY M 208 -54.03 5.57 4.39
C GLY M 208 -52.99 6.62 4.73
N GLU M 209 -51.76 6.37 4.29
CA GLU M 209 -50.65 7.28 4.50
C GLU M 209 -50.47 8.20 3.31
N ALA M 210 -50.15 9.47 3.57
CA ALA M 210 -49.90 10.45 2.53
C ALA M 210 -48.61 11.21 2.82
N SER M 211 -47.84 11.45 1.76
CA SER M 211 -46.58 12.17 1.82
C SER M 211 -46.61 13.34 0.87
N PHE M 212 -46.06 14.48 1.31
CA PHE M 212 -46.03 15.70 0.54
C PHE M 212 -44.69 16.37 0.76
N ILE M 213 -43.98 16.69 -0.31
CA ILE M 213 -42.72 17.44 -0.21
C ILE M 213 -42.66 18.47 -1.32
N VAL M 214 -42.29 19.70 -0.96
CA VAL M 214 -41.89 20.72 -1.93
C VAL M 214 -40.51 21.20 -1.47
N GLY M 215 -39.48 20.93 -2.26
CA GLY M 215 -38.14 21.26 -1.82
C GLY M 215 -37.01 20.81 -2.71
N GLU M 216 -36.02 20.18 -2.11
CA GLU M 216 -34.74 19.88 -2.74
C GLU M 216 -34.19 18.56 -2.21
N GLU M 217 -33.36 17.92 -3.02
CA GLU M 217 -32.63 16.72 -2.63
C GLU M 217 -31.15 17.05 -2.66
N VAL M 218 -30.49 16.94 -1.51
CA VAL M 218 -29.15 17.47 -1.30
C VAL M 218 -28.24 16.30 -0.91
N PRO M 219 -27.05 16.17 -1.49
CA PRO M 219 -26.11 15.15 -1.04
C PRO M 219 -25.32 15.60 0.19
N VAL M 220 -25.06 14.66 1.09
CA VAL M 220 -24.30 14.91 2.31
C VAL M 220 -23.30 13.79 2.52
N ILE M 221 -22.26 14.09 3.28
CA ILE M 221 -21.18 13.17 3.54
C ILE M 221 -21.53 12.31 4.75
N THR M 222 -21.34 11.00 4.63
CA THR M 222 -21.58 10.04 5.69
C THR M 222 -20.39 9.11 5.85
N GLY M 223 -19.19 9.68 5.95
CA GLY M 223 -17.99 8.89 5.95
C GLY M 223 -16.98 9.21 4.86
N SER M 224 -16.90 10.50 4.51
CA SER M 224 -15.96 11.06 3.52
C SER M 224 -14.69 10.24 3.29
N ASP M 231 -9.16 15.59 -3.00
CA ASP M 231 -9.80 14.40 -3.55
C ASP M 231 -10.25 13.46 -2.45
N ASN M 232 -10.83 12.32 -2.84
CA ASN M 232 -11.30 11.34 -1.87
C ASN M 232 -11.50 10.00 -2.56
N PRO M 233 -11.02 8.90 -1.96
CA PRO M 233 -11.20 7.59 -2.58
C PRO M 233 -12.62 7.04 -2.41
N PHE M 234 -13.23 7.27 -1.26
CA PHE M 234 -14.61 6.86 -1.02
C PHE M 234 -15.25 7.81 -0.02
N GLN M 235 -16.33 8.47 -0.43
CA GLN M 235 -16.94 9.54 0.34
C GLN M 235 -18.13 9.11 1.17
N THR M 236 -18.80 8.01 0.80
CA THR M 236 -20.02 7.54 1.46
C THR M 236 -21.09 8.64 1.50
N VAL M 237 -21.53 9.04 0.31
CA VAL M 237 -22.49 10.13 0.15
C VAL M 237 -23.90 9.58 0.20
N ASP M 238 -24.79 10.31 0.87
CA ASP M 238 -26.21 9.97 0.93
C ASP M 238 -27.03 11.21 0.62
N ARG M 239 -28.14 11.02 -0.09
CA ARG M 239 -28.96 12.14 -0.55
C ARG M 239 -30.20 12.26 0.35
N LYS M 240 -30.41 13.46 0.89
CA LYS M 240 -31.47 13.74 1.85
C LYS M 240 -32.44 14.76 1.27
N GLU M 241 -33.58 14.92 1.92
CA GLU M 241 -34.64 15.78 1.44
C GLU M 241 -34.80 16.97 2.39
N VAL M 242 -34.90 18.17 1.81
CA VAL M 242 -35.17 19.39 2.54
C VAL M 242 -36.34 20.10 1.86
N GLY M 243 -37.05 20.92 2.64
CA GLY M 243 -38.18 21.63 2.09
C GLY M 243 -39.34 21.71 3.05
N ILE M 244 -40.54 21.83 2.49
CA ILE M 244 -41.78 21.71 3.25
C ILE M 244 -42.28 20.29 3.10
N LYS M 245 -42.38 19.57 4.22
CA LYS M 245 -42.72 18.16 4.22
C LYS M 245 -43.88 17.89 5.17
N LEU M 246 -44.82 17.07 4.71
CA LEU M 246 -45.98 16.68 5.49
C LEU M 246 -46.25 15.20 5.28
N LYS M 247 -46.13 14.40 6.34
CA LYS M 247 -46.53 13.01 6.34
C LYS M 247 -47.70 12.83 7.29
N VAL M 248 -48.80 12.27 6.79
CA VAL M 248 -50.03 12.19 7.57
C VAL M 248 -50.69 10.83 7.41
N VAL M 249 -51.19 10.29 8.52
CA VAL M 249 -52.09 9.14 8.49
C VAL M 249 -53.36 9.51 9.24
N PRO M 250 -54.50 9.60 8.56
CA PRO M 250 -55.77 9.88 9.24
C PRO M 250 -56.56 8.62 9.60
N GLN M 251 -57.43 8.78 10.59
CA GLN M 251 -58.37 7.75 11.00
C GLN M 251 -59.67 8.44 11.40
N ILE M 252 -60.71 8.28 10.58
CA ILE M 252 -62.00 8.85 10.90
C ILE M 252 -62.74 7.91 11.83
N ASN M 253 -63.29 8.45 12.90
CA ASN M 253 -64.24 7.69 13.69
C ASN M 253 -65.50 7.46 12.86
N GLU M 254 -66.48 6.76 13.44
CA GLU M 254 -67.71 6.52 12.71
C GLU M 254 -68.48 7.80 12.44
N GLY M 255 -68.12 8.91 13.11
CA GLY M 255 -68.84 10.15 12.97
C GLY M 255 -68.05 11.29 12.36
N ASN M 256 -67.80 12.34 13.15
CA ASN M 256 -67.24 13.58 12.61
C ASN M 256 -65.97 14.01 13.31
N SER M 257 -65.07 13.07 13.59
CA SER M 257 -63.78 13.38 14.19
C SER M 257 -62.68 12.59 13.49
N VAL M 258 -61.52 13.22 13.36
CA VAL M 258 -60.38 12.62 12.68
C VAL M 258 -59.20 12.58 13.65
N GLN M 259 -58.64 11.41 13.84
CA GLN M 259 -57.40 11.23 14.59
C GLN M 259 -56.25 11.24 13.58
N LEU M 260 -55.27 12.11 13.79
CA LEU M 260 -54.20 12.33 12.84
C LEU M 260 -52.86 11.98 13.47
N ASN M 261 -52.06 11.19 12.75
CA ASN M 261 -50.64 11.01 13.04
C ASN M 261 -49.87 11.87 12.05
N ILE M 262 -49.11 12.84 12.56
CA ILE M 262 -48.53 13.90 11.74
C ILE M 262 -47.03 14.01 11.98
N GLU M 263 -46.28 14.12 10.88
CA GLU M 263 -44.90 14.59 10.87
C GLU M 263 -44.82 15.78 9.94
N GLN M 264 -44.52 16.96 10.48
CA GLN M 264 -44.47 18.21 9.73
C GLN M 264 -43.07 18.82 9.85
N GLU M 265 -42.55 19.32 8.74
CA GLU M 265 -41.18 19.84 8.75
C GLU M 265 -41.02 20.97 7.75
N VAL M 266 -40.27 22.00 8.16
CA VAL M 266 -39.78 23.05 7.27
C VAL M 266 -38.26 23.11 7.45
N SER M 267 -37.52 22.88 6.37
CA SER M 267 -36.07 22.82 6.45
C SER M 267 -35.43 23.37 5.19
N ASN M 268 -34.33 24.09 5.35
CA ASN M 268 -33.55 24.59 4.22
C ASN M 268 -32.06 24.37 4.46
N VAL M 269 -31.26 24.68 3.45
CA VAL M 269 -29.82 24.46 3.48
C VAL M 269 -29.13 25.77 3.87
N LEU M 270 -28.24 25.69 4.87
CA LEU M 270 -27.37 26.77 5.25
C LEU M 270 -25.93 26.34 5.01
N GLY M 271 -25.11 27.28 4.55
CA GLY M 271 -23.71 26.97 4.29
C GLY M 271 -22.95 26.72 5.57
N ALA M 272 -21.98 25.81 5.51
CA ALA M 272 -21.15 25.52 6.66
C ALA M 272 -20.23 26.69 6.97
N ASN M 273 -20.22 27.12 8.22
CA ASN M 273 -19.28 28.17 8.64
C ASN M 273 -18.02 27.60 9.25
N GLY M 274 -18.11 26.50 9.99
CA GLY M 274 -16.92 25.83 10.49
C GLY M 274 -17.07 24.33 10.51
N ALA M 275 -18.12 23.82 9.88
CA ALA M 275 -18.43 22.40 9.87
C ALA M 275 -17.81 21.72 8.66
N VAL M 276 -17.76 20.39 8.72
CA VAL M 276 -17.18 19.61 7.65
C VAL M 276 -18.06 19.66 6.40
N ASP M 277 -19.38 19.73 6.59
CA ASP M 277 -20.31 19.71 5.48
C ASP M 277 -21.42 20.73 5.73
N VAL M 278 -22.32 20.87 4.76
CA VAL M 278 -23.38 21.86 4.84
C VAL M 278 -24.33 21.54 5.99
N ARG M 279 -25.01 22.58 6.48
CA ARG M 279 -25.95 22.45 7.58
C ARG M 279 -27.39 22.61 7.07
N PHE M 280 -28.33 22.15 7.87
CA PHE M 280 -29.75 22.28 7.57
C PHE M 280 -30.42 23.06 8.68
N ALA M 281 -31.09 24.16 8.33
CA ALA M 281 -32.04 24.78 9.23
C ALA M 281 -33.32 23.93 9.26
N LYS M 282 -33.79 23.60 10.46
CA LYS M 282 -34.79 22.56 10.63
C LYS M 282 -35.83 22.98 11.68
N ARG M 283 -37.10 22.82 11.34
CA ARG M 283 -38.21 22.98 12.29
C ARG M 283 -39.16 21.81 12.08
N GLN M 284 -39.32 20.97 13.10
CA GLN M 284 -40.05 19.71 12.96
C GLN M 284 -41.01 19.50 14.13
N LEU M 285 -42.22 19.04 13.80
CA LEU M 285 -43.22 18.64 14.79
C LEU M 285 -43.68 17.23 14.46
N ASN M 286 -43.58 16.32 15.44
CA ASN M 286 -44.08 14.95 15.32
C ASN M 286 -45.07 14.70 16.43
N THR M 287 -46.30 14.34 16.08
CA THR M 287 -47.32 14.18 17.11
C THR M 287 -48.52 13.40 16.56
N SER M 288 -49.52 13.23 17.42
CA SER M 288 -50.81 12.64 17.07
C SER M 288 -51.90 13.34 17.84
N VAL M 289 -52.96 13.76 17.16
CA VAL M 289 -54.01 14.60 17.74
C VAL M 289 -55.37 14.12 17.27
N MET M 290 -56.42 14.75 17.83
CA MET M 290 -57.80 14.55 17.42
C MET M 290 -58.39 15.90 17.07
N VAL M 291 -59.02 16.00 15.89
CA VAL M 291 -59.64 17.25 15.45
C VAL M 291 -61.06 16.93 14.99
N GLN M 292 -61.91 17.96 15.02
CA GLN M 292 -63.26 17.82 14.52
C GLN M 292 -63.28 17.92 12.99
N ASP M 293 -64.48 17.78 12.42
CA ASP M 293 -64.61 17.60 10.98
C ASP M 293 -64.05 18.78 10.20
N GLY M 294 -64.45 19.99 10.57
CA GLY M 294 -64.01 21.15 9.80
C GLY M 294 -63.45 22.26 10.66
N GLN M 295 -62.85 21.90 11.79
CA GLN M 295 -62.32 22.87 12.75
C GLN M 295 -60.80 22.87 12.71
N MET M 296 -60.23 23.89 13.33
CA MET M 296 -58.79 24.08 13.35
C MET M 296 -58.24 23.83 14.75
N LEU M 297 -57.07 23.20 14.81
CA LEU M 297 -56.38 22.92 16.07
C LEU M 297 -54.94 23.41 15.95
N VAL M 298 -54.40 23.93 17.04
CA VAL M 298 -53.02 24.39 17.09
C VAL M 298 -52.14 23.21 17.50
N LEU M 299 -51.07 22.98 16.72
CA LEU M 299 -50.18 21.87 16.98
C LEU M 299 -48.97 22.26 17.83
N GLY M 300 -48.43 23.45 17.63
CA GLY M 300 -47.26 23.86 18.36
C GLY M 300 -46.79 25.23 17.91
N GLY M 301 -45.77 25.72 18.60
CA GLY M 301 -45.26 27.05 18.29
C GLY M 301 -44.12 27.41 19.22
N LEU M 302 -43.64 28.64 19.04
CA LEU M 302 -42.48 29.15 19.76
C LEU M 302 -42.59 30.67 19.86
N ILE M 303 -42.39 31.18 21.07
CA ILE M 303 -42.25 32.61 21.32
C ILE M 303 -40.86 32.86 21.88
N ASP M 304 -40.08 33.70 21.20
CA ASP M 304 -38.71 33.98 21.59
C ASP M 304 -38.50 35.48 21.68
N GLU M 305 -37.89 35.94 22.77
CA GLU M 305 -37.52 37.34 22.96
C GLU M 305 -36.08 37.39 23.44
N ARG M 306 -35.36 38.44 23.04
CA ARG M 306 -33.95 38.53 23.37
C ARG M 306 -33.54 40.00 23.41
N ALA M 307 -32.86 40.40 24.48
CA ALA M 307 -32.32 41.75 24.62
C ALA M 307 -30.86 41.67 25.05
N LEU M 308 -30.01 42.44 24.39
CA LEU M 308 -28.58 42.48 24.66
C LEU M 308 -28.12 43.92 24.81
N GLU M 309 -27.28 44.16 25.81
CA GLU M 309 -26.70 45.48 26.08
C GLU M 309 -25.21 45.34 26.30
N SER M 310 -24.46 46.36 25.90
CA SER M 310 -23.02 46.36 26.10
C SER M 310 -22.50 47.78 26.16
N GLU M 311 -21.51 48.01 27.03
CA GLU M 311 -20.93 49.33 27.22
C GLU M 311 -19.44 49.20 27.57
N SER M 312 -18.63 50.06 26.97
CA SER M 312 -17.24 50.22 27.35
C SER M 312 -16.94 51.71 27.48
N LYS M 313 -16.35 52.11 28.61
CA LYS M 313 -16.15 53.53 28.86
C LYS M 313 -14.88 53.76 29.66
N VAL M 314 -14.43 55.00 29.65
CA VAL M 314 -13.34 55.43 30.54
C VAL M 314 -13.91 55.63 31.94
N PRO M 315 -13.29 55.06 32.98
CA PRO M 315 -13.95 54.93 34.30
C PRO M 315 -14.64 56.18 34.83
N LEU M 316 -13.92 57.28 35.01
CA LEU M 316 -14.52 58.44 35.64
C LEU M 316 -14.98 59.50 34.64
N LEU M 317 -14.34 59.57 33.48
CA LEU M 317 -14.70 60.56 32.47
C LEU M 317 -16.01 60.24 31.76
N GLY M 318 -16.40 58.96 31.72
CA GLY M 318 -17.59 58.52 31.03
C GLY M 318 -18.88 58.68 31.79
N ASP M 319 -18.84 59.32 32.96
CA ASP M 319 -20.04 59.58 33.75
C ASP M 319 -20.33 61.06 33.90
N ILE M 320 -19.57 61.92 33.23
CA ILE M 320 -19.84 63.36 33.26
C ILE M 320 -21.21 63.62 32.63
N PRO M 321 -22.03 64.51 33.20
CA PRO M 321 -23.42 64.61 32.75
C PRO M 321 -23.59 64.90 31.26
N LEU M 322 -22.70 65.67 30.66
CA LEU M 322 -22.86 66.03 29.26
C LEU M 322 -21.67 65.61 28.39
N LEU M 323 -20.45 65.79 28.87
CA LEU M 323 -19.27 65.51 28.06
C LEU M 323 -18.84 64.05 28.10
N GLY M 324 -19.58 63.19 28.82
CA GLY M 324 -19.20 61.79 28.94
C GLY M 324 -19.40 60.96 27.68
N GLN M 325 -20.28 61.38 26.78
CA GLN M 325 -20.51 60.63 25.55
C GLN M 325 -19.25 60.56 24.69
N LEU M 326 -18.32 61.50 24.86
CA LEU M 326 -17.06 61.46 24.14
C LEU M 326 -16.14 60.35 24.61
N PHE M 327 -16.48 59.66 25.69
CA PHE M 327 -15.63 58.61 26.25
C PHE M 327 -16.42 57.33 26.51
N ARG M 328 -17.30 56.95 25.57
CA ARG M 328 -18.17 55.81 25.74
C ARG M 328 -18.35 55.08 24.41
N SER M 329 -18.72 53.81 24.51
CA SER M 329 -19.13 53.02 23.35
C SER M 329 -20.24 52.08 23.80
N THR M 330 -21.40 52.20 23.18
CA THR M 330 -22.61 51.51 23.58
C THR M 330 -23.20 50.74 22.41
N SER M 331 -23.69 49.52 22.70
CA SER M 331 -24.39 48.69 21.74
C SER M 331 -25.63 48.09 22.39
N SER M 332 -26.74 48.11 21.67
CA SER M 332 -27.99 47.52 22.14
C SER M 332 -28.69 46.78 21.01
N GLN M 333 -29.35 45.68 21.36
CA GLN M 333 -29.99 44.80 20.39
C GLN M 333 -31.25 44.17 21.00
N VAL M 334 -32.29 44.06 20.17
CA VAL M 334 -33.55 43.41 20.54
C VAL M 334 -34.00 42.53 19.37
N GLU M 335 -34.44 41.32 19.70
CA GLU M 335 -34.90 40.36 18.69
C GLU M 335 -36.15 39.65 19.20
N LYS M 336 -37.13 39.50 18.33
CA LYS M 336 -38.39 38.83 18.64
C LYS M 336 -38.75 37.85 17.54
N LYS M 337 -39.26 36.69 17.92
CA LYS M 337 -39.59 35.62 16.99
C LYS M 337 -40.88 34.94 17.43
N ASN M 338 -41.78 34.68 16.48
CA ASN M 338 -43.06 34.05 16.74
C ASN M 338 -43.32 33.01 15.65
N LEU M 339 -43.48 31.75 16.05
CA LEU M 339 -43.73 30.66 15.11
C LEU M 339 -44.96 29.89 15.58
N MET M 340 -45.83 29.51 14.64
CA MET M 340 -47.03 28.77 15.00
C MET M 340 -47.44 27.84 13.87
N VAL M 341 -47.98 26.68 14.23
CA VAL M 341 -48.43 25.67 13.28
C VAL M 341 -49.86 25.26 13.62
N PHE M 342 -50.74 25.29 12.62
CA PHE M 342 -52.12 24.85 12.75
C PHE M 342 -52.40 23.75 11.73
N ILE M 343 -53.41 22.93 12.02
CA ILE M 343 -53.84 21.88 11.11
C ILE M 343 -55.36 21.87 11.05
N LYS M 344 -55.89 21.39 9.92
CA LYS M 344 -57.33 21.36 9.72
C LYS M 344 -57.72 20.23 8.77
N PRO M 345 -58.57 19.30 9.22
CA PRO M 345 -59.10 18.27 8.33
C PRO M 345 -60.45 18.66 7.75
N THR M 346 -60.86 17.89 6.74
CA THR M 346 -62.19 18.03 6.15
C THR M 346 -62.58 16.70 5.53
N ILE M 347 -63.72 16.16 5.94
CA ILE M 347 -64.15 14.85 5.49
C ILE M 347 -64.95 14.99 4.20
N ILE M 348 -64.55 14.24 3.18
CA ILE M 348 -65.28 14.13 1.92
C ILE M 348 -65.88 12.73 1.87
N ARG M 349 -67.21 12.66 1.82
CA ARG M 349 -67.93 11.40 1.77
C ARG M 349 -68.63 11.14 0.45
N ASP M 350 -69.05 12.20 -0.25
CA ASP M 350 -69.76 12.06 -1.51
C ASP M 350 -69.07 12.88 -2.60
N GLY M 351 -69.58 12.74 -3.82
CA GLY M 351 -68.97 13.42 -4.95
C GLY M 351 -69.24 14.90 -5.00
N VAL M 352 -70.35 15.34 -4.40
CA VAL M 352 -70.70 16.76 -4.46
C VAL M 352 -69.74 17.59 -3.63
N THR M 353 -69.32 17.09 -2.47
CA THR M 353 -68.38 17.83 -1.63
C THR M 353 -67.03 17.95 -2.32
N ALA M 354 -66.53 16.86 -2.89
CA ALA M 354 -65.27 16.89 -3.60
C ALA M 354 -65.33 17.82 -4.80
N ASP M 355 -66.46 17.80 -5.53
CA ASP M 355 -66.64 18.70 -6.65
C ASP M 355 -66.62 20.15 -6.19
N GLY M 356 -67.25 20.46 -5.07
CA GLY M 356 -67.24 21.83 -4.57
C GLY M 356 -65.84 22.31 -4.21
N ILE M 357 -65.09 21.48 -3.48
CA ILE M 357 -63.74 21.86 -3.09
C ILE M 357 -62.86 22.06 -4.32
N THR M 358 -62.93 21.11 -5.26
CA THR M 358 -62.11 21.19 -6.46
C THR M 358 -62.49 22.42 -7.29
N GLN M 359 -63.79 22.71 -7.39
CA GLN M 359 -64.22 23.88 -8.14
C GLN M 359 -63.72 25.16 -7.50
N ARG M 360 -63.74 25.24 -6.18
CA ARG M 360 -63.22 26.41 -5.49
C ARG M 360 -61.75 26.65 -5.83
N LYS M 361 -60.92 25.61 -5.66
CA LYS M 361 -59.49 25.80 -5.91
C LYS M 361 -59.21 26.10 -7.38
N TYR M 362 -59.88 25.37 -8.28
CA TYR M 362 -59.70 25.58 -9.71
C TYR M 362 -60.09 26.99 -10.13
N ASN M 363 -61.22 27.48 -9.63
CA ASN M 363 -61.68 28.80 -10.00
C ASN M 363 -60.76 29.89 -9.44
N TYR M 364 -60.20 29.66 -8.25
CA TYR M 364 -59.21 30.60 -7.73
C TYR M 364 -58.01 30.71 -8.67
N ILE M 365 -57.43 29.57 -9.04
CA ILE M 365 -56.26 29.59 -9.92
C ILE M 365 -56.61 30.22 -11.26
N ARG M 366 -57.78 29.88 -11.81
CA ARG M 366 -58.17 30.39 -13.11
C ARG M 366 -58.44 31.89 -13.07
N ALA M 367 -58.98 32.40 -11.96
CA ALA M 367 -59.20 33.84 -11.84
C ALA M 367 -57.86 34.58 -11.81
N GLU M 368 -56.89 34.04 -11.08
CA GLU M 368 -55.55 34.65 -11.13
C GLU M 368 -54.99 34.66 -12.55
N GLN M 369 -55.15 33.55 -13.27
CA GLN M 369 -54.63 33.47 -14.64
C GLN M 369 -55.34 34.45 -15.56
N LEU M 370 -56.66 34.59 -15.43
CA LEU M 370 -57.39 35.53 -16.27
C LEU M 370 -56.98 36.97 -15.99
N PHE M 371 -56.76 37.30 -14.72
CA PHE M 371 -56.27 38.64 -14.40
C PHE M 371 -54.90 38.88 -15.02
N ARG M 372 -54.01 37.88 -14.94
CA ARG M 372 -52.71 38.03 -15.59
C ARG M 372 -52.84 38.16 -17.10
N ALA M 373 -53.85 37.53 -17.69
CA ALA M 373 -54.06 37.64 -19.13
C ALA M 373 -54.63 38.99 -19.53
N GLU M 374 -55.33 39.66 -18.62
CA GLU M 374 -55.79 41.03 -18.92
C GLU M 374 -54.61 41.97 -19.13
N LYS M 375 -53.61 41.90 -18.23
CA LYS M 375 -52.37 42.65 -18.40
C LYS M 375 -51.33 41.71 -18.98
N GLY M 376 -51.36 41.57 -20.30
CA GLY M 376 -50.58 40.54 -20.97
C GLY M 376 -49.09 40.79 -20.93
N LEU M 377 -48.38 40.05 -21.77
CA LEU M 377 -46.93 40.12 -21.81
C LEU M 377 -46.47 41.51 -22.24
N ARG M 378 -45.34 41.94 -21.69
CA ARG M 378 -44.91 43.32 -21.86
C ARG M 378 -44.59 43.63 -23.32
N LEU M 379 -43.85 42.74 -23.99
CA LEU M 379 -43.44 42.98 -25.37
C LEU M 379 -43.71 41.76 -26.25
N LEU M 380 -44.78 41.02 -25.96
CA LEU M 380 -45.16 39.86 -26.76
C LEU M 380 -46.68 39.86 -26.88
N ASP M 381 -47.21 38.76 -27.43
CA ASP M 381 -48.66 38.62 -27.57
C ASP M 381 -49.32 38.44 -26.21
N ASP M 382 -50.48 39.07 -26.04
CA ASP M 382 -51.22 38.98 -24.79
C ASP M 382 -52.01 37.68 -24.67
N ALA M 383 -52.17 36.93 -25.76
CA ALA M 383 -52.90 35.67 -25.74
C ALA M 383 -52.01 34.46 -25.49
N SER M 384 -50.70 34.66 -25.36
CA SER M 384 -49.79 33.55 -25.10
C SER M 384 -49.73 33.17 -23.63
N VAL M 385 -50.40 33.92 -22.76
CA VAL M 385 -50.42 33.59 -21.33
C VAL M 385 -51.24 32.33 -21.12
N PRO M 386 -50.74 31.34 -20.40
CA PRO M 386 -51.54 30.12 -20.14
C PRO M 386 -52.71 30.42 -19.23
N VAL M 387 -53.91 30.05 -19.68
CA VAL M 387 -55.13 30.22 -18.91
C VAL M 387 -55.89 28.89 -18.93
N LEU M 388 -56.34 28.46 -17.76
CA LEU M 388 -57.07 27.21 -17.66
C LEU M 388 -58.41 27.31 -18.38
N PRO M 389 -58.90 26.22 -18.95
CA PRO M 389 -60.24 26.21 -19.53
C PRO M 389 -61.29 26.30 -18.43
N LYS M 390 -62.54 26.51 -18.86
CA LYS M 390 -63.64 26.52 -17.92
C LYS M 390 -63.78 25.15 -17.28
N PHE M 391 -64.34 25.13 -16.07
CA PHE M 391 -64.40 23.89 -15.28
C PHE M 391 -65.15 22.80 -16.05
N GLY M 392 -64.43 21.75 -16.42
CA GLY M 392 -65.00 20.68 -17.21
C GLY M 392 -65.28 21.04 -18.66
N ASP M 393 -64.28 21.60 -19.36
CA ASP M 393 -64.50 22.03 -20.73
C ASP M 393 -63.42 21.51 -21.68
N ASP M 394 -62.26 21.13 -21.13
CA ASP M 394 -61.15 20.58 -21.91
C ASP M 394 -60.54 21.60 -22.86
N ARG M 395 -59.40 21.24 -23.46
CA ARG M 395 -58.61 22.20 -24.22
C ARG M 395 -59.31 22.66 -25.49
N ARG M 396 -58.98 23.87 -25.92
CA ARG M 396 -59.46 24.43 -27.18
C ARG M 396 -58.30 25.11 -27.89
N HIS M 397 -58.44 25.25 -29.21
CA HIS M 397 -57.39 25.89 -30.00
C HIS M 397 -57.36 27.39 -29.74
N SER M 398 -56.21 28.00 -30.07
CA SER M 398 -56.08 29.44 -30.02
C SER M 398 -56.91 30.08 -31.13
N PRO M 399 -57.25 31.37 -30.99
CA PRO M 399 -58.15 31.99 -31.98
C PRO M 399 -57.63 31.94 -33.41
N GLU M 400 -56.31 32.02 -33.61
CA GLU M 400 -55.77 31.96 -34.97
C GLU M 400 -56.01 30.58 -35.60
N ILE M 401 -55.72 29.52 -34.85
CA ILE M 401 -55.96 28.17 -35.37
C ILE M 401 -57.47 27.94 -35.54
N GLN M 402 -58.28 28.51 -34.64
CA GLN M 402 -59.72 28.36 -34.76
C GLN M 402 -60.23 29.00 -36.05
N ALA M 403 -59.74 30.20 -36.36
CA ALA M 403 -60.13 30.86 -37.60
C ALA M 403 -59.62 30.09 -38.81
N PHE M 404 -58.40 29.55 -38.72
CA PHE M 404 -57.87 28.77 -39.83
C PHE M 404 -58.70 27.52 -40.09
N ILE M 405 -59.16 26.86 -39.03
CA ILE M 405 -59.95 25.64 -39.21
C ILE M 405 -61.38 25.99 -39.62
N GLU M 406 -61.86 27.17 -39.25
CA GLU M 406 -63.19 27.58 -39.71
C GLU M 406 -63.17 27.92 -41.20
N GLN M 407 -62.11 28.57 -41.66
CA GLN M 407 -61.99 28.87 -43.08
C GLN M 407 -61.88 27.60 -43.90
N MET M 408 -61.12 26.62 -43.42
CA MET M 408 -60.96 25.34 -44.11
C MET M 408 -62.21 24.49 -43.99
N GLY N 2 -75.30 -16.50 14.69
CA GLY N 2 -74.35 -15.41 14.69
C GLY N 2 -72.98 -15.83 15.16
N ASN N 3 -72.40 -16.82 14.48
CA ASN N 3 -71.08 -17.32 14.86
C ASN N 3 -69.96 -16.38 14.42
N ASN N 4 -70.23 -15.45 13.49
CA ASN N 4 -69.22 -14.52 13.02
C ASN N 4 -69.75 -13.10 13.14
N ARG N 5 -68.88 -12.18 13.55
CA ARG N 5 -69.21 -10.76 13.60
C ARG N 5 -68.07 -9.95 13.01
N VAL N 6 -68.41 -8.80 12.46
CA VAL N 6 -67.45 -7.81 11.98
C VAL N 6 -67.71 -6.52 12.76
N VAL N 7 -66.70 -6.05 13.49
CA VAL N 7 -66.81 -4.89 14.36
C VAL N 7 -65.99 -3.76 13.75
N TYR N 8 -66.62 -2.61 13.56
CA TYR N 8 -65.93 -1.41 13.10
C TYR N 8 -65.51 -0.59 14.31
N LEU N 9 -64.21 -0.34 14.43
CA LEU N 9 -63.68 0.38 15.58
C LEU N 9 -63.69 1.88 15.33
N LYS N 10 -64.03 2.63 16.39
CA LYS N 10 -64.10 4.07 16.30
C LYS N 10 -62.76 4.73 16.63
N TYR N 11 -62.14 4.34 17.74
CA TYR N 11 -60.96 5.04 18.24
C TYR N 11 -59.70 4.18 18.34
N ALA N 12 -59.83 2.87 18.39
CA ALA N 12 -58.67 2.01 18.55
C ALA N 12 -58.18 1.49 17.20
N LYS N 13 -57.05 0.82 17.23
CA LYS N 13 -56.46 0.18 16.06
C LYS N 13 -56.60 -1.33 16.19
N ALA N 14 -57.12 -1.97 15.14
CA ALA N 14 -57.46 -3.39 15.22
C ALA N 14 -56.23 -4.27 15.45
N GLU N 15 -55.13 -3.94 14.77
CA GLU N 15 -53.89 -4.70 14.96
C GLU N 15 -53.45 -4.68 16.42
N ASP N 16 -53.70 -3.58 17.12
CA ASP N 16 -53.39 -3.52 18.54
C ASP N 16 -54.29 -4.45 19.35
N LEU N 17 -55.59 -4.46 19.05
CA LEU N 17 -56.53 -5.24 19.84
C LEU N 17 -56.43 -6.75 19.58
N VAL N 18 -55.86 -7.15 18.44
CA VAL N 18 -55.75 -8.59 18.15
C VAL N 18 -54.92 -9.29 19.21
N GLU N 19 -53.76 -8.71 19.55
CA GLU N 19 -52.88 -9.33 20.55
C GLU N 19 -53.56 -9.39 21.91
N VAL N 20 -54.25 -8.33 22.30
CA VAL N 20 -54.92 -8.30 23.60
C VAL N 20 -56.02 -9.36 23.65
N LEU N 21 -56.82 -9.46 22.60
CA LEU N 21 -57.98 -10.35 22.62
C LEU N 21 -57.63 -11.81 22.35
N LYS N 22 -56.43 -12.11 21.86
CA LYS N 22 -56.05 -13.50 21.65
C LYS N 22 -56.14 -14.31 22.94
N GLY N 23 -55.64 -13.74 24.04
CA GLY N 23 -55.68 -14.45 25.31
C GLY N 23 -57.10 -14.61 25.85
N VAL N 24 -57.91 -13.56 25.77
CA VAL N 24 -59.27 -13.61 26.29
C VAL N 24 -60.10 -14.61 25.49
N SER N 25 -59.94 -14.63 24.16
CA SER N 25 -60.72 -15.54 23.33
C SER N 25 -60.41 -16.99 23.67
N GLU N 26 -59.15 -17.32 23.88
CA GLU N 26 -58.75 -18.68 24.22
C GLU N 26 -59.03 -18.98 25.69
N VAL N 45 -61.97 -20.23 18.42
CA VAL N 45 -62.03 -18.77 18.51
C VAL N 45 -60.95 -18.15 17.62
N MET N 46 -61.35 -17.35 16.64
CA MET N 46 -60.40 -16.71 15.75
C MET N 46 -60.66 -15.21 15.71
N ILE N 47 -59.57 -14.45 15.70
CA ILE N 47 -59.57 -12.98 15.67
C ILE N 47 -58.70 -12.55 14.50
N ALA N 48 -59.24 -11.69 13.63
CA ALA N 48 -58.46 -11.16 12.53
C ALA N 48 -58.70 -9.66 12.41
N ALA N 49 -57.74 -8.96 11.81
CA ALA N 49 -57.82 -7.52 11.64
C ALA N 49 -57.74 -7.16 10.16
N HIS N 50 -58.64 -6.31 9.71
CA HIS N 50 -58.58 -5.70 8.39
C HIS N 50 -58.17 -4.24 8.60
N ALA N 51 -56.96 -3.90 8.15
CA ALA N 51 -56.38 -2.60 8.44
C ALA N 51 -56.99 -1.49 7.60
N ASP N 52 -57.38 -1.78 6.35
CA ASP N 52 -57.86 -0.73 5.46
C ASP N 52 -59.17 -0.15 5.94
N THR N 53 -60.05 -0.97 6.49
CA THR N 53 -61.31 -0.51 7.05
C THR N 53 -61.27 -0.41 8.58
N ASN N 54 -60.15 -0.76 9.20
CA ASN N 54 -59.99 -0.76 10.65
C ASN N 54 -61.10 -1.58 11.33
N SER N 55 -61.16 -2.85 10.96
CA SER N 55 -62.23 -3.72 11.42
C SER N 55 -61.66 -5.00 12.04
N LEU N 56 -62.42 -5.56 12.98
CA LEU N 56 -62.11 -6.85 13.57
C LEU N 56 -63.11 -7.89 13.08
N VAL N 57 -62.60 -9.02 12.61
CA VAL N 57 -63.43 -10.17 12.25
C VAL N 57 -63.28 -11.20 13.35
N LEU N 58 -64.39 -11.55 13.98
CA LEU N 58 -64.39 -12.40 15.16
C LEU N 58 -65.28 -13.61 14.90
N THR N 59 -64.76 -14.80 15.19
CA THR N 59 -65.58 -16.01 15.16
C THR N 59 -65.39 -16.79 16.45
N ALA N 60 -66.50 -17.11 17.10
CA ALA N 60 -66.51 -17.72 18.42
C ALA N 60 -67.96 -18.07 18.77
N PRO N 61 -68.17 -18.99 19.73
CA PRO N 61 -69.52 -19.24 20.23
C PRO N 61 -70.12 -18.06 20.97
N GLN N 62 -71.38 -18.18 21.39
CA GLN N 62 -72.15 -17.02 21.85
C GLN N 62 -71.55 -16.39 23.10
N ASP N 63 -71.16 -17.20 24.08
CA ASP N 63 -70.70 -16.65 25.35
C ASP N 63 -69.36 -15.92 25.20
N ILE N 64 -68.39 -16.58 24.55
CA ILE N 64 -67.12 -15.93 24.28
C ILE N 64 -67.33 -14.71 23.42
N MET N 65 -68.27 -14.77 22.48
CA MET N 65 -68.57 -13.63 21.63
C MET N 65 -69.04 -12.44 22.45
N ASN N 66 -69.98 -12.67 23.38
CA ASN N 66 -70.49 -11.57 24.20
C ASN N 66 -69.41 -10.99 25.09
N ALA N 67 -68.59 -11.85 25.69
CA ALA N 67 -67.51 -11.37 26.54
C ALA N 67 -66.51 -10.52 25.75
N MET N 68 -66.14 -10.99 24.56
CA MET N 68 -65.21 -10.25 23.72
C MET N 68 -65.79 -8.93 23.27
N LEU N 69 -67.08 -8.90 22.95
CA LEU N 69 -67.71 -7.65 22.56
C LEU N 69 -67.71 -6.65 23.71
N GLU N 70 -67.97 -7.12 24.94
CA GLU N 70 -67.89 -6.23 26.08
C GLU N 70 -66.49 -5.67 26.27
N VAL N 71 -65.46 -6.52 26.14
CA VAL N 71 -64.08 -6.06 26.28
C VAL N 71 -63.74 -5.03 25.20
N ILE N 72 -64.13 -5.29 23.96
CA ILE N 72 -63.88 -4.36 22.87
C ILE N 72 -64.56 -3.03 23.14
N GLY N 73 -65.83 -3.07 23.56
CA GLY N 73 -66.53 -1.85 23.87
C GLY N 73 -65.88 -1.05 24.99
N GLN N 74 -65.29 -1.74 25.96
CA GLN N 74 -64.61 -1.03 27.02
C GLN N 74 -63.25 -0.45 26.60
N LEU N 75 -62.55 -1.11 25.68
CA LEU N 75 -61.25 -0.59 25.23
C LEU N 75 -61.34 0.38 24.06
N ASP N 76 -62.50 0.49 23.40
CA ASP N 76 -62.65 1.35 22.23
C ASP N 76 -63.29 2.66 22.65
N ILE N 77 -62.49 3.53 23.26
CA ILE N 77 -62.97 4.80 23.80
C ILE N 77 -62.03 5.92 23.36
N ARG N 78 -62.47 7.14 23.64
CA ARG N 78 -61.75 8.34 23.23
C ARG N 78 -60.67 8.71 24.24
N ARG N 79 -59.54 9.20 23.74
CA ARG N 79 -58.46 9.71 24.55
C ARG N 79 -58.49 11.23 24.57
N ALA N 80 -58.13 11.80 25.72
CA ALA N 80 -58.00 13.23 25.85
C ALA N 80 -56.66 13.70 25.31
N GLN N 81 -56.50 15.02 25.21
CA GLN N 81 -55.28 15.61 24.70
C GLN N 81 -54.66 16.53 25.76
N VAL N 82 -53.36 16.76 25.61
CA VAL N 82 -52.62 17.66 26.50
C VAL N 82 -51.85 18.66 25.66
N LEU N 83 -52.01 19.94 25.98
CA LEU N 83 -51.14 21.00 25.48
C LEU N 83 -50.08 21.26 26.54
N ILE N 84 -48.81 21.17 26.13
CA ILE N 84 -47.68 21.29 27.04
C ILE N 84 -46.85 22.49 26.61
N GLU N 85 -46.64 23.43 27.54
CA GLU N 85 -45.87 24.63 27.29
C GLU N 85 -44.68 24.68 28.24
N ALA N 86 -43.48 24.91 27.70
CA ALA N 86 -42.29 25.11 28.50
C ALA N 86 -41.90 26.58 28.47
N LEU N 87 -41.19 27.00 29.52
CA LEU N 87 -40.76 28.39 29.67
C LEU N 87 -39.32 28.41 30.15
N ILE N 88 -38.43 28.93 29.33
CA ILE N 88 -37.01 29.00 29.62
C ILE N 88 -36.64 30.47 29.82
N VAL N 89 -36.08 30.79 30.99
CA VAL N 89 -35.67 32.14 31.33
C VAL N 89 -34.17 32.14 31.58
N GLU N 90 -33.47 33.08 30.94
CA GLU N 90 -32.03 33.23 31.12
C GLU N 90 -31.70 34.71 31.33
N MET N 91 -30.89 34.99 32.35
CA MET N 91 -30.43 36.35 32.63
C MET N 91 -28.95 36.30 32.94
N ALA N 92 -28.19 37.23 32.38
CA ALA N 92 -26.77 37.33 32.65
C ALA N 92 -26.38 38.79 32.83
N GLU N 93 -25.44 39.01 33.75
CA GLU N 93 -24.91 40.33 34.03
C GLU N 93 -23.40 40.25 34.24
N GLY N 94 -22.69 41.28 33.80
CA GLY N 94 -21.24 41.30 33.97
C GLY N 94 -20.66 42.69 34.07
N ASP N 95 -19.62 42.85 34.89
CA ASP N 95 -19.00 44.15 35.12
C ASP N 95 -17.51 43.98 35.41
N GLY N 96 -16.68 44.82 34.81
CA GLY N 96 -15.24 44.73 35.02
C GLY N 96 -14.58 46.09 34.96
N ILE N 97 -13.43 46.19 35.63
CA ILE N 97 -12.64 47.41 35.63
C ILE N 97 -11.16 47.06 35.62
N ASN N 98 -10.39 47.78 34.81
CA ASN N 98 -8.94 47.65 34.73
C ASN N 98 -8.31 49.03 34.86
N LEU N 99 -7.25 49.14 35.67
CA LEU N 99 -6.60 50.43 35.86
C LEU N 99 -5.13 50.19 36.20
N GLY N 100 -4.22 50.86 35.48
CA GLY N 100 -2.81 50.69 35.75
C GLY N 100 -1.94 51.77 35.13
N VAL N 101 -0.72 51.88 35.67
CA VAL N 101 0.29 52.81 35.20
C VAL N 101 1.59 52.04 35.02
N GLN N 102 2.27 52.28 33.88
CA GLN N 102 3.52 51.64 33.56
C GLN N 102 4.57 52.70 33.24
N TRP N 103 5.82 52.41 33.60
CA TRP N 103 6.93 53.31 33.33
C TRP N 103 7.99 52.59 32.52
N GLY N 104 8.56 53.31 31.56
CA GLY N 104 9.52 52.71 30.65
C GLY N 104 10.58 53.69 30.23
N SER N 105 11.71 53.17 29.79
CA SER N 105 12.79 53.95 29.22
C SER N 105 13.63 53.04 28.34
N LEU N 106 13.94 53.53 27.13
CA LEU N 106 14.61 52.71 26.13
C LEU N 106 16.11 53.00 26.01
N GLU N 107 16.59 54.13 26.51
CA GLU N 107 18.03 54.37 26.53
C GLU N 107 18.74 53.31 27.34
N SER N 108 18.21 52.98 28.51
CA SER N 108 18.54 51.78 29.25
C SER N 108 17.42 50.76 29.03
N GLY N 109 17.50 49.65 29.73
CA GLY N 109 16.43 48.68 29.65
C GLY N 109 15.37 48.79 30.71
N SER N 110 15.31 49.92 31.43
CA SER N 110 14.47 50.03 32.60
C SER N 110 12.99 50.06 32.21
N VAL N 111 12.20 49.19 32.83
CA VAL N 111 10.75 49.16 32.65
C VAL N 111 10.11 48.85 33.99
N ILE N 112 8.92 49.40 34.20
CA ILE N 112 7.98 48.94 35.22
C ILE N 112 6.78 48.40 34.46
N GLN N 113 6.77 47.09 34.20
CA GLN N 113 5.89 46.48 33.23
C GLN N 113 4.84 45.61 33.90
N TYR N 114 3.63 45.63 33.35
CA TYR N 114 2.54 44.80 33.81
C TYR N 114 1.83 44.22 32.59
N GLY N 115 1.91 42.90 32.43
CA GLY N 115 1.28 42.24 31.30
C GLY N 115 -0.18 41.93 31.43
N ASN N 116 -0.74 42.09 32.64
CA ASN N 116 -2.17 41.88 32.83
C ASN N 116 -2.98 42.83 31.96
N THR N 117 -2.57 44.10 31.91
CA THR N 117 -3.16 45.06 31.00
C THR N 117 -2.86 44.66 29.55
N GLY N 118 -3.76 45.04 28.65
CA GLY N 118 -3.64 44.64 27.27
C GLY N 118 -2.66 45.47 26.47
N ALA N 119 -1.62 45.97 27.14
CA ALA N 119 -0.60 46.79 26.48
C ALA N 119 0.65 46.77 27.32
N SER N 120 1.77 46.37 26.73
CA SER N 120 3.06 46.34 27.42
C SER N 120 3.90 47.51 26.92
N ILE N 121 4.54 48.21 27.86
CA ILE N 121 5.22 49.46 27.53
C ILE N 121 6.42 49.20 26.63
N GLY N 122 7.11 48.08 26.79
CA GLY N 122 8.28 47.81 25.97
C GLY N 122 7.93 47.65 24.49
N ASN N 123 6.87 46.87 24.22
CA ASN N 123 6.43 46.71 22.85
C ASN N 123 5.97 48.02 22.24
N VAL N 124 5.27 48.85 23.01
CA VAL N 124 4.81 50.14 22.53
C VAL N 124 6.00 51.03 22.18
N MET N 125 7.00 51.10 23.07
CA MET N 125 8.15 51.95 22.81
C MET N 125 8.96 51.48 21.61
N ILE N 126 9.18 50.18 21.50
CA ILE N 126 9.96 49.67 20.37
C ILE N 126 9.20 49.88 19.06
N GLY N 127 7.90 49.61 19.05
CA GLY N 127 7.12 49.85 17.85
C GLY N 127 7.09 51.32 17.46
N LEU N 128 7.06 52.21 18.46
CA LEU N 128 7.17 53.63 18.17
C LEU N 128 8.51 53.97 17.54
N GLU N 129 9.58 53.35 18.05
CA GLU N 129 10.91 53.61 17.49
C GLU N 129 11.02 53.12 16.06
N GLU N 130 10.50 51.93 15.76
CA GLU N 130 10.63 51.38 14.42
C GLU N 130 9.79 52.12 13.39
N ALA N 131 8.88 52.99 13.81
CA ALA N 131 8.03 53.73 12.91
C ALA N 131 8.59 55.09 12.52
N LYS N 132 9.80 55.42 12.99
CA LYS N 132 10.44 56.70 12.69
C LYS N 132 11.18 56.63 11.36
N ASP N 133 11.49 57.81 10.83
CA ASP N 133 12.21 57.93 9.57
C ASP N 133 13.71 57.84 9.81
N THR N 134 14.39 57.04 8.99
CA THR N 134 15.80 56.74 9.17
C THR N 134 16.63 57.28 8.01
N THR N 135 17.83 57.80 8.34
CA THR N 135 18.78 58.32 7.34
C THR N 135 20.07 57.52 7.38
N GLN N 136 20.33 56.76 6.33
CA GLN N 136 21.60 56.05 6.27
C GLN N 136 22.59 56.91 5.49
N THR N 137 23.23 57.87 6.15
CA THR N 137 24.12 58.78 5.42
C THR N 137 25.52 58.19 5.24
N LYS N 138 25.81 57.76 4.02
CA LYS N 138 27.09 57.13 3.76
C LYS N 138 28.28 58.03 3.99
N ALA N 139 28.22 59.26 3.53
CA ALA N 139 29.33 60.20 3.67
C ALA N 139 30.55 59.48 3.17
N VAL N 140 30.38 58.76 2.06
CA VAL N 140 31.48 58.01 1.50
C VAL N 140 32.25 58.99 0.66
N TYR N 141 32.82 59.99 1.31
CA TYR N 141 33.54 61.01 0.58
C TYR N 141 34.96 60.64 0.25
N PHE N 147 33.87 59.51 -5.95
CA PHE N 147 34.06 60.50 -4.90
C PHE N 147 32.79 61.35 -4.74
N LEU N 148 31.70 60.68 -4.36
CA LEU N 148 30.39 61.30 -4.14
C LEU N 148 30.31 61.64 -2.65
N ARG N 149 30.50 62.91 -2.33
CA ARG N 149 30.85 63.32 -0.97
C ARG N 149 29.76 63.04 0.06
N ASN N 150 28.50 62.96 -0.34
CA ASN N 150 27.39 63.01 0.62
C ASN N 150 26.29 62.00 0.29
N GLU N 151 26.64 60.75 0.06
CA GLU N 151 25.65 59.77 -0.40
C GLU N 151 24.62 59.38 0.66
N THR N 152 23.72 60.30 1.02
CA THR N 152 22.71 59.98 2.02
C THR N 152 21.59 59.14 1.42
N THR N 153 20.69 58.70 2.29
CA THR N 153 19.44 58.07 1.90
C THR N 153 18.42 58.29 3.01
N THR N 154 17.14 58.16 2.67
CA THR N 154 16.07 58.23 3.65
C THR N 154 15.16 57.04 3.45
N THR N 155 14.57 56.57 4.55
CA THR N 155 13.70 55.40 4.52
C THR N 155 12.55 55.58 5.49
N LYS N 156 11.32 55.43 5.00
CA LYS N 156 10.16 55.51 5.87
C LYS N 156 10.11 54.29 6.79
N GLY N 157 9.67 54.51 8.03
CA GLY N 157 9.61 53.45 9.01
C GLY N 157 8.47 52.49 8.76
N ASP N 158 8.54 51.35 9.45
CA ASP N 158 7.52 50.32 9.37
C ASP N 158 6.60 50.39 10.58
N TYR N 159 5.31 50.19 10.35
CA TYR N 159 4.28 50.32 11.37
C TYR N 159 3.76 48.99 11.87
N THR N 160 4.44 47.89 11.56
CA THR N 160 3.92 46.57 11.89
C THR N 160 3.91 46.31 13.39
N LYS N 161 5.03 46.61 14.06
CA LYS N 161 5.10 46.36 15.50
C LYS N 161 4.14 47.26 16.27
N LEU N 162 4.02 48.52 15.86
CA LEU N 162 3.05 49.41 16.50
C LEU N 162 1.62 48.93 16.27
N ALA N 163 1.33 48.46 15.05
CA ALA N 163 -0.01 47.95 14.77
C ALA N 163 -0.33 46.74 15.62
N SER N 164 0.64 45.84 15.81
CA SER N 164 0.42 44.68 16.65
C SER N 164 0.29 45.06 18.12
N ALA N 165 0.99 46.11 18.56
CA ALA N 165 0.93 46.51 19.96
C ALA N 165 -0.41 47.10 20.33
N LEU N 166 -1.03 47.84 19.41
CA LEU N 166 -2.30 48.51 19.68
C LEU N 166 -3.52 47.68 19.28
N SER N 167 -3.32 46.45 18.82
CA SER N 167 -4.42 45.68 18.27
C SER N 167 -5.40 45.24 19.34
N SER N 168 -4.91 44.90 20.53
CA SER N 168 -5.75 44.33 21.58
C SER N 168 -6.18 45.33 22.63
N ILE N 169 -5.93 46.63 22.42
CA ILE N 169 -6.18 47.63 23.44
C ILE N 169 -7.67 47.96 23.47
N GLN N 170 -8.27 47.90 24.65
CA GLN N 170 -9.64 48.34 24.88
C GLN N 170 -9.61 49.44 25.93
N GLY N 171 -10.21 50.58 25.62
CA GLY N 171 -10.25 51.70 26.54
C GLY N 171 -9.09 52.64 26.34
N ALA N 172 -8.73 53.33 27.42
CA ALA N 172 -7.70 54.35 27.35
C ALA N 172 -6.32 53.75 27.58
N ALA N 173 -5.40 54.04 26.66
CA ALA N 173 -3.97 53.72 26.79
C ALA N 173 -3.22 54.96 26.28
N VAL N 174 -2.80 55.80 27.22
CA VAL N 174 -2.28 57.13 26.92
C VAL N 174 -0.84 57.23 27.41
N SER N 175 0.06 57.68 26.55
CA SER N 175 1.48 57.79 26.85
C SER N 175 1.85 59.25 27.09
N ILE N 176 2.59 59.50 28.16
CA ILE N 176 3.08 60.82 28.53
C ILE N 176 4.60 60.75 28.63
N ALA N 177 5.30 61.59 27.89
CA ALA N 177 6.75 61.66 27.92
C ALA N 177 7.19 62.80 28.83
N MET N 178 8.16 62.53 29.69
CA MET N 178 8.64 63.52 30.66
C MET N 178 10.16 63.49 30.75
N GLY N 179 10.84 63.12 29.67
CA GLY N 179 12.28 63.15 29.63
C GLY N 179 12.91 61.80 29.89
N ASP N 180 13.35 61.12 28.83
CA ASP N 180 13.94 59.78 28.88
C ASP N 180 13.13 58.85 29.78
N TRP N 181 11.82 59.09 29.89
CA TRP N 181 10.95 58.32 30.76
C TRP N 181 9.53 58.48 30.25
N THR N 182 8.88 57.37 29.94
CA THR N 182 7.52 57.36 29.41
C THR N 182 6.58 56.70 30.41
N ALA N 183 5.44 57.34 30.67
CA ALA N 183 4.40 56.79 31.53
C ALA N 183 3.19 56.45 30.68
N LEU N 184 2.79 55.18 30.71
CA LEU N 184 1.62 54.69 29.98
C LEU N 184 0.51 54.41 30.99
N ILE N 185 -0.62 55.08 30.82
CA ILE N 185 -1.79 54.92 31.68
C ILE N 185 -2.84 54.14 30.92
N ASN N 186 -3.32 53.05 31.51
CA ASN N 186 -4.39 52.25 30.93
C ASN N 186 -5.58 52.22 31.89
N ALA N 187 -6.78 52.37 31.33
CA ALA N 187 -7.99 52.43 32.14
C ALA N 187 -9.19 52.04 31.28
N VAL N 188 -10.02 51.14 31.80
CA VAL N 188 -11.21 50.70 31.07
C VAL N 188 -12.24 50.16 32.06
N SER N 189 -13.52 50.33 31.73
CA SER N 189 -14.64 49.78 32.47
C SER N 189 -15.61 49.16 31.48
N ASN N 190 -16.00 47.91 31.73
CA ASN N 190 -16.87 47.16 30.84
C ASN N 190 -18.12 46.70 31.57
N ASP N 191 -19.25 46.71 30.87
CA ASP N 191 -20.54 46.30 31.41
C ASP N 191 -21.33 45.55 30.35
N SER N 192 -22.04 44.50 30.75
CA SER N 192 -22.79 43.69 29.81
C SER N 192 -24.02 43.10 30.49
N SER N 193 -25.09 42.95 29.72
CA SER N 193 -26.35 42.40 30.21
C SER N 193 -27.00 41.56 29.12
N SER N 194 -27.77 40.55 29.53
CA SER N 194 -28.45 39.65 28.61
C SER N 194 -29.72 39.12 29.24
N ASN N 195 -30.79 39.04 28.45
CA ASN N 195 -32.12 38.66 28.93
C ASN N 195 -32.83 37.89 27.82
N ILE N 196 -33.13 36.62 28.07
CA ILE N 196 -33.69 35.72 27.06
C ILE N 196 -34.90 35.01 27.64
N LEU N 197 -36.00 34.98 26.86
CA LEU N 197 -37.21 34.23 27.17
C LEU N 197 -37.57 33.35 25.99
N SER N 198 -37.84 32.07 26.26
CA SER N 198 -38.24 31.13 25.22
C SER N 198 -39.44 30.31 25.71
N SER N 199 -40.35 29.99 24.79
CA SER N 199 -41.57 29.25 25.11
C SER N 199 -41.94 28.27 24.00
N PRO N 200 -41.40 27.06 24.02
CA PRO N 200 -41.88 26.02 23.11
C PRO N 200 -43.11 25.31 23.64
N SER N 201 -43.96 24.85 22.72
CA SER N 201 -45.21 24.21 23.09
C SER N 201 -45.56 23.12 22.08
N ILE N 202 -46.31 22.12 22.53
CA ILE N 202 -46.73 21.02 21.66
C ILE N 202 -48.01 20.40 22.22
N THR N 203 -48.83 19.89 21.30
CA THR N 203 -50.09 19.22 21.64
C THR N 203 -49.98 17.73 21.33
N VAL N 204 -50.36 16.89 22.28
CA VAL N 204 -50.29 15.44 22.14
C VAL N 204 -51.58 14.81 22.62
N MET N 205 -51.72 13.52 22.38
CA MET N 205 -52.76 12.71 22.97
C MET N 205 -52.23 12.01 24.22
N ASP N 206 -53.16 11.55 25.05
CA ASP N 206 -52.79 10.82 26.25
C ASP N 206 -52.01 9.56 25.88
N ASN N 207 -50.90 9.34 26.58
CA ASN N 207 -50.06 8.15 26.43
C ASN N 207 -49.31 8.13 25.10
N GLY N 208 -49.14 9.29 24.47
CA GLY N 208 -48.41 9.39 23.21
C GLY N 208 -47.15 10.22 23.37
N GLU N 209 -46.18 9.97 22.50
CA GLU N 209 -44.92 10.70 22.51
C GLU N 209 -44.97 11.86 21.52
N ALA N 210 -44.37 12.98 21.90
CA ALA N 210 -44.30 14.17 21.05
C ALA N 210 -42.88 14.71 21.03
N SER N 211 -42.44 15.12 19.83
CA SER N 211 -41.12 15.68 19.61
C SER N 211 -41.25 17.05 18.97
N PHE N 212 -40.41 17.98 19.42
CA PHE N 212 -40.42 19.35 18.93
C PHE N 212 -38.98 19.82 18.81
N ILE N 213 -38.59 20.31 17.64
CA ILE N 213 -37.26 20.90 17.47
C ILE N 213 -37.37 22.15 16.62
N VAL N 214 -36.71 23.23 17.06
CA VAL N 214 -36.46 24.40 16.24
C VAL N 214 -34.95 24.63 16.30
N GLY N 215 -34.27 24.46 15.17
CA GLY N 215 -32.82 24.55 15.19
C GLY N 215 -32.10 24.22 13.89
N GLU N 216 -31.09 23.37 14.00
CA GLU N 216 -30.15 23.12 12.93
C GLU N 216 -29.69 21.67 12.99
N GLU N 217 -29.26 21.16 11.83
CA GLU N 217 -28.65 19.84 11.72
C GLU N 217 -27.22 20.02 11.25
N VAL N 218 -26.26 19.58 12.07
CA VAL N 218 -24.85 19.91 11.92
C VAL N 218 -24.08 18.62 11.76
N PRO N 219 -23.16 18.52 10.79
CA PRO N 219 -22.31 17.33 10.69
C PRO N 219 -21.13 17.41 11.65
N VAL N 220 -20.76 16.26 12.21
CA VAL N 220 -19.64 16.15 13.14
C VAL N 220 -18.82 14.92 12.76
N ILE N 221 -17.56 14.93 13.19
CA ILE N 221 -16.61 13.87 12.88
C ILE N 221 -16.71 12.79 13.95
N THR N 222 -16.79 11.53 13.53
CA THR N 222 -16.86 10.38 14.40
C THR N 222 -15.83 9.32 13.96
N GLY N 223 -14.58 9.75 13.77
CA GLY N 223 -13.58 8.86 13.21
C GLY N 223 -12.94 9.35 11.93
N SER N 224 -12.75 10.67 11.83
CA SER N 224 -12.08 11.35 10.70
C SER N 224 -11.08 10.50 9.92
N ASP N 231 -6.94 16.64 3.30
CA ASP N 231 -7.92 15.69 2.77
C ASP N 231 -8.16 14.56 3.75
N ASN N 232 -9.01 13.60 3.36
CA ASN N 232 -9.32 12.47 4.23
C ASN N 232 -9.92 11.35 3.41
N PRO N 233 -9.47 10.10 3.58
CA PRO N 233 -10.05 8.99 2.82
C PRO N 233 -11.41 8.55 3.34
N PHE N 234 -11.61 8.57 4.66
CA PHE N 234 -12.89 8.24 5.26
C PHE N 234 -13.03 8.98 6.59
N GLN N 235 -14.06 9.82 6.69
CA GLN N 235 -14.22 10.73 7.82
C GLN N 235 -15.15 10.22 8.89
N THR N 236 -16.08 9.31 8.57
CA THR N 236 -17.09 8.82 9.49
C THR N 236 -17.89 9.96 10.10
N VAL N 237 -18.61 10.68 9.23
CA VAL N 237 -19.37 11.85 9.61
C VAL N 237 -20.78 11.45 10.03
N ASP N 238 -21.29 12.08 11.08
CA ASP N 238 -22.65 11.86 11.54
C ASP N 238 -23.32 13.22 11.76
N ARG N 239 -24.61 13.31 11.45
CA ARG N 239 -25.33 14.57 11.53
C ARG N 239 -26.20 14.59 12.78
N LYS N 240 -26.04 15.64 13.59
CA LYS N 240 -26.68 15.78 14.88
C LYS N 240 -27.59 17.00 14.87
N GLU N 241 -28.45 17.10 15.88
CA GLU N 241 -29.45 18.15 15.97
C GLU N 241 -29.11 19.10 17.11
N VAL N 242 -29.19 20.40 16.85
CA VAL N 242 -29.01 21.44 17.86
C VAL N 242 -30.19 22.39 17.76
N GLY N 243 -30.49 23.06 18.86
CA GLY N 243 -31.60 23.99 18.87
C GLY N 243 -32.38 23.95 20.16
N ILE N 244 -33.66 24.30 20.08
CA ILE N 244 -34.61 24.13 21.17
C ILE N 244 -35.35 22.83 20.92
N LYS N 245 -35.23 21.88 21.85
CA LYS N 245 -35.78 20.55 21.70
C LYS N 245 -36.62 20.17 22.91
N LEU N 246 -37.78 19.57 22.63
CA LEU N 246 -38.70 19.12 23.67
C LEU N 246 -39.25 17.76 23.28
N LYS N 247 -38.95 16.74 24.07
CA LYS N 247 -39.55 15.42 23.93
C LYS N 247 -40.40 15.14 25.16
N VAL N 248 -41.67 14.81 24.96
CA VAL N 248 -42.59 14.67 26.09
C VAL N 248 -43.48 13.44 25.89
N VAL N 249 -43.71 12.72 26.98
CA VAL N 249 -44.75 11.70 27.03
C VAL N 249 -45.65 11.99 28.22
N PRO N 250 -46.92 12.34 27.99
CA PRO N 250 -47.85 12.57 29.09
C PRO N 250 -48.68 11.34 29.45
N GLN N 251 -49.17 11.35 30.69
CA GLN N 251 -50.10 10.34 31.18
C GLN N 251 -51.08 11.03 32.12
N ILE N 252 -52.32 11.16 31.68
CA ILE N 252 -53.35 11.77 32.51
C ILE N 252 -53.91 10.70 33.44
N ASN N 253 -54.01 11.02 34.72
CA ASN N 253 -54.79 10.19 35.61
C ASN N 253 -56.27 10.29 35.23
N GLU N 254 -57.11 9.56 35.96
CA GLU N 254 -58.54 9.61 35.65
C GLU N 254 -59.13 10.99 35.91
N GLY N 255 -58.40 11.87 36.61
CA GLY N 255 -58.92 13.17 36.97
C GLY N 255 -58.17 14.34 36.36
N ASN N 256 -57.54 15.15 37.20
CA ASN N 256 -56.97 16.42 36.76
C ASN N 256 -55.48 16.55 37.06
N SER N 257 -54.70 15.49 36.83
CA SER N 257 -53.27 15.54 37.02
C SER N 257 -52.59 14.84 35.85
N VAL N 258 -51.43 15.36 35.46
CA VAL N 258 -50.66 14.83 34.34
C VAL N 258 -49.27 14.47 34.84
N GLN N 259 -48.87 13.22 34.60
CA GLN N 259 -47.51 12.76 34.83
C GLN N 259 -46.75 12.91 33.52
N LEU N 260 -45.62 13.61 33.55
CA LEU N 260 -44.86 13.95 32.36
C LEU N 260 -43.47 13.33 32.43
N ASN N 261 -43.07 12.67 31.35
CA ASN N 261 -41.69 12.29 31.11
C ASN N 261 -41.12 13.28 30.09
N ILE N 262 -40.09 14.03 30.50
CA ILE N 262 -39.62 15.20 29.76
C ILE N 262 -38.13 15.11 29.49
N GLU N 263 -37.75 15.41 28.25
CA GLU N 263 -36.37 15.72 27.87
C GLU N 263 -36.39 17.10 27.21
N GLN N 264 -35.75 18.07 27.84
CA GLN N 264 -35.73 19.45 27.36
C GLN N 264 -34.29 19.90 27.13
N GLU N 265 -34.04 20.59 26.02
CA GLU N 265 -32.67 20.96 25.68
C GLU N 265 -32.64 22.28 24.92
N VAL N 266 -31.64 23.10 25.25
CA VAL N 266 -31.28 24.28 24.46
C VAL N 266 -29.79 24.16 24.13
N SER N 267 -29.47 24.13 22.85
CA SER N 267 -28.09 23.92 22.43
C SER N 267 -27.79 24.69 21.15
N ASN N 268 -26.59 25.24 21.07
CA ASN N 268 -26.12 25.92 19.86
C ASN N 268 -24.69 25.50 19.55
N VAL N 269 -24.20 25.97 18.40
CA VAL N 269 -22.86 25.61 17.91
C VAL N 269 -21.89 26.72 18.28
N LEU N 270 -20.77 26.33 18.89
CA LEU N 270 -19.65 27.20 19.16
C LEU N 270 -18.44 26.71 18.37
N GLY N 271 -17.66 27.65 17.85
CA GLY N 271 -16.49 27.28 17.08
C GLY N 271 -15.42 26.67 17.97
N ALA N 272 -14.68 25.72 17.41
CA ALA N 272 -13.59 25.08 18.14
C ALA N 272 -12.44 26.05 18.34
N ASN N 273 -11.97 26.18 19.57
CA ASN N 273 -10.80 27.00 19.85
C ASN N 273 -9.52 26.19 19.87
N GLY N 274 -9.56 24.96 20.38
CA GLY N 274 -8.41 24.09 20.31
C GLY N 274 -8.79 22.64 20.09
N ALA N 275 -10.05 22.40 19.76
CA ALA N 275 -10.58 21.06 19.59
C ALA N 275 -10.48 20.63 18.14
N VAL N 276 -10.63 19.32 17.92
CA VAL N 276 -10.54 18.76 16.56
C VAL N 276 -11.74 19.19 15.73
N ASP N 277 -12.91 19.34 16.35
CA ASP N 277 -14.13 19.66 15.64
C ASP N 277 -14.92 20.69 16.44
N VAL N 278 -16.04 21.14 15.88
CA VAL N 278 -16.84 22.19 16.51
C VAL N 278 -17.43 21.69 17.82
N ARG N 279 -17.76 22.64 18.69
CA ARG N 279 -18.33 22.35 20.00
C ARG N 279 -19.80 22.76 20.04
N PHE N 280 -20.52 22.21 21.00
CA PHE N 280 -21.92 22.54 21.23
C PHE N 280 -22.08 23.09 22.63
N ALA N 281 -22.63 24.30 22.75
CA ALA N 281 -23.15 24.77 24.01
C ALA N 281 -24.47 24.06 24.30
N LYS N 282 -24.60 23.50 25.51
CA LYS N 282 -25.67 22.56 25.80
C LYS N 282 -26.24 22.80 27.18
N ARG N 283 -27.57 22.85 27.27
CA ARG N 283 -28.29 22.89 28.55
C ARG N 283 -29.44 21.89 28.45
N GLN N 284 -29.41 20.85 29.29
CA GLN N 284 -30.34 19.73 29.16
C GLN N 284 -30.92 19.34 30.51
N LEU N 285 -32.23 19.09 30.53
CA LEU N 285 -32.94 18.56 31.70
C LEU N 285 -33.71 17.32 31.29
N ASN N 286 -33.46 16.20 31.97
CA ASN N 286 -34.19 14.95 31.76
C ASN N 286 -34.82 14.54 33.08
N THR N 287 -36.14 14.39 33.09
CA THR N 287 -36.80 14.09 34.36
C THR N 287 -38.23 13.57 34.09
N SER N 288 -38.93 13.30 35.20
CA SER N 288 -40.34 12.93 35.18
C SER N 288 -41.01 13.53 36.40
N VAL N 289 -42.14 14.19 36.20
CA VAL N 289 -42.81 14.96 37.25
C VAL N 289 -44.32 14.74 37.18
N MET N 290 -45.02 15.31 38.17
CA MET N 290 -46.48 15.34 38.22
C MET N 290 -46.92 16.79 38.35
N VAL N 291 -47.84 17.22 37.50
CA VAL N 291 -48.36 18.59 37.55
C VAL N 291 -49.88 18.53 37.54
N GLN N 292 -50.50 19.59 38.05
CA GLN N 292 -51.94 19.70 38.00
C GLN N 292 -52.41 20.16 36.62
N ASP N 293 -53.73 20.27 36.47
CA ASP N 293 -54.33 20.45 35.15
C ASP N 293 -53.85 21.72 34.47
N GLY N 294 -53.91 22.85 35.17
CA GLY N 294 -53.54 24.11 34.56
C GLY N 294 -52.57 24.93 35.38
N GLN N 295 -51.72 24.26 36.14
CA GLN N 295 -50.77 24.91 37.04
C GLN N 295 -49.36 24.79 36.48
N MET N 296 -48.46 25.57 37.07
CA MET N 296 -47.07 25.61 36.64
C MET N 296 -46.17 24.99 37.70
N LEU N 297 -45.16 24.26 37.25
CA LEU N 297 -44.18 23.63 38.11
C LEU N 297 -42.78 24.00 37.62
N VAL N 298 -41.86 24.20 38.55
CA VAL N 298 -40.48 24.50 38.21
C VAL N 298 -39.71 23.17 38.07
N LEU N 299 -38.99 23.04 36.95
CA LEU N 299 -38.25 21.81 36.67
C LEU N 299 -36.81 21.88 37.13
N GLY N 300 -36.16 23.03 37.00
CA GLY N 300 -34.77 23.15 37.36
C GLY N 300 -34.25 24.54 37.04
N GLY N 301 -33.00 24.76 37.44
CA GLY N 301 -32.39 26.06 37.24
C GLY N 301 -30.98 26.08 37.78
N LEU N 302 -30.38 27.27 37.69
CA LEU N 302 -28.98 27.48 38.06
C LEU N 302 -28.81 28.94 38.49
N ILE N 303 -28.16 29.13 39.63
CA ILE N 303 -27.72 30.45 40.10
C ILE N 303 -26.21 30.42 40.19
N ASP N 304 -25.55 31.32 39.47
CA ASP N 304 -24.09 31.37 39.43
C ASP N 304 -23.62 32.79 39.73
N GLU N 305 -22.65 32.92 40.62
CA GLU N 305 -22.00 34.18 40.94
C GLU N 305 -20.49 33.99 40.90
N ARG N 306 -19.77 35.03 40.49
CA ARG N 306 -18.33 34.92 40.35
C ARG N 306 -17.69 36.29 40.53
N ALA N 307 -16.65 36.35 41.37
CA ALA N 307 -15.89 37.57 41.58
C ALA N 307 -14.41 37.26 41.47
N LEU N 308 -13.69 38.09 40.72
CA LEU N 308 -12.25 37.93 40.51
C LEU N 308 -11.54 39.24 40.76
N GLU N 309 -10.40 39.17 41.46
CA GLU N 309 -9.56 40.32 41.77
C GLU N 309 -8.12 39.99 41.44
N SER N 310 -7.37 41.00 41.01
CA SER N 310 -5.96 40.82 40.72
C SER N 310 -5.22 42.14 40.88
N GLU N 311 -3.99 42.05 41.39
CA GLU N 311 -3.16 43.23 41.63
C GLU N 311 -1.69 42.89 41.42
N SER N 312 -0.97 43.79 40.77
CA SER N 312 0.49 43.72 40.69
C SER N 312 1.05 45.10 40.99
N LYS N 313 2.02 45.17 41.90
CA LYS N 313 2.51 46.46 42.35
C LYS N 313 3.99 46.38 42.71
N VAL N 314 4.62 47.54 42.78
CA VAL N 314 5.98 47.65 43.33
C VAL N 314 5.90 47.57 44.85
N PRO N 315 6.71 46.70 45.48
CA PRO N 315 6.47 46.33 46.89
C PRO N 315 6.19 47.47 47.85
N LEU N 316 7.11 48.43 47.99
CA LEU N 316 6.93 49.46 49.00
C LEU N 316 6.36 50.77 48.44
N LEU N 317 6.61 51.05 47.16
CA LEU N 317 6.13 52.28 46.55
C LEU N 317 4.64 52.25 46.27
N GLY N 318 4.05 51.07 46.12
CA GLY N 318 2.65 50.92 45.79
C GLY N 318 1.70 51.01 46.96
N ASP N 319 2.20 51.35 48.15
CA ASP N 319 1.35 51.52 49.33
C ASP N 319 1.38 52.95 49.86
N ILE N 320 2.03 53.86 49.15
CA ILE N 320 2.02 55.28 49.54
C ILE N 320 0.59 55.80 49.47
N PRO N 321 0.14 56.60 50.44
CA PRO N 321 -1.30 56.94 50.50
C PRO N 321 -1.86 57.59 49.25
N LEU N 322 -1.07 58.39 48.54
CA LEU N 322 -1.59 59.09 47.37
C LEU N 322 -0.82 58.78 46.10
N LEU N 323 0.51 58.71 46.16
CA LEU N 323 1.33 58.53 44.97
C LEU N 323 1.49 57.07 44.57
N GLY N 324 0.88 56.14 45.31
CA GLY N 324 1.04 54.72 45.03
C GLY N 324 0.33 54.24 43.79
N GLN N 325 -0.71 54.94 43.33
CA GLN N 325 -1.42 54.52 42.12
C GLN N 325 -0.51 54.54 40.90
N LEU N 326 0.57 55.31 40.92
CA LEU N 326 1.52 55.34 39.82
C LEU N 326 2.34 54.06 39.74
N PHE N 327 2.24 53.17 40.72
CA PHE N 327 3.03 51.95 40.74
C PHE N 327 2.16 50.72 40.99
N ARG N 328 1.00 50.66 40.36
CA ARG N 328 0.05 49.59 40.58
C ARG N 328 -0.65 49.22 39.28
N SER N 329 -1.19 48.01 39.25
CA SER N 329 -2.04 47.54 38.16
C SER N 329 -3.11 46.63 38.76
N THR N 330 -4.38 47.01 38.60
CA THR N 330 -5.49 46.36 39.25
C THR N 330 -6.53 45.95 38.22
N SER N 331 -7.10 44.75 38.42
CA SER N 331 -8.19 44.23 37.60
C SER N 331 -9.26 43.62 38.51
N SER N 332 -10.52 43.92 38.22
CA SER N 332 -11.64 43.34 38.96
C SER N 332 -12.76 42.96 38.00
N GLN N 333 -13.45 41.87 38.33
CA GLN N 333 -14.50 41.31 37.48
C GLN N 333 -15.60 40.68 38.34
N VAL N 334 -16.84 40.85 37.91
CA VAL N 334 -18.01 40.26 38.55
C VAL N 334 -18.94 39.73 37.46
N GLU N 335 -19.46 38.52 37.66
CA GLU N 335 -20.36 37.88 36.70
C GLU N 335 -21.48 37.18 37.46
N LYS N 336 -22.70 37.34 36.95
CA LYS N 336 -23.89 36.73 37.53
C LYS N 336 -24.74 36.09 36.44
N LYS N 337 -25.28 34.91 36.75
CA LYS N 337 -26.06 34.13 35.79
C LYS N 337 -27.24 33.48 36.50
N ASN N 338 -28.41 33.55 35.87
CA ASN N 338 -29.64 32.99 36.42
C ASN N 338 -30.39 32.26 35.30
N LEU N 339 -30.63 30.97 35.48
CA LEU N 339 -31.34 30.17 34.49
C LEU N 339 -32.46 29.42 35.18
N MET N 340 -33.63 29.35 34.54
CA MET N 340 -34.77 28.67 35.12
C MET N 340 -35.65 28.07 34.04
N VAL N 341 -36.24 26.91 34.34
CA VAL N 341 -37.12 26.20 33.41
C VAL N 341 -38.42 25.86 34.12
N PHE N 342 -39.56 26.21 33.51
CA PHE N 342 -40.89 25.89 34.00
C PHE N 342 -41.64 25.09 32.94
N ILE N 343 -42.63 24.32 33.39
CA ILE N 343 -43.49 23.56 32.49
C ILE N 343 -44.93 23.70 32.93
N LYS N 344 -45.85 23.55 31.99
CA LYS N 344 -47.27 23.71 32.27
C LYS N 344 -48.11 22.87 31.32
N PRO N 345 -48.93 21.95 31.84
CA PRO N 345 -49.86 21.21 31.00
C PRO N 345 -51.24 21.85 30.98
N THR N 346 -52.06 21.38 30.04
CA THR N 346 -53.47 21.79 29.97
C THR N 346 -54.24 20.68 29.28
N ILE N 347 -55.28 20.17 29.93
CA ILE N 347 -56.04 19.05 29.40
C ILE N 347 -57.16 19.56 28.51
N ILE N 348 -57.22 19.04 27.28
CA ILE N 348 -58.30 19.29 26.35
C ILE N 348 -59.11 18.01 26.23
N ARG N 349 -60.38 18.08 26.63
CA ARG N 349 -61.28 16.94 26.57
C ARG N 349 -62.39 17.07 25.55
N ASP N 350 -62.82 18.29 25.23
CA ASP N 350 -63.90 18.53 24.28
C ASP N 350 -63.45 19.50 23.21
N GLY N 351 -64.32 19.71 22.23
CA GLY N 351 -63.97 20.57 21.11
C GLY N 351 -64.00 22.05 21.45
N VAL N 352 -64.80 22.44 22.44
CA VAL N 352 -64.91 23.85 22.79
C VAL N 352 -63.62 24.38 23.39
N THR N 353 -62.95 23.58 24.22
CA THR N 353 -61.68 24.00 24.83
C THR N 353 -60.61 24.16 23.77
N ALA N 354 -60.50 23.19 22.86
CA ALA N 354 -59.52 23.27 21.79
C ALA N 354 -59.80 24.47 20.89
N ASP N 355 -61.08 24.72 20.59
CA ASP N 355 -61.44 25.87 19.79
C ASP N 355 -61.05 27.17 20.48
N GLY N 356 -61.25 27.26 21.79
CA GLY N 356 -60.86 28.47 22.51
C GLY N 356 -59.36 28.72 22.47
N ILE N 357 -58.57 27.66 22.72
CA ILE N 357 -57.12 27.82 22.70
C ILE N 357 -56.63 28.22 21.32
N THR N 358 -57.14 27.52 20.29
CA THR N 358 -56.73 27.81 18.92
C THR N 358 -57.14 29.23 18.52
N GLN N 359 -58.34 29.66 18.92
CA GLN N 359 -58.78 31.01 18.60
C GLN N 359 -57.90 32.05 19.27
N ARG N 360 -57.50 31.81 20.51
CA ARG N 360 -56.61 32.73 21.20
C ARG N 360 -55.30 32.91 20.43
N LYS N 361 -54.63 31.79 20.12
CA LYS N 361 -53.34 31.89 19.45
C LYS N 361 -53.48 32.50 18.05
N TYR N 362 -54.50 32.08 17.31
CA TYR N 362 -54.74 32.60 15.97
C TYR N 362 -55.00 34.10 15.99
N ASN N 363 -55.83 34.56 16.92
CA ASN N 363 -56.16 35.98 16.99
C ASN N 363 -54.94 36.80 17.40
N TYR N 364 -54.10 36.26 18.27
CA TYR N 364 -52.85 36.95 18.59
C TYR N 364 -52.00 37.17 17.35
N ILE N 365 -51.75 36.09 16.60
CA ILE N 365 -50.91 36.20 15.40
C ILE N 365 -51.56 37.17 14.40
N ARG N 366 -52.87 37.07 14.21
CA ARG N 366 -53.56 37.92 13.24
C ARG N 366 -53.54 39.38 13.66
N ALA N 367 -53.63 39.66 14.96
CA ALA N 367 -53.56 41.04 15.42
C ALA N 367 -52.18 41.63 15.15
N GLU N 368 -51.12 40.84 15.38
CA GLU N 368 -49.79 41.33 15.02
C GLU N 368 -49.70 41.62 13.52
N GLN N 369 -50.25 40.72 12.69
CA GLN N 369 -50.19 40.92 11.25
C GLN N 369 -50.98 42.15 10.81
N LEU N 370 -52.15 42.38 11.41
CA LEU N 370 -52.95 43.56 11.07
C LEU N 370 -52.23 44.84 11.46
N PHE N 371 -51.58 44.85 12.63
CA PHE N 371 -50.81 46.02 13.01
C PHE N 371 -49.67 46.27 12.03
N ARG N 372 -48.97 45.21 11.61
CA ARG N 372 -47.93 45.38 10.60
C ARG N 372 -48.50 45.88 9.28
N ALA N 373 -49.73 45.51 8.96
CA ALA N 373 -50.34 45.96 7.72
C ALA N 373 -50.78 47.42 7.80
N GLU N 374 -51.05 47.92 9.01
CA GLU N 374 -51.34 49.35 9.15
C GLU N 374 -50.14 50.21 8.75
N LYS N 375 -48.95 49.84 9.21
CA LYS N 375 -47.71 50.49 8.79
C LYS N 375 -47.06 49.61 7.72
N GLY N 376 -47.51 49.78 6.49
CA GLY N 376 -47.17 48.89 5.41
C GLY N 376 -45.71 48.98 5.00
N LEU N 377 -45.43 48.39 3.84
CA LEU N 377 -44.07 48.34 3.33
C LEU N 377 -43.54 49.74 3.05
N ARG N 378 -42.25 49.92 3.27
CA ARG N 378 -41.66 51.25 3.23
C ARG N 378 -41.76 51.87 1.82
N LEU N 379 -41.41 51.09 0.80
CA LEU N 379 -41.42 51.61 -0.57
C LEU N 379 -42.15 50.68 -1.52
N LEU N 380 -43.17 49.98 -1.04
CA LEU N 380 -43.97 49.09 -1.87
C LEU N 380 -45.43 49.25 -1.47
N ASP N 381 -46.28 48.37 -2.01
CA ASP N 381 -47.70 48.40 -1.68
C ASP N 381 -47.94 47.97 -0.25
N ASP N 382 -48.87 48.65 0.42
CA ASP N 382 -49.20 48.34 1.80
C ASP N 382 -50.11 47.12 1.93
N ALA N 383 -50.71 46.66 0.83
CA ALA N 383 -51.61 45.52 0.85
C ALA N 383 -50.90 44.21 0.54
N SER N 384 -49.60 44.24 0.27
CA SER N 384 -48.84 43.03 -0.01
C SER N 384 -48.40 42.30 1.25
N VAL N 385 -48.64 42.88 2.42
CA VAL N 385 -48.27 42.23 3.68
C VAL N 385 -49.20 41.04 3.91
N PRO N 386 -48.66 39.86 4.22
CA PRO N 386 -49.53 38.70 4.48
C PRO N 386 -50.30 38.88 5.78
N VAL N 387 -51.62 38.73 5.70
CA VAL N 387 -52.51 38.84 6.84
C VAL N 387 -53.44 37.62 6.82
N LEU N 388 -53.57 36.97 7.97
CA LEU N 388 -54.43 35.81 8.07
C LEU N 388 -55.90 36.21 7.87
N PRO N 389 -56.71 35.32 7.29
CA PRO N 389 -58.15 35.58 7.22
C PRO N 389 -58.79 35.51 8.59
N LYS N 390 -60.05 35.92 8.66
CA LYS N 390 -60.80 35.82 9.90
C LYS N 390 -60.96 34.35 10.27
N PHE N 391 -61.10 34.10 11.56
CA PHE N 391 -61.13 32.72 12.08
C PHE N 391 -62.24 31.92 11.41
N GLY N 392 -61.86 30.92 10.62
CA GLY N 392 -62.82 30.13 9.88
C GLY N 392 -63.46 30.84 8.71
N ASP N 393 -62.65 31.46 7.83
CA ASP N 393 -63.20 32.22 6.72
C ASP N 393 -62.56 31.84 5.39
N ASP N 394 -61.37 31.23 5.42
CA ASP N 394 -60.66 30.78 4.23
C ASP N 394 -60.21 31.94 3.34
N ARG N 395 -59.38 31.63 2.34
CA ARG N 395 -58.71 32.65 1.56
C ARG N 395 -59.69 33.46 0.71
N ARG N 396 -59.31 34.71 0.44
CA ARG N 396 -60.05 35.60 -0.44
C ARG N 396 -59.07 36.31 -1.37
N HIS N 397 -59.57 36.77 -2.51
CA HIS N 397 -58.74 37.48 -3.46
C HIS N 397 -58.37 38.86 -2.94
N SER N 398 -57.31 39.43 -3.53
CA SER N 398 -56.93 40.80 -3.23
C SER N 398 -57.93 41.75 -3.86
N PRO N 399 -58.00 43.00 -3.37
CA PRO N 399 -59.05 43.92 -3.86
C PRO N 399 -59.00 44.16 -5.36
N GLU N 400 -57.82 44.16 -5.97
CA GLU N 400 -57.74 44.37 -7.42
C GLU N 400 -58.38 43.22 -8.18
N ILE N 401 -58.05 41.98 -7.80
CA ILE N 401 -58.66 40.82 -8.45
C ILE N 401 -60.16 40.78 -8.15
N GLN N 402 -60.56 41.19 -6.94
CA GLN N 402 -61.97 41.21 -6.60
C GLN N 402 -62.73 42.18 -7.48
N ALA N 403 -62.17 43.37 -7.70
CA ALA N 403 -62.81 44.34 -8.59
C ALA N 403 -62.83 43.83 -10.03
N PHE N 404 -61.75 43.18 -10.46
CA PHE N 404 -61.72 42.63 -11.81
C PHE N 404 -62.78 41.56 -12.02
N ILE N 405 -63.00 40.71 -11.02
CA ILE N 405 -63.99 39.65 -11.15
C ILE N 405 -65.40 40.21 -10.99
N GLU N 406 -65.55 41.32 -10.25
CA GLU N 406 -66.87 41.95 -10.14
C GLU N 406 -67.24 42.63 -11.45
N GLN N 407 -66.28 43.27 -12.12
CA GLN N 407 -66.56 43.88 -13.41
C GLN N 407 -66.92 42.84 -14.46
N MET N 408 -66.22 41.70 -14.45
CA MET N 408 -66.49 40.62 -15.39
C MET N 408 -67.77 39.88 -15.02
N GLY O 2 -68.83 -12.42 35.58
CA GLY O 2 -67.76 -11.45 35.48
C GLY O 2 -66.40 -12.10 35.37
N ASN O 3 -66.23 -12.95 34.36
CA ASN O 3 -64.96 -13.64 34.16
C ASN O 3 -63.89 -12.73 33.57
N ASN O 4 -64.26 -11.60 32.99
CA ASN O 4 -63.31 -10.67 32.40
C ASN O 4 -63.54 -9.27 32.96
N ARG O 5 -62.44 -8.56 33.22
CA ARG O 5 -62.50 -7.18 33.65
C ARG O 5 -61.48 -6.36 32.88
N VAL O 6 -61.79 -5.08 32.70
CA VAL O 6 -60.86 -4.10 32.14
C VAL O 6 -60.65 -3.02 33.19
N VAL O 7 -59.42 -2.83 33.61
CA VAL O 7 -59.06 -1.90 34.67
C VAL O 7 -58.28 -0.74 34.07
N TYR O 8 -58.75 0.48 34.31
CA TYR O 8 -58.05 1.69 33.89
C TYR O 8 -57.15 2.15 35.03
N LEU O 9 -55.85 2.25 34.75
CA LEU O 9 -54.88 2.62 35.76
C LEU O 9 -54.71 4.13 35.84
N LYS O 10 -54.58 4.63 37.07
CA LYS O 10 -54.43 6.06 37.29
C LYS O 10 -52.98 6.49 37.27
N TYR O 11 -52.11 5.79 38.01
CA TYR O 11 -50.74 6.24 38.22
C TYR O 11 -49.68 5.28 37.72
N ALA O 12 -50.00 4.00 37.55
CA ALA O 12 -49.00 3.02 37.15
C ALA O 12 -49.05 2.80 35.64
N LYS O 13 -48.08 2.03 35.15
CA LYS O 13 -47.99 1.64 33.75
C LYS O 13 -48.33 0.16 33.64
N ALA O 14 -49.24 -0.17 32.71
CA ALA O 14 -49.78 -1.53 32.63
C ALA O 14 -48.70 -2.54 32.26
N GLU O 15 -47.82 -2.17 31.33
CA GLU O 15 -46.73 -3.06 30.94
C GLU O 15 -45.86 -3.42 32.13
N ASP O 16 -45.71 -2.50 33.09
CA ASP O 16 -44.96 -2.81 34.31
C ASP O 16 -45.72 -3.82 35.18
N LEU O 17 -47.03 -3.64 35.32
CA LEU O 17 -47.79 -4.50 36.22
C LEU O 17 -48.03 -5.89 35.65
N VAL O 18 -47.91 -6.08 34.33
CA VAL O 18 -48.14 -7.40 33.76
C VAL O 18 -47.14 -8.41 34.32
N GLU O 19 -45.86 -8.04 34.36
CA GLU O 19 -44.84 -8.95 34.86
C GLU O 19 -45.06 -9.28 36.33
N VAL O 20 -45.42 -8.27 37.13
CA VAL O 20 -45.64 -8.49 38.55
C VAL O 20 -46.83 -9.42 38.77
N LEU O 21 -47.92 -9.19 38.05
CA LEU O 21 -49.15 -9.95 38.28
C LEU O 21 -49.14 -11.34 37.63
N LYS O 22 -48.21 -11.63 36.72
CA LYS O 22 -48.16 -12.95 36.14
C LYS O 22 -47.98 -14.02 37.20
N GLY O 23 -47.07 -13.80 38.15
CA GLY O 23 -46.85 -14.76 39.21
C GLY O 23 -48.04 -14.92 40.14
N VAL O 24 -48.65 -13.81 40.55
CA VAL O 24 -49.78 -13.86 41.46
C VAL O 24 -50.96 -14.56 40.82
N SER O 25 -51.22 -14.28 39.54
CA SER O 25 -52.35 -14.88 38.86
C SER O 25 -52.21 -16.40 38.77
N GLU O 26 -51.01 -16.89 38.49
CA GLU O 26 -50.76 -18.31 38.41
C GLU O 26 -50.63 -18.92 39.80
N VAL O 45 -55.81 -18.15 33.84
CA VAL O 45 -55.60 -16.75 34.22
C VAL O 45 -54.75 -16.05 33.16
N MET O 46 -55.30 -15.00 32.54
CA MET O 46 -54.57 -14.25 31.54
C MET O 46 -54.58 -12.77 31.86
N ILE O 47 -53.43 -12.13 31.65
CA ILE O 47 -53.20 -10.71 31.90
C ILE O 47 -52.67 -10.10 30.62
N ALA O 48 -53.30 -9.01 30.17
CA ALA O 48 -52.82 -8.31 28.98
C ALA O 48 -52.84 -6.81 29.24
N ALA O 49 -52.00 -6.08 28.51
CA ALA O 49 -51.89 -4.63 28.66
C ALA O 49 -52.20 -3.96 27.33
N HIS O 50 -53.06 -2.93 27.38
CA HIS O 50 -53.30 -2.04 26.27
C HIS O 50 -52.61 -0.72 26.60
N ALA O 51 -51.55 -0.40 25.84
CA ALA O 51 -50.71 0.74 26.17
C ALA O 51 -51.35 2.07 25.81
N ASP O 52 -52.14 2.12 24.73
CA ASP O 52 -52.70 3.39 24.26
C ASP O 52 -53.69 3.96 25.27
N THR O 53 -54.48 3.12 25.91
CA THR O 53 -55.41 3.55 26.95
C THR O 53 -54.90 3.28 28.35
N ASN O 54 -53.71 2.70 28.49
CA ASN O 54 -53.11 2.33 29.77
C ASN O 54 -54.08 1.49 30.61
N SER O 55 -54.46 0.35 30.04
CA SER O 55 -55.47 -0.51 30.65
C SER O 55 -54.95 -1.94 30.79
N LEU O 56 -55.47 -2.63 31.80
CA LEU O 56 -55.21 -4.04 32.00
C LEU O 56 -56.47 -4.84 31.68
N VAL O 57 -56.32 -5.87 30.87
CA VAL O 57 -57.39 -6.82 30.58
C VAL O 57 -57.10 -8.10 31.34
N LEU O 58 -58.00 -8.48 32.24
CA LEU O 58 -57.78 -9.57 33.16
C LEU O 58 -58.89 -10.60 32.98
N THR O 59 -58.51 -11.87 32.85
CA THR O 59 -59.49 -12.95 32.85
C THR O 59 -59.05 -14.04 33.83
N ALA O 60 -59.94 -14.39 34.74
CA ALA O 60 -59.66 -15.29 35.85
C ALA O 60 -60.96 -15.58 36.59
N PRO O 61 -61.01 -16.68 37.36
CA PRO O 61 -62.17 -16.92 38.23
C PRO O 61 -62.31 -15.89 39.35
N GLN O 62 -63.39 -15.98 40.12
CA GLN O 62 -63.77 -14.91 41.03
C GLN O 62 -62.72 -14.64 42.10
N ASP O 63 -62.19 -15.70 42.73
CA ASP O 63 -61.28 -15.52 43.85
C ASP O 63 -59.95 -14.90 43.40
N ILE O 64 -59.35 -15.47 42.35
CA ILE O 64 -58.12 -14.90 41.80
C ILE O 64 -58.39 -13.48 41.31
N MET O 65 -59.57 -13.24 40.75
CA MET O 65 -59.92 -11.90 40.29
C MET O 65 -59.91 -10.90 41.44
N ASN O 66 -60.55 -11.26 42.56
CA ASN O 66 -60.60 -10.35 43.69
C ASN O 66 -59.22 -10.09 44.27
N ALA O 67 -58.41 -11.14 44.38
CA ALA O 67 -57.05 -10.98 44.90
C ALA O 67 -56.22 -10.06 43.99
N MET O 68 -56.31 -10.27 42.68
CA MET O 68 -55.57 -9.45 41.74
C MET O 68 -56.04 -8.01 41.77
N LEU O 69 -57.34 -7.79 41.91
CA LEU O 69 -57.84 -6.42 42.01
C LEU O 69 -57.33 -5.73 43.26
N GLU O 70 -57.27 -6.44 44.39
CA GLU O 70 -56.70 -5.86 45.60
C GLU O 70 -55.23 -5.50 45.40
N VAL O 71 -54.46 -6.38 44.78
CA VAL O 71 -53.04 -6.10 44.53
C VAL O 71 -52.88 -4.88 43.63
N ILE O 72 -53.68 -4.81 42.55
CA ILE O 72 -53.61 -3.67 41.64
C ILE O 72 -53.95 -2.38 42.38
N GLY O 73 -55.02 -2.41 43.19
CA GLY O 73 -55.38 -1.23 43.94
C GLY O 73 -54.30 -0.79 44.90
N GLN O 74 -53.55 -1.74 45.47
CA GLN O 74 -52.48 -1.36 46.37
C GLN O 74 -51.24 -0.83 45.64
N LEU O 75 -50.97 -1.31 44.42
CA LEU O 75 -49.82 -0.82 43.67
C LEU O 75 -50.10 0.40 42.81
N ASP O 76 -51.36 0.77 42.61
CA ASP O 76 -51.71 1.89 41.75
C ASP O 76 -51.97 3.12 42.61
N ILE O 77 -50.89 3.73 43.06
CA ILE O 77 -50.97 4.89 43.96
C ILE O 77 -50.04 5.98 43.47
N ARG O 78 -50.16 7.14 44.10
CA ARG O 78 -49.41 8.33 43.72
C ARG O 78 -48.03 8.34 44.36
N ARG O 79 -47.05 8.83 43.61
CA ARG O 79 -45.70 9.04 44.09
C ARG O 79 -45.48 10.50 44.42
N ALA O 80 -44.69 10.75 45.46
CA ALA O 80 -44.29 12.09 45.83
C ALA O 80 -43.12 12.55 44.97
N GLN O 81 -42.79 13.83 45.08
CA GLN O 81 -41.69 14.41 44.32
C GLN O 81 -40.64 14.99 45.26
N VAL O 82 -39.42 15.13 44.73
CA VAL O 82 -38.32 15.72 45.47
C VAL O 82 -37.68 16.82 44.63
N LEU O 83 -37.52 17.99 45.23
CA LEU O 83 -36.69 19.05 44.68
C LEU O 83 -35.32 18.95 45.34
N ILE O 84 -34.27 18.85 44.53
CA ILE O 84 -32.92 18.64 45.02
C ILE O 84 -32.07 19.83 44.58
N GLU O 85 -31.43 20.50 45.54
CA GLU O 85 -30.58 21.65 45.29
C GLU O 85 -29.18 21.36 45.77
N ALA O 86 -28.18 21.61 44.92
CA ALA O 86 -26.79 21.49 45.29
C ALA O 86 -26.18 22.88 45.43
N LEU O 87 -25.13 22.98 46.24
CA LEU O 87 -24.45 24.25 46.50
C LEU O 87 -22.95 24.02 46.47
N ILE O 88 -22.28 24.63 45.50
CA ILE O 88 -20.85 24.50 45.32
C ILE O 88 -20.21 25.84 45.66
N VAL O 89 -19.26 25.82 46.60
CA VAL O 89 -18.55 27.01 47.05
C VAL O 89 -17.07 26.81 46.77
N GLU O 90 -16.45 27.80 46.13
CA GLU O 90 -15.03 27.77 45.84
C GLU O 90 -14.41 29.12 46.21
N MET O 91 -13.29 29.08 46.93
CA MET O 91 -12.55 30.28 47.31
C MET O 91 -11.07 30.03 47.08
N ALA O 92 -10.38 30.99 46.48
CA ALA O 92 -8.95 30.88 46.27
C ALA O 92 -8.28 32.21 46.59
N GLU O 93 -7.08 32.13 47.17
CA GLU O 93 -6.28 33.29 47.52
C GLU O 93 -4.83 33.02 47.18
N GLY O 94 -4.11 34.05 46.74
CA GLY O 94 -2.71 33.90 46.41
C GLY O 94 -1.90 35.17 46.58
N ASP O 95 -0.65 35.03 47.02
CA ASP O 95 0.22 36.18 47.28
C ASP O 95 1.67 35.80 47.00
N GLY O 96 2.41 36.68 46.34
CA GLY O 96 3.80 36.41 46.03
C GLY O 96 4.63 37.67 46.01
N ILE O 97 5.93 37.51 46.27
CA ILE O 97 6.88 38.61 46.24
C ILE O 97 8.20 38.14 45.67
N ASN O 98 8.80 38.96 44.81
CA ASN O 98 10.11 38.71 44.22
C ASN O 98 10.97 39.96 44.39
N LEU O 99 12.22 39.79 44.81
CA LEU O 99 13.12 40.91 45.01
C LEU O 99 14.56 40.47 44.78
N GLY O 100 15.29 41.21 43.96
CA GLY O 100 16.67 40.84 43.69
C GLY O 100 17.48 41.95 43.04
N VAL O 101 18.80 41.82 43.16
CA VAL O 101 19.77 42.73 42.56
C VAL O 101 20.81 41.91 41.80
N GLN O 102 21.12 42.35 40.58
CA GLN O 102 22.09 41.69 39.72
C GLN O 102 23.16 42.69 39.30
N TRP O 103 24.39 42.21 39.15
CA TRP O 103 25.50 43.04 38.71
C TRP O 103 26.11 42.44 37.45
N GLY O 104 26.48 43.31 36.52
CA GLY O 104 27.01 42.85 35.25
C GLY O 104 28.02 43.81 34.69
N SER O 105 28.87 43.29 33.80
CA SER O 105 29.84 44.09 33.08
C SER O 105 30.21 43.34 31.80
N LEU O 106 30.21 44.07 30.68
CA LEU O 106 30.40 43.45 29.38
C LEU O 106 31.81 43.62 28.81
N GLU O 107 32.61 44.55 29.34
CA GLU O 107 33.99 44.64 28.92
C GLU O 107 34.74 43.35 29.23
N SER O 108 34.54 42.82 30.42
CA SER O 108 34.87 41.44 30.76
C SER O 108 33.60 40.61 30.73
N GLY O 109 33.70 39.36 31.14
CA GLY O 109 32.51 38.55 31.23
C GLY O 109 31.86 38.50 32.60
N SER O 110 32.21 39.43 33.49
CA SER O 110 31.79 39.34 34.87
C SER O 110 30.30 39.60 35.01
N VAL O 111 29.61 38.68 35.68
CA VAL O 111 28.19 38.83 35.99
C VAL O 111 27.94 38.28 37.39
N ILE O 112 26.97 38.87 38.08
CA ILE O 112 26.34 38.27 39.24
C ILE O 112 24.89 38.04 38.85
N GLN O 113 24.59 36.84 38.36
CA GLN O 113 23.36 36.55 37.64
C GLN O 113 22.44 35.66 38.44
N TYR O 114 21.14 35.92 38.34
CA TYR O 114 20.11 35.11 38.97
C TYR O 114 18.99 34.89 37.96
N GLY O 115 18.79 33.65 37.55
CA GLY O 115 17.75 33.34 36.58
C GLY O 115 16.37 33.15 37.15
N ASN O 116 16.24 33.07 38.47
CA ASN O 116 14.92 32.95 39.08
C ASN O 116 14.05 34.16 38.74
N THR O 117 14.64 35.35 38.80
CA THR O 117 13.95 36.55 38.34
C THR O 117 13.73 36.48 36.84
N GLY O 118 12.67 37.14 36.38
CA GLY O 118 12.30 37.07 34.98
C GLY O 118 13.12 37.97 34.07
N ALA O 119 14.37 38.21 34.44
CA ALA O 119 15.25 39.06 33.64
C ALA O 119 16.69 38.73 34.01
N SER O 120 17.49 38.37 33.01
CA SER O 120 18.90 38.06 33.20
C SER O 120 19.73 39.23 32.69
N ILE O 121 20.73 39.62 33.48
CA ILE O 121 21.48 40.84 33.19
C ILE O 121 22.29 40.70 31.90
N GLY O 122 22.80 39.51 31.60
CA GLY O 122 23.60 39.33 30.40
C GLY O 122 22.79 39.56 29.12
N ASN O 123 21.59 38.98 29.08
CA ASN O 123 20.73 39.18 27.92
C ASN O 123 20.33 40.64 27.78
N VAL O 124 20.04 41.32 28.89
CA VAL O 124 19.68 42.72 28.84
C VAL O 124 20.84 43.56 28.29
N MET O 125 22.05 43.32 28.79
CA MET O 125 23.20 44.10 28.34
C MET O 125 23.51 43.85 26.86
N ILE O 126 23.47 42.59 26.43
CA ILE O 126 23.77 42.30 25.03
C ILE O 126 22.70 42.88 24.12
N GLY O 127 21.43 42.75 24.50
CA GLY O 127 20.37 43.34 23.70
C GLY O 127 20.46 44.85 23.63
N LEU O 128 20.88 45.48 24.72
CA LEU O 128 21.13 46.92 24.70
C LEU O 128 22.24 47.27 23.74
N GLU O 129 23.31 46.45 23.73
CA GLU O 129 24.43 46.71 22.83
C GLU O 129 24.01 46.56 21.37
N GLU O 130 23.24 45.53 21.05
CA GLU O 130 22.86 45.30 19.65
C GLU O 130 21.88 46.33 19.12
N ALA O 131 21.30 47.16 19.99
CA ALA O 131 20.34 48.17 19.58
C ALA O 131 20.98 49.52 19.30
N LYS O 132 22.30 49.62 19.38
CA LYS O 132 23.02 50.87 19.14
C LYS O 132 23.31 51.04 17.66
N ASP O 133 23.63 52.28 17.30
CA ASP O 133 23.94 52.63 15.91
C ASP O 133 25.41 52.34 15.61
N THR O 134 25.66 51.70 14.48
CA THR O 134 26.99 51.24 14.12
C THR O 134 27.50 51.96 12.87
N THR O 135 28.81 52.28 12.87
CA THR O 135 29.48 52.93 11.73
C THR O 135 30.57 52.02 11.18
N GLN O 136 30.38 51.51 9.98
CA GLN O 136 31.42 50.72 9.36
C GLN O 136 32.25 51.65 8.48
N THR O 137 33.21 52.36 9.06
CA THR O 137 33.97 53.33 8.26
C THR O 137 35.13 52.67 7.51
N LYS O 138 34.96 52.52 6.21
CA LYS O 138 35.98 51.84 5.42
C LYS O 138 37.32 52.55 5.39
N ALA O 139 37.32 53.86 5.24
CA ALA O 139 38.56 54.63 5.18
C ALA O 139 39.43 53.94 4.17
N VAL O 140 38.82 53.51 3.06
CA VAL O 140 39.55 52.82 2.03
C VAL O 140 40.18 53.89 1.19
N TYR O 141 41.07 54.66 1.79
CA TYR O 141 41.69 55.75 1.07
C TYR O 141 42.87 55.33 0.22
N PHE O 147 39.75 55.81 -5.35
CA PHE O 147 40.42 56.50 -4.25
C PHE O 147 39.43 57.40 -3.51
N LEU O 148 38.40 56.77 -2.93
CA LEU O 148 37.35 57.44 -2.16
C LEU O 148 37.78 57.42 -0.70
N ARG O 149 38.27 58.56 -0.23
CA ARG O 149 39.08 58.59 0.99
C ARG O 149 38.33 58.18 2.25
N ASN O 150 37.01 58.32 2.29
CA ASN O 150 36.27 58.25 3.55
C ASN O 150 34.97 57.45 3.42
N GLU O 151 35.02 56.26 2.85
CA GLU O 151 33.80 55.51 2.57
C GLU O 151 33.09 54.99 3.82
N THR O 152 32.50 55.87 4.63
CA THR O 152 31.81 55.43 5.83
C THR O 152 30.44 54.85 5.49
N THR O 153 29.79 54.31 6.52
CA THR O 153 28.40 53.90 6.45
C THR O 153 27.81 53.95 7.85
N THR O 154 26.49 54.02 7.94
CA THR O 154 25.80 53.96 9.22
C THR O 154 24.68 52.94 9.11
N THR O 155 24.38 52.28 10.23
CA THR O 155 23.37 51.24 10.26
C THR O 155 22.62 51.30 11.59
N LYS O 156 21.29 51.38 11.52
CA LYS O 156 20.49 51.35 12.73
C LYS O 156 20.52 49.96 13.36
N GLY O 157 20.52 49.92 14.69
CA GLY O 157 20.59 48.67 15.40
C GLY O 157 19.29 47.90 15.38
N ASP O 158 19.37 46.64 15.77
CA ASP O 158 18.23 45.75 15.83
C ASP O 158 17.75 45.63 17.27
N TYR O 159 16.43 45.60 17.44
CA TYR O 159 15.80 45.59 18.76
C TYR O 159 15.24 44.23 19.14
N THR O 160 15.61 43.17 18.42
CA THR O 160 15.00 41.86 18.64
C THR O 160 15.41 41.26 19.98
N LYS O 161 16.71 41.29 20.28
CA LYS O 161 17.18 40.71 21.53
C LYS O 161 16.65 41.48 22.73
N LEU O 162 16.63 42.80 22.65
CA LEU O 162 16.06 43.61 23.73
C LEU O 162 14.58 43.33 23.91
N ALA O 163 13.85 43.19 22.79
CA ALA O 163 12.43 42.90 22.88
C ALA O 163 12.19 41.54 23.53
N SER O 164 13.01 40.54 23.20
CA SER O 164 12.87 39.24 23.83
C SER O 164 13.26 39.27 25.31
N ALA O 165 14.22 40.12 25.68
CA ALA O 165 14.67 40.18 27.07
C ALA O 165 13.61 40.79 27.98
N LEU O 166 12.86 41.78 27.48
CA LEU O 166 11.87 42.48 28.28
C LEU O 166 10.47 41.89 28.17
N SER O 167 10.32 40.78 27.43
CA SER O 167 8.98 40.28 27.14
C SER O 167 8.32 39.69 28.37
N SER O 168 9.09 39.04 29.24
CA SER O 168 8.53 38.31 30.38
C SER O 168 8.62 39.07 31.69
N ILE O 169 9.00 40.35 31.66
CA ILE O 169 9.24 41.10 32.88
C ILE O 169 7.91 41.56 33.46
N GLN O 170 7.70 41.28 34.75
CA GLN O 170 6.56 41.77 35.50
C GLN O 170 7.09 42.59 36.68
N GLY O 171 6.61 43.82 36.81
CA GLY O 171 7.05 44.68 37.87
C GLY O 171 8.23 45.54 37.49
N ALA O 172 9.01 45.92 38.51
CA ALA O 172 10.13 46.83 38.30
C ALA O 172 11.39 46.06 37.93
N ALA O 173 12.02 46.48 36.82
CA ALA O 173 13.33 46.01 36.40
C ALA O 173 14.10 47.25 35.93
N VAL O 174 14.91 47.81 36.81
CA VAL O 174 15.53 49.11 36.61
C VAL O 174 17.05 48.96 36.61
N SER O 175 17.70 49.51 35.59
CA SER O 175 19.14 49.41 35.41
C SER O 175 19.80 50.73 35.79
N ILE O 176 20.87 50.66 36.58
CA ILE O 176 21.66 51.80 37.01
C ILE O 176 23.11 51.56 36.59
N ALA O 177 23.66 52.49 35.83
CA ALA O 177 25.05 52.41 35.39
C ALA O 177 25.93 53.26 36.30
N MET O 178 27.06 52.71 36.71
CA MET O 178 27.96 53.38 37.63
C MET O 178 29.42 53.19 37.21
N GLY O 179 29.65 53.03 35.91
CA GLY O 179 31.00 52.93 35.39
C GLY O 179 31.45 51.52 35.17
N ASP O 180 31.43 51.07 33.92
CA ASP O 180 31.77 49.71 33.50
C ASP O 180 31.14 48.66 34.42
N TRP O 181 29.99 48.99 35.01
CA TRP O 181 29.30 48.12 35.95
C TRP O 181 27.84 48.53 35.99
N THR O 182 26.96 47.58 35.71
CA THR O 182 25.52 47.83 35.67
C THR O 182 24.84 47.04 36.79
N ALA O 183 23.95 47.71 37.52
CA ALA O 183 23.15 47.07 38.57
C ALA O 183 21.69 47.06 38.12
N LEU O 184 21.11 45.86 38.04
CA LEU O 184 19.72 45.67 37.66
C LEU O 184 18.93 45.26 38.90
N ILE O 185 17.94 46.06 39.26
CA ILE O 185 17.08 45.80 40.43
C ILE O 185 15.73 45.32 39.91
N ASN O 186 15.28 44.18 40.42
CA ASN O 186 13.97 43.64 40.08
C ASN O 186 13.15 43.50 41.36
N ALA O 187 11.88 43.88 41.28
CA ALA O 187 10.99 43.86 42.43
C ALA O 187 9.55 43.79 41.97
N VAL O 188 8.77 42.88 42.54
CA VAL O 188 7.36 42.74 42.19
C VAL O 188 6.62 42.09 43.35
N SER O 189 5.34 42.44 43.50
CA SER O 189 4.43 41.84 44.45
C SER O 189 3.12 41.56 43.74
N ASN O 190 2.61 40.33 43.87
CA ASN O 190 1.40 39.89 43.19
C ASN O 190 0.38 39.40 44.20
N ASP O 191 -0.90 39.68 43.94
CA ASP O 191 -2.01 39.28 44.79
C ASP O 191 -3.20 38.88 43.92
N SER O 192 -3.91 37.83 44.33
CA SER O 192 -5.04 37.34 43.55
C SER O 192 -6.08 36.72 44.48
N SER O 193 -7.35 36.85 44.10
CA SER O 193 -8.47 36.33 44.87
C SER O 193 -9.55 35.83 43.91
N SER O 194 -10.31 34.83 44.37
CA SER O 194 -11.38 34.25 43.56
C SER O 194 -12.45 33.70 44.48
N ASN O 195 -13.72 33.90 44.08
CA ASN O 195 -14.88 33.55 44.90
C ASN O 195 -16.01 33.14 43.97
N ILE O 196 -16.43 31.87 44.05
CA ILE O 196 -17.41 31.29 43.14
C ILE O 196 -18.49 30.58 43.93
N LEU O 197 -19.76 30.84 43.58
CA LEU O 197 -20.92 30.16 44.13
C LEU O 197 -21.77 29.61 42.99
N SER O 198 -22.15 28.34 43.08
CA SER O 198 -23.01 27.72 42.08
C SER O 198 -24.11 26.92 42.77
N SER O 199 -25.30 26.91 42.16
CA SER O 199 -26.47 26.23 42.73
C SER O 199 -27.32 25.58 41.64
N PRO O 200 -27.00 24.36 41.25
CA PRO O 200 -27.89 23.61 40.36
C PRO O 200 -29.00 22.91 41.13
N SER O 201 -30.16 22.76 40.47
CA SER O 201 -31.32 22.17 41.11
C SER O 201 -32.14 21.39 40.09
N ILE O 202 -32.88 20.39 40.57
CA ILE O 202 -33.70 19.57 39.69
C ILE O 202 -34.85 18.96 40.50
N THR O 203 -35.99 18.76 39.84
CA THR O 203 -37.17 18.14 40.45
C THR O 203 -37.40 16.77 39.83
N VAL O 204 -37.61 15.76 40.67
CA VAL O 204 -37.82 14.38 40.24
C VAL O 204 -39.00 13.79 41.01
N MET O 205 -39.41 12.61 40.57
CA MET O 205 -40.34 11.78 41.30
C MET O 205 -39.58 10.76 42.14
N ASP O 206 -40.27 10.21 43.14
CA ASP O 206 -39.67 9.18 43.97
C ASP O 206 -39.27 7.97 43.13
N ASN O 207 -38.05 7.49 43.37
CA ASN O 207 -37.50 6.30 42.71
C ASN O 207 -37.20 6.52 41.23
N GLY O 208 -37.06 7.78 40.81
CA GLY O 208 -36.74 8.10 39.43
C GLY O 208 -35.37 8.76 39.32
N GLU O 209 -34.77 8.63 38.14
CA GLU O 209 -33.47 9.22 37.88
C GLU O 209 -33.62 10.58 37.20
N ALA O 210 -32.76 11.52 37.57
CA ALA O 210 -32.75 12.85 36.98
C ALA O 210 -31.35 13.25 36.59
N SER O 211 -31.23 13.89 35.43
CA SER O 211 -29.96 14.36 34.89
C SER O 211 -30.06 15.85 34.61
N PHE O 212 -28.98 16.57 34.92
CA PHE O 212 -28.91 18.01 34.73
C PHE O 212 -27.52 18.35 34.23
N ILE O 213 -27.43 19.07 33.12
CA ILE O 213 -26.14 19.56 32.62
C ILE O 213 -26.29 20.98 32.12
N VAL O 214 -25.37 21.86 32.51
CA VAL O 214 -25.18 23.16 31.90
C VAL O 214 -23.72 23.23 31.48
N GLY O 215 -23.46 23.26 30.18
CA GLY O 215 -22.08 23.21 29.73
C GLY O 215 -21.85 23.13 28.24
N GLU O 216 -21.01 22.19 27.84
CA GLU O 216 -20.49 22.11 26.48
C GLU O 216 -20.28 20.65 26.10
N GLU O 217 -20.32 20.39 24.80
CA GLU O 217 -20.00 19.09 24.24
C GLU O 217 -18.77 19.24 23.36
N VAL O 218 -17.70 18.54 23.71
CA VAL O 218 -16.37 18.76 23.15
C VAL O 218 -15.91 17.47 22.49
N PRO O 219 -15.36 17.52 21.28
CA PRO O 219 -14.78 16.31 20.67
C PRO O 219 -13.37 16.05 21.17
N VAL O 220 -13.04 14.78 21.35
CA VAL O 220 -11.73 14.34 21.80
C VAL O 220 -11.27 13.17 20.95
N ILE O 221 -9.97 12.96 20.92
CA ILE O 221 -9.34 11.92 20.13
C ILE O 221 -9.28 10.63 20.93
N THR O 222 -9.70 9.52 20.32
CA THR O 222 -9.68 8.20 20.92
C THR O 222 -9.04 7.20 19.97
N GLY O 223 -7.86 7.54 19.46
CA GLY O 223 -7.23 6.72 18.45
C GLY O 223 -6.93 7.43 17.14
N SER O 224 -6.57 8.71 17.23
CA SER O 224 -6.17 9.57 16.11
C SER O 224 -5.63 8.84 14.88
N ASP O 231 -2.75 15.96 8.57
CA ASP O 231 -3.99 15.26 8.23
C ASP O 231 -4.09 13.95 9.00
N ASN O 232 -5.17 13.20 8.74
CA ASN O 232 -5.38 11.93 9.42
C ASN O 232 -6.38 11.09 8.65
N PRO O 233 -6.12 9.80 8.42
CA PRO O 233 -7.08 8.97 7.70
C PRO O 233 -8.27 8.54 8.55
N PHE O 234 -8.04 8.26 9.84
CA PHE O 234 -9.12 7.94 10.76
C PHE O 234 -8.72 8.34 12.16
N GLN O 235 -9.51 9.23 12.78
CA GLN O 235 -9.17 9.86 14.04
C GLN O 235 -9.79 9.19 15.26
N THR O 236 -10.91 8.48 15.08
CA THR O 236 -11.67 7.87 16.18
C THR O 236 -12.04 8.92 17.23
N VAL O 237 -12.87 9.88 16.80
CA VAL O 237 -13.27 11.00 17.64
C VAL O 237 -14.53 10.64 18.41
N ASP O 238 -14.58 11.04 19.67
CA ASP O 238 -15.75 10.86 20.52
C ASP O 238 -16.09 12.18 21.21
N ARG O 239 -17.37 12.45 21.37
CA ARG O 239 -17.82 13.73 21.93
C ARG O 239 -18.24 13.53 23.38
N LYS O 240 -17.67 14.34 24.26
CA LYS O 240 -17.86 14.23 25.71
C LYS O 240 -18.52 15.50 26.23
N GLU O 241 -18.99 15.44 27.48
CA GLU O 241 -19.73 16.53 28.10
C GLU O 241 -18.91 17.14 29.22
N VAL O 242 -18.84 18.47 29.25
CA VAL O 242 -18.20 19.21 30.32
C VAL O 242 -19.18 20.27 30.81
N GLY O 243 -19.01 20.69 32.06
CA GLY O 243 -19.90 21.69 32.62
C GLY O 243 -20.24 21.42 34.06
N ILE O 244 -21.41 21.90 34.48
CA ILE O 244 -21.98 21.56 35.77
C ILE O 244 -22.98 20.43 35.54
N LYS O 245 -22.74 19.29 36.17
CA LYS O 245 -23.52 18.08 35.96
C LYS O 245 -23.99 17.51 37.28
N LEU O 246 -25.26 17.10 37.30
CA LEU O 246 -25.88 16.51 38.49
C LEU O 246 -26.75 15.33 38.04
N LYS O 247 -26.39 14.13 38.47
CA LYS O 247 -27.22 12.95 38.29
C LYS O 247 -27.68 12.46 39.66
N VAL O 248 -28.98 12.31 39.84
CA VAL O 248 -29.53 11.99 41.15
C VAL O 248 -30.63 10.94 41.04
N VAL O 249 -30.63 9.99 41.97
CA VAL O 249 -31.76 9.10 42.17
C VAL O 249 -32.19 9.18 43.63
N PRO O 250 -33.38 9.69 43.91
CA PRO O 250 -33.88 9.74 45.29
C PRO O 250 -34.76 8.55 45.66
N GLN O 251 -34.84 8.31 46.96
CA GLN O 251 -35.72 7.30 47.53
C GLN O 251 -36.25 7.84 48.85
N ILE O 252 -37.52 8.19 48.89
CA ILE O 252 -38.13 8.67 50.12
C ILE O 252 -38.55 7.48 50.96
N ASN O 253 -38.20 7.49 52.23
CA ASN O 253 -38.79 6.54 53.16
C ASN O 253 -40.28 6.87 53.32
N GLU O 254 -40.97 6.07 54.13
CA GLU O 254 -42.39 6.32 54.33
C GLU O 254 -42.63 7.65 55.05
N GLY O 255 -41.60 8.27 55.62
CA GLY O 255 -41.76 9.50 56.37
C GLY O 255 -41.06 10.70 55.78
N ASN O 256 -40.06 11.22 56.49
CA ASN O 256 -39.45 12.50 56.14
C ASN O 256 -37.95 12.42 55.96
N SER O 257 -37.46 11.38 55.29
CA SER O 257 -36.05 11.24 54.98
C SER O 257 -35.89 10.78 53.54
N VAL O 258 -34.83 11.27 52.90
CA VAL O 258 -34.54 10.95 51.50
C VAL O 258 -33.15 10.35 51.42
N GLN O 259 -33.05 9.17 50.82
CA GLN O 259 -31.79 8.55 50.50
C GLN O 259 -31.44 8.92 49.06
N LEU O 260 -30.26 9.49 48.86
CA LEU O 260 -29.86 10.02 47.56
C LEU O 260 -28.65 9.29 47.04
N ASN O 261 -28.71 8.86 45.78
CA ASN O 261 -27.54 8.42 45.03
C ASN O 261 -27.16 9.57 44.09
N ILE O 262 -25.94 10.10 44.26
CA ILE O 262 -25.53 11.36 43.65
C ILE O 262 -24.23 11.19 42.88
N GLU O 263 -24.20 11.74 41.67
CA GLU O 263 -22.98 12.02 40.92
C GLU O 263 -22.97 13.50 40.58
N GLN O 264 -22.01 14.23 41.14
CA GLN O 264 -21.92 15.68 40.95
C GLN O 264 -20.56 16.03 40.34
N GLU O 265 -20.56 16.95 39.38
CA GLU O 265 -19.32 17.25 38.68
C GLU O 265 -19.30 18.70 38.22
N VAL O 266 -18.13 19.33 38.34
CA VAL O 266 -17.83 20.61 37.72
C VAL O 266 -16.56 20.44 36.90
N SER O 267 -16.65 20.69 35.59
CA SER O 267 -15.53 20.45 34.71
C SER O 267 -15.51 21.46 33.58
N ASN O 268 -14.31 21.91 33.20
CA ASN O 268 -14.14 22.81 32.07
C ASN O 268 -12.96 22.35 31.21
N VAL O 269 -12.77 23.02 30.08
CA VAL O 269 -11.73 22.67 29.12
C VAL O 269 -10.52 23.57 29.35
N LEU O 270 -9.34 22.94 29.46
CA LEU O 270 -8.07 23.61 29.50
C LEU O 270 -7.26 23.21 28.27
N GLY O 271 -6.53 24.17 27.71
CA GLY O 271 -5.72 23.88 26.54
C GLY O 271 -4.55 22.98 26.88
N ALA O 272 -4.19 22.13 25.93
CA ALA O 272 -3.05 21.24 26.11
C ALA O 272 -1.76 22.03 26.10
N ASN O 273 -0.92 21.81 27.12
CA ASN O 273 0.40 22.43 27.13
C ASN O 273 1.48 21.52 26.58
N GLY O 274 1.39 20.22 26.81
CA GLY O 274 2.31 19.28 26.20
C GLY O 274 1.65 17.97 25.85
N ALA O 275 0.33 17.93 25.91
CA ALA O 275 -0.45 16.73 25.67
C ALA O 275 -0.87 16.64 24.21
N VAL O 276 -1.30 15.44 23.81
CA VAL O 276 -1.71 15.21 22.43
C VAL O 276 -3.03 15.94 22.14
N ASP O 277 -3.91 16.04 23.14
CA ASP O 277 -5.22 16.64 22.95
C ASP O 277 -5.54 17.52 24.16
N VAL O 278 -6.69 18.19 24.09
CA VAL O 278 -7.08 19.13 25.14
C VAL O 278 -7.31 18.39 26.46
N ARG O 279 -7.20 19.13 27.55
CA ARG O 279 -7.38 18.60 28.89
C ARG O 279 -8.66 19.11 29.51
N PHE O 280 -9.14 18.42 30.53
CA PHE O 280 -10.33 18.82 31.27
C PHE O 280 -9.96 19.05 32.73
N ALA O 281 -10.25 20.24 33.24
CA ALA O 281 -10.27 20.44 34.68
C ALA O 281 -11.53 19.81 35.24
N LYS O 282 -11.39 19.00 36.30
CA LYS O 282 -12.44 18.11 36.74
C LYS O 282 -12.52 18.08 38.26
N ARG O 283 -13.72 18.23 38.80
CA ARG O 283 -14.01 18.03 40.22
C ARG O 283 -15.28 17.19 40.32
N GLN O 284 -15.17 15.99 40.88
CA GLN O 284 -16.27 15.03 40.87
C GLN O 284 -16.46 14.38 42.23
N LEU O 285 -17.73 14.25 42.63
CA LEU O 285 -18.12 13.53 43.85
C LEU O 285 -19.17 12.50 43.48
N ASN O 286 -18.92 11.24 43.82
CA ASN O 286 -19.86 10.14 43.62
C ASN O 286 -20.13 9.49 44.97
N THR O 287 -21.38 9.46 45.40
CA THR O 287 -21.67 8.94 46.73
C THR O 287 -23.16 8.63 46.87
N SER O 288 -23.54 8.17 48.06
CA SER O 288 -24.93 7.95 48.45
C SER O 288 -25.08 8.30 49.92
N VAL O 289 -26.10 9.10 50.25
CA VAL O 289 -26.27 9.66 51.58
C VAL O 289 -27.74 9.60 51.99
N MET O 290 -28.00 9.98 53.24
CA MET O 290 -29.35 10.14 53.78
C MET O 290 -29.48 11.55 54.33
N VAL O 291 -30.54 12.26 53.93
CA VAL O 291 -30.78 13.61 54.41
C VAL O 291 -32.23 13.70 54.91
N GLN O 292 -32.48 14.67 55.78
CA GLN O 292 -33.82 14.92 56.25
C GLN O 292 -34.61 15.73 55.22
N ASP O 293 -35.88 16.00 55.54
CA ASP O 293 -36.80 16.54 54.56
C ASP O 293 -36.35 17.89 54.02
N GLY O 294 -36.01 18.81 54.90
CA GLY O 294 -35.64 20.15 54.45
C GLY O 294 -34.35 20.65 55.04
N GLN O 295 -33.42 19.74 55.34
CA GLN O 295 -32.16 20.08 55.97
C GLN O 295 -31.03 19.95 54.96
N MET O 296 -29.88 20.49 55.35
CA MET O 296 -28.69 20.50 54.50
C MET O 296 -27.63 19.57 55.05
N LEU O 297 -26.94 18.87 54.16
CA LEU O 297 -25.87 17.97 54.50
C LEU O 297 -24.64 18.31 53.65
N VAL O 298 -23.46 18.20 54.24
CA VAL O 298 -22.21 18.43 53.53
C VAL O 298 -21.76 17.12 52.89
N LEU O 299 -21.44 17.19 51.59
CA LEU O 299 -21.04 16.00 50.84
C LEU O 299 -19.54 15.82 50.79
N GLY O 300 -18.78 16.90 50.68
CA GLY O 300 -17.34 16.80 50.57
C GLY O 300 -16.72 18.16 50.36
N GLY O 301 -15.40 18.18 50.36
CA GLY O 301 -14.67 19.42 50.22
C GLY O 301 -13.18 19.19 50.25
N LEU O 302 -12.45 20.30 50.20
CA LEU O 302 -11.00 20.30 50.12
C LEU O 302 -10.45 21.58 50.73
N ILE O 303 -9.47 21.44 51.61
CA ILE O 303 -8.70 22.56 52.14
C ILE O 303 -7.25 22.37 51.71
N ASP O 304 -6.70 23.35 51.00
CA ASP O 304 -5.35 23.27 50.48
C ASP O 304 -4.58 24.53 50.88
N GLU O 305 -3.37 24.35 51.40
CA GLU O 305 -2.46 25.44 51.72
C GLU O 305 -1.09 25.12 51.16
N ARG O 306 -0.37 26.16 50.73
CA ARG O 306 0.92 25.95 50.08
C ARG O 306 1.80 27.17 50.31
N ALA O 307 3.04 26.94 50.74
CA ALA O 307 4.02 28.00 50.92
C ALA O 307 5.33 27.58 50.26
N LEU O 308 5.92 28.49 49.49
CA LEU O 308 7.17 28.26 48.78
C LEU O 308 8.13 29.40 49.04
N GLU O 309 9.40 29.06 49.27
CA GLU O 309 10.47 30.02 49.51
C GLU O 309 11.67 29.64 48.65
N SER O 310 12.42 30.65 48.21
CA SER O 310 13.61 30.41 47.42
C SER O 310 14.57 31.58 47.57
N GLU O 311 15.86 31.27 47.62
CA GLU O 311 16.91 32.27 47.79
C GLU O 311 18.17 31.85 47.04
N SER O 312 18.80 32.81 46.37
CA SER O 312 20.13 32.63 45.80
C SER O 312 20.97 33.84 46.15
N LYS O 313 22.17 33.60 46.68
CA LYS O 313 22.99 34.70 47.18
C LYS O 313 24.47 34.40 47.00
N VAL O 314 25.27 35.44 47.08
CA VAL O 314 26.72 35.29 47.15
C VAL O 314 27.11 34.86 48.56
N PRO O 315 27.92 33.80 48.71
CA PRO O 315 28.06 33.13 50.02
C PRO O 315 28.29 34.03 51.22
N LEU O 316 29.34 34.84 51.23
CA LEU O 316 29.65 35.62 52.41
C LEU O 316 29.17 37.06 52.33
N LEU O 317 29.06 37.62 51.13
CA LEU O 317 28.63 38.99 50.96
C LEU O 317 27.13 39.18 51.21
N GLY O 318 26.33 38.12 51.03
CA GLY O 318 24.90 38.19 51.17
C GLY O 318 24.38 38.09 52.59
N ASP O 319 25.27 38.08 53.58
CA ASP O 319 24.88 38.05 54.98
C ASP O 319 25.29 39.30 55.73
N ILE O 320 25.83 40.30 55.04
CA ILE O 320 26.18 41.58 55.67
C ILE O 320 24.90 42.23 56.19
N PRO O 321 24.91 42.82 57.40
CA PRO O 321 23.64 43.26 58.00
C PRO O 321 22.84 44.24 57.16
N LEU O 322 23.49 45.11 56.40
CA LEU O 322 22.76 46.11 55.62
C LEU O 322 23.05 46.04 54.13
N LEU O 323 24.29 45.84 53.73
CA LEU O 323 24.66 45.86 52.32
C LEU O 323 24.45 44.53 51.62
N GLY O 324 23.95 43.51 52.33
CA GLY O 324 23.78 42.19 51.74
C GLY O 324 22.67 42.08 50.74
N GLN O 325 21.67 42.97 50.79
CA GLN O 325 20.56 42.92 49.85
C GLN O 325 21.04 43.14 48.41
N LEU O 326 22.19 43.78 48.23
CA LEU O 326 22.74 43.97 46.90
C LEU O 326 23.28 42.69 46.29
N PHE O 327 23.34 41.60 47.06
CA PHE O 327 23.89 40.34 46.59
C PHE O 327 22.94 39.17 46.87
N ARG O 328 21.65 39.37 46.66
CA ARG O 328 20.64 38.37 46.98
C ARG O 328 19.53 38.39 45.94
N SER O 329 18.82 37.27 45.85
CA SER O 329 17.61 37.16 45.05
C SER O 329 16.65 36.23 45.79
N THR O 330 15.47 36.76 46.13
CA THR O 330 14.52 36.08 46.98
C THR O 330 13.16 36.01 46.30
N SER O 331 12.48 34.87 46.46
CA SER O 331 11.12 34.66 45.96
C SER O 331 10.31 33.95 47.03
N SER O 332 9.08 34.43 47.24
CA SER O 332 8.16 33.80 48.19
C SER O 332 6.75 33.76 47.61
N GLN O 333 6.02 32.69 47.94
CA GLN O 333 4.70 32.45 47.40
C GLN O 333 3.82 31.74 48.43
N VAL O 334 2.55 32.13 48.48
CA VAL O 334 1.55 31.52 49.35
C VAL O 334 0.26 31.34 48.55
N GLU O 335 -0.36 30.17 48.67
CA GLU O 335 -1.60 29.86 47.98
C GLU O 335 -2.54 29.12 48.92
N LYS O 336 -3.82 29.50 48.89
CA LYS O 336 -4.85 28.89 49.71
C LYS O 336 -6.08 28.60 48.86
N LYS O 337 -6.69 27.44 49.10
CA LYS O 337 -7.85 26.99 48.32
C LYS O 337 -8.85 26.30 49.25
N ASN O 338 -10.13 26.62 49.08
CA ASN O 338 -11.21 26.06 49.87
C ASN O 338 -12.37 25.70 48.96
N LEU O 339 -12.75 24.43 48.96
CA LEU O 339 -13.85 23.95 48.13
C LEU O 339 -14.82 23.17 49.00
N MET O 340 -16.12 23.37 48.78
CA MET O 340 -17.12 22.67 49.57
C MET O 340 -18.38 22.43 48.75
N VAL O 341 -19.03 21.29 49.00
CA VAL O 341 -20.25 20.91 48.30
C VAL O 341 -21.32 20.53 49.33
N PHE O 342 -22.50 21.11 49.20
CA PHE O 342 -23.66 20.82 50.05
C PHE O 342 -24.82 20.36 49.17
N ILE O 343 -25.73 19.61 49.77
CA ILE O 343 -26.94 19.16 49.08
C ILE O 343 -28.14 19.33 50.00
N LYS O 344 -29.31 19.49 49.40
CA LYS O 344 -30.53 19.71 50.17
C LYS O 344 -31.76 19.21 49.41
N PRO O 345 -32.51 18.27 49.99
CA PRO O 345 -33.76 17.83 49.38
C PRO O 345 -34.96 18.59 49.95
N THR O 346 -36.09 18.44 49.27
CA THR O 346 -37.36 18.97 49.76
C THR O 346 -38.48 18.13 49.16
N ILE O 347 -39.34 17.58 50.00
CA ILE O 347 -40.40 16.69 49.56
C ILE O 347 -41.64 17.51 49.21
N ILE O 348 -42.15 17.30 48.01
CA ILE O 348 -43.42 17.86 47.55
C ILE O 348 -44.43 16.73 47.47
N ARG O 349 -45.49 16.82 48.27
CA ARG O 349 -46.53 15.81 48.30
C ARG O 349 -47.86 16.29 47.75
N ASP O 350 -48.16 17.58 47.84
CA ASP O 350 -49.42 18.13 47.37
C ASP O 350 -49.16 19.29 46.42
N GLY O 351 -50.26 19.80 45.84
CA GLY O 351 -50.13 20.87 44.87
C GLY O 351 -49.80 22.22 45.48
N VAL O 352 -50.18 22.43 46.73
CA VAL O 352 -49.95 23.73 47.35
C VAL O 352 -48.46 23.97 47.58
N THR O 353 -47.71 22.94 47.98
CA THR O 353 -46.28 23.09 48.19
C THR O 353 -45.56 23.40 46.88
N ALA O 354 -45.91 22.67 45.82
CA ALA O 354 -45.30 22.90 44.52
C ALA O 354 -45.64 24.30 44.01
N ASP O 355 -46.89 24.73 44.22
CA ASP O 355 -47.29 26.07 43.82
C ASP O 355 -46.49 27.12 44.58
N GLY O 356 -46.26 26.92 45.87
CA GLY O 356 -45.47 27.88 46.63
C GLY O 356 -44.04 27.99 46.15
N ILE O 357 -43.39 26.84 45.91
CA ILE O 357 -42.01 26.86 45.44
C ILE O 357 -41.91 27.52 44.07
N THR O 358 -42.82 27.15 43.16
CA THR O 358 -42.81 27.72 41.82
C THR O 358 -43.08 29.21 41.86
N GLN O 359 -44.01 29.65 42.71
CA GLN O 359 -44.31 31.08 42.82
C GLN O 359 -43.10 31.84 43.35
N ARG O 360 -42.38 31.28 44.32
CA ARG O 360 -41.19 31.93 44.83
C ARG O 360 -40.17 32.15 43.72
N LYS O 361 -39.83 31.09 42.99
CA LYS O 361 -38.80 31.22 41.95
C LYS O 361 -39.26 32.16 40.83
N TYR O 362 -40.52 32.02 40.40
CA TYR O 362 -41.06 32.86 39.35
C TYR O 362 -41.05 34.33 39.74
N ASN O 363 -41.46 34.63 40.97
CA ASN O 363 -41.52 36.01 41.41
C ASN O 363 -40.12 36.60 41.55
N TYR O 364 -39.15 35.79 41.96
CA TYR O 364 -37.76 36.27 41.98
C TYR O 364 -37.31 36.69 40.58
N ILE O 365 -37.49 35.81 39.61
CA ILE O 365 -37.05 36.12 38.24
C ILE O 365 -37.80 37.35 37.72
N ARG O 366 -39.10 37.42 37.97
CA ARG O 366 -39.90 38.53 37.47
C ARG O 366 -39.52 39.85 38.13
N ALA O 367 -39.17 39.83 39.41
CA ALA O 367 -38.72 41.04 40.08
C ALA O 367 -37.42 41.55 39.48
N GLU O 368 -36.49 40.63 39.19
CA GLU O 368 -35.27 41.06 38.50
C GLU O 368 -35.59 41.69 37.15
N GLN O 369 -36.51 41.07 36.39
CA GLN O 369 -36.86 41.60 35.08
C GLN O 369 -37.54 42.97 35.19
N LEU O 370 -38.41 43.16 36.18
CA LEU O 370 -39.07 44.45 36.34
C LEU O 370 -38.07 45.53 36.72
N PHE O 371 -37.10 45.20 37.58
CA PHE O 371 -36.06 46.17 37.89
C PHE O 371 -35.26 46.54 36.66
N ARG O 372 -34.91 45.55 35.83
CA ARG O 372 -34.20 45.85 34.60
C ARG O 372 -35.05 46.70 33.66
N ALA O 373 -36.37 46.53 33.70
CA ALA O 373 -37.26 47.32 32.84
C ALA O 373 -37.40 48.75 33.35
N GLU O 374 -37.20 48.98 34.65
CA GLU O 374 -37.19 50.36 35.15
C GLU O 374 -36.05 51.16 34.55
N LYS O 375 -34.86 50.58 34.50
CA LYS O 375 -33.72 51.20 33.83
C LYS O 375 -33.58 50.54 32.46
N GLY O 376 -34.35 51.05 31.51
CA GLY O 376 -34.51 50.40 30.23
C GLY O 376 -33.25 50.45 29.38
N LEU O 377 -33.44 50.13 28.10
CA LEU O 377 -32.32 50.07 27.16
C LEU O 377 -31.69 51.44 26.99
N ARG O 378 -30.37 51.44 26.80
CA ARG O 378 -29.62 52.69 26.82
C ARG O 378 -30.03 53.62 25.68
N LEU O 379 -30.15 53.09 24.47
CA LEU O 379 -30.49 53.92 23.31
C LEU O 379 -31.62 53.30 22.49
N LEU O 380 -32.55 52.61 23.15
CA LEU O 380 -33.70 52.02 22.48
C LEU O 380 -34.92 52.22 23.36
N ASP O 381 -36.02 51.57 22.99
CA ASP O 381 -37.25 51.65 23.76
C ASP O 381 -37.10 50.92 25.08
N ASP O 382 -37.66 51.51 26.14
CA ASP O 382 -37.61 50.91 27.47
C ASP O 382 -38.62 49.79 27.65
N ALA O 383 -39.60 49.66 26.75
CA ALA O 383 -40.61 48.63 26.85
C ALA O 383 -40.26 47.37 26.08
N SER O 384 -39.12 47.34 25.40
CA SER O 384 -38.70 46.17 24.66
C SER O 384 -38.02 45.13 25.54
N VAL O 385 -37.79 45.44 26.81
CA VAL O 385 -37.17 44.48 27.72
C VAL O 385 -38.16 43.35 28.01
N PRO O 386 -37.75 42.09 27.87
CA PRO O 386 -38.68 40.98 28.20
C PRO O 386 -38.98 40.93 29.68
N VAL O 387 -40.27 40.93 30.01
CA VAL O 387 -40.73 40.84 31.39
C VAL O 387 -41.81 39.76 31.45
N LEU O 388 -41.69 38.87 32.43
CA LEU O 388 -42.66 37.81 32.58
C LEU O 388 -44.03 38.37 32.97
N PRO O 389 -45.11 37.73 32.54
CA PRO O 389 -46.44 38.13 33.00
C PRO O 389 -46.63 37.79 34.47
N LYS O 390 -47.72 38.29 35.03
CA LYS O 390 -48.06 37.97 36.40
C LYS O 390 -48.34 36.48 36.52
N PHE O 391 -48.12 35.94 37.72
CA PHE O 391 -48.22 34.49 37.93
C PHE O 391 -49.60 33.97 37.53
N GLY O 392 -49.65 33.16 36.48
CA GLY O 392 -50.90 32.66 35.96
C GLY O 392 -51.74 33.68 35.23
N ASP O 393 -51.15 34.41 34.28
CA ASP O 393 -51.88 35.46 33.59
C ASP O 393 -51.76 35.35 32.07
N ASP O 394 -50.73 34.65 31.59
CA ASP O 394 -50.50 34.42 30.16
C ASP O 394 -50.16 35.71 29.41
N ARG O 395 -49.74 35.57 28.15
CA ARG O 395 -49.18 36.68 27.40
C ARG O 395 -50.22 37.75 27.10
N ARG O 396 -49.75 38.99 26.97
CA ARG O 396 -50.56 40.12 26.57
C ARG O 396 -49.81 40.94 25.53
N HIS O 397 -50.56 41.71 24.74
CA HIS O 397 -49.95 42.54 23.71
C HIS O 397 -49.22 43.72 24.34
N SER O 398 -48.30 44.30 23.55
CA SER O 398 -47.63 45.52 23.96
C SER O 398 -48.61 46.69 23.90
N PRO O 399 -48.32 47.79 24.62
CA PRO O 399 -49.30 48.89 24.69
C PRO O 399 -49.67 49.47 23.34
N GLU O 400 -48.75 49.51 22.37
CA GLU O 400 -49.08 50.05 21.06
C GLU O 400 -50.11 49.17 20.35
N ILE O 401 -49.88 47.85 20.35
CA ILE O 401 -50.85 46.94 19.73
C ILE O 401 -52.17 46.97 20.50
N GLN O 402 -52.10 47.11 21.83
CA GLN O 402 -53.32 47.19 22.62
C GLN O 402 -54.15 48.41 22.25
N ALA O 403 -53.50 49.56 22.09
CA ALA O 403 -54.20 50.77 21.67
C ALA O 403 -54.75 50.62 20.26
N PHE O 404 -53.98 49.98 19.37
CA PHE O 404 -54.44 49.77 18.00
C PHE O 404 -55.68 48.88 17.97
N ILE O 405 -55.72 47.85 18.79
CA ILE O 405 -56.87 46.95 18.80
C ILE O 405 -58.04 47.58 19.53
N GLU O 406 -57.78 48.49 20.47
CA GLU O 406 -58.87 49.20 21.14
C GLU O 406 -59.52 50.20 20.18
N GLN O 407 -58.72 50.89 19.37
CA GLN O 407 -59.27 51.81 18.39
C GLN O 407 -60.10 51.08 17.34
N MET O 408 -59.63 49.92 16.90
CA MET O 408 -60.35 49.11 15.92
C MET O 408 -61.56 48.44 16.55
#